data_7KLN
#
_entry.id   7KLN
#
_cell.length_a   1.00
_cell.length_b   1.00
_cell.length_c   1.00
_cell.angle_alpha   90.00
_cell.angle_beta   90.00
_cell.angle_gamma   90.00
#
_symmetry.space_group_name_H-M   'P 1'
#
loop_
_entity.id
_entity.type
_entity.pdbx_description
1 polymer 'Portal protein'
2 polymer 'Head completion protein, gp1'
#
loop_
_entity_poly.entity_id
_entity_poly.type
_entity_poly.pdbx_seq_one_letter_code
_entity_poly.pdbx_strand_id
1 'polypeptide(L)'
;MKFFDGVKDVLSGLINRRNSMARNRVSHRYLSDEEMRVMYKAGLMSKIIRLKAGYALNDTLKFESTQDQEIYKKRLSKHV
KNATKFMLGFGRGVIVVFKNGDDLSKPLERGVDPKLLKIRVFSGDIAKGNNPDNDLRSERYYKPKNYTIKGHTIHWTRVV
DFTYYMPSENELPDYYYGGMSESELIYEQFINDSVVQRASGSIIEKASTFVYKIKGYKQLIQAKKEEDIIKYVSTCEDGR
SIYGGLITDADDEVSTLTQSLTDLDKVDNVTLRRIAMVTGLGMTVLIGEQASGLNASGEKERQGFQDTIENLQSDYLEDP
LNRLAEIFQLGFIEFKDNQGQSANERVEYDKKAVDVAKVLWELGEDYGAYLKDKDVVQADDWDNFWKEKDENSEVDESLP
LGDLFSSGDVNG
;
A1,B1,C1,D1,E1,F1,G1,H1,I1,J1,K1,L1
2 'polypeptide(L)'
;MALIDDFKARFPNLDGSLVDALVPVYENNYSCYYGGSYENDCDKEAILLLIAHLVVTDPSYSGDESSSRAVASQSVGSVS
VSFVAGSTGSDWTNWLNSTRYGQLFLMVTSNNMGPSFA
;
A2,B2,C2,D2,E2,F2,G2,H2,I2,J2,K2,L2
#
# COMPACT_ATOMS: atom_id res chain seq x y z
N ASP A 9 -19.44 33.35 11.86
CA ASP A 9 -19.03 31.98 12.01
C ASP A 9 -19.45 31.43 13.38
N VAL A 10 -20.51 32.01 13.95
CA VAL A 10 -21.01 31.61 15.27
C VAL A 10 -22.53 31.74 15.31
N LEU A 11 -23.25 30.60 15.43
CA LEU A 11 -24.70 30.63 15.60
C LEU A 11 -25.30 29.24 15.76
N SER A 12 -26.52 29.21 16.33
CA SER A 12 -27.45 28.08 16.28
C SER A 12 -26.88 26.85 16.97
N GLY A 13 -26.54 27.00 18.25
CA GLY A 13 -26.04 25.89 19.02
C GLY A 13 -25.16 26.39 20.15
N LEU A 14 -24.45 25.46 20.76
CA LEU A 14 -23.43 25.80 21.75
C LEU A 14 -22.04 25.75 21.16
N ILE A 15 -21.94 25.58 19.84
CA ILE A 15 -20.66 25.70 19.14
C ILE A 15 -19.97 27.00 19.52
N ASN A 16 -20.76 28.02 19.84
CA ASN A 16 -20.22 29.35 20.07
C ASN A 16 -19.19 29.32 21.20
N ARG A 17 -19.36 28.40 22.13
CA ARG A 17 -18.64 28.47 23.40
C ARG A 17 -17.46 27.50 23.44
N ARG A 18 -17.59 26.32 22.84
CA ARG A 18 -16.59 25.28 23.01
C ARG A 18 -15.51 25.29 21.96
N ASN A 19 -15.57 26.18 20.98
CA ASN A 19 -14.52 26.22 19.98
C ASN A 19 -13.25 26.80 20.56
N SER A 20 -12.16 26.72 19.79
CA SER A 20 -10.87 27.20 20.27
C SER A 20 -10.89 28.71 20.47
N MET A 21 -11.92 29.37 19.95
CA MET A 21 -12.01 30.82 20.11
C MET A 21 -12.16 31.20 21.57
N ALA A 22 -13.28 30.82 22.19
CA ALA A 22 -13.58 31.26 23.54
C ALA A 22 -13.17 30.25 24.60
N ARG A 23 -12.80 29.04 24.23
CA ARG A 23 -12.49 28.04 25.23
C ARG A 23 -11.18 28.35 25.93
N ASN A 24 -10.36 29.21 25.33
CA ASN A 24 -9.10 29.61 25.95
C ASN A 24 -8.65 30.97 25.47
N ARG A 25 -8.27 31.82 26.42
CA ARG A 25 -7.70 33.12 26.10
C ARG A 25 -6.18 33.03 26.12
N VAL A 26 -5.54 34.05 25.58
CA VAL A 26 -4.10 34.04 25.41
C VAL A 26 -3.42 34.51 26.69
N SER A 27 -2.26 33.93 26.98
CA SER A 27 -1.41 34.37 28.07
C SER A 27 0.01 33.87 27.80
N HIS A 28 0.99 34.59 28.33
CA HIS A 28 2.39 34.29 28.07
C HIS A 28 3.11 34.03 29.38
N ARG A 29 3.93 33.00 29.41
CA ARG A 29 4.73 32.69 30.59
C ARG A 29 5.86 33.70 30.73
N TYR A 30 6.25 33.95 31.98
CA TYR A 30 7.43 34.74 32.32
C TYR A 30 8.40 33.78 33.01
N LEU A 31 9.28 33.15 32.25
CA LEU A 31 10.19 32.20 32.86
C LEU A 31 11.18 32.93 33.77
N SER A 32 11.40 32.37 34.95
CA SER A 32 12.20 33.03 35.97
C SER A 32 13.66 33.11 35.55
N ASP A 33 14.42 33.92 36.28
CA ASP A 33 15.84 34.06 35.97
C ASP A 33 16.58 32.75 36.16
N GLU A 34 16.24 31.99 37.19
CA GLU A 34 16.94 30.72 37.41
C GLU A 34 16.65 29.74 36.28
N GLU A 35 15.41 29.70 35.80
CA GLU A 35 15.12 28.89 34.61
C GLU A 35 15.83 29.45 33.38
N MET A 36 15.95 30.78 33.31
CA MET A 36 16.70 31.38 32.22
C MET A 36 18.15 30.91 32.24
N ARG A 37 18.70 30.76 33.45
CA ARG A 37 20.07 30.27 33.59
C ARG A 37 20.21 28.85 33.05
N VAL A 38 19.26 27.98 33.39
CA VAL A 38 19.41 26.56 33.07
C VAL A 38 19.46 26.35 31.56
N MET A 39 18.58 27.02 30.83
CA MET A 39 18.56 26.82 29.39
C MET A 39 19.84 27.30 28.73
N TYR A 40 20.52 28.29 29.31
CA TYR A 40 21.80 28.70 28.77
C TYR A 40 22.78 27.53 28.81
N LYS A 41 22.68 26.69 29.84
CA LYS A 41 23.52 25.50 29.92
C LYS A 41 23.05 24.40 28.98
N ALA A 42 21.75 24.29 28.72
CA ALA A 42 21.23 23.13 28.01
C ALA A 42 21.78 23.09 26.59
N GLY A 43 21.98 21.87 26.10
CA GLY A 43 22.70 21.70 24.85
C GLY A 43 22.03 22.36 23.67
N LEU A 44 20.71 22.20 23.56
CA LEU A 44 20.01 22.67 22.37
C LEU A 44 20.21 24.16 22.16
N MET A 45 19.75 24.98 23.11
CA MET A 45 19.90 26.42 22.91
C MET A 45 21.35 26.85 22.98
N SER A 46 22.22 26.05 23.59
CA SER A 46 23.63 26.39 23.60
C SER A 46 24.15 26.59 22.19
N LYS A 47 23.71 25.73 21.25
CA LYS A 47 24.06 25.95 19.86
C LYS A 47 23.27 27.11 19.28
N ILE A 48 21.99 27.25 19.67
CA ILE A 48 21.21 28.39 19.22
C ILE A 48 21.92 29.69 19.55
N ILE A 49 22.28 29.86 20.81
CA ILE A 49 22.94 31.09 21.22
C ILE A 49 24.28 31.23 20.52
N ARG A 50 25.04 30.14 20.47
CA ARG A 50 26.34 30.19 19.81
C ARG A 50 26.22 30.50 18.33
N LEU A 51 25.28 29.84 17.65
CA LEU A 51 25.15 30.03 16.21
C LEU A 51 24.76 31.45 15.88
N LYS A 52 23.69 31.95 16.50
CA LYS A 52 23.18 33.27 16.13
C LYS A 52 24.19 34.36 16.48
N ALA A 53 24.85 34.24 17.64
CA ALA A 53 25.84 35.23 18.00
C ALA A 53 27.00 35.23 17.02
N GLY A 54 27.52 34.05 16.69
CA GLY A 54 28.62 33.98 15.74
C GLY A 54 28.24 34.50 14.37
N TYR A 55 27.05 34.12 13.91
CA TYR A 55 26.59 34.58 12.60
C TYR A 55 26.45 36.09 12.55
N ALA A 56 26.39 36.75 13.71
CA ALA A 56 26.25 38.19 13.71
C ALA A 56 27.60 38.89 13.68
N LEU A 57 28.60 38.30 14.33
CA LEU A 57 29.86 39.00 14.56
C LEU A 57 31.04 38.45 13.79
N ASN A 58 30.93 37.25 13.22
CA ASN A 58 32.10 36.64 12.57
C ASN A 58 32.43 37.41 11.31
N ASP A 59 33.42 38.29 11.39
CA ASP A 59 33.98 39.00 10.24
C ASP A 59 32.87 39.65 9.41
N THR A 60 31.95 40.31 10.10
CA THR A 60 30.83 40.96 9.44
C THR A 60 30.80 42.45 9.77
N LEU A 61 31.86 42.96 10.36
CA LEU A 61 31.87 44.30 10.94
C LEU A 61 32.61 45.25 10.01
N LYS A 62 31.86 46.12 9.37
CA LYS A 62 32.45 47.15 8.51
C LYS A 62 33.07 48.22 9.38
N PHE A 63 34.39 48.38 9.27
CA PHE A 63 35.11 49.40 10.02
C PHE A 63 35.47 50.54 9.08
N GLU A 64 35.00 51.74 9.40
CA GLU A 64 35.35 52.91 8.61
C GLU A 64 36.69 53.48 9.03
N SER A 65 37.33 52.92 10.04
CA SER A 65 38.63 53.37 10.52
C SER A 65 39.66 52.32 10.10
N THR A 66 40.19 52.48 8.89
CA THR A 66 41.25 51.60 8.41
C THR A 66 42.50 51.76 9.28
N GLN A 67 42.85 53.00 9.61
CA GLN A 67 43.98 53.24 10.50
C GLN A 67 43.74 52.55 11.83
N ASP A 68 44.79 51.91 12.35
CA ASP A 68 44.66 51.00 13.49
C ASP A 68 43.52 50.02 13.21
N GLN A 69 43.66 49.31 12.10
CA GLN A 69 42.61 48.42 11.62
C GLN A 69 42.16 47.46 12.70
N GLU A 70 40.89 47.55 13.06
CA GLU A 70 40.25 46.58 13.93
C GLU A 70 41.00 46.43 15.26
N ILE A 71 41.40 47.55 15.84
CA ILE A 71 41.87 47.53 17.22
C ILE A 71 40.75 47.02 18.11
N TYR A 72 39.50 47.19 17.67
CA TYR A 72 38.37 46.50 18.26
C TYR A 72 38.58 44.99 18.28
N LYS A 73 39.22 44.45 17.23
CA LYS A 73 39.21 43.01 17.04
C LYS A 73 40.05 42.29 18.08
N LYS A 74 41.26 42.78 18.32
CA LYS A 74 42.21 42.09 19.20
C LYS A 74 41.98 42.36 20.67
N ARG A 75 41.08 43.29 21.02
CA ARG A 75 40.92 43.73 22.40
C ARG A 75 39.59 43.32 23.01
N LEU A 76 38.47 43.67 22.38
CA LEU A 76 37.17 43.38 22.97
C LEU A 76 36.15 42.84 21.99
N SER A 77 36.49 42.66 20.70
CA SER A 77 35.56 42.03 19.78
C SER A 77 35.23 40.63 20.24
N LYS A 78 36.05 40.09 21.12
CA LYS A 78 35.76 38.82 21.76
C LYS A 78 34.97 39.01 23.03
N HIS A 79 35.15 40.15 23.71
CA HIS A 79 34.29 40.47 24.85
C HIS A 79 32.84 40.65 24.41
N VAL A 80 32.63 41.35 23.30
CA VAL A 80 31.27 41.57 22.81
C VAL A 80 30.58 40.26 22.50
N LYS A 81 31.30 39.29 21.91
CA LYS A 81 30.66 38.06 21.49
C LYS A 81 30.14 37.29 22.68
N ASN A 82 30.91 37.19 23.76
CA ASN A 82 30.39 36.62 24.99
C ASN A 82 29.25 37.46 25.51
N ALA A 83 29.34 38.78 25.33
CA ALA A 83 28.28 39.65 25.81
C ALA A 83 27.04 39.54 24.93
N THR A 84 27.20 39.54 23.61
CA THR A 84 26.03 39.40 22.76
C THR A 84 25.44 38.00 22.84
N LYS A 85 26.25 37.01 23.23
CA LYS A 85 25.68 35.73 23.63
C LYS A 85 24.79 35.91 24.84
N PHE A 86 25.24 36.71 25.80
CA PHE A 86 24.46 36.97 27.01
C PHE A 86 23.18 37.73 26.67
N MET A 87 23.18 38.46 25.55
CA MET A 87 21.93 39.00 25.02
C MET A 87 20.92 37.88 24.82
N LEU A 88 21.25 36.94 23.94
CA LEU A 88 20.30 35.91 23.58
C LEU A 88 19.99 34.98 24.75
N GLY A 89 21.00 34.69 25.57
CA GLY A 89 20.80 33.75 26.66
C GLY A 89 19.83 34.27 27.72
N PHE A 90 19.95 35.56 28.07
CA PHE A 90 19.20 36.09 29.18
C PHE A 90 18.40 37.34 28.85
N GLY A 91 18.49 37.85 27.62
CA GLY A 91 17.82 39.09 27.33
C GLY A 91 18.55 40.32 27.79
N ARG A 92 19.75 40.17 28.35
CA ARG A 92 20.52 41.32 28.81
C ARG A 92 22.01 40.96 28.76
N GLY A 93 22.69 41.43 27.72
CA GLY A 93 24.13 41.42 27.70
C GLY A 93 24.66 42.76 28.17
N VAL A 94 25.76 42.73 28.91
CA VAL A 94 26.30 43.93 29.53
C VAL A 94 27.80 44.00 29.29
N ILE A 95 28.28 45.16 28.88
CA ILE A 95 29.69 45.49 28.86
C ILE A 95 29.90 46.63 29.84
N VAL A 96 30.83 46.44 30.76
CA VAL A 96 31.14 47.43 31.79
C VAL A 96 32.55 47.95 31.56
N VAL A 97 32.71 49.26 31.57
CA VAL A 97 34.00 49.90 31.40
C VAL A 97 34.22 50.87 32.55
N PHE A 98 35.42 50.86 33.12
CA PHE A 98 35.79 51.83 34.14
C PHE A 98 37.31 51.92 34.20
N LYS A 99 37.78 53.03 34.75
CA LYS A 99 39.22 53.31 34.80
C LYS A 99 39.86 52.45 35.89
N ASN A 100 41.13 52.73 36.18
CA ASN A 100 41.83 51.96 37.21
C ASN A 100 41.23 52.18 38.60
N GLY A 101 40.42 53.22 38.78
CA GLY A 101 39.80 53.46 40.08
C GLY A 101 38.32 53.17 40.07
N ASP A 102 37.90 52.21 40.89
CA ASP A 102 36.50 51.81 40.94
C ASP A 102 35.62 53.01 41.32
N ASP A 103 34.55 53.22 40.56
CA ASP A 103 33.70 54.37 40.75
C ASP A 103 32.24 53.96 40.62
N LEU A 104 31.42 54.48 41.54
CA LEU A 104 29.97 54.31 41.40
C LEU A 104 29.43 55.23 40.32
N SER A 105 30.00 56.42 40.20
CA SER A 105 29.44 57.50 39.39
C SER A 105 29.98 57.41 37.96
N LYS A 106 29.71 58.46 37.18
CA LYS A 106 29.92 58.43 35.74
C LYS A 106 31.41 58.43 35.39
N PRO A 107 31.77 57.93 34.21
CA PRO A 107 33.16 58.02 33.77
C PRO A 107 33.49 59.44 33.34
N LEU A 108 34.67 59.89 33.73
CA LEU A 108 35.09 61.25 33.44
C LEU A 108 35.37 61.35 31.95
N GLU A 109 34.35 61.75 31.19
CA GLU A 109 34.46 61.93 29.75
C GLU A 109 34.80 63.36 29.37
N ARG A 110 35.11 64.22 30.36
CA ARG A 110 35.64 65.54 30.04
C ARG A 110 36.90 65.43 29.20
N GLY A 111 37.82 64.57 29.59
CA GLY A 111 38.79 64.02 28.69
C GLY A 111 38.48 62.54 28.54
N VAL A 112 37.94 62.15 27.38
CA VAL A 112 37.47 60.77 27.20
C VAL A 112 38.62 59.82 27.42
N ASP A 113 38.37 58.77 28.19
CA ASP A 113 39.39 57.86 28.69
C ASP A 113 40.22 57.27 27.56
N PRO A 114 41.47 57.69 27.39
CA PRO A 114 42.31 57.19 26.29
C PRO A 114 42.96 55.86 26.62
N LYS A 115 42.19 54.78 26.41
CA LYS A 115 42.59 53.40 26.62
C LYS A 115 43.36 53.19 27.93
N LEU A 116 42.98 53.93 28.96
CA LEU A 116 43.50 53.75 30.32
C LEU A 116 42.50 53.00 31.17
N LEU A 117 41.82 52.03 30.58
CA LEU A 117 40.58 51.49 31.13
C LEU A 117 40.53 49.99 30.95
N LYS A 118 39.68 49.36 31.76
CA LYS A 118 39.46 47.91 31.74
C LYS A 118 38.08 47.60 31.16
N ILE A 119 37.87 46.32 30.86
CA ILE A 119 36.66 45.86 30.19
C ILE A 119 36.06 44.70 30.98
N ARG A 120 34.74 44.72 31.14
CA ARG A 120 34.02 43.62 31.76
C ARG A 120 32.80 43.28 30.91
N VAL A 121 32.36 42.03 31.03
CA VAL A 121 31.15 41.56 30.35
C VAL A 121 30.30 40.79 31.34
N PHE A 122 28.99 41.01 31.31
CA PHE A 122 28.11 40.45 32.32
C PHE A 122 26.83 39.92 31.71
N SER A 123 26.39 38.76 32.19
CA SER A 123 25.11 38.19 31.82
C SER A 123 23.97 38.94 32.49
N GLY A 124 22.78 38.83 31.90
CA GLY A 124 21.60 39.41 32.50
C GLY A 124 21.20 38.79 33.81
N ASP A 125 21.77 37.64 34.15
CA ASP A 125 21.51 37.02 35.45
C ASP A 125 22.01 37.92 36.57
N ILE A 126 23.34 38.10 36.66
CA ILE A 126 23.88 38.92 37.72
C ILE A 126 23.65 40.40 37.45
N ALA A 127 23.73 40.82 36.19
CA ALA A 127 23.36 42.18 35.86
C ALA A 127 21.85 42.37 35.98
N LYS A 128 21.42 43.62 35.92
CA LYS A 128 20.01 43.95 35.93
C LYS A 128 19.88 45.46 35.78
N GLY A 129 18.68 45.91 35.41
CA GLY A 129 18.40 47.34 35.30
C GLY A 129 17.51 47.81 36.45
N ASN A 130 17.81 49.01 36.96
CA ASN A 130 17.14 49.48 38.17
C ASN A 130 16.31 50.73 37.96
N ASN A 131 16.90 51.84 37.52
CA ASN A 131 16.28 53.15 37.78
C ASN A 131 15.87 53.84 36.49
N PRO A 132 14.59 53.84 36.14
CA PRO A 132 14.13 54.63 34.99
C PRO A 132 13.60 55.99 35.40
N ASP A 133 13.88 57.02 34.63
CA ASP A 133 13.24 58.31 34.85
C ASP A 133 11.89 58.31 34.15
N ASN A 134 10.82 58.39 34.92
CA ASN A 134 9.49 58.36 34.32
C ASN A 134 9.16 59.63 33.54
N ASP A 135 9.93 60.69 33.72
CA ASP A 135 9.74 61.89 32.92
C ASP A 135 10.37 61.72 31.54
N LEU A 136 9.97 62.59 30.62
CA LEU A 136 10.41 62.49 29.23
C LEU A 136 11.68 63.28 28.97
N ARG A 137 12.39 63.70 30.02
CA ARG A 137 13.46 64.70 29.84
C ARG A 137 14.69 64.11 29.17
N SER A 138 15.37 63.18 29.84
CA SER A 138 16.68 62.70 29.40
C SER A 138 16.61 61.39 28.64
N GLU A 139 16.14 60.33 29.30
CA GLU A 139 15.99 59.03 28.71
C GLU A 139 14.63 58.50 29.09
N ARG A 140 13.88 58.01 28.10
CA ARG A 140 12.48 57.71 28.31
C ARG A 140 12.37 56.48 29.23
N TYR A 141 11.14 56.07 29.54
CA TYR A 141 10.86 54.95 30.43
C TYR A 141 11.72 53.74 30.11
N TYR A 142 12.14 53.59 28.86
CA TYR A 142 13.03 52.50 28.47
C TYR A 142 14.34 52.53 29.27
N LYS A 143 15.14 53.56 29.04
CA LYS A 143 16.53 53.51 29.43
C LYS A 143 16.68 53.68 30.93
N PRO A 144 17.32 52.75 31.63
CA PRO A 144 17.62 52.94 33.04
C PRO A 144 18.61 54.08 33.23
N LYS A 145 18.70 54.56 34.48
CA LYS A 145 19.62 55.64 34.82
C LYS A 145 20.75 55.20 35.73
N ASN A 146 20.58 54.12 36.48
CA ASN A 146 21.64 53.57 37.30
C ASN A 146 21.19 52.20 37.78
N TYR A 147 22.04 51.18 37.65
CA TYR A 147 21.64 49.87 38.09
C TYR A 147 22.82 49.10 38.64
N THR A 148 22.50 48.06 39.42
CA THR A 148 23.48 47.28 40.13
C THR A 148 23.90 46.08 39.27
N ILE A 149 25.20 45.84 39.22
CA ILE A 149 25.73 44.70 38.50
C ILE A 149 25.92 43.52 39.46
N LYS A 150 26.13 43.82 40.73
CA LYS A 150 26.40 42.91 41.83
C LYS A 150 26.07 43.69 43.09
N GLY A 151 26.62 43.27 44.22
CA GLY A 151 26.63 44.13 45.38
C GLY A 151 27.00 45.57 45.06
N HIS A 152 27.87 45.76 44.06
CA HIS A 152 28.24 47.10 43.63
C HIS A 152 27.13 47.72 42.78
N THR A 153 27.38 48.94 42.32
CA THR A 153 26.49 49.64 41.41
C THR A 153 27.33 50.33 40.35
N ILE A 154 26.76 50.52 39.16
CA ILE A 154 27.46 51.15 38.05
C ILE A 154 26.60 52.23 37.43
N HIS A 155 27.23 53.36 37.11
CA HIS A 155 26.55 54.48 36.48
C HIS A 155 26.05 54.10 35.10
N TRP A 156 24.99 54.80 34.67
CA TRP A 156 24.39 54.51 33.37
C TRP A 156 25.37 54.73 32.23
N THR A 157 25.95 55.93 32.14
CA THR A 157 26.89 56.19 31.06
C THR A 157 28.16 55.37 31.19
N ARG A 158 28.39 54.77 32.36
CA ARG A 158 29.50 53.84 32.49
C ARG A 158 29.28 52.60 31.64
N VAL A 159 28.05 52.12 31.58
CA VAL A 159 27.77 50.75 31.18
C VAL A 159 27.12 50.72 29.80
N VAL A 160 27.44 49.68 29.04
CA VAL A 160 26.88 49.43 27.72
C VAL A 160 25.99 48.20 27.80
N ASP A 161 24.75 48.33 27.31
CA ASP A 161 23.72 47.32 27.51
C ASP A 161 23.38 46.66 26.17
N PHE A 162 23.49 45.34 26.14
CA PHE A 162 23.11 44.56 24.98
C PHE A 162 21.67 44.07 25.19
N THR A 163 20.71 44.86 24.73
CA THR A 163 19.31 44.60 25.00
C THR A 163 18.66 43.95 23.78
N TYR A 164 17.99 42.82 24.00
CA TYR A 164 17.33 42.09 22.93
C TYR A 164 15.94 42.68 22.68
N TYR A 165 15.13 41.95 21.93
CA TYR A 165 13.75 42.25 21.62
C TYR A 165 12.96 42.66 22.88
N MET A 166 12.51 43.90 22.94
CA MET A 166 11.87 44.40 24.15
C MET A 166 10.36 44.36 24.03
N PRO A 167 9.67 44.09 25.12
CA PRO A 167 8.20 44.08 25.08
C PRO A 167 7.62 45.48 25.20
N SER A 168 6.30 45.57 25.34
CA SER A 168 5.67 46.86 25.54
C SER A 168 6.08 47.46 26.87
N GLU A 169 6.05 48.80 26.93
CA GLU A 169 6.57 49.51 28.10
C GLU A 169 5.77 49.18 29.35
N ASN A 170 4.46 48.95 29.21
CA ASN A 170 3.61 48.68 30.37
C ASN A 170 4.11 47.52 31.21
N GLU A 171 5.00 46.69 30.66
CA GLU A 171 5.49 45.53 31.36
C GLU A 171 7.01 45.41 31.31
N LEU A 172 7.69 46.45 30.84
CA LEU A 172 9.15 46.42 30.77
C LEU A 172 9.84 46.12 32.10
N PRO A 173 9.36 46.58 33.26
CA PRO A 173 10.01 46.19 34.51
C PRO A 173 10.04 44.70 34.76
N ASP A 174 9.02 43.95 34.32
CA ASP A 174 9.02 42.52 34.58
C ASP A 174 10.19 41.82 33.91
N TYR A 175 10.78 42.42 32.88
CA TYR A 175 12.04 41.95 32.33
C TYR A 175 13.21 42.76 32.85
N TYR A 176 12.94 43.64 33.80
CA TYR A 176 13.95 44.50 34.42
C TYR A 176 14.74 45.26 33.37
N TYR A 177 13.99 46.00 32.54
CA TYR A 177 14.52 47.09 31.73
C TYR A 177 15.56 46.57 30.73
N GLY A 178 15.07 45.71 29.83
CA GLY A 178 15.87 45.34 28.69
C GLY A 178 15.71 43.92 28.20
N GLY A 179 15.46 43.79 26.90
CA GLY A 179 15.56 42.52 26.20
C GLY A 179 14.66 41.40 26.66
N MET A 180 14.83 40.25 26.02
CA MET A 180 14.01 39.07 26.26
C MET A 180 14.83 37.88 25.83
N SER A 181 15.09 36.96 26.75
CA SER A 181 15.86 35.78 26.39
C SER A 181 15.14 34.99 25.32
N GLU A 182 15.91 34.40 24.40
CA GLU A 182 15.31 33.52 23.40
C GLU A 182 14.48 32.44 24.08
N SER A 183 14.90 32.03 25.28
CA SER A 183 14.12 31.07 26.04
C SER A 183 12.69 31.55 26.20
N GLU A 184 12.54 32.81 26.61
CA GLU A 184 11.19 33.36 26.76
C GLU A 184 10.45 33.32 25.44
N LEU A 185 11.19 33.39 24.33
CA LEU A 185 10.57 33.26 23.01
C LEU A 185 10.24 31.82 22.66
N ILE A 186 10.98 30.85 23.20
CA ILE A 186 10.75 29.46 22.84
C ILE A 186 10.60 28.58 24.07
N TYR A 187 10.14 29.13 25.18
CA TYR A 187 9.95 28.30 26.37
C TYR A 187 8.86 27.27 26.11
N GLU A 188 7.86 27.65 25.32
CA GLU A 188 6.90 26.68 24.77
C GLU A 188 7.64 25.58 24.03
N GLN A 189 8.81 25.89 23.47
CA GLN A 189 9.45 24.98 22.55
C GLN A 189 10.40 24.05 23.28
N PHE A 190 11.36 24.63 23.99
CA PHE A 190 12.41 23.84 24.61
C PHE A 190 11.84 22.82 25.57
N ILE A 191 10.81 23.21 26.31
CA ILE A 191 10.12 22.24 27.16
C ILE A 191 9.52 21.14 26.31
N ASN A 192 8.83 21.51 25.22
CA ASN A 192 8.16 20.51 24.41
C ASN A 192 9.16 19.55 23.80
N ASP A 193 10.21 20.09 23.17
CA ASP A 193 11.23 19.22 22.57
C ASP A 193 11.87 18.33 23.60
N SER A 194 12.21 18.89 24.76
CA SER A 194 12.78 18.06 25.82
C SER A 194 11.81 16.95 26.20
N VAL A 195 10.52 17.27 26.29
CA VAL A 195 9.52 16.25 26.54
C VAL A 195 9.53 15.21 25.43
N VAL A 196 9.58 15.68 24.18
CA VAL A 196 9.67 14.74 23.06
C VAL A 196 10.87 13.84 23.26
N GLN A 197 11.99 14.41 23.67
CA GLN A 197 13.23 13.66 23.62
C GLN A 197 13.39 12.73 24.80
N ARG A 198 13.08 13.21 26.01
CA ARG A 198 13.16 12.35 27.18
C ARG A 198 12.27 11.13 27.01
N ALA A 199 11.07 11.34 26.47
CA ALA A 199 10.20 10.20 26.20
C ALA A 199 10.77 9.33 25.08
N SER A 200 11.50 9.94 24.15
CA SER A 200 12.02 9.18 23.02
C SER A 200 12.99 8.10 23.49
N GLY A 201 13.88 8.44 24.41
CA GLY A 201 14.84 7.47 24.88
C GLY A 201 14.23 6.33 25.66
N SER A 202 13.21 6.61 26.46
CA SER A 202 12.67 5.59 27.34
C SER A 202 11.67 4.68 26.66
N ILE A 203 11.23 5.00 25.45
CA ILE A 203 10.21 4.17 24.81
C ILE A 203 10.80 2.86 24.33
N ILE A 204 12.07 2.87 23.88
CA ILE A 204 12.65 1.67 23.31
C ILE A 204 12.80 0.57 24.34
N GLU A 205 13.29 0.92 25.53
CA GLU A 205 13.45 -0.11 26.55
C GLU A 205 12.13 -0.76 26.90
N LYS A 206 11.01 -0.10 26.65
CA LYS A 206 9.70 -0.69 26.87
C LYS A 206 8.96 -0.93 25.56
N ALA A 207 9.69 -1.02 24.45
CA ALA A 207 9.04 -1.16 23.15
C ALA A 207 8.22 -2.43 23.05
N SER A 208 8.63 -3.48 23.75
CA SER A 208 7.88 -4.73 23.72
C SER A 208 8.23 -5.52 24.97
N THR A 209 7.21 -5.95 25.69
CA THR A 209 7.40 -6.67 26.93
C THR A 209 6.83 -8.08 26.79
N PHE A 210 7.68 -9.07 27.02
CA PHE A 210 7.22 -10.45 27.04
C PHE A 210 6.39 -10.67 28.28
N VAL A 211 5.32 -11.45 28.16
CA VAL A 211 4.36 -11.61 29.25
C VAL A 211 4.09 -13.09 29.45
N TYR A 212 4.27 -13.58 30.67
CA TYR A 212 3.91 -14.94 31.03
C TYR A 212 2.59 -14.92 31.79
N LYS A 213 1.49 -14.85 31.05
CA LYS A 213 0.22 -15.05 31.71
C LYS A 213 0.17 -16.48 32.20
N ILE A 214 0.36 -16.69 33.50
CA ILE A 214 0.56 -18.02 34.06
C ILE A 214 -0.56 -18.33 35.03
N LYS A 215 -1.25 -19.44 34.81
CA LYS A 215 -2.31 -19.86 35.71
C LYS A 215 -1.73 -20.32 37.04
N GLY A 216 -2.38 -19.92 38.13
CA GLY A 216 -1.95 -20.26 39.45
C GLY A 216 -1.01 -19.27 40.10
N TYR A 217 -0.38 -18.41 39.31
CA TYR A 217 0.48 -17.38 39.90
C TYR A 217 -0.34 -16.39 40.72
N LYS A 218 -1.65 -16.34 40.48
CA LYS A 218 -2.56 -15.79 41.50
C LYS A 218 -2.18 -16.30 42.88
N GLN A 219 -2.17 -17.62 43.04
CA GLN A 219 -2.05 -18.20 44.37
C GLN A 219 -0.62 -18.12 44.89
N LEU A 220 0.36 -18.37 44.01
CA LEU A 220 1.74 -18.46 44.45
C LEU A 220 2.21 -17.17 45.12
N ILE A 221 1.89 -16.03 44.52
CA ILE A 221 2.11 -14.77 45.22
C ILE A 221 1.28 -14.72 46.48
N GLN A 222 0.00 -15.12 46.38
CA GLN A 222 -0.88 -15.02 47.53
C GLN A 222 -0.40 -15.89 48.67
N ALA A 223 0.17 -17.04 48.38
CA ALA A 223 0.81 -17.85 49.41
C ALA A 223 2.26 -17.45 49.63
N LYS A 224 2.73 -16.43 48.92
CA LYS A 224 4.07 -15.86 49.12
C LYS A 224 5.17 -16.91 48.97
N LYS A 225 4.84 -18.08 48.42
CA LYS A 225 5.82 -19.09 48.10
C LYS A 225 6.09 -19.06 46.59
N GLU A 226 6.13 -17.85 46.06
CA GLU A 226 6.33 -17.62 44.63
C GLU A 226 7.80 -17.56 44.26
N GLU A 227 8.69 -18.02 45.14
CA GLU A 227 10.12 -17.92 44.87
C GLU A 227 10.52 -18.78 43.69
N ASP A 228 9.96 -19.99 43.58
CA ASP A 228 10.44 -20.92 42.58
C ASP A 228 10.04 -20.51 41.17
N ILE A 229 8.81 -20.02 40.99
CA ILE A 229 8.35 -19.67 39.65
C ILE A 229 9.15 -18.50 39.10
N ILE A 230 9.52 -17.55 39.96
CA ILE A 230 10.41 -16.48 39.52
C ILE A 230 11.75 -17.04 39.11
N LYS A 231 12.27 -17.99 39.89
CA LYS A 231 13.56 -18.58 39.57
C LYS A 231 13.52 -19.29 38.23
N TYR A 232 12.48 -20.08 37.98
CA TYR A 232 12.39 -20.77 36.71
C TYR A 232 12.27 -19.79 35.55
N VAL A 233 11.47 -18.75 35.70
CA VAL A 233 11.36 -17.76 34.65
C VAL A 233 12.70 -17.05 34.46
N SER A 234 13.37 -16.72 35.55
CA SER A 234 14.67 -16.07 35.41
C SER A 234 15.66 -16.96 34.67
N THR A 235 15.68 -18.26 35.00
CA THR A 235 16.50 -19.19 34.22
C THR A 235 15.98 -19.31 32.80
N CYS A 236 14.66 -19.32 32.64
CA CYS A 236 14.08 -19.42 31.31
C CYS A 236 14.41 -18.18 30.48
N GLU A 237 14.19 -16.99 31.04
CA GLU A 237 14.59 -15.79 30.33
C GLU A 237 16.08 -15.77 30.07
N ASP A 238 16.87 -16.40 30.94
CA ASP A 238 18.29 -16.52 30.69
C ASP A 238 18.53 -17.55 29.61
N GLY A 239 18.14 -17.25 28.39
CA GLY A 239 18.30 -18.19 27.31
C GLY A 239 17.17 -18.16 26.32
N ARG A 240 16.11 -17.42 26.63
CA ARG A 240 15.04 -17.27 25.66
C ARG A 240 15.58 -16.62 24.41
N SER A 241 15.59 -17.37 23.30
CA SER A 241 16.26 -16.93 22.10
C SER A 241 15.55 -17.53 20.90
N ILE A 242 16.15 -17.35 19.71
CA ILE A 242 15.60 -18.00 18.53
C ILE A 242 15.84 -19.50 18.60
N TYR A 243 16.76 -19.93 19.45
CA TYR A 243 17.29 -21.27 19.35
C TYR A 243 16.58 -22.27 20.27
N GLY A 244 15.98 -21.80 21.35
CA GLY A 244 15.27 -22.70 22.24
C GLY A 244 13.82 -22.31 22.42
N GLY A 245 12.91 -23.24 22.13
CA GLY A 245 11.51 -22.92 22.25
C GLY A 245 11.03 -22.97 23.68
N LEU A 246 10.19 -22.00 24.05
CA LEU A 246 9.54 -22.01 25.36
C LEU A 246 8.80 -23.32 25.58
N ILE A 247 8.65 -23.67 26.85
CA ILE A 247 7.77 -24.76 27.24
C ILE A 247 6.80 -24.22 28.28
N THR A 248 5.53 -24.11 27.91
CA THR A 248 4.50 -23.63 28.82
C THR A 248 3.30 -24.54 28.68
N ASP A 249 2.19 -24.12 29.26
CA ASP A 249 1.06 -25.02 29.44
C ASP A 249 -0.14 -24.60 28.61
N ALA A 250 -1.07 -25.54 28.45
CA ALA A 250 -2.29 -25.23 27.74
C ALA A 250 -3.02 -24.10 28.45
N ASP A 251 -3.16 -24.19 29.76
CA ASP A 251 -3.76 -23.11 30.52
C ASP A 251 -2.87 -21.87 30.56
N ASP A 252 -1.57 -22.04 30.37
CA ASP A 252 -0.68 -20.90 30.27
C ASP A 252 -0.95 -20.15 29.00
N GLU A 253 -0.44 -18.92 28.92
CA GLU A 253 -0.55 -18.13 27.71
C GLU A 253 0.58 -17.12 27.67
N VAL A 254 1.48 -17.28 26.73
CA VAL A 254 2.53 -16.30 26.50
C VAL A 254 2.06 -15.35 25.42
N SER A 255 2.22 -14.05 25.66
CA SER A 255 1.83 -13.03 24.71
C SER A 255 2.87 -11.93 24.73
N THR A 256 2.80 -11.06 23.74
CA THR A 256 3.72 -9.94 23.66
C THR A 256 2.95 -8.66 23.43
N LEU A 257 3.33 -7.62 24.15
CA LEU A 257 2.68 -6.32 24.07
C LEU A 257 3.69 -5.29 23.60
N THR A 258 3.30 -4.47 22.64
CA THR A 258 4.15 -3.41 22.16
C THR A 258 3.54 -2.06 22.50
N GLN A 259 4.38 -1.15 22.98
CA GLN A 259 3.99 0.23 23.14
C GLN A 259 5.08 1.10 22.54
N SER A 260 4.68 2.10 21.77
CA SER A 260 5.65 2.97 21.15
C SER A 260 4.98 4.27 20.75
N LEU A 261 5.76 5.34 20.76
CA LEU A 261 5.24 6.66 20.42
C LEU A 261 4.83 6.65 18.96
N THR A 262 3.52 6.55 18.72
CA THR A 262 3.05 6.38 17.35
C THR A 262 3.32 7.60 16.49
N ASP A 263 3.35 8.79 17.10
CA ASP A 263 3.59 9.99 16.33
C ASP A 263 4.77 10.76 16.88
N LEU A 264 5.86 10.04 17.16
CA LEU A 264 7.06 10.70 17.64
C LEU A 264 7.63 11.65 16.59
N ASP A 265 7.64 11.22 15.34
CA ASP A 265 8.21 12.05 14.28
C ASP A 265 7.36 13.30 14.04
N LYS A 266 6.04 13.16 14.10
CA LYS A 266 5.17 14.31 13.83
C LYS A 266 5.38 15.41 14.85
N VAL A 267 5.32 15.06 16.14
CA VAL A 267 5.48 16.08 17.17
C VAL A 267 6.89 16.64 17.18
N ASP A 268 7.89 15.77 17.03
CA ASP A 268 9.25 16.27 16.91
C ASP A 268 9.40 17.14 15.68
N ASN A 269 8.61 16.86 14.64
CA ASN A 269 8.61 17.73 13.47
C ASN A 269 8.03 19.10 13.83
N VAL A 270 6.85 19.12 14.44
CA VAL A 270 6.19 20.39 14.73
C VAL A 270 7.03 21.25 15.65
N THR A 271 7.59 20.66 16.70
CA THR A 271 8.39 21.43 17.64
C THR A 271 9.61 22.03 16.96
N LEU A 272 10.29 21.25 16.13
CA LEU A 272 11.48 21.77 15.47
C LEU A 272 11.14 22.85 14.44
N ARG A 273 10.00 22.74 13.77
CA ARG A 273 9.64 23.76 12.80
C ARG A 273 9.57 25.12 13.46
N ARG A 274 8.90 25.19 14.62
CA ARG A 274 8.73 26.48 15.28
C ARG A 274 10.05 27.07 15.73
N ILE A 275 10.94 26.23 16.27
CA ILE A 275 12.22 26.75 16.76
C ILE A 275 13.01 27.34 15.61
N ALA A 276 12.91 26.72 14.42
CA ALA A 276 13.53 27.31 13.25
C ALA A 276 12.92 28.67 12.96
N MET A 277 11.60 28.79 13.05
CA MET A 277 10.93 30.07 12.91
C MET A 277 11.44 31.11 13.89
N VAL A 278 11.21 30.86 15.18
CA VAL A 278 11.38 31.91 16.17
C VAL A 278 12.85 32.31 16.26
N THR A 279 13.75 31.33 16.31
CA THR A 279 15.17 31.67 16.34
C THR A 279 15.61 32.32 15.04
N GLY A 280 14.97 31.98 13.93
CA GLY A 280 15.34 32.47 12.63
C GLY A 280 16.28 31.56 11.86
N LEU A 281 16.95 30.64 12.54
CA LEU A 281 17.78 29.67 11.85
C LEU A 281 16.90 28.73 11.03
N GLY A 282 17.48 28.17 9.98
CA GLY A 282 16.72 27.32 9.11
C GLY A 282 16.26 26.05 9.79
N MET A 283 15.36 25.34 9.11
CA MET A 283 15.00 24.00 9.57
C MET A 283 16.17 23.06 9.42
N THR A 284 16.98 23.24 8.37
CA THR A 284 18.06 22.31 8.09
C THR A 284 19.05 22.25 9.25
N VAL A 285 19.31 23.37 9.92
CA VAL A 285 20.31 23.36 10.98
C VAL A 285 19.80 22.57 12.19
N LEU A 286 18.52 22.72 12.53
CA LEU A 286 17.98 21.98 13.65
C LEU A 286 18.01 20.48 13.39
N ILE A 287 17.60 20.06 12.20
CA ILE A 287 17.75 18.67 11.80
C ILE A 287 19.21 18.24 11.80
N GLY A 288 20.12 19.15 11.50
CA GLY A 288 21.53 18.81 11.47
C GLY A 288 22.08 18.60 10.07
N GLU A 289 21.27 18.79 9.03
CA GLU A 289 21.77 18.71 7.67
C GLU A 289 22.34 20.07 7.25
N GLN A 290 23.33 20.51 8.04
CA GLN A 290 23.95 21.80 7.79
C GLN A 290 24.69 21.84 6.47
N ALA A 291 24.99 20.69 5.87
CA ALA A 291 25.77 20.67 4.64
C ALA A 291 25.00 21.28 3.47
N SER A 292 23.68 21.19 3.48
CA SER A 292 22.88 21.52 2.31
C SER A 292 23.00 22.99 1.89
N GLY A 293 22.50 23.90 2.71
CA GLY A 293 22.43 25.29 2.28
C GLY A 293 22.67 26.32 3.36
N LEU A 294 22.95 25.89 4.58
CA LEU A 294 23.21 26.80 5.68
C LEU A 294 24.68 26.65 6.07
N ASN A 295 25.50 27.62 5.67
CA ASN A 295 26.94 27.51 5.80
C ASN A 295 27.48 28.84 6.28
N ALA A 296 28.81 29.00 6.18
CA ALA A 296 29.47 30.23 6.61
C ALA A 296 29.53 31.25 5.48
N SER A 297 30.09 30.86 4.34
CA SER A 297 30.29 31.79 3.23
C SER A 297 28.97 32.36 2.77
N GLY A 298 28.93 33.68 2.60
CA GLY A 298 27.71 34.41 2.31
C GLY A 298 27.33 34.50 0.85
N GLU A 299 27.98 33.74 -0.03
CA GLU A 299 27.64 33.77 -1.44
C GLU A 299 26.16 33.48 -1.65
N LYS A 300 25.74 32.28 -1.28
CA LYS A 300 24.34 31.91 -1.34
C LYS A 300 23.85 31.18 -0.08
N GLU A 301 24.75 30.59 0.71
CA GLU A 301 24.34 29.72 1.79
C GLU A 301 24.01 30.49 3.07
N ARG A 302 24.89 31.40 3.48
CA ARG A 302 24.58 32.25 4.62
C ARG A 302 23.38 33.13 4.30
N GLN A 303 23.09 33.33 3.02
CA GLN A 303 21.91 34.06 2.55
C GLN A 303 20.63 33.32 2.97
N GLY A 304 20.77 32.06 3.35
CA GLY A 304 19.64 31.24 3.78
C GLY A 304 18.87 31.87 4.92
N PHE A 305 19.57 32.54 5.82
CA PHE A 305 18.91 33.25 6.91
C PHE A 305 19.59 34.57 7.25
N GLN A 306 20.44 35.10 6.36
CA GLN A 306 21.17 36.32 6.69
C GLN A 306 20.23 37.47 7.00
N ASP A 307 19.02 37.43 6.45
CA ASP A 307 18.02 38.45 6.74
C ASP A 307 17.71 38.51 8.23
N THR A 308 17.57 37.34 8.85
CA THR A 308 17.34 37.31 10.29
C THR A 308 18.52 37.92 11.05
N ILE A 309 19.73 37.55 10.65
CA ILE A 309 20.92 38.11 11.28
C ILE A 309 21.02 39.60 10.99
N GLU A 310 20.78 39.99 9.73
CA GLU A 310 20.74 41.41 9.40
C GLU A 310 19.65 42.11 10.21
N ASN A 311 18.51 41.47 10.36
CA ASN A 311 17.49 41.99 11.27
C ASN A 311 18.03 42.06 12.70
N LEU A 312 18.87 41.12 13.08
CA LEU A 312 19.54 41.21 14.38
C LEU A 312 20.65 42.25 14.35
N GLN A 313 21.34 42.36 13.22
CA GLN A 313 22.48 43.25 13.13
C GLN A 313 22.09 44.73 13.23
N SER A 314 20.91 45.10 12.74
CA SER A 314 20.50 46.49 12.70
C SER A 314 19.43 46.81 13.74
N ASP A 315 19.23 45.94 14.72
CA ASP A 315 18.22 46.19 15.75
C ASP A 315 18.81 46.26 17.15
N TYR A 316 19.57 45.26 17.58
CA TYR A 316 20.06 45.22 18.94
C TYR A 316 21.57 45.27 19.05
N LEU A 317 22.29 45.18 17.93
CA LEU A 317 23.73 45.27 17.95
C LEU A 317 24.25 46.63 17.52
N GLU A 318 23.48 47.37 16.72
CA GLU A 318 23.92 48.68 16.27
C GLU A 318 23.93 49.70 17.41
N ASP A 319 22.85 49.75 18.20
CA ASP A 319 22.75 50.63 19.36
C ASP A 319 24.01 50.61 20.21
N PRO A 320 24.39 49.48 20.79
CA PRO A 320 25.47 49.50 21.78
C PRO A 320 26.85 49.53 21.14
N LEU A 321 26.99 48.87 19.99
CA LEU A 321 28.27 48.91 19.29
C LEU A 321 28.61 50.34 18.91
N ASN A 322 27.64 51.09 18.41
CA ASN A 322 27.88 52.50 18.13
C ASN A 322 28.20 53.26 19.41
N ARG A 323 27.46 52.97 20.49
CA ARG A 323 27.80 53.56 21.77
C ARG A 323 29.19 53.13 22.22
N LEU A 324 29.52 51.85 22.03
CA LEU A 324 30.86 51.40 22.34
C LEU A 324 31.88 52.00 21.38
N ALA A 325 31.46 52.31 20.16
CA ALA A 325 32.39 52.90 19.20
C ALA A 325 32.86 54.26 19.66
N GLU A 326 31.95 55.09 20.17
CA GLU A 326 32.34 56.44 20.56
C GLU A 326 33.16 56.45 21.84
N ILE A 327 32.88 55.52 22.76
CA ILE A 327 33.57 55.54 24.04
C ILE A 327 35.04 55.22 23.90
N PHE A 328 35.44 54.57 22.82
CA PHE A 328 36.84 54.26 22.56
C PHE A 328 37.44 55.15 21.49
N GLN A 329 36.75 56.20 21.09
CA GLN A 329 37.14 57.11 20.01
C GLN A 329 37.21 56.41 18.67
N LEU A 330 36.73 55.17 18.57
CA LEU A 330 36.63 54.52 17.27
C LEU A 330 35.50 55.14 16.47
N GLY A 331 35.57 54.96 15.16
CA GLY A 331 34.56 55.50 14.28
C GLY A 331 33.28 54.70 14.34
N PHE A 332 32.27 55.23 13.65
CA PHE A 332 30.98 54.56 13.58
C PHE A 332 31.14 53.22 12.88
N ILE A 333 30.71 52.15 13.54
CA ILE A 333 30.90 50.80 13.04
C ILE A 333 29.57 50.23 12.58
N GLU A 334 29.55 49.66 11.37
CA GLU A 334 28.36 49.07 10.79
C GLU A 334 28.68 47.70 10.21
N PHE A 335 27.75 47.12 9.47
CA PHE A 335 27.95 45.84 8.83
C PHE A 335 27.57 45.93 7.36
N LYS A 336 28.30 45.20 6.52
CA LYS A 336 27.97 45.13 5.10
C LYS A 336 28.64 43.90 4.50
N ASP A 337 27.85 43.01 3.93
CA ASP A 337 28.37 41.79 3.32
C ASP A 337 29.01 42.09 1.97
N ARG A 346 33.28 34.63 -3.57
CA ARG A 346 33.50 35.92 -2.92
C ARG A 346 33.54 37.03 -3.95
N VAL A 347 34.56 37.90 -3.84
CA VAL A 347 34.73 38.97 -4.80
C VAL A 347 34.99 38.43 -6.20
N GLU A 348 35.55 37.22 -6.30
CA GLU A 348 35.75 36.60 -7.61
C GLU A 348 34.43 36.49 -8.37
N TYR A 349 33.32 36.34 -7.65
CA TYR A 349 32.01 36.42 -8.29
C TYR A 349 31.80 37.79 -8.92
N ASP A 350 32.15 38.85 -8.19
CA ASP A 350 31.94 40.21 -8.66
C ASP A 350 32.96 40.64 -9.70
N LYS A 351 34.13 39.98 -9.76
CA LYS A 351 35.19 40.43 -10.64
C LYS A 351 34.81 40.36 -12.11
N LYS A 352 34.08 39.31 -12.51
CA LYS A 352 33.64 39.22 -13.89
C LYS A 352 32.79 40.42 -14.28
N ALA A 353 31.97 40.91 -13.34
CA ALA A 353 31.28 42.16 -13.57
C ALA A 353 32.25 43.34 -13.61
N VAL A 354 33.31 43.28 -12.79
CA VAL A 354 34.27 44.37 -12.74
C VAL A 354 34.90 44.58 -14.11
N ASP A 355 35.29 43.48 -14.76
CA ASP A 355 35.83 43.58 -16.11
C ASP A 355 34.79 44.14 -17.07
N VAL A 356 33.53 43.76 -16.89
CA VAL A 356 32.45 44.32 -17.70
C VAL A 356 32.40 45.83 -17.54
N ALA A 357 32.61 46.31 -16.30
CA ALA A 357 32.67 47.74 -16.07
C ALA A 357 33.84 48.37 -16.81
N LYS A 358 34.98 47.70 -16.83
CA LYS A 358 36.14 48.24 -17.52
C LYS A 358 35.89 48.33 -19.02
N VAL A 359 35.26 47.31 -19.60
CA VAL A 359 35.11 47.22 -21.04
C VAL A 359 33.92 48.06 -21.48
N LEU A 360 33.34 48.84 -20.56
CA LEU A 360 32.23 49.70 -20.93
C LEU A 360 32.66 50.78 -21.90
N TRP A 361 33.80 51.43 -21.67
CA TRP A 361 34.15 52.64 -22.40
C TRP A 361 35.29 52.45 -23.38
N GLU A 362 36.48 52.10 -22.90
CA GLU A 362 37.70 52.04 -23.70
C GLU A 362 37.81 53.21 -24.67
N LEU A 363 37.55 54.41 -24.15
CA LEU A 363 37.60 55.64 -24.94
C LEU A 363 39.07 55.95 -25.20
N GLY A 364 39.66 55.22 -26.15
CA GLY A 364 41.10 55.12 -26.15
C GLY A 364 41.45 54.29 -24.93
N GLU A 365 41.93 54.93 -23.87
CA GLU A 365 41.97 54.31 -22.56
C GLU A 365 41.58 55.34 -21.51
N ASP A 366 40.47 55.08 -20.81
CA ASP A 366 40.01 55.95 -19.73
C ASP A 366 39.55 55.09 -18.57
N TYR A 367 39.57 55.68 -17.37
CA TYR A 367 39.23 54.94 -16.17
C TYR A 367 37.74 54.61 -16.15
N GLY A 368 37.43 53.36 -15.86
CA GLY A 368 36.04 53.01 -15.62
C GLY A 368 35.58 53.63 -14.33
N ALA A 369 34.73 54.65 -14.43
CA ALA A 369 34.30 55.37 -13.23
C ALA A 369 33.56 54.45 -12.27
N TYR A 370 32.93 53.41 -12.79
CA TYR A 370 32.18 52.48 -11.96
C TYR A 370 33.08 51.49 -11.24
N LEU A 371 34.38 51.48 -11.56
CA LEU A 371 35.30 50.57 -10.86
C LEU A 371 35.33 50.86 -9.36
N LYS A 372 35.39 52.14 -9.00
CA LYS A 372 35.53 52.50 -7.59
C LYS A 372 34.31 52.08 -6.78
N ASP A 373 33.11 52.35 -7.30
CA ASP A 373 31.89 52.08 -6.54
C ASP A 373 31.50 50.61 -6.72
N LYS A 374 32.47 49.73 -6.45
CA LYS A 374 32.29 48.29 -6.35
C LYS A 374 33.46 47.75 -5.54
N ASP A 375 33.67 46.43 -5.59
CA ASP A 375 34.80 45.80 -4.90
C ASP A 375 36.04 45.84 -5.80
N VAL A 376 36.57 47.05 -5.94
CA VAL A 376 37.85 47.23 -6.64
C VAL A 376 38.98 46.59 -5.84
N VAL A 377 38.89 46.63 -4.52
CA VAL A 377 39.92 46.07 -3.66
C VAL A 377 39.34 44.92 -2.84
N ASP B 9 -4.08 30.84 25.39
CA ASP B 9 -4.13 29.42 25.05
C ASP B 9 -4.41 28.57 26.27
N VAL B 10 -5.06 29.15 27.28
CA VAL B 10 -5.37 28.45 28.53
C VAL B 10 -6.72 28.93 29.07
N LEU B 11 -7.73 28.05 29.11
CA LEU B 11 -9.02 28.38 29.72
C LEU B 11 -10.00 27.21 29.69
N SER B 12 -11.00 27.29 30.57
CA SER B 12 -12.24 26.50 30.52
C SER B 12 -11.98 25.00 30.65
N GLY B 13 -11.35 24.62 31.75
CA GLY B 13 -11.09 23.23 32.02
C GLY B 13 -9.87 23.08 32.91
N LEU B 14 -9.39 21.85 33.00
CA LEU B 14 -8.13 21.57 33.68
C LEU B 14 -7.00 21.38 32.70
N ILE B 15 -7.24 21.65 31.42
CA ILE B 15 -6.18 21.69 30.42
C ILE B 15 -5.04 22.56 30.89
N ASN B 16 -5.35 23.58 31.69
CA ASN B 16 -4.36 24.57 32.08
C ASN B 16 -3.19 23.91 32.79
N ARG B 17 -3.44 22.78 33.46
CA ARG B 17 -2.48 22.24 34.41
C ARG B 17 -1.71 21.06 33.83
N ARG B 18 -2.36 20.23 33.02
CA ARG B 18 -1.76 18.97 32.59
C ARG B 18 -0.97 19.08 31.29
N ASN B 19 -0.94 20.24 30.66
CA ASN B 19 -0.18 20.35 29.43
C ASN B 19 1.30 20.37 29.72
N SER B 20 2.11 20.29 28.66
CA SER B 20 3.55 20.25 28.83
C SER B 20 4.07 21.55 29.42
N MET B 21 3.24 22.59 29.43
CA MET B 21 3.67 23.87 29.98
C MET B 21 3.97 23.75 31.47
N ALA B 22 2.96 23.47 32.28
CA ALA B 22 3.12 23.47 33.72
C ALA B 22 3.38 22.10 34.30
N ARG B 23 3.24 21.04 33.51
CA ARG B 23 3.41 19.71 34.08
C ARG B 23 4.86 19.42 34.40
N ASN B 24 5.77 20.21 33.83
CA ASN B 24 7.20 20.04 34.11
C ASN B 24 7.97 21.33 33.88
N ARG B 25 8.79 21.69 34.85
CA ARG B 25 9.68 22.83 34.73
C ARG B 25 11.04 22.37 34.26
N VAL B 26 11.86 23.32 33.85
CA VAL B 26 13.15 23.01 33.23
C VAL B 26 14.20 22.84 34.31
N SER B 27 15.14 21.92 34.07
CA SER B 27 16.30 21.73 34.92
C SER B 27 17.37 21.02 34.11
N HIS B 28 18.62 21.26 34.48
CA HIS B 28 19.76 20.72 33.74
C HIS B 28 20.62 19.87 34.65
N ARG B 29 21.04 18.71 34.14
CA ARG B 29 21.92 17.84 34.89
C ARG B 29 23.32 18.43 34.95
N TYR B 30 24.03 18.13 36.03
CA TYR B 30 25.45 18.43 36.18
C TYR B 30 26.18 17.10 36.26
N LEU B 31 26.62 16.56 35.12
CA LEU B 31 27.26 15.27 35.16
C LEU B 31 28.60 15.38 35.87
N SER B 32 28.89 14.40 36.74
CA SER B 32 30.04 14.46 37.60
C SER B 32 31.33 14.30 36.78
N ASP B 33 32.45 14.61 37.44
CA ASP B 33 33.73 14.50 36.76
C ASP B 33 34.02 13.06 36.35
N GLU B 34 33.68 12.10 37.20
CA GLU B 34 33.94 10.70 36.85
C GLU B 34 33.12 10.27 35.65
N GLU B 35 31.87 10.70 35.57
CA GLU B 35 31.08 10.45 34.37
C GLU B 35 31.64 11.21 33.18
N MET B 36 32.18 12.40 33.42
CA MET B 36 32.84 13.14 32.35
C MET B 36 34.02 12.35 31.81
N ARG B 37 34.74 11.65 32.69
CA ARG B 37 35.86 10.82 32.27
C ARG B 37 35.40 9.70 31.36
N VAL B 38 34.31 9.02 31.73
CA VAL B 38 33.91 7.81 31.03
C VAL B 38 33.56 8.13 29.58
N MET B 39 32.82 9.20 29.35
CA MET B 39 32.42 9.52 27.99
C MET B 39 33.62 9.86 27.11
N TYR B 40 34.68 10.40 27.71
CA TYR B 40 35.90 10.63 26.92
C TYR B 40 36.42 9.32 26.35
N LYS B 41 36.26 8.23 27.09
CA LYS B 41 36.66 6.92 26.60
C LYS B 41 35.67 6.35 25.60
N ALA B 42 34.38 6.68 25.74
CA ALA B 42 33.36 6.00 24.94
C ALA B 42 33.55 6.31 23.46
N GLY B 43 33.22 5.32 22.63
CA GLY B 43 33.57 5.41 21.22
C GLY B 43 32.91 6.59 20.53
N LEU B 44 31.62 6.81 20.79
CA LEU B 44 30.87 7.81 20.04
C LEU B 44 31.51 9.18 20.17
N MET B 45 31.56 9.72 21.39
CA MET B 45 32.13 11.04 21.55
C MET B 45 33.62 11.06 21.28
N SER B 46 34.30 9.92 21.36
CA SER B 46 35.70 9.86 21.02
C SER B 46 35.94 10.40 19.62
N LYS B 47 35.05 10.06 18.68
CA LYS B 47 35.15 10.64 17.36
C LYS B 47 34.68 12.10 17.37
N ILE B 48 33.64 12.40 18.16
CA ILE B 48 33.20 13.78 18.29
C ILE B 48 34.35 14.67 18.71
N ILE B 49 35.01 14.30 19.79
CA ILE B 49 36.11 15.13 20.30
C ILE B 49 37.24 15.16 19.28
N ARG B 50 37.57 14.00 18.71
CA ARG B 50 38.65 13.95 17.72
C ARG B 50 38.31 14.77 16.48
N LEU B 51 37.08 14.62 15.98
CA LEU B 51 36.72 15.33 14.76
C LEU B 51 36.76 16.83 14.95
N LYS B 52 36.08 17.34 15.97
CA LYS B 52 35.97 18.78 16.14
C LYS B 52 37.33 19.40 16.43
N ALA B 53 38.13 18.74 17.25
CA ALA B 53 39.47 19.26 17.54
C ALA B 53 40.32 19.31 16.29
N GLY B 54 40.33 18.22 15.52
CA GLY B 54 41.12 18.20 14.29
C GLY B 54 40.64 19.24 13.30
N TYR B 55 39.32 19.37 13.15
CA TYR B 55 38.78 20.33 12.21
C TYR B 55 39.14 21.76 12.60
N ALA B 56 39.55 21.97 13.85
CA ALA B 56 39.90 23.32 14.28
C ALA B 56 41.36 23.62 14.01
N LEU B 57 42.23 22.62 14.15
CA LEU B 57 43.66 22.87 14.16
C LEU B 57 44.40 22.34 12.94
N ASN B 58 43.79 21.48 12.13
CA ASN B 58 44.51 20.86 11.02
C ASN B 58 44.80 21.90 9.96
N ASP B 59 46.02 22.43 9.98
CA ASP B 59 46.52 23.34 8.94
C ASP B 59 45.55 24.48 8.68
N THR B 60 45.06 25.07 9.77
CA THR B 60 44.10 26.17 9.68
C THR B 60 44.64 27.40 10.39
N LEU B 61 45.91 27.40 10.74
CA LEU B 61 46.49 28.41 11.62
C LEU B 61 47.28 29.41 10.78
N LYS B 62 46.74 30.61 10.65
CA LYS B 62 47.43 31.69 9.96
C LYS B 62 48.56 32.21 10.84
N PHE B 63 49.79 32.07 10.38
CA PHE B 63 50.95 32.56 11.12
C PHE B 63 51.46 33.82 10.44
N GLU B 64 51.49 34.91 11.19
CA GLU B 64 52.03 36.16 10.67
C GLU B 64 53.55 36.20 10.79
N SER B 65 54.16 35.18 11.37
CA SER B 65 55.62 35.11 11.53
C SER B 65 56.13 34.06 10.55
N THR B 66 56.39 34.49 9.32
CA THR B 66 56.99 33.59 8.33
C THR B 66 58.37 33.13 8.77
N GLN B 67 59.18 34.05 9.29
CA GLN B 67 60.48 33.69 9.82
C GLN B 67 60.33 32.66 10.94
N ASP B 68 61.17 31.65 10.92
CA ASP B 68 61.01 30.46 11.75
C ASP B 68 59.57 29.95 11.61
N GLN B 69 59.23 29.64 10.36
CA GLN B 69 57.87 29.27 10.00
C GLN B 69 57.37 28.14 10.87
N GLU B 70 56.30 28.41 11.63
CA GLU B 70 55.58 27.40 12.37
C GLU B 70 56.50 26.61 13.31
N ILE B 71 57.38 27.34 14.01
CA ILE B 71 58.09 26.73 15.13
C ILE B 71 57.09 26.23 16.15
N TYR B 72 55.90 26.84 16.17
CA TYR B 72 54.76 26.29 16.88
C TYR B 72 54.46 24.87 16.44
N LYS B 73 54.64 24.58 15.14
CA LYS B 73 54.11 23.34 14.59
C LYS B 73 54.87 22.13 15.09
N LYS B 74 56.20 22.19 15.07
CA LYS B 74 57.03 21.03 15.40
C LYS B 74 57.22 20.84 16.89
N ARG B 75 56.77 21.76 17.73
CA ARG B 75 57.07 21.73 19.15
C ARG B 75 55.85 21.47 20.01
N LEU B 76 54.80 22.29 19.87
CA LEU B 76 53.63 22.14 20.73
C LEU B 76 52.31 22.25 20.01
N SER B 77 52.29 22.45 18.69
CA SER B 77 51.02 22.41 17.96
C SER B 77 50.35 21.07 18.12
N LYS B 78 51.12 20.07 18.52
CA LYS B 78 50.56 18.77 18.87
C LYS B 78 50.18 18.70 20.33
N HIS B 79 50.87 19.46 21.19
CA HIS B 79 50.43 19.58 22.58
C HIS B 79 49.07 20.24 22.66
N VAL B 80 48.87 21.31 21.89
CA VAL B 80 47.58 22.02 21.93
C VAL B 80 46.44 21.10 21.52
N LYS B 81 46.67 20.26 20.51
CA LYS B 81 45.58 19.43 19.99
C LYS B 81 45.08 18.45 21.04
N ASN B 82 46.00 17.80 21.75
CA ASN B 82 45.60 16.99 22.89
C ASN B 82 44.94 17.86 23.94
N ALA B 83 45.43 19.09 24.10
CA ALA B 83 44.85 19.98 25.09
C ALA B 83 43.48 20.48 24.65
N THR B 84 43.34 20.90 23.39
CA THR B 84 42.03 21.35 22.94
C THR B 84 41.05 20.20 22.81
N LYS B 85 41.54 18.98 22.67
CA LYS B 85 40.69 17.82 22.87
C LYS B 85 40.19 17.79 24.30
N PHE B 86 41.07 18.07 25.25
CA PHE B 86 40.69 18.08 26.66
C PHE B 86 39.71 19.20 26.95
N MET B 87 39.71 20.25 26.12
CA MET B 87 38.62 21.22 26.16
C MET B 87 37.29 20.53 25.99
N LEU B 88 37.09 19.90 24.84
CA LEU B 88 35.79 19.32 24.53
C LEU B 88 35.45 18.16 25.45
N GLY B 89 36.46 17.36 25.82
CA GLY B 89 36.18 16.19 26.63
C GLY B 89 35.71 16.53 28.02
N PHE B 90 36.31 17.54 28.65
CA PHE B 90 36.04 17.83 30.04
C PHE B 90 35.65 19.28 30.31
N GLY B 91 35.64 20.14 29.30
CA GLY B 91 35.37 21.52 29.56
C GLY B 91 36.55 22.30 30.09
N ARG B 92 37.72 21.68 30.18
CA ARG B 92 38.90 22.38 30.66
C ARG B 92 40.15 21.70 30.07
N GLY B 93 40.70 22.32 29.04
CA GLY B 93 42.02 21.95 28.57
C GLY B 93 43.05 22.88 29.19
N VAL B 94 44.21 22.32 29.51
CA VAL B 94 45.23 23.07 30.22
C VAL B 94 46.58 22.85 29.57
N ILE B 95 47.31 23.93 29.35
CA ILE B 95 48.72 23.88 28.98
C ILE B 95 49.51 24.52 30.11
N VAL B 96 50.50 23.81 30.62
CA VAL B 96 51.33 24.27 31.73
C VAL B 96 52.74 24.47 31.21
N VAL B 97 53.32 25.62 31.52
CA VAL B 97 54.70 25.94 31.14
C VAL B 97 55.46 26.37 32.38
N PHE B 98 56.68 25.88 32.52
CA PHE B 98 57.56 26.31 33.59
C PHE B 98 58.99 25.99 33.20
N LYS B 99 59.93 26.69 33.85
CA LYS B 99 61.34 26.57 33.53
C LYS B 99 61.88 25.27 34.10
N ASN B 100 63.20 25.10 34.05
CA ASN B 100 63.82 23.88 34.57
C ASN B 100 63.64 23.75 36.08
N GLY B 101 63.28 24.83 36.78
CA GLY B 101 63.06 24.76 38.21
C GLY B 101 61.60 24.86 38.59
N ASP B 102 61.07 23.81 39.21
CA ASP B 102 59.67 23.78 39.59
C ASP B 102 59.34 24.95 40.52
N ASP B 103 58.26 25.67 40.21
CA ASP B 103 57.90 26.85 40.96
C ASP B 103 56.40 26.89 41.18
N LEU B 104 56.00 27.24 42.40
CA LEU B 104 54.60 27.49 42.68
C LEU B 104 54.17 28.84 42.10
N SER B 105 55.07 29.81 42.12
CA SER B 105 54.73 31.20 41.83
C SER B 105 54.89 31.49 40.34
N LYS B 106 54.82 32.76 39.99
CA LYS B 106 54.69 33.18 38.60
C LYS B 106 55.99 32.94 37.82
N PRO B 107 55.90 32.80 36.50
CA PRO B 107 57.12 32.69 35.70
C PRO B 107 57.80 34.04 35.57
N LEU B 108 59.12 34.03 35.68
CA LEU B 108 59.88 35.26 35.64
C LEU B 108 59.85 35.79 34.22
N GLU B 109 58.89 36.66 33.95
CA GLU B 109 58.75 37.29 32.65
C GLU B 109 59.46 38.64 32.57
N ARG B 110 60.23 39.00 33.59
CA ARG B 110 61.09 40.18 33.49
C ARG B 110 62.03 40.07 32.31
N GLY B 111 62.67 38.91 32.16
CA GLY B 111 63.18 38.48 30.88
C GLY B 111 62.37 37.28 30.46
N VAL B 112 61.49 37.44 29.46
CA VAL B 112 60.58 36.38 29.09
C VAL B 112 61.37 35.15 28.68
N ASP B 113 60.94 34.00 29.18
CA ASP B 113 61.70 32.76 29.08
C ASP B 113 62.01 32.41 27.64
N PRO B 114 63.28 32.54 27.21
CA PRO B 114 63.64 32.25 25.81
C PRO B 114 63.87 30.77 25.56
N LYS B 115 62.75 30.06 25.33
CA LYS B 115 62.72 28.63 25.04
C LYS B 115 63.63 27.82 25.94
N LEU B 116 63.75 28.22 27.20
CA LEU B 116 64.47 27.46 28.23
C LEU B 116 63.48 26.72 29.12
N LEU B 117 62.40 26.22 28.54
CA LEU B 117 61.20 25.85 29.27
C LEU B 117 60.62 24.56 28.74
N LYS B 118 59.80 23.92 29.56
CA LYS B 118 59.12 22.68 29.24
C LYS B 118 57.63 22.93 29.05
N ILE B 119 56.94 21.92 28.52
CA ILE B 119 55.53 22.03 28.14
C ILE B 119 54.77 20.87 28.76
N ARG B 120 53.60 21.15 29.30
CA ARG B 120 52.71 20.12 29.81
C ARG B 120 51.29 20.39 29.33
N VAL B 121 50.49 19.34 29.23
CA VAL B 121 49.09 19.44 28.86
C VAL B 121 48.26 18.61 29.83
N PHE B 122 47.12 19.15 30.25
CA PHE B 122 46.35 18.51 31.32
C PHE B 122 44.86 18.56 31.00
N SER B 123 44.18 17.45 31.28
CA SER B 123 42.73 17.37 31.19
C SER B 123 42.08 18.11 32.34
N GLY B 124 40.82 18.50 32.13
CA GLY B 124 40.05 19.11 33.20
C GLY B 124 39.77 18.20 34.37
N ASP B 125 39.98 16.89 34.20
CA ASP B 125 39.82 15.96 35.31
C ASP B 125 40.81 16.26 36.41
N ILE B 126 42.11 16.06 36.13
CA ILE B 126 43.12 16.31 37.15
C ILE B 126 43.34 17.79 37.36
N ALA B 127 43.27 18.60 36.30
CA ALA B 127 43.32 20.04 36.47
C ALA B 127 42.01 20.53 37.08
N LYS B 128 42.03 21.80 37.50
CA LYS B 128 40.84 22.44 38.03
C LYS B 128 41.18 23.90 38.32
N GLY B 129 40.15 24.72 38.48
CA GLY B 129 40.35 26.12 38.84
C GLY B 129 39.94 26.37 40.29
N ASN B 130 40.72 27.21 40.97
CA ASN B 130 40.51 27.39 42.41
C ASN B 130 40.11 28.81 42.81
N ASN B 131 40.93 29.81 42.52
CA ASN B 131 40.86 31.05 43.28
C ASN B 131 40.44 32.23 42.42
N PRO B 132 39.18 32.67 42.50
CA PRO B 132 38.77 33.89 41.79
C PRO B 132 38.82 35.11 42.68
N ASP B 133 39.25 36.24 42.15
CA ASP B 133 39.14 37.50 42.90
C ASP B 133 37.75 38.06 42.66
N ASN B 134 36.95 38.14 43.73
CA ASN B 134 35.60 38.64 43.58
C ASN B 134 35.55 40.15 43.30
N ASP B 135 36.65 40.86 43.51
CA ASP B 135 36.70 42.27 43.15
C ASP B 135 36.93 42.43 41.65
N LEU B 136 36.65 43.62 41.16
CA LEU B 136 36.72 43.91 39.73
C LEU B 136 38.10 44.40 39.31
N ARG B 137 39.12 44.25 40.15
CA ARG B 137 40.38 44.94 39.93
C ARG B 137 41.18 44.34 38.78
N SER B 138 41.63 43.09 38.93
CA SER B 138 42.59 42.50 38.00
C SER B 138 41.92 41.59 36.99
N GLU B 139 41.29 40.52 37.46
CA GLU B 139 40.59 39.57 36.62
C GLU B 139 39.24 39.30 37.25
N ARG B 140 38.19 39.38 36.45
CA ARG B 140 36.84 39.38 36.99
C ARG B 140 36.53 37.97 37.54
N TYR B 141 35.33 37.81 38.11
CA TYR B 141 34.90 36.55 38.71
C TYR B 141 35.21 35.35 37.83
N TYR B 142 35.30 35.55 36.52
CA TYR B 142 35.66 34.47 35.60
C TYR B 142 37.03 33.90 35.93
N LYS B 143 38.06 34.72 35.75
CA LYS B 143 39.42 34.20 35.67
C LYS B 143 39.92 33.79 37.04
N PRO B 144 40.36 32.55 37.23
CA PRO B 144 41.00 32.17 38.49
C PRO B 144 42.32 32.89 38.65
N LYS B 145 42.84 32.87 39.89
CA LYS B 145 44.11 33.51 40.20
C LYS B 145 45.21 32.52 40.58
N ASN B 146 44.85 31.33 41.02
CA ASN B 146 45.82 30.28 41.30
C ASN B 146 45.05 28.99 41.53
N TYR B 147 45.46 27.91 40.87
CA TYR B 147 44.75 26.66 41.06
C TYR B 147 45.70 25.48 40.99
N THR B 148 45.23 24.36 41.53
CA THR B 148 46.03 23.16 41.66
C THR B 148 45.84 22.27 40.44
N ILE B 149 46.94 21.74 39.93
CA ILE B 149 46.89 20.82 38.80
C ILE B 149 46.88 19.39 39.32
N LYS B 150 47.45 19.16 40.48
CA LYS B 150 47.63 17.89 41.17
C LYS B 150 47.85 18.25 42.64
N GLY B 151 48.47 17.35 43.39
CA GLY B 151 49.01 17.73 44.68
C GLY B 151 49.75 19.05 44.64
N HIS B 152 50.40 19.34 43.52
CA HIS B 152 51.10 20.61 43.36
C HIS B 152 50.10 21.75 43.09
N THR B 153 50.63 22.95 42.90
CA THR B 153 49.86 24.11 42.52
C THR B 153 50.63 24.90 41.48
N ILE B 154 49.90 25.62 40.63
CA ILE B 154 50.53 26.39 39.56
C ILE B 154 49.96 27.80 39.53
N HIS B 155 50.84 28.78 39.34
CA HIS B 155 50.45 30.18 39.27
C HIS B 155 49.56 30.44 38.08
N TRP B 156 48.74 31.47 38.19
CA TRP B 156 47.81 31.81 37.10
C TRP B 156 48.55 32.16 35.82
N THR B 157 49.45 33.13 35.88
CA THR B 157 50.16 33.51 34.66
C THR B 157 51.10 32.41 34.19
N ARG B 158 51.36 31.41 35.03
CA ARG B 158 52.10 30.25 34.56
C ARG B 158 51.31 29.47 33.52
N VAL B 159 50.00 29.35 33.72
CA VAL B 159 49.19 28.32 33.07
C VAL B 159 48.30 28.93 32.01
N VAL B 160 48.09 28.16 30.94
CA VAL B 160 47.21 28.52 29.84
C VAL B 160 46.00 27.61 29.87
N ASP B 161 44.80 28.20 29.84
CA ASP B 161 43.55 27.49 30.07
C ASP B 161 42.74 27.42 28.78
N PHE B 162 42.40 26.20 28.37
CA PHE B 162 41.53 25.99 27.22
C PHE B 162 40.11 25.83 27.73
N THR B 163 39.38 26.93 27.81
CA THR B 163 38.06 26.95 28.42
C THR B 163 36.99 26.95 27.33
N TYR B 164 36.06 26.02 27.44
CA TYR B 164 34.97 25.88 26.48
C TYR B 164 33.84 26.84 26.83
N TYR B 165 32.69 26.64 26.20
CA TYR B 165 31.45 27.36 26.43
C TYR B 165 31.13 27.48 27.92
N MET B 166 31.14 28.71 28.44
CA MET B 166 30.98 28.90 29.88
C MET B 166 29.55 29.28 30.22
N PRO B 167 29.06 28.83 31.37
CA PRO B 167 27.70 29.19 31.78
C PRO B 167 27.66 30.56 32.44
N SER B 168 26.51 30.93 32.98
CA SER B 168 26.40 32.18 33.70
C SER B 168 27.25 32.16 34.96
N GLU B 169 27.69 33.36 35.38
CA GLU B 169 28.65 33.47 36.46
C GLU B 169 28.08 32.94 37.77
N ASN B 170 26.77 33.11 37.99
CA ASN B 170 26.14 32.68 39.23
C ASN B 170 26.41 31.22 39.54
N GLU B 171 26.82 30.44 38.55
CA GLU B 171 27.04 29.02 38.73
C GLU B 171 28.38 28.56 38.19
N LEU B 172 29.25 29.49 37.81
CA LEU B 172 30.57 29.13 37.30
C LEU B 172 31.38 28.23 38.23
N PRO B 173 31.35 28.37 39.56
CA PRO B 173 32.09 27.42 40.40
C PRO B 173 31.67 25.98 40.22
N ASP B 174 30.40 25.71 39.94
CA ASP B 174 29.98 24.32 39.80
C ASP B 174 30.67 23.62 38.64
N TYR B 175 31.19 24.38 37.68
CA TYR B 175 32.08 23.82 36.66
C TYR B 175 33.53 24.10 36.99
N TYR B 176 33.79 24.63 38.18
CA TYR B 176 35.13 24.94 38.66
C TYR B 176 35.88 25.81 37.65
N TYR B 177 35.26 26.94 37.32
CA TYR B 177 35.93 28.07 36.69
C TYR B 177 36.50 27.70 35.32
N GLY B 178 35.57 27.35 34.44
CA GLY B 178 35.94 27.20 33.04
C GLY B 178 35.21 26.13 32.27
N GLY B 179 34.66 26.52 31.13
CA GLY B 179 34.19 25.59 30.13
C GLY B 179 33.09 24.63 30.53
N MET B 180 32.72 23.78 29.58
CA MET B 180 31.64 22.82 29.75
C MET B 180 31.90 21.68 28.79
N SER B 181 32.04 20.47 29.31
CA SER B 181 32.28 19.34 28.44
C SER B 181 31.12 19.18 27.46
N GLU B 182 31.44 18.75 26.24
CA GLU B 182 30.37 18.45 25.29
C GLU B 182 29.41 17.44 25.88
N SER B 183 29.91 16.55 26.73
CA SER B 183 29.03 15.61 27.41
C SER B 183 27.92 16.36 28.13
N GLU B 184 28.28 17.38 28.89
CA GLU B 184 27.26 18.16 29.58
C GLU B 184 26.28 18.76 28.58
N LEU B 185 26.73 19.02 27.36
CA LEU B 185 25.85 19.52 26.32
C LEU B 185 24.99 18.41 25.72
N ILE B 186 25.47 17.17 25.73
CA ILE B 186 24.71 16.09 25.10
C ILE B 186 24.55 14.91 26.04
N TYR B 187 24.55 15.13 27.35
CA TYR B 187 24.35 14.02 28.27
C TYR B 187 22.96 13.45 28.10
N GLU B 188 22.00 14.31 27.79
CA GLU B 188 20.69 13.85 27.33
C GLU B 188 20.83 12.92 26.13
N GLN B 189 21.89 13.12 25.34
CA GLN B 189 21.98 12.44 24.06
C GLN B 189 22.70 11.11 24.20
N PHE B 190 23.94 11.16 24.70
CA PHE B 190 24.77 9.98 24.74
C PHE B 190 24.11 8.86 25.52
N ILE B 191 23.44 9.21 26.63
CA ILE B 191 22.68 8.21 27.36
C ILE B 191 21.57 7.66 26.47
N ASN B 192 20.83 8.54 25.80
CA ASN B 192 19.72 8.07 24.98
C ASN B 192 20.18 7.17 23.86
N ASP B 193 21.19 7.61 23.11
CA ASP B 193 21.71 6.79 22.02
C ASP B 193 22.23 5.45 22.53
N SER B 194 22.98 5.48 23.63
CA SER B 194 23.45 4.23 24.21
C SER B 194 22.27 3.34 24.56
N VAL B 195 21.21 3.91 25.13
CA VAL B 195 20.01 3.14 25.40
C VAL B 195 19.44 2.59 24.11
N VAL B 196 19.38 3.43 23.07
CA VAL B 196 18.91 2.94 21.78
C VAL B 196 19.74 1.76 21.35
N GLN B 197 21.06 1.85 21.53
CA GLN B 197 21.93 0.89 20.90
C GLN B 197 22.03 -0.40 21.70
N ARG B 198 22.16 -0.29 23.02
CA ARG B 198 22.20 -1.50 23.84
C ARG B 198 20.94 -2.33 23.63
N ALA B 199 19.79 -1.67 23.57
CA ALA B 199 18.56 -2.39 23.28
C ALA B 199 18.56 -2.93 21.86
N SER B 200 19.23 -2.23 20.94
CA SER B 200 19.21 -2.67 19.55
C SER B 200 19.85 -4.04 19.39
N GLY B 201 20.97 -4.26 20.06
CA GLY B 201 21.64 -5.55 19.93
C GLY B 201 20.86 -6.69 20.53
N SER B 202 20.19 -6.46 21.66
CA SER B 202 19.55 -7.57 22.36
C SER B 202 18.17 -7.91 21.81
N ILE B 203 17.62 -7.09 20.92
CA ILE B 203 16.27 -7.37 20.43
C ILE B 203 16.28 -8.54 19.46
N ILE B 204 17.35 -8.69 18.67
CA ILE B 204 17.36 -9.73 17.65
C ILE B 204 17.35 -11.11 18.26
N GLU B 205 18.18 -11.33 19.28
CA GLU B 205 18.21 -12.64 19.90
C GLU B 205 16.85 -13.04 20.46
N LYS B 206 15.99 -12.08 20.74
CA LYS B 206 14.64 -12.36 21.19
C LYS B 206 13.60 -11.94 20.16
N ALA B 207 14.00 -11.84 18.90
CA ALA B 207 13.08 -11.34 17.87
C ALA B 207 11.88 -12.26 17.70
N SER B 208 12.06 -13.56 17.94
CA SER B 208 10.96 -14.49 17.81
C SER B 208 11.27 -15.72 18.64
N THR B 209 10.35 -16.11 19.49
CA THR B 209 10.55 -17.24 20.39
C THR B 209 9.54 -18.33 20.06
N PHE B 210 10.03 -19.51 19.76
CA PHE B 210 9.16 -20.66 19.54
C PHE B 210 8.59 -21.08 20.88
N VAL B 211 7.32 -21.48 20.90
CA VAL B 211 6.62 -21.76 22.15
C VAL B 211 5.91 -23.11 22.02
N TYR B 212 6.19 -24.01 22.96
CA TYR B 212 5.48 -25.28 23.04
C TYR B 212 4.45 -25.20 24.14
N LYS B 213 3.30 -24.61 23.82
CA LYS B 213 2.20 -24.70 24.77
C LYS B 213 1.78 -26.16 24.86
N ILE B 214 2.17 -26.84 25.94
CA ILE B 214 2.04 -28.28 26.03
C ILE B 214 1.12 -28.63 27.19
N LYS B 215 0.06 -29.39 26.90
CA LYS B 215 -0.85 -29.81 27.95
C LYS B 215 -0.19 -30.83 28.86
N GLY B 216 -0.42 -30.68 30.15
CA GLY B 216 0.14 -31.55 31.14
C GLY B 216 1.47 -31.11 31.71
N TYR B 217 2.18 -30.21 31.03
CA TYR B 217 3.43 -29.69 31.56
C TYR B 217 3.18 -28.88 32.83
N LYS B 218 1.95 -28.42 33.04
CA LYS B 218 1.52 -28.05 34.38
C LYS B 218 1.98 -29.07 35.39
N GLN B 219 1.59 -30.32 35.19
CA GLN B 219 1.79 -31.34 36.21
C GLN B 219 3.24 -31.80 36.26
N LEU B 220 3.87 -31.96 35.10
CA LEU B 220 5.22 -32.55 35.05
C LEU B 220 6.20 -31.72 35.86
N ILE B 221 6.17 -30.40 35.72
CA ILE B 221 6.93 -29.55 36.61
C ILE B 221 6.45 -29.73 38.04
N GLN B 222 5.14 -29.74 38.23
CA GLN B 222 4.61 -29.84 39.58
C GLN B 222 5.01 -31.14 40.24
N ALA B 223 5.08 -32.22 39.49
CA ALA B 223 5.62 -33.46 40.02
C ALA B 223 7.13 -33.53 39.90
N LYS B 224 7.75 -32.48 39.37
CA LYS B 224 9.20 -32.37 39.29
C LYS B 224 9.84 -33.53 38.54
N LYS B 225 9.04 -34.32 37.83
CA LYS B 225 9.54 -35.38 36.97
C LYS B 225 9.46 -34.89 35.52
N GLU B 226 9.78 -33.63 35.33
CA GLU B 226 9.75 -32.97 34.03
C GLU B 226 11.03 -33.16 33.25
N GLU B 227 11.88 -34.08 33.66
CA GLU B 227 13.17 -34.26 33.00
C GLU B 227 13.01 -34.74 31.57
N ASP B 228 12.07 -35.65 31.33
CA ASP B 228 11.99 -36.28 30.01
C ASP B 228 11.45 -35.31 28.96
N ILE B 229 10.44 -34.51 29.31
CA ILE B 229 9.85 -33.62 28.31
C ILE B 229 10.86 -32.56 27.87
N ILE B 230 11.70 -32.09 28.78
CA ILE B 230 12.77 -31.19 28.39
C ILE B 230 13.73 -31.89 27.45
N LYS B 231 14.06 -33.15 27.76
CA LYS B 231 14.98 -33.90 26.93
C LYS B 231 14.43 -34.07 25.51
N TYR B 232 13.15 -34.45 25.40
CA TYR B 232 12.57 -34.61 24.08
C TYR B 232 12.54 -33.30 23.32
N VAL B 233 12.17 -32.20 23.99
CA VAL B 233 12.18 -30.91 23.31
C VAL B 233 13.59 -30.53 22.91
N SER B 234 14.57 -30.77 23.78
CA SER B 234 15.94 -30.46 23.44
C SER B 234 16.39 -31.26 22.21
N THR B 235 16.06 -32.55 22.17
CA THR B 235 16.34 -33.33 20.97
C THR B 235 15.52 -32.82 19.79
N CYS B 236 14.26 -32.45 20.05
CA CYS B 236 13.41 -31.93 18.99
C CYS B 236 13.95 -30.61 18.45
N GLU B 237 14.26 -29.68 19.33
CA GLU B 237 14.86 -28.44 18.88
C GLU B 237 16.19 -28.70 18.19
N ASP B 238 16.89 -29.76 18.58
CA ASP B 238 18.10 -30.14 17.89
C ASP B 238 17.75 -30.77 16.55
N GLY B 239 17.23 -29.97 15.63
CA GLY B 239 16.83 -30.49 14.35
C GLY B 239 15.59 -29.85 13.80
N ARG B 240 14.93 -29.02 14.60
CA ARG B 240 13.79 -28.29 14.09
C ARG B 240 14.23 -27.41 12.94
N SER B 241 13.76 -27.71 11.73
CA SER B 241 14.26 -27.06 10.54
C SER B 241 13.15 -27.02 9.51
N ILE B 242 13.50 -26.60 8.29
CA ILE B 242 12.54 -26.64 7.20
C ILE B 242 12.27 -28.08 6.80
N TYR B 243 13.15 -28.99 7.18
CA TYR B 243 13.18 -30.31 6.58
C TYR B 243 12.40 -31.35 7.36
N GLY B 244 12.23 -31.16 8.67
CA GLY B 244 11.47 -32.10 9.47
C GLY B 244 10.31 -31.45 10.18
N GLY B 245 9.10 -31.96 9.94
CA GLY B 245 7.93 -31.37 10.57
C GLY B 245 7.79 -31.78 12.02
N LEU B 246 7.42 -30.83 12.86
CA LEU B 246 7.10 -31.12 14.25
C LEU B 246 6.03 -32.20 14.35
N ILE B 247 6.05 -32.93 15.46
CA ILE B 247 4.96 -33.83 15.81
C ILE B 247 4.48 -33.46 17.19
N THR B 248 3.27 -32.92 17.27
CA THR B 248 2.68 -32.54 18.55
C THR B 248 1.24 -33.02 18.56
N ASP B 249 0.48 -32.57 19.54
CA ASP B 249 -0.81 -33.16 19.82
C ASP B 249 -1.95 -32.20 19.53
N ALA B 250 -3.15 -32.77 19.43
CA ALA B 250 -4.33 -31.94 19.25
C ALA B 250 -4.47 -30.98 20.41
N ASP B 251 -4.34 -31.48 21.63
CA ASP B 251 -4.38 -30.61 22.79
C ASP B 251 -3.14 -29.73 22.88
N ASP B 252 -2.04 -30.14 22.26
CA ASP B 252 -0.87 -29.30 22.20
C ASP B 252 -1.14 -28.09 21.30
N GLU B 253 -0.28 -27.10 21.41
CA GLU B 253 -0.38 -25.93 20.54
C GLU B 253 0.98 -25.28 20.42
N VAL B 254 1.56 -25.33 19.23
CA VAL B 254 2.80 -24.62 18.96
C VAL B 254 2.45 -23.26 18.37
N SER B 255 3.08 -22.21 18.88
CA SER B 255 2.85 -20.87 18.41
C SER B 255 4.17 -20.12 18.39
N THR B 256 4.19 -18.98 17.72
CA THR B 256 5.39 -18.17 17.66
C THR B 256 5.05 -16.73 18.03
N LEU B 257 5.90 -16.13 18.85
CA LEU B 257 5.72 -14.77 19.32
C LEU B 257 6.88 -13.93 18.84
N THR B 258 6.59 -12.77 18.31
CA THR B 258 7.63 -11.85 17.88
C THR B 258 7.59 -10.59 18.73
N GLN B 259 8.76 -10.13 19.15
CA GLN B 259 8.89 -8.84 19.79
C GLN B 259 10.05 -8.11 19.12
N SER B 260 9.85 -6.84 18.82
CA SER B 260 10.90 -6.08 18.17
C SER B 260 10.62 -4.61 18.37
N LEU B 261 11.69 -3.83 18.41
CA LEU B 261 11.59 -2.39 18.60
C LEU B 261 10.89 -1.80 17.38
N THR B 262 9.61 -1.48 17.54
CA THR B 262 8.82 -1.05 16.39
C THR B 262 9.29 0.28 15.85
N ASP B 263 9.85 1.15 16.71
CA ASP B 263 10.29 2.44 16.24
C ASP B 263 11.76 2.67 16.58
N LEU B 264 12.58 1.65 16.32
CA LEU B 264 14.01 1.78 16.56
C LEU B 264 14.61 2.85 15.68
N ASP B 265 14.21 2.90 14.41
CA ASP B 265 14.78 3.87 13.49
C ASP B 265 14.37 5.29 13.86
N LYS B 266 13.12 5.48 14.28
CA LYS B 266 12.65 6.83 14.61
C LYS B 266 13.43 7.42 15.77
N VAL B 267 13.52 6.69 16.87
CA VAL B 267 14.23 7.21 18.04
C VAL B 267 15.71 7.36 17.75
N ASP B 268 16.32 6.38 17.08
CA ASP B 268 17.71 6.54 16.68
C ASP B 268 17.85 7.72 15.74
N ASN B 269 16.82 8.01 14.95
CA ASN B 269 16.86 9.21 14.12
C ASN B 269 16.86 10.46 14.98
N VAL B 270 15.91 10.56 15.92
CA VAL B 270 15.78 11.78 16.72
C VAL B 270 17.04 12.04 17.52
N THR B 271 17.58 11.00 18.15
CA THR B 271 18.77 11.17 18.97
C THR B 271 19.95 11.66 18.12
N LEU B 272 20.14 11.07 16.95
CA LEU B 272 21.26 11.47 16.12
C LEU B 272 21.09 12.87 15.57
N ARG B 273 19.86 13.29 15.28
CA ARG B 273 19.65 14.64 14.77
C ARG B 273 20.18 15.66 15.76
N ARG B 274 19.84 15.50 17.03
CA ARG B 274 20.25 16.48 18.03
C ARG B 274 21.76 16.52 18.19
N ILE B 275 22.42 15.37 18.20
CA ILE B 275 23.87 15.36 18.38
C ILE B 275 24.54 16.09 17.24
N ALA B 276 24.00 15.96 16.03
CA ALA B 276 24.51 16.75 14.91
C ALA B 276 24.34 18.23 15.20
N MET B 277 23.18 18.63 15.71
CA MET B 277 22.96 19.99 16.13
C MET B 277 23.98 20.48 17.14
N VAL B 278 23.96 19.87 18.33
CA VAL B 278 24.68 20.44 19.45
C VAL B 278 26.18 20.41 19.19
N THR B 279 26.70 19.29 18.70
CA THR B 279 28.12 19.23 18.38
C THR B 279 28.47 20.15 17.22
N GLY B 280 27.52 20.39 16.32
CA GLY B 280 27.75 21.18 15.15
C GLY B 280 28.14 20.40 13.91
N LEU B 281 28.60 19.16 14.09
CA LEU B 281 28.90 18.32 12.94
C LEU B 281 27.61 17.97 12.22
N GLY B 282 27.72 17.68 10.94
CA GLY B 282 26.55 17.40 10.15
C GLY B 282 25.85 16.13 10.57
N MET B 283 24.64 15.93 10.05
CA MET B 283 23.97 14.66 10.23
C MET B 283 24.70 13.55 9.48
N THR B 284 25.28 13.89 8.32
CA THR B 284 25.91 12.87 7.49
C THR B 284 27.05 12.17 8.23
N VAL B 285 27.79 12.90 9.05
CA VAL B 285 28.94 12.28 9.72
C VAL B 285 28.47 11.27 10.76
N LEU B 286 27.42 11.61 11.51
CA LEU B 286 26.91 10.68 12.51
C LEU B 286 26.39 9.40 11.88
N ILE B 287 25.62 9.54 10.79
CA ILE B 287 25.21 8.38 10.01
C ILE B 287 26.41 7.62 9.45
N GLY B 288 27.49 8.33 9.14
CA GLY B 288 28.65 7.69 8.59
C GLY B 288 28.79 7.83 7.09
N GLU B 289 27.89 8.56 6.44
CA GLU B 289 28.03 8.84 5.00
C GLU B 289 28.92 10.07 4.81
N GLN B 290 30.13 9.95 5.35
CA GLN B 290 31.08 11.05 5.27
C GLN B 290 31.49 11.37 3.84
N ALA B 291 31.26 10.46 2.89
CA ALA B 291 31.70 10.67 1.53
C ALA B 291 30.96 11.81 0.85
N SER B 292 29.70 12.05 1.25
CA SER B 292 28.82 12.96 0.51
C SER B 292 29.34 14.39 0.47
N GLY B 293 29.35 15.06 1.61
CA GLY B 293 29.66 16.48 1.61
C GLY B 293 30.45 17.00 2.80
N LEU B 294 30.83 16.11 3.70
CA LEU B 294 31.61 16.49 4.89
C LEU B 294 32.99 15.86 4.75
N ASN B 295 33.97 16.68 4.38
CA ASN B 295 35.29 16.19 4.02
C ASN B 295 36.34 17.09 4.65
N ALA B 296 37.58 16.93 4.19
CA ALA B 296 38.69 17.74 4.69
C ALA B 296 38.85 19.04 3.91
N SER B 297 38.98 18.94 2.59
CA SER B 297 39.24 20.11 1.76
C SER B 297 38.11 21.12 1.90
N GLY B 298 38.48 22.38 2.10
CA GLY B 298 37.55 23.44 2.41
C GLY B 298 36.91 24.12 1.22
N GLU B 299 37.07 23.57 0.01
CA GLU B 299 36.46 24.18 -1.17
C GLU B 299 34.97 24.35 -0.98
N LYS B 300 34.25 23.23 -0.83
CA LYS B 300 32.82 23.25 -0.55
C LYS B 300 32.41 22.29 0.56
N GLU B 301 33.21 21.26 0.85
CA GLU B 301 32.77 20.19 1.75
C GLU B 301 33.01 20.54 3.21
N ARG B 302 34.20 21.01 3.55
CA ARG B 302 34.44 21.47 4.91
C ARG B 302 33.56 22.67 5.23
N GLN B 303 33.08 23.36 4.20
CA GLN B 303 32.14 24.46 4.32
C GLN B 303 30.82 23.97 4.91
N GLY B 304 30.60 22.66 4.87
CA GLY B 304 29.39 22.06 5.41
C GLY B 304 29.13 22.43 6.85
N PHE B 305 30.20 22.55 7.64
CA PHE B 305 30.06 22.98 9.02
C PHE B 305 31.20 23.90 9.46
N GLN B 306 31.96 24.46 8.53
CA GLN B 306 33.11 25.28 8.92
C GLN B 306 32.68 26.45 9.80
N ASP B 307 31.44 26.90 9.65
CA ASP B 307 30.93 27.97 10.50
C ASP B 307 30.98 27.59 11.97
N THR B 308 30.59 26.35 12.28
CA THR B 308 30.68 25.89 13.66
C THR B 308 32.13 25.89 14.15
N ILE B 309 33.04 25.38 13.31
CA ILE B 309 34.45 25.40 13.67
C ILE B 309 34.97 26.81 13.76
N GLU B 310 34.60 27.66 12.80
CA GLU B 310 34.97 29.07 12.88
C GLU B 310 34.39 29.70 14.13
N ASN B 311 33.15 29.34 14.47
CA ASN B 311 32.58 29.75 15.74
C ASN B 311 33.40 29.20 16.90
N LEU B 312 33.95 28.00 16.74
CA LEU B 312 34.87 27.48 17.74
C LEU B 312 36.23 28.16 17.65
N GLN B 313 36.66 28.47 16.43
CA GLN B 313 38.00 29.03 16.24
C GLN B 313 38.13 30.43 16.83
N SER B 314 37.07 31.21 16.84
CA SER B 314 37.14 32.59 17.30
C SER B 314 36.50 32.80 18.66
N ASP B 315 36.23 31.73 19.40
CA ASP B 315 35.61 31.84 20.71
C ASP B 315 36.47 31.28 21.83
N TYR B 316 36.93 30.03 21.72
CA TYR B 316 37.65 29.40 22.81
C TYR B 316 39.09 29.04 22.46
N LEU B 317 39.47 29.18 21.19
CA LEU B 317 40.84 28.89 20.78
C LEU B 317 41.67 30.15 20.59
N GLU B 318 41.04 31.28 20.29
CA GLU B 318 41.78 32.52 20.09
C GLU B 318 42.36 33.04 21.40
N ASP B 319 41.56 33.08 22.47
CA ASP B 319 42.02 33.51 23.78
C ASP B 319 43.34 32.89 24.17
N PRO B 320 43.45 31.57 24.28
CA PRO B 320 44.66 30.99 24.86
C PRO B 320 45.79 30.89 23.86
N LEU B 321 45.46 30.64 22.59
CA LEU B 321 46.50 30.61 21.58
C LEU B 321 47.21 31.96 21.49
N ASN B 322 46.45 33.04 21.53
CA ASN B 322 47.08 34.36 21.58
C ASN B 322 47.90 34.53 22.85
N ARG B 323 47.36 34.08 23.98
CA ARG B 323 48.14 34.09 25.21
C ARG B 323 49.37 33.20 25.08
N LEU B 324 49.21 32.02 24.47
CA LEU B 324 50.37 31.18 24.22
C LEU B 324 51.29 31.81 23.18
N ALA B 325 50.74 32.60 22.27
CA ALA B 325 51.58 33.24 21.26
C ALA B 325 52.57 34.20 21.89
N GLU B 326 52.12 34.99 22.86
CA GLU B 326 53.00 36.00 23.45
C GLU B 326 54.04 35.36 24.37
N ILE B 327 53.67 34.28 25.06
CA ILE B 327 54.58 33.68 26.02
C ILE B 327 55.80 33.08 25.35
N PHE B 328 55.71 32.76 24.06
CA PHE B 328 56.85 32.22 23.33
C PHE B 328 57.47 33.25 22.39
N GLN B 329 57.08 34.52 22.51
CA GLN B 329 57.52 35.60 21.64
C GLN B 329 57.07 35.42 20.21
N LEU B 330 56.20 34.44 19.94
CA LEU B 330 55.60 34.33 18.62
C LEU B 330 54.59 35.45 18.40
N GLY B 331 54.33 35.72 17.14
CA GLY B 331 53.39 36.76 16.78
C GLY B 331 51.96 36.34 17.02
N PHE B 332 51.06 37.29 16.84
CA PHE B 332 49.64 37.03 16.99
C PHE B 332 49.19 36.01 15.95
N ILE B 333 48.57 34.93 16.41
CA ILE B 333 48.20 33.83 15.53
C ILE B 333 46.69 33.79 15.37
N GLU B 334 46.23 33.71 14.13
CA GLU B 334 44.81 33.66 13.82
C GLU B 334 44.53 32.53 12.83
N PHE B 335 43.32 32.50 12.28
CA PHE B 335 42.94 31.50 11.29
C PHE B 335 42.31 32.18 10.09
N LYS B 336 42.56 31.63 8.91
CA LYS B 336 41.92 32.13 7.69
C LYS B 336 42.01 31.06 6.62
N ASP B 337 40.86 30.64 6.10
CA ASP B 337 40.80 29.62 5.06
C ASP B 337 41.21 30.20 3.72
N ARG B 346 41.46 24.29 -4.62
CA ARG B 346 42.24 25.17 -3.76
C ARG B 346 42.43 26.53 -4.42
N VAL B 347 43.66 27.02 -4.42
CA VAL B 347 43.98 28.29 -5.07
C VAL B 347 43.74 28.21 -6.56
N GLU B 348 43.82 27.01 -7.14
CA GLU B 348 43.52 26.85 -8.56
C GLU B 348 42.11 27.34 -8.88
N TYR B 349 41.19 27.25 -7.92
CA TYR B 349 39.88 27.85 -8.09
C TYR B 349 40.00 29.36 -8.23
N ASP B 350 40.84 29.98 -7.40
CA ASP B 350 41.01 31.42 -7.41
C ASP B 350 41.85 31.92 -8.56
N LYS B 351 42.68 31.06 -9.14
CA LYS B 351 43.63 31.50 -10.16
C LYS B 351 42.93 32.03 -11.40
N LYS B 352 41.83 31.40 -11.82
CA LYS B 352 41.11 31.90 -12.98
C LYS B 352 40.65 33.33 -12.74
N ALA B 353 40.25 33.65 -11.51
CA ALA B 353 39.97 35.04 -11.17
C ALA B 353 41.25 35.88 -11.20
N VAL B 354 42.38 35.29 -10.79
CA VAL B 354 43.63 36.03 -10.76
C VAL B 354 43.99 36.52 -12.15
N ASP B 355 43.84 35.66 -13.16
CA ASP B 355 44.09 36.08 -14.53
C ASP B 355 43.11 37.17 -14.94
N VAL B 356 41.86 37.08 -14.48
CA VAL B 356 40.89 38.12 -14.75
C VAL B 356 41.38 39.45 -14.18
N ALA B 357 41.98 39.41 -12.99
CA ALA B 357 42.56 40.62 -12.42
C ALA B 357 43.69 41.16 -13.30
N LYS B 358 44.52 40.27 -13.84
CA LYS B 358 45.60 40.71 -14.69
C LYS B 358 45.08 41.37 -15.96
N VAL B 359 44.05 40.80 -16.57
CA VAL B 359 43.57 41.26 -17.86
C VAL B 359 42.66 42.46 -17.68
N LEU B 360 42.58 42.99 -16.46
CA LEU B 360 41.76 44.17 -16.22
C LEU B 360 42.32 45.39 -16.95
N TRP B 361 43.63 45.59 -16.92
CA TRP B 361 44.18 46.86 -17.37
C TRP B 361 44.96 46.75 -18.68
N GLU B 362 46.04 45.96 -18.70
CA GLU B 362 46.98 45.88 -19.83
C GLU B 362 47.25 47.26 -20.44
N LEU B 363 47.53 48.23 -19.57
CA LEU B 363 47.81 49.60 -19.99
C LEU B 363 49.21 49.60 -20.59
N GLY B 364 49.30 49.12 -21.83
CA GLY B 364 50.59 48.68 -22.30
C GLY B 364 50.90 47.43 -21.52
N GLU B 365 51.78 47.53 -20.53
CA GLU B 365 51.90 46.50 -19.50
C GLU B 365 52.10 47.18 -18.15
N ASP B 366 51.15 46.98 -17.23
CA ASP B 366 51.24 47.50 -15.88
C ASP B 366 50.79 46.44 -14.90
N TYR B 367 51.26 46.56 -13.66
CA TYR B 367 50.96 45.56 -12.65
C TYR B 367 49.49 45.62 -12.26
N GLY B 368 48.85 44.46 -12.22
CA GLY B 368 47.51 44.40 -11.67
C GLY B 368 47.57 44.63 -10.18
N ALA B 369 47.11 45.80 -9.74
CA ALA B 369 47.20 46.15 -8.33
C ALA B 369 46.43 45.17 -7.46
N TYR B 370 45.39 44.56 -8.02
CA TYR B 370 44.57 43.62 -7.27
C TYR B 370 45.23 42.25 -7.15
N LEU B 371 46.34 42.03 -7.84
CA LEU B 371 47.03 40.74 -7.73
C LEU B 371 47.49 40.48 -6.30
N LYS B 372 48.04 41.51 -5.64
CA LYS B 372 48.59 41.31 -4.31
C LYS B 372 47.51 40.96 -3.29
N ASP B 373 46.38 41.67 -3.34
CA ASP B 373 45.33 41.46 -2.34
C ASP B 373 44.45 40.28 -2.76
N LYS B 374 45.10 39.16 -3.05
CA LYS B 374 44.48 37.86 -3.29
C LYS B 374 45.56 36.81 -3.05
N ASP B 375 45.30 35.58 -3.50
CA ASP B 375 46.28 34.49 -3.37
C ASP B 375 47.24 34.53 -4.57
N VAL B 376 48.11 35.55 -4.55
CA VAL B 376 49.18 35.64 -5.53
C VAL B 376 50.18 34.50 -5.33
N VAL B 377 50.39 34.10 -4.08
CA VAL B 377 51.34 33.05 -3.76
C VAL B 377 50.61 31.88 -3.12
N ASP C 9 12.22 19.92 32.59
CA ASP C 9 11.64 18.78 31.92
C ASP C 9 11.38 17.64 32.90
N VAL C 10 11.20 17.98 34.18
CA VAL C 10 10.97 16.99 35.24
C VAL C 10 10.01 17.58 36.29
N LEU C 11 8.80 16.99 36.40
CA LEU C 11 7.87 17.40 37.45
C LEU C 11 6.58 16.59 37.44
N SER C 12 5.88 16.60 38.58
CA SER C 12 4.47 16.21 38.72
C SER C 12 4.24 14.75 38.36
N GLY C 13 4.95 13.87 39.06
CA GLY C 13 4.78 12.44 38.85
C GLY C 13 6.04 11.71 39.24
N LEU C 14 6.09 10.45 38.84
CA LEU C 14 7.30 9.64 38.99
C LEU C 14 8.07 9.54 37.68
N ILE C 15 7.65 10.30 36.67
CA ILE C 15 8.40 10.41 35.43
C ILE C 15 9.85 10.76 35.73
N ASN C 16 10.07 11.48 36.82
CA ASN C 16 11.40 12.00 37.12
C ASN C 16 12.41 10.87 37.22
N ARG C 17 11.96 9.68 37.61
CA ARG C 17 12.86 8.62 38.02
C ARG C 17 13.04 7.57 36.94
N ARG C 18 12.00 7.25 36.19
CA ARG C 18 12.04 6.12 35.28
C ARG C 18 12.50 6.48 33.87
N ASN C 19 12.76 7.75 33.58
CA ASN C 19 13.22 8.09 32.26
C ASN C 19 14.66 7.64 32.05
N SER C 20 15.13 7.74 30.81
CA SER C 20 16.48 7.28 30.50
C SER C 20 17.51 8.13 31.21
N MET C 21 17.11 9.28 31.75
CA MET C 21 18.04 10.13 32.45
C MET C 21 18.62 9.44 33.67
N ALA C 22 17.78 9.15 34.66
CA ALA C 22 18.25 8.61 35.92
C ALA C 22 18.16 7.11 36.01
N ARG C 23 17.50 6.45 35.07
CA ARG C 23 17.34 5.01 35.18
C ARG C 23 18.66 4.28 34.93
N ASN C 24 19.62 4.97 34.32
CA ASN C 24 20.93 4.37 34.08
C ASN C 24 22.02 5.43 33.97
N ARG C 25 23.11 5.22 34.68
CA ARG C 25 24.27 6.08 34.59
C ARG C 25 25.27 5.49 33.60
N VAL C 26 26.23 6.30 33.21
CA VAL C 26 27.17 5.92 32.16
C VAL C 26 28.32 5.14 32.76
N SER C 27 28.82 4.16 32.00
CA SER C 27 30.01 3.41 32.36
C SER C 27 30.57 2.79 31.10
N HIS C 28 31.89 2.56 31.08
CA HIS C 28 32.58 2.06 29.91
C HIS C 28 33.28 0.76 30.24
N ARG C 29 33.17 -0.21 29.33
CA ARG C 29 33.86 -1.48 29.51
C ARG C 29 35.35 -1.31 29.27
N TYR C 30 36.14 -2.13 29.95
CA TYR C 30 37.57 -2.26 29.71
C TYR C 30 37.81 -3.67 29.20
N LEU C 31 37.78 -3.86 27.89
CA LEU C 31 37.96 -5.21 27.37
C LEU C 31 39.38 -5.68 27.62
N SER C 32 39.50 -6.92 28.06
CA SER C 32 40.79 -7.46 28.49
C SER C 32 41.72 -7.63 27.30
N ASP C 33 42.99 -7.86 27.62
CA ASP C 33 43.99 -8.04 26.56
C ASP C 33 43.67 -9.26 25.72
N GLU C 34 43.23 -10.35 26.35
CA GLU C 34 42.94 -11.56 25.58
C GLU C 34 41.76 -11.33 24.64
N GLU C 35 40.74 -10.61 25.08
CA GLU C 35 39.66 -10.23 24.17
C GLU C 35 40.17 -9.26 23.11
N MET C 36 41.12 -8.40 23.46
CA MET C 36 41.72 -7.52 22.48
C MET C 36 42.41 -8.33 21.40
N ARG C 37 43.04 -9.44 21.79
CA ARG C 37 43.69 -10.32 20.84
C ARG C 37 42.70 -10.91 19.85
N VAL C 38 41.56 -11.40 20.36
CA VAL C 38 40.63 -12.15 19.53
C VAL C 38 40.09 -11.27 18.41
N MET C 39 39.72 -10.03 18.72
CA MET C 39 39.16 -9.18 17.68
C MET C 39 40.17 -8.86 16.59
N TYR C 40 41.45 -8.84 16.93
CA TYR C 40 42.46 -8.65 15.89
C TYR C 40 42.37 -9.77 14.87
N LYS C 41 42.04 -10.97 15.31
CA LYS C 41 41.85 -12.08 14.39
C LYS C 41 40.54 -12.01 13.64
N ALA C 42 39.49 -11.45 14.26
CA ALA C 42 38.16 -11.54 13.68
C ALA C 42 38.09 -10.80 12.36
N GLY C 43 37.29 -11.32 11.44
CA GLY C 43 37.31 -10.83 10.08
C GLY C 43 36.94 -9.36 9.96
N LEU C 44 35.89 -8.94 10.68
CA LEU C 44 35.38 -7.59 10.49
C LEU C 44 36.44 -6.55 10.77
N MET C 45 36.95 -6.49 12.01
CA MET C 45 37.95 -5.50 12.32
C MET C 45 39.26 -5.75 11.60
N SER C 46 39.50 -6.97 11.16
CA SER C 46 40.71 -7.24 10.38
C SER C 46 40.79 -6.33 9.18
N LYS C 47 39.65 -6.10 8.52
CA LYS C 47 39.63 -5.13 7.43
C LYS C 47 39.68 -3.71 7.98
N ILE C 48 39.01 -3.46 9.10
CA ILE C 48 39.10 -2.14 9.74
C ILE C 48 40.54 -1.76 9.97
N ILE C 49 41.27 -2.63 10.65
CA ILE C 49 42.66 -2.33 10.98
C ILE C 49 43.48 -2.22 9.70
N ARG C 50 43.27 -3.16 8.77
CA ARG C 50 44.01 -3.12 7.52
C ARG C 50 43.70 -1.87 6.71
N LEU C 51 42.41 -1.52 6.61
CA LEU C 51 42.04 -0.37 5.80
C LEU C 51 42.63 0.91 6.35
N LYS C 52 42.39 1.18 7.64
CA LYS C 52 42.81 2.45 8.19
C LYS C 52 44.33 2.59 8.20
N ALA C 53 45.04 1.50 8.52
CA ALA C 53 46.49 1.55 8.49
C ALA C 53 47.01 1.82 7.08
N GLY C 54 46.48 1.10 6.10
CA GLY C 54 46.92 1.32 4.73
C GLY C 54 46.61 2.72 4.25
N TYR C 55 45.40 3.21 4.56
CA TYR C 55 45.02 4.55 4.13
C TYR C 55 45.91 5.60 4.75
N ALA C 56 46.64 5.27 5.81
CA ALA C 56 47.50 6.26 6.44
C ALA C 56 48.89 6.26 5.82
N LEU C 57 49.38 5.10 5.40
CA LEU C 57 50.78 4.97 5.01
C LEU C 57 51.00 4.73 3.53
N ASN C 58 49.97 4.38 2.77
CA ASN C 58 50.17 4.03 1.36
C ASN C 58 50.55 5.28 0.58
N ASP C 59 51.85 5.45 0.34
CA ASP C 59 52.37 6.51 -0.52
C ASP C 59 51.81 7.87 -0.15
N THR C 60 51.80 8.14 1.15
CA THR C 60 51.27 9.41 1.67
C THR C 60 52.33 10.15 2.46
N LEU C 61 53.58 9.72 2.37
CA LEU C 61 54.64 10.18 3.26
C LEU C 61 55.51 11.18 2.51
N LYS C 62 55.38 12.45 2.89
CA LYS C 62 56.22 13.50 2.31
C LYS C 62 57.63 13.38 2.89
N PHE C 63 58.60 13.12 2.04
CA PHE C 63 59.99 13.02 2.46
C PHE C 63 60.72 14.27 2.02
N GLU C 64 61.28 15.00 2.99
CA GLU C 64 62.08 16.17 2.66
C GLU C 64 63.51 15.81 2.30
N SER C 65 63.86 14.53 2.36
CA SER C 65 65.21 14.06 2.02
C SER C 65 65.10 13.31 0.69
N THR C 66 65.21 14.07 -0.40
CA THR C 66 65.23 13.45 -1.72
C THR C 66 66.45 12.55 -1.89
N GLN C 67 67.62 13.00 -1.42
CA GLN C 67 68.81 12.17 -1.45
C GLN C 67 68.57 10.90 -0.66
N ASP C 68 69.00 9.78 -1.21
CA ASP C 68 68.65 8.46 -0.71
C ASP C 68 67.13 8.39 -0.53
N GLN C 69 66.43 8.63 -1.63
CA GLN C 69 64.98 8.75 -1.62
C GLN C 69 64.34 7.54 -0.96
N GLU C 70 63.62 7.79 0.13
CA GLU C 70 62.79 6.78 0.77
C GLU C 70 63.59 5.53 1.13
N ILE C 71 64.79 5.73 1.67
CA ILE C 71 65.48 4.61 2.30
C ILE C 71 64.63 4.05 3.42
N TYR C 72 63.76 4.89 3.98
CA TYR C 72 62.69 4.43 4.85
C TYR C 72 61.84 3.35 4.17
N LYS C 73 61.61 3.50 2.86
CA LYS C 73 60.60 2.70 2.20
C LYS C 73 61.00 1.24 2.10
N LYS C 74 62.24 0.98 1.66
CA LYS C 74 62.67 -0.38 1.39
C LYS C 74 63.12 -1.13 2.63
N ARG C 75 63.22 -0.46 3.78
CA ARG C 75 63.80 -1.06 4.98
C ARG C 75 62.79 -1.30 6.09
N LEU C 76 62.07 -0.26 6.50
CA LEU C 76 61.15 -0.41 7.62
C LEU C 76 59.80 0.27 7.42
N SER C 77 59.55 0.90 6.28
CA SER C 77 58.22 1.44 6.01
C SER C 77 57.19 0.33 6.01
N LYS C 78 57.65 -0.90 5.87
CA LYS C 78 56.79 -2.05 6.02
C LYS C 78 56.74 -2.54 7.46
N HIS C 79 57.82 -2.32 8.22
CA HIS C 79 57.77 -2.59 9.66
C HIS C 79 56.76 -1.68 10.35
N VAL C 80 56.76 -0.39 9.99
CA VAL C 80 55.83 0.54 10.61
C VAL C 80 54.39 0.14 10.36
N LYS C 81 54.09 -0.34 9.15
CA LYS C 81 52.69 -0.64 8.81
C LYS C 81 52.16 -1.76 9.66
N ASN C 82 52.94 -2.82 9.85
CA ASN C 82 52.55 -3.86 10.81
C ASN C 82 52.48 -3.27 12.21
N ALA C 83 53.37 -2.33 12.52
CA ALA C 83 53.35 -1.73 13.84
C ALA C 83 52.17 -0.79 14.00
N THR C 84 51.90 0.06 13.01
CA THR C 84 50.75 0.95 13.12
C THR C 84 49.44 0.19 13.03
N LYS C 85 49.46 -0.99 12.41
CA LYS C 85 48.33 -1.91 12.56
C LYS C 85 48.18 -2.31 14.03
N PHE C 86 49.31 -2.60 14.68
CA PHE C 86 49.27 -2.98 16.08
C PHE C 86 48.81 -1.83 16.96
N MET C 87 48.97 -0.59 16.47
CA MET C 87 48.32 0.53 17.12
C MET C 87 46.82 0.30 17.22
N LEU C 88 46.17 0.18 16.06
CA LEU C 88 44.72 0.07 16.03
C LEU C 88 44.24 -1.21 16.68
N GLY C 89 44.97 -2.31 16.48
CA GLY C 89 44.51 -3.59 17.00
C GLY C 89 44.50 -3.64 18.51
N PHE C 90 45.53 -3.09 19.15
CA PHE C 90 45.69 -3.24 20.59
C PHE C 90 45.88 -1.93 21.33
N GLY C 91 45.93 -0.81 20.64
CA GLY C 91 46.20 0.44 21.33
C GLY C 91 47.66 0.67 21.64
N ARG C 92 48.55 -0.23 21.18
CA ARG C 92 49.97 -0.05 21.43
C ARG C 92 50.75 -0.75 20.32
N GLY C 93 51.23 0.02 19.37
CA GLY C 93 52.21 -0.46 18.42
C GLY C 93 53.60 -0.09 18.90
N VAL C 94 54.56 -0.99 18.68
CA VAL C 94 55.90 -0.81 19.20
C VAL C 94 56.92 -1.12 18.11
N ILE C 95 57.89 -0.23 17.95
CA ILE C 95 59.08 -0.50 17.16
C ILE C 95 60.27 -0.49 18.11
N VAL C 96 61.06 -1.56 18.06
CA VAL C 96 62.22 -1.73 18.93
C VAL C 96 63.47 -1.72 18.07
N VAL C 97 64.45 -0.92 18.46
CA VAL C 97 65.72 -0.84 17.76
C VAL C 97 66.84 -1.06 18.76
N PHE C 98 67.83 -1.86 18.36
CA PHE C 98 69.01 -2.05 19.17
C PHE C 98 70.15 -2.55 18.28
N LYS C 99 71.37 -2.37 18.75
CA LYS C 99 72.56 -2.71 17.98
C LYS C 99 72.75 -4.23 17.99
N ASN C 100 73.90 -4.68 17.48
CA ASN C 100 74.16 -6.11 17.44
C ASN C 100 74.30 -6.72 18.83
N GLY C 101 74.47 -5.89 19.86
CA GLY C 101 74.58 -6.40 21.21
C GLY C 101 73.37 -6.08 22.05
N ASP C 102 72.67 -7.12 22.51
CA ASP C 102 71.45 -6.94 23.30
C ASP C 102 71.76 -6.11 24.56
N ASP C 103 70.94 -5.10 24.80
CA ASP C 103 71.17 -4.19 25.91
C ASP C 103 69.86 -3.87 26.61
N LEU C 104 69.88 -3.89 27.94
CA LEU C 104 68.75 -3.41 28.71
C LEU C 104 68.67 -1.89 28.68
N SER C 105 69.82 -1.23 28.66
CA SER C 105 69.91 0.20 28.87
C SER C 105 69.81 0.95 27.54
N LYS C 106 70.10 2.24 27.57
CA LYS C 106 69.82 3.14 26.46
C LYS C 106 70.75 2.87 25.27
N PRO C 107 70.32 3.22 24.06
CA PRO C 107 71.21 3.11 22.91
C PRO C 107 72.25 4.21 22.93
N LEU C 108 73.49 3.83 22.61
CA LEU C 108 74.59 4.77 22.65
C LEU C 108 74.42 5.76 21.51
N GLU C 109 73.77 6.88 21.80
CA GLU C 109 73.55 7.93 20.82
C GLU C 109 74.63 9.00 20.88
N ARG C 110 75.69 8.78 21.66
CA ARG C 110 76.84 9.69 21.61
C ARG C 110 77.39 9.76 20.20
N GLY C 111 77.57 8.62 19.56
CA GLY C 111 77.61 8.54 18.11
C GLY C 111 76.38 7.79 17.67
N VAL C 112 75.40 8.51 17.08
CA VAL C 112 74.13 7.90 16.76
C VAL C 112 74.34 6.73 15.81
N ASP C 113 73.68 5.62 16.10
CA ASP C 113 73.95 4.34 15.45
C ASP C 113 73.79 4.45 13.93
N PRO C 114 74.89 4.42 13.18
CA PRO C 114 74.82 4.56 11.72
C PRO C 114 74.47 3.24 11.02
N LYS C 115 73.17 2.95 10.99
CA LYS C 115 72.59 1.77 10.35
C LYS C 115 73.37 0.49 10.66
N LEU C 116 73.89 0.38 11.88
CA LEU C 116 74.51 -0.83 12.39
C LEU C 116 73.58 -1.57 13.33
N LEU C 117 72.28 -1.55 13.01
CA LEU C 117 71.24 -1.85 13.96
C LEU C 117 70.15 -2.69 13.32
N LYS C 118 69.37 -3.37 14.17
CA LYS C 118 68.26 -4.21 13.77
C LYS C 118 66.93 -3.55 14.14
N ILE C 119 65.85 -4.11 13.60
CA ILE C 119 64.52 -3.54 13.74
C ILE C 119 63.57 -4.62 14.23
N ARG C 120 62.70 -4.27 15.18
CA ARG C 120 61.67 -5.16 15.65
C ARG C 120 60.35 -4.39 15.74
N VAL C 121 59.24 -5.13 15.63
CA VAL C 121 57.91 -4.56 15.77
C VAL C 121 57.10 -5.45 16.70
N PHE C 122 56.32 -4.83 17.59
CA PHE C 122 55.64 -5.59 18.63
C PHE C 122 54.23 -5.07 18.83
N SER C 123 53.30 -6.01 19.02
CA SER C 123 51.93 -5.69 19.37
C SER C 123 51.83 -5.27 20.83
N GLY C 124 50.76 -4.54 21.14
CA GLY C 124 50.51 -4.16 22.52
C GLY C 124 50.20 -5.33 23.43
N ASP C 125 49.92 -6.50 22.86
CA ASP C 125 49.72 -7.70 23.68
C ASP C 125 50.98 -8.04 24.44
N ILE C 126 52.03 -8.44 23.73
CA ILE C 126 53.26 -8.82 24.39
C ILE C 126 54.01 -7.60 24.91
N ALA C 127 53.98 -6.49 24.17
CA ALA C 127 54.54 -5.26 24.69
C ALA C 127 53.65 -4.70 25.80
N LYS C 128 54.17 -3.71 26.50
CA LYS C 128 53.43 -3.02 27.54
C LYS C 128 54.28 -1.88 28.07
N GLY C 129 53.65 -0.93 28.77
CA GLY C 129 54.37 0.15 29.40
C GLY C 129 54.41 -0.01 30.91
N ASN C 130 55.56 0.31 31.51
CA ASN C 130 55.75 0.03 32.94
C ASN C 130 55.95 1.26 33.79
N ASN C 131 56.97 2.08 33.54
CA ASN C 131 57.49 2.96 34.57
C ASN C 131 57.29 4.43 34.24
N PRO C 132 56.31 5.10 34.82
CA PRO C 132 56.18 6.55 34.63
C PRO C 132 56.84 7.33 35.75
N ASP C 133 57.50 8.43 35.43
CA ASP C 133 57.97 9.33 36.46
C ASP C 133 56.83 10.27 36.86
N ASN C 134 56.37 10.17 38.10
CA ASN C 134 55.27 11.01 38.53
C ASN C 134 55.65 12.47 38.67
N ASP C 135 56.95 12.78 38.70
CA ASP C 135 57.38 14.16 38.74
C ASP C 135 57.30 14.77 37.34
N LEU C 136 57.34 16.11 37.29
CA LEU C 136 57.18 16.83 36.05
C LEU C 136 58.51 17.09 35.36
N ARG C 137 59.58 16.41 35.76
CA ARG C 137 60.92 16.82 35.33
C ARG C 137 61.18 16.47 33.87
N SER C 138 61.22 15.18 33.54
CA SER C 138 61.69 14.73 32.23
C SER C 138 60.55 14.42 31.29
N GLU C 139 59.72 13.44 31.63
CA GLU C 139 58.58 13.05 30.84
C GLU C 139 57.39 12.92 31.77
N ARG C 140 56.27 13.52 31.40
CA ARG C 140 55.16 13.66 32.32
C ARG C 140 54.54 12.27 32.55
N TYR C 141 53.50 12.22 33.41
CA TYR C 141 52.83 10.98 33.77
C TYR C 141 52.52 10.11 32.55
N TYR C 142 52.36 10.72 31.38
CA TYR C 142 52.13 9.99 30.15
C TYR C 142 53.27 9.02 29.86
N LYS C 143 54.45 9.57 29.58
CA LYS C 143 55.50 8.80 28.93
C LYS C 143 56.14 7.83 29.91
N PRO C 144 56.17 6.53 29.62
CA PRO C 144 56.91 5.60 30.47
C PRO C 144 58.40 5.86 30.37
N LYS C 145 59.14 5.29 31.34
CA LYS C 145 60.59 5.46 31.38
C LYS C 145 61.35 4.17 31.11
N ASN C 146 60.73 3.01 31.33
CA ASN C 146 61.32 1.72 30.98
C ASN C 146 60.25 0.67 31.10
N TYR C 147 60.11 -0.18 30.09
CA TYR C 147 59.09 -1.20 30.15
C TYR C 147 59.55 -2.48 29.48
N THR C 148 58.87 -3.57 29.82
CA THR C 148 59.22 -4.90 29.37
C THR C 148 58.48 -5.23 28.10
N ILE C 149 59.20 -5.80 27.13
CA ILE C 149 58.60 -6.23 25.89
C ILE C 149 58.22 -7.71 25.98
N LYS C 150 58.93 -8.45 26.80
CA LYS C 150 58.83 -9.87 27.04
C LYS C 150 59.48 -10.12 28.40
N GLY C 151 59.92 -11.35 28.64
CA GLY C 151 60.82 -11.59 29.74
C GLY C 151 61.94 -10.56 29.82
N HIS C 152 62.38 -10.05 28.67
CA HIS C 152 63.40 -9.02 28.64
C HIS C 152 62.80 -7.66 29.00
N THR C 153 63.65 -6.64 28.98
CA THR C 153 63.24 -5.26 29.20
C THR C 153 63.98 -4.38 28.20
N ILE C 154 63.36 -3.25 27.84
CA ILE C 154 63.95 -2.34 26.87
C ILE C 154 63.90 -0.91 27.40
N HIS C 155 64.99 -0.18 27.20
CA HIS C 155 65.08 1.21 27.64
C HIS C 155 64.08 2.08 26.90
N TRP C 156 63.70 3.19 27.53
CA TRP C 156 62.72 4.09 26.94
C TRP C 156 63.21 4.68 25.62
N THR C 157 64.38 5.31 25.64
CA THR C 157 64.88 5.90 24.40
C THR C 157 65.27 4.85 23.39
N ARG C 158 65.36 3.58 23.80
CA ARG C 158 65.54 2.50 22.83
C ARG C 158 64.32 2.36 21.94
N VAL C 159 63.13 2.50 22.50
CA VAL C 159 61.92 1.99 21.90
C VAL C 159 61.05 3.13 21.38
N VAL C 160 60.36 2.86 20.27
CA VAL C 160 59.43 3.78 19.65
C VAL C 160 58.03 3.24 19.82
N ASP C 161 57.12 4.07 20.33
CA ASP C 161 55.79 3.65 20.75
C ASP C 161 54.74 4.23 19.81
N PHE C 162 53.92 3.37 19.23
CA PHE C 162 52.80 3.78 18.41
C PHE C 162 51.56 3.81 19.29
N THR C 163 51.28 4.95 19.88
CA THR C 163 50.22 5.09 20.85
C THR C 163 48.99 5.71 20.21
N TYR C 164 47.85 5.06 20.36
CA TYR C 164 46.59 5.54 19.80
C TYR C 164 45.95 6.56 20.73
N TYR C 165 44.68 6.87 20.48
CA TYR C 165 43.84 7.75 21.27
C TYR C 165 43.94 7.42 22.76
N MET C 166 44.47 8.35 23.56
CA MET C 166 44.71 8.07 24.96
C MET C 166 43.61 8.64 25.83
N PRO C 167 43.25 7.96 26.92
CA PRO C 167 42.23 8.48 27.82
C PRO C 167 42.79 9.50 28.79
N SER C 168 41.98 9.91 29.75
CA SER C 168 42.46 10.83 30.77
C SER C 168 43.52 10.17 31.64
N GLU C 169 44.41 11.00 32.19
CA GLU C 169 45.57 10.49 32.91
C GLU C 169 45.17 9.70 34.14
N ASN C 170 44.08 10.09 34.80
CA ASN C 170 43.64 9.42 36.02
C ASN C 170 43.46 7.93 35.83
N GLU C 171 43.36 7.46 34.59
CA GLU C 171 43.13 6.05 34.32
C GLU C 171 44.08 5.50 33.27
N LEU C 172 45.10 6.26 32.90
CA LEU C 172 46.08 5.80 31.91
C LEU C 172 46.73 4.46 32.26
N PRO C 173 47.05 4.14 33.51
CA PRO C 173 47.60 2.80 33.80
C PRO C 173 46.69 1.67 33.39
N ASP C 174 45.37 1.82 33.47
CA ASP C 174 44.50 0.71 33.11
C ASP C 174 44.64 0.32 31.65
N TYR C 175 45.15 1.21 30.81
CA TYR C 175 45.55 0.85 29.46
C TYR C 175 47.05 0.62 29.36
N TYR C 176 47.72 0.64 30.50
CA TYR C 176 49.17 0.42 30.60
C TYR C 176 49.91 1.38 29.67
N TYR C 177 49.65 2.67 29.86
CA TYR C 177 50.50 3.75 29.37
C TYR C 177 50.58 3.74 27.85
N GLY C 178 49.42 3.96 27.24
CA GLY C 178 49.40 4.22 25.81
C GLY C 178 48.21 3.69 25.06
N GLY C 179 47.57 4.57 24.30
CA GLY C 179 46.60 4.19 23.30
C GLY C 179 45.36 3.46 23.76
N MET C 180 44.53 3.10 22.79
CA MET C 180 43.26 2.45 23.04
C MET C 180 42.90 1.68 21.78
N SER C 181 42.74 0.37 21.89
CA SER C 181 42.38 -0.42 20.72
C SER C 181 41.05 0.06 20.17
N GLU C 182 40.93 0.02 18.84
CA GLU C 182 39.64 0.35 18.23
C GLU C 182 38.55 -0.54 18.81
N SER C 183 38.91 -1.76 19.19
CA SER C 183 37.94 -2.64 19.84
C SER C 183 37.33 -1.95 21.05
N GLU C 184 38.17 -1.36 21.89
CA GLU C 184 37.66 -0.64 23.06
C GLU C 184 36.74 0.48 22.61
N LEU C 185 36.97 1.03 21.44
CA LEU C 185 36.08 2.06 20.89
C LEU C 185 34.79 1.47 20.33
N ILE C 186 34.82 0.23 19.86
CA ILE C 186 33.63 -0.35 19.25
C ILE C 186 33.30 -1.71 19.84
N TYR C 187 33.67 -1.95 21.09
CA TYR C 187 33.32 -3.23 21.70
C TYR C 187 31.82 -3.35 21.84
N GLU C 188 31.15 -2.23 22.10
CA GLU C 188 29.70 -2.16 21.98
C GLU C 188 29.25 -2.63 20.59
N GLN C 189 30.11 -2.44 19.59
CA GLN C 189 29.68 -2.62 18.21
C GLN C 189 29.92 -4.04 17.76
N PHE C 190 31.19 -4.48 17.83
CA PHE C 190 31.56 -5.78 17.28
C PHE C 190 30.76 -6.89 17.92
N ILE C 191 30.53 -6.80 19.23
CA ILE C 191 29.66 -7.76 19.88
C ILE C 191 28.25 -7.69 19.28
N ASN C 192 27.72 -6.48 19.13
CA ASN C 192 26.36 -6.35 18.63
C ASN C 192 26.23 -6.89 17.22
N ASP C 193 27.13 -6.47 16.33
CA ASP C 193 27.08 -6.97 14.95
C ASP C 193 27.24 -8.48 14.89
N SER C 194 28.18 -9.02 15.67
CA SER C 194 28.33 -10.46 15.72
C SER C 194 27.02 -11.12 16.17
N VAL C 195 26.38 -10.53 17.18
CA VAL C 195 25.08 -11.04 17.61
C VAL C 195 24.08 -10.94 16.47
N VAL C 196 24.07 -9.81 15.77
CA VAL C 196 23.19 -9.68 14.62
C VAL C 196 23.46 -10.82 13.65
N GLN C 197 24.73 -11.10 13.43
CA GLN C 197 25.08 -11.97 12.31
C GLN C 197 24.91 -13.43 12.67
N ARG C 198 25.36 -13.84 13.86
CA ARG C 198 25.19 -15.23 14.28
C ARG C 198 23.71 -15.59 14.28
N ALA C 199 22.86 -14.69 14.75
CA ALA C 199 21.43 -14.95 14.70
C ALA C 199 20.93 -14.94 13.26
N SER C 200 21.57 -14.16 12.39
CA SER C 200 21.10 -14.06 11.01
C SER C 200 21.18 -15.41 10.31
N GLY C 201 22.29 -16.12 10.50
CA GLY C 201 22.44 -17.39 9.83
C GLY C 201 21.49 -18.45 10.33
N SER C 202 21.20 -18.48 11.62
CA SER C 202 20.41 -19.56 12.18
C SER C 202 18.91 -19.35 12.02
N ILE C 203 18.47 -18.16 11.60
CA ILE C 203 17.04 -17.91 11.52
C ILE C 203 16.43 -18.64 10.32
N ILE C 204 17.18 -18.76 9.23
CA ILE C 204 16.63 -19.34 8.01
C ILE C 204 16.30 -20.81 8.21
N GLU C 205 17.21 -21.56 8.82
CA GLU C 205 16.94 -22.97 9.04
C GLU C 205 15.68 -23.20 9.86
N LYS C 206 15.28 -22.21 10.65
CA LYS C 206 14.05 -22.29 11.42
C LYS C 206 13.01 -21.30 10.93
N ALA C 207 13.12 -20.86 9.68
CA ALA C 207 12.21 -19.84 9.17
C ALA C 207 10.77 -20.33 9.15
N SER C 208 10.56 -21.62 8.97
CA SER C 208 9.21 -22.15 8.96
C SER C 208 9.28 -23.63 9.29
N THR C 209 8.50 -24.06 10.27
CA THR C 209 8.50 -25.44 10.71
C THR C 209 7.14 -26.05 10.45
N PHE C 210 7.13 -27.15 9.70
CA PHE C 210 5.91 -27.90 9.48
C PHE C 210 5.54 -28.61 10.78
N VAL C 211 4.25 -28.67 11.09
CA VAL C 211 3.80 -29.19 12.37
C VAL C 211 2.67 -30.19 12.14
N TYR C 212 2.84 -31.39 12.66
CA TYR C 212 1.78 -32.40 12.63
C TYR C 212 1.11 -32.46 13.99
N LYS C 213 0.17 -31.54 14.21
CA LYS C 213 -0.64 -31.68 15.41
C LYS C 213 -1.48 -32.93 15.23
N ILE C 214 -1.12 -34.01 15.92
CA ILE C 214 -1.70 -35.32 15.66
C ILE C 214 -2.40 -35.81 16.91
N LYS C 215 -3.68 -36.15 16.79
CA LYS C 215 -4.42 -36.66 17.93
C LYS C 215 -3.95 -38.06 18.28
N GLY C 216 -3.81 -38.32 19.57
CA GLY C 216 -3.37 -39.60 20.07
C GLY C 216 -1.88 -39.72 20.27
N TYR C 217 -1.09 -38.83 19.66
CA TYR C 217 0.34 -38.85 19.88
C TYR C 217 0.68 -38.49 21.33
N LYS C 218 -0.25 -37.85 22.03
CA LYS C 218 -0.22 -37.88 23.49
C LYS C 218 0.10 -39.28 23.99
N GLN C 219 -0.72 -40.24 23.61
CA GLN C 219 -0.65 -41.56 24.20
C GLN C 219 0.54 -42.35 23.67
N LEU C 220 0.80 -42.25 22.36
CA LEU C 220 1.82 -43.10 21.74
C LEU C 220 3.18 -42.86 22.38
N ILE C 221 3.56 -41.61 22.61
CA ILE C 221 4.75 -41.34 23.39
C ILE C 221 4.56 -41.88 24.80
N GLN C 222 3.40 -41.65 25.39
CA GLN C 222 3.18 -42.05 26.77
C GLN C 222 3.27 -43.56 26.91
N ALA C 223 2.81 -44.31 25.92
CA ALA C 223 3.01 -45.74 25.90
C ALA C 223 4.34 -46.13 25.28
N LYS C 224 5.13 -45.15 24.88
CA LYS C 224 6.49 -45.36 24.37
C LYS C 224 6.51 -46.33 23.18
N LYS C 225 5.36 -46.59 22.58
CA LYS C 225 5.26 -47.38 21.36
C LYS C 225 5.04 -46.41 20.19
N GLU C 226 5.72 -45.28 20.25
CA GLU C 226 5.60 -44.23 19.25
C GLU C 226 6.54 -44.43 18.07
N GLU C 227 7.11 -45.63 17.94
CA GLU C 227 8.08 -45.86 16.88
C GLU C 227 7.45 -45.76 15.50
N ASP C 228 6.23 -46.28 15.34
CA ASP C 228 5.65 -46.36 14.01
C ASP C 228 5.24 -45.00 13.48
N ILE C 229 4.67 -44.15 14.32
CA ILE C 229 4.20 -42.85 13.84
C ILE C 229 5.37 -41.99 13.39
N ILE C 230 6.50 -42.08 14.09
CA ILE C 230 7.69 -41.38 13.62
C ILE C 230 8.12 -41.94 12.27
N LYS C 231 8.07 -43.26 12.12
CA LYS C 231 8.49 -43.87 10.86
C LYS C 231 7.61 -43.40 9.72
N TYR C 232 6.29 -43.39 9.92
CA TYR C 232 5.40 -42.94 8.86
C TYR C 232 5.65 -41.47 8.52
N VAL C 233 5.82 -40.62 9.53
CA VAL C 233 6.10 -39.22 9.25
C VAL C 233 7.44 -39.09 8.54
N SER C 234 8.44 -39.85 8.96
CA SER C 234 9.72 -39.78 8.29
C SER C 234 9.60 -40.19 6.83
N THR C 235 8.85 -41.26 6.55
CA THR C 235 8.58 -41.61 5.16
C THR C 235 7.72 -40.55 4.48
N CYS C 236 6.76 -40.00 5.22
CA CYS C 236 5.91 -38.96 4.65
C CYS C 236 6.72 -37.71 4.35
N GLU C 237 7.53 -37.24 5.30
CA GLU C 237 8.39 -36.11 5.02
C GLU C 237 9.36 -36.43 3.89
N ASP C 238 9.73 -37.70 3.75
CA ASP C 238 10.56 -38.09 2.62
C ASP C 238 9.73 -38.11 1.36
N GLY C 239 9.32 -36.94 0.89
CA GLY C 239 8.49 -36.87 -0.28
C GLY C 239 7.44 -35.79 -0.21
N ARG C 240 7.29 -35.16 0.95
CA ARG C 240 6.37 -34.05 1.04
C ARG C 240 6.81 -32.95 0.08
N SER C 241 6.01 -32.70 -0.94
CA SER C 241 6.42 -31.81 -2.02
C SER C 241 5.18 -31.14 -2.60
N ILE C 242 5.37 -30.42 -3.70
CA ILE C 242 4.23 -29.86 -4.39
C ILE C 242 3.42 -30.95 -5.06
N TYR C 243 4.01 -32.13 -5.23
CA TYR C 243 3.45 -33.12 -6.14
C TYR C 243 2.57 -34.15 -5.44
N GLY C 244 2.77 -34.37 -4.15
CA GLY C 244 1.94 -35.32 -3.43
C GLY C 244 1.25 -34.69 -2.25
N GLY C 245 -0.07 -34.78 -2.20
CA GLY C 245 -0.80 -34.18 -1.11
C GLY C 245 -0.75 -35.03 0.15
N LEU C 246 -0.59 -34.37 1.29
CA LEU C 246 -0.65 -35.04 2.58
C LEU C 246 -1.97 -35.79 2.72
N ILE C 247 -1.95 -36.83 3.53
CA ILE C 247 -3.17 -37.50 3.96
C ILE C 247 -3.17 -37.53 5.47
N THR C 248 -4.08 -36.78 6.08
CA THR C 248 -4.21 -36.73 7.53
C THR C 248 -5.69 -36.82 7.86
N ASP C 249 -6.00 -36.57 9.13
CA ASP C 249 -7.33 -36.88 9.63
C ASP C 249 -8.12 -35.64 9.98
N ALA C 250 -9.43 -35.83 10.12
CA ALA C 250 -10.27 -34.72 10.56
C ALA C 250 -9.82 -34.22 11.92
N ASP C 251 -9.59 -35.14 12.85
CA ASP C 251 -9.08 -34.74 14.15
C ASP C 251 -7.63 -34.28 14.06
N ASP C 252 -6.90 -34.70 13.05
CA ASP C 252 -5.56 -34.19 12.83
C ASP C 252 -5.61 -32.74 12.42
N GLU C 253 -4.46 -32.07 12.51
CA GLU C 253 -4.36 -30.70 12.06
C GLU C 253 -2.92 -30.40 11.68
N VAL C 254 -2.68 -30.17 10.41
CA VAL C 254 -1.37 -29.73 9.95
C VAL C 254 -1.38 -28.22 9.87
N SER C 255 -0.33 -27.60 10.43
CA SER C 255 -0.20 -26.16 10.41
C SER C 255 1.26 -25.81 10.17
N THR C 256 1.50 -24.53 9.86
CA THR C 256 2.86 -24.07 9.63
C THR C 256 3.10 -22.83 10.45
N LEU C 257 4.27 -22.76 11.09
CA LEU C 257 4.65 -21.65 11.94
C LEU C 257 5.90 -21.01 11.35
N THR C 258 5.90 -19.70 11.26
CA THR C 258 7.06 -18.97 10.78
C THR C 258 7.63 -18.12 11.91
N GLN C 259 8.95 -18.13 12.03
CA GLN C 259 9.65 -17.21 12.91
C GLN C 259 10.79 -16.62 12.12
N SER C 260 10.97 -15.31 12.25
CA SER C 260 12.04 -14.65 11.52
C SER C 260 12.32 -13.31 12.17
N LEU C 261 13.57 -12.88 12.07
CA LEU C 261 14.00 -11.62 12.66
C LEU C 261 13.29 -10.50 11.94
N THR C 262 12.25 -9.95 12.56
CA THR C 262 11.41 -8.97 11.88
C THR C 262 12.17 -7.69 11.59
N ASP C 263 13.15 -7.34 12.42
CA ASP C 263 13.89 -6.11 12.20
C ASP C 263 15.37 -6.39 12.09
N LEU C 264 15.73 -7.42 11.33
CA LEU C 264 17.13 -7.73 11.13
C LEU C 264 17.85 -6.59 10.41
N ASP C 265 17.22 -6.02 9.39
CA ASP C 265 17.86 -4.96 8.64
C ASP C 265 18.04 -3.70 9.48
N LYS C 266 17.04 -3.37 10.31
CA LYS C 266 17.13 -2.15 11.11
C LYS C 266 18.30 -2.20 12.07
N VAL C 267 18.40 -3.28 12.85
CA VAL C 267 19.48 -3.38 13.82
C VAL C 267 20.82 -3.50 13.13
N ASP C 268 20.90 -4.31 12.07
CA ASP C 268 22.13 -4.36 11.30
C ASP C 268 22.46 -3.00 10.71
N ASN C 269 21.42 -2.21 10.41
CA ASN C 269 21.67 -0.85 9.95
C ASN C 269 22.28 -0.01 11.06
N VAL C 270 21.66 -0.01 12.24
CA VAL C 270 22.12 0.83 13.33
C VAL C 270 23.55 0.49 13.72
N THR C 271 23.84 -0.81 13.86
CA THR C 271 25.18 -1.22 14.27
C THR C 271 26.22 -0.78 13.26
N LEU C 272 25.93 -0.95 11.96
CA LEU C 272 26.91 -0.57 10.95
C LEU C 272 27.10 0.94 10.88
N ARG C 273 26.03 1.71 11.11
CA ARG C 273 26.18 3.16 11.08
C ARG C 273 27.23 3.61 12.08
N ARG C 274 27.15 3.11 13.30
CA ARG C 274 28.09 3.55 14.33
C ARG C 274 29.51 3.17 14.02
N ILE C 275 29.74 1.95 13.51
CA ILE C 275 31.10 1.53 13.20
C ILE C 275 31.70 2.42 12.13
N ALA C 276 30.89 2.86 11.18
CA ALA C 276 31.37 3.84 10.22
C ALA C 276 31.76 5.13 10.91
N MET C 277 30.95 5.59 11.85
CA MET C 277 31.30 6.73 12.66
C MET C 277 32.63 6.57 13.39
N VAL C 278 32.68 5.61 14.31
CA VAL C 278 33.78 5.56 15.26
C VAL C 278 35.08 5.26 14.54
N THR C 279 35.07 4.28 13.62
CA THR C 279 36.28 4.01 12.86
C THR C 279 36.64 5.16 11.94
N GLY C 280 35.65 5.91 11.48
CA GLY C 280 35.87 6.98 10.55
C GLY C 280 35.69 6.60 9.10
N LEU C 281 35.73 5.31 8.79
CA LEU C 281 35.46 4.87 7.43
C LEU C 281 34.00 5.12 7.09
N GLY C 282 33.73 5.28 5.81
CA GLY C 282 32.37 5.58 5.39
C GLY C 282 31.41 4.45 5.67
N MET C 283 30.12 4.76 5.52
CA MET C 283 29.12 3.70 5.57
C MET C 283 29.26 2.78 4.36
N THR C 284 29.63 3.34 3.21
CA THR C 284 29.69 2.56 1.99
C THR C 284 30.66 1.39 2.11
N VAL C 285 31.78 1.58 2.82
CA VAL C 285 32.76 0.51 2.89
C VAL C 285 32.24 -0.65 3.73
N LEU C 286 31.56 -0.35 4.83
CA LEU C 286 31.01 -1.42 5.66
C LEU C 286 29.96 -2.22 4.91
N ILE C 287 29.06 -1.53 4.21
CA ILE C 287 28.12 -2.22 3.32
C ILE C 287 28.84 -2.99 2.23
N GLY C 288 29.99 -2.51 1.78
CA GLY C 288 30.72 -3.18 0.74
C GLY C 288 30.56 -2.56 -0.63
N GLU C 289 29.83 -1.46 -0.74
CA GLU C 289 29.73 -0.74 -2.01
C GLU C 289 30.91 0.22 -2.15
N GLN C 290 32.10 -0.36 -2.09
CA GLN C 290 33.33 0.42 -2.17
C GLN C 290 33.48 1.12 -3.52
N ALA C 291 32.75 0.66 -4.54
CA ALA C 291 32.92 1.23 -5.87
C ALA C 291 32.46 2.67 -5.94
N SER C 292 31.49 3.06 -5.12
CA SER C 292 30.82 4.35 -5.29
C SER C 292 31.76 5.54 -5.09
N GLY C 293 32.25 5.76 -3.88
CA GLY C 293 33.00 6.96 -3.61
C GLY C 293 34.16 6.82 -2.66
N LEU C 294 34.42 5.61 -2.18
CA LEU C 294 35.52 5.35 -1.26
C LEU C 294 36.55 4.50 -1.99
N ASN C 295 37.65 5.13 -2.42
CA ASN C 295 38.60 4.47 -3.30
C ASN C 295 40.00 4.83 -2.83
N ALA C 296 40.99 4.54 -3.68
CA ALA C 296 42.38 4.82 -3.36
C ALA C 296 42.78 6.24 -3.78
N SER C 297 42.58 6.56 -5.06
CA SER C 297 43.02 7.85 -5.58
C SER C 297 42.35 9.00 -4.83
N GLY C 298 43.15 9.98 -4.44
CA GLY C 298 42.72 11.06 -3.58
C GLY C 298 42.10 12.24 -4.28
N GLU C 299 41.78 12.12 -5.57
CA GLU C 299 41.17 13.23 -6.30
C GLU C 299 39.89 13.69 -5.60
N LYS C 300 38.91 12.80 -5.53
CA LYS C 300 37.67 13.06 -4.81
C LYS C 300 37.22 11.91 -3.93
N GLU C 301 37.66 10.68 -4.19
CA GLU C 301 37.12 9.51 -3.52
C GLU C 301 37.77 9.26 -2.16
N ARG C 302 39.10 9.28 -2.11
CA ARG C 302 39.79 9.16 -0.82
C ARG C 302 39.45 10.35 0.07
N GLN C 303 39.01 11.45 -0.55
CA GLN C 303 38.53 12.64 0.16
C GLN C 303 37.30 12.32 0.99
N GLY C 304 36.65 11.19 0.68
CA GLY C 304 35.47 10.76 1.39
C GLY C 304 35.67 10.65 2.88
N PHE C 305 36.87 10.22 3.30
CA PHE C 305 37.20 10.17 4.71
C PHE C 305 38.64 10.57 4.99
N GLN C 306 39.32 11.22 4.05
CA GLN C 306 40.73 11.54 4.25
C GLN C 306 40.93 12.40 5.50
N ASP C 307 39.91 13.17 5.88
CA ASP C 307 39.99 13.97 7.09
C ASP C 307 40.24 13.09 8.32
N THR C 308 39.55 11.96 8.40
CA THR C 308 39.78 11.04 9.50
C THR C 308 41.21 10.52 9.48
N ILE C 309 41.70 10.13 8.29
CA ILE C 309 43.07 9.67 8.18
C ILE C 309 44.04 10.80 8.47
N GLU C 310 43.77 11.99 7.93
CA GLU C 310 44.59 13.15 8.26
C GLU C 310 44.54 13.42 9.75
N ASN C 311 43.37 13.29 10.35
CA ASN C 311 43.28 13.36 11.80
C ASN C 311 44.10 12.25 12.46
N LEU C 312 44.17 11.08 11.82
CA LEU C 312 45.06 10.03 12.31
C LEU C 312 46.51 10.36 11.96
N GLN C 313 46.74 10.96 10.80
CA GLN C 313 48.10 11.21 10.34
C GLN C 313 48.83 12.23 11.21
N SER C 314 48.12 13.20 11.76
CA SER C 314 48.75 14.28 12.52
C SER C 314 48.53 14.14 14.02
N ASP C 315 48.09 12.98 14.49
CA ASP C 315 47.85 12.78 15.91
C ASP C 315 48.71 11.68 16.51
N TYR C 316 48.69 10.48 15.94
CA TYR C 316 49.39 9.35 16.53
C TYR C 316 50.50 8.80 15.66
N LEU C 317 50.62 9.26 14.42
CA LEU C 317 51.69 8.81 13.54
C LEU C 317 52.82 9.82 13.42
N GLU C 318 52.55 11.10 13.65
CA GLU C 318 53.59 12.10 13.55
C GLU C 318 54.60 11.98 14.69
N ASP C 319 54.11 11.85 15.94
CA ASP C 319 54.97 11.67 17.10
C ASP C 319 56.07 10.64 16.87
N PRO C 320 55.75 9.39 16.59
CA PRO C 320 56.80 8.37 16.58
C PRO C 320 57.58 8.34 15.28
N LEU C 321 56.91 8.65 14.18
CA LEU C 321 57.62 8.72 12.90
C LEU C 321 58.69 9.78 12.94
N ASN C 322 58.38 10.96 13.51
CA ASN C 322 59.40 11.97 13.70
C ASN C 322 60.49 11.48 14.64
N ARG C 323 60.10 10.81 15.73
CA ARG C 323 61.10 10.20 16.59
C ARG C 323 61.90 9.15 15.85
N LEU C 324 61.22 8.34 15.04
CA LEU C 324 61.93 7.37 14.22
C LEU C 324 62.77 8.08 13.15
N ALA C 325 62.32 9.25 12.69
CA ALA C 325 63.07 9.97 11.68
C ALA C 325 64.45 10.38 12.20
N GLU C 326 64.52 10.87 13.43
CA GLU C 326 65.78 11.36 13.95
C GLU C 326 66.74 10.21 14.28
N ILE C 327 66.19 9.08 14.74
CA ILE C 327 67.04 7.99 15.18
C ILE C 327 67.81 7.37 14.02
N PHE C 328 67.34 7.55 12.79
CA PHE C 328 68.03 7.05 11.62
C PHE C 328 68.72 8.15 10.83
N GLN C 329 68.83 9.34 11.40
CA GLN C 329 69.38 10.52 10.76
C GLN C 329 68.58 10.96 9.55
N LEU C 330 67.41 10.39 9.33
CA LEU C 330 66.53 10.89 8.28
C LEU C 330 65.93 12.23 8.69
N GLY C 331 65.49 12.97 7.70
CA GLY C 331 64.90 14.26 7.95
C GLY C 331 63.49 14.14 8.51
N PHE C 332 62.95 15.30 8.89
CA PHE C 332 61.59 15.36 9.41
C PHE C 332 60.61 14.90 8.35
N ILE C 333 59.79 13.91 8.67
CA ILE C 333 58.89 13.30 7.71
C ILE C 333 57.46 13.70 8.03
N GLU C 334 56.73 14.17 7.02
CA GLU C 334 55.34 14.58 7.17
C GLU C 334 54.49 13.98 6.07
N PHE C 335 53.25 14.43 5.94
CA PHE C 335 52.34 13.95 4.91
C PHE C 335 51.73 15.14 4.19
N LYS C 336 51.51 15.00 2.89
CA LYS C 336 50.80 16.03 2.12
C LYS C 336 50.29 15.41 0.83
N ASP C 337 48.98 15.49 0.62
CA ASP C 337 48.37 14.94 -0.58
C ASP C 337 48.62 15.83 -1.78
N ARG C 346 45.00 13.32 -11.01
CA ARG C 346 46.20 13.62 -10.24
C ARG C 346 46.68 15.03 -10.54
N VAL C 347 47.98 15.18 -10.79
CA VAL C 347 48.54 16.47 -11.15
C VAL C 347 47.96 16.98 -12.47
N GLU C 348 47.51 16.08 -13.34
CA GLU C 348 46.86 16.50 -14.58
C GLU C 348 45.66 17.39 -14.29
N TYR C 349 45.00 17.20 -13.14
CA TYR C 349 43.96 18.13 -12.72
C TYR C 349 44.55 19.52 -12.49
N ASP C 350 45.70 19.58 -11.83
CA ASP C 350 46.34 20.85 -11.51
C ASP C 350 47.01 21.50 -12.72
N LYS C 351 47.36 20.71 -13.74
CA LYS C 351 48.15 21.24 -14.84
C LYS C 351 47.41 22.32 -15.61
N LYS C 352 46.10 22.16 -15.81
CA LYS C 352 45.34 23.20 -16.50
C LYS C 352 45.44 24.52 -15.76
N ALA C 353 45.47 24.48 -14.42
CA ALA C 353 45.75 25.69 -13.66
C ALA C 353 47.19 26.15 -13.89
N VAL C 354 48.11 25.19 -14.02
CA VAL C 354 49.53 25.54 -14.19
C VAL C 354 49.70 26.39 -15.45
N ASP C 355 49.05 25.99 -16.54
CA ASP C 355 49.10 26.79 -17.76
C ASP C 355 48.48 28.16 -17.54
N VAL C 356 47.41 28.22 -16.74
CA VAL C 356 46.81 29.50 -16.40
C VAL C 356 47.83 30.38 -15.69
N ALA C 357 48.63 29.79 -14.82
CA ALA C 357 49.69 30.55 -14.16
C ALA C 357 50.71 31.05 -15.17
N LYS C 358 51.05 30.23 -16.18
CA LYS C 358 52.00 30.67 -17.18
C LYS C 358 51.46 31.84 -18.00
N VAL C 359 50.18 31.78 -18.37
CA VAL C 359 49.60 32.76 -19.27
C VAL C 359 49.21 34.01 -18.49
N LEU C 360 49.59 34.07 -17.22
CA LEU C 360 49.29 35.27 -16.42
C LEU C 360 50.04 36.49 -16.95
N TRP C 361 51.32 36.35 -17.28
CA TRP C 361 52.14 37.52 -17.55
C TRP C 361 52.52 37.68 -19.02
N GLU C 362 53.25 36.71 -19.59
CA GLU C 362 53.82 36.81 -20.92
C GLU C 362 54.39 38.20 -21.21
N LEU C 363 55.17 38.70 -20.25
CA LEU C 363 55.79 40.02 -20.36
C LEU C 363 56.94 39.89 -21.36
N GLY C 364 56.58 39.87 -22.65
CA GLY C 364 57.51 39.31 -23.59
C GLY C 364 57.55 37.83 -23.31
N GLU C 365 58.62 37.36 -22.66
CA GLU C 365 58.61 36.05 -22.03
C GLU C 365 59.32 36.14 -20.69
N ASP C 366 58.60 35.87 -19.61
CA ASP C 366 59.15 35.85 -18.27
C ASP C 366 58.60 34.66 -17.51
N TYR C 367 59.36 34.23 -16.50
CA TYR C 367 58.97 33.04 -15.75
C TYR C 367 57.74 33.32 -14.91
N GLY C 368 56.77 32.42 -14.98
CA GLY C 368 55.65 32.50 -14.07
C GLY C 368 56.12 32.18 -12.66
N ALA C 369 56.19 33.20 -11.81
CA ALA C 369 56.71 33.00 -10.46
C ALA C 369 55.86 32.00 -9.68
N TYR C 370 54.59 31.89 -10.02
CA TYR C 370 53.69 30.98 -9.33
C TYR C 370 53.86 29.54 -9.78
N LEU C 371 54.65 29.30 -10.83
CA LEU C 371 54.89 27.93 -11.28
C LEU C 371 55.53 27.09 -10.20
N LYS C 372 56.53 27.66 -9.51
CA LYS C 372 57.28 26.88 -8.51
C LYS C 372 56.39 26.47 -7.35
N ASP C 373 55.59 27.41 -6.84
CA ASP C 373 54.78 27.13 -5.65
C ASP C 373 53.48 26.42 -6.06
N LYS C 374 53.65 25.34 -6.82
CA LYS C 374 52.60 24.40 -7.18
C LYS C 374 53.28 23.11 -7.58
N ASP C 375 52.53 22.21 -8.23
CA ASP C 375 53.08 20.95 -8.72
C ASP C 375 53.71 21.16 -10.10
N VAL C 376 54.85 21.86 -10.10
CA VAL C 376 55.64 22.02 -11.31
C VAL C 376 56.22 20.68 -11.74
N VAL C 377 56.57 19.83 -10.78
CA VAL C 377 57.16 18.53 -11.07
C VAL C 377 56.24 17.43 -10.56
N ASP D 9 25.18 3.57 31.16
CA ASP D 9 24.11 2.91 30.43
C ASP D 9 23.72 1.61 31.10
N VAL D 10 23.95 1.51 32.41
CA VAL D 10 23.64 0.31 33.19
C VAL D 10 23.20 0.69 34.60
N LEU D 11 21.92 0.43 34.94
CA LEU D 11 21.43 0.65 36.30
C LEU D 11 19.98 0.25 36.49
N SER D 12 19.60 0.03 37.75
CA SER D 12 18.21 -0.02 38.22
C SER D 12 17.42 -1.17 37.58
N GLY D 13 17.93 -2.38 37.76
CA GLY D 13 17.25 -3.55 37.24
C GLY D 13 18.25 -4.66 37.00
N LEU D 14 17.78 -5.68 36.29
CA LEU D 14 18.66 -6.74 35.82
C LEU D 14 19.02 -6.58 34.36
N ILE D 15 18.66 -5.43 33.77
CA ILE D 15 19.12 -5.08 32.43
C ILE D 15 20.63 -5.22 32.33
N ASN D 16 21.32 -5.01 33.44
CA ASN D 16 22.78 -4.98 33.43
C ASN D 16 23.34 -6.28 32.89
N ARG D 17 22.61 -7.38 33.09
CA ARG D 17 23.17 -8.70 32.89
C ARG D 17 22.75 -9.33 31.57
N ARG D 18 21.53 -9.08 31.13
CA ARG D 18 20.97 -9.79 29.98
C ARG D 18 21.20 -9.09 28.66
N ASN D 19 21.81 -7.91 28.65
CA ASN D 19 22.04 -7.25 27.39
C ASN D 19 23.17 -7.94 26.62
N SER D 20 23.34 -7.53 25.37
CA SER D 20 24.35 -8.16 24.53
C SER D 20 25.75 -7.90 25.07
N MET D 21 25.89 -6.96 26.01
CA MET D 21 27.19 -6.66 26.57
C MET D 21 27.75 -7.86 27.31
N ALA D 22 27.11 -8.26 28.40
CA ALA D 22 27.64 -9.31 29.26
C ALA D 22 27.08 -10.68 28.96
N ARG D 23 26.04 -10.77 28.14
CA ARG D 23 25.43 -12.08 27.90
C ARG D 23 26.34 -12.97 27.07
N ASN D 24 27.31 -12.37 26.39
CA ASN D 24 28.25 -13.14 25.60
C ASN D 24 29.58 -12.41 25.43
N ARG D 25 30.67 -13.13 25.68
CA ARG D 25 32.01 -12.61 25.45
C ARG D 25 32.49 -13.03 24.08
N VAL D 26 33.57 -12.41 23.62
CA VAL D 26 34.07 -12.61 22.27
C VAL D 26 34.98 -13.83 22.24
N SER D 27 34.94 -14.56 21.13
CA SER D 27 35.86 -15.65 20.87
C SER D 27 35.89 -15.91 19.38
N HIS D 28 37.01 -16.43 18.89
CA HIS D 28 37.21 -16.64 17.46
C HIS D 28 37.49 -18.11 17.19
N ARG D 29 36.86 -18.64 16.16
CA ARG D 29 37.10 -20.01 15.75
C ARG D 29 38.46 -20.14 15.10
N TYR D 30 39.06 -21.32 15.25
CA TYR D 30 40.29 -21.70 14.55
C TYR D 30 39.92 -22.86 13.63
N LEU D 31 39.53 -22.56 12.39
CA LEU D 31 39.12 -23.64 11.51
C LEU D 31 40.32 -24.51 11.16
N SER D 32 40.11 -25.82 11.18
CA SER D 32 41.20 -26.76 11.02
C SER D 32 41.74 -26.73 9.60
N ASP D 33 42.90 -27.36 9.41
CA ASP D 33 43.50 -27.39 8.08
C ASP D 33 42.63 -28.13 7.09
N GLU D 34 41.99 -29.23 7.51
CA GLU D 34 41.14 -29.97 6.59
C GLU D 34 39.93 -29.15 6.17
N GLU D 35 39.35 -28.40 7.10
CA GLU D 35 38.28 -27.47 6.71
C GLU D 35 38.82 -26.35 5.84
N MET D 36 40.06 -25.92 6.10
CA MET D 36 40.70 -24.93 5.24
C MET D 36 40.82 -25.46 3.82
N ARG D 37 41.11 -26.76 3.68
CA ARG D 37 41.20 -27.38 2.37
C ARG D 37 39.86 -27.32 1.64
N VAL D 38 38.78 -27.65 2.32
CA VAL D 38 37.49 -27.81 1.67
C VAL D 38 37.03 -26.50 1.05
N MET D 39 37.18 -25.40 1.79
CA MET D 39 36.72 -24.12 1.26
C MET D 39 37.52 -23.70 0.03
N TYR D 40 38.77 -24.11 -0.07
CA TYR D 40 39.53 -23.82 -1.28
C TYR D 40 38.84 -24.46 -2.49
N LYS D 41 38.23 -25.61 -2.30
CA LYS D 41 37.49 -26.24 -3.38
C LYS D 41 36.13 -25.59 -3.61
N ALA D 42 35.50 -25.06 -2.57
CA ALA D 42 34.12 -24.61 -2.69
C ALA D 42 34.02 -23.45 -3.68
N GLY D 43 32.90 -23.40 -4.39
CA GLY D 43 32.79 -22.48 -5.51
C GLY D 43 32.91 -21.03 -5.11
N LEU D 44 32.26 -20.64 -4.01
CA LEU D 44 32.20 -19.23 -3.66
C LEU D 44 33.59 -18.65 -3.47
N MET D 45 34.33 -19.17 -2.49
CA MET D 45 35.66 -18.61 -2.26
C MET D 45 36.62 -18.91 -3.39
N SER D 46 36.33 -19.93 -4.21
CA SER D 46 37.16 -20.19 -5.37
C SER D 46 37.28 -18.96 -6.24
N LYS D 47 36.17 -18.25 -6.43
CA LYS D 47 36.23 -16.99 -7.15
C LYS D 47 36.88 -15.91 -6.29
N ILE D 48 36.60 -15.91 -4.98
CA ILE D 48 37.26 -14.95 -4.09
C ILE D 48 38.76 -15.06 -4.22
N ILE D 49 39.30 -16.26 -4.07
CA ILE D 49 40.75 -16.44 -4.14
C ILE D 49 41.24 -16.10 -5.53
N ARG D 50 40.52 -16.57 -6.57
CA ARG D 50 40.94 -16.28 -7.93
C ARG D 50 40.89 -14.78 -8.23
N LEU D 51 39.81 -14.12 -7.82
CA LEU D 51 39.67 -12.71 -8.14
C LEU D 51 40.77 -11.88 -7.47
N LYS D 52 40.93 -12.04 -6.16
CA LYS D 52 41.86 -11.19 -5.44
C LYS D 52 43.30 -11.44 -5.90
N ALA D 53 43.65 -12.70 -6.13
CA ALA D 53 45.00 -13.01 -6.60
C ALA D 53 45.25 -12.40 -7.96
N GLY D 54 44.30 -12.57 -8.89
CA GLY D 54 44.47 -12.00 -10.21
C GLY D 54 44.55 -10.48 -10.17
N TYR D 55 43.68 -9.87 -9.38
CA TYR D 55 43.68 -8.42 -9.29
C TYR D 55 44.99 -7.88 -8.74
N ALA D 56 45.78 -8.74 -8.08
CA ALA D 56 47.04 -8.29 -7.52
C ALA D 56 48.18 -8.40 -8.53
N LEU D 57 48.14 -9.43 -9.38
CA LEU D 57 49.29 -9.76 -10.21
C LEU D 57 49.08 -9.51 -11.70
N ASN D 58 47.86 -9.30 -12.16
CA ASN D 58 47.61 -9.17 -13.59
C ASN D 58 48.19 -7.86 -14.09
N ASP D 59 49.40 -7.95 -14.67
CA ASP D 59 50.03 -6.81 -15.35
C ASP D 59 50.05 -5.58 -14.45
N THR D 60 50.43 -5.79 -13.20
CA THR D 60 50.49 -4.70 -12.23
C THR D 60 51.89 -4.56 -11.64
N LEU D 61 52.86 -5.23 -12.24
CA LEU D 61 54.18 -5.38 -11.65
C LEU D 61 55.15 -4.42 -12.35
N LYS D 62 55.55 -3.38 -11.63
CA LYS D 62 56.54 -2.45 -12.14
C LYS D 62 57.91 -3.10 -12.09
N PHE D 63 58.52 -3.27 -13.24
CA PHE D 63 59.86 -3.86 -13.33
C PHE D 63 60.85 -2.75 -13.63
N GLU D 64 61.83 -2.57 -12.75
CA GLU D 64 62.87 -1.59 -12.98
C GLU D 64 63.98 -2.15 -13.86
N SER D 65 63.89 -3.42 -14.26
CA SER D 65 64.87 -4.05 -15.12
C SER D 65 64.24 -4.23 -16.49
N THR D 66 64.35 -3.19 -17.32
CA THR D 66 63.87 -3.28 -18.70
C THR D 66 64.64 -4.35 -19.47
N GLN D 67 65.96 -4.39 -19.31
CA GLN D 67 66.77 -5.42 -19.93
C GLN D 67 66.30 -6.79 -19.48
N ASP D 68 66.21 -7.72 -20.42
CA ASP D 68 65.53 -8.99 -20.19
C ASP D 68 64.17 -8.75 -19.56
N GLN D 69 63.36 -7.97 -20.28
CA GLN D 69 62.07 -7.51 -19.78
C GLN D 69 61.23 -8.68 -19.30
N GLU D 70 60.90 -8.65 -18.00
CA GLU D 70 59.95 -9.59 -17.43
C GLU D 70 60.34 -11.04 -17.69
N ILE D 71 61.62 -11.35 -17.52
CA ILE D 71 62.02 -12.75 -17.47
C ILE D 71 61.31 -13.44 -16.33
N TYR D 72 60.91 -12.66 -15.32
CA TYR D 72 59.97 -13.13 -14.31
C TYR D 72 58.68 -13.64 -14.95
N LYS D 73 58.23 -13.00 -16.02
CA LYS D 73 56.88 -13.24 -16.52
C LYS D 73 56.74 -14.62 -17.13
N LYS D 74 57.69 -15.01 -17.98
CA LYS D 74 57.58 -16.25 -18.73
C LYS D 74 58.01 -17.48 -17.94
N ARG D 75 58.57 -17.30 -16.75
CA ARG D 75 59.17 -18.40 -16.01
C ARG D 75 58.42 -18.75 -14.74
N LEU D 76 58.19 -17.78 -13.85
CA LEU D 76 57.55 -18.09 -12.58
C LEU D 76 56.50 -17.06 -12.16
N SER D 77 56.23 -16.03 -12.96
CA SER D 77 55.14 -15.12 -12.63
C SER D 77 53.82 -15.87 -12.59
N LYS D 78 53.80 -17.06 -13.19
CA LYS D 78 52.65 -17.94 -13.09
C LYS D 78 52.77 -18.86 -11.89
N HIS D 79 54.00 -19.20 -11.49
CA HIS D 79 54.18 -19.94 -10.23
C HIS D 79 53.72 -19.11 -9.05
N VAL D 80 54.07 -17.82 -9.03
CA VAL D 80 53.68 -16.97 -7.91
C VAL D 80 52.17 -16.89 -7.79
N LYS D 81 51.46 -16.81 -8.92
CA LYS D 81 50.01 -16.63 -8.87
C LYS D 81 49.33 -17.82 -8.22
N ASN D 82 49.73 -19.03 -8.58
CA ASN D 82 49.24 -20.20 -7.86
C ASN D 82 49.68 -20.15 -6.41
N ALA D 83 50.87 -19.62 -6.16
CA ALA D 83 51.36 -19.54 -4.80
C ALA D 83 50.64 -18.45 -4.02
N THR D 84 50.45 -17.27 -4.61
CA THR D 84 49.72 -16.23 -3.90
C THR D 84 48.25 -16.57 -3.76
N LYS D 85 47.73 -17.41 -4.65
CA LYS D 85 46.43 -18.02 -4.39
C LYS D 85 46.48 -18.85 -3.13
N PHE D 86 47.55 -19.62 -2.96
CA PHE D 86 47.71 -20.46 -1.77
C PHE D 86 47.87 -19.60 -0.53
N MET D 87 48.32 -18.36 -0.69
CA MET D 87 48.24 -17.40 0.40
C MET D 87 46.81 -17.28 0.90
N LEU D 88 45.93 -16.83 0.03
CA LEU D 88 44.56 -16.56 0.45
C LEU D 88 43.82 -17.82 0.84
N GLY D 89 44.08 -18.92 0.13
CA GLY D 89 43.35 -20.15 0.41
C GLY D 89 43.66 -20.73 1.78
N PHE D 90 44.93 -20.70 2.18
CA PHE D 90 45.35 -21.38 3.39
C PHE D 90 46.12 -20.51 4.35
N GLY D 91 46.39 -19.26 4.01
CA GLY D 91 47.21 -18.46 4.88
C GLY D 91 48.69 -18.71 4.75
N ARG D 92 49.11 -19.57 3.82
CA ARG D 92 50.53 -19.85 3.65
C ARG D 92 50.75 -20.29 2.20
N GLY D 93 51.24 -19.37 1.37
CA GLY D 93 51.76 -19.71 0.07
C GLY D 93 53.27 -19.89 0.16
N VAL D 94 53.78 -20.87 -0.58
CA VAL D 94 55.20 -21.22 -0.48
C VAL D 94 55.78 -21.36 -1.88
N ILE D 95 56.94 -20.75 -2.10
CA ILE D 95 57.76 -21.00 -3.27
C ILE D 95 59.06 -21.62 -2.79
N VAL D 96 59.41 -22.77 -3.36
CA VAL D 96 60.62 -23.51 -2.99
C VAL D 96 61.56 -23.50 -4.18
N VAL D 97 62.81 -23.16 -3.92
CA VAL D 97 63.85 -23.15 -4.94
C VAL D 97 65.03 -23.98 -4.45
N PHE D 98 65.58 -24.81 -5.33
CA PHE D 98 66.78 -25.56 -5.02
C PHE D 98 67.43 -25.98 -6.34
N LYS D 99 68.72 -26.28 -6.25
CA LYS D 99 69.53 -26.61 -7.43
C LYS D 99 69.20 -28.02 -7.88
N ASN D 100 69.98 -28.54 -8.83
CA ASN D 100 69.73 -29.89 -9.33
C ASN D 100 69.96 -30.96 -8.27
N GLY D 101 70.64 -30.61 -7.17
CA GLY D 101 70.87 -31.58 -6.12
C GLY D 101 70.04 -31.29 -4.87
N ASP D 102 69.16 -32.21 -4.50
CA ASP D 102 68.29 -32.02 -3.36
C ASP D 102 69.12 -31.80 -2.09
N ASP D 103 68.76 -30.77 -1.34
CA ASP D 103 69.53 -30.40 -0.16
C ASP D 103 68.59 -30.02 0.98
N LEU D 104 68.91 -30.51 2.17
CA LEU D 104 68.20 -30.07 3.36
C LEU D 104 68.63 -28.66 3.76
N SER D 105 69.91 -28.35 3.56
CA SER D 105 70.51 -27.15 4.10
C SER D 105 70.38 -25.98 3.11
N LYS D 106 71.08 -24.89 3.41
CA LYS D 106 70.87 -23.63 2.72
C LYS D 106 71.37 -23.68 1.28
N PRO D 107 70.83 -22.82 0.41
CA PRO D 107 71.35 -22.74 -0.96
C PRO D 107 72.68 -22.02 -0.98
N LEU D 108 73.61 -22.56 -1.77
CA LEU D 108 74.95 -21.98 -1.82
C LEU D 108 74.87 -20.66 -2.55
N GLU D 109 74.70 -19.58 -1.79
CA GLU D 109 74.65 -18.24 -2.31
C GLU D 109 76.01 -17.55 -2.33
N ARG D 110 77.08 -18.28 -2.02
CA ARG D 110 78.43 -17.75 -2.18
C ARG D 110 78.65 -17.31 -3.63
N GLY D 111 78.27 -18.18 -4.57
CA GLY D 111 77.97 -17.73 -5.92
C GLY D 111 76.49 -17.95 -6.13
N VAL D 112 75.71 -16.86 -6.16
CA VAL D 112 74.25 -16.98 -6.21
C VAL D 112 73.85 -17.75 -7.45
N ASP D 113 72.94 -18.71 -7.27
CA ASP D 113 72.61 -19.69 -8.29
C ASP D 113 72.16 -19.02 -9.59
N PRO D 114 72.99 -19.07 -10.64
CA PRO D 114 72.65 -18.41 -11.90
C PRO D 114 71.73 -19.27 -12.78
N LYS D 115 70.43 -19.19 -12.47
CA LYS D 115 69.36 -19.90 -13.18
C LYS D 115 69.70 -21.35 -13.48
N LEU D 116 70.44 -22.00 -12.57
CA LEU D 116 70.71 -23.43 -12.63
C LEU D 116 69.80 -24.19 -11.67
N LEU D 117 68.56 -23.75 -11.55
CA LEU D 117 67.71 -24.09 -10.42
C LEU D 117 66.29 -24.37 -10.88
N LYS D 118 65.54 -25.07 -10.05
CA LYS D 118 64.15 -25.42 -10.28
C LYS D 118 63.24 -24.63 -9.35
N ILE D 119 61.95 -24.68 -9.64
CA ILE D 119 60.95 -23.89 -8.93
C ILE D 119 59.82 -24.81 -8.47
N ARG D 120 59.37 -24.60 -7.23
CA ARG D 120 58.22 -25.33 -6.71
C ARG D 120 57.30 -24.33 -6.01
N VAL D 121 56.01 -24.69 -5.95
CA VAL D 121 55.01 -23.90 -5.24
C VAL D 121 54.17 -24.82 -4.38
N PHE D 122 53.87 -24.39 -3.15
CA PHE D 122 53.23 -25.28 -2.19
C PHE D 122 52.15 -24.53 -1.42
N SER D 123 51.02 -25.21 -1.21
CA SER D 123 49.96 -24.70 -0.36
C SER D 123 50.34 -24.81 1.11
N GLY D 124 49.68 -24.00 1.93
CA GLY D 124 49.88 -24.08 3.36
C GLY D 124 49.40 -25.38 3.98
N ASP D 125 48.63 -26.18 3.24
CA ASP D 125 48.22 -27.48 3.73
C ASP D 125 49.43 -28.38 3.93
N ILE D 126 50.10 -28.75 2.84
CA ILE D 126 51.25 -29.62 2.95
C ILE D 126 52.46 -28.89 3.51
N ALA D 127 52.64 -27.62 3.13
CA ALA D 127 53.68 -26.83 3.76
C ALA D 127 53.31 -26.49 5.20
N LYS D 128 54.27 -25.97 5.94
CA LYS D 128 54.05 -25.52 7.30
C LYS D 128 55.34 -24.91 7.81
N GLY D 129 55.23 -24.14 8.90
CA GLY D 129 56.40 -23.54 9.53
C GLY D 129 56.71 -24.24 10.85
N ASN D 130 58.01 -24.44 11.12
CA ASN D 130 58.41 -25.25 12.27
C ASN D 130 59.19 -24.47 13.32
N ASN D 131 60.34 -23.90 12.98
CA ASN D 131 61.34 -23.60 14.00
C ASN D 131 61.58 -22.11 14.14
N PRO D 132 61.04 -21.47 15.17
CA PRO D 132 61.37 -20.05 15.41
C PRO D 132 62.48 -19.89 16.44
N ASP D 133 63.38 -18.96 16.23
CA ASP D 133 64.35 -18.62 17.26
C ASP D 133 63.71 -17.64 18.22
N ASN D 134 63.53 -18.05 19.47
CA ASN D 134 62.89 -17.17 20.45
C ASN D 134 63.78 -15.99 20.84
N ASP D 135 65.07 -16.04 20.53
CA ASP D 135 65.94 -14.91 20.80
C ASP D 135 65.76 -13.85 19.71
N LEU D 136 66.23 -12.64 20.02
CA LEU D 136 66.06 -11.51 19.13
C LEU D 136 67.20 -11.35 18.14
N ARG D 137 68.04 -12.38 17.98
CA ARG D 137 69.31 -12.19 17.27
C ARG D 137 69.11 -12.06 15.77
N SER D 138 68.64 -13.12 15.11
CA SER D 138 68.62 -13.17 13.66
C SER D 138 67.26 -12.84 13.07
N GLU D 139 66.26 -13.65 13.40
CA GLU D 139 64.89 -13.44 12.93
C GLU D 139 63.98 -13.60 14.13
N ARG D 140 63.07 -12.64 14.31
CA ARG D 140 62.31 -12.57 15.54
C ARG D 140 61.31 -13.75 15.57
N TYR D 141 60.55 -13.85 16.67
CA TYR D 141 59.60 -14.93 16.88
C TYR D 141 58.75 -15.20 15.65
N TYR D 142 58.55 -14.19 14.79
CA TYR D 142 57.82 -14.38 13.55
C TYR D 142 58.47 -15.43 12.67
N LYS D 143 59.67 -15.13 12.18
CA LYS D 143 60.23 -15.86 11.05
C LYS D 143 60.71 -17.23 11.48
N PRO D 144 60.23 -18.30 10.86
CA PRO D 144 60.79 -19.63 11.14
C PRO D 144 62.22 -19.73 10.66
N LYS D 145 62.92 -20.76 11.14
CA LYS D 145 64.31 -20.99 10.76
C LYS D 145 64.51 -22.24 9.93
N ASN D 146 63.60 -23.21 10.02
CA ASN D 146 63.64 -24.40 9.18
C ASN D 146 62.32 -25.13 9.33
N TYR D 147 61.70 -25.51 8.24
CA TYR D 147 60.43 -26.21 8.35
C TYR D 147 60.27 -27.24 7.25
N THR D 148 59.36 -28.16 7.49
CA THR D 148 59.14 -29.30 6.62
C THR D 148 58.05 -28.96 5.60
N ILE D 149 58.31 -29.33 4.34
CA ILE D 149 57.34 -29.13 3.29
C ILE D 149 56.52 -30.40 3.09
N LYS D 150 57.10 -31.54 3.43
CA LYS D 150 56.58 -32.89 3.29
C LYS D 150 57.39 -33.74 4.26
N GLY D 151 57.43 -35.04 4.01
CA GLY D 151 58.43 -35.87 4.67
C GLY D 151 59.82 -35.25 4.65
N HIS D 152 60.13 -34.49 3.59
CA HIS D 152 61.41 -33.79 3.50
C HIS D 152 61.40 -32.55 4.39
N THR D 153 62.52 -31.83 4.38
CA THR D 153 62.64 -30.55 5.08
C THR D 153 63.40 -29.59 4.17
N ILE D 154 63.13 -28.30 4.34
CA ILE D 154 63.76 -27.26 3.52
C ILE D 154 64.31 -26.16 4.40
N HIS D 155 65.51 -25.69 4.07
CA HIS D 155 66.17 -24.62 4.79
C HIS D 155 65.37 -23.32 4.67
N TRP D 156 65.53 -22.45 5.67
CA TRP D 156 64.80 -21.19 5.68
C TRP D 156 65.16 -20.32 4.49
N THR D 157 66.45 -20.04 4.29
CA THR D 157 66.84 -19.20 3.17
C THR D 157 66.61 -19.88 1.84
N ARG D 158 66.36 -21.19 1.84
CA ARG D 158 65.95 -21.87 0.62
C ARG D 158 64.59 -21.39 0.16
N VAL D 159 63.67 -21.17 1.09
CA VAL D 159 62.24 -21.12 0.80
C VAL D 159 61.71 -19.70 0.90
N VAL D 160 60.75 -19.39 0.04
CA VAL D 160 60.07 -18.09 0.02
C VAL D 160 58.64 -18.31 0.47
N ASP D 161 58.21 -17.50 1.45
CA ASP D 161 56.94 -17.70 2.15
C ASP D 161 55.97 -16.59 1.78
N PHE D 162 54.80 -16.97 1.29
CA PHE D 162 53.72 -16.03 1.00
C PHE D 162 52.79 -16.01 2.21
N THR D 163 53.06 -15.11 3.15
CA THR D 163 52.34 -15.06 4.41
C THR D 163 51.29 -13.98 4.38
N TYR D 164 50.06 -14.34 4.71
CA TYR D 164 48.95 -13.40 4.72
C TYR D 164 48.92 -12.64 6.05
N TYR D 165 47.80 -11.96 6.30
CA TYR D 165 47.52 -11.24 7.53
C TYR D 165 47.80 -12.08 8.76
N MET D 166 48.79 -11.66 9.57
CA MET D 166 49.22 -12.46 10.69
C MET D 166 48.60 -11.98 11.99
N PRO D 167 48.29 -12.89 12.90
CA PRO D 167 47.73 -12.49 14.19
C PRO D 167 48.80 -12.04 15.16
N SER D 168 48.42 -11.81 16.41
CA SER D 168 49.39 -11.46 17.44
C SER D 168 50.34 -12.62 17.70
N GLU D 169 51.55 -12.28 18.14
CA GLU D 169 52.60 -13.28 18.29
C GLU D 169 52.24 -14.33 19.33
N ASN D 170 51.51 -13.93 20.38
CA ASN D 170 51.17 -14.86 21.45
C ASN D 170 50.46 -16.10 20.94
N GLU D 171 49.94 -16.06 19.72
CA GLU D 171 49.19 -17.18 19.17
C GLU D 171 49.64 -17.54 17.76
N LEU D 172 50.75 -16.98 17.30
CA LEU D 172 51.27 -17.29 15.97
C LEU D 172 51.48 -18.79 15.72
N PRO D 173 51.95 -19.59 16.68
CA PRO D 173 52.07 -21.04 16.40
C PRO D 173 50.76 -21.70 16.02
N ASP D 174 49.63 -21.25 16.55
CA ASP D 174 48.38 -21.91 16.22
C ASP D 174 48.05 -21.79 14.74
N TYR D 175 48.62 -20.83 14.04
CA TYR D 175 48.57 -20.77 12.58
C TYR D 175 49.84 -21.30 11.96
N TYR D 176 50.73 -21.87 12.79
CA TYR D 176 51.99 -22.45 12.36
C TYR D 176 52.79 -21.44 11.53
N TYR D 177 53.02 -20.28 12.13
CA TYR D 177 54.05 -19.34 11.71
C TYR D 177 53.79 -18.83 10.29
N GLY D 178 52.67 -18.13 10.16
CA GLY D 178 52.42 -17.39 8.95
C GLY D 178 50.97 -17.31 8.50
N GLY D 179 50.52 -16.08 8.25
CA GLY D 179 49.28 -15.85 7.54
C GLY D 179 48.00 -16.37 8.16
N MET D 180 46.91 -16.14 7.45
CA MET D 180 45.57 -16.51 7.91
C MET D 180 44.71 -16.67 6.67
N SER D 181 44.15 -17.85 6.47
CA SER D 181 43.30 -18.07 5.31
C SER D 181 42.12 -17.11 5.37
N GLU D 182 41.69 -16.64 4.19
CA GLU D 182 40.49 -15.83 4.13
C GLU D 182 39.32 -16.56 4.77
N SER D 183 39.33 -17.89 4.68
CA SER D 183 38.29 -18.67 5.35
C SER D 183 38.23 -18.31 6.83
N GLU D 184 39.39 -18.29 7.48
CA GLU D 184 39.42 -17.93 8.88
C GLU D 184 38.85 -16.53 9.09
N LEU D 185 38.99 -15.67 8.08
CA LEU D 185 38.40 -14.34 8.14
C LEU D 185 36.91 -14.36 7.90
N ILE D 186 36.40 -15.32 7.13
CA ILE D 186 34.99 -15.33 6.79
C ILE D 186 34.35 -16.69 7.07
N TYR D 187 34.89 -17.43 8.04
CA TYR D 187 34.28 -18.72 8.35
C TYR D 187 32.89 -18.51 8.93
N GLU D 188 32.72 -17.41 9.68
CA GLU D 188 31.38 -16.96 10.04
C GLU D 188 30.52 -16.79 8.80
N GLN D 189 31.13 -16.47 7.68
CA GLN D 189 30.37 -16.05 6.51
C GLN D 189 30.02 -17.23 5.63
N PHE D 190 31.04 -17.97 5.19
CA PHE D 190 30.84 -19.03 4.22
C PHE D 190 29.86 -20.07 4.76
N ILE D 191 29.97 -20.39 6.05
CA ILE D 191 28.99 -21.27 6.66
C ILE D 191 27.61 -20.65 6.57
N ASN D 192 27.49 -19.38 6.94
CA ASN D 192 26.17 -18.74 6.96
C ASN D 192 25.56 -18.71 5.56
N ASP D 193 26.33 -18.24 4.58
CA ASP D 193 25.81 -18.19 3.22
C ASP D 193 25.44 -19.57 2.72
N SER D 194 26.28 -20.57 2.97
CA SER D 194 25.94 -21.93 2.59
C SER D 194 24.64 -22.35 3.24
N VAL D 195 24.46 -22.02 4.52
CA VAL D 195 23.20 -22.30 5.19
C VAL D 195 22.06 -21.57 4.50
N VAL D 196 22.28 -20.30 4.16
CA VAL D 196 21.26 -19.57 3.43
C VAL D 196 20.91 -20.32 2.15
N GLN D 197 21.93 -20.81 1.47
CA GLN D 197 21.70 -21.29 0.11
C GLN D 197 21.14 -22.70 0.11
N ARG D 198 21.69 -23.60 0.93
CA ARG D 198 21.15 -24.95 1.01
C ARG D 198 19.67 -24.92 1.38
N ALA D 199 19.31 -24.06 2.32
CA ALA D 199 17.90 -23.92 2.66
C ALA D 199 17.13 -23.28 1.52
N SER D 200 17.78 -22.43 0.73
CA SER D 200 17.07 -21.74 -0.35
C SER D 200 16.54 -22.74 -1.37
N GLY D 201 17.36 -23.72 -1.75
CA GLY D 201 16.92 -24.67 -2.73
C GLY D 201 15.79 -25.56 -2.26
N SER D 202 15.82 -25.98 -1.00
CA SER D 202 14.85 -26.95 -0.53
C SER D 202 13.52 -26.33 -0.13
N ILE D 203 13.43 -25.00 -0.06
CA ILE D 203 12.18 -24.40 0.39
C ILE D 203 11.12 -24.49 -0.70
N ILE D 204 11.52 -24.40 -1.98
CA ILE D 204 10.53 -24.36 -3.06
C ILE D 204 9.79 -25.68 -3.16
N GLU D 205 10.50 -26.79 -3.09
CA GLU D 205 9.82 -28.08 -3.19
C GLU D 205 8.79 -28.26 -2.09
N LYS D 206 8.93 -27.55 -0.98
CA LYS D 206 7.94 -27.59 0.08
C LYS D 206 7.21 -26.26 0.23
N ALA D 207 7.19 -25.45 -0.83
CA ALA D 207 6.59 -24.13 -0.72
C ALA D 207 5.11 -24.20 -0.41
N SER D 208 4.43 -25.26 -0.85
CA SER D 208 3.01 -25.41 -0.58
C SER D 208 2.65 -26.88 -0.69
N THR D 209 2.01 -27.41 0.33
CA THR D 209 1.65 -28.81 0.38
C THR D 209 0.15 -28.95 0.41
N PHE D 210 -0.40 -29.67 -0.56
CA PHE D 210 -1.82 -29.96 -0.58
C PHE D 210 -2.10 -30.97 0.54
N VAL D 211 -3.23 -30.82 1.21
CA VAL D 211 -3.54 -31.63 2.38
C VAL D 211 -4.95 -32.17 2.27
N TYR D 212 -5.09 -33.48 2.37
CA TYR D 212 -6.41 -34.12 2.40
C TYR D 212 -6.74 -34.48 3.84
N LYS D 213 -7.24 -33.50 4.59
CA LYS D 213 -7.76 -33.85 5.90
C LYS D 213 -9.00 -34.71 5.68
N ILE D 214 -8.88 -36.01 5.89
CA ILE D 214 -9.90 -36.96 5.50
C ILE D 214 -10.42 -37.68 6.73
N LYS D 215 -11.73 -37.62 6.94
CA LYS D 215 -12.33 -38.30 8.07
C LYS D 215 -12.29 -39.80 7.87
N GLY D 216 -11.97 -40.53 8.94
CA GLY D 216 -11.88 -41.97 8.90
C GLY D 216 -10.50 -42.51 8.57
N TYR D 217 -9.63 -41.69 8.00
CA TYR D 217 -8.27 -42.14 7.75
C TYR D 217 -7.52 -42.41 9.05
N LYS D 218 -8.01 -41.85 10.16
CA LYS D 218 -7.66 -42.39 11.47
C LYS D 218 -7.72 -43.91 11.45
N GLN D 219 -8.88 -44.44 11.11
CA GLN D 219 -9.14 -45.87 11.27
C GLN D 219 -8.43 -46.68 10.19
N LEU D 220 -8.45 -46.20 8.95
CA LEU D 220 -7.93 -46.98 7.84
C LEU D 220 -6.47 -47.35 8.04
N ILE D 221 -5.66 -46.37 8.47
CA ILE D 221 -4.30 -46.70 8.88
C ILE D 221 -4.33 -47.64 10.07
N GLN D 222 -5.19 -47.34 11.05
CA GLN D 222 -5.23 -48.15 12.26
C GLN D 222 -5.61 -49.58 11.95
N ALA D 223 -6.50 -49.79 10.99
CA ALA D 223 -6.81 -51.14 10.53
C ALA D 223 -5.86 -51.59 9.44
N LYS D 224 -4.89 -50.76 9.08
CA LYS D 224 -3.84 -51.12 8.14
C LYS D 224 -4.41 -51.57 6.78
N LYS D 225 -5.70 -51.31 6.54
CA LYS D 225 -6.31 -51.57 5.25
C LYS D 225 -6.46 -50.23 4.52
N GLU D 226 -5.43 -49.40 4.65
CA GLU D 226 -5.42 -48.06 4.06
C GLU D 226 -4.88 -48.08 2.65
N GLU D 227 -4.80 -49.25 2.01
CA GLU D 227 -4.23 -49.33 0.68
C GLU D 227 -5.08 -48.59 -0.35
N ASP D 228 -6.39 -48.70 -0.24
CA ASP D 228 -7.25 -48.17 -1.29
C ASP D 228 -7.29 -46.65 -1.28
N ILE D 229 -7.34 -46.03 -0.10
CA ILE D 229 -7.44 -44.58 -0.04
C ILE D 229 -6.18 -43.93 -0.59
N ILE D 230 -5.02 -44.54 -0.35
CA ILE D 230 -3.80 -44.05 -0.97
C ILE D 230 -3.89 -44.17 -2.48
N LYS D 231 -4.41 -45.30 -2.96
CA LYS D 231 -4.52 -45.51 -4.40
C LYS D 231 -5.42 -44.47 -5.03
N TYR D 232 -6.58 -44.21 -4.42
CA TYR D 232 -7.48 -43.21 -4.98
C TYR D 232 -6.84 -41.82 -4.98
N VAL D 233 -6.16 -41.46 -3.89
CA VAL D 233 -5.50 -40.17 -3.86
C VAL D 233 -4.39 -40.12 -4.90
N SER D 234 -3.64 -41.20 -5.04
CA SER D 234 -2.59 -41.22 -6.04
C SER D 234 -3.17 -41.05 -7.44
N THR D 235 -4.28 -41.73 -7.74
CA THR D 235 -4.95 -41.50 -9.01
C THR D 235 -5.52 -40.09 -9.07
N CYS D 236 -6.06 -39.61 -7.95
CA CYS D 236 -6.61 -38.26 -7.91
C CYS D 236 -5.51 -37.22 -8.12
N GLU D 237 -4.42 -37.34 -7.38
CA GLU D 237 -3.30 -36.43 -7.61
C GLU D 237 -2.77 -36.56 -9.03
N ASP D 238 -2.89 -37.74 -9.61
CA ASP D 238 -2.51 -37.91 -11.01
C ASP D 238 -3.56 -37.28 -11.90
N GLY D 239 -3.66 -35.96 -11.87
CA GLY D 239 -4.66 -35.28 -12.67
C GLY D 239 -5.24 -34.07 -11.98
N ARG D 240 -4.90 -33.87 -10.71
CA ARG D 240 -5.34 -32.67 -10.03
C ARG D 240 -4.79 -31.46 -10.76
N SER D 241 -5.67 -30.66 -11.36
CA SER D 241 -5.24 -29.59 -12.24
C SER D 241 -6.27 -28.48 -12.19
N ILE D 242 -6.10 -27.48 -13.07
CA ILE D 242 -7.11 -26.44 -13.18
C ILE D 242 -8.37 -27.01 -13.82
N TYR D 243 -8.26 -28.15 -14.47
CA TYR D 243 -9.30 -28.60 -15.38
C TYR D 243 -10.30 -29.55 -14.74
N GLY D 244 -9.91 -30.26 -13.70
CA GLY D 244 -10.82 -31.16 -13.03
C GLY D 244 -10.97 -30.84 -11.57
N GLY D 245 -12.21 -30.61 -11.12
CA GLY D 245 -12.43 -30.27 -9.73
C GLY D 245 -12.39 -31.50 -8.84
N LEU D 246 -11.76 -31.33 -7.68
CA LEU D 246 -11.77 -32.38 -6.66
C LEU D 246 -13.18 -32.78 -6.31
N ILE D 247 -13.34 -34.01 -5.85
CA ILE D 247 -14.59 -34.47 -5.26
C ILE D 247 -14.26 -35.03 -3.88
N THR D 248 -14.70 -34.34 -2.84
CA THR D 248 -14.48 -34.77 -1.47
C THR D 248 -15.78 -34.61 -0.71
N ASP D 249 -15.72 -34.74 0.60
CA ASP D 249 -16.92 -34.88 1.39
C ASP D 249 -17.15 -33.68 2.30
N ALA D 250 -18.37 -33.57 2.80
CA ALA D 250 -18.68 -32.52 3.75
C ALA D 250 -17.79 -32.65 4.98
N ASP D 251 -17.68 -33.87 5.51
CA ASP D 251 -16.80 -34.09 6.64
C ASP D 251 -15.33 -34.00 6.23
N ASP D 252 -15.03 -34.20 4.95
CA ASP D 252 -13.68 -34.01 4.47
C ASP D 252 -13.33 -32.53 4.50
N GLU D 253 -12.04 -32.24 4.37
CA GLU D 253 -11.58 -30.86 4.31
C GLU D 253 -10.25 -30.82 3.59
N VAL D 254 -10.24 -30.22 2.40
CA VAL D 254 -8.99 -29.99 1.69
C VAL D 254 -8.50 -28.59 2.02
N SER D 255 -7.22 -28.49 2.35
CA SER D 255 -6.62 -27.21 2.69
C SER D 255 -5.22 -27.17 2.09
N THR D 256 -4.64 -25.98 2.08
CA THR D 256 -3.29 -25.82 1.56
C THR D 256 -2.46 -25.03 2.56
N LEU D 257 -1.24 -25.49 2.77
CA LEU D 257 -0.31 -24.87 3.71
C LEU D 257 0.90 -24.41 2.96
N THR D 258 1.33 -23.17 3.23
CA THR D 258 2.52 -22.64 2.62
C THR D 258 3.58 -22.41 3.68
N GLN D 259 4.82 -22.79 3.37
CA GLN D 259 5.95 -22.43 4.19
C GLN D 259 7.03 -21.91 3.27
N SER D 260 7.66 -20.80 3.68
CA SER D 260 8.70 -20.22 2.85
C SER D 260 9.55 -19.31 3.71
N LEU D 261 10.82 -19.20 3.34
CA LEU D 261 11.76 -18.37 4.07
C LEU D 261 11.32 -16.93 3.93
N THR D 262 10.70 -16.39 4.98
CA THR D 262 10.11 -15.06 4.90
C THR D 262 11.17 -13.99 4.73
N ASP D 263 12.37 -14.21 5.26
CA ASP D 263 13.41 -13.20 5.15
C ASP D 263 14.66 -13.78 4.51
N LEU D 264 14.47 -14.54 3.43
CA LEU D 264 15.61 -15.09 2.71
C LEU D 264 16.48 -13.99 2.13
N ASP D 265 15.86 -12.95 1.56
CA ASP D 265 16.64 -11.88 0.95
C ASP D 265 17.41 -11.09 2.00
N LYS D 266 16.80 -10.84 3.16
CA LYS D 266 17.47 -10.04 4.18
C LYS D 266 18.74 -10.71 4.67
N VAL D 267 18.64 -11.99 5.06
CA VAL D 267 19.81 -12.68 5.57
C VAL D 267 20.84 -12.88 4.47
N ASP D 268 20.41 -13.26 3.28
CA ASP D 268 21.34 -13.34 2.17
C ASP D 268 21.96 -11.98 1.89
N ASN D 269 21.22 -10.91 2.15
CA ASN D 269 21.80 -9.58 2.01
C ASN D 269 22.89 -9.36 3.05
N VAL D 270 22.58 -9.62 4.33
CA VAL D 270 23.54 -9.35 5.41
C VAL D 270 24.81 -10.15 5.21
N THR D 271 24.67 -11.44 4.90
CA THR D 271 25.84 -12.29 4.73
C THR D 271 26.72 -11.80 3.59
N LEU D 272 26.11 -11.42 2.47
CA LEU D 272 26.91 -10.97 1.33
C LEU D 272 27.57 -9.63 1.62
N ARG D 273 26.92 -8.74 2.37
CA ARG D 273 27.53 -7.47 2.67
C ARG D 273 28.87 -7.66 3.37
N ARG D 274 28.90 -8.52 4.38
CA ARG D 274 30.12 -8.72 5.14
C ARG D 274 31.24 -9.31 4.28
N ILE D 275 30.92 -10.27 3.43
CA ILE D 275 31.95 -10.89 2.60
C ILE D 275 32.57 -9.86 1.67
N ALA D 276 31.76 -8.93 1.18
CA ALA D 276 32.31 -7.82 0.41
C ALA D 276 33.26 -7.00 1.26
N MET D 277 32.87 -6.72 2.50
CA MET D 277 33.77 -6.05 3.43
C MET D 277 35.08 -6.78 3.63
N VAL D 278 35.01 -7.99 4.20
CA VAL D 278 36.22 -8.64 4.69
C VAL D 278 37.15 -8.97 3.53
N THR D 279 36.61 -9.53 2.45
CA THR D 279 37.45 -9.81 1.30
C THR D 279 37.96 -8.54 0.65
N GLY D 280 37.20 -7.45 0.76
CA GLY D 280 37.56 -6.21 0.12
C GLY D 280 36.94 -6.00 -1.24
N LEU D 281 36.48 -7.06 -1.89
CA LEU D 281 35.78 -6.92 -3.15
C LEU D 281 34.46 -6.22 -2.92
N GLY D 282 33.97 -5.56 -3.97
CA GLY D 282 32.74 -4.80 -3.83
C GLY D 282 31.54 -5.69 -3.58
N MET D 283 30.43 -5.05 -3.21
CA MET D 283 29.17 -5.76 -3.13
C MET D 283 28.72 -6.20 -4.51
N THR D 284 28.99 -5.38 -5.53
CA THR D 284 28.51 -5.68 -6.87
C THR D 284 29.03 -7.01 -7.38
N VAL D 285 30.27 -7.37 -7.05
CA VAL D 285 30.83 -8.60 -7.58
C VAL D 285 30.15 -9.81 -6.96
N LEU D 286 29.88 -9.76 -5.65
CA LEU D 286 29.20 -10.89 -5.02
C LEU D 286 27.80 -11.09 -5.58
N ILE D 287 27.05 -9.99 -5.74
CA ILE D 287 25.77 -10.08 -6.43
C ILE D 287 25.93 -10.57 -7.86
N GLY D 288 27.04 -10.26 -8.50
CA GLY D 288 27.24 -10.67 -9.86
C GLY D 288 27.00 -9.60 -10.90
N GLU D 289 26.68 -8.39 -10.47
CA GLU D 289 26.54 -7.27 -11.40
C GLU D 289 27.92 -6.64 -11.65
N GLN D 290 28.83 -7.48 -12.13
CA GLN D 290 30.20 -7.04 -12.38
C GLN D 290 30.26 -5.99 -13.47
N ALA D 291 29.22 -5.85 -14.29
CA ALA D 291 29.26 -4.91 -15.41
C ALA D 291 29.31 -3.47 -14.94
N SER D 292 28.73 -3.17 -13.78
CA SER D 292 28.53 -1.79 -13.36
C SER D 292 29.82 -1.01 -13.18
N GLY D 293 30.62 -1.37 -12.18
CA GLY D 293 31.76 -0.55 -11.85
C GLY D 293 32.99 -1.30 -11.39
N LEU D 294 32.93 -2.63 -11.36
CA LEU D 294 34.06 -3.45 -10.95
C LEU D 294 34.55 -4.21 -12.16
N ASN D 295 35.67 -3.77 -12.73
CA ASN D 295 36.13 -4.29 -14.02
C ASN D 295 37.64 -4.47 -13.94
N ALA D 296 38.25 -4.68 -15.11
CA ALA D 296 39.70 -4.88 -15.19
C ALA D 296 40.44 -3.55 -15.33
N SER D 297 40.08 -2.76 -16.32
CA SER D 297 40.79 -1.52 -16.60
C SER D 297 40.75 -0.59 -15.40
N GLY D 298 41.88 -0.04 -15.04
CA GLY D 298 42.04 0.74 -13.84
C GLY D 298 41.72 2.21 -13.95
N GLU D 299 41.11 2.64 -15.06
CA GLU D 299 40.75 4.04 -15.23
C GLU D 299 39.89 4.53 -14.07
N LYS D 300 38.71 3.95 -13.92
CA LYS D 300 37.83 4.24 -12.80
C LYS D 300 37.22 3.00 -12.16
N GLU D 301 37.17 1.87 -12.87
CA GLU D 301 36.42 0.71 -12.40
C GLU D 301 37.23 -0.15 -11.44
N ARG D 302 38.47 -0.49 -11.81
CA ARG D 302 39.34 -1.21 -10.89
C ARG D 302 39.63 -0.36 -9.66
N GLN D 303 39.46 0.95 -9.79
CA GLN D 303 39.59 1.89 -8.68
C GLN D 303 38.53 1.62 -7.62
N GLY D 304 37.50 0.86 -7.99
CA GLY D 304 36.43 0.51 -7.08
C GLY D 304 36.91 -0.16 -5.81
N PHE D 305 37.94 -0.98 -5.93
CA PHE D 305 38.55 -1.61 -4.76
C PHE D 305 40.06 -1.69 -4.87
N GLN D 306 40.69 -0.95 -5.77
CA GLN D 306 42.14 -1.08 -5.94
C GLN D 306 42.88 -0.79 -4.65
N ASP D 307 42.29 0.01 -3.77
CA ASP D 307 42.91 0.30 -2.48
C ASP D 307 43.12 -0.98 -1.68
N THR D 308 42.12 -1.86 -1.68
CA THR D 308 42.27 -3.14 -1.00
C THR D 308 43.40 -3.94 -1.62
N ILE D 309 43.45 -4.01 -2.94
CA ILE D 309 44.52 -4.72 -3.62
C ILE D 309 45.86 -4.04 -3.36
N GLU D 310 45.89 -2.70 -3.46
CA GLU D 310 47.10 -1.98 -3.11
C GLU D 310 47.49 -2.25 -1.67
N ASN D 311 46.50 -2.30 -0.77
CA ASN D 311 46.76 -2.72 0.59
C ASN D 311 47.29 -4.15 0.62
N LEU D 312 46.82 -4.99 -0.29
CA LEU D 312 47.39 -6.33 -0.41
C LEU D 312 48.75 -6.27 -1.10
N GLN D 313 48.90 -5.38 -2.07
CA GLN D 313 50.12 -5.32 -2.85
C GLN D 313 51.32 -4.89 -2.03
N SER D 314 51.13 -4.03 -1.03
CA SER D 314 52.24 -3.48 -0.26
C SER D 314 52.32 -4.08 1.14
N ASP D 315 51.64 -5.18 1.39
CA ASP D 315 51.67 -5.80 2.72
C ASP D 315 52.22 -7.22 2.68
N TYR D 316 51.67 -8.10 1.86
CA TYR D 316 52.07 -9.50 1.87
C TYR D 316 52.70 -9.96 0.57
N LEU D 317 52.68 -9.13 -0.47
CA LEU D 317 53.30 -9.50 -1.73
C LEU D 317 54.66 -8.83 -1.93
N GLU D 318 54.90 -7.69 -1.29
CA GLU D 318 56.18 -7.00 -1.45
C GLU D 318 57.31 -7.76 -0.77
N ASP D 319 57.09 -8.20 0.48
CA ASP D 319 58.07 -8.99 1.23
C ASP D 319 58.68 -10.11 0.38
N PRO D 320 57.90 -11.05 -0.10
CA PRO D 320 58.52 -12.23 -0.71
C PRO D 320 58.93 -11.99 -2.15
N LEU D 321 58.18 -11.16 -2.87
CA LEU D 321 58.57 -10.82 -4.23
C LEU D 321 59.93 -10.14 -4.24
N ASN D 322 60.15 -9.20 -3.32
CA ASN D 322 61.47 -8.60 -3.20
C ASN D 322 62.51 -9.64 -2.83
N ARG D 323 62.17 -10.53 -1.89
CA ARG D 323 63.08 -11.63 -1.58
C ARG D 323 63.28 -12.52 -2.80
N LEU D 324 62.21 -12.81 -3.54
CA LEU D 324 62.37 -13.57 -4.77
C LEU D 324 63.12 -12.77 -5.82
N ALA D 325 63.00 -11.44 -5.77
CA ALA D 325 63.71 -10.61 -6.74
C ALA D 325 65.21 -10.76 -6.61
N GLU D 326 65.72 -10.77 -5.37
CA GLU D 326 67.16 -10.82 -5.17
C GLU D 326 67.72 -12.20 -5.48
N ILE D 327 66.94 -13.26 -5.19
CA ILE D 327 67.46 -14.61 -5.36
C ILE D 327 67.69 -14.95 -6.82
N PHE D 328 67.05 -14.23 -7.75
CA PHE D 328 67.24 -14.45 -9.17
C PHE D 328 68.07 -13.35 -9.81
N GLN D 329 68.70 -12.49 -9.00
CA GLN D 329 69.47 -11.34 -9.45
C GLN D 329 68.61 -10.31 -10.18
N LEU D 330 67.29 -10.47 -10.15
CA LEU D 330 66.42 -9.44 -10.70
C LEU D 330 66.41 -8.23 -9.78
N GLY D 331 66.05 -7.09 -10.34
CA GLY D 331 65.99 -5.87 -9.57
C GLY D 331 64.79 -5.83 -8.64
N PHE D 332 64.76 -4.78 -7.83
CA PHE D 332 63.66 -4.58 -6.90
C PHE D 332 62.37 -4.38 -7.68
N ILE D 333 61.36 -5.18 -7.39
CA ILE D 333 60.10 -5.16 -8.14
C ILE D 333 59.01 -4.57 -7.27
N GLU D 334 58.28 -3.62 -7.83
CA GLU D 334 57.18 -2.96 -7.14
C GLU D 334 55.95 -2.91 -8.04
N PHE D 335 54.93 -2.15 -7.63
CA PHE D 335 53.72 -1.99 -8.42
C PHE D 335 53.40 -0.51 -8.56
N LYS D 336 52.84 -0.13 -9.70
CA LYS D 336 52.39 1.25 -9.91
C LYS D 336 51.42 1.27 -11.08
N ASP D 337 50.21 1.74 -10.83
CA ASP D 337 49.19 1.81 -11.87
C ASP D 337 49.45 2.98 -12.81
N ARG D 346 43.24 4.83 -20.72
CA ARG D 346 44.62 4.55 -20.31
C ARG D 346 45.45 5.81 -20.37
N VAL D 347 46.63 5.71 -20.98
CA VAL D 347 47.51 6.86 -21.14
C VAL D 347 46.85 7.92 -22.01
N GLU D 348 45.93 7.53 -22.90
CA GLU D 348 45.21 8.50 -23.70
C GLU D 348 44.48 9.50 -22.83
N TYR D 349 44.07 9.08 -21.63
CA TYR D 349 43.52 10.04 -20.66
C TYR D 349 44.57 11.06 -20.28
N ASP D 350 45.80 10.61 -20.02
CA ASP D 350 46.88 11.49 -19.60
C ASP D 350 47.45 12.32 -20.73
N LYS D 351 47.28 11.88 -21.98
CA LYS D 351 47.93 12.55 -23.09
C LYS D 351 47.44 13.99 -23.27
N LYS D 352 46.14 14.23 -23.07
CA LYS D 352 45.64 15.59 -23.18
C LYS D 352 46.35 16.51 -22.20
N ALA D 353 46.66 16.00 -21.00
CA ALA D 353 47.49 16.75 -20.08
C ALA D 353 48.92 16.89 -20.61
N VAL D 354 49.40 15.84 -21.29
CA VAL D 354 50.78 15.88 -21.81
C VAL D 354 50.94 17.05 -22.78
N ASP D 355 49.97 17.23 -23.67
CA ASP D 355 50.02 18.36 -24.58
C ASP D 355 49.95 19.67 -23.81
N VAL D 356 49.17 19.71 -22.74
CA VAL D 356 49.12 20.90 -21.89
C VAL D 356 50.51 21.20 -21.34
N ALA D 357 51.24 20.15 -20.96
CA ALA D 357 52.62 20.34 -20.49
C ALA D 357 53.49 20.91 -21.60
N LYS D 358 53.30 20.44 -22.84
CA LYS D 358 54.10 20.95 -23.94
C LYS D 358 53.81 22.43 -24.20
N VAL D 359 52.55 22.81 -24.14
CA VAL D 359 52.14 24.17 -24.52
C VAL D 359 52.37 25.11 -23.36
N LEU D 360 53.03 24.63 -22.30
CA LEU D 360 53.33 25.51 -21.18
C LEU D 360 54.31 26.61 -21.56
N TRP D 361 55.36 26.29 -22.31
CA TRP D 361 56.46 27.23 -22.50
C TRP D 361 56.53 27.80 -23.92
N GLU D 362 56.73 26.95 -24.92
CA GLU D 362 56.99 27.36 -26.30
C GLU D 362 57.92 28.58 -26.36
N LEU D 363 59.01 28.50 -25.61
CA LEU D 363 60.00 29.59 -25.56
C LEU D 363 60.78 29.53 -26.87
N GLY D 364 60.16 30.05 -27.93
CA GLY D 364 60.63 29.66 -29.24
C GLY D 364 60.22 28.20 -29.38
N GLU D 365 61.18 27.29 -29.26
CA GLU D 365 60.87 25.89 -29.03
C GLU D 365 61.86 25.32 -28.02
N ASP D 366 61.34 24.87 -26.88
CA ASP D 366 62.15 24.25 -25.84
C ASP D 366 61.41 23.04 -25.29
N TYR D 367 62.17 22.11 -24.73
CA TYR D 367 61.61 20.88 -24.24
C TYR D 367 60.74 21.14 -23.01
N GLY D 368 59.54 20.58 -23.00
CA GLY D 368 58.75 20.61 -21.79
C GLY D 368 59.38 19.71 -20.75
N ALA D 369 59.98 20.32 -19.72
CA ALA D 369 60.68 19.54 -18.72
C ALA D 369 59.75 18.57 -18.00
N TYR D 370 58.47 18.90 -17.94
CA TYR D 370 57.50 18.06 -17.26
C TYR D 370 57.07 16.88 -18.11
N LEU D 371 57.48 16.83 -19.38
CA LEU D 371 57.12 15.70 -20.23
C LEU D 371 57.69 14.40 -19.68
N LYS D 372 58.94 14.41 -19.22
CA LYS D 372 59.59 13.19 -18.76
C LYS D 372 58.89 12.63 -17.53
N ASP D 373 58.59 13.49 -16.55
CA ASP D 373 58.02 13.02 -15.29
C ASP D 373 56.52 12.85 -15.43
N LYS D 374 56.13 12.10 -16.47
CA LYS D 374 54.77 11.64 -16.71
C LYS D 374 54.87 10.44 -17.64
N ASP D 375 53.73 10.04 -18.23
CA ASP D 375 53.71 8.93 -19.19
C ASP D 375 54.05 9.45 -20.58
N VAL D 376 55.33 9.81 -20.75
CA VAL D 376 55.83 10.18 -22.08
C VAL D 376 55.82 8.98 -23.01
N VAL D 377 56.07 7.79 -22.47
CA VAL D 377 56.10 6.57 -23.27
C VAL D 377 55.01 5.62 -22.81
N ASP E 9 31.21 -13.84 21.45
CA ASP E 9 29.84 -13.92 20.96
C ASP E 9 29.18 -15.24 21.35
N VAL E 10 29.66 -15.84 22.45
CA VAL E 10 29.15 -17.13 22.92
C VAL E 10 29.18 -17.17 24.45
N LEU E 11 28.00 -17.22 25.09
CA LEU E 11 27.94 -17.38 26.55
C LEU E 11 26.50 -17.44 27.07
N SER E 12 26.37 -18.00 28.27
CA SER E 12 25.19 -17.86 29.13
C SER E 12 23.95 -18.48 28.50
N GLY E 13 24.03 -19.76 28.17
CA GLY E 13 22.91 -20.47 27.60
C GLY E 13 23.39 -21.64 26.77
N LEU E 14 22.47 -22.19 25.98
CA LEU E 14 22.80 -23.20 25.00
C LEU E 14 22.87 -22.62 23.61
N ILE E 15 22.79 -21.29 23.49
CA ILE E 15 23.04 -20.62 22.22
C ILE E 15 24.34 -21.08 21.61
N ASN E 16 25.29 -21.45 22.46
CA ASN E 16 26.63 -21.78 22.00
C ASN E 16 26.61 -22.90 20.98
N ARG E 17 25.60 -23.78 21.09
CA ARG E 17 25.63 -25.05 20.38
C ARG E 17 24.75 -25.04 19.15
N ARG E 18 23.61 -24.36 19.20
CA ARG E 18 22.61 -24.48 18.15
C ARG E 18 22.76 -23.42 17.06
N ASN E 19 23.70 -22.51 17.17
CA ASN E 19 23.86 -21.51 16.13
C ASN E 19 24.49 -22.15 14.89
N SER E 20 24.51 -21.37 13.80
CA SER E 20 25.05 -21.90 12.55
C SER E 20 26.53 -22.20 12.66
N MET E 21 27.18 -21.71 13.72
CA MET E 21 28.59 -21.96 13.90
C MET E 21 28.87 -23.44 14.08
N ALA E 22 28.39 -24.03 15.16
CA ALA E 22 28.72 -25.41 15.50
C ALA E 22 27.68 -26.41 15.03
N ARG E 23 26.51 -25.94 14.59
CA ARG E 23 25.46 -26.89 14.23
C ARG E 23 25.81 -27.62 12.94
N ASN E 24 26.75 -27.08 12.17
CA ASN E 24 27.18 -27.73 10.93
C ASN E 24 28.60 -27.34 10.55
N ARG E 25 29.41 -28.34 10.24
CA ARG E 25 30.76 -28.12 9.75
C ARG E 25 30.76 -28.14 8.23
N VAL E 26 31.84 -27.68 7.65
CA VAL E 26 31.94 -27.50 6.21
C VAL E 26 32.37 -28.81 5.56
N SER E 27 31.84 -29.08 4.37
CA SER E 27 32.26 -30.20 3.55
C SER E 27 31.85 -29.91 2.11
N HIS E 28 32.61 -30.48 1.17
CA HIS E 28 32.40 -30.22 -0.24
C HIS E 28 32.11 -31.51 -0.98
N ARG E 29 31.12 -31.48 -1.86
CA ARG E 29 30.79 -32.64 -2.67
C ARG E 29 31.85 -32.85 -3.73
N TYR E 30 32.04 -34.12 -4.10
CA TYR E 30 32.88 -34.52 -5.24
C TYR E 30 31.94 -35.15 -6.26
N LEU E 31 31.42 -34.35 -7.18
CA LEU E 31 30.49 -34.90 -8.15
C LEU E 31 31.22 -35.86 -9.08
N SER E 32 30.59 -37.00 -9.34
CA SER E 32 31.23 -38.07 -10.09
C SER E 32 31.42 -37.67 -11.55
N ASP E 33 32.23 -38.46 -12.25
CA ASP E 33 32.48 -38.17 -13.66
C ASP E 33 31.21 -38.27 -14.48
N GLU E 34 30.35 -39.26 -14.19
CA GLU E 34 29.12 -39.39 -14.96
C GLU E 34 28.20 -38.21 -14.74
N GLU E 35 28.11 -37.71 -13.51
CA GLU E 35 27.37 -36.48 -13.27
C GLU E 35 28.05 -35.29 -13.93
N MET E 36 29.38 -35.30 -13.98
CA MET E 36 30.11 -34.25 -14.70
C MET E 36 29.72 -34.26 -16.17
N ARG E 37 29.51 -35.46 -16.73
CA ARG E 37 29.10 -35.58 -18.13
C ARG E 37 27.74 -34.94 -18.35
N VAL E 38 26.79 -35.21 -17.46
CA VAL E 38 25.40 -34.81 -17.69
C VAL E 38 25.29 -33.30 -17.75
N MET E 39 25.96 -32.59 -16.84
CA MET E 39 25.85 -31.14 -16.84
C MET E 39 26.45 -30.52 -18.09
N TYR E 40 27.45 -31.17 -18.69
CA TYR E 40 27.95 -30.67 -19.95
C TYR E 40 26.85 -30.65 -21.01
N LYS E 41 25.94 -31.61 -20.95
CA LYS E 41 24.81 -31.62 -21.86
C LYS E 41 23.73 -30.62 -21.47
N ALA E 42 23.57 -30.34 -20.18
CA ALA E 42 22.43 -29.55 -19.73
C ALA E 42 22.51 -28.14 -20.28
N GLY E 43 21.34 -27.56 -20.56
CA GLY E 43 21.30 -26.31 -21.29
C GLY E 43 21.99 -25.17 -20.58
N LEU E 44 21.77 -25.06 -19.28
CA LEU E 44 22.26 -23.89 -18.55
C LEU E 44 23.77 -23.78 -18.66
N MET E 45 24.49 -24.77 -18.15
CA MET E 45 25.95 -24.67 -18.22
C MET E 45 26.47 -24.77 -19.63
N SER E 46 25.69 -25.33 -20.55
CA SER E 46 26.11 -25.38 -21.95
C SER E 46 26.42 -23.97 -22.45
N LYS E 47 25.61 -22.99 -22.06
CA LYS E 47 25.94 -21.61 -22.40
C LYS E 47 27.08 -21.11 -21.54
N ILE E 48 27.11 -21.49 -20.26
CA ILE E 48 28.24 -21.12 -19.40
C ILE E 48 29.54 -21.53 -20.04
N ILE E 49 29.66 -22.80 -20.39
CA ILE E 49 30.91 -23.29 -20.96
C ILE E 49 31.17 -22.61 -22.30
N ARG E 50 30.13 -22.49 -23.12
CA ARG E 50 30.31 -21.86 -24.43
C ARG E 50 30.69 -20.39 -24.28
N LEU E 51 30.02 -19.67 -23.39
CA LEU E 51 30.29 -18.24 -23.25
C LEU E 51 31.72 -18.00 -22.78
N LYS E 52 32.11 -18.65 -21.68
CA LYS E 52 33.41 -18.36 -21.09
C LYS E 52 34.54 -18.79 -22.02
N ALA E 53 34.39 -19.93 -22.69
CA ALA E 53 35.42 -20.37 -23.62
C ALA E 53 35.55 -19.40 -24.79
N GLY E 54 34.42 -19.00 -25.37
CA GLY E 54 34.47 -18.06 -26.48
C GLY E 54 35.06 -16.72 -26.06
N TYR E 55 34.65 -16.22 -24.89
CA TYR E 55 35.15 -14.95 -24.42
C TYR E 55 36.66 -14.99 -24.19
N ALA E 56 37.23 -16.19 -24.08
CA ALA E 56 38.66 -16.28 -23.85
C ALA E 56 39.44 -16.31 -25.16
N LEU E 57 38.88 -16.92 -26.20
CA LEU E 57 39.63 -17.21 -27.40
C LEU E 57 39.20 -16.41 -28.63
N ASN E 58 38.04 -15.76 -28.60
CA ASN E 58 37.54 -15.08 -29.79
C ASN E 58 38.41 -13.87 -30.07
N ASP E 59 39.34 -14.03 -31.01
CA ASP E 59 40.16 -12.92 -31.52
C ASP E 59 40.79 -12.13 -30.39
N THR E 60 41.35 -12.85 -29.42
CA THR E 60 41.97 -12.23 -28.27
C THR E 60 43.43 -12.66 -28.15
N LEU E 61 43.97 -13.28 -29.18
CA LEU E 61 45.26 -13.95 -29.11
C LEU E 61 46.31 -13.08 -29.78
N LYS E 62 47.18 -12.49 -28.98
CA LYS E 62 48.29 -11.71 -29.51
C LYS E 62 49.34 -12.65 -30.07
N PHE E 63 49.59 -12.55 -31.37
CA PHE E 63 50.59 -13.38 -32.03
C PHE E 63 51.81 -12.51 -32.32
N GLU E 64 52.96 -12.91 -31.78
CA GLU E 64 54.18 -12.20 -32.06
C GLU E 64 54.82 -12.66 -33.37
N SER E 65 54.23 -13.64 -34.03
CA SER E 65 54.73 -14.15 -35.31
C SER E 65 53.78 -13.67 -36.40
N THR E 66 54.04 -12.47 -36.91
CA THR E 66 53.27 -11.95 -38.03
C THR E 66 53.45 -12.83 -39.26
N GLN E 67 54.68 -13.25 -39.54
CA GLN E 67 54.93 -14.15 -40.65
C GLN E 67 54.14 -15.44 -40.45
N ASP E 68 53.54 -15.93 -41.53
CA ASP E 68 52.54 -16.99 -41.46
C ASP E 68 51.52 -16.66 -40.37
N GLN E 69 50.89 -15.50 -40.57
CA GLN E 69 49.97 -14.95 -39.57
C GLN E 69 48.91 -15.96 -39.18
N GLU E 70 48.91 -16.32 -37.90
CA GLU E 70 47.85 -17.13 -37.32
C GLU E 70 47.65 -18.44 -38.07
N ILE E 71 48.77 -19.10 -38.42
CA ILE E 71 48.68 -20.48 -38.86
C ILE E 71 48.04 -21.33 -37.79
N TYR E 72 48.16 -20.90 -36.53
CA TYR E 72 47.37 -21.44 -35.44
C TYR E 72 45.88 -21.36 -35.75
N LYS E 73 45.45 -20.28 -36.41
CA LYS E 73 44.02 -20.00 -36.49
C LYS E 73 43.30 -21.00 -37.37
N LYS E 74 43.84 -21.27 -38.56
CA LYS E 74 43.15 -22.10 -39.54
C LYS E 74 43.31 -23.59 -39.29
N ARG E 75 44.16 -24.00 -38.33
CA ARG E 75 44.50 -25.39 -38.14
C ARG E 75 43.97 -25.97 -36.85
N LEU E 76 44.29 -25.37 -35.70
CA LEU E 76 43.88 -25.92 -34.42
C LEU E 76 43.35 -24.90 -33.44
N SER E 77 43.28 -23.62 -33.79
CA SER E 77 42.65 -22.64 -32.91
C SER E 77 41.20 -23.02 -32.66
N LYS E 78 40.66 -23.86 -33.51
CA LYS E 78 39.33 -24.41 -33.29
C LYS E 78 39.40 -25.70 -32.48
N HIS E 79 40.50 -26.45 -32.59
CA HIS E 79 40.69 -27.60 -31.72
C HIS E 79 40.81 -27.16 -30.26
N VAL E 80 41.57 -26.09 -30.02
CA VAL E 80 41.74 -25.61 -28.65
C VAL E 80 40.41 -25.21 -28.03
N LYS E 81 39.54 -24.57 -28.82
CA LYS E 81 38.29 -24.07 -28.25
C LYS E 81 37.41 -25.20 -27.77
N ASN E 82 37.29 -26.27 -28.55
CA ASN E 82 36.61 -27.46 -28.06
C ASN E 82 37.35 -28.03 -26.86
N ALA E 83 38.67 -27.94 -26.88
CA ALA E 83 39.45 -28.47 -25.77
C ALA E 83 39.33 -27.58 -24.55
N THR E 84 39.42 -26.26 -24.71
CA THR E 84 39.26 -25.39 -23.54
C THR E 84 37.83 -25.38 -23.04
N LYS E 85 36.87 -25.71 -23.91
CA LYS E 85 35.53 -26.02 -23.42
C LYS E 85 35.58 -27.23 -22.51
N PHE E 86 36.34 -28.25 -22.91
CA PHE E 86 36.47 -29.46 -22.11
C PHE E 86 37.18 -29.17 -20.80
N MET E 87 37.98 -28.10 -20.75
CA MET E 87 38.47 -27.60 -19.48
C MET E 87 37.31 -27.32 -18.53
N LEU E 88 36.45 -26.38 -18.92
CA LEU E 88 35.38 -25.95 -18.04
C LEU E 88 34.37 -27.06 -17.79
N GLY E 89 34.09 -27.86 -18.81
CA GLY E 89 33.07 -28.89 -18.66
C GLY E 89 33.46 -29.97 -17.67
N PHE E 90 34.72 -30.39 -17.70
CA PHE E 90 35.14 -31.55 -16.91
C PHE E 90 36.36 -31.29 -16.04
N GLY E 91 36.94 -30.10 -16.11
CA GLY E 91 38.16 -29.87 -15.36
C GLY E 91 39.39 -30.43 -16.01
N ARG E 92 39.28 -30.98 -17.22
CA ARG E 92 40.46 -31.51 -17.92
C ARG E 92 40.19 -31.45 -19.42
N GLY E 93 40.76 -30.46 -20.08
CA GLY E 93 40.84 -30.44 -21.52
C GLY E 93 42.17 -31.00 -21.97
N VAL E 94 42.16 -31.75 -23.07
CA VAL E 94 43.35 -32.44 -23.52
C VAL E 94 43.53 -32.22 -25.01
N ILE E 95 44.75 -31.88 -25.43
CA ILE E 95 45.16 -31.89 -26.82
C ILE E 95 46.24 -32.94 -26.96
N VAL E 96 46.05 -33.86 -27.90
CA VAL E 96 46.98 -34.95 -28.14
C VAL E 96 47.60 -34.77 -29.52
N VAL E 97 48.92 -34.85 -29.60
CA VAL E 97 49.64 -34.74 -30.85
C VAL E 97 50.55 -35.95 -31.00
N PHE E 98 50.58 -36.52 -32.19
CA PHE E 98 51.49 -37.60 -32.51
C PHE E 98 51.67 -37.68 -34.01
N LYS E 99 52.77 -38.30 -34.43
CA LYS E 99 53.13 -38.38 -35.84
C LYS E 99 52.26 -39.41 -36.53
N ASN E 100 52.58 -39.74 -37.78
CA ASN E 100 51.80 -40.72 -38.52
C ASN E 100 51.89 -42.11 -37.91
N GLY E 101 52.86 -42.35 -37.04
CA GLY E 101 52.97 -43.66 -36.40
C GLY E 101 52.60 -43.62 -34.94
N ASP E 102 51.56 -44.38 -34.58
CA ASP E 102 51.08 -44.40 -33.20
C ASP E 102 52.19 -44.84 -32.26
N ASP E 103 52.39 -44.09 -31.18
CA ASP E 103 53.47 -44.36 -30.25
C ASP E 103 52.99 -44.19 -28.82
N LEU E 104 53.39 -45.14 -27.97
CA LEU E 104 53.15 -44.98 -26.54
C LEU E 104 54.10 -43.96 -25.94
N SER E 105 55.33 -43.92 -26.44
CA SER E 105 56.41 -43.17 -25.82
C SER E 105 56.46 -41.74 -26.36
N LYS E 106 57.53 -41.03 -26.03
CA LYS E 106 57.61 -39.59 -26.25
C LYS E 106 57.73 -39.25 -27.73
N PRO E 107 57.33 -38.04 -28.12
CA PRO E 107 57.53 -37.62 -29.51
C PRO E 107 58.98 -37.28 -29.75
N LEU E 108 59.48 -37.71 -30.91
CA LEU E 108 60.89 -37.51 -31.24
C LEU E 108 61.10 -36.03 -31.51
N GLU E 109 61.47 -35.29 -30.48
CA GLU E 109 61.76 -33.88 -30.59
C GLU E 109 63.23 -33.58 -30.85
N ARG E 110 64.04 -34.62 -31.09
CA ARG E 110 65.42 -34.41 -31.53
C ARG E 110 65.44 -33.55 -32.80
N GLY E 111 64.61 -33.91 -33.77
CA GLY E 111 64.17 -32.96 -34.78
C GLY E 111 62.69 -32.72 -34.55
N VAL E 112 62.34 -31.54 -34.04
CA VAL E 112 60.96 -31.27 -33.65
C VAL E 112 60.06 -31.44 -34.87
N ASP E 113 58.94 -32.13 -34.68
CA ASP E 113 58.08 -32.58 -35.75
C ASP E 113 57.61 -31.41 -36.60
N PRO E 114 58.11 -31.29 -37.84
CA PRO E 114 57.74 -30.16 -38.70
C PRO E 114 56.42 -30.41 -39.44
N LYS E 115 55.33 -30.12 -38.73
CA LYS E 115 53.95 -30.24 -39.22
C LYS E 115 53.72 -31.54 -39.99
N LEU E 116 54.36 -32.62 -39.57
CA LEU E 116 54.12 -33.96 -40.10
C LEU E 116 53.26 -34.77 -39.14
N LEU E 117 52.29 -34.11 -38.52
CA LEU E 117 51.65 -34.60 -37.32
C LEU E 117 50.15 -34.33 -37.36
N LYS E 118 49.42 -35.10 -36.54
CA LYS E 118 47.97 -34.98 -36.41
C LYS E 118 47.62 -34.37 -35.06
N ILE E 119 46.35 -34.00 -34.92
CA ILE E 119 45.85 -33.28 -33.75
C ILE E 119 44.62 -34.00 -33.22
N ARG E 120 44.54 -34.15 -31.90
CA ARG E 120 43.37 -34.69 -31.24
C ARG E 120 43.01 -33.81 -30.05
N VAL E 121 41.73 -33.85 -29.68
CA VAL E 121 41.23 -33.13 -28.51
C VAL E 121 40.35 -34.08 -27.70
N PHE E 122 40.49 -34.04 -26.38
CA PHE E 122 39.82 -35.01 -25.53
C PHE E 122 39.25 -34.35 -24.29
N SER E 123 38.04 -34.76 -23.92
CA SER E 123 37.41 -34.34 -22.67
C SER E 123 38.06 -35.05 -21.50
N GLY E 124 37.91 -34.45 -20.32
CA GLY E 124 38.38 -35.08 -19.10
C GLY E 124 37.65 -36.35 -18.74
N ASP E 125 36.51 -36.63 -19.38
CA ASP E 125 35.80 -37.87 -19.15
C ASP E 125 36.65 -39.05 -19.59
N ILE E 126 36.90 -39.16 -20.89
CA ILE E 126 37.69 -40.28 -21.40
C ILE E 126 39.17 -40.10 -21.08
N ALA E 127 39.67 -38.87 -21.14
CA ALA E 127 41.03 -38.63 -20.69
C ALA E 127 41.11 -38.74 -19.17
N LYS E 128 42.34 -38.77 -18.66
CA LYS E 128 42.59 -38.80 -17.23
C LYS E 128 44.09 -38.73 -17.01
N GLY E 129 44.49 -38.38 -15.78
CA GLY E 129 45.90 -38.38 -15.42
C GLY E 129 46.25 -39.54 -14.51
N ASN E 130 47.42 -40.13 -14.73
CA ASN E 130 47.77 -41.36 -14.03
C ASN E 130 48.99 -41.23 -13.12
N ASN E 131 50.15 -40.87 -13.64
CA ASN E 131 51.40 -41.21 -12.95
C ASN E 131 52.15 -39.97 -12.49
N PRO E 132 52.10 -39.61 -11.21
CA PRO E 132 52.92 -38.51 -10.72
C PRO E 132 54.22 -39.00 -10.10
N ASP E 133 55.31 -38.29 -10.32
CA ASP E 133 56.55 -38.59 -9.61
C ASP E 133 56.51 -37.88 -8.27
N ASN E 134 56.47 -38.66 -7.18
CA ASN E 134 56.40 -38.05 -5.86
C ASN E 134 57.69 -37.34 -5.46
N ASP E 135 58.79 -37.60 -6.16
CA ASP E 135 60.03 -36.88 -5.90
C ASP E 135 59.98 -35.50 -6.54
N LEU E 136 60.89 -34.63 -6.10
CA LEU E 136 60.90 -33.24 -6.54
C LEU E 136 61.78 -33.05 -7.76
N ARG E 137 62.18 -34.12 -8.45
CA ARG E 137 63.25 -34.01 -9.44
C ARG E 137 62.78 -33.31 -10.72
N SER E 138 61.84 -33.92 -11.45
CA SER E 138 61.49 -33.46 -12.79
C SER E 138 60.22 -32.61 -12.79
N GLU E 139 59.10 -33.21 -12.39
CA GLU E 139 57.82 -32.53 -12.32
C GLU E 139 57.19 -32.86 -10.99
N ARG E 140 56.72 -31.85 -10.29
CA ARG E 140 56.32 -32.03 -8.91
C ARG E 140 55.03 -32.87 -8.87
N TYR E 141 54.54 -33.14 -7.66
CA TYR E 141 53.35 -33.96 -7.45
C TYR E 141 52.20 -33.57 -8.37
N TYR E 142 52.17 -32.31 -8.82
CA TYR E 142 51.16 -31.85 -9.77
C TYR E 142 51.22 -32.65 -11.06
N LYS E 143 52.30 -32.51 -11.79
CA LYS E 143 52.32 -32.90 -13.20
C LYS E 143 52.39 -34.41 -13.33
N PRO E 144 51.46 -35.04 -14.03
CA PRO E 144 51.58 -36.47 -14.31
C PRO E 144 52.76 -36.75 -15.22
N LYS E 145 53.16 -38.02 -15.29
CA LYS E 145 54.26 -38.43 -16.13
C LYS E 145 53.85 -39.32 -17.29
N ASN E 146 52.72 -40.00 -17.19
CA ASN E 146 52.17 -40.79 -18.28
C ASN E 146 50.75 -41.18 -17.91
N TYR E 147 49.80 -40.98 -18.82
CA TYR E 147 48.43 -41.34 -18.48
C TYR E 147 47.71 -41.84 -19.72
N THR E 148 46.61 -42.55 -19.45
CA THR E 148 45.83 -43.21 -20.48
C THR E 148 44.73 -42.29 -20.98
N ILE E 149 44.56 -42.24 -22.30
CA ILE E 149 43.50 -41.43 -22.89
C ILE E 149 42.28 -42.32 -23.15
N LYS E 150 42.50 -43.60 -23.35
CA LYS E 150 41.55 -44.64 -23.66
C LYS E 150 42.22 -45.96 -23.28
N GLY E 151 41.76 -47.06 -23.85
CA GLY E 151 42.54 -48.28 -23.80
C GLY E 151 44.02 -48.04 -24.09
N HIS E 152 44.33 -47.07 -24.95
CA HIS E 152 45.72 -46.73 -25.24
C HIS E 152 46.32 -45.91 -24.10
N THR E 153 47.58 -45.53 -24.28
CA THR E 153 48.28 -44.67 -23.34
C THR E 153 49.09 -43.65 -24.15
N ILE E 154 49.31 -42.47 -23.56
CA ILE E 154 50.06 -41.42 -24.23
C ILE E 154 51.13 -40.86 -23.30
N HIS E 155 52.31 -40.61 -23.87
CA HIS E 155 53.43 -40.07 -23.13
C HIS E 155 53.11 -38.66 -22.65
N TRP E 156 53.77 -38.26 -21.55
CA TRP E 156 53.53 -36.94 -20.97
C TRP E 156 53.89 -35.82 -21.94
N THR E 157 55.12 -35.82 -22.45
CA THR E 157 55.51 -34.76 -23.36
C THR E 157 54.76 -34.85 -24.69
N ARG E 158 54.10 -35.98 -24.95
CA ARG E 158 53.23 -36.06 -26.12
C ARG E 158 52.04 -35.13 -25.97
N VAL E 159 51.48 -35.03 -24.78
CA VAL E 159 50.13 -34.53 -24.57
C VAL E 159 50.14 -33.15 -23.93
N VAL E 160 49.17 -32.33 -24.32
CA VAL E 160 48.98 -30.99 -23.78
C VAL E 160 47.70 -31.00 -22.96
N ASP E 161 47.78 -30.50 -21.72
CA ASP E 161 46.71 -30.63 -20.74
C ASP E 161 46.12 -29.24 -20.46
N PHE E 162 44.81 -29.13 -20.64
CA PHE E 162 44.08 -27.91 -20.31
C PHE E 162 43.50 -28.09 -18.91
N THR E 163 44.25 -27.67 -17.90
CA THR E 163 43.89 -27.92 -16.52
C THR E 163 43.29 -26.66 -15.91
N TYR E 164 42.11 -26.79 -15.32
CA TYR E 164 41.41 -25.68 -14.70
C TYR E 164 41.93 -25.46 -13.28
N TYR E 165 41.20 -24.66 -12.51
CA TYR E 165 41.44 -24.37 -11.11
C TYR E 165 41.71 -25.63 -10.31
N MET E 166 42.92 -25.77 -9.77
CA MET E 166 43.30 -27.01 -9.11
C MET E 166 43.18 -26.88 -7.60
N PRO E 167 42.79 -27.94 -6.92
CA PRO E 167 42.70 -27.90 -5.45
C PRO E 167 44.05 -28.10 -4.80
N SER E 168 44.06 -28.24 -3.48
CA SER E 168 45.29 -28.51 -2.76
C SER E 168 45.82 -29.89 -3.13
N GLU E 169 47.15 -30.03 -3.02
CA GLU E 169 47.80 -31.25 -3.50
C GLU E 169 47.35 -32.48 -2.72
N ASN E 170 47.06 -32.31 -1.42
CA ASN E 170 46.66 -33.44 -0.59
C ASN E 170 45.49 -34.21 -1.17
N GLU E 171 44.75 -33.61 -2.09
CA GLU E 171 43.57 -34.25 -2.66
C GLU E 171 43.55 -34.19 -4.18
N LEU E 172 44.65 -33.79 -4.80
CA LEU E 172 44.72 -33.73 -6.26
C LEU E 172 44.36 -35.05 -6.95
N PRO E 173 44.74 -36.23 -6.44
CA PRO E 173 44.30 -37.46 -7.12
C PRO E 173 42.80 -37.61 -7.23
N ASP E 174 42.02 -37.12 -6.27
CA ASP E 174 40.58 -37.28 -6.35
C ASP E 174 40.00 -36.58 -7.56
N TYR E 175 40.69 -35.59 -8.12
CA TYR E 175 40.34 -35.02 -9.40
C TYR E 175 41.18 -35.60 -10.52
N TYR E 176 41.99 -36.61 -10.20
CA TYR E 176 42.86 -37.28 -11.15
C TYR E 176 43.74 -36.29 -11.89
N TYR E 177 44.47 -35.51 -11.11
CA TYR E 177 45.65 -34.76 -11.57
C TYR E 177 45.25 -33.73 -12.64
N GLY E 178 44.43 -32.79 -12.21
CA GLY E 178 44.19 -31.63 -13.03
C GLY E 178 42.79 -31.04 -12.96
N GLY E 179 42.73 -29.74 -12.71
CA GLY E 179 41.53 -28.97 -12.90
C GLY E 179 40.32 -29.34 -12.07
N MET E 180 39.24 -28.62 -12.30
CA MET E 180 37.98 -28.78 -11.56
C MET E 180 36.87 -28.29 -12.45
N SER E 181 35.91 -29.14 -12.77
CA SER E 181 34.81 -28.72 -13.61
C SER E 181 34.06 -27.59 -12.94
N GLU E 182 33.56 -26.65 -13.74
CA GLU E 182 32.72 -25.59 -13.20
C GLU E 182 31.55 -26.19 -12.44
N SER E 183 31.09 -27.37 -12.88
CA SER E 183 30.03 -28.06 -12.15
C SER E 183 30.42 -28.23 -10.70
N GLU E 184 31.64 -28.73 -10.46
CA GLU E 184 32.09 -28.91 -9.09
C GLU E 184 32.10 -27.58 -8.35
N LEU E 185 32.27 -26.47 -9.09
CA LEU E 185 32.20 -25.15 -8.49
C LEU E 185 30.77 -24.71 -8.25
N ILE E 186 29.82 -25.19 -9.04
CA ILE E 186 28.44 -24.74 -8.89
C ILE E 186 27.47 -25.90 -8.80
N TYR E 187 27.92 -27.05 -8.29
CA TYR E 187 27.00 -28.18 -8.16
C TYR E 187 25.92 -27.84 -7.12
N GLU E 188 26.30 -27.08 -6.11
CA GLU E 188 25.31 -26.46 -5.23
C GLU E 188 24.30 -25.66 -6.03
N GLN E 189 24.73 -25.13 -7.17
CA GLN E 189 23.91 -24.15 -7.87
C GLN E 189 23.00 -24.83 -8.87
N PHE E 190 23.59 -25.58 -9.80
CA PHE E 190 22.82 -26.15 -10.90
C PHE E 190 21.71 -27.04 -10.38
N ILE E 191 21.99 -27.81 -9.33
CA ILE E 191 20.93 -28.58 -8.70
C ILE E 191 19.85 -27.65 -8.17
N ASN E 192 20.25 -26.60 -7.45
CA ASN E 192 19.26 -25.71 -6.85
C ASN E 192 18.41 -25.04 -7.91
N ASP E 193 19.04 -24.46 -8.92
CA ASP E 193 18.29 -23.80 -9.99
C ASP E 193 17.37 -24.78 -10.69
N SER E 194 17.87 -25.98 -10.99
CA SER E 194 17.01 -26.98 -11.60
C SER E 194 15.82 -27.28 -10.70
N VAL E 195 16.06 -27.39 -9.40
CA VAL E 195 14.96 -27.57 -8.46
C VAL E 195 14.00 -26.39 -8.53
N VAL E 196 14.55 -25.18 -8.57
CA VAL E 196 13.70 -24.00 -8.71
C VAL E 196 12.86 -24.15 -9.96
N GLN E 197 13.47 -24.60 -11.04
CA GLN E 197 12.80 -24.51 -12.33
C GLN E 197 11.80 -25.64 -12.53
N ARG E 198 12.19 -26.87 -12.20
CA ARG E 198 11.26 -27.98 -12.33
C ARG E 198 10.00 -27.73 -11.51
N ALA E 199 10.17 -27.19 -10.30
CA ALA E 199 9.00 -26.84 -9.51
C ALA E 199 8.25 -25.67 -10.13
N SER E 200 8.96 -24.79 -10.83
CA SER E 200 8.30 -23.61 -11.39
C SER E 200 7.26 -24.02 -12.43
N GLY E 201 7.59 -24.97 -13.29
CA GLY E 201 6.65 -25.38 -14.31
C GLY E 201 5.43 -26.07 -13.76
N SER E 202 5.60 -26.89 -12.73
CA SER E 202 4.49 -27.70 -12.25
C SER E 202 3.56 -26.96 -11.30
N ILE E 203 3.94 -25.76 -10.85
CA ILE E 203 3.10 -25.07 -9.89
C ILE E 203 1.85 -24.51 -10.56
N ILE E 204 1.96 -24.08 -11.82
CA ILE E 204 0.84 -23.41 -12.47
C ILE E 204 -0.31 -24.38 -12.68
N GLU E 205 -0.01 -25.60 -13.15
CA GLU E 205 -1.09 -26.55 -13.37
C GLU E 205 -1.85 -26.85 -12.10
N LYS E 206 -1.25 -26.63 -10.93
CA LYS E 206 -1.92 -26.80 -9.66
C LYS E 206 -2.11 -25.48 -8.94
N ALA E 207 -2.10 -24.37 -9.68
CA ALA E 207 -2.18 -23.05 -9.04
C ALA E 207 -3.49 -22.88 -8.31
N SER E 208 -4.57 -23.51 -8.77
CA SER E 208 -5.85 -23.39 -8.11
C SER E 208 -6.69 -24.59 -8.50
N THR E 209 -7.24 -25.27 -7.50
CA THR E 209 -8.02 -26.48 -7.72
C THR E 209 -9.45 -26.23 -7.26
N PHE E 210 -10.40 -26.41 -8.15
CA PHE E 210 -11.80 -26.33 -7.79
C PHE E 210 -12.16 -27.55 -6.97
N VAL E 211 -12.99 -27.38 -5.95
CA VAL E 211 -13.27 -28.45 -5.00
C VAL E 211 -14.78 -28.54 -4.80
N TYR E 212 -15.33 -29.73 -5.02
CA TYR E 212 -16.74 -30.00 -4.75
C TYR E 212 -16.84 -30.75 -3.42
N LYS E 213 -16.79 -30.01 -2.32
CA LYS E 213 -17.10 -30.65 -1.05
C LYS E 213 -18.58 -31.05 -1.09
N ILE E 214 -18.86 -32.33 -1.28
CA ILE E 214 -20.20 -32.81 -1.58
C ILE E 214 -20.64 -33.75 -0.47
N LYS E 215 -21.78 -33.46 0.15
CA LYS E 215 -22.31 -34.32 1.18
C LYS E 215 -22.82 -35.62 0.58
N GLY E 216 -22.53 -36.73 1.25
CA GLY E 216 -22.94 -38.03 0.81
C GLY E 216 -21.94 -38.74 -0.07
N TYR E 217 -20.98 -38.02 -0.65
CA TYR E 217 -19.94 -38.67 -1.44
C TYR E 217 -19.06 -39.55 -0.57
N LYS E 218 -19.07 -39.32 0.74
CA LYS E 218 -18.65 -40.36 1.68
C LYS E 218 -19.22 -41.70 1.28
N GLN E 219 -20.54 -41.78 1.20
CA GLN E 219 -21.20 -43.07 1.04
C GLN E 219 -21.07 -43.59 -0.38
N LEU E 220 -21.21 -42.72 -1.38
CA LEU E 220 -21.24 -43.16 -2.76
C LEU E 220 -19.97 -43.91 -3.14
N ILE E 221 -18.81 -43.38 -2.75
CA ILE E 221 -17.59 -44.15 -2.90
C ILE E 221 -17.67 -45.42 -2.06
N GLN E 222 -18.14 -45.28 -0.82
CA GLN E 222 -18.17 -46.44 0.07
C GLN E 222 -19.08 -47.52 -0.46
N ALA E 223 -20.18 -47.16 -1.11
CA ALA E 223 -21.01 -48.13 -1.79
C ALA E 223 -20.53 -48.40 -3.20
N LYS E 224 -19.45 -47.75 -3.62
CA LYS E 224 -18.82 -48.00 -4.91
C LYS E 224 -19.79 -47.80 -6.07
N LYS E 225 -20.92 -47.16 -5.82
CA LYS E 225 -21.86 -46.78 -6.87
C LYS E 225 -21.71 -45.29 -7.13
N GLU E 226 -20.47 -44.83 -7.10
CA GLU E 226 -20.13 -43.42 -7.29
C GLU E 226 -19.96 -43.06 -8.75
N GLU E 227 -20.42 -43.92 -9.66
CA GLU E 227 -20.22 -43.66 -11.08
C GLU E 227 -20.97 -42.43 -11.55
N ASP E 228 -22.20 -42.24 -11.06
CA ASP E 228 -23.04 -41.18 -11.60
C ASP E 228 -22.56 -39.80 -11.17
N ILE E 229 -22.14 -39.65 -9.91
CA ILE E 229 -21.73 -38.33 -9.44
C ILE E 229 -20.48 -37.86 -10.16
N ILE E 230 -19.57 -38.78 -10.48
CA ILE E 230 -18.42 -38.41 -11.30
C ILE E 230 -18.89 -37.98 -12.68
N LYS E 231 -19.85 -38.70 -13.25
CA LYS E 231 -20.34 -38.36 -14.58
C LYS E 231 -20.96 -36.97 -14.58
N TYR E 232 -21.79 -36.67 -13.59
CA TYR E 232 -22.41 -35.34 -13.55
C TYR E 232 -21.35 -34.26 -13.37
N VAL E 233 -20.37 -34.47 -12.50
CA VAL E 233 -19.32 -33.48 -12.35
C VAL E 233 -18.52 -33.34 -13.62
N SER E 234 -18.23 -34.46 -14.29
CA SER E 234 -17.50 -34.37 -15.54
C SER E 234 -18.28 -33.58 -16.58
N THR E 235 -19.58 -33.82 -16.68
CA THR E 235 -20.40 -32.99 -17.56
C THR E 235 -20.47 -31.57 -17.05
N CYS E 236 -20.55 -31.40 -15.73
CA CYS E 236 -20.59 -30.05 -15.16
C CYS E 236 -19.29 -29.31 -15.42
N GLU E 237 -18.16 -29.95 -15.13
CA GLU E 237 -16.88 -29.31 -15.45
C GLU E 237 -16.76 -29.07 -16.94
N ASP E 238 -17.40 -29.90 -17.76
CA ASP E 238 -17.41 -29.65 -19.19
C ASP E 238 -18.36 -28.51 -19.49
N GLY E 239 -18.00 -27.30 -19.09
CA GLY E 239 -18.87 -26.17 -19.31
C GLY E 239 -18.83 -25.17 -18.17
N ARG E 240 -18.18 -25.53 -17.07
CA ARG E 240 -18.04 -24.57 -16.00
C ARG E 240 -17.28 -23.35 -16.50
N SER E 241 -17.95 -22.21 -16.56
CA SER E 241 -17.39 -21.04 -17.21
C SER E 241 -17.95 -19.79 -16.54
N ILE E 242 -17.66 -18.63 -17.12
CA ILE E 242 -18.26 -17.40 -16.63
C ILE E 242 -19.74 -17.38 -16.94
N TYR E 243 -20.18 -18.20 -17.89
CA TYR E 243 -21.48 -18.03 -18.50
C TYR E 243 -22.57 -18.87 -17.86
N GLY E 244 -22.21 -19.98 -17.22
CA GLY E 244 -23.21 -20.81 -16.57
C GLY E 244 -22.92 -21.00 -15.10
N GLY E 245 -23.87 -20.64 -14.25
CA GLY E 245 -23.66 -20.77 -12.82
C GLY E 245 -23.83 -22.20 -12.34
N LEU E 246 -22.94 -22.62 -11.45
CA LEU E 246 -23.07 -23.92 -10.80
C LEU E 246 -24.43 -24.06 -10.14
N ILE E 247 -24.88 -25.30 -10.01
CA ILE E 247 -26.04 -25.61 -9.19
C ILE E 247 -25.63 -26.68 -8.19
N THR E 248 -25.56 -26.31 -6.92
CA THR E 248 -25.21 -27.24 -5.86
C THR E 248 -26.18 -27.04 -4.71
N ASP E 249 -25.86 -27.64 -3.57
CA ASP E 249 -26.84 -27.75 -2.51
C ASP E 249 -26.44 -26.93 -1.29
N ALA E 250 -27.42 -26.71 -0.42
CA ALA E 250 -27.14 -26.03 0.82
C ALA E 250 -26.10 -26.79 1.63
N ASP E 251 -26.29 -28.10 1.75
CA ASP E 251 -25.30 -28.92 2.43
C ASP E 251 -24.02 -29.05 1.62
N ASP E 252 -24.10 -28.86 0.30
CA ASP E 252 -22.90 -28.84 -0.52
C ASP E 252 -22.07 -27.60 -0.20
N GLU E 253 -20.83 -27.62 -0.65
CA GLU E 253 -19.96 -26.46 -0.49
C GLU E 253 -18.89 -26.49 -1.55
N VAL E 254 -18.93 -25.55 -2.47
CA VAL E 254 -17.88 -25.38 -3.45
C VAL E 254 -16.88 -24.37 -2.93
N SER E 255 -15.60 -24.70 -3.01
CA SER E 255 -14.54 -23.81 -2.56
C SER E 255 -13.39 -23.90 -3.53
N THR E 256 -12.46 -22.97 -3.42
CA THR E 256 -11.29 -22.97 -4.27
C THR E 256 -10.04 -22.82 -3.41
N LEU E 257 -9.02 -23.61 -3.72
CA LEU E 257 -7.77 -23.61 -2.99
C LEU E 257 -6.66 -23.21 -3.95
N THR E 258 -5.80 -22.30 -3.51
CA THR E 258 -4.66 -21.90 -4.30
C THR E 258 -3.37 -22.32 -3.61
N GLN E 259 -2.45 -22.86 -4.39
CA GLN E 259 -1.10 -23.11 -3.92
C GLN E 259 -0.14 -22.57 -4.95
N SER E 260 0.89 -21.87 -4.49
CA SER E 260 1.86 -21.31 -5.41
C SER E 260 3.14 -21.00 -4.66
N LEU E 261 4.24 -21.08 -5.38
CA LEU E 261 5.55 -20.82 -4.78
C LEU E 261 5.61 -19.36 -4.38
N THR E 262 5.44 -19.10 -3.08
CA THR E 262 5.34 -17.72 -2.62
C THR E 262 6.63 -16.95 -2.82
N ASP E 263 7.77 -17.63 -2.78
CA ASP E 263 9.03 -16.93 -2.94
C ASP E 263 9.84 -17.55 -4.08
N LEU E 264 9.17 -17.80 -5.20
CA LEU E 264 9.87 -18.32 -6.37
C LEU E 264 10.91 -17.33 -6.88
N ASP E 265 10.56 -16.05 -6.91
CA ASP E 265 11.50 -15.06 -7.43
C ASP E 265 12.71 -14.90 -6.51
N LYS E 266 12.49 -14.93 -5.20
CA LYS E 266 13.59 -14.73 -4.27
C LYS E 266 14.64 -15.83 -4.40
N VAL E 267 14.21 -17.09 -4.36
CA VAL E 267 15.16 -18.18 -4.46
C VAL E 267 15.79 -18.23 -5.83
N ASP E 268 15.01 -18.04 -6.88
CA ASP E 268 15.59 -17.96 -8.21
C ASP E 268 16.55 -16.79 -8.30
N ASN E 269 16.29 -15.73 -7.54
CA ASN E 269 17.24 -14.62 -7.49
C ASN E 269 18.54 -15.06 -6.84
N VAL E 270 18.45 -15.66 -5.65
CA VAL E 270 19.65 -16.04 -4.90
C VAL E 270 20.50 -17.01 -5.70
N THR E 271 19.88 -18.02 -6.28
CA THR E 271 20.63 -19.02 -7.03
C THR E 271 21.35 -18.38 -8.22
N LEU E 272 20.67 -17.50 -8.95
CA LEU E 272 21.29 -16.89 -10.10
C LEU E 272 22.41 -15.93 -9.71
N ARG E 273 22.28 -15.25 -8.58
CA ARG E 273 23.34 -14.34 -8.15
C ARG E 273 24.65 -15.09 -8.00
N ARG E 274 24.61 -16.24 -7.33
CA ARG E 274 25.84 -16.98 -7.07
C ARG E 274 26.47 -17.49 -8.36
N ILE E 275 25.67 -17.98 -9.30
CA ILE E 275 26.22 -18.50 -10.55
C ILE E 275 26.93 -17.40 -11.31
N ALA E 276 26.39 -16.18 -11.25
CA ALA E 276 27.08 -15.04 -11.82
C ALA E 276 28.42 -14.84 -11.13
N MET E 277 28.44 -14.92 -9.81
CA MET E 277 29.69 -14.87 -9.07
C MET E 277 30.69 -15.92 -9.50
N VAL E 278 30.35 -17.19 -9.28
CA VAL E 278 31.35 -18.24 -9.40
C VAL E 278 31.83 -18.38 -10.83
N THR E 279 30.91 -18.35 -11.79
CA THR E 279 31.33 -18.41 -13.19
C THR E 279 32.08 -17.16 -13.60
N GLY E 280 31.77 -16.03 -12.97
CA GLY E 280 32.37 -14.77 -13.32
C GLY E 280 31.58 -13.95 -14.31
N LEU E 281 30.65 -14.57 -15.04
CA LEU E 281 29.78 -13.83 -15.92
C LEU E 281 28.85 -12.95 -15.11
N GLY E 282 28.39 -11.87 -15.72
CA GLY E 282 27.56 -10.93 -15.00
C GLY E 282 26.21 -11.52 -14.63
N MET E 283 25.50 -10.80 -13.77
CA MET E 283 24.11 -11.17 -13.49
C MET E 283 23.25 -10.96 -14.73
N THR E 284 23.55 -9.93 -15.52
CA THR E 284 22.71 -9.61 -16.66
C THR E 284 22.63 -10.77 -17.65
N VAL E 285 23.72 -11.50 -17.84
CA VAL E 285 23.70 -12.57 -18.83
C VAL E 285 22.81 -13.71 -18.37
N LEU E 286 22.86 -14.06 -17.09
CA LEU E 286 22.01 -15.13 -16.59
C LEU E 286 20.54 -14.78 -16.70
N ILE E 287 20.18 -13.55 -16.33
CA ILE E 287 18.83 -13.06 -16.57
C ILE E 287 18.49 -13.04 -18.05
N GLY E 288 19.47 -12.81 -18.90
CA GLY E 288 19.22 -12.76 -20.32
C GLY E 288 19.12 -11.36 -20.89
N GLU E 289 19.33 -10.34 -20.08
CA GLU E 289 19.38 -8.96 -20.58
C GLU E 289 20.78 -8.65 -21.07
N GLN E 290 21.23 -9.47 -22.02
CA GLN E 290 22.57 -9.31 -22.57
C GLN E 290 22.76 -7.99 -23.30
N ALA E 291 21.66 -7.33 -23.67
CA ALA E 291 21.77 -6.10 -24.45
C ALA E 291 22.41 -4.97 -23.66
N SER E 292 22.23 -4.96 -22.34
CA SER E 292 22.59 -3.81 -21.53
C SER E 292 24.09 -3.49 -21.57
N GLY E 293 24.91 -4.36 -21.00
CA GLY E 293 26.31 -4.02 -20.86
C GLY E 293 27.29 -5.16 -21.02
N LEU E 294 26.80 -6.35 -21.33
CA LEU E 294 27.64 -7.53 -21.54
C LEU E 294 27.57 -7.91 -23.00
N ASN E 295 28.61 -7.58 -23.76
CA ASN E 295 28.57 -7.71 -25.21
C ASN E 295 29.91 -8.28 -25.67
N ALA E 296 30.15 -8.19 -26.98
CA ALA E 296 31.38 -8.70 -27.57
C ALA E 296 32.48 -7.64 -27.57
N SER E 297 32.19 -6.47 -28.15
CA SER E 297 33.20 -5.44 -28.31
C SER E 297 33.72 -5.00 -26.94
N GLY E 298 35.05 -4.92 -26.83
CA GLY E 298 35.72 -4.67 -25.58
C GLY E 298 35.88 -3.23 -25.19
N GLU E 299 35.22 -2.30 -25.89
CA GLU E 299 35.33 -0.89 -25.54
C GLU E 299 34.96 -0.65 -24.09
N LYS E 300 33.71 -0.94 -23.74
CA LYS E 300 33.25 -0.85 -22.36
C LYS E 300 32.43 -2.05 -21.92
N GLU E 301 31.84 -2.80 -22.84
CA GLU E 301 30.87 -3.84 -22.49
C GLU E 301 31.54 -5.15 -22.11
N ARG E 302 32.47 -5.63 -22.94
CA ARG E 302 33.23 -6.81 -22.57
C ARG E 302 34.06 -6.55 -21.32
N GLN E 303 34.31 -5.28 -21.02
CA GLN E 303 35.00 -4.86 -19.80
C GLN E 303 34.17 -5.22 -18.57
N GLY E 304 32.89 -5.51 -18.78
CA GLY E 304 31.99 -5.89 -17.71
C GLY E 304 32.48 -7.06 -16.89
N PHE E 305 33.14 -8.01 -17.55
CA PHE E 305 33.74 -9.14 -16.85
C PHE E 305 35.07 -9.56 -17.45
N GLN E 306 35.70 -8.72 -18.26
CA GLN E 306 36.94 -9.12 -18.92
C GLN E 306 38.00 -9.50 -17.91
N ASP E 307 37.93 -8.94 -16.70
CA ASP E 307 38.88 -9.29 -15.65
C ASP E 307 38.81 -10.78 -15.33
N THR E 308 37.60 -11.33 -15.25
CA THR E 308 37.47 -12.76 -15.02
C THR E 308 38.09 -13.55 -16.16
N ILE E 309 37.82 -13.15 -17.40
CA ILE E 309 38.42 -13.83 -18.54
C ILE E 309 39.92 -13.62 -18.56
N GLU E 310 40.38 -12.40 -18.29
CA GLU E 310 41.81 -12.15 -18.17
C GLU E 310 42.39 -13.00 -17.05
N ASN E 311 41.67 -13.11 -15.93
CA ASN E 311 42.07 -14.04 -14.89
C ASN E 311 42.08 -15.47 -15.41
N LEU E 312 41.16 -15.81 -16.32
CA LEU E 312 41.23 -17.10 -16.97
C LEU E 312 42.33 -17.15 -18.01
N GLN E 313 42.55 -16.03 -18.71
CA GLN E 313 43.51 -16.01 -19.79
C GLN E 313 44.95 -16.20 -19.32
N SER E 314 45.27 -15.72 -18.11
CA SER E 314 46.64 -15.78 -17.62
C SER E 314 46.83 -16.83 -16.53
N ASP E 315 45.89 -17.75 -16.38
CA ASP E 315 46.01 -18.78 -15.35
C ASP E 315 46.03 -20.19 -15.93
N TYR E 316 45.04 -20.56 -16.75
CA TYR E 316 44.94 -21.92 -17.24
C TYR E 316 45.08 -22.03 -18.75
N LEU E 317 45.11 -20.93 -19.47
CA LEU E 317 45.28 -20.96 -20.91
C LEU E 317 46.70 -20.62 -21.34
N GLU E 318 47.44 -19.86 -20.53
CA GLU E 318 48.80 -19.51 -20.89
C GLU E 318 49.74 -20.71 -20.83
N ASP E 319 49.67 -21.49 -19.75
CA ASP E 319 50.47 -22.70 -19.60
C ASP E 319 50.47 -23.56 -20.86
N PRO E 320 49.32 -24.06 -21.30
CA PRO E 320 49.35 -25.06 -22.37
C PRO E 320 49.51 -24.43 -23.75
N LEU E 321 48.93 -23.25 -23.93
CA LEU E 321 49.09 -22.56 -25.21
C LEU E 321 50.56 -22.27 -25.48
N ASN E 322 51.29 -21.81 -24.45
CA ASN E 322 52.72 -21.63 -24.60
C ASN E 322 53.41 -22.96 -24.87
N ARG E 323 53.01 -24.00 -24.16
CA ARG E 323 53.54 -25.33 -24.45
C ARG E 323 53.16 -25.75 -25.87
N LEU E 324 51.92 -25.49 -26.27
CA LEU E 324 51.53 -25.77 -27.64
C LEU E 324 52.26 -24.87 -28.62
N ALA E 325 52.61 -23.66 -28.19
CA ALA E 325 53.32 -22.75 -29.08
C ALA E 325 54.68 -23.29 -29.47
N GLU E 326 55.41 -23.86 -28.52
CA GLU E 326 56.76 -24.33 -28.81
C GLU E 326 56.73 -25.61 -29.63
N ILE E 327 55.74 -26.47 -29.40
CA ILE E 327 55.72 -27.76 -30.09
C ILE E 327 55.49 -27.60 -31.58
N PHE E 328 54.94 -26.48 -32.02
CA PHE E 328 54.73 -26.22 -33.43
C PHE E 328 55.72 -25.21 -33.98
N GLN E 329 56.76 -24.87 -33.23
CA GLN E 329 57.75 -23.85 -33.57
C GLN E 329 57.14 -22.46 -33.68
N LEU E 330 55.88 -22.29 -33.29
CA LEU E 330 55.32 -20.96 -33.22
C LEU E 330 55.92 -20.18 -32.05
N GLY E 331 55.83 -18.87 -32.15
CA GLY E 331 56.36 -18.02 -31.11
C GLY E 331 55.49 -18.02 -29.87
N PHE E 332 55.99 -17.36 -28.83
CA PHE E 332 55.26 -17.23 -27.59
C PHE E 332 53.97 -16.46 -27.83
N ILE E 333 52.84 -17.04 -27.46
CA ILE E 333 51.53 -16.45 -27.74
C ILE E 333 50.93 -15.95 -26.44
N GLU E 334 50.45 -14.71 -26.46
CA GLU E 334 49.82 -14.08 -25.30
C GLU E 334 48.50 -13.42 -25.71
N PHE E 335 47.93 -12.63 -24.83
CA PHE E 335 46.69 -11.92 -25.10
C PHE E 335 46.86 -10.45 -24.72
N LYS E 336 46.23 -9.57 -25.50
CA LYS E 336 46.23 -8.14 -25.17
C LYS E 336 45.09 -7.47 -25.91
N ASP E 337 44.18 -6.83 -25.18
CA ASP E 337 43.05 -6.16 -25.78
C ASP E 337 43.47 -4.84 -26.41
N ARG E 346 36.66 1.15 -31.12
CA ARG E 346 37.90 0.41 -31.27
C ARG E 346 39.09 1.37 -31.25
N VAL E 347 40.00 1.19 -32.21
CA VAL E 347 41.15 2.09 -32.32
C VAL E 347 40.71 3.51 -32.62
N GLU E 348 39.54 3.69 -33.25
CA GLU E 348 39.03 5.03 -33.47
C GLU E 348 38.89 5.81 -32.17
N TYR E 349 38.63 5.11 -31.06
CA TYR E 349 38.67 5.76 -29.76
C TYR E 349 40.06 6.30 -29.46
N ASP E 350 41.09 5.49 -29.76
CA ASP E 350 42.46 5.87 -29.47
C ASP E 350 43.02 6.88 -30.46
N LYS E 351 42.44 6.98 -31.66
CA LYS E 351 43.01 7.81 -32.70
C LYS E 351 43.00 9.28 -32.32
N LYS E 352 41.94 9.76 -31.67
CA LYS E 352 41.92 11.16 -31.24
C LYS E 352 43.10 11.46 -30.32
N ALA E 353 43.47 10.50 -29.47
CA ALA E 353 44.69 10.65 -28.70
C ALA E 353 45.92 10.61 -29.60
N VAL E 354 45.87 9.79 -30.65
CA VAL E 354 47.02 9.67 -31.54
C VAL E 354 47.34 11.01 -32.17
N ASP E 355 46.32 11.73 -32.62
CA ASP E 355 46.54 13.07 -33.16
C ASP E 355 47.09 14.00 -32.10
N VAL E 356 46.63 13.84 -30.85
CA VAL E 356 47.17 14.63 -29.75
C VAL E 356 48.66 14.36 -29.61
N ALA E 357 49.07 13.11 -29.78
CA ALA E 357 50.49 12.78 -29.74
C ALA E 357 51.23 13.47 -30.87
N LYS E 358 50.63 13.52 -32.06
CA LYS E 358 51.29 14.18 -33.18
C LYS E 358 51.46 15.67 -32.93
N VAL E 359 50.44 16.31 -32.38
CA VAL E 359 50.44 17.77 -32.23
C VAL E 359 51.24 18.17 -30.99
N LEU E 360 51.91 17.19 -30.36
CA LEU E 360 52.73 17.51 -29.20
C LEU E 360 53.90 18.40 -29.56
N TRP E 361 54.59 18.12 -30.67
CA TRP E 361 55.87 18.77 -30.94
C TRP E 361 55.81 19.76 -32.10
N GLU E 362 55.49 19.29 -33.30
CA GLU E 362 55.55 20.09 -34.53
C GLU E 362 56.80 20.98 -34.56
N LEU E 363 57.95 20.38 -34.24
CA LEU E 363 59.22 21.10 -34.21
C LEU E 363 59.63 21.32 -35.67
N GLY E 364 59.00 22.31 -36.30
CA GLY E 364 59.00 22.31 -37.74
C GLY E 364 58.11 21.15 -38.14
N GLU E 365 58.71 20.04 -38.57
CA GLU E 365 58.02 18.77 -38.65
C GLU E 365 58.95 17.67 -38.19
N ASP E 366 58.58 16.99 -37.11
CA ASP E 366 59.34 15.86 -36.59
C ASP E 366 58.39 14.75 -36.18
N TYR E 367 58.89 13.52 -36.16
CA TYR E 367 58.07 12.37 -35.86
C TYR E 367 57.64 12.39 -34.40
N GLY E 368 56.36 12.18 -34.15
CA GLY E 368 55.90 11.98 -32.80
C GLY E 368 56.41 10.64 -32.30
N ALA E 369 57.39 10.68 -31.38
CA ALA E 369 58.00 9.44 -30.91
C ALA E 369 56.98 8.54 -30.23
N TYR E 370 55.93 9.14 -29.66
CA TYR E 370 54.91 8.38 -28.96
C TYR E 370 53.94 7.71 -29.92
N LEU E 371 54.02 8.02 -31.22
CA LEU E 371 53.13 7.39 -32.18
C LEU E 371 53.32 5.88 -32.21
N LYS E 372 54.58 5.42 -32.19
CA LYS E 372 54.85 4.00 -32.31
C LYS E 372 54.31 3.22 -31.11
N ASP E 373 54.54 3.73 -29.90
CA ASP E 373 54.14 3.01 -28.70
C ASP E 373 52.67 3.27 -28.39
N LYS E 374 51.84 3.05 -29.41
CA LYS E 374 50.38 3.05 -29.32
C LYS E 374 49.86 2.27 -30.52
N ASP E 375 48.56 2.40 -30.80
CA ASP E 375 47.96 1.74 -31.97
C ASP E 375 48.13 2.62 -33.21
N VAL E 376 49.38 2.69 -33.67
CA VAL E 376 49.67 3.37 -34.93
C VAL E 376 49.05 2.61 -36.09
N VAL E 377 49.01 1.29 -36.01
CA VAL E 377 48.45 0.46 -37.07
C VAL E 377 47.23 -0.29 -36.56
N ASP F 9 28.72 -27.65 5.99
CA ASP F 9 27.34 -27.21 5.95
C ASP F 9 26.39 -28.37 6.16
N VAL F 10 26.85 -29.42 6.85
CA VAL F 10 26.06 -30.63 7.11
C VAL F 10 26.42 -31.21 8.48
N LEU F 11 25.47 -31.18 9.43
CA LEU F 11 25.68 -31.81 10.73
C LEU F 11 24.45 -31.70 11.64
N SER F 12 24.42 -32.59 12.64
CA SER F 12 23.57 -32.48 13.83
C SER F 12 22.09 -32.51 13.48
N GLY F 13 21.66 -33.58 12.82
CA GLY F 13 20.27 -33.74 12.47
C GLY F 13 20.14 -34.62 11.24
N LEU F 14 18.93 -34.63 10.69
CA LEU F 14 18.68 -35.29 9.41
C LEU F 14 18.63 -34.29 8.28
N ILE F 15 18.98 -33.04 8.54
CA ILE F 15 19.14 -32.03 7.49
C ILE F 15 20.05 -32.57 6.39
N ASN F 16 20.99 -33.44 6.77
CA ASN F 16 22.00 -33.89 5.84
C ASN F 16 21.37 -34.55 4.62
N ARG F 17 20.19 -35.14 4.81
CA ARG F 17 19.64 -36.04 3.82
C ARG F 17 18.55 -35.39 2.98
N ARG F 18 17.75 -34.52 3.57
CA ARG F 18 16.56 -34.00 2.90
C ARG F 18 16.81 -32.71 2.13
N ASN F 19 18.00 -32.16 2.18
CA ASN F 19 18.25 -30.94 1.44
C ASN F 19 18.34 -31.23 -0.06
N SER F 20 18.38 -30.17 -0.85
CA SER F 20 18.42 -30.34 -2.30
C SER F 20 19.70 -31.01 -2.74
N MET F 21 20.69 -31.09 -1.86
CA MET F 21 21.94 -31.73 -2.21
C MET F 21 21.74 -33.21 -2.53
N ALA F 22 21.34 -33.99 -1.54
CA ALA F 22 21.26 -35.43 -1.70
C ALA F 22 19.87 -35.92 -2.06
N ARG F 23 18.85 -35.06 -1.97
CA ARG F 23 17.50 -35.53 -2.22
C ARG F 23 17.29 -35.83 -3.69
N ASN F 24 18.16 -35.31 -4.56
CA ASN F 24 18.06 -35.57 -5.99
C ASN F 24 19.41 -35.44 -6.67
N ARG F 25 19.74 -36.43 -7.48
CA ARG F 25 20.95 -36.39 -8.29
C ARG F 25 20.61 -35.88 -9.69
N VAL F 26 21.62 -35.53 -10.44
CA VAL F 26 21.44 -34.90 -11.74
C VAL F 26 21.25 -35.95 -12.81
N SER F 27 20.41 -35.65 -13.80
CA SER F 27 20.25 -36.49 -14.98
C SER F 27 19.65 -35.63 -16.08
N HIS F 28 19.94 -36.00 -17.32
CA HIS F 28 19.53 -35.23 -18.48
C HIS F 28 18.67 -36.07 -19.40
N ARG F 29 17.58 -35.48 -19.88
CA ARG F 29 16.71 -36.18 -20.82
C ARG F 29 17.37 -36.26 -22.18
N TYR F 30 17.04 -37.32 -22.91
CA TYR F 30 17.43 -37.50 -24.31
C TYR F 30 16.13 -37.49 -25.12
N LEU F 31 15.71 -36.30 -25.58
CA LEU F 31 14.45 -36.25 -26.31
C LEU F 31 14.59 -36.96 -27.65
N SER F 32 13.58 -37.75 -27.98
CA SER F 32 13.65 -38.62 -29.15
C SER F 32 13.62 -37.80 -30.43
N ASP F 33 13.95 -38.47 -31.54
CA ASP F 33 13.97 -37.78 -32.83
C ASP F 33 12.58 -37.27 -33.20
N GLU F 34 11.54 -38.05 -32.92
CA GLU F 34 10.20 -37.61 -33.26
C GLU F 34 9.80 -36.38 -32.46
N GLU F 35 10.16 -36.33 -31.18
CA GLU F 35 9.94 -35.12 -30.40
C GLU F 35 10.81 -33.99 -30.91
N MET F 36 12.02 -34.30 -31.38
CA MET F 36 12.86 -33.28 -31.98
C MET F 36 12.19 -32.69 -33.21
N ARG F 37 11.48 -33.53 -33.97
CA ARG F 37 10.75 -33.05 -35.14
C ARG F 37 9.66 -32.06 -34.74
N VAL F 38 8.90 -32.39 -33.70
CA VAL F 38 7.71 -31.59 -33.37
C VAL F 38 8.10 -30.18 -32.99
N MET F 39 9.14 -30.03 -32.18
CA MET F 39 9.54 -28.69 -31.76
C MET F 39 10.01 -27.84 -32.93
N TYR F 40 10.57 -28.46 -33.97
CA TYR F 40 10.92 -27.69 -35.15
C TYR F 40 9.69 -27.03 -35.75
N LYS F 41 8.55 -27.70 -35.66
CA LYS F 41 7.30 -27.11 -36.14
C LYS F 41 6.74 -26.08 -35.18
N ALA F 42 6.98 -26.24 -33.88
CA ALA F 42 6.30 -25.40 -32.90
C ALA F 42 6.71 -23.95 -33.06
N GLY F 43 5.77 -23.05 -32.78
CA GLY F 43 5.99 -21.65 -33.11
C GLY F 43 7.16 -21.04 -32.38
N LEU F 44 7.29 -21.33 -31.08
CA LEU F 44 8.29 -20.64 -30.27
C LEU F 44 9.68 -20.87 -30.82
N MET F 45 10.13 -22.12 -30.84
CA MET F 45 11.47 -22.37 -31.34
C MET F 45 11.60 -22.10 -32.83
N SER F 46 10.50 -22.10 -33.56
CA SER F 46 10.55 -21.76 -34.97
C SER F 46 11.20 -20.39 -35.16
N LYS F 47 10.87 -19.44 -34.29
CA LYS F 47 11.55 -18.15 -34.35
C LYS F 47 12.97 -18.27 -33.79
N ILE F 48 13.15 -19.07 -32.74
CA ILE F 48 14.49 -19.30 -32.21
C ILE F 48 15.42 -19.78 -33.31
N ILE F 49 15.03 -20.84 -34.01
CA ILE F 49 15.86 -21.39 -35.05
C ILE F 49 16.04 -20.37 -36.18
N ARG F 50 14.94 -19.73 -36.57
CA ARG F 50 15.03 -18.75 -37.64
C ARG F 50 15.90 -17.56 -37.25
N LEU F 51 15.74 -17.05 -36.02
CA LEU F 51 16.49 -15.88 -35.61
C LEU F 51 17.98 -16.18 -35.57
N LYS F 52 18.37 -17.24 -34.86
CA LYS F 52 19.78 -17.50 -34.67
C LYS F 52 20.46 -17.83 -35.99
N ALA F 53 19.80 -18.60 -36.84
CA ALA F 53 20.38 -18.93 -38.14
C ALA F 53 20.56 -17.67 -38.98
N GLY F 54 19.54 -16.83 -39.05
CA GLY F 54 19.66 -15.61 -39.82
C GLY F 54 20.73 -14.68 -39.28
N TYR F 55 20.78 -14.54 -37.96
CA TYR F 55 21.78 -13.69 -37.35
C TYR F 55 23.19 -14.17 -37.63
N ALA F 56 23.34 -15.43 -38.03
CA ALA F 56 24.67 -15.95 -38.30
C ALA F 56 25.08 -15.70 -39.74
N LEU F 57 24.13 -15.76 -40.67
CA LEU F 57 24.46 -15.79 -42.09
C LEU F 57 24.06 -14.54 -42.84
N ASN F 58 23.22 -13.67 -42.28
CA ASN F 58 22.72 -12.52 -43.03
C ASN F 58 23.86 -11.54 -43.25
N ASP F 59 24.46 -11.59 -44.44
CA ASP F 59 25.46 -10.61 -44.88
C ASP F 59 26.56 -10.43 -43.83
N THR F 60 27.04 -11.56 -43.32
CA THR F 60 28.08 -11.55 -42.30
C THR F 60 29.30 -12.34 -42.76
N LEU F 61 29.35 -12.68 -44.03
CA LEU F 61 30.33 -13.63 -44.56
C LEU F 61 31.43 -12.86 -45.28
N LYS F 62 32.60 -12.82 -44.67
CA LYS F 62 33.77 -12.20 -45.29
C LYS F 62 34.28 -13.11 -46.39
N PHE F 63 34.26 -12.65 -47.62
CA PHE F 63 34.76 -13.40 -48.76
C PHE F 63 36.09 -12.82 -49.18
N GLU F 64 37.13 -13.64 -49.15
CA GLU F 64 38.44 -13.21 -49.62
C GLU F 64 38.57 -13.33 -51.13
N SER F 65 37.56 -13.84 -51.81
CA SER F 65 37.56 -13.99 -53.26
C SER F 65 36.60 -12.93 -53.83
N THR F 66 37.14 -11.73 -54.07
CA THR F 66 36.35 -10.69 -54.70
C THR F 66 35.94 -11.09 -56.12
N GLN F 67 36.88 -11.68 -56.87
CA GLN F 67 36.55 -12.18 -58.19
C GLN F 67 35.45 -13.22 -58.10
N ASP F 68 34.49 -13.13 -59.02
CA ASP F 68 33.24 -13.88 -58.92
C ASP F 68 32.65 -13.69 -57.52
N GLN F 69 32.41 -12.44 -57.19
CA GLN F 69 31.99 -12.05 -55.85
C GLN F 69 30.76 -12.85 -55.43
N GLU F 70 30.92 -13.62 -54.35
CA GLU F 70 29.81 -14.29 -53.70
C GLU F 70 29.03 -15.17 -54.67
N ILE F 71 29.75 -15.92 -55.50
CA ILE F 71 29.11 -16.99 -56.26
C ILE F 71 28.48 -17.98 -55.29
N TYR F 72 29.02 -18.04 -54.08
CA TYR F 72 28.35 -18.71 -52.97
C TYR F 72 26.95 -18.18 -52.77
N LYS F 73 26.76 -16.87 -52.95
CA LYS F 73 25.53 -16.23 -52.49
C LYS F 73 24.34 -16.65 -53.33
N LYS F 74 24.48 -16.62 -54.65
CA LYS F 74 23.35 -16.86 -55.54
C LYS F 74 23.07 -18.35 -55.76
N ARG F 75 23.91 -19.24 -55.27
CA ARG F 75 23.80 -20.67 -55.57
C ARG F 75 23.41 -21.51 -54.37
N LEU F 76 24.15 -21.42 -53.28
CA LEU F 76 23.89 -22.28 -52.13
C LEU F 76 23.96 -21.56 -50.79
N SER F 77 24.25 -20.26 -50.75
CA SER F 77 24.20 -19.54 -49.49
C SER F 77 22.80 -19.59 -48.90
N LYS F 78 21.83 -19.94 -49.72
CA LYS F 78 20.48 -20.18 -49.26
C LYS F 78 20.29 -21.65 -48.87
N HIS F 79 21.02 -22.56 -49.53
CA HIS F 79 21.01 -23.95 -49.09
C HIS F 79 21.59 -24.08 -47.69
N VAL F 80 22.69 -23.39 -47.42
CA VAL F 80 23.32 -23.48 -46.10
C VAL F 80 22.37 -23.00 -45.02
N LYS F 81 21.60 -21.94 -45.28
CA LYS F 81 20.75 -21.36 -44.24
C LYS F 81 19.68 -22.35 -43.81
N ASN F 82 19.04 -23.01 -44.78
CA ASN F 82 18.13 -24.09 -44.42
C ASN F 82 18.88 -25.20 -43.72
N ALA F 83 20.12 -25.44 -44.13
CA ALA F 83 20.91 -26.49 -43.51
C ALA F 83 21.36 -26.09 -42.11
N THR F 84 21.85 -24.86 -41.95
CA THR F 84 22.25 -24.44 -40.61
C THR F 84 21.05 -24.25 -39.70
N LYS F 85 19.87 -24.02 -40.26
CA LYS F 85 18.65 -24.13 -39.48
C LYS F 85 18.49 -25.57 -38.98
N PHE F 86 18.75 -26.53 -39.86
CA PHE F 86 18.65 -27.94 -39.49
C PHE F 86 19.70 -28.30 -38.44
N MET F 87 20.78 -27.54 -38.36
CA MET F 87 21.69 -27.67 -37.23
C MET F 87 20.93 -27.45 -35.93
N LEU F 88 20.37 -26.25 -35.77
CA LEU F 88 19.73 -25.91 -34.51
C LEU F 88 18.50 -26.74 -34.25
N GLY F 89 17.74 -27.05 -35.30
CA GLY F 89 16.50 -27.79 -35.11
C GLY F 89 16.71 -29.20 -34.62
N PHE F 90 17.71 -29.89 -35.16
CA PHE F 90 17.89 -31.30 -34.89
C PHE F 90 19.29 -31.67 -34.41
N GLY F 91 20.21 -30.71 -34.34
CA GLY F 91 21.56 -31.08 -33.98
C GLY F 91 22.36 -31.65 -35.11
N ARG F 92 21.81 -31.70 -36.33
CA ARG F 92 22.55 -32.23 -37.48
C ARG F 92 21.99 -31.59 -38.74
N GLY F 93 22.70 -30.61 -39.26
CA GLY F 93 22.46 -30.11 -40.59
C GLY F 93 23.40 -30.79 -41.57
N VAL F 94 22.90 -31.07 -42.76
CA VAL F 94 23.65 -31.83 -43.74
C VAL F 94 23.56 -31.16 -45.10
N ILE F 95 24.69 -31.01 -45.77
CA ILE F 95 24.75 -30.64 -47.17
C ILE F 95 25.36 -31.80 -47.92
N VAL F 96 24.68 -32.26 -48.96
CA VAL F 96 25.12 -33.40 -49.77
C VAL F 96 25.43 -32.89 -51.16
N VAL F 97 26.59 -33.28 -51.67
CA VAL F 97 27.01 -32.92 -53.02
C VAL F 97 27.41 -34.18 -53.77
N PHE F 98 26.97 -34.28 -55.02
CA PHE F 98 27.39 -35.38 -55.88
C PHE F 98 27.19 -34.97 -57.33
N LYS F 99 27.90 -35.66 -58.21
CA LYS F 99 27.89 -35.33 -59.63
C LYS F 99 26.58 -35.81 -60.25
N ASN F 100 26.50 -35.75 -61.59
CA ASN F 100 25.29 -36.18 -62.27
C ASN F 100 25.05 -37.68 -62.11
N GLY F 101 26.04 -38.45 -61.68
CA GLY F 101 25.86 -39.87 -61.49
C GLY F 101 25.85 -40.27 -60.03
N ASP F 102 24.73 -40.81 -59.56
CA ASP F 102 24.59 -41.19 -58.17
C ASP F 102 25.67 -42.20 -57.78
N ASP F 103 26.34 -41.93 -56.66
CA ASP F 103 27.45 -42.76 -56.23
C ASP F 103 27.38 -43.00 -54.72
N LEU F 104 27.62 -44.24 -54.32
CA LEU F 104 27.77 -44.54 -52.90
C LEU F 104 29.11 -44.05 -52.39
N SER F 105 30.14 -44.15 -53.22
CA SER F 105 31.52 -43.95 -52.81
C SER F 105 31.92 -42.48 -52.93
N LYS F 106 33.21 -42.21 -52.79
CA LYS F 106 33.72 -40.86 -52.64
C LYS F 106 33.61 -40.07 -53.93
N PRO F 107 33.55 -38.74 -53.84
CA PRO F 107 33.57 -37.92 -55.06
C PRO F 107 34.97 -37.88 -55.66
N LEU F 108 35.02 -38.00 -56.97
CA LEU F 108 36.30 -38.04 -57.67
C LEU F 108 36.93 -36.66 -57.60
N GLU F 109 37.76 -36.45 -56.58
CA GLU F 109 38.46 -35.19 -56.39
C GLU F 109 39.85 -35.21 -57.02
N ARG F 110 40.19 -36.26 -57.77
CA ARG F 110 41.43 -36.24 -58.55
C ARG F 110 41.45 -35.05 -59.49
N GLY F 111 40.36 -34.81 -60.20
CA GLY F 111 40.04 -33.51 -60.74
C GLY F 111 38.82 -33.00 -59.99
N VAL F 112 39.01 -32.03 -59.10
CA VAL F 112 37.92 -31.58 -58.25
C VAL F 112 36.77 -31.09 -59.11
N ASP F 113 35.56 -31.51 -58.76
CA ASP F 113 34.38 -31.33 -59.59
C ASP F 113 34.14 -29.85 -59.92
N PRO F 114 34.38 -29.44 -61.16
CA PRO F 114 34.22 -28.02 -61.53
C PRO F 114 32.76 -27.67 -61.85
N LYS F 115 32.01 -27.40 -60.78
CA LYS F 115 30.61 -26.99 -60.83
C LYS F 115 29.78 -27.84 -61.80
N LEU F 116 30.11 -29.12 -61.90
CA LEU F 116 29.32 -30.09 -62.66
C LEU F 116 28.47 -30.95 -61.73
N LEU F 117 27.95 -30.32 -60.68
CA LEU F 117 27.46 -31.03 -59.51
C LEU F 117 26.17 -30.42 -59.00
N LYS F 118 25.42 -31.20 -58.23
CA LYS F 118 24.17 -30.79 -57.62
C LYS F 118 24.34 -30.62 -56.11
N ILE F 119 23.34 -30.02 -55.48
CA ILE F 119 23.38 -29.66 -54.08
C ILE F 119 22.13 -30.19 -53.39
N ARG F 120 22.31 -30.76 -52.20
CA ARG F 120 21.19 -31.20 -51.38
C ARG F 120 21.42 -30.73 -49.94
N VAL F 121 20.32 -30.57 -49.21
CA VAL F 121 20.36 -30.21 -47.79
C VAL F 121 19.42 -31.12 -47.03
N PHE F 122 19.85 -31.58 -45.86
CA PHE F 122 19.10 -32.60 -45.13
C PHE F 122 19.08 -32.30 -43.65
N SER F 123 17.92 -32.49 -43.04
CA SER F 123 17.76 -32.40 -41.60
C SER F 123 18.37 -33.60 -40.91
N GLY F 124 18.70 -33.43 -39.63
CA GLY F 124 19.19 -34.53 -38.83
C GLY F 124 18.18 -35.63 -38.60
N ASP F 125 16.91 -35.37 -38.90
CA ASP F 125 15.89 -36.41 -38.80
C ASP F 125 16.18 -37.54 -39.79
N ILE F 126 16.08 -37.24 -41.08
CA ILE F 126 16.31 -38.27 -42.08
C ILE F 126 17.79 -38.58 -42.21
N ALA F 127 18.66 -37.58 -42.09
CA ALA F 127 20.08 -37.85 -42.05
C ALA F 127 20.45 -38.50 -40.73
N LYS F 128 21.68 -39.00 -40.67
CA LYS F 128 22.22 -39.58 -39.45
C LYS F 128 23.67 -39.97 -39.70
N GLY F 129 24.42 -40.18 -38.62
CA GLY F 129 25.80 -40.64 -38.74
C GLY F 129 25.93 -42.10 -38.32
N ASN F 130 26.76 -42.85 -39.05
CA ASN F 130 26.83 -44.30 -38.85
C ASN F 130 28.19 -44.79 -38.37
N ASN F 131 29.26 -44.56 -39.13
CA ASN F 131 30.43 -45.42 -38.98
C ASN F 131 31.64 -44.63 -38.47
N PRO F 132 32.00 -44.75 -37.20
CA PRO F 132 33.24 -44.13 -36.71
C PRO F 132 34.39 -45.10 -36.69
N ASP F 133 35.58 -44.66 -37.06
CA ASP F 133 36.77 -45.48 -36.87
C ASP F 133 37.27 -45.29 -35.45
N ASN F 134 37.22 -46.36 -34.65
CA ASN F 134 37.66 -46.25 -33.27
C ASN F 134 39.16 -46.07 -33.14
N ASP F 135 39.93 -46.32 -34.18
CA ASP F 135 41.35 -46.07 -34.15
C ASP F 135 41.63 -44.58 -34.35
N LEU F 136 42.85 -44.18 -34.01
CA LEU F 136 43.23 -42.77 -34.05
C LEU F 136 43.83 -42.38 -35.39
N ARG F 137 43.68 -43.21 -36.42
CA ARG F 137 44.48 -43.03 -37.64
C ARG F 137 43.99 -41.83 -38.47
N SER F 138 42.78 -41.91 -39.00
CA SER F 138 42.30 -40.94 -39.98
C SER F 138 41.43 -39.86 -39.36
N GLU F 139 40.29 -40.26 -38.80
CA GLU F 139 39.36 -39.36 -38.16
C GLU F 139 38.96 -39.97 -36.82
N ARG F 140 39.03 -39.18 -35.76
CA ARG F 140 38.91 -39.72 -34.43
C ARG F 140 37.46 -40.17 -34.21
N TYR F 141 37.18 -40.73 -33.01
CA TYR F 141 35.87 -41.24 -32.67
C TYR F 141 34.74 -40.29 -33.04
N TYR F 142 35.03 -38.99 -33.11
CA TYR F 142 34.05 -38.01 -33.53
C TYR F 142 33.54 -38.29 -34.94
N LYS F 143 34.43 -38.16 -35.92
CA LYS F 143 34.00 -38.04 -37.30
C LYS F 143 33.54 -39.38 -37.84
N PRO F 144 32.31 -39.47 -38.35
CA PRO F 144 31.89 -40.71 -39.02
C PRO F 144 32.68 -40.93 -40.30
N LYS F 145 32.60 -42.15 -40.82
CA LYS F 145 33.29 -42.50 -42.05
C LYS F 145 32.35 -42.80 -43.21
N ASN F 146 31.11 -43.18 -42.93
CA ASN F 146 30.10 -43.37 -43.97
C ASN F 146 28.75 -43.51 -43.29
N TYR F 147 27.74 -42.79 -43.75
CA TYR F 147 26.45 -42.88 -43.11
C TYR F 147 25.33 -42.73 -44.14
N THR F 148 24.15 -43.19 -43.74
CA THR F 148 23.00 -43.24 -44.61
C THR F 148 22.19 -41.96 -44.46
N ILE F 149 21.76 -41.41 -45.59
CA ILE F 149 20.92 -40.23 -45.59
C ILE F 149 19.45 -40.63 -45.66
N LYS F 150 19.18 -41.80 -46.25
CA LYS F 150 17.89 -42.39 -46.51
C LYS F 150 18.16 -43.87 -46.73
N GLY F 151 17.24 -44.55 -47.40
CA GLY F 151 17.56 -45.87 -47.92
C GLY F 151 18.92 -45.93 -48.59
N HIS F 152 19.34 -44.82 -49.21
CA HIS F 152 20.66 -44.75 -49.82
C HIS F 152 21.73 -44.55 -48.77
N THR F 153 22.98 -44.46 -49.23
CA THR F 153 24.12 -44.17 -48.37
C THR F 153 25.02 -43.17 -49.09
N ILE F 154 25.76 -42.36 -48.32
CA ILE F 154 26.64 -41.35 -48.89
C ILE F 154 28.01 -41.43 -48.23
N HIS F 155 29.05 -41.31 -49.06
CA HIS F 155 30.43 -41.34 -48.58
C HIS F 155 30.70 -40.16 -47.67
N TRP F 156 31.69 -40.34 -46.79
CA TRP F 156 32.03 -39.30 -45.83
C TRP F 156 32.52 -38.03 -46.53
N THR F 157 33.53 -38.15 -47.38
CA THR F 157 34.04 -36.97 -48.06
C THR F 157 33.03 -36.41 -49.05
N ARG F 158 31.99 -37.17 -49.39
CA ARG F 158 30.91 -36.63 -50.18
C ARG F 158 30.17 -35.55 -49.44
N VAL F 159 29.95 -35.74 -48.14
CA VAL F 159 28.92 -35.03 -47.40
C VAL F 159 29.54 -34.01 -46.46
N VAL F 160 28.84 -32.88 -46.29
CA VAL F 160 29.23 -31.81 -45.38
C VAL F 160 28.24 -31.79 -44.23
N ASP F 161 28.76 -31.80 -43.00
CA ASP F 161 27.95 -31.98 -41.80
C ASP F 161 27.92 -30.69 -40.99
N PHE F 162 26.73 -30.20 -40.71
CA PHE F 162 26.54 -29.04 -39.85
C PHE F 162 26.26 -29.54 -38.45
N THR F 163 27.32 -29.70 -37.65
CA THR F 163 27.21 -30.31 -36.33
C THR F 163 27.21 -29.22 -35.27
N TYR F 164 26.22 -29.27 -34.39
CA TYR F 164 26.08 -28.31 -33.31
C TYR F 164 26.95 -28.73 -32.12
N TYR F 165 26.71 -28.08 -30.99
CA TYR F 165 27.35 -28.38 -29.71
C TYR F 165 27.35 -29.87 -29.39
N MET F 166 28.53 -30.47 -29.32
CA MET F 166 28.62 -31.92 -29.17
C MET F 166 28.88 -32.29 -27.71
N PRO F 167 28.33 -33.39 -27.25
CA PRO F 167 28.58 -33.84 -25.88
C PRO F 167 29.89 -34.59 -25.76
N SER F 168 30.15 -35.16 -24.59
CA SER F 168 31.34 -35.97 -24.41
C SER F 168 31.29 -37.22 -25.28
N GLU F 169 32.48 -37.71 -25.65
CA GLU F 169 32.57 -38.81 -26.60
C GLU F 169 31.92 -40.08 -26.07
N ASN F 170 32.00 -40.30 -24.75
CA ASN F 170 31.44 -41.51 -24.16
C ASN F 170 29.98 -41.72 -24.52
N GLU F 171 29.30 -40.68 -24.98
CA GLU F 171 27.88 -40.77 -25.28
C GLU F 171 27.54 -40.19 -26.65
N LEU F 172 28.56 -39.88 -27.45
CA LEU F 172 28.31 -39.34 -28.78
C LEU F 172 27.39 -40.20 -29.65
N PRO F 173 27.45 -41.53 -29.63
CA PRO F 173 26.48 -42.30 -30.43
C PRO F 173 25.03 -42.03 -30.10
N ASP F 174 24.71 -41.74 -28.84
CA ASP F 174 23.31 -41.50 -28.50
C ASP F 174 22.74 -40.30 -29.23
N TYR F 175 23.59 -39.38 -29.69
CA TYR F 175 23.16 -38.33 -30.61
C TYR F 175 23.50 -38.67 -32.04
N TYR F 176 23.96 -39.89 -32.28
CA TYR F 176 24.32 -40.40 -33.59
C TYR F 176 25.30 -39.45 -34.29
N TYR F 177 26.41 -39.19 -33.60
CA TYR F 177 27.62 -38.65 -34.20
C TYR F 177 27.38 -37.25 -34.77
N GLY F 178 27.04 -36.34 -33.87
CA GLY F 178 27.01 -34.95 -34.24
C GLY F 178 25.95 -34.10 -33.57
N GLY F 179 26.38 -32.99 -32.99
CA GLY F 179 25.49 -31.94 -32.57
C GLY F 179 24.45 -32.27 -31.52
N MET F 180 23.64 -31.27 -31.20
CA MET F 180 22.61 -31.36 -30.18
C MET F 180 21.56 -30.33 -30.51
N SER F 181 20.32 -30.76 -30.72
CA SER F 181 19.26 -29.81 -31.02
C SER F 181 19.10 -28.84 -29.86
N GLU F 182 18.78 -27.58 -30.21
CA GLU F 182 18.49 -26.62 -29.16
C GLU F 182 17.38 -27.13 -28.26
N SER F 183 16.47 -27.92 -28.82
CA SER F 183 15.43 -28.54 -28.01
C SER F 183 16.06 -29.30 -26.85
N GLU F 184 17.05 -30.14 -27.15
CA GLU F 184 17.72 -30.88 -26.09
C GLU F 184 18.32 -29.93 -25.08
N LEU F 185 18.70 -28.73 -25.51
CA LEU F 185 19.21 -27.71 -24.58
C LEU F 185 18.10 -27.05 -23.79
N ILE F 186 16.89 -26.97 -24.34
CA ILE F 186 15.80 -26.28 -23.65
C ILE F 186 14.55 -27.13 -23.57
N TYR F 187 14.70 -28.46 -23.56
CA TYR F 187 13.51 -29.30 -23.44
C TYR F 187 12.86 -29.10 -22.07
N GLU F 188 13.69 -28.84 -21.05
CA GLU F 188 13.18 -28.35 -19.78
C GLU F 188 12.35 -27.10 -19.98
N GLN F 189 12.65 -26.33 -21.01
CA GLN F 189 12.08 -25.00 -21.14
C GLN F 189 10.80 -25.03 -21.94
N PHE F 190 10.88 -25.54 -23.17
CA PHE F 190 9.75 -25.49 -24.07
C PHE F 190 8.54 -26.20 -23.49
N ILE F 191 8.77 -27.33 -22.81
CA ILE F 191 7.69 -27.98 -22.11
C ILE F 191 7.13 -27.07 -21.04
N ASN F 192 8.00 -26.46 -20.24
CA ASN F 192 7.54 -25.62 -19.14
C ASN F 192 6.74 -24.43 -19.66
N ASP F 193 7.29 -23.71 -20.63
CA ASP F 193 6.57 -22.57 -21.19
C ASP F 193 5.25 -22.98 -21.79
N SER F 194 5.24 -24.08 -22.55
CA SER F 194 3.98 -24.58 -23.09
C SER F 194 3.00 -24.86 -21.98
N VAL F 195 3.47 -25.47 -20.89
CA VAL F 195 2.61 -25.69 -19.74
C VAL F 195 2.11 -24.36 -19.19
N VAL F 196 3.01 -23.38 -19.07
CA VAL F 196 2.59 -22.06 -18.63
C VAL F 196 1.49 -21.56 -19.53
N GLN F 197 1.66 -21.74 -20.83
CA GLN F 197 0.80 -21.04 -21.77
C GLN F 197 -0.54 -21.75 -21.94
N ARG F 198 -0.52 -23.07 -22.08
CA ARG F 198 -1.77 -23.81 -22.19
C ARG F 198 -2.66 -23.55 -20.99
N ALA F 199 -2.06 -23.54 -19.79
CA ALA F 199 -2.84 -23.20 -18.61
C ALA F 199 -3.28 -21.74 -18.63
N SER F 200 -2.48 -20.87 -19.25
CA SER F 200 -2.82 -19.45 -19.26
C SER F 200 -4.14 -19.20 -19.97
N GLY F 201 -4.34 -19.85 -21.11
CA GLY F 201 -5.57 -19.64 -21.85
C GLY F 201 -6.80 -20.15 -21.14
N SER F 202 -6.70 -21.30 -20.47
CA SER F 202 -7.88 -21.92 -19.90
C SER F 202 -8.26 -21.35 -18.55
N ILE F 203 -7.42 -20.52 -17.94
CA ILE F 203 -7.74 -20.02 -16.61
C ILE F 203 -8.84 -18.97 -16.69
N ILE F 204 -8.87 -18.17 -17.75
CA ILE F 204 -9.83 -17.07 -17.82
C ILE F 204 -11.26 -17.59 -17.91
N GLU F 205 -11.49 -18.59 -18.74
CA GLU F 205 -12.84 -19.12 -18.86
C GLU F 205 -13.36 -19.65 -17.53
N LYS F 206 -12.47 -20.00 -16.61
CA LYS F 206 -12.87 -20.43 -15.29
C LYS F 206 -12.43 -19.44 -14.21
N ALA F 207 -12.22 -18.18 -14.60
CA ALA F 207 -11.71 -17.20 -13.64
C ALA F 207 -12.69 -16.96 -12.50
N SER F 208 -13.99 -17.11 -12.76
CA SER F 208 -14.98 -16.92 -11.71
C SER F 208 -16.24 -17.66 -12.11
N THR F 209 -16.74 -18.49 -11.22
CA THR F 209 -17.91 -19.31 -11.49
C THR F 209 -19.03 -18.90 -10.55
N PHE F 210 -20.16 -18.52 -11.11
CA PHE F 210 -21.35 -18.22 -10.31
C PHE F 210 -21.89 -19.54 -9.77
N VAL F 211 -22.37 -19.52 -8.54
CA VAL F 211 -22.78 -20.75 -7.85
C VAL F 211 -24.15 -20.53 -7.23
N TYR F 212 -25.10 -21.41 -7.56
CA TYR F 212 -26.42 -21.40 -6.94
C TYR F 212 -26.46 -22.51 -5.91
N LYS F 213 -25.94 -22.23 -4.71
CA LYS F 213 -26.15 -23.19 -3.64
C LYS F 213 -27.63 -23.17 -3.32
N ILE F 214 -28.36 -24.19 -3.74
CA ILE F 214 -29.82 -24.18 -3.70
C ILE F 214 -30.30 -25.32 -2.81
N LYS F 215 -31.10 -24.97 -1.80
CA LYS F 215 -31.65 -26.00 -0.92
C LYS F 215 -32.67 -26.83 -1.65
N GLY F 216 -32.64 -28.15 -1.42
CA GLY F 216 -33.54 -29.07 -2.04
C GLY F 216 -33.06 -29.66 -3.34
N TYR F 217 -32.07 -29.03 -3.99
CA TYR F 217 -31.51 -29.60 -5.20
C TYR F 217 -30.81 -30.92 -4.92
N LYS F 218 -30.44 -31.16 -3.65
CA LYS F 218 -30.19 -32.53 -3.22
C LYS F 218 -31.25 -33.47 -3.75
N GLN F 219 -32.51 -33.18 -3.44
CA GLN F 219 -33.58 -34.13 -3.70
C GLN F 219 -33.95 -34.15 -5.18
N LEU F 220 -34.00 -32.97 -5.81
CA LEU F 220 -34.49 -32.88 -7.18
C LEU F 220 -33.66 -33.75 -8.13
N ILE F 221 -32.34 -33.70 -8.00
CA ILE F 221 -31.51 -34.65 -8.72
C ILE F 221 -31.82 -36.05 -8.27
N GLN F 222 -31.93 -36.26 -6.96
CA GLN F 222 -32.14 -37.59 -6.43
C GLN F 222 -33.46 -38.17 -6.92
N ALA F 223 -34.48 -37.35 -7.06
CA ALA F 223 -35.72 -37.79 -7.67
C ALA F 223 -35.69 -37.65 -9.19
N LYS F 224 -34.57 -37.19 -9.74
CA LYS F 224 -34.36 -37.12 -11.18
C LYS F 224 -35.44 -36.28 -11.88
N LYS F 225 -36.22 -35.52 -11.12
CA LYS F 225 -37.18 -34.59 -11.67
C LYS F 225 -36.60 -33.19 -11.57
N GLU F 226 -35.31 -33.08 -11.82
CA GLU F 226 -34.58 -31.82 -11.72
C GLU F 226 -34.62 -31.03 -13.02
N GLU F 227 -35.52 -31.37 -13.92
CA GLU F 227 -35.57 -30.70 -15.22
C GLU F 227 -35.96 -29.24 -15.08
N ASP F 228 -36.91 -28.94 -14.19
CA ASP F 228 -37.45 -27.59 -14.14
C ASP F 228 -36.45 -26.60 -13.53
N ILE F 229 -35.73 -27.01 -12.49
CA ILE F 229 -34.81 -26.08 -11.83
C ILE F 229 -33.67 -25.70 -12.77
N ILE F 230 -33.22 -26.65 -13.59
CA ILE F 230 -32.22 -26.31 -14.60
C ILE F 230 -32.80 -25.33 -15.60
N LYS F 231 -34.05 -25.55 -16.00
CA LYS F 231 -34.69 -24.66 -16.96
C LYS F 231 -34.79 -23.24 -16.41
N TYR F 232 -35.23 -23.11 -15.16
CA TYR F 232 -35.34 -21.78 -14.57
C TYR F 232 -33.98 -21.11 -14.47
N VAL F 233 -32.96 -21.85 -14.04
CA VAL F 233 -31.63 -21.27 -13.96
C VAL F 233 -31.13 -20.90 -15.35
N SER F 234 -31.38 -21.75 -16.34
CA SER F 234 -30.96 -21.42 -17.69
C SER F 234 -31.64 -20.14 -18.18
N THR F 235 -32.94 -20.01 -17.93
CA THR F 235 -33.62 -18.76 -18.25
C THR F 235 -33.09 -17.62 -17.39
N CYS F 236 -32.81 -17.91 -16.11
CA CYS F 236 -32.28 -16.88 -15.23
C CYS F 236 -30.89 -16.43 -15.67
N GLU F 237 -30.00 -17.39 -15.94
CA GLU F 237 -28.70 -17.02 -16.47
C GLU F 237 -28.83 -16.31 -17.80
N ASP F 238 -29.88 -16.62 -18.56
CA ASP F 238 -30.13 -15.90 -19.80
C ASP F 238 -30.68 -14.52 -19.46
N GLY F 239 -29.86 -13.67 -18.90
CA GLY F 239 -30.32 -12.34 -18.53
C GLY F 239 -29.71 -11.85 -17.24
N ARG F 240 -28.98 -12.71 -16.53
CA ARG F 240 -28.28 -12.25 -15.35
C ARG F 240 -27.31 -11.15 -15.73
N SER F 241 -27.54 -9.94 -15.27
CA SER F 241 -26.78 -8.80 -15.73
C SER F 241 -26.74 -7.77 -14.61
N ILE F 242 -26.22 -6.58 -14.92
CA ILE F 242 -26.25 -5.49 -13.96
C ILE F 242 -27.67 -4.99 -13.79
N TYR F 243 -28.55 -5.31 -14.72
CA TYR F 243 -29.82 -4.62 -14.81
C TYR F 243 -30.96 -5.33 -14.10
N GLY F 244 -30.86 -6.65 -13.93
CA GLY F 244 -31.90 -7.38 -13.24
C GLY F 244 -31.37 -8.13 -12.05
N GLY F 245 -31.93 -7.87 -10.86
CA GLY F 245 -31.46 -8.53 -9.67
C GLY F 245 -32.00 -9.96 -9.56
N LEU F 246 -31.12 -10.87 -9.14
CA LEU F 246 -31.53 -12.23 -8.85
C LEU F 246 -32.67 -12.25 -7.85
N ILE F 247 -33.47 -13.31 -7.91
CA ILE F 247 -34.46 -13.59 -6.89
C ILE F 247 -34.21 -15.00 -6.39
N THR F 248 -33.76 -15.13 -5.15
CA THR F 248 -33.50 -16.43 -4.55
C THR F 248 -34.06 -16.41 -3.14
N ASP F 249 -33.72 -17.42 -2.36
CA ASP F 249 -34.42 -17.66 -1.10
C ASP F 249 -33.52 -17.44 0.09
N ALA F 250 -34.14 -17.30 1.25
CA ALA F 250 -33.38 -17.17 2.48
C ALA F 250 -32.50 -18.40 2.67
N ASP F 251 -33.08 -19.59 2.50
CA ASP F 251 -32.30 -20.81 2.59
C ASP F 251 -31.36 -20.95 1.41
N ASP F 252 -31.65 -20.31 0.28
CA ASP F 252 -30.74 -20.30 -0.83
C ASP F 252 -29.49 -19.49 -0.48
N GLU F 253 -28.45 -19.66 -1.29
CA GLU F 253 -27.24 -18.88 -1.10
C GLU F 253 -26.50 -18.81 -2.43
N VAL F 254 -26.43 -17.62 -3.00
CA VAL F 254 -25.63 -17.38 -4.19
C VAL F 254 -24.27 -16.89 -3.76
N SER F 255 -23.22 -17.48 -4.33
CA SER F 255 -21.85 -17.10 -4.02
C SER F 255 -21.04 -17.13 -5.29
N THR F 256 -19.85 -16.54 -5.24
CA THR F 256 -18.97 -16.53 -6.38
C THR F 256 -17.59 -17.00 -5.96
N LEU F 257 -16.98 -17.85 -6.77
CA LEU F 257 -15.68 -18.42 -6.51
C LEU F 257 -14.74 -18.01 -7.63
N THR F 258 -13.55 -17.55 -7.25
CA THR F 258 -12.55 -17.19 -8.24
C THR F 258 -11.36 -18.12 -8.13
N GLN F 259 -10.86 -18.57 -9.26
CA GLN F 259 -9.60 -19.29 -9.33
C GLN F 259 -8.77 -18.67 -10.43
N SER F 260 -7.49 -18.45 -10.16
CA SER F 260 -6.63 -17.87 -11.15
C SER F 260 -5.19 -18.17 -10.79
N LEU F 261 -4.35 -18.25 -11.82
CA LEU F 261 -2.94 -18.55 -11.62
C LEU F 261 -2.31 -17.38 -10.89
N THR F 262 -2.08 -17.55 -9.58
CA THR F 262 -1.62 -16.45 -8.76
C THR F 262 -0.22 -15.99 -9.15
N ASP F 263 0.60 -16.90 -9.65
CA ASP F 263 1.96 -16.53 -10.03
C ASP F 263 2.24 -16.88 -11.47
N LEU F 264 1.30 -16.55 -12.35
CA LEU F 264 1.50 -16.79 -13.77
C LEU F 264 2.67 -15.99 -14.30
N ASP F 265 2.76 -14.72 -13.90
CA ASP F 265 3.84 -13.87 -14.41
C ASP F 265 5.21 -14.34 -13.90
N LYS F 266 5.29 -14.77 -12.65
CA LYS F 266 6.58 -15.19 -12.09
C LYS F 266 7.13 -16.39 -12.85
N VAL F 267 6.33 -17.45 -13.00
CA VAL F 267 6.81 -18.64 -13.67
C VAL F 267 7.08 -18.35 -15.14
N ASP F 268 6.18 -17.62 -15.81
CA ASP F 268 6.45 -17.23 -17.18
C ASP F 268 7.70 -16.37 -17.25
N ASN F 269 7.99 -15.61 -16.19
CA ASN F 269 9.23 -14.87 -16.15
C ASN F 269 10.42 -15.81 -16.08
N VAL F 270 10.40 -16.75 -15.13
CA VAL F 270 11.55 -17.63 -14.94
C VAL F 270 11.83 -18.45 -16.19
N THR F 271 10.79 -19.01 -16.79
CA THR F 271 10.98 -19.84 -17.98
C THR F 271 11.59 -19.03 -19.13
N LEU F 272 11.09 -17.81 -19.33
CA LEU F 272 11.61 -17.01 -20.43
C LEU F 272 13.05 -16.55 -20.17
N ARG F 273 13.40 -16.30 -18.91
CA ARG F 273 14.77 -15.89 -18.62
C ARG F 273 15.76 -16.94 -19.10
N ARG F 274 15.48 -18.20 -18.77
CA ARG F 274 16.42 -19.26 -19.13
C ARG F 274 16.54 -19.42 -20.64
N ILE F 275 15.43 -19.35 -21.36
CA ILE F 275 15.48 -19.53 -22.81
C ILE F 275 16.33 -18.43 -23.43
N ALA F 276 16.26 -17.22 -22.89
CA ALA F 276 17.16 -16.17 -23.34
C ALA F 276 18.61 -16.54 -23.08
N MET F 277 18.89 -17.08 -21.90
CA MET F 277 20.21 -17.60 -21.61
C MET F 277 20.68 -18.65 -22.60
N VAL F 278 19.99 -19.79 -22.63
CA VAL F 278 20.52 -20.95 -23.32
C VAL F 278 20.61 -20.68 -24.81
N THR F 279 19.55 -20.10 -25.40
CA THR F 279 19.61 -19.77 -26.82
C THR F 279 20.63 -18.68 -27.10
N GLY F 280 20.87 -17.81 -26.13
CA GLY F 280 21.76 -16.69 -26.31
C GLY F 280 21.07 -15.41 -26.74
N LEU F 281 19.86 -15.49 -27.28
CA LEU F 281 19.12 -14.30 -27.61
C LEU F 281 18.74 -13.56 -26.34
N GLY F 282 18.55 -12.25 -26.47
CA GLY F 282 18.25 -11.45 -25.31
C GLY F 282 16.90 -11.79 -24.69
N MET F 283 16.68 -11.26 -23.49
CA MET F 283 15.36 -11.35 -22.89
C MET F 283 14.36 -10.52 -23.69
N THR F 284 14.80 -9.38 -24.24
CA THR F 284 13.89 -8.49 -24.93
C THR F 284 13.20 -9.17 -26.11
N VAL F 285 13.92 -10.04 -26.81
CA VAL F 285 13.33 -10.65 -28.00
C VAL F 285 12.23 -11.63 -27.60
N LEU F 286 12.45 -12.40 -26.53
CA LEU F 286 11.42 -13.34 -26.10
C LEU F 286 10.16 -12.62 -25.65
N ILE F 287 10.32 -11.55 -24.86
CA ILE F 287 9.19 -10.69 -24.52
C ILE F 287 8.56 -10.08 -25.75
N GLY F 288 9.34 -9.81 -26.78
CA GLY F 288 8.82 -9.21 -27.98
C GLY F 288 9.08 -7.73 -28.11
N GLU F 289 9.79 -7.13 -27.16
CA GLU F 289 10.18 -5.73 -27.26
C GLU F 289 11.47 -5.62 -28.08
N GLN F 290 11.39 -6.13 -29.31
CA GLN F 290 12.55 -6.13 -30.19
C GLN F 290 12.98 -4.72 -30.56
N ALA F 291 12.13 -3.73 -30.38
CA ALA F 291 12.46 -2.36 -30.80
C ALA F 291 13.59 -1.78 -29.97
N SER F 292 13.73 -2.20 -28.72
CA SER F 292 14.64 -1.52 -27.79
C SER F 292 16.09 -1.58 -28.21
N GLY F 293 16.69 -2.77 -28.20
CA GLY F 293 18.12 -2.86 -28.41
C GLY F 293 18.60 -4.07 -29.18
N LEU F 294 17.67 -4.92 -29.61
CA LEU F 294 18.02 -6.12 -30.38
C LEU F 294 17.49 -5.94 -31.80
N ASN F 295 18.38 -5.63 -32.73
CA ASN F 295 17.99 -5.23 -34.07
C ASN F 295 18.92 -5.91 -35.07
N ALA F 296 18.87 -5.45 -36.31
CA ALA F 296 19.70 -6.01 -37.37
C ALA F 296 21.06 -5.31 -37.44
N SER F 297 21.06 -3.99 -37.58
CA SER F 297 22.29 -3.25 -37.76
C SER F 297 23.23 -3.45 -36.57
N GLY F 298 24.49 -3.74 -36.87
CA GLY F 298 25.46 -4.12 -35.87
C GLY F 298 26.18 -2.98 -35.18
N GLU F 299 25.73 -1.74 -35.37
CA GLU F 299 26.38 -0.60 -34.72
C GLU F 299 26.45 -0.81 -33.22
N LYS F 300 25.29 -0.88 -32.57
CA LYS F 300 25.19 -1.17 -31.15
C LYS F 300 24.14 -2.21 -30.81
N GLU F 301 23.14 -2.42 -31.66
CA GLU F 301 22.00 -3.23 -31.30
C GLU F 301 22.25 -4.72 -31.52
N ARG F 302 22.76 -5.09 -32.69
CA ARG F 302 23.15 -6.49 -32.91
C ARG F 302 24.26 -6.89 -31.96
N GLN F 303 25.00 -5.90 -31.43
CA GLN F 303 26.03 -6.11 -30.43
C GLN F 303 25.42 -6.67 -29.14
N GLY F 304 24.10 -6.55 -29.00
CA GLY F 304 23.39 -7.03 -27.83
C GLY F 304 23.64 -8.50 -27.56
N PHE F 305 23.77 -9.29 -28.62
CA PHE F 305 24.10 -10.70 -28.47
C PHE F 305 25.05 -11.20 -29.55
N GLN F 306 25.73 -10.31 -30.27
CA GLN F 306 26.58 -10.75 -31.37
C GLN F 306 27.66 -11.71 -30.88
N ASP F 307 28.04 -11.60 -29.61
CA ASP F 307 29.02 -12.52 -29.05
C ASP F 307 28.54 -13.96 -29.13
N THR F 308 27.27 -14.19 -28.81
CA THR F 308 26.71 -15.53 -28.94
C THR F 308 26.77 -16.00 -30.39
N ILE F 309 26.38 -15.14 -31.33
CA ILE F 309 26.45 -15.50 -32.73
C ILE F 309 27.90 -15.69 -33.17
N GLU F 310 28.78 -14.78 -32.74
CA GLU F 310 30.19 -14.96 -33.02
C GLU F 310 30.70 -16.26 -32.42
N ASN F 311 30.25 -16.57 -31.20
CA ASN F 311 30.54 -17.87 -30.62
C ASN F 311 29.95 -18.99 -31.48
N LEU F 312 28.80 -18.75 -32.10
CA LEU F 312 28.26 -19.71 -33.06
C LEU F 312 29.04 -19.66 -34.37
N GLN F 313 29.46 -18.46 -34.78
CA GLN F 313 30.11 -18.30 -36.06
C GLN F 313 31.46 -18.99 -36.12
N SER F 314 32.19 -19.06 -35.01
CA SER F 314 33.54 -19.61 -35.01
C SER F 314 33.60 -20.98 -34.36
N ASP F 315 32.46 -21.65 -34.16
CA ASP F 315 32.45 -22.96 -33.54
C ASP F 315 31.87 -24.04 -34.45
N TYR F 316 30.67 -23.85 -34.98
CA TYR F 316 30.01 -24.88 -35.75
C TYR F 316 29.76 -24.50 -37.19
N LEU F 317 30.00 -23.25 -37.57
CA LEU F 317 29.83 -22.83 -38.95
C LEU F 317 31.14 -22.71 -39.69
N GLU F 318 32.26 -22.49 -38.99
CA GLU F 318 33.54 -22.37 -39.67
C GLU F 318 34.01 -23.71 -40.23
N ASP F 319 33.93 -24.78 -39.42
CA ASP F 319 34.29 -26.13 -39.86
C ASP F 319 33.72 -26.47 -41.23
N PRO F 320 32.41 -26.49 -41.41
CA PRO F 320 31.87 -27.03 -42.66
C PRO F 320 31.91 -26.02 -43.78
N LEU F 321 31.74 -24.74 -43.46
CA LEU F 321 31.84 -23.72 -44.49
C LEU F 321 33.22 -23.72 -45.13
N ASN F 322 34.26 -23.84 -44.30
CA ASN F 322 35.60 -23.98 -44.85
C ASN F 322 35.73 -25.25 -45.66
N ARG F 323 35.17 -26.35 -45.16
CA ARG F 323 35.14 -27.58 -45.95
C ARG F 323 34.35 -27.38 -47.22
N LEU F 324 33.21 -26.69 -47.14
CA LEU F 324 32.45 -26.37 -48.33
C LEU F 324 33.21 -25.40 -49.22
N ALA F 325 34.02 -24.54 -48.61
CA ALA F 325 34.78 -23.57 -49.40
C ALA F 325 35.76 -24.27 -50.34
N GLU F 326 36.46 -25.29 -49.85
CA GLU F 326 37.47 -25.95 -50.68
C GLU F 326 36.83 -26.81 -51.75
N ILE F 327 35.68 -27.43 -51.45
CA ILE F 327 35.08 -28.35 -52.41
C ILE F 327 34.59 -27.64 -53.65
N PHE F 328 34.37 -26.33 -53.59
CA PHE F 328 33.95 -25.55 -54.74
C PHE F 328 35.07 -24.69 -55.29
N GLN F 329 36.29 -24.90 -54.84
CA GLN F 329 37.46 -24.11 -55.19
C GLN F 329 37.35 -22.66 -54.74
N LEU F 330 36.35 -22.34 -53.93
CA LEU F 330 36.29 -21.01 -53.34
C LEU F 330 37.36 -20.86 -52.27
N GLY F 331 37.70 -19.62 -51.98
CA GLY F 331 38.70 -19.34 -50.97
C GLY F 331 38.17 -19.56 -49.57
N PHE F 332 39.08 -19.45 -48.61
CA PHE F 332 38.73 -19.58 -47.21
C PHE F 332 37.76 -18.48 -46.82
N ILE F 333 36.61 -18.86 -46.27
CA ILE F 333 35.55 -17.91 -45.96
C ILE F 333 35.44 -17.76 -44.45
N GLU F 334 35.41 -16.50 -44.00
CA GLU F 334 35.29 -16.19 -42.58
C GLU F 334 34.23 -15.13 -42.37
N PHE F 335 34.16 -14.58 -41.15
CA PHE F 335 33.21 -13.53 -40.82
C PHE F 335 33.93 -12.38 -40.15
N LYS F 336 33.48 -11.15 -40.42
CA LYS F 336 34.02 -9.98 -39.75
C LYS F 336 33.04 -8.84 -39.89
N ASP F 337 32.58 -8.30 -38.77
CA ASP F 337 31.65 -7.19 -38.77
C ASP F 337 32.33 -5.88 -39.13
N ARG F 346 27.03 2.85 -39.69
CA ARG F 346 27.90 1.92 -40.41
C ARG F 346 29.32 2.50 -40.51
N VAL F 347 29.87 2.45 -41.72
CA VAL F 347 31.19 3.01 -41.95
C VAL F 347 31.21 4.51 -41.71
N GLU F 348 30.06 5.18 -41.87
CA GLU F 348 29.98 6.60 -41.56
C GLU F 348 30.40 6.88 -40.12
N TYR F 349 30.18 5.93 -39.22
CA TYR F 349 30.72 6.05 -37.87
C TYR F 349 32.24 6.09 -37.89
N ASP F 350 32.85 5.22 -38.69
CA ASP F 350 34.30 5.12 -38.78
C ASP F 350 34.92 6.25 -39.59
N LYS F 351 34.16 6.88 -40.47
CA LYS F 351 34.73 7.87 -41.38
C LYS F 351 35.30 9.07 -40.64
N LYS F 352 34.63 9.54 -39.59
CA LYS F 352 35.17 10.65 -38.81
C LYS F 352 36.55 10.32 -38.27
N ALA F 353 36.77 9.07 -37.87
CA ALA F 353 38.11 8.63 -37.52
C ALA F 353 39.02 8.61 -38.74
N VAL F 354 38.46 8.24 -39.89
CA VAL F 354 39.28 8.16 -41.11
C VAL F 354 39.89 9.52 -41.43
N ASP F 355 39.09 10.58 -41.32
CA ASP F 355 39.62 11.92 -41.53
C ASP F 355 40.67 12.25 -40.49
N VAL F 356 40.47 11.80 -39.25
CA VAL F 356 41.48 11.99 -38.21
C VAL F 356 42.79 11.34 -38.62
N ALA F 357 42.70 10.15 -39.24
CA ALA F 357 43.90 9.50 -39.75
C ALA F 357 44.56 10.33 -40.83
N LYS F 358 43.76 10.94 -41.71
CA LYS F 358 44.34 11.77 -42.77
C LYS F 358 45.05 12.98 -42.20
N VAL F 359 44.46 13.62 -41.19
CA VAL F 359 44.96 14.88 -40.68
C VAL F 359 46.10 14.62 -39.70
N LEU F 360 46.53 13.36 -39.60
CA LEU F 360 47.65 13.04 -38.71
C LEU F 360 48.94 13.68 -39.18
N TRP F 361 49.23 13.64 -40.49
CA TRP F 361 50.56 14.01 -40.97
C TRP F 361 50.58 15.33 -41.74
N GLU F 362 49.87 15.40 -42.86
CA GLU F 362 49.92 16.53 -43.78
C GLU F 362 51.34 17.05 -43.98
N LEU F 363 52.27 16.11 -44.20
CA LEU F 363 53.68 16.44 -44.39
C LEU F 363 53.82 17.04 -45.79
N GLY F 364 53.43 18.31 -45.90
CA GLY F 364 53.10 18.80 -47.22
C GLY F 364 51.82 18.11 -47.60
N GLU F 365 51.90 17.12 -48.48
CA GLU F 365 50.81 16.17 -48.66
C GLU F 365 51.40 14.78 -48.84
N ASP F 366 51.08 13.87 -47.92
CA ASP F 366 51.52 12.49 -47.98
C ASP F 366 50.37 11.58 -47.59
N TYR F 367 50.42 10.35 -48.06
CA TYR F 367 49.34 9.40 -47.83
C TYR F 367 49.29 9.01 -46.36
N GLY F 368 48.09 9.05 -45.79
CA GLY F 368 47.91 8.50 -44.46
C GLY F 368 48.05 7.00 -44.52
N ALA F 369 49.16 6.47 -43.99
CA ALA F 369 49.41 5.04 -44.07
C ALA F 369 48.33 4.24 -43.37
N TYR F 370 47.69 4.84 -42.36
CA TYR F 370 46.65 4.16 -41.60
C TYR F 370 45.32 4.14 -42.34
N LEU F 371 45.21 4.84 -43.46
CA LEU F 371 43.97 4.82 -44.23
C LEU F 371 43.64 3.42 -44.71
N LYS F 372 44.65 2.69 -45.21
CA LYS F 372 44.40 1.37 -45.78
C LYS F 372 43.90 0.38 -44.72
N ASP F 373 44.55 0.37 -43.57
CA ASP F 373 44.21 -0.61 -42.52
C ASP F 373 43.02 -0.12 -41.72
N LYS F 374 41.96 0.25 -42.43
CA LYS F 374 40.64 0.57 -41.89
C LYS F 374 39.64 0.41 -43.03
N ASP F 375 38.43 0.95 -42.84
CA ASP F 375 37.40 0.91 -43.88
C ASP F 375 37.58 2.09 -44.83
N VAL F 376 38.64 2.00 -45.64
CA VAL F 376 38.86 2.98 -46.69
C VAL F 376 37.78 2.86 -47.76
N VAL F 377 37.31 1.64 -48.01
CA VAL F 377 36.30 1.40 -49.02
C VAL F 377 35.04 0.84 -48.36
N ASP G 9 18.34 -34.19 -10.98
CA ASP G 9 17.22 -33.43 -10.45
C ASP G 9 16.00 -34.33 -10.27
N VAL G 10 16.23 -35.63 -10.06
CA VAL G 10 15.16 -36.61 -9.89
C VAL G 10 15.60 -37.70 -8.91
N LEU G 11 14.95 -37.76 -7.74
CA LEU G 11 15.21 -38.85 -6.78
C LEU G 11 14.33 -38.76 -5.54
N SER G 12 14.23 -39.90 -4.85
CA SER G 12 13.74 -40.01 -3.47
C SER G 12 12.30 -39.55 -3.33
N GLY G 13 11.41 -40.18 -4.07
CA GLY G 13 9.99 -39.87 -4.00
C GLY G 13 9.31 -40.20 -5.31
N LEU G 14 8.08 -39.71 -5.43
CA LEU G 14 7.35 -39.81 -6.68
C LEU G 14 7.39 -38.50 -7.44
N ILE G 15 8.19 -37.54 -6.98
CA ILE G 15 8.44 -36.31 -7.72
C ILE G 15 8.85 -36.64 -9.16
N ASN G 16 9.50 -37.78 -9.34
CA ASN G 16 10.07 -38.13 -10.63
C ASN G 16 9.00 -38.14 -11.71
N ARG G 17 7.76 -38.44 -11.32
CA ARG G 17 6.73 -38.78 -12.28
C ARG G 17 5.77 -37.63 -12.53
N ARG G 18 5.46 -36.85 -11.51
CA ARG G 18 4.40 -35.86 -11.61
C ARG G 18 4.89 -34.48 -12.04
N ASN G 19 6.18 -34.29 -12.24
CA ASN G 19 6.65 -32.99 -12.66
C ASN G 19 6.30 -32.76 -14.13
N SER G 20 6.51 -31.53 -14.59
CA SER G 20 6.18 -31.18 -15.96
C SER G 20 7.03 -31.96 -16.95
N MET G 21 8.10 -32.58 -16.48
CA MET G 21 8.95 -33.35 -17.37
C MET G 21 8.20 -34.52 -17.98
N ALA G 22 7.80 -35.48 -17.16
CA ALA G 22 7.20 -36.70 -17.67
C ALA G 22 5.68 -36.67 -17.68
N ARG G 23 5.06 -35.68 -17.05
CA ARG G 23 3.61 -35.68 -16.98
C ARG G 23 2.99 -35.39 -18.33
N ASN G 24 3.76 -34.84 -19.25
CA ASN G 24 3.27 -34.55 -20.59
C ASN G 24 4.40 -34.52 -21.61
N ARG G 25 4.20 -35.22 -22.72
CA ARG G 25 5.13 -35.20 -23.83
C ARG G 25 4.68 -34.18 -24.85
N VAL G 26 5.57 -33.84 -25.77
CA VAL G 26 5.33 -32.77 -26.72
C VAL G 26 4.56 -33.32 -27.92
N SER G 27 3.68 -32.49 -28.48
CA SER G 27 2.98 -32.79 -29.71
C SER G 27 2.48 -31.49 -30.31
N HIS G 28 2.35 -31.46 -31.63
CA HIS G 28 1.97 -30.25 -32.35
C HIS G 28 0.69 -30.48 -33.13
N ARG G 29 -0.22 -29.52 -33.08
CA ARG G 29 -1.44 -29.60 -33.83
C ARG G 29 -1.17 -29.37 -35.31
N TYR G 30 -1.99 -29.99 -36.15
CA TYR G 30 -2.01 -29.75 -37.60
C TYR G 30 -3.36 -29.14 -37.91
N LEU G 31 -3.47 -27.82 -37.89
CA LEU G 31 -4.75 -27.21 -38.14
C LEU G 31 -5.17 -27.43 -39.60
N SER G 32 -6.43 -27.77 -39.80
CA SER G 32 -6.92 -28.16 -41.10
C SER G 32 -6.94 -26.97 -42.04
N ASP G 33 -7.11 -27.27 -43.33
CA ASP G 33 -7.16 -26.19 -44.33
C ASP G 33 -8.33 -25.27 -44.09
N GLU G 34 -9.49 -25.82 -43.71
CA GLU G 34 -10.65 -24.96 -43.49
C GLU G 34 -10.43 -24.03 -42.30
N GLU G 35 -9.79 -24.52 -41.24
CA GLU G 35 -9.42 -23.65 -40.15
C GLU G 35 -8.35 -22.65 -40.58
N MET G 36 -7.47 -23.08 -41.48
CA MET G 36 -6.47 -22.16 -42.02
C MET G 36 -7.16 -21.03 -42.76
N ARG G 37 -8.26 -21.34 -43.46
CA ARG G 37 -9.02 -20.32 -44.16
C ARG G 37 -9.60 -19.29 -43.20
N VAL G 38 -10.18 -19.77 -42.09
CA VAL G 38 -10.93 -18.88 -41.21
C VAL G 38 -10.02 -17.81 -40.62
N MET G 39 -8.83 -18.22 -40.17
CA MET G 39 -7.92 -17.25 -39.56
C MET G 39 -7.47 -16.19 -40.55
N TYR G 40 -7.39 -16.53 -41.83
CA TYR G 40 -7.07 -15.51 -42.82
C TYR G 40 -8.11 -14.41 -42.80
N LYS G 41 -9.37 -14.76 -42.54
CA LYS G 41 -10.41 -13.75 -42.42
C LYS G 41 -10.37 -13.02 -41.10
N ALA G 42 -9.92 -13.67 -40.03
CA ALA G 42 -10.05 -13.08 -38.70
C ALA G 42 -9.20 -11.82 -38.59
N GLY G 43 -9.71 -10.86 -37.80
CA GLY G 43 -9.12 -9.54 -37.80
C GLY G 43 -7.67 -9.53 -37.34
N LEU G 44 -7.37 -10.27 -36.28
CA LEU G 44 -6.04 -10.19 -35.68
C LEU G 44 -4.96 -10.55 -36.69
N MET G 45 -4.97 -11.78 -37.18
CA MET G 45 -3.94 -12.16 -38.12
C MET G 45 -4.06 -11.44 -39.44
N SER G 46 -5.24 -10.90 -39.76
CA SER G 46 -5.38 -10.12 -40.98
C SER G 46 -4.37 -8.98 -40.99
N LYS G 47 -4.16 -8.34 -39.85
CA LYS G 47 -3.12 -7.33 -39.77
C LYS G 47 -1.74 -7.98 -39.75
N ILE G 48 -1.60 -9.11 -39.06
CA ILE G 48 -0.34 -9.84 -39.06
C ILE G 48 0.10 -10.11 -40.49
N ILE G 49 -0.77 -10.73 -41.27
CA ILE G 49 -0.41 -11.08 -42.64
C ILE G 49 -0.15 -9.81 -43.44
N ARG G 50 -1.03 -8.82 -43.29
CA ARG G 50 -0.87 -7.57 -44.03
C ARG G 50 0.42 -6.86 -43.63
N LEU G 51 0.70 -6.78 -42.33
CA LEU G 51 1.89 -6.05 -41.88
C LEU G 51 3.16 -6.70 -42.40
N LYS G 52 3.32 -8.00 -42.15
CA LYS G 52 4.56 -8.65 -42.50
C LYS G 52 4.78 -8.67 -44.00
N ALA G 53 3.73 -8.90 -44.78
CA ALA G 53 3.87 -8.89 -46.23
C ALA G 53 4.27 -7.52 -46.72
N GLY G 54 3.59 -6.47 -46.24
CA GLY G 54 3.95 -5.12 -46.67
C GLY G 54 5.35 -4.74 -46.26
N TYR G 55 5.74 -5.09 -45.03
CA TYR G 55 7.08 -4.76 -44.56
C TYR G 55 8.15 -5.46 -45.39
N ALA G 56 7.77 -6.49 -46.14
CA ALA G 56 8.76 -7.19 -46.95
C ALA G 56 8.90 -6.58 -48.33
N LEU G 57 7.80 -6.08 -48.89
CA LEU G 57 7.78 -5.68 -50.29
C LEU G 57 7.67 -4.18 -50.53
N ASN G 58 7.31 -3.40 -49.52
CA ASN G 58 7.07 -1.97 -49.74
C ASN G 58 8.41 -1.29 -50.04
N ASP G 59 8.67 -1.07 -51.32
CA ASP G 59 9.81 -0.28 -51.78
C ASP G 59 11.11 -0.76 -51.13
N THR G 60 11.29 -2.07 -51.11
CA THR G 60 12.47 -2.67 -50.51
C THR G 60 13.22 -3.53 -51.53
N LEU G 61 12.87 -3.41 -52.80
CA LEU G 61 13.33 -4.33 -53.84
C LEU G 61 14.43 -3.66 -54.64
N LYS G 62 15.66 -4.12 -54.44
CA LYS G 62 16.79 -3.63 -55.22
C LYS G 62 16.72 -4.21 -56.62
N PHE G 63 16.57 -3.33 -57.62
CA PHE G 63 16.53 -3.75 -59.00
C PHE G 63 17.86 -3.41 -59.66
N GLU G 64 18.54 -4.43 -60.18
CA GLU G 64 19.78 -4.19 -60.90
C GLU G 64 19.53 -3.81 -62.36
N SER G 65 18.27 -3.77 -62.78
CA SER G 65 17.89 -3.40 -64.14
C SER G 65 17.26 -2.02 -64.09
N THR G 66 18.10 -0.99 -64.15
CA THR G 66 17.58 0.38 -64.20
C THR G 66 16.76 0.60 -65.47
N GLN G 67 17.25 0.10 -66.60
CA GLN G 67 16.50 0.19 -67.85
C GLN G 67 15.16 -0.51 -67.69
N ASP G 68 14.11 0.13 -68.20
CA ASP G 68 12.73 -0.27 -67.90
C ASP G 68 12.57 -0.46 -66.40
N GLN G 69 12.84 0.64 -65.69
CA GLN G 69 12.87 0.62 -64.23
C GLN G 69 11.58 0.06 -63.67
N GLU G 70 11.71 -1.05 -62.94
CA GLU G 70 10.61 -1.61 -62.17
C GLU G 70 9.38 -1.88 -63.04
N ILE G 71 9.62 -2.44 -64.23
CA ILE G 71 8.50 -2.99 -64.99
C ILE G 71 7.81 -4.06 -64.18
N TYR G 72 8.54 -4.68 -63.25
CA TYR G 72 7.96 -5.51 -62.21
C TYR G 72 6.89 -4.74 -61.43
N LYS G 73 7.12 -3.45 -61.20
CA LYS G 73 6.31 -2.73 -60.22
C LYS G 73 4.89 -2.52 -60.72
N LYS G 74 4.74 -2.08 -61.97
CA LYS G 74 3.43 -1.71 -62.48
C LYS G 74 2.62 -2.90 -62.97
N ARG G 75 3.20 -4.10 -63.03
CA ARG G 75 2.56 -5.24 -63.66
C ARG G 75 2.19 -6.33 -62.66
N LEU G 76 3.13 -6.82 -61.87
CA LEU G 76 2.86 -7.92 -60.97
C LEU G 76 3.46 -7.76 -59.58
N SER G 77 4.16 -6.66 -59.30
CA SER G 77 4.64 -6.43 -57.94
C SER G 77 3.47 -6.35 -56.98
N LYS G 78 2.28 -6.13 -57.51
CA LYS G 78 1.07 -6.19 -56.72
C LYS G 78 0.49 -7.59 -56.70
N HIS G 79 0.70 -8.37 -57.76
CA HIS G 79 0.33 -9.78 -57.73
C HIS G 79 1.13 -10.53 -56.68
N VAL G 80 2.43 -10.27 -56.59
CA VAL G 80 3.26 -10.96 -55.62
C VAL G 80 2.79 -10.67 -54.20
N LYS G 81 2.39 -9.43 -53.91
CA LYS G 81 2.03 -9.06 -52.56
C LYS G 81 0.82 -9.84 -52.09
N ASN G 82 -0.21 -9.94 -52.93
CA ASN G 82 -1.32 -10.82 -52.61
C ASN G 82 -0.85 -12.26 -52.50
N ALA G 83 0.11 -12.63 -53.33
CA ALA G 83 0.62 -13.99 -53.28
C ALA G 83 1.47 -14.22 -52.05
N THR G 84 2.37 -13.29 -51.73
CA THR G 84 3.18 -13.48 -50.53
C THR G 84 2.36 -13.33 -49.26
N LYS G 85 1.22 -12.63 -49.34
CA LYS G 85 0.24 -12.71 -48.28
C LYS G 85 -0.28 -14.13 -48.15
N PHE G 86 -0.55 -14.77 -49.29
CA PHE G 86 -1.04 -16.14 -49.28
C PHE G 86 0.02 -17.09 -48.76
N MET G 87 1.30 -16.70 -48.84
CA MET G 87 2.33 -17.43 -48.12
C MET G 87 1.99 -17.50 -46.64
N LEU G 88 1.92 -16.34 -46.00
CA LEU G 88 1.73 -16.30 -44.56
C LEU G 88 0.37 -16.85 -44.16
N GLY G 89 -0.66 -16.57 -44.95
CA GLY G 89 -1.99 -16.99 -44.58
C GLY G 89 -2.16 -18.50 -44.57
N PHE G 90 -1.59 -19.18 -45.57
CA PHE G 90 -1.84 -20.60 -45.74
C PHE G 90 -0.58 -21.44 -45.84
N GLY G 91 0.60 -20.83 -45.83
CA GLY G 91 1.79 -21.62 -46.03
C GLY G 91 2.08 -21.94 -47.46
N ARG G 92 1.29 -21.42 -48.41
CA ARG G 92 1.53 -21.69 -49.82
C ARG G 92 0.95 -20.53 -50.63
N GLY G 93 1.83 -19.64 -51.06
CA GLY G 93 1.48 -18.66 -52.07
C GLY G 93 1.89 -19.16 -53.44
N VAL G 94 1.07 -18.88 -54.44
CA VAL G 94 1.29 -19.42 -55.77
C VAL G 94 1.12 -18.31 -56.80
N ILE G 95 2.07 -18.23 -57.73
CA ILE G 95 1.95 -17.42 -58.94
C ILE G 95 1.95 -18.36 -60.12
N VAL G 96 0.93 -18.25 -60.97
CA VAL G 96 0.77 -19.10 -62.14
C VAL G 96 0.92 -18.24 -63.38
N VAL G 97 1.74 -18.70 -64.31
CA VAL G 97 1.95 -18.01 -65.58
C VAL G 97 1.73 -18.99 -66.72
N PHE G 98 1.01 -18.54 -67.75
CA PHE G 98 0.83 -19.33 -68.95
C PHE G 98 0.47 -18.41 -70.10
N LYS G 99 0.69 -18.90 -71.31
CA LYS G 99 0.48 -18.10 -72.51
C LYS G 99 -1.02 -18.00 -72.80
N ASN G 100 -1.36 -17.46 -73.97
CA ASN G 100 -2.77 -17.32 -74.31
C ASN G 100 -3.47 -18.66 -74.49
N GLY G 101 -2.72 -19.75 -74.62
CA GLY G 101 -3.31 -21.07 -74.77
C GLY G 101 -3.14 -21.92 -73.53
N ASP G 102 -4.24 -22.30 -72.91
CA ASP G 102 -4.18 -23.10 -71.69
C ASP G 102 -3.45 -24.41 -71.93
N ASP G 103 -2.50 -24.73 -71.06
CA ASP G 103 -1.67 -25.91 -71.23
C ASP G 103 -1.48 -26.61 -69.91
N LEU G 104 -1.59 -27.95 -69.94
CA LEU G 104 -1.24 -28.74 -68.77
C LEU G 104 0.27 -28.82 -68.61
N SER G 105 1.00 -28.86 -69.72
CA SER G 105 2.43 -29.17 -69.73
C SER G 105 3.25 -27.89 -69.58
N LYS G 106 4.56 -28.02 -69.79
CA LYS G 106 5.51 -26.99 -69.44
C LYS G 106 5.39 -25.79 -70.39
N PRO G 107 5.81 -24.60 -69.94
CA PRO G 107 5.83 -23.44 -70.84
C PRO G 107 6.98 -23.56 -71.81
N LEU G 108 6.70 -23.21 -73.06
CA LEU G 108 7.70 -23.32 -74.11
C LEU G 108 8.76 -22.25 -73.88
N GLU G 109 9.82 -22.62 -73.16
CA GLU G 109 10.93 -21.72 -72.88
C GLU G 109 12.05 -21.86 -73.89
N ARG G 110 11.84 -22.63 -74.97
CA ARG G 110 12.81 -22.65 -76.06
C ARG G 110 13.02 -21.25 -76.61
N GLY G 111 11.93 -20.52 -76.85
CA GLY G 111 11.97 -19.08 -76.89
C GLY G 111 11.19 -18.57 -75.70
N VAL G 112 11.89 -18.04 -74.69
CA VAL G 112 11.22 -17.67 -73.45
C VAL G 112 10.15 -16.64 -73.74
N ASP G 113 8.97 -16.84 -73.15
CA ASP G 113 7.77 -16.09 -73.48
C ASP G 113 7.98 -14.60 -73.32
N PRO G 114 8.07 -13.85 -74.41
CA PRO G 114 8.30 -12.40 -74.33
C PRO G 114 7.02 -11.60 -74.06
N LYS G 115 6.67 -11.54 -72.77
CA LYS G 115 5.49 -10.82 -72.27
C LYS G 115 4.25 -11.05 -73.11
N LEU G 116 4.09 -12.25 -73.65
CA LEU G 116 2.87 -12.66 -74.35
C LEU G 116 2.02 -13.55 -73.46
N LEU G 117 1.98 -13.23 -72.16
CA LEU G 117 1.56 -14.15 -71.14
C LEU G 117 0.70 -13.45 -70.10
N LYS G 118 -0.08 -14.25 -69.36
CA LYS G 118 -0.96 -13.77 -68.31
C LYS G 118 -0.41 -14.19 -66.94
N ILE G 119 -0.99 -13.62 -65.90
CA ILE G 119 -0.51 -13.80 -64.53
C ILE G 119 -1.69 -14.21 -63.65
N ARG G 120 -1.46 -15.17 -62.77
CA ARG G 120 -2.44 -15.58 -61.79
C ARG G 120 -1.75 -15.71 -60.43
N VAL G 121 -2.54 -15.55 -59.36
CA VAL G 121 -2.07 -15.73 -58.00
C VAL G 121 -3.07 -16.59 -57.25
N PHE G 122 -2.57 -17.52 -56.44
CA PHE G 122 -3.44 -18.50 -55.81
C PHE G 122 -3.03 -18.74 -54.37
N SER G 123 -4.03 -18.85 -53.49
CA SER G 123 -3.82 -19.22 -52.10
C SER G 123 -3.51 -20.70 -51.99
N GLY G 124 -2.87 -21.07 -50.88
CA GLY G 124 -2.61 -22.47 -50.60
C GLY G 124 -3.86 -23.29 -50.36
N ASP G 125 -5.00 -22.64 -50.16
CA ASP G 125 -6.26 -23.37 -50.02
C ASP G 125 -6.60 -24.11 -51.31
N ILE G 126 -6.87 -23.37 -52.37
CA ILE G 126 -7.22 -24.01 -53.63
C ILE G 126 -6.00 -24.61 -54.30
N ALA G 127 -4.85 -23.96 -54.21
CA ALA G 127 -3.63 -24.57 -54.69
C ALA G 127 -3.20 -25.71 -53.77
N LYS G 128 -2.23 -26.48 -54.24
CA LYS G 128 -1.67 -27.57 -53.45
C LYS G 128 -0.53 -28.19 -54.24
N GLY G 129 0.32 -28.94 -53.56
CA GLY G 129 1.41 -29.66 -54.22
C GLY G 129 1.13 -31.16 -54.27
N ASN G 130 1.48 -31.78 -55.39
CA ASN G 130 1.10 -33.18 -55.61
C ASN G 130 2.29 -34.13 -55.74
N ASN G 131 3.18 -33.93 -56.70
CA ASN G 131 4.00 -35.04 -57.17
C ASN G 131 5.47 -34.80 -56.89
N PRO G 132 6.05 -35.44 -55.87
CA PRO G 132 7.50 -35.36 -55.65
C PRO G 132 8.24 -36.53 -56.25
N ASP G 133 9.39 -36.29 -56.85
CA ASP G 133 10.24 -37.39 -57.27
C ASP G 133 11.08 -37.84 -56.08
N ASN G 134 10.85 -39.07 -55.63
CA ASN G 134 11.59 -39.56 -54.48
C ASN G 134 13.06 -39.82 -54.78
N ASP G 135 13.45 -39.87 -56.05
CA ASP G 135 14.85 -40.01 -56.40
C ASP G 135 15.56 -38.67 -56.28
N LEU G 136 16.88 -38.72 -56.24
CA LEU G 136 17.69 -37.53 -56.04
C LEU G 136 18.08 -36.85 -57.35
N ARG G 137 17.44 -37.21 -58.46
CA ARG G 137 17.95 -36.81 -59.77
C ARG G 137 17.73 -35.33 -60.05
N SER G 138 16.47 -34.92 -60.17
CA SER G 138 16.15 -33.58 -60.66
C SER G 138 15.84 -32.60 -59.53
N GLU G 139 14.79 -32.88 -58.76
CA GLU G 139 14.39 -32.05 -57.65
C GLU G 139 14.12 -32.97 -56.47
N ARG G 140 14.67 -32.64 -55.32
CA ARG G 140 14.68 -33.57 -54.21
C ARG G 140 13.25 -33.70 -53.66
N TYR G 141 13.08 -34.54 -52.64
CA TYR G 141 11.77 -34.80 -52.04
C TYR G 141 10.99 -33.53 -51.77
N TYR G 142 11.66 -32.40 -51.58
CA TYR G 142 11.01 -31.12 -51.39
C TYR G 142 10.13 -30.77 -52.59
N LYS G 143 10.77 -30.53 -53.73
CA LYS G 143 10.11 -29.84 -54.83
C LYS G 143 9.11 -30.74 -55.52
N PRO G 144 7.85 -30.36 -55.63
CA PRO G 144 6.90 -31.12 -56.43
C PRO G 144 7.26 -31.06 -57.90
N LYS G 145 6.66 -31.98 -58.67
CA LYS G 145 6.91 -32.04 -60.11
C LYS G 145 5.69 -31.67 -60.95
N ASN G 146 4.49 -31.80 -60.40
CA ASN G 146 3.27 -31.38 -61.07
C ASN G 146 2.14 -31.41 -60.05
N TYR G 147 1.36 -30.34 -59.97
CA TYR G 147 0.29 -30.32 -59.00
C TYR G 147 -0.92 -29.56 -59.54
N THR G 148 -2.05 -29.82 -58.92
CA THR G 148 -3.33 -29.28 -59.36
C THR G 148 -3.61 -27.97 -58.63
N ILE G 149 -4.07 -26.98 -59.39
CA ILE G 149 -4.44 -25.70 -58.81
C ILE G 149 -5.93 -25.68 -58.52
N LYS G 150 -6.70 -26.45 -59.27
CA LYS G 150 -8.15 -26.58 -59.26
C LYS G 150 -8.44 -27.91 -59.93
N GLY G 151 -9.66 -28.06 -60.43
CA GLY G 151 -9.92 -29.15 -61.35
C GLY G 151 -8.84 -29.30 -62.41
N HIS G 152 -8.22 -28.20 -62.81
CA HIS G 152 -7.13 -28.25 -63.78
C HIS G 152 -5.84 -28.70 -63.10
N THR G 153 -4.77 -28.76 -63.89
CA THR G 153 -3.44 -29.09 -63.39
C THR G 153 -2.44 -28.15 -64.07
N ILE G 154 -1.33 -27.88 -63.39
CA ILE G 154 -0.31 -26.99 -63.92
C ILE G 154 1.07 -27.62 -63.78
N HIS G 155 1.88 -27.47 -64.83
CA HIS G 155 3.23 -28.01 -64.84
C HIS G 155 4.09 -27.33 -63.79
N TRP G 156 5.12 -28.04 -63.33
CA TRP G 156 6.00 -27.51 -62.31
C TRP G 156 6.71 -26.25 -62.76
N THR G 157 7.41 -26.31 -63.89
CA THR G 157 8.12 -25.13 -64.36
C THR G 157 7.17 -24.04 -64.80
N ARG G 158 5.88 -24.35 -64.98
CA ARG G 158 4.89 -23.31 -65.21
C ARG G 158 4.74 -22.40 -64.00
N VAL G 159 4.77 -22.97 -62.81
CA VAL G 159 4.23 -22.34 -61.62
C VAL G 159 5.35 -21.90 -60.69
N VAL G 160 5.12 -20.77 -60.02
CA VAL G 160 6.04 -20.21 -59.03
C VAL G 160 5.40 -20.35 -57.66
N ASP G 161 6.14 -20.90 -56.70
CA ASP G 161 5.61 -21.29 -55.40
C ASP G 161 6.20 -20.40 -54.33
N PHE G 162 5.33 -19.76 -53.56
CA PHE G 162 5.73 -18.95 -52.40
C PHE G 162 5.62 -19.83 -51.16
N THR G 163 6.71 -20.51 -50.82
CA THR G 163 6.70 -21.49 -49.76
C THR G 163 7.30 -20.89 -48.49
N TYR G 164 6.57 -20.99 -47.39
CA TYR G 164 7.01 -20.46 -46.11
C TYR G 164 7.93 -21.47 -45.41
N TYR G 165 8.17 -21.23 -44.14
CA TYR G 165 8.94 -22.09 -43.25
C TYR G 165 8.51 -23.55 -43.35
N MET G 166 9.41 -24.41 -43.83
CA MET G 166 9.04 -25.80 -44.09
C MET G 166 9.48 -26.70 -42.96
N PRO G 167 8.69 -27.72 -42.64
CA PRO G 167 9.08 -28.67 -41.59
C PRO G 167 10.07 -29.71 -42.09
N SER G 168 10.36 -30.70 -41.27
CA SER G 168 11.23 -31.78 -41.69
C SER G 168 10.56 -32.60 -42.79
N GLU G 169 11.40 -33.22 -43.63
CA GLU G 169 10.92 -33.89 -44.82
C GLU G 169 10.01 -35.07 -44.48
N ASN G 170 10.29 -35.75 -43.36
CA ASN G 170 9.51 -36.92 -42.96
C ASN G 170 8.02 -36.62 -42.88
N GLU G 171 7.65 -35.35 -42.80
CA GLU G 171 6.25 -34.96 -42.65
C GLU G 171 5.84 -33.89 -43.64
N LEU G 172 6.68 -33.57 -44.61
CA LEU G 172 6.34 -32.56 -45.60
C LEU G 172 5.02 -32.81 -46.33
N PRO G 173 4.64 -34.05 -46.68
CA PRO G 173 3.31 -34.22 -47.31
C PRO G 173 2.16 -33.73 -46.47
N ASP G 174 2.23 -33.82 -45.14
CA ASP G 174 1.10 -33.37 -44.33
C ASP G 174 0.82 -31.89 -44.50
N TYR G 175 1.81 -31.12 -44.95
CA TYR G 175 1.57 -29.75 -45.36
C TYR G 175 1.45 -29.64 -46.87
N TYR G 176 1.41 -30.77 -47.56
CA TYR G 176 1.27 -30.86 -49.00
C TYR G 176 2.34 -30.00 -49.69
N TYR G 177 3.59 -30.29 -49.35
CA TYR G 177 4.76 -29.88 -50.13
C TYR G 177 4.87 -28.36 -50.22
N GLY G 178 5.07 -27.77 -49.05
CA GLY G 178 5.43 -26.37 -49.00
C GLY G 178 4.88 -25.58 -47.83
N GLY G 179 5.78 -24.88 -47.15
CA GLY G 179 5.42 -23.85 -46.20
C GLY G 179 4.57 -24.26 -45.01
N MET G 180 4.24 -23.26 -44.21
CA MET G 180 3.49 -23.45 -42.97
C MET G 180 2.80 -22.14 -42.66
N SER G 181 1.48 -22.16 -42.57
CA SER G 181 0.76 -20.93 -42.26
C SER G 181 1.20 -20.41 -40.91
N GLU G 182 1.26 -19.09 -40.78
CA GLU G 182 1.55 -18.49 -39.48
C GLU G 182 0.56 -19.01 -38.44
N SER G 183 -0.67 -19.30 -38.87
CA SER G 183 -1.65 -19.89 -37.97
C SER G 183 -1.08 -21.13 -37.31
N GLU G 184 -0.51 -22.03 -38.13
CA GLU G 184 0.09 -23.23 -37.57
C GLU G 184 1.19 -22.88 -36.58
N LEU G 185 1.84 -21.73 -36.77
CA LEU G 185 2.84 -21.27 -35.83
C LEU G 185 2.23 -20.66 -34.58
N ILE G 186 1.02 -20.10 -34.67
CA ILE G 186 0.42 -19.45 -33.52
C ILE G 186 -1.00 -19.94 -33.27
N TYR G 187 -1.31 -21.17 -33.66
CA TYR G 187 -2.65 -21.68 -33.39
C TYR G 187 -2.87 -21.81 -31.89
N GLU G 188 -1.81 -22.15 -31.16
CA GLU G 188 -1.82 -22.02 -29.71
C GLU G 188 -2.21 -20.62 -29.29
N GLN G 189 -1.89 -19.63 -30.13
CA GLN G 189 -2.00 -18.24 -29.71
C GLN G 189 -3.37 -17.68 -30.05
N PHE G 190 -3.74 -17.73 -31.32
CA PHE G 190 -4.96 -17.09 -31.78
C PHE G 190 -6.17 -17.64 -31.04
N ILE G 191 -6.18 -18.95 -30.80
CA ILE G 191 -7.25 -19.51 -29.99
C ILE G 191 -7.22 -18.92 -28.60
N ASN G 192 -6.03 -18.86 -27.98
CA ASN G 192 -5.94 -18.38 -26.62
C ASN G 192 -6.39 -16.92 -26.52
N ASP G 193 -5.86 -16.07 -27.39
CA ASP G 193 -6.24 -14.66 -27.37
C ASP G 193 -7.73 -14.50 -27.62
N SER G 194 -8.27 -15.23 -28.59
CA SER G 194 -9.71 -15.18 -28.82
C SER G 194 -10.47 -15.58 -27.57
N VAL G 195 -9.99 -16.62 -26.89
CA VAL G 195 -10.61 -17.01 -25.62
C VAL G 195 -10.49 -15.88 -24.61
N VAL G 196 -9.31 -15.26 -24.54
CA VAL G 196 -9.16 -14.11 -23.64
C VAL G 196 -10.19 -13.06 -23.98
N GLN G 197 -10.39 -12.82 -25.27
CA GLN G 197 -11.15 -11.66 -25.66
C GLN G 197 -12.64 -11.90 -25.59
N ARG G 198 -13.11 -13.06 -26.06
CA ARG G 198 -14.53 -13.37 -25.97
C ARG G 198 -14.98 -13.34 -24.52
N ALA G 199 -14.17 -13.89 -23.62
CA ALA G 199 -14.50 -13.80 -22.21
C ALA G 199 -14.42 -12.37 -21.70
N SER G 200 -13.54 -11.56 -22.30
CA SER G 200 -13.37 -10.19 -21.81
C SER G 200 -14.65 -9.39 -21.98
N GLY G 201 -15.31 -9.53 -23.12
CA GLY G 201 -16.53 -8.78 -23.35
C GLY G 201 -17.68 -9.19 -22.45
N SER G 202 -17.80 -10.48 -22.18
CA SER G 202 -18.96 -10.95 -21.45
C SER G 202 -18.83 -10.82 -19.94
N ILE G 203 -17.65 -10.48 -19.43
CA ILE G 203 -17.48 -10.41 -17.99
C ILE G 203 -18.16 -9.16 -17.43
N ILE G 204 -18.15 -8.06 -18.19
CA ILE G 204 -18.67 -6.80 -17.65
C ILE G 204 -20.17 -6.90 -17.42
N GLU G 205 -20.91 -7.46 -18.37
CA GLU G 205 -22.35 -7.56 -18.19
C GLU G 205 -22.70 -8.37 -16.95
N LYS G 206 -21.80 -9.22 -16.49
CA LYS G 206 -22.02 -9.98 -15.26
C LYS G 206 -21.06 -9.56 -14.16
N ALA G 207 -20.51 -8.34 -14.25
CA ALA G 207 -19.52 -7.91 -13.28
C ALA G 207 -20.09 -7.85 -11.87
N SER G 208 -21.38 -7.58 -11.74
CA SER G 208 -21.99 -7.52 -10.42
C SER G 208 -23.47 -7.74 -10.59
N THR G 209 -24.02 -8.68 -9.82
CA THR G 209 -25.43 -9.03 -9.91
C THR G 209 -26.10 -8.72 -8.59
N PHE G 210 -27.14 -7.89 -8.64
CA PHE G 210 -27.94 -7.61 -7.47
C PHE G 210 -28.76 -8.85 -7.16
N VAL G 211 -28.92 -9.15 -5.86
CA VAL G 211 -29.56 -10.40 -5.44
C VAL G 211 -30.61 -10.09 -4.38
N TYR G 212 -31.84 -10.52 -4.62
CA TYR G 212 -32.90 -10.41 -3.63
C TYR G 212 -33.10 -11.76 -2.96
N LYS G 213 -32.25 -12.05 -1.97
CA LYS G 213 -32.53 -13.23 -1.17
C LYS G 213 -33.81 -12.96 -0.40
N ILE G 214 -34.92 -13.56 -0.82
CA ILE G 214 -36.24 -13.21 -0.33
C ILE G 214 -36.85 -14.43 0.34
N LYS G 215 -37.25 -14.27 1.59
CA LYS G 215 -37.90 -15.37 2.30
C LYS G 215 -39.29 -15.61 1.75
N GLY G 216 -39.64 -16.88 1.60
CA GLY G 216 -40.91 -17.28 1.07
C GLY G 216 -40.96 -17.48 -0.42
N TYR G 217 -39.99 -16.94 -1.15
CA TYR G 217 -39.94 -17.17 -2.59
C TYR G 217 -39.67 -18.64 -2.91
N LYS G 218 -39.14 -19.38 -1.94
CA LYS G 218 -39.28 -20.84 -1.97
C LYS G 218 -40.68 -21.23 -2.37
N GLN G 219 -41.67 -20.78 -1.61
CA GLN G 219 -43.02 -21.28 -1.77
C GLN G 219 -43.69 -20.68 -3.00
N LEU G 220 -43.48 -19.39 -3.25
CA LEU G 220 -44.20 -18.72 -4.32
C LEU G 220 -43.94 -19.37 -5.67
N ILE G 221 -42.69 -19.69 -5.96
CA ILE G 221 -42.40 -20.50 -7.14
C ILE G 221 -43.06 -21.86 -6.99
N GLN G 222 -42.94 -22.46 -5.81
CA GLN G 222 -43.47 -23.81 -5.62
C GLN G 222 -44.97 -23.84 -5.80
N ALA G 223 -45.67 -22.78 -5.38
CA ALA G 223 -47.08 -22.67 -5.67
C ALA G 223 -47.34 -22.03 -7.02
N LYS G 224 -46.29 -21.69 -7.75
CA LYS G 224 -46.39 -21.17 -9.12
C LYS G 224 -47.25 -19.93 -9.20
N LYS G 225 -47.54 -19.30 -8.05
CA LYS G 225 -48.24 -18.03 -8.00
C LYS G 225 -47.21 -16.93 -7.73
N GLU G 226 -46.04 -17.07 -8.33
CA GLU G 226 -44.93 -16.15 -8.14
C GLU G 226 -44.99 -14.97 -9.10
N GLU G 227 -46.14 -14.75 -9.74
CA GLU G 227 -46.24 -13.68 -10.72
C GLU G 227 -46.07 -12.30 -10.08
N ASP G 228 -46.65 -12.11 -8.90
CA ASP G 228 -46.67 -10.77 -8.32
C ASP G 228 -45.30 -10.34 -7.83
N ILE G 229 -44.54 -11.25 -7.20
CA ILE G 229 -43.25 -10.85 -6.66
C ILE G 229 -42.28 -10.49 -7.77
N ILE G 230 -42.36 -11.16 -8.91
CA ILE G 230 -41.56 -10.75 -10.06
C ILE G 230 -42.00 -9.37 -10.52
N LYS G 231 -43.30 -9.12 -10.56
CA LYS G 231 -43.79 -7.82 -11.00
C LYS G 231 -43.29 -6.71 -10.09
N TYR G 232 -43.37 -6.91 -8.77
CA TYR G 232 -42.89 -5.89 -7.85
C TYR G 232 -41.40 -5.65 -8.01
N VAL G 233 -40.62 -6.73 -8.13
CA VAL G 233 -39.19 -6.55 -8.33
C VAL G 233 -38.92 -5.85 -9.66
N SER G 234 -39.65 -6.22 -10.71
CA SER G 234 -39.45 -5.56 -11.98
C SER G 234 -39.76 -4.07 -11.87
N THR G 235 -40.85 -3.71 -11.20
CA THR G 235 -41.12 -2.30 -10.95
C THR G 235 -40.06 -1.70 -10.03
N CYS G 236 -39.62 -2.47 -9.03
CA CYS G 236 -38.59 -1.99 -8.12
C CYS G 236 -37.27 -1.77 -8.86
N GLU G 237 -36.83 -2.76 -9.63
CA GLU G 237 -35.64 -2.56 -10.43
C GLU G 237 -35.82 -1.42 -11.41
N ASP G 238 -37.04 -1.18 -11.86
CA ASP G 238 -37.31 -0.03 -12.71
C ASP G 238 -37.28 1.23 -11.88
N GLY G 239 -36.11 1.61 -11.39
CA GLY G 239 -36.00 2.78 -10.55
C GLY G 239 -34.99 2.63 -9.45
N ARG G 240 -34.46 1.43 -9.26
CA ARG G 240 -33.41 1.25 -8.28
C ARG G 240 -32.23 2.14 -8.66
N SER G 241 -31.94 3.13 -7.84
CA SER G 241 -30.95 4.14 -8.19
C SER G 241 -30.32 4.68 -6.92
N ILE G 242 -29.52 5.73 -7.06
CA ILE G 242 -28.97 6.38 -5.89
C ILE G 242 -30.06 7.12 -5.14
N TYR G 243 -31.18 7.37 -5.79
CA TYR G 243 -32.13 8.36 -5.30
C TYR G 243 -33.25 7.73 -4.48
N GLY G 244 -33.57 6.47 -4.69
CA GLY G 244 -34.62 5.83 -3.93
C GLY G 244 -34.12 4.59 -3.21
N GLY G 245 -34.29 4.56 -1.89
CA GLY G 245 -33.82 3.42 -1.12
C GLY G 245 -34.76 2.24 -1.23
N LEU G 246 -34.16 1.05 -1.36
CA LEU G 246 -34.94 -0.19 -1.33
C LEU G 246 -35.76 -0.27 -0.07
N ILE G 247 -36.86 -1.01 -0.14
CA ILE G 247 -37.64 -1.38 1.03
C ILE G 247 -37.78 -2.89 1.03
N THR G 248 -37.12 -3.54 1.98
CA THR G 248 -37.19 -4.99 2.11
C THR G 248 -37.40 -5.32 3.57
N ASP G 249 -37.25 -6.59 3.91
CA ASP G 249 -37.69 -7.07 5.21
C ASP G 249 -36.52 -7.51 6.07
N ALA G 250 -36.79 -7.64 7.37
CA ALA G 250 -35.77 -8.14 8.27
C ALA G 250 -35.35 -9.54 7.85
N ASP G 251 -36.32 -10.40 7.57
CA ASP G 251 -35.98 -11.73 7.08
C ASP G 251 -35.43 -11.68 5.66
N ASP G 252 -35.73 -10.63 4.91
CA ASP G 252 -35.14 -10.47 3.60
C ASP G 252 -33.66 -10.17 3.73
N GLU G 253 -32.93 -10.30 2.63
CA GLU G 253 -31.52 -9.95 2.61
C GLU G 253 -31.11 -9.60 1.20
N VAL G 254 -30.78 -8.35 0.97
CA VAL G 254 -30.23 -7.92 -0.32
C VAL G 254 -28.71 -7.96 -0.22
N SER G 255 -28.08 -8.56 -1.22
CA SER G 255 -26.63 -8.65 -1.27
C SER G 255 -26.18 -8.44 -2.70
N THR G 256 -24.88 -8.23 -2.87
CA THR G 256 -24.33 -8.04 -4.19
C THR G 256 -23.12 -8.95 -4.37
N LEU G 257 -23.04 -9.59 -5.53
CA LEU G 257 -21.97 -10.52 -5.86
C LEU G 257 -21.23 -9.99 -7.06
N THR G 258 -19.90 -9.99 -6.97
CA THR G 258 -19.07 -9.57 -8.10
C THR G 258 -18.28 -10.76 -8.61
N GLN G 259 -18.22 -10.88 -9.93
CA GLN G 259 -17.33 -11.82 -10.57
C GLN G 259 -16.61 -11.09 -11.69
N SER G 260 -15.31 -11.30 -11.77
CA SER G 260 -14.54 -10.64 -12.81
C SER G 260 -13.24 -11.39 -13.01
N LEU G 261 -12.73 -11.32 -14.23
CA LEU G 261 -11.49 -12.00 -14.59
C LEU G 261 -10.36 -11.35 -13.80
N THR G 262 -9.92 -12.02 -12.73
CA THR G 262 -8.94 -11.42 -11.84
C THR G 262 -7.60 -11.22 -12.51
N ASP G 263 -7.26 -12.08 -13.47
CA ASP G 263 -5.97 -11.94 -14.14
C ASP G 263 -6.15 -11.83 -15.65
N LEU G 264 -7.10 -10.99 -16.06
CA LEU G 264 -7.31 -10.76 -17.49
C LEU G 264 -6.09 -10.13 -18.13
N ASP G 265 -5.48 -9.16 -17.45
CA ASP G 265 -4.33 -8.48 -18.03
C ASP G 265 -3.12 -9.42 -18.13
N LYS G 266 -2.91 -10.27 -17.13
CA LYS G 266 -1.76 -11.16 -17.14
C LYS G 266 -1.82 -12.12 -18.32
N VAL G 267 -2.93 -12.82 -18.48
CA VAL G 267 -3.04 -13.78 -19.57
C VAL G 267 -3.04 -13.08 -20.91
N ASP G 268 -3.75 -11.97 -21.03
CA ASP G 268 -3.68 -11.20 -22.27
C ASP G 268 -2.26 -10.71 -22.51
N ASN G 269 -1.51 -10.46 -21.44
CA ASN G 269 -0.11 -10.10 -21.60
C ASN G 269 0.68 -11.28 -22.16
N VAL G 270 0.56 -12.45 -21.54
CA VAL G 270 1.35 -13.61 -21.95
C VAL G 270 1.05 -13.97 -23.40
N THR G 271 -0.22 -14.01 -23.76
CA THR G 271 -0.58 -14.40 -25.13
C THR G 271 -0.01 -13.42 -26.14
N LEU G 272 -0.10 -12.12 -25.86
CA LEU G 272 0.41 -11.15 -26.81
C LEU G 272 1.93 -11.18 -26.90
N ARG G 273 2.62 -11.47 -25.80
CA ARG G 273 4.07 -11.54 -25.86
C ARG G 273 4.51 -12.57 -26.88
N ARG G 274 3.91 -13.76 -26.84
CA ARG G 274 4.33 -14.82 -27.74
C ARG G 274 4.06 -14.47 -29.20
N ILE G 275 2.90 -13.88 -29.48
CA ILE G 275 2.58 -13.55 -30.87
C ILE G 275 3.58 -12.55 -31.42
N ALA G 276 4.04 -11.63 -30.58
CA ALA G 276 5.12 -10.74 -31.00
C ALA G 276 6.38 -11.53 -31.32
N MET G 277 6.71 -12.50 -30.48
CA MET G 277 7.82 -13.39 -30.77
C MET G 277 7.68 -14.11 -32.09
N VAL G 278 6.66 -14.97 -32.20
CA VAL G 278 6.60 -15.90 -33.31
C VAL G 278 6.44 -15.17 -34.64
N THR G 279 5.54 -14.19 -34.67
CA THR G 279 5.38 -13.40 -35.89
C THR G 279 6.62 -12.58 -36.18
N GLY G 280 7.34 -12.18 -35.15
CA GLY G 280 8.49 -11.32 -35.30
C GLY G 280 8.20 -9.84 -35.14
N LEU G 281 6.94 -9.44 -35.26
CA LEU G 281 6.59 -8.05 -35.01
C LEU G 281 6.78 -7.73 -33.55
N GLY G 282 7.01 -6.46 -33.25
CA GLY G 282 7.26 -6.07 -31.89
C GLY G 282 6.06 -6.25 -31.00
N MET G 283 6.30 -6.13 -29.69
CA MET G 283 5.19 -6.09 -28.76
C MET G 283 4.37 -4.82 -28.93
N THR G 284 5.04 -3.71 -29.28
CA THR G 284 4.35 -2.44 -29.38
C THR G 284 3.24 -2.48 -30.42
N VAL G 285 3.44 -3.19 -31.52
CA VAL G 285 2.43 -3.19 -32.58
C VAL G 285 1.18 -3.94 -32.12
N LEU G 286 1.36 -5.06 -31.42
CA LEU G 286 0.20 -5.81 -30.94
C LEU G 286 -0.61 -5.00 -29.94
N ILE G 287 0.07 -4.35 -29.00
CA ILE G 287 -0.60 -3.42 -28.11
C ILE G 287 -1.24 -2.28 -28.87
N GLY G 288 -0.67 -1.87 -29.98
CA GLY G 288 -1.21 -0.78 -30.75
C GLY G 288 -0.51 0.55 -30.55
N GLU G 289 0.56 0.59 -29.76
CA GLU G 289 1.35 1.79 -29.61
C GLU G 289 2.39 1.85 -30.73
N GLN G 290 1.88 1.84 -31.96
CA GLN G 290 2.75 1.85 -33.13
C GLN G 290 3.54 3.15 -33.24
N ALA G 291 3.13 4.20 -32.54
CA ALA G 291 3.80 5.50 -32.66
C ALA G 291 5.21 5.46 -32.12
N SER G 292 5.48 4.61 -31.13
CA SER G 292 6.73 4.67 -30.39
C SER G 292 7.96 4.40 -31.25
N GLY G 293 8.11 3.18 -31.74
CA GLY G 293 9.33 2.82 -32.42
C GLY G 293 9.19 1.87 -33.59
N LEU G 294 7.98 1.48 -33.92
CA LEU G 294 7.71 0.58 -35.03
C LEU G 294 6.98 1.37 -36.11
N ASN G 295 7.70 1.75 -37.16
CA ASN G 295 7.17 2.67 -38.15
C ASN G 295 7.58 2.17 -39.53
N ALA G 296 7.42 3.04 -40.53
CA ALA G 296 7.75 2.69 -41.90
C ALA G 296 9.21 3.01 -42.22
N SER G 297 9.62 4.26 -42.00
CA SER G 297 10.96 4.69 -42.35
C SER G 297 12.01 3.86 -41.62
N GLY G 298 13.01 3.39 -42.36
CA GLY G 298 14.00 2.46 -41.87
C GLY G 298 15.19 3.07 -41.17
N GLU G 299 15.15 4.36 -40.86
CA GLU G 299 16.27 5.01 -40.19
C GLU G 299 16.59 4.28 -38.89
N LYS G 300 15.64 4.28 -37.95
CA LYS G 300 15.78 3.55 -36.71
C LYS G 300 14.54 2.75 -36.32
N GLU G 301 13.37 3.11 -36.85
CA GLU G 301 12.12 2.52 -36.37
C GLU G 301 11.80 1.19 -37.04
N ARG G 302 11.89 1.13 -38.37
CA ARG G 302 11.73 -0.15 -39.06
C ARG G 302 12.83 -1.12 -38.66
N GLN G 303 13.95 -0.59 -38.14
CA GLN G 303 15.05 -1.37 -37.61
C GLN G 303 14.59 -2.17 -36.39
N GLY G 304 13.45 -1.78 -35.82
CA GLY G 304 12.89 -2.46 -34.66
C GLY G 304 12.69 -3.94 -34.87
N PHE G 305 12.31 -4.32 -36.10
CA PHE G 305 12.17 -5.73 -36.43
C PHE G 305 12.63 -6.05 -37.84
N GLN G 306 13.40 -5.16 -38.49
CA GLN G 306 13.79 -5.38 -39.87
C GLN G 306 14.55 -6.69 -40.02
N ASP G 307 15.22 -7.13 -38.96
CA ASP G 307 15.95 -8.40 -39.00
C ASP G 307 15.00 -9.55 -39.30
N THR G 308 13.82 -9.55 -38.68
CA THR G 308 12.84 -10.58 -38.96
C THR G 308 12.41 -10.53 -40.43
N ILE G 309 12.14 -9.32 -40.92
CA ILE G 309 11.76 -9.17 -42.33
C ILE G 309 12.93 -9.55 -43.23
N GLU G 310 14.14 -9.09 -42.88
CA GLU G 310 15.31 -9.51 -43.64
C GLU G 310 15.48 -11.01 -43.58
N ASN G 311 15.23 -11.61 -42.41
CA ASN G 311 15.19 -13.06 -42.33
C ASN G 311 14.09 -13.62 -43.22
N LEU G 312 12.97 -12.91 -43.35
CA LEU G 312 11.95 -13.31 -44.31
C LEU G 312 12.38 -13.00 -45.73
N GLN G 313 13.08 -11.88 -45.92
CA GLN G 313 13.44 -11.44 -47.26
C GLN G 313 14.43 -12.38 -47.93
N SER G 314 15.32 -13.01 -47.16
CA SER G 314 16.37 -13.85 -47.73
C SER G 314 16.11 -15.34 -47.52
N ASP G 315 14.90 -15.72 -47.15
CA ASP G 315 14.58 -17.12 -46.93
C ASP G 315 13.49 -17.64 -47.86
N TYR G 316 12.34 -16.98 -47.91
CA TYR G 316 11.21 -17.49 -48.68
C TYR G 316 10.80 -16.57 -49.81
N LEU G 317 11.36 -15.37 -49.90
CA LEU G 317 11.04 -14.47 -50.98
C LEU G 317 12.11 -14.43 -52.06
N GLU G 318 13.35 -14.76 -51.71
CA GLU G 318 14.43 -14.74 -52.69
C GLU G 318 14.28 -15.86 -53.71
N ASP G 319 14.02 -17.09 -53.24
CA ASP G 319 13.81 -18.24 -54.11
C ASP G 319 12.87 -17.94 -55.27
N PRO G 320 11.62 -17.56 -55.01
CA PRO G 320 10.66 -17.49 -56.12
C PRO G 320 10.79 -16.19 -56.90
N LEU G 321 11.13 -15.10 -56.21
CA LEU G 321 11.34 -13.84 -56.92
C LEU G 321 12.47 -13.97 -57.93
N ASN G 322 13.56 -14.62 -57.54
CA ASN G 322 14.62 -14.88 -58.50
C ASN G 322 14.13 -15.79 -59.62
N ARG G 323 13.36 -16.82 -59.28
CA ARG G 323 12.75 -17.65 -60.30
C ARG G 323 11.81 -16.82 -61.17
N LEU G 324 11.01 -15.95 -60.53
CA LEU G 324 10.16 -15.07 -61.31
C LEU G 324 10.99 -14.06 -62.10
N ALA G 325 12.16 -13.69 -61.57
CA ALA G 325 13.00 -12.73 -62.28
C ALA G 325 13.45 -13.28 -63.63
N GLU G 326 13.86 -14.55 -63.67
CA GLU G 326 14.38 -15.11 -64.92
C GLU G 326 13.27 -15.35 -65.92
N ILE G 327 12.08 -15.73 -65.45
CA ILE G 327 11.00 -16.08 -66.38
C ILE G 327 10.52 -14.88 -67.17
N PHE G 328 10.76 -13.67 -66.69
CA PHE G 328 10.39 -12.46 -67.40
C PHE G 328 11.58 -11.76 -68.03
N GLN G 329 12.74 -12.42 -68.07
CA GLN G 329 14.00 -11.87 -68.55
C GLN G 329 14.48 -10.69 -67.72
N LEU G 330 13.84 -10.43 -66.58
CA LEU G 330 14.37 -9.42 -65.67
C LEU G 330 15.63 -9.93 -64.99
N GLY G 331 16.43 -8.98 -64.51
CA GLY G 331 17.66 -9.33 -63.83
C GLY G 331 17.41 -9.89 -62.45
N PHE G 332 18.50 -10.34 -61.84
CA PHE G 332 18.44 -10.87 -60.48
C PHE G 332 18.01 -9.76 -59.53
N ILE G 333 16.95 -10.00 -58.77
CA ILE G 333 16.36 -9.00 -57.89
C ILE G 333 16.65 -9.35 -56.44
N GLU G 334 17.14 -8.38 -55.69
CA GLU G 334 17.46 -8.56 -54.28
C GLU G 334 16.89 -7.41 -53.47
N PHE G 335 17.27 -7.32 -52.20
CA PHE G 335 16.83 -6.24 -51.32
C PHE G 335 18.02 -5.62 -50.63
N LYS G 336 17.96 -4.31 -50.42
CA LYS G 336 19.00 -3.62 -49.66
C LYS G 336 18.46 -2.28 -49.18
N ASP G 337 18.47 -2.07 -47.87
CA ASP G 337 17.97 -0.84 -47.28
C ASP G 337 18.97 0.30 -47.48
N ARG G 346 16.93 9.69 -44.00
CA ARG G 346 17.24 8.90 -45.18
C ARG G 346 18.70 9.09 -45.57
N VAL G 347 18.94 9.34 -46.87
CA VAL G 347 20.29 9.60 -47.34
C VAL G 347 20.86 10.87 -46.73
N GLU G 348 19.99 11.81 -46.34
CA GLU G 348 20.47 13.01 -45.65
C GLU G 348 21.26 12.66 -44.40
N TYR G 349 20.94 11.54 -43.76
CA TYR G 349 21.78 11.05 -42.68
C TYR G 349 23.17 10.72 -43.17
N ASP G 350 23.26 10.06 -44.33
CA ASP G 350 24.54 9.65 -44.88
C ASP G 350 25.31 10.78 -45.52
N LYS G 351 24.62 11.87 -45.91
CA LYS G 351 25.28 12.92 -46.67
C LYS G 351 26.37 13.62 -45.85
N LYS G 352 26.14 13.82 -44.56
CA LYS G 352 27.18 14.44 -43.73
C LYS G 352 28.46 13.61 -43.76
N ALA G 353 28.32 12.28 -43.80
CA ALA G 353 29.49 11.43 -44.01
C ALA G 353 30.04 11.61 -45.42
N VAL G 354 29.15 11.82 -46.40
CA VAL G 354 29.60 11.96 -47.78
C VAL G 354 30.55 13.15 -47.91
N ASP G 355 30.19 14.27 -47.28
CA ASP G 355 31.08 15.43 -47.28
C ASP G 355 32.38 15.11 -46.58
N VAL G 356 32.32 14.31 -45.51
CA VAL G 356 33.54 13.88 -44.83
C VAL G 356 34.42 13.11 -45.79
N ALA G 357 33.81 12.28 -46.63
CA ALA G 357 34.59 11.56 -47.65
C ALA G 357 35.22 12.53 -48.64
N LYS G 358 34.51 13.58 -49.02
CA LYS G 358 35.08 14.56 -49.95
C LYS G 358 36.26 15.29 -49.33
N VAL G 359 36.16 15.66 -48.05
CA VAL G 359 37.16 16.49 -47.42
C VAL G 359 38.33 15.63 -46.95
N LEU G 360 38.32 14.35 -47.34
CA LEU G 360 39.43 13.48 -46.96
C LEU G 360 40.73 13.91 -47.64
N TRP G 361 40.69 14.25 -48.92
CA TRP G 361 41.93 14.42 -49.68
C TRP G 361 42.21 15.87 -50.05
N GLU G 362 41.33 16.50 -50.82
CA GLU G 362 41.56 17.84 -51.39
C GLU G 362 43.00 18.01 -51.87
N LEU G 363 43.48 17.02 -52.62
CA LEU G 363 44.84 17.04 -53.16
C LEU G 363 44.85 18.03 -54.31
N GLY G 364 44.90 19.32 -53.96
CA GLY G 364 44.48 20.31 -54.92
C GLY G 364 42.98 20.13 -55.04
N GLU G 365 42.54 19.52 -56.14
CA GLU G 365 41.17 18.98 -56.20
C GLU G 365 41.21 17.64 -56.91
N ASP G 366 40.81 16.59 -56.21
CA ASP G 366 40.74 15.25 -56.77
C ASP G 366 39.46 14.57 -56.30
N TYR G 367 39.00 13.60 -57.07
CA TYR G 367 37.75 12.93 -56.77
C TYR G 367 37.88 12.08 -55.51
N GLY G 368 36.93 12.22 -54.60
CA GLY G 368 36.87 11.31 -53.48
C GLY G 368 36.48 9.93 -53.97
N ALA G 369 37.44 9.00 -53.98
CA ALA G 369 37.17 7.67 -54.52
C ALA G 369 36.07 6.97 -53.74
N TYR G 370 35.92 7.32 -52.46
CA TYR G 370 34.90 6.70 -51.62
C TYR G 370 33.51 7.26 -51.88
N LEU G 371 33.40 8.32 -52.69
CA LEU G 371 32.09 8.87 -52.99
C LEU G 371 31.20 7.85 -53.70
N LYS G 372 31.77 7.12 -54.66
CA LYS G 372 30.97 6.19 -55.45
C LYS G 372 30.43 5.05 -54.59
N ASP G 373 31.27 4.47 -53.75
CA ASP G 373 30.86 3.31 -52.95
C ASP G 373 30.11 3.77 -51.70
N LYS G 374 29.11 4.61 -51.92
CA LYS G 374 28.13 5.04 -50.93
C LYS G 374 26.91 5.54 -51.68
N ASP G 375 26.02 6.26 -50.99
CA ASP G 375 24.84 6.84 -51.62
C ASP G 375 25.19 8.19 -52.23
N VAL G 376 25.96 8.13 -53.32
CA VAL G 376 26.24 9.33 -54.10
C VAL G 376 24.98 9.85 -54.76
N VAL G 377 24.09 8.96 -55.17
CA VAL G 377 22.85 9.34 -55.83
C VAL G 377 21.65 8.92 -54.98
N ASP H 9 3.02 -31.54 -24.75
CA ASP H 9 2.36 -30.76 -23.72
C ASP H 9 0.99 -31.33 -23.39
N VAL H 10 0.81 -32.65 -23.63
CA VAL H 10 -0.45 -33.33 -23.39
C VAL H 10 -0.20 -34.76 -22.91
N LEU H 11 -0.56 -35.07 -21.66
CA LEU H 11 -0.46 -36.44 -21.15
C LEU H 11 -0.96 -36.58 -19.72
N SER H 12 -1.29 -37.82 -19.35
CA SER H 12 -1.46 -38.27 -17.97
C SER H 12 -2.59 -37.55 -17.25
N GLY H 13 -3.79 -37.64 -17.82
CA GLY H 13 -4.96 -37.05 -17.23
C GLY H 13 -5.99 -36.74 -18.29
N LEU H 14 -6.98 -35.95 -17.89
CA LEU H 14 -7.96 -35.43 -18.83
C LEU H 14 -7.67 -33.98 -19.19
N ILE H 15 -6.51 -33.47 -18.76
CA ILE H 15 -6.04 -32.16 -19.21
C ILE H 15 -6.09 -32.06 -20.72
N ASN H 16 -5.91 -33.20 -21.40
CA ASN H 16 -5.79 -33.21 -22.85
C ASN H 16 -7.02 -32.59 -23.50
N ARG H 17 -8.17 -32.70 -22.83
CA ARG H 17 -9.44 -32.41 -23.47
C ARG H 17 -9.99 -31.05 -23.10
N ARG H 18 -9.79 -30.62 -21.86
CA ARG H 18 -10.46 -29.43 -21.36
C ARG H 18 -9.65 -28.15 -21.55
N ASN H 19 -8.45 -28.22 -22.09
CA ASN H 19 -7.68 -27.01 -22.29
C ASN H 19 -8.25 -26.22 -23.45
N SER H 20 -7.74 -24.99 -23.62
CA SER H 20 -8.25 -24.12 -24.67
C SER H 20 -7.95 -24.69 -26.04
N MET H 21 -7.06 -25.69 -26.12
CA MET H 21 -6.73 -26.29 -27.39
C MET H 21 -7.94 -26.95 -28.03
N ALA H 22 -8.45 -28.01 -27.40
CA ALA H 22 -9.51 -28.80 -27.99
C ALA H 22 -10.90 -28.40 -27.51
N ARG H 23 -11.01 -27.56 -26.48
CA ARG H 23 -12.32 -27.24 -25.96
C ARG H 23 -13.10 -26.35 -26.92
N ASN H 24 -12.40 -25.72 -27.87
CA ASN H 24 -13.05 -24.88 -28.86
C ASN H 24 -12.24 -24.78 -30.13
N ARG H 25 -12.90 -24.99 -31.27
CA ARG H 25 -12.29 -24.82 -32.56
C ARG H 25 -12.59 -23.42 -33.09
N VAL H 26 -11.87 -23.02 -34.12
CA VAL H 26 -11.95 -21.66 -34.64
C VAL H 26 -13.10 -21.56 -35.63
N SER H 27 -13.76 -20.40 -35.64
CA SER H 27 -14.77 -20.08 -36.63
C SER H 27 -14.93 -18.57 -36.67
N HIS H 28 -15.35 -18.06 -37.83
CA HIS H 28 -15.44 -16.63 -38.04
C HIS H 28 -16.87 -16.26 -38.43
N ARG H 29 -17.36 -15.18 -37.83
CA ARG H 29 -18.70 -14.69 -38.16
C ARG H 29 -18.69 -14.04 -39.53
N TYR H 30 -19.83 -14.11 -40.20
CA TYR H 30 -20.09 -13.40 -41.45
C TYR H 30 -21.21 -12.40 -41.15
N LEU H 31 -20.85 -11.18 -40.76
CA LEU H 31 -21.89 -10.22 -40.42
C LEU H 31 -22.66 -9.82 -41.67
N SER H 32 -23.98 -9.76 -41.54
CA SER H 32 -24.84 -9.55 -42.69
C SER H 32 -24.69 -8.13 -43.23
N ASP H 33 -25.23 -7.92 -44.43
CA ASP H 33 -25.13 -6.60 -45.04
C ASP H 33 -25.85 -5.55 -44.21
N GLU H 34 -27.01 -5.89 -43.64
CA GLU H 34 -27.74 -4.91 -42.85
C GLU H 34 -26.97 -4.53 -41.59
N GLU H 35 -26.31 -5.50 -40.96
CA GLU H 35 -25.43 -5.18 -39.85
C GLU H 35 -24.22 -4.38 -40.32
N MET H 36 -23.74 -4.68 -41.54
CA MET H 36 -22.65 -3.90 -42.10
C MET H 36 -23.09 -2.44 -42.27
N ARG H 37 -24.34 -2.22 -42.63
CA ARG H 37 -24.87 -0.87 -42.77
C ARG H 37 -24.84 -0.13 -41.44
N VAL H 38 -25.27 -0.79 -40.37
CA VAL H 38 -25.47 -0.11 -39.10
C VAL H 38 -24.15 0.42 -38.56
N MET H 39 -23.09 -0.39 -38.64
CA MET H 39 -21.81 0.06 -38.12
C MET H 39 -21.27 1.25 -38.89
N TYR H 40 -21.59 1.36 -40.17
CA TYR H 40 -21.18 2.55 -40.91
C TYR H 40 -21.77 3.81 -40.28
N LYS H 41 -22.98 3.70 -39.72
CA LYS H 41 -23.57 4.82 -39.03
C LYS H 41 -22.99 5.02 -37.63
N ALA H 42 -22.56 3.96 -36.97
CA ALA H 42 -22.18 4.06 -35.57
C ALA H 42 -20.97 4.97 -35.41
N GLY H 43 -20.93 5.68 -34.29
CA GLY H 43 -19.95 6.74 -34.13
C GLY H 43 -18.53 6.24 -34.17
N LEU H 44 -18.26 5.12 -33.48
CA LEU H 44 -16.88 4.67 -33.33
C LEU H 44 -16.23 4.43 -34.68
N MET H 45 -16.77 3.48 -35.44
CA MET H 45 -16.15 3.21 -36.74
C MET H 45 -16.32 4.35 -37.72
N SER H 46 -17.29 5.23 -37.49
CA SER H 46 -17.42 6.40 -38.35
C SER H 46 -16.13 7.19 -38.39
N LYS H 47 -15.47 7.32 -37.25
CA LYS H 47 -14.16 7.96 -37.24
C LYS H 47 -13.11 7.03 -37.82
N ILE H 48 -13.21 5.72 -37.53
CA ILE H 48 -12.29 4.75 -38.13
C ILE H 48 -12.29 4.89 -39.63
N ILE H 49 -13.47 4.81 -40.24
CA ILE H 49 -13.55 4.88 -41.69
C ILE H 49 -13.09 6.25 -42.17
N ARG H 50 -13.53 7.31 -41.49
CA ARG H 50 -13.13 8.64 -41.90
C ARG H 50 -11.62 8.85 -41.76
N LEU H 51 -11.04 8.40 -40.64
CA LEU H 51 -9.63 8.62 -40.42
C LEU H 51 -8.79 7.90 -41.46
N LYS H 52 -9.01 6.59 -41.62
CA LYS H 52 -8.16 5.81 -42.50
C LYS H 52 -8.30 6.27 -43.95
N ALA H 53 -9.52 6.58 -44.38
CA ALA H 53 -9.71 7.05 -45.75
C ALA H 53 -8.99 8.38 -45.96
N GLY H 54 -9.16 9.32 -45.04
CA GLY H 54 -8.49 10.60 -45.18
C GLY H 54 -6.98 10.46 -45.16
N TYR H 55 -6.47 9.63 -44.26
CA TYR H 55 -5.03 9.43 -44.16
C TYR H 55 -4.47 8.84 -45.44
N ALA H 56 -5.32 8.24 -46.28
CA ALA H 56 -4.83 7.64 -47.50
C ALA H 56 -4.80 8.64 -48.65
N LEU H 57 -5.77 9.56 -48.68
CA LEU H 57 -5.97 10.40 -49.86
C LEU H 57 -5.63 11.87 -49.63
N ASN H 58 -5.47 12.32 -48.40
CA ASN H 58 -5.26 13.75 -48.16
C ASN H 58 -3.88 14.15 -48.67
N ASP H 59 -3.85 14.73 -49.87
CA ASP H 59 -2.64 15.32 -50.44
C ASP H 59 -1.48 14.34 -50.39
N THR H 60 -1.74 13.10 -50.76
CA THR H 60 -0.73 12.06 -50.75
C THR H 60 -0.54 11.45 -52.14
N LEU H 61 -1.11 12.08 -53.16
CA LEU H 61 -1.21 11.49 -54.48
C LEU H 61 -0.16 12.11 -55.39
N LYS H 62 0.86 11.32 -55.72
CA LYS H 62 1.88 11.75 -56.66
C LYS H 62 1.31 11.73 -58.06
N PHE H 63 1.25 12.89 -58.70
CA PHE H 63 0.75 13.01 -60.06
C PHE H 63 1.94 13.22 -60.99
N GLU H 64 2.11 12.32 -61.94
CA GLU H 64 3.16 12.48 -62.93
C GLU H 64 2.74 13.38 -64.08
N SER H 65 1.50 13.86 -64.07
CA SER H 65 0.98 14.76 -65.09
C SER H 65 0.87 16.14 -64.48
N THR H 66 1.96 16.90 -64.53
CA THR H 66 1.94 18.28 -64.06
C THR H 66 0.97 19.12 -64.90
N GLN H 67 1.00 18.94 -66.22
CA GLN H 67 0.06 19.63 -67.09
C GLN H 67 -1.37 19.27 -66.71
N ASP H 68 -2.23 20.27 -66.66
CA ASP H 68 -3.55 20.14 -66.08
C ASP H 68 -3.43 19.51 -64.70
N GLN H 69 -2.66 20.19 -63.85
CA GLN H 69 -2.32 19.66 -62.53
C GLN H 69 -3.56 19.27 -61.75
N GLU H 70 -3.65 17.98 -61.43
CA GLU H 70 -4.67 17.48 -60.52
C GLU H 70 -6.08 17.84 -61.00
N ILE H 71 -6.31 17.68 -62.30
CA ILE H 71 -7.69 17.72 -62.78
C ILE H 71 -8.50 16.63 -62.10
N TYR H 72 -7.82 15.58 -61.66
CA TYR H 72 -8.40 14.61 -60.74
C TYR H 72 -8.95 15.30 -59.49
N LYS H 73 -8.27 16.33 -59.01
CA LYS H 73 -8.55 16.85 -57.68
C LYS H 73 -9.89 17.55 -57.62
N LYS H 74 -10.16 18.42 -58.60
CA LYS H 74 -11.35 19.25 -58.56
C LYS H 74 -12.60 18.55 -59.07
N ARG H 75 -12.48 17.34 -59.61
CA ARG H 75 -13.58 16.67 -60.27
C ARG H 75 -14.07 15.44 -59.53
N LEU H 76 -13.18 14.49 -59.25
CA LEU H 76 -13.60 13.24 -58.62
C LEU H 76 -12.69 12.76 -57.50
N SER H 77 -11.61 13.49 -57.18
CA SER H 77 -10.80 13.11 -56.03
C SER H 77 -11.62 13.14 -54.76
N LYS H 78 -12.76 13.82 -54.81
CA LYS H 78 -13.72 13.79 -53.73
C LYS H 78 -14.71 12.65 -53.89
N HIS H 79 -15.01 12.26 -55.13
CA HIS H 79 -15.81 11.07 -55.35
C HIS H 79 -15.09 9.82 -54.84
N VAL H 80 -13.79 9.71 -55.10
CA VAL H 80 -13.04 8.55 -54.66
C VAL H 80 -13.06 8.44 -53.14
N LYS H 81 -12.95 9.56 -52.44
CA LYS H 81 -12.86 9.52 -50.98
C LYS H 81 -14.13 8.95 -50.37
N ASN H 82 -15.29 9.40 -50.84
CA ASN H 82 -16.53 8.76 -50.42
C ASN H 82 -16.55 7.30 -50.85
N ALA H 83 -15.97 7.02 -52.01
CA ALA H 83 -15.96 5.64 -52.48
C ALA H 83 -14.97 4.80 -51.69
N THR H 84 -13.77 5.32 -51.44
CA THR H 84 -12.82 4.54 -50.64
C THR H 84 -13.25 4.44 -49.19
N LYS H 85 -14.07 5.38 -48.72
CA LYS H 85 -14.76 5.18 -47.46
C LYS H 85 -15.68 3.98 -47.55
N PHE H 86 -16.39 3.86 -48.67
CA PHE H 86 -17.30 2.73 -48.87
C PHE H 86 -16.53 1.43 -48.97
N MET H 87 -15.25 1.49 -49.36
CA MET H 87 -14.37 0.34 -49.21
C MET H 87 -14.37 -0.15 -47.77
N LEU H 88 -13.92 0.70 -46.87
CA LEU H 88 -13.75 0.27 -45.48
C LEU H 88 -15.09 -0.02 -44.82
N GLY H 89 -16.12 0.75 -45.15
CA GLY H 89 -17.40 0.57 -44.50
C GLY H 89 -18.06 -0.75 -44.83
N PHE H 90 -17.98 -1.17 -46.09
CA PHE H 90 -18.71 -2.33 -46.55
C PHE H 90 -17.87 -3.37 -47.25
N GLY H 91 -16.58 -3.12 -47.46
CA GLY H 91 -15.79 -4.05 -48.22
C GLY H 91 -15.95 -3.92 -49.71
N ARG H 92 -16.72 -2.94 -50.18
CA ARG H 92 -16.89 -2.75 -51.62
C ARG H 92 -17.22 -1.28 -51.88
N GLY H 93 -16.22 -0.53 -52.31
CA GLY H 93 -16.44 0.79 -52.86
C GLY H 93 -16.54 0.70 -54.37
N VAL H 94 -17.42 1.50 -54.96
CA VAL H 94 -17.69 1.42 -56.39
C VAL H 94 -17.71 2.81 -56.99
N ILE H 95 -17.01 2.98 -58.10
CA ILE H 95 -17.14 4.16 -58.95
C ILE H 95 -17.71 3.71 -60.28
N VAL H 96 -18.79 4.35 -60.70
CA VAL H 96 -19.48 4.03 -61.94
C VAL H 96 -19.33 5.19 -62.90
N VAL H 97 -18.94 4.90 -64.13
CA VAL H 97 -18.80 5.91 -65.17
C VAL H 97 -19.59 5.46 -66.40
N PHE H 98 -20.32 6.40 -66.99
CA PHE H 98 -21.02 6.13 -68.23
C PHE H 98 -21.30 7.45 -68.93
N LYS H 99 -21.53 7.38 -70.23
CA LYS H 99 -21.73 8.56 -71.06
C LYS H 99 -23.12 9.12 -70.82
N ASN H 100 -23.53 10.09 -71.63
CA ASN H 100 -24.85 10.69 -71.47
C ASN H 100 -25.97 9.70 -71.76
N GLY H 101 -25.67 8.58 -72.40
CA GLY H 101 -26.69 7.58 -72.68
C GLY H 101 -26.53 6.34 -71.84
N ASP H 102 -27.53 6.04 -71.02
CA ASP H 102 -27.47 4.89 -70.12
C ASP H 102 -27.29 3.60 -70.93
N ASP H 103 -26.33 2.78 -70.51
CA ASP H 103 -26.00 1.58 -71.24
C ASP H 103 -25.76 0.42 -70.28
N LEU H 104 -26.31 -0.74 -70.62
CA LEU H 104 -25.99 -1.95 -69.87
C LEU H 104 -24.59 -2.45 -70.22
N SER H 105 -24.20 -2.28 -71.48
CA SER H 105 -22.99 -2.90 -72.01
C SER H 105 -21.78 -2.00 -71.81
N LYS H 106 -20.67 -2.37 -72.44
CA LYS H 106 -19.37 -1.77 -72.16
C LYS H 106 -19.30 -0.33 -72.67
N PRO H 107 -18.42 0.48 -72.08
CA PRO H 107 -18.22 1.83 -72.61
C PRO H 107 -17.41 1.79 -73.89
N LEU H 108 -17.83 2.60 -74.86
CA LEU H 108 -17.19 2.61 -76.15
C LEU H 108 -15.82 3.24 -76.00
N GLU H 109 -14.81 2.40 -75.77
CA GLU H 109 -13.44 2.85 -75.63
C GLU H 109 -12.67 2.80 -76.95
N ARG H 110 -13.36 2.52 -78.06
CA ARG H 110 -12.73 2.64 -79.37
C ARG H 110 -12.18 4.05 -79.57
N GLY H 111 -12.99 5.06 -79.27
CA GLY H 111 -12.48 6.38 -78.93
C GLY H 111 -12.78 6.61 -77.47
N VAL H 112 -11.74 6.58 -76.63
CA VAL H 112 -11.93 6.64 -75.19
C VAL H 112 -12.65 7.94 -74.84
N ASP H 113 -13.66 7.84 -73.99
CA ASP H 113 -14.59 8.92 -73.72
C ASP H 113 -13.87 10.18 -73.24
N PRO H 114 -13.79 11.21 -74.07
CA PRO H 114 -13.06 12.44 -73.69
C PRO H 114 -13.91 13.38 -72.84
N LYS H 115 -13.94 13.09 -71.54
CA LYS H 115 -14.66 13.85 -70.52
C LYS H 115 -16.06 14.25 -70.95
N LEU H 116 -16.73 13.37 -71.71
CA LEU H 116 -18.14 13.53 -72.07
C LEU H 116 -19.01 12.64 -71.21
N LEU H 117 -18.66 12.49 -69.94
CA LEU H 117 -19.13 11.40 -69.11
C LEU H 117 -19.45 11.90 -67.70
N LYS H 118 -20.26 11.12 -67.01
CA LYS H 118 -20.67 11.39 -65.64
C LYS H 118 -20.01 10.41 -64.68
N ILE H 119 -20.11 10.72 -63.39
CA ILE H 119 -19.43 9.97 -62.33
C ILE H 119 -20.44 9.58 -61.26
N ARG H 120 -20.36 8.34 -60.80
CA ARG H 120 -21.17 7.87 -59.69
C ARG H 120 -20.30 7.12 -58.70
N VAL H 121 -20.73 7.09 -57.44
CA VAL H 121 -20.04 6.35 -56.39
C VAL H 121 -21.09 5.55 -55.61
N PHE H 122 -20.75 4.31 -55.27
CA PHE H 122 -21.73 3.41 -54.68
C PHE H 122 -21.12 2.60 -53.55
N SER H 123 -21.87 2.45 -52.47
CA SER H 123 -21.49 1.58 -51.36
C SER H 123 -21.67 0.12 -51.75
N GLY H 124 -20.96 -0.75 -51.03
CA GLY H 124 -21.13 -2.18 -51.23
C GLY H 124 -22.49 -2.69 -50.83
N ASP H 125 -23.28 -1.90 -50.11
CA ASP H 125 -24.64 -2.29 -49.77
C ASP H 125 -25.48 -2.44 -51.04
N ILE H 126 -25.72 -1.34 -51.74
CA ILE H 126 -26.54 -1.40 -52.94
C ILE H 126 -25.77 -2.02 -54.09
N ALA H 127 -24.48 -1.74 -54.20
CA ALA H 127 -23.67 -2.43 -55.19
C ALA H 127 -23.45 -3.87 -54.77
N LYS H 128 -22.93 -4.66 -55.71
CA LYS H 128 -22.59 -6.05 -55.46
C LYS H 128 -21.93 -6.62 -56.70
N GLY H 129 -21.24 -7.74 -56.54
CA GLY H 129 -20.64 -8.44 -57.67
C GLY H 129 -21.39 -9.71 -58.01
N ASN H 130 -21.53 -9.97 -59.32
CA ASN H 130 -22.39 -11.07 -59.76
C ASN H 130 -21.65 -12.18 -60.49
N ASN H 131 -20.98 -11.89 -61.60
CA ASN H 131 -20.69 -12.93 -62.58
C ASN H 131 -19.19 -13.18 -62.73
N PRO H 132 -18.67 -14.24 -62.15
CA PRO H 132 -17.26 -14.59 -62.38
C PRO H 132 -17.10 -15.63 -63.48
N ASP H 133 -16.09 -15.49 -64.32
CA ASP H 133 -15.78 -16.55 -65.26
C ASP H 133 -14.90 -17.57 -64.57
N ASN H 134 -15.40 -18.80 -64.39
CA ASN H 134 -14.63 -19.82 -63.70
C ASN H 134 -13.44 -20.30 -64.51
N ASP H 135 -13.39 -20.01 -65.81
CA ASP H 135 -12.22 -20.35 -66.61
C ASP H 135 -11.10 -19.34 -66.37
N LEU H 136 -9.90 -19.74 -66.76
CA LEU H 136 -8.71 -18.92 -66.53
C LEU H 136 -8.43 -17.96 -67.66
N ARG H 137 -9.39 -17.74 -68.57
CA ARG H 137 -9.07 -17.06 -69.83
C ARG H 137 -8.85 -15.56 -69.63
N SER H 138 -9.89 -14.83 -69.22
CA SER H 138 -9.85 -13.37 -69.22
C SER H 138 -9.56 -12.80 -67.84
N GLU H 139 -10.45 -13.06 -66.89
CA GLU H 139 -10.29 -12.60 -65.52
C GLU H 139 -10.59 -13.76 -64.60
N ARG H 140 -9.70 -14.00 -63.64
CA ARG H 140 -9.76 -15.23 -62.87
C ARG H 140 -10.99 -15.17 -61.95
N TYR H 141 -11.21 -16.25 -61.18
CA TYR H 141 -12.35 -16.38 -60.29
C TYR H 141 -12.60 -15.13 -59.47
N TYR H 142 -11.56 -14.34 -59.22
CA TYR H 142 -11.70 -13.08 -58.51
C TYR H 142 -12.64 -12.13 -59.23
N LYS H 143 -12.23 -11.67 -60.41
CA LYS H 143 -12.84 -10.51 -61.02
C LYS H 143 -14.22 -10.85 -61.58
N PRO H 144 -15.27 -10.15 -61.17
CA PRO H 144 -16.58 -10.34 -61.80
C PRO H 144 -16.55 -9.87 -63.24
N LYS H 145 -17.58 -10.29 -64.00
CA LYS H 145 -17.69 -9.92 -65.40
C LYS H 145 -18.87 -9.00 -65.68
N ASN H 146 -19.89 -9.01 -64.83
CA ASN H 146 -21.02 -8.09 -64.95
C ASN H 146 -21.84 -8.19 -63.68
N TYR H 147 -22.17 -7.06 -63.08
CA TYR H 147 -22.95 -7.12 -61.85
C TYR H 147 -23.91 -5.94 -61.77
N THR H 148 -24.91 -6.12 -60.92
CA THR H 148 -25.99 -5.15 -60.77
C THR H 148 -25.66 -4.15 -59.67
N ILE H 149 -25.91 -2.89 -59.96
CA ILE H 149 -25.71 -1.83 -58.98
C ILE H 149 -27.00 -1.54 -58.23
N LYS H 150 -28.12 -1.81 -58.89
CA LYS H 150 -29.49 -1.57 -58.45
C LYS H 150 -30.35 -2.48 -59.31
N GLY H 151 -31.64 -2.15 -59.42
CA GLY H 151 -32.44 -2.75 -60.47
C GLY H 151 -31.74 -2.79 -61.82
N HIS H 152 -30.89 -1.80 -62.09
CA HIS H 152 -30.12 -1.77 -63.32
C HIS H 152 -28.94 -2.74 -63.23
N THR H 153 -28.16 -2.79 -64.31
CA THR H 153 -26.93 -3.58 -64.36
C THR H 153 -25.86 -2.74 -65.05
N ILE H 154 -24.59 -3.00 -64.71
CA ILE H 154 -23.49 -2.25 -65.28
C ILE H 154 -22.40 -3.21 -65.75
N HIS H 155 -21.85 -2.92 -66.93
CA HIS H 155 -20.78 -3.73 -67.51
C HIS H 155 -19.53 -3.68 -66.65
N TRP H 156 -18.73 -4.75 -66.74
CA TRP H 156 -17.51 -4.83 -65.94
C TRP H 156 -16.54 -3.70 -66.25
N THR H 157 -16.17 -3.54 -67.52
CA THR H 157 -15.23 -2.48 -67.86
C THR H 157 -15.85 -1.11 -67.68
N ARG H 158 -17.16 -1.02 -67.51
CA ARG H 158 -17.78 0.25 -67.15
C ARG H 158 -17.35 0.69 -65.76
N VAL H 159 -17.24 -0.24 -64.83
CA VAL H 159 -17.26 0.06 -63.41
C VAL H 159 -15.88 -0.14 -62.80
N VAL H 160 -15.57 0.71 -61.82
CA VAL H 160 -14.32 0.66 -61.07
C VAL H 160 -14.65 0.22 -59.65
N ASP H 161 -13.95 -0.80 -59.16
CA ASP H 161 -14.28 -1.47 -57.90
C ASP H 161 -13.19 -1.17 -56.86
N PHE H 162 -13.61 -0.64 -55.72
CA PHE H 162 -12.72 -0.41 -54.59
C PHE H 162 -12.83 -1.60 -53.66
N THR H 163 -11.98 -2.60 -53.86
CA THR H 163 -12.08 -3.86 -53.14
C THR H 163 -11.05 -3.90 -52.03
N TYR H 164 -11.51 -4.18 -50.82
CA TYR H 164 -10.64 -4.25 -49.64
C TYR H 164 -9.98 -5.63 -49.56
N TYR H 165 -9.38 -5.90 -48.41
CA TYR H 165 -8.77 -7.18 -48.07
C TYR H 165 -9.67 -8.36 -48.41
N MET H 166 -9.25 -9.20 -49.35
CA MET H 166 -10.10 -10.28 -49.83
C MET H 166 -9.75 -11.59 -49.17
N PRO H 167 -10.73 -12.44 -48.91
CA PRO H 167 -10.46 -13.75 -48.32
C PRO H 167 -10.02 -14.76 -49.36
N SER H 168 -9.89 -16.01 -48.95
CA SER H 168 -9.55 -17.06 -49.90
C SER H 168 -10.66 -17.27 -50.91
N GLU H 169 -10.29 -17.74 -52.09
CA GLU H 169 -11.23 -17.83 -53.20
C GLU H 169 -12.37 -18.79 -52.90
N ASN H 170 -12.09 -19.86 -52.15
CA ASN H 170 -13.10 -20.86 -51.85
C ASN H 170 -14.35 -20.26 -51.23
N GLU H 171 -14.26 -19.04 -50.71
CA GLU H 171 -15.38 -18.40 -50.03
C GLU H 171 -15.62 -16.98 -50.52
N LEU H 172 -14.96 -16.57 -51.59
CA LEU H 172 -15.15 -15.24 -52.13
C LEU H 172 -16.60 -14.89 -52.44
N PRO H 173 -17.45 -15.79 -52.95
CA PRO H 173 -18.86 -15.41 -53.16
C PRO H 173 -19.58 -14.97 -51.89
N ASP H 174 -19.23 -15.53 -50.74
CA ASP H 174 -19.94 -15.13 -49.52
C ASP H 174 -19.74 -13.65 -49.20
N TYR H 175 -18.69 -13.04 -49.72
CA TYR H 175 -18.54 -11.59 -49.67
C TYR H 175 -18.95 -10.94 -50.98
N TYR H 176 -19.52 -11.74 -51.88
CA TYR H 176 -19.99 -11.28 -53.18
C TYR H 176 -18.89 -10.53 -53.92
N TYR H 177 -17.75 -11.21 -54.09
CA TYR H 177 -16.73 -10.86 -55.06
C TYR H 177 -16.14 -9.48 -54.78
N GLY H 178 -15.51 -9.39 -53.61
CA GLY H 178 -14.70 -8.22 -53.32
C GLY H 178 -14.67 -7.78 -51.88
N GLY H 179 -13.46 -7.60 -51.36
CA GLY H 179 -13.25 -6.89 -50.11
C GLY H 179 -13.88 -7.47 -48.87
N MET H 180 -13.68 -6.77 -47.76
CA MET H 180 -14.16 -7.19 -46.45
C MET H 180 -14.29 -5.94 -45.61
N SER H 181 -15.49 -5.65 -45.12
CA SER H 181 -15.67 -4.47 -44.29
C SER H 181 -14.79 -4.57 -43.05
N GLU H 182 -14.27 -3.42 -42.60
CA GLU H 182 -13.53 -3.41 -41.35
C GLU H 182 -14.37 -3.99 -40.23
N SER H 183 -15.69 -3.80 -40.32
CA SER H 183 -16.57 -4.41 -39.33
C SER H 183 -16.32 -5.91 -39.24
N GLU H 184 -16.28 -6.57 -40.39
CA GLU H 184 -16.01 -8.01 -40.39
C GLU H 184 -14.66 -8.29 -39.74
N LEU H 185 -13.73 -7.34 -39.82
CA LEU H 185 -12.44 -7.50 -39.16
C LEU H 185 -12.53 -7.22 -37.67
N ILE H 186 -13.47 -6.39 -37.22
CA ILE H 186 -13.55 -6.04 -35.81
C ILE H 186 -14.95 -6.22 -35.27
N TYR H 187 -15.73 -7.14 -35.84
CA TYR H 187 -17.07 -7.37 -35.31
C TYR H 187 -16.98 -7.95 -33.91
N GLU H 188 -15.96 -8.76 -33.66
CA GLU H 188 -15.60 -9.14 -32.30
C GLU H 188 -15.40 -7.91 -31.43
N GLN H 189 -14.97 -6.81 -32.04
CA GLN H 189 -14.51 -5.67 -31.26
C GLN H 189 -15.66 -4.71 -30.99
N PHE H 190 -16.29 -4.23 -32.05
CA PHE H 190 -17.31 -3.19 -31.91
C PHE H 190 -18.43 -3.65 -31.00
N ILE H 191 -18.83 -4.91 -31.12
CA ILE H 191 -19.81 -5.45 -30.19
C ILE H 191 -19.27 -5.39 -28.77
N ASN H 192 -18.04 -5.84 -28.57
CA ASN H 192 -17.48 -5.89 -27.22
C ASN H 192 -17.39 -4.50 -26.62
N ASP H 193 -16.81 -3.55 -27.36
CA ASP H 193 -16.70 -2.19 -26.85
C ASP H 193 -18.06 -1.59 -26.57
N SER H 194 -19.02 -1.79 -27.47
CA SER H 194 -20.36 -1.31 -27.21
C SER H 194 -20.92 -1.92 -25.93
N VAL H 195 -20.68 -3.22 -25.73
CA VAL H 195 -21.08 -3.86 -24.49
C VAL H 195 -20.38 -3.21 -23.31
N VAL H 196 -19.08 -2.95 -23.45
CA VAL H 196 -18.36 -2.26 -22.39
C VAL H 196 -19.03 -0.94 -22.10
N GLN H 197 -19.43 -0.23 -23.15
CA GLN H 197 -19.82 1.15 -22.95
C GLN H 197 -21.26 1.27 -22.48
N ARG H 198 -22.17 0.49 -23.07
CA ARG H 198 -23.55 0.52 -22.62
C ARG H 198 -23.64 0.17 -21.14
N ALA H 199 -22.87 -0.84 -20.72
CA ALA H 199 -22.84 -1.17 -19.30
C ALA H 199 -22.17 -0.07 -18.50
N SER H 200 -21.23 0.66 -19.10
CA SER H 200 -20.52 1.69 -18.36
C SER H 200 -21.47 2.79 -17.90
N GLY H 201 -22.36 3.22 -18.77
CA GLY H 201 -23.27 4.28 -18.41
C GLY H 201 -24.26 3.88 -17.33
N SER H 202 -24.75 2.65 -17.37
CA SER H 202 -25.82 2.25 -16.47
C SER H 202 -25.31 1.82 -15.09
N ILE H 203 -24.01 1.67 -14.92
CA ILE H 203 -23.51 1.19 -13.63
C ILE H 203 -23.58 2.29 -12.59
N ILE H 204 -23.38 3.55 -12.99
CA ILE H 204 -23.33 4.64 -12.02
C ILE H 204 -24.68 4.83 -11.34
N GLU H 205 -25.75 4.83 -12.13
CA GLU H 205 -27.06 5.03 -11.53
C GLU H 205 -27.38 3.96 -10.50
N LYS H 206 -26.73 2.80 -10.59
CA LYS H 206 -26.91 1.74 -9.61
C LYS H 206 -25.65 1.52 -8.80
N ALA H 207 -24.77 2.52 -8.72
CA ALA H 207 -23.50 2.34 -8.05
C ALA H 207 -23.68 2.04 -6.57
N SER H 208 -24.74 2.56 -5.96
CA SER H 208 -24.99 2.32 -4.55
C SER H 208 -26.47 2.53 -4.29
N THR H 209 -27.10 1.55 -3.67
CA THR H 209 -28.53 1.60 -3.40
C THR H 209 -28.76 1.60 -1.90
N PHE H 210 -29.44 2.62 -1.41
CA PHE H 210 -29.82 2.66 0.00
C PHE H 210 -30.92 1.63 0.22
N VAL H 211 -30.87 0.96 1.37
CA VAL H 211 -31.78 -0.16 1.63
C VAL H 211 -32.39 0.01 3.00
N TYR H 212 -33.72 0.00 3.06
CA TYR H 212 -34.44 0.03 4.34
C TYR H 212 -34.91 -1.38 4.66
N LYS H 213 -34.02 -2.20 5.21
CA LYS H 213 -34.49 -3.48 5.73
C LYS H 213 -35.40 -3.18 6.91
N ILE H 214 -36.71 -3.31 6.70
CA ILE H 214 -37.70 -2.84 7.67
C ILE H 214 -38.52 -4.02 8.15
N LYS H 215 -38.56 -4.21 9.47
CA LYS H 215 -39.35 -5.29 10.03
C LYS H 215 -40.82 -4.99 9.90
N GLY H 216 -41.60 -6.00 9.54
CA GLY H 216 -43.02 -5.87 9.36
C GLY H 216 -43.46 -5.53 7.96
N TYR H 217 -42.55 -5.02 7.13
CA TYR H 217 -42.90 -4.74 5.74
C TYR H 217 -43.22 -6.03 4.99
N LYS H 218 -42.76 -7.17 5.51
CA LYS H 218 -43.37 -8.45 5.15
C LYS H 218 -44.88 -8.33 5.12
N GLN H 219 -45.47 -7.94 6.24
CA GLN H 219 -46.91 -8.00 6.41
C GLN H 219 -47.60 -6.88 5.64
N LEU H 220 -47.03 -5.67 5.68
CA LEU H 220 -47.72 -4.51 5.11
C LEU H 220 -47.99 -4.70 3.64
N ILE H 221 -47.01 -5.20 2.88
CA ILE H 221 -47.28 -5.60 1.51
C ILE H 221 -48.30 -6.72 1.50
N GLN H 222 -48.13 -7.70 2.37
CA GLN H 222 -49.01 -8.86 2.36
C GLN H 222 -50.44 -8.45 2.67
N ALA H 223 -50.64 -7.48 3.54
CA ALA H 223 -51.96 -6.92 3.76
C ALA H 223 -52.28 -5.82 2.78
N LYS H 224 -51.38 -5.52 1.85
CA LYS H 224 -51.60 -4.57 0.78
C LYS H 224 -51.99 -3.18 1.31
N LYS H 225 -51.80 -2.95 2.60
CA LYS H 225 -52.00 -1.63 3.19
C LYS H 225 -50.64 -0.99 3.42
N GLU H 226 -49.75 -1.19 2.46
CA GLU H 226 -48.38 -0.69 2.52
C GLU H 226 -48.26 0.72 1.97
N GLU H 227 -49.38 1.43 1.81
CA GLU H 227 -49.34 2.76 1.23
C GLU H 227 -48.58 3.74 2.12
N ASP H 228 -48.77 3.65 3.43
CA ASP H 228 -48.23 4.67 4.31
C ASP H 228 -46.72 4.55 4.44
N ILE H 229 -46.19 3.34 4.54
CA ILE H 229 -44.75 3.18 4.73
C ILE H 229 -43.99 3.68 3.50
N ILE H 230 -44.54 3.46 2.31
CA ILE H 230 -43.93 4.04 1.12
C ILE H 230 -43.96 5.56 1.18
N LYS H 231 -45.09 6.11 1.64
CA LYS H 231 -45.20 7.56 1.73
C LYS H 231 -44.17 8.13 2.69
N TYR H 232 -44.03 7.52 3.86
CA TYR H 232 -43.04 8.01 4.82
C TYR H 232 -41.64 7.91 4.26
N VAL H 233 -41.30 6.79 3.62
CA VAL H 233 -39.98 6.67 3.03
C VAL H 233 -39.78 7.70 1.93
N SER H 234 -40.82 7.90 1.11
CA SER H 234 -40.70 8.89 0.06
C SER H 234 -40.47 10.28 0.63
N THR H 235 -41.20 10.64 1.69
CA THR H 235 -40.91 11.90 2.37
C THR H 235 -39.54 11.87 3.03
N CYS H 236 -39.18 10.72 3.60
CA CYS H 236 -37.87 10.60 4.23
C CYS H 236 -36.75 10.72 3.20
N GLU H 237 -36.85 9.97 2.10
CA GLU H 237 -35.86 10.14 1.04
C GLU H 237 -35.87 11.55 0.50
N ASP H 238 -37.01 12.23 0.54
CA ASP H 238 -37.07 13.62 0.14
C ASP H 238 -36.44 14.48 1.24
N GLY H 239 -35.12 14.36 1.39
CA GLY H 239 -34.46 15.11 2.44
C GLY H 239 -33.33 14.36 3.09
N ARG H 240 -33.21 13.07 2.77
CA ARG H 240 -32.08 12.32 3.30
C ARG H 240 -30.79 12.96 2.80
N SER H 241 -30.01 13.52 3.73
CA SER H 241 -28.85 14.31 3.35
C SER H 241 -27.81 14.20 4.45
N ILE H 242 -26.75 15.00 4.35
CA ILE H 242 -25.77 15.06 5.42
C ILE H 242 -26.37 15.74 6.63
N TYR H 243 -27.44 16.47 6.46
CA TYR H 243 -27.89 17.41 7.46
C TYR H 243 -28.94 16.85 8.40
N GLY H 244 -29.70 15.85 7.97
CA GLY H 244 -30.70 15.26 8.83
C GLY H 244 -30.49 13.78 9.02
N GLY H 245 -30.36 13.33 10.26
CA GLY H 245 -30.14 11.93 10.52
C GLY H 245 -31.41 11.12 10.40
N LEU H 246 -31.29 9.94 9.80
CA LEU H 246 -32.40 8.99 9.74
C LEU H 246 -32.91 8.69 11.13
N ILE H 247 -34.18 8.31 11.23
CA ILE H 247 -34.75 7.76 12.44
C ILE H 247 -35.38 6.43 12.09
N THR H 248 -34.79 5.35 12.58
CA THR H 248 -35.30 4.02 12.34
C THR H 248 -35.27 3.26 13.66
N ASP H 249 -35.49 1.96 13.58
CA ASP H 249 -35.76 1.18 14.78
C ASP H 249 -34.64 0.20 15.08
N ALA H 250 -34.64 -0.29 16.32
CA ALA H 250 -33.68 -1.31 16.69
C ALA H 250 -33.83 -2.53 15.81
N ASP H 251 -35.07 -2.99 15.63
CA ASP H 251 -35.32 -4.10 14.73
C ASP H 251 -35.11 -3.71 13.28
N ASP H 252 -35.22 -2.42 12.96
CA ASP H 252 -34.90 -1.96 11.62
C ASP H 252 -33.41 -2.10 11.36
N GLU H 253 -33.04 -2.02 10.09
CA GLU H 253 -31.63 -2.05 9.72
C GLU H 253 -31.46 -1.35 8.38
N VAL H 254 -30.79 -0.21 8.40
CA VAL H 254 -30.44 0.48 7.16
C VAL H 254 -29.04 0.04 6.76
N SER H 255 -28.88 -0.30 5.49
CA SER H 255 -27.59 -0.73 4.97
C SER H 255 -27.42 -0.16 3.58
N THR H 256 -26.20 -0.22 3.07
CA THR H 256 -25.93 0.27 1.73
C THR H 256 -25.16 -0.79 0.95
N LEU H 257 -25.56 -0.99 -0.29
CA LEU H 257 -24.96 -1.98 -1.18
C LEU H 257 -24.35 -1.27 -2.37
N THR H 258 -23.13 -1.63 -2.71
CA THR H 258 -22.48 -1.06 -3.88
C THR H 258 -22.26 -2.16 -4.92
N GLN H 259 -22.54 -1.82 -6.17
CA GLN H 259 -22.18 -2.69 -7.28
C GLN H 259 -21.53 -1.81 -8.33
N SER H 260 -20.42 -2.29 -8.89
CA SER H 260 -19.72 -1.52 -9.90
C SER H 260 -18.82 -2.45 -10.69
N LEU H 261 -18.61 -2.09 -11.95
CA LEU H 261 -17.78 -2.89 -12.83
C LEU H 261 -16.35 -2.85 -12.31
N THR H 262 -15.93 -3.92 -11.65
CA THR H 262 -14.63 -3.93 -10.98
C THR H 262 -13.49 -3.85 -11.98
N ASP H 263 -13.68 -4.37 -13.18
CA ASP H 263 -12.60 -4.34 -14.16
C ASP H 263 -13.07 -3.67 -15.44
N LEU H 264 -13.76 -2.54 -15.31
CA LEU H 264 -14.19 -1.79 -16.48
C LEU H 264 -13.00 -1.30 -17.29
N ASP H 265 -11.97 -0.79 -16.61
CA ASP H 265 -10.81 -0.27 -17.32
C ASP H 265 -10.05 -1.38 -18.04
N LYS H 266 -9.91 -2.55 -17.41
CA LYS H 266 -9.15 -3.62 -18.03
C LYS H 266 -9.78 -4.08 -19.33
N VAL H 267 -11.08 -4.38 -19.31
CA VAL H 267 -11.74 -4.86 -20.51
C VAL H 267 -11.79 -3.76 -21.56
N ASP H 268 -12.12 -2.53 -21.16
CA ASP H 268 -12.06 -1.43 -22.10
C ASP H 268 -10.66 -1.25 -22.64
N ASN H 269 -9.65 -1.58 -21.83
CA ASN H 269 -8.28 -1.53 -22.33
C ASN H 269 -8.07 -2.60 -23.40
N VAL H 270 -8.43 -3.85 -23.10
CA VAL H 270 -8.18 -4.96 -24.03
C VAL H 270 -8.89 -4.72 -25.35
N THR H 271 -10.16 -4.31 -25.29
CA THR H 271 -10.92 -4.10 -26.52
C THR H 271 -10.30 -3.01 -27.37
N LEU H 272 -9.89 -1.91 -26.74
CA LEU H 272 -9.31 -0.83 -27.52
C LEU H 272 -7.96 -1.19 -28.10
N ARG H 273 -7.17 -2.00 -27.39
CA ARG H 273 -5.87 -2.40 -27.92
C ARG H 273 -6.04 -3.09 -29.27
N ARG H 274 -6.96 -4.03 -29.34
CA ARG H 274 -7.14 -4.79 -30.58
C ARG H 274 -7.59 -3.91 -31.72
N ILE H 275 -8.53 -2.99 -31.47
CA ILE H 275 -9.02 -2.14 -32.54
C ILE H 275 -7.89 -1.29 -33.10
N ALA H 276 -6.97 -0.84 -32.24
CA ALA H 276 -5.79 -0.17 -32.72
C ALA H 276 -4.97 -1.08 -33.63
N MET H 277 -4.80 -2.33 -33.20
CA MET H 277 -4.14 -3.31 -34.06
C MET H 277 -4.80 -3.47 -35.41
N VAL H 278 -6.05 -3.96 -35.41
CA VAL H 278 -6.65 -4.41 -36.65
C VAL H 278 -6.85 -3.25 -37.61
N THR H 279 -7.37 -2.12 -37.10
CA THR H 279 -7.53 -0.96 -37.97
C THR H 279 -6.18 -0.40 -38.41
N GLY H 280 -5.15 -0.58 -37.59
CA GLY H 280 -3.85 -0.04 -37.87
C GLY H 280 -3.59 1.32 -37.25
N LEU H 281 -4.63 2.04 -36.85
CA LEU H 281 -4.44 3.29 -36.16
C LEU H 281 -3.83 3.04 -34.79
N GLY H 282 -3.14 4.03 -34.27
CA GLY H 282 -2.47 3.86 -33.00
C GLY H 282 -3.44 3.68 -31.85
N MET H 283 -2.89 3.28 -30.70
CA MET H 283 -3.69 3.26 -29.49
C MET H 283 -4.05 4.68 -29.07
N THR H 284 -3.15 5.63 -29.31
CA THR H 284 -3.38 6.99 -28.84
C THR H 284 -4.65 7.59 -29.44
N VAL H 285 -4.94 7.27 -30.71
CA VAL H 285 -6.10 7.88 -31.34
C VAL H 285 -7.39 7.35 -30.73
N LEU H 286 -7.45 6.04 -30.44
CA LEU H 286 -8.65 5.49 -29.84
C LEU H 286 -8.90 6.07 -28.45
N ILE H 287 -7.85 6.18 -27.65
CA ILE H 287 -7.96 6.88 -26.37
C ILE H 287 -8.33 8.34 -26.57
N GLY H 288 -7.92 8.94 -27.66
CA GLY H 288 -8.23 10.34 -27.91
C GLY H 288 -7.11 11.29 -27.60
N GLU H 289 -5.95 10.79 -27.20
CA GLU H 289 -4.77 11.64 -27.00
C GLU H 289 -4.05 11.83 -28.34
N GLN H 290 -4.80 12.35 -29.30
CA GLN H 290 -4.26 12.57 -30.64
C GLN H 290 -3.13 13.59 -30.65
N ALA H 291 -3.00 14.40 -29.61
CA ALA H 291 -1.99 15.45 -29.60
C ALA H 291 -0.58 14.89 -29.56
N SER H 292 -0.40 13.72 -28.96
CA SER H 292 0.94 13.21 -28.66
C SER H 292 1.78 12.96 -29.90
N GLY H 293 1.40 11.98 -30.72
CA GLY H 293 2.26 11.59 -31.82
C GLY H 293 1.56 11.15 -33.08
N LEU H 294 0.23 11.22 -33.10
CA LEU H 294 -0.55 10.85 -34.28
C LEU H 294 -1.21 12.11 -34.82
N ASN H 295 -0.65 12.64 -35.91
CA ASN H 295 -1.05 13.95 -36.41
C ASN H 295 -1.16 13.88 -37.93
N ALA H 296 -1.24 15.04 -38.56
CA ALA H 296 -1.35 15.13 -40.01
C ALA H 296 0.02 15.16 -40.67
N SER H 297 0.87 16.12 -40.27
CA SER H 297 2.16 16.30 -40.92
C SER H 297 3.00 15.04 -40.79
N GLY H 298 3.59 14.63 -41.90
CA GLY H 298 4.30 13.37 -42.01
C GLY H 298 5.75 13.39 -41.59
N GLU H 299 6.21 14.47 -40.96
CA GLU H 299 7.61 14.55 -40.52
C GLU H 299 7.96 13.37 -39.63
N LYS H 300 7.29 13.28 -38.48
CA LYS H 300 7.46 12.15 -37.58
C LYS H 300 6.14 11.60 -37.04
N GLU H 301 5.06 12.38 -37.06
CA GLU H 301 3.84 12.00 -36.38
C GLU H 301 2.95 11.09 -37.24
N ARG H 302 2.71 11.48 -38.50
CA ARG H 302 2.00 10.60 -39.40
C ARG H 302 2.77 9.31 -39.64
N GLN H 303 4.08 9.34 -39.38
CA GLN H 303 4.95 8.17 -39.46
C GLN H 303 4.53 7.14 -38.40
N GLY H 304 3.74 7.57 -37.42
CA GLY H 304 3.28 6.70 -36.37
C GLY H 304 2.55 5.48 -36.88
N PHE H 305 1.79 5.64 -37.97
CA PHE H 305 1.13 4.51 -38.61
C PHE H 305 1.13 4.61 -40.12
N GLN H 306 1.99 5.45 -40.71
CA GLN H 306 1.96 5.62 -42.17
C GLN H 306 2.20 4.31 -42.88
N ASP H 307 2.91 3.37 -42.24
CA ASP H 307 3.14 2.06 -42.82
C ASP H 307 1.82 1.35 -43.11
N THR H 308 0.88 1.42 -42.17
CA THR H 308 -0.44 0.83 -42.39
C THR H 308 -1.12 1.49 -43.57
N ILE H 309 -1.09 2.82 -43.63
CA ILE H 309 -1.70 3.52 -44.76
C ILE H 309 -0.95 3.21 -46.05
N GLU H 310 0.38 3.21 -45.99
CA GLU H 310 1.15 2.81 -47.16
C GLU H 310 0.81 1.38 -47.55
N ASN H 311 0.65 0.50 -46.55
CA ASN H 311 0.15 -0.83 -46.84
C ASN H 311 -1.25 -0.77 -47.46
N LEU H 312 -2.06 0.20 -47.04
CA LEU H 312 -3.34 0.40 -47.69
C LEU H 312 -3.16 1.06 -49.05
N GLN H 313 -2.19 1.99 -49.15
CA GLN H 313 -2.02 2.75 -50.38
C GLN H 313 -1.56 1.89 -51.54
N SER H 314 -0.78 0.84 -51.29
CA SER H 314 -0.22 0.02 -52.36
C SER H 314 -0.90 -1.34 -52.47
N ASP H 315 -2.07 -1.52 -51.85
CA ASP H 315 -2.77 -2.79 -51.92
C ASP H 315 -4.15 -2.67 -52.55
N TYR H 316 -5.01 -1.79 -52.06
CA TYR H 316 -6.37 -1.70 -52.54
C TYR H 316 -6.71 -0.39 -53.21
N LEU H 317 -5.82 0.60 -53.14
CA LEU H 317 -6.06 1.87 -53.80
C LEU H 317 -5.29 2.02 -55.10
N GLU H 318 -4.18 1.30 -55.28
CA GLU H 318 -3.41 1.40 -56.51
C GLU H 318 -4.14 0.75 -57.68
N ASP H 319 -4.68 -0.45 -57.48
CA ASP H 319 -5.46 -1.15 -58.51
C ASP H 319 -6.47 -0.24 -59.20
N PRO H 320 -7.43 0.31 -58.47
CA PRO H 320 -8.53 1.00 -59.16
C PRO H 320 -8.17 2.41 -59.57
N LEU H 321 -7.33 3.07 -58.76
CA LEU H 321 -6.88 4.41 -59.15
C LEU H 321 -6.12 4.36 -60.46
N ASN H 322 -5.24 3.38 -60.62
CA ASN H 322 -4.57 3.21 -61.90
C ASN H 322 -5.57 2.89 -62.99
N ARG H 323 -6.54 2.02 -62.72
CA ARG H 323 -7.61 1.78 -63.68
C ARG H 323 -8.40 3.05 -63.94
N LEU H 324 -8.69 3.82 -62.90
CA LEU H 324 -9.36 5.10 -63.10
C LEU H 324 -8.44 6.07 -63.81
N ALA H 325 -7.12 5.95 -63.62
CA ALA H 325 -6.19 6.85 -64.28
C ALA H 325 -6.26 6.71 -65.79
N GLU H 326 -6.32 5.48 -66.28
CA GLU H 326 -6.30 5.27 -67.73
C GLU H 326 -7.63 5.67 -68.36
N ILE H 327 -8.74 5.46 -67.66
CA ILE H 327 -10.04 5.71 -68.25
C ILE H 327 -10.26 7.20 -68.51
N PHE H 328 -9.53 8.06 -67.83
CA PHE H 328 -9.63 9.50 -68.05
C PHE H 328 -8.45 10.06 -68.82
N GLN H 329 -7.61 9.19 -69.39
CA GLN H 329 -6.38 9.55 -70.09
C GLN H 329 -5.37 10.22 -69.17
N LEU H 330 -5.60 10.22 -67.86
CA LEU H 330 -4.59 10.69 -66.94
C LEU H 330 -3.45 9.69 -66.85
N GLY H 331 -2.30 10.18 -66.41
CA GLY H 331 -1.13 9.34 -66.28
C GLY H 331 -1.23 8.42 -65.08
N PHE H 332 -0.25 7.52 -64.98
CA PHE H 332 -0.18 6.60 -63.86
C PHE H 332 0.00 7.38 -62.57
N ILE H 333 -0.88 7.15 -61.61
CA ILE H 333 -0.90 7.91 -60.36
C ILE H 333 -0.42 7.02 -59.23
N GLU H 334 0.52 7.52 -58.44
CA GLU H 334 1.06 6.80 -57.29
C GLU H 334 1.10 7.70 -56.07
N PHE H 335 1.77 7.26 -55.02
CA PHE H 335 1.91 8.03 -53.79
C PHE H 335 3.37 8.07 -53.38
N LYS H 336 3.79 9.20 -52.82
CA LYS H 336 5.15 9.31 -52.28
C LYS H 336 5.20 10.49 -51.32
N ASP H 337 5.57 10.23 -50.08
CA ASP H 337 5.66 11.28 -49.06
C ASP H 337 6.90 12.12 -49.26
N ARG H 346 8.91 19.95 -42.99
CA ARG H 346 8.68 19.55 -44.38
C ARG H 346 9.99 19.51 -45.14
N VAL H 347 10.00 20.11 -46.33
CA VAL H 347 11.22 20.19 -47.13
C VAL H 347 12.31 20.99 -46.41
N GLU H 348 11.91 21.92 -45.54
CA GLU H 348 12.89 22.66 -44.75
C GLU H 348 13.78 21.72 -43.95
N TYR H 349 13.26 20.56 -43.57
CA TYR H 349 14.11 19.53 -42.96
C TYR H 349 15.17 19.07 -43.94
N ASP H 350 14.78 18.83 -45.19
CA ASP H 350 15.69 18.33 -46.22
C ASP H 350 16.63 19.41 -46.74
N LYS H 351 16.27 20.68 -46.60
CA LYS H 351 17.05 21.75 -47.21
C LYS H 351 18.46 21.83 -46.65
N LYS H 352 18.62 21.63 -45.33
CA LYS H 352 19.95 21.65 -44.75
C LYS H 352 20.83 20.59 -45.40
N ALA H 353 20.26 19.43 -45.73
CA ALA H 353 21.00 18.46 -46.52
C ALA H 353 21.25 18.96 -47.92
N VAL H 354 20.29 19.71 -48.49
CA VAL H 354 20.44 20.20 -49.85
C VAL H 354 21.68 21.09 -49.96
N ASP H 355 21.86 21.98 -48.97
CA ASP H 355 23.06 22.81 -48.96
C ASP H 355 24.31 21.96 -48.81
N VAL H 356 24.23 20.89 -48.03
CA VAL H 356 25.35 19.96 -47.90
C VAL H 356 25.70 19.38 -49.26
N ALA H 357 24.66 19.06 -50.06
CA ALA H 357 24.91 18.58 -51.41
C ALA H 357 25.61 19.64 -52.26
N LYS H 358 25.21 20.90 -52.11
CA LYS H 358 25.84 21.96 -52.88
C LYS H 358 27.31 22.12 -52.51
N VAL H 359 27.62 22.05 -51.21
CA VAL H 359 28.96 22.34 -50.73
C VAL H 359 29.85 21.11 -50.90
N LEU H 360 29.33 20.08 -51.58
CA LEU H 360 30.14 18.90 -51.81
C LEU H 360 31.33 19.20 -52.72
N TRP H 361 31.11 19.96 -53.79
CA TRP H 361 32.14 20.07 -54.83
C TRP H 361 32.80 21.44 -54.88
N GLU H 362 32.03 22.50 -55.14
CA GLU H 362 32.56 23.84 -55.39
C GLU H 362 33.83 23.83 -56.24
N LEU H 363 33.77 23.06 -57.33
CA LEU H 363 34.90 22.92 -58.24
C LEU H 363 34.99 24.23 -59.04
N GLY H 364 35.54 25.26 -58.41
CA GLY H 364 35.26 26.59 -58.89
C GLY H 364 33.80 26.84 -58.57
N GLU H 365 32.95 26.76 -59.58
CA GLU H 365 31.51 26.64 -59.37
C GLU H 365 30.93 25.66 -60.37
N ASP H 366 30.39 24.55 -59.87
CA ASP H 366 29.75 23.55 -60.71
C ASP H 366 28.46 23.09 -60.05
N TYR H 367 27.54 22.59 -60.87
CA TYR H 367 26.23 22.18 -60.37
C TYR H 367 26.36 20.95 -59.50
N GLY H 368 25.74 20.99 -58.32
CA GLY H 368 25.63 19.79 -57.51
C GLY H 368 24.71 18.80 -58.20
N ALA H 369 25.27 17.73 -58.75
CA ALA H 369 24.47 16.78 -59.50
C ALA H 369 23.40 16.15 -58.63
N TYR H 370 23.65 16.06 -57.33
CA TYR H 370 22.70 15.45 -56.41
C TYR H 370 21.56 16.39 -56.05
N LEU H 371 21.63 17.66 -56.48
CA LEU H 371 20.54 18.58 -56.19
C LEU H 371 19.23 18.12 -56.83
N LYS H 372 19.30 17.65 -58.08
CA LYS H 372 18.08 17.26 -58.79
C LYS H 372 17.40 16.07 -58.13
N ASP H 373 18.17 15.05 -57.76
CA ASP H 373 17.59 13.83 -57.22
C ASP H 373 17.33 14.00 -55.73
N LYS H 374 16.63 15.08 -55.39
CA LYS H 374 16.11 15.37 -54.07
C LYS H 374 14.97 16.38 -54.24
N ASP H 375 14.56 17.01 -53.14
CA ASP H 375 13.52 18.04 -53.19
C ASP H 375 14.16 19.40 -53.50
N VAL H 376 14.60 19.53 -54.76
CA VAL H 376 15.09 20.81 -55.25
C VAL H 376 13.95 21.82 -55.31
N VAL H 377 12.75 21.36 -55.63
CA VAL H 377 11.59 22.25 -55.75
C VAL H 377 10.56 21.86 -54.70
N ASP I 9 -13.04 -20.83 -31.76
CA ASP I 9 -13.16 -20.32 -30.41
C ASP I 9 -14.54 -20.62 -29.82
N VAL I 10 -15.19 -21.68 -30.32
CA VAL I 10 -16.52 -22.07 -29.89
C VAL I 10 -16.66 -23.59 -29.91
N LEU I 11 -16.81 -24.22 -28.72
CA LEU I 11 -17.07 -25.66 -28.66
C LEU I 11 -17.25 -26.15 -27.22
N SER I 12 -17.89 -27.33 -27.11
CA SER I 12 -17.88 -28.17 -25.92
C SER I 12 -18.53 -27.48 -24.72
N GLY I 13 -19.78 -27.08 -24.89
CA GLY I 13 -20.52 -26.46 -23.81
C GLY I 13 -21.60 -25.55 -24.38
N LEU I 14 -22.15 -24.73 -23.50
CA LEU I 14 -23.09 -23.70 -23.90
C LEU I 14 -22.42 -22.34 -23.95
N ILE I 15 -21.09 -22.30 -23.79
CA ILE I 15 -20.32 -21.08 -24.00
C ILE I 15 -20.67 -20.46 -25.34
N ASN I 16 -21.04 -21.30 -26.31
CA ASN I 16 -21.25 -20.84 -27.67
C ASN I 16 -22.31 -19.76 -27.72
N ARG I 17 -23.25 -19.79 -26.77
CA ARG I 17 -24.47 -19.01 -26.88
C ARG I 17 -24.44 -17.77 -26.01
N ARG I 18 -23.85 -17.85 -24.83
CA ARG I 18 -23.94 -16.77 -23.85
C ARG I 18 -22.83 -15.75 -23.95
N ASN I 19 -21.86 -15.94 -24.84
CA ASN I 19 -20.80 -14.95 -24.95
C ASN I 19 -21.32 -13.68 -25.62
N SER I 20 -20.48 -12.65 -25.61
CA SER I 20 -20.89 -11.38 -26.18
C SER I 20 -21.11 -11.49 -27.69
N MET I 21 -20.64 -12.58 -28.29
CA MET I 21 -20.82 -12.77 -29.72
C MET I 21 -22.29 -12.86 -30.08
N ALA I 22 -22.97 -13.90 -29.63
CA ALA I 22 -24.34 -14.16 -30.04
C ALA I 22 -25.37 -13.61 -29.06
N ARG I 23 -24.96 -13.19 -27.87
CA ARG I 23 -25.94 -12.75 -26.89
C ARG I 23 -26.56 -11.43 -27.29
N ASN I 24 -25.93 -10.70 -28.20
CA ASN I 24 -26.47 -9.44 -28.69
C ASN I 24 -25.98 -9.11 -30.08
N ARG I 25 -26.90 -8.75 -30.96
CA ARG I 25 -26.57 -8.29 -32.30
C ARG I 25 -26.50 -6.77 -32.31
N VAL I 26 -25.93 -6.22 -33.37
CA VAL I 26 -25.67 -4.80 -33.47
C VAL I 26 -26.91 -4.08 -33.98
N SER I 27 -27.13 -2.87 -33.49
CA SER I 27 -28.17 -1.99 -33.98
C SER I 27 -27.82 -0.56 -33.57
N HIS I 28 -28.29 0.39 -34.37
CA HIS I 28 -27.96 1.80 -34.16
C HIS I 28 -29.21 2.61 -33.96
N ARG I 29 -29.18 3.51 -32.98
CA ARG I 29 -30.31 4.38 -32.73
C ARG I 29 -30.40 5.44 -33.81
N TYR I 30 -31.62 5.89 -34.08
CA TYR I 30 -31.90 7.03 -34.95
C TYR I 30 -32.52 8.10 -34.07
N LEU I 31 -31.70 8.98 -33.50
CA LEU I 31 -32.25 10.00 -32.62
C LEU I 31 -33.11 10.98 -33.41
N SER I 32 -34.26 11.32 -32.86
CA SER I 32 -35.24 12.12 -33.57
C SER I 32 -34.75 13.55 -33.75
N ASP I 33 -35.44 14.28 -34.62
CA ASP I 33 -35.05 15.66 -34.86
C ASP I 33 -35.18 16.51 -33.60
N GLU I 34 -36.22 16.28 -32.81
CA GLU I 34 -36.39 17.08 -31.60
C GLU I 34 -35.27 16.80 -30.60
N GLU I 35 -34.86 15.54 -30.47
CA GLU I 35 -33.69 15.24 -29.66
C GLU I 35 -32.43 15.83 -30.26
N MET I 36 -32.36 15.86 -31.59
CA MET I 36 -31.23 16.50 -32.26
C MET I 36 -31.17 17.98 -31.89
N ARG I 37 -32.33 18.61 -31.77
CA ARG I 37 -32.39 20.01 -31.37
C ARG I 37 -31.83 20.22 -29.98
N VAL I 38 -32.21 19.35 -29.03
CA VAL I 38 -31.88 19.59 -27.63
C VAL I 38 -30.38 19.55 -27.43
N MET I 39 -29.69 18.59 -28.04
CA MET I 39 -28.25 18.51 -27.85
C MET I 39 -27.52 19.71 -28.42
N TYR I 40 -28.07 20.34 -29.45
CA TYR I 40 -27.47 21.56 -29.94
C TYR I 40 -27.44 22.63 -28.86
N LYS I 41 -28.46 22.64 -28.01
CA LYS I 41 -28.48 23.56 -26.88
C LYS I 41 -27.57 23.13 -25.75
N ALA I 42 -27.39 21.83 -25.56
CA ALA I 42 -26.69 21.34 -24.37
C ALA I 42 -25.25 21.80 -24.36
N GLY I 43 -24.73 22.06 -23.16
CA GLY I 43 -23.45 22.73 -23.05
C GLY I 43 -22.31 21.93 -23.67
N LEU I 44 -22.28 20.62 -23.42
CA LEU I 44 -21.13 19.82 -23.83
C LEU I 44 -20.93 19.91 -25.34
N MET I 45 -21.89 19.45 -26.12
CA MET I 45 -21.71 19.48 -27.56
C MET I 45 -21.70 20.89 -28.10
N SER I 46 -22.24 21.86 -27.37
CA SER I 46 -22.17 23.25 -27.80
C SER I 46 -20.73 23.66 -28.03
N LYS I 47 -19.83 23.23 -27.16
CA LYS I 47 -18.41 23.48 -27.41
C LYS I 47 -17.89 22.58 -28.51
N ILE I 48 -18.35 21.32 -28.55
CA ILE I 48 -17.96 20.42 -29.64
C ILE I 48 -18.25 21.07 -30.98
N ILE I 49 -19.49 21.49 -31.17
CA ILE I 49 -19.88 22.08 -32.45
C ILE I 49 -19.10 23.36 -32.69
N ARG I 50 -18.99 24.19 -31.66
CA ARG I 50 -18.26 25.46 -31.80
C ARG I 50 -16.79 25.21 -32.10
N LEU I 51 -16.18 24.29 -31.38
CA LEU I 51 -14.75 24.06 -31.56
C LEU I 51 -14.45 23.56 -32.97
N LYS I 52 -15.13 22.48 -33.38
CA LYS I 52 -14.81 21.87 -34.66
C LYS I 52 -15.10 22.82 -35.82
N ALA I 53 -16.21 23.54 -35.75
CA ALA I 53 -16.53 24.49 -36.81
C ALA I 53 -15.48 25.59 -36.88
N GLY I 54 -15.12 26.17 -35.74
CA GLY I 54 -14.11 27.22 -35.75
C GLY I 54 -12.77 26.71 -36.24
N TYR I 55 -12.36 25.53 -35.80
CA TYR I 55 -11.09 24.96 -36.22
C TYR I 55 -11.06 24.71 -37.72
N ALA I 56 -12.22 24.67 -38.36
CA ALA I 56 -12.24 24.43 -39.79
C ALA I 56 -12.14 25.73 -40.59
N LEU I 57 -12.73 26.81 -40.08
CA LEU I 57 -12.90 28.03 -40.85
C LEU I 57 -12.05 29.20 -40.39
N ASN I 58 -11.48 29.14 -39.19
CA ASN I 58 -10.75 30.30 -38.66
C ASN I 58 -9.48 30.50 -39.46
N ASP I 59 -9.51 31.43 -40.42
CA ASP I 59 -8.34 31.87 -41.16
C ASP I 59 -7.58 30.68 -41.73
N THR I 60 -8.32 29.75 -42.32
CA THR I 60 -7.73 28.55 -42.91
C THR I 60 -8.08 28.43 -44.39
N LEU I 61 -8.62 29.49 -44.97
CA LEU I 61 -9.20 29.45 -46.30
C LEU I 61 -8.23 30.05 -47.30
N LYS I 62 -7.64 29.20 -48.12
CA LYS I 62 -6.77 29.67 -49.19
C LYS I 62 -7.60 30.27 -50.30
N PHE I 63 -7.41 31.56 -50.55
CA PHE I 63 -8.13 32.25 -51.62
C PHE I 63 -7.19 32.47 -52.78
N GLU I 64 -7.53 31.94 -53.94
CA GLU I 64 -6.74 32.17 -55.13
C GLU I 64 -7.08 33.48 -55.81
N SER I 65 -8.05 34.22 -55.28
CA SER I 65 -8.46 35.51 -55.82
C SER I 65 -7.97 36.59 -54.85
N THR I 66 -6.72 37.02 -55.05
CA THR I 66 -6.18 38.12 -54.25
C THR I 66 -6.97 39.40 -54.50
N GLN I 67 -7.29 39.68 -55.76
CA GLN I 67 -8.12 40.85 -56.08
C GLN I 67 -9.46 40.73 -55.37
N ASP I 68 -9.91 41.85 -54.80
CA ASP I 68 -11.04 41.85 -53.88
C ASP I 68 -10.83 40.77 -52.82
N GLN I 69 -9.71 40.90 -52.11
CA GLN I 69 -9.28 39.89 -51.16
C GLN I 69 -10.37 39.57 -50.17
N GLU I 70 -10.81 38.31 -50.17
CA GLU I 70 -11.71 37.79 -49.15
C GLU I 70 -12.99 38.63 -49.05
N ILE I 71 -13.56 39.00 -50.20
CA ILE I 71 -14.91 39.53 -50.20
C ILE I 71 -15.85 38.51 -49.61
N TYR I 72 -15.49 37.24 -49.69
CA TYR I 72 -16.14 36.19 -48.92
C TYR I 72 -16.14 36.51 -47.43
N LYS I 73 -15.06 37.12 -46.94
CA LYS I 73 -14.85 37.19 -45.50
C LYS I 73 -15.83 38.15 -44.84
N LYS I 74 -16.01 39.34 -45.42
CA LYS I 74 -16.81 40.37 -44.79
C LYS I 74 -18.30 40.21 -45.04
N ARG I 75 -18.71 39.28 -45.89
CA ARG I 75 -20.10 39.16 -46.32
C ARG I 75 -20.79 37.91 -45.82
N LEU I 76 -20.23 36.73 -46.08
CA LEU I 76 -20.89 35.49 -45.70
C LEU I 76 -19.95 34.45 -45.10
N SER I 77 -18.66 34.74 -44.96
CA SER I 77 -17.79 33.80 -44.26
C SER I 77 -18.26 33.59 -42.84
N LYS I 78 -19.09 34.50 -42.35
CA LYS I 78 -19.72 34.34 -41.06
C LYS I 78 -21.05 33.60 -41.19
N HIS I 79 -21.72 33.75 -42.34
CA HIS I 79 -22.92 32.93 -42.59
C HIS I 79 -22.56 31.46 -42.67
N VAL I 80 -21.46 31.14 -43.37
CA VAL I 80 -21.06 29.74 -43.49
C VAL I 80 -20.78 29.12 -42.13
N LYS I 81 -20.15 29.87 -41.23
CA LYS I 81 -19.75 29.30 -39.94
C LYS I 81 -20.96 28.89 -39.14
N ASN I 82 -22.00 29.75 -39.08
CA ASN I 82 -23.24 29.33 -38.47
C ASN I 82 -23.84 28.16 -39.24
N ALA I 83 -23.67 28.16 -40.55
CA ALA I 83 -24.22 27.07 -41.34
C ALA I 83 -23.42 25.79 -41.15
N THR I 84 -22.08 25.87 -41.17
CA THR I 84 -21.30 24.67 -40.95
C THR I 84 -21.41 24.18 -39.51
N LYS I 85 -21.74 25.08 -38.58
CA LYS I 85 -22.16 24.63 -37.27
C LYS I 85 -23.42 23.80 -37.37
N PHE I 86 -24.36 24.25 -38.20
CA PHE I 86 -25.61 23.52 -38.39
C PHE I 86 -25.36 22.18 -39.08
N MET I 87 -24.24 22.06 -39.80
CA MET I 87 -23.81 20.75 -40.25
C MET I 87 -23.65 19.80 -39.07
N LEU I 88 -22.74 20.15 -38.15
CA LEU I 88 -22.42 19.26 -37.06
C LEU I 88 -23.61 19.09 -36.12
N GLY I 89 -24.37 20.16 -35.88
CA GLY I 89 -25.46 20.08 -34.93
C GLY I 89 -26.57 19.16 -35.38
N PHE I 90 -26.92 19.20 -36.66
CA PHE I 90 -28.08 18.48 -37.14
C PHE I 90 -27.81 17.57 -38.33
N GLY I 91 -26.59 17.56 -38.86
CA GLY I 91 -26.34 16.78 -40.04
C GLY I 91 -26.78 17.45 -41.31
N ARG I 92 -27.25 18.70 -41.25
CA ARG I 92 -27.67 19.40 -42.46
C ARG I 92 -27.54 20.90 -42.21
N GLY I 93 -26.48 21.49 -42.73
CA GLY I 93 -26.37 22.93 -42.81
C GLY I 93 -26.81 23.38 -44.18
N VAL I 94 -27.49 24.53 -44.22
CA VAL I 94 -28.08 25.01 -45.47
C VAL I 94 -27.76 26.49 -45.64
N ILE I 95 -27.32 26.85 -46.84
CA ILE I 95 -27.22 28.24 -47.26
C ILE I 95 -28.20 28.44 -48.42
N VAL I 96 -29.06 29.43 -48.29
CA VAL I 96 -30.08 29.73 -49.29
C VAL I 96 -29.78 31.08 -49.90
N VAL I 97 -29.78 31.14 -51.23
CA VAL I 97 -29.55 32.38 -51.96
C VAL I 97 -30.69 32.59 -52.93
N PHE I 98 -31.18 33.82 -53.01
CA PHE I 98 -32.19 34.18 -54.00
C PHE I 98 -32.16 35.69 -54.19
N LYS I 99 -32.69 36.12 -55.33
CA LYS I 99 -32.65 37.53 -55.71
C LYS I 99 -33.70 38.30 -54.90
N ASN I 100 -33.93 39.57 -55.26
CA ASN I 100 -34.90 40.36 -54.54
C ASN I 100 -36.32 39.85 -54.71
N GLY I 101 -36.56 38.97 -55.69
CA GLY I 101 -37.89 38.42 -55.88
C GLY I 101 -37.98 36.96 -55.48
N ASP I 102 -38.81 36.66 -54.50
CA ASP I 102 -38.93 35.29 -54.00
C ASP I 102 -39.37 34.36 -55.13
N ASP I 103 -38.68 33.24 -55.27
CA ASP I 103 -38.93 32.32 -56.36
C ASP I 103 -38.89 30.88 -55.86
N LEU I 104 -39.85 30.08 -56.29
CA LEU I 104 -39.80 28.64 -56.03
C LEU I 104 -38.76 27.98 -56.92
N SER I 105 -38.61 28.46 -58.14
CA SER I 105 -37.85 27.78 -59.17
C SER I 105 -36.38 28.23 -59.14
N LYS I 106 -35.63 27.84 -60.16
CA LYS I 106 -34.18 27.97 -60.16
C LYS I 106 -33.75 29.43 -60.27
N PRO I 107 -32.54 29.75 -59.80
CA PRO I 107 -32.02 31.10 -59.98
C PRO I 107 -31.58 31.32 -61.42
N LEU I 108 -31.92 32.48 -61.95
CA LEU I 108 -31.60 32.78 -63.35
C LEU I 108 -30.10 32.97 -63.47
N GLU I 109 -29.41 31.88 -63.80
CA GLU I 109 -27.97 31.90 -63.99
C GLU I 109 -27.58 32.12 -65.45
N ARG I 110 -28.55 32.42 -66.32
CA ARG I 110 -28.21 32.82 -67.69
C ARG I 110 -27.30 34.04 -67.66
N GLY I 111 -27.64 35.04 -66.86
CA GLY I 111 -26.67 35.99 -66.38
C GLY I 111 -26.52 35.78 -64.89
N VAL I 112 -25.40 35.19 -64.46
CA VAL I 112 -25.24 34.81 -63.06
C VAL I 112 -25.38 36.05 -62.18
N ASP I 113 -26.15 35.90 -61.11
CA ASP I 113 -26.59 37.03 -60.28
C ASP I 113 -25.39 37.82 -59.76
N PRO I 114 -25.16 39.03 -60.27
CA PRO I 114 -24.01 39.84 -59.84
C PRO I 114 -24.29 40.60 -58.54
N LYS I 115 -24.12 39.88 -57.42
CA LYS I 115 -24.29 40.41 -56.06
C LYS I 115 -25.55 41.26 -55.91
N LEU I 116 -26.62 40.88 -56.62
CA LEU I 116 -27.93 41.50 -56.47
C LEU I 116 -28.85 40.61 -55.65
N LEU I 117 -28.29 39.96 -54.63
CA LEU I 117 -28.90 38.80 -54.01
C LEU I 117 -28.72 38.84 -52.50
N LYS I 118 -29.56 38.09 -51.80
CA LYS I 118 -29.54 37.97 -50.36
C LYS I 118 -29.05 36.59 -49.95
N ILE I 119 -28.75 36.44 -48.66
CA ILE I 119 -28.15 35.23 -48.11
C ILE I 119 -28.97 34.76 -46.92
N ARG I 120 -29.20 33.46 -46.84
CA ARG I 120 -29.85 32.85 -45.69
C ARG I 120 -29.08 31.62 -45.27
N VAL I 121 -29.21 31.26 -43.99
CA VAL I 121 -28.59 30.07 -43.43
C VAL I 121 -29.64 29.33 -42.60
N PHE I 122 -29.67 28.00 -42.73
CA PHE I 122 -30.74 27.22 -42.11
C PHE I 122 -30.19 25.95 -41.49
N SER I 123 -30.70 25.63 -40.30
CA SER I 123 -30.40 24.37 -39.64
C SER I 123 -31.13 23.22 -40.31
N GLY I 124 -30.61 22.01 -40.12
CA GLY I 124 -31.28 20.82 -40.61
C GLY I 124 -32.61 20.56 -39.95
N ASP I 125 -32.91 21.22 -38.84
CA ASP I 125 -34.22 21.09 -38.21
C ASP I 125 -35.31 21.58 -39.14
N ILE I 126 -35.33 22.89 -39.41
CA ILE I 126 -36.36 23.44 -40.26
C ILE I 126 -36.12 23.10 -41.72
N ALA I 127 -34.86 23.07 -42.16
CA ALA I 127 -34.56 22.58 -43.49
C ALA I 127 -34.76 21.08 -43.56
N LYS I 128 -34.74 20.56 -44.79
CA LYS I 128 -34.84 19.13 -45.03
C LYS I 128 -34.70 18.88 -46.51
N GLY I 129 -34.42 17.64 -46.88
CA GLY I 129 -34.33 17.25 -48.28
C GLY I 129 -35.53 16.41 -48.69
N ASN I 130 -36.04 16.64 -49.90
CA ASN I 130 -37.29 16.02 -50.32
C ASN I 130 -37.14 15.08 -51.52
N ASN I 131 -36.67 15.57 -52.66
CA ASN I 131 -36.98 14.88 -53.92
C ASN I 131 -35.72 14.35 -54.58
N PRO I 132 -35.45 13.05 -54.51
CA PRO I 132 -34.34 12.47 -55.25
C PRO I 132 -34.78 11.86 -56.58
N ASP I 133 -34.00 12.04 -57.63
CA ASP I 133 -34.27 11.31 -58.86
C ASP I 133 -33.65 9.93 -58.76
N ASN I 134 -34.48 8.90 -58.77
CA ASN I 134 -33.96 7.54 -58.65
C ASN I 134 -33.21 7.09 -59.89
N ASP I 135 -33.35 7.79 -61.01
CA ASP I 135 -32.58 7.47 -62.20
C ASP I 135 -31.16 8.02 -62.08
N LEU I 136 -30.28 7.51 -62.91
CA LEU I 136 -28.87 7.88 -62.87
C LEU I 136 -28.54 9.07 -63.74
N ARG I 137 -29.54 9.81 -64.21
CA ARG I 137 -29.31 10.79 -65.27
C ARG I 137 -28.56 12.02 -64.77
N SER I 138 -29.18 12.80 -63.88
CA SER I 138 -28.66 14.11 -63.51
C SER I 138 -27.90 14.08 -62.20
N GLU I 139 -28.58 13.74 -61.12
CA GLU I 139 -27.99 13.65 -59.79
C GLU I 139 -28.44 12.34 -59.17
N ARG I 140 -27.49 11.58 -58.63
CA ARG I 140 -27.79 10.22 -58.23
C ARG I 140 -28.70 10.25 -56.99
N TYR I 141 -29.08 9.07 -56.51
CA TYR I 141 -29.98 8.92 -55.36
C TYR I 141 -29.59 9.84 -54.21
N TYR I 142 -28.32 10.21 -54.11
CA TYR I 142 -27.87 11.14 -53.08
C TYR I 142 -28.59 12.48 -53.19
N LYS I 143 -28.33 13.19 -54.28
CA LYS I 143 -28.63 14.61 -54.34
C LYS I 143 -30.12 14.83 -54.50
N PRO I 144 -30.77 15.58 -53.61
CA PRO I 144 -32.17 15.95 -53.83
C PRO I 144 -32.31 16.87 -55.03
N LYS I 145 -33.55 17.00 -55.51
CA LYS I 145 -33.84 17.85 -56.64
C LYS I 145 -34.69 19.07 -56.29
N ASN I 146 -35.43 19.02 -55.20
CA ASN I 146 -36.19 20.16 -54.71
C ASN I 146 -36.69 19.84 -53.32
N TYR I 147 -36.49 20.74 -52.37
CA TYR I 147 -36.95 20.46 -51.03
C TYR I 147 -37.42 21.73 -50.34
N THR I 148 -38.20 21.52 -49.29
CA THR I 148 -38.84 22.61 -48.56
C THR I 148 -37.96 23.05 -47.41
N ILE I 149 -37.83 24.36 -47.26
CA ILE I 149 -37.07 24.93 -46.15
C ILE I 149 -38.01 25.25 -44.99
N LYS I 150 -39.27 25.52 -45.30
CA LYS I 150 -40.34 25.91 -44.41
C LYS I 150 -41.63 25.61 -45.15
N GLY I 151 -42.72 26.25 -44.77
CA GLY I 151 -43.89 26.26 -45.63
C GLY I 151 -43.56 26.51 -47.08
N HIS I 152 -42.51 27.31 -47.34
CA HIS I 152 -42.07 27.56 -48.70
C HIS I 152 -41.29 26.37 -49.24
N THR I 153 -40.82 26.50 -50.49
CA THR I 153 -39.97 25.50 -51.13
C THR I 153 -38.87 26.24 -51.89
N ILE I 154 -37.72 25.58 -52.02
CA ILE I 154 -36.58 26.18 -52.71
C ILE I 154 -36.01 25.21 -53.73
N HIS I 155 -35.66 25.73 -54.91
CA HIS I 155 -35.09 24.94 -55.97
C HIS I 155 -33.74 24.38 -55.57
N TRP I 156 -33.37 23.25 -56.20
CA TRP I 156 -32.11 22.60 -55.87
C TRP I 156 -30.92 23.49 -56.17
N THR I 157 -30.80 23.99 -57.39
CA THR I 157 -29.67 24.83 -57.73
C THR I 157 -29.73 26.17 -57.00
N ARG I 158 -30.87 26.51 -56.42
CA ARG I 158 -30.93 27.68 -55.56
C ARG I 158 -30.08 27.51 -54.31
N VAL I 159 -30.10 26.31 -53.75
CA VAL I 159 -29.70 26.10 -52.36
C VAL I 159 -28.36 25.37 -52.29
N VAL I 160 -27.57 25.73 -51.28
CA VAL I 160 -26.29 25.11 -51.00
C VAL I 160 -26.41 24.31 -49.70
N ASP I 161 -25.99 23.04 -49.75
CA ASP I 161 -26.24 22.08 -48.67
C ASP I 161 -24.93 21.73 -48.00
N PHE I 162 -24.88 21.92 -46.68
CA PHE I 162 -23.73 21.52 -45.87
C PHE I 162 -24.02 20.15 -45.30
N THR I 163 -23.63 19.10 -46.01
CA THR I 163 -23.97 17.74 -45.65
C THR I 163 -22.79 17.07 -44.96
N TYR I 164 -23.03 16.50 -43.80
CA TYR I 164 -22.01 15.83 -43.02
C TYR I 164 -21.84 14.39 -43.51
N TYR I 165 -21.13 13.59 -42.73
CA TYR I 165 -20.92 12.17 -42.94
C TYR I 165 -22.21 11.44 -43.27
N MET I 166 -22.30 10.89 -44.49
CA MET I 166 -23.56 10.31 -44.94
C MET I 166 -23.53 8.79 -44.79
N PRO I 167 -24.65 8.18 -44.46
CA PRO I 167 -24.70 6.72 -44.36
C PRO I 167 -24.86 6.05 -45.70
N SER I 168 -25.08 4.75 -45.70
CA SER I 168 -25.33 4.03 -46.95
C SER I 168 -26.64 4.47 -47.57
N GLU I 169 -26.71 4.36 -48.90
CA GLU I 169 -27.85 4.90 -49.64
C GLU I 169 -29.15 4.19 -49.25
N ASN I 170 -29.08 2.90 -48.92
CA ASN I 170 -30.28 2.15 -48.60
C ASN I 170 -31.08 2.78 -47.47
N GLU I 171 -30.48 3.67 -46.71
CA GLU I 171 -31.14 4.29 -45.58
C GLU I 171 -31.00 5.80 -45.57
N LEU I 172 -30.50 6.39 -46.66
CA LEU I 172 -30.34 7.84 -46.73
C LEU I 172 -31.63 8.61 -46.47
N PRO I 173 -32.82 8.18 -46.90
CA PRO I 173 -34.04 8.94 -46.55
C PRO I 173 -34.26 9.08 -45.06
N ASP I 174 -33.88 8.09 -44.25
CA ASP I 174 -34.13 8.21 -42.82
C ASP I 174 -33.38 9.38 -42.20
N TYR I 175 -32.32 9.86 -42.85
CA TYR I 175 -31.70 11.12 -42.47
C TYR I 175 -32.16 12.26 -43.36
N TYR I 176 -33.13 12.00 -44.21
CA TYR I 176 -33.70 12.97 -45.14
C TYR I 176 -32.60 13.63 -45.97
N TYR I 177 -31.83 12.79 -46.64
CA TYR I 177 -30.99 13.20 -47.77
C TYR I 177 -29.92 14.21 -47.33
N GLY I 178 -29.05 13.73 -46.45
CA GLY I 178 -27.87 14.49 -46.14
C GLY I 178 -27.37 14.39 -44.71
N GLY I 179 -26.09 14.08 -44.57
CA GLY I 179 -25.38 14.23 -43.32
C GLY I 179 -25.88 13.44 -42.13
N MET I 180 -25.22 13.64 -41.00
CA MET I 180 -25.50 12.93 -39.76
C MET I 180 -25.01 13.81 -38.63
N SER I 181 -25.91 14.19 -37.73
CA SER I 181 -25.50 15.01 -36.60
C SER I 181 -24.45 14.28 -35.78
N GLU I 182 -23.49 15.04 -35.24
CA GLU I 182 -22.53 14.44 -34.33
C GLU I 182 -23.25 13.74 -33.19
N SER I 183 -24.41 14.25 -32.80
CA SER I 183 -25.21 13.59 -31.79
C SER I 183 -25.46 12.14 -32.17
N GLU I 184 -25.89 11.91 -33.41
CA GLU I 184 -26.12 10.56 -33.86
C GLU I 184 -24.84 9.74 -33.78
N LEU I 185 -23.69 10.40 -33.89
CA LEU I 185 -22.41 9.72 -33.73
C LEU I 185 -22.07 9.47 -32.27
N ILE I 186 -22.56 10.30 -31.36
CA ILE I 186 -22.19 10.15 -29.96
C ILE I 186 -23.42 10.14 -29.06
N TYR I 187 -24.56 9.70 -29.58
CA TYR I 187 -25.76 9.65 -28.73
C TYR I 187 -25.56 8.61 -27.62
N GLU I 188 -24.83 7.54 -27.94
CA GLU I 188 -24.33 6.64 -26.91
C GLU I 188 -23.54 7.40 -25.86
N GLN I 189 -22.92 8.51 -26.26
CA GLN I 189 -21.95 9.15 -25.40
C GLN I 189 -22.62 10.21 -24.53
N PHE I 190 -23.27 11.17 -25.18
CA PHE I 190 -23.82 12.32 -24.46
C PHE I 190 -24.80 11.86 -23.40
N ILE I 191 -25.62 10.86 -23.72
CA ILE I 191 -26.49 10.29 -22.69
C ILE I 191 -25.67 9.71 -21.56
N ASN I 192 -24.63 8.95 -21.88
CA ASN I 192 -23.84 8.30 -20.84
C ASN I 192 -23.16 9.33 -19.96
N ASP I 193 -22.48 10.30 -20.56
CA ASP I 193 -21.82 11.33 -19.79
C ASP I 193 -22.80 12.10 -18.93
N SER I 194 -23.95 12.47 -19.51
CA SER I 194 -24.96 13.15 -18.72
C SER I 194 -25.38 12.29 -17.54
N VAL I 195 -25.55 10.99 -17.77
CA VAL I 195 -25.86 10.08 -16.67
C VAL I 195 -24.74 10.09 -15.65
N VAL I 196 -23.49 10.05 -16.12
CA VAL I 196 -22.37 10.13 -15.20
C VAL I 196 -22.49 11.40 -14.38
N GLN I 197 -22.84 12.49 -15.03
CA GLN I 197 -22.69 13.78 -14.37
C GLN I 197 -23.88 14.07 -13.45
N ARG I 198 -25.10 13.80 -13.91
CA ARG I 198 -26.26 14.01 -13.05
C ARG I 198 -26.12 13.20 -11.77
N ALA I 199 -25.66 11.95 -11.89
CA ALA I 199 -25.42 11.16 -10.69
C ALA I 199 -24.27 11.72 -9.87
N SER I 200 -23.30 12.36 -10.53
CA SER I 200 -22.14 12.85 -9.81
C SER I 200 -22.53 13.92 -8.81
N GLY I 201 -23.42 14.83 -9.21
CA GLY I 201 -23.82 15.90 -8.31
C GLY I 201 -24.62 15.41 -7.13
N SER I 202 -25.49 14.42 -7.34
CA SER I 202 -26.39 14.01 -6.27
C SER I 202 -25.77 13.02 -5.29
N ILE I 203 -24.58 12.50 -5.59
CA ILE I 203 -24.00 11.51 -4.69
C ILE I 203 -23.47 12.16 -3.42
N ILE I 204 -22.95 13.39 -3.52
CA ILE I 204 -22.33 14.02 -2.37
C ILE I 204 -23.35 14.30 -1.28
N GLU I 205 -24.50 14.84 -1.65
CA GLU I 205 -25.51 15.14 -0.65
C GLU I 205 -25.93 13.89 0.11
N LYS I 206 -25.74 12.71 -0.48
CA LYS I 206 -26.04 11.46 0.21
C LYS I 206 -24.77 10.66 0.48
N ALA I 207 -23.62 11.34 0.53
CA ALA I 207 -22.37 10.62 0.70
C ALA I 207 -22.30 9.89 2.03
N SER I 208 -22.97 10.41 3.05
CA SER I 208 -22.97 9.75 4.36
C SER I 208 -24.19 10.23 5.12
N THR I 209 -24.96 9.28 5.63
CA THR I 209 -26.20 9.59 6.34
C THR I 209 -26.07 9.12 7.78
N PHE I 210 -26.25 10.05 8.72
CA PHE I 210 -26.27 9.69 10.12
C PHE I 210 -27.57 8.95 10.41
N VAL I 211 -27.50 7.94 11.26
CA VAL I 211 -28.64 7.06 11.49
C VAL I 211 -28.85 6.88 12.99
N TYR I 212 -30.05 7.18 13.46
CA TYR I 212 -30.42 6.94 14.85
C TYR I 212 -31.25 5.67 14.93
N LYS I 213 -30.58 4.53 14.94
CA LYS I 213 -31.32 3.31 15.22
C LYS I 213 -31.79 3.39 16.66
N ILE I 214 -33.09 3.66 16.86
CA ILE I 214 -33.62 4.00 18.17
C ILE I 214 -34.65 2.97 18.56
N LYS I 215 -34.46 2.34 19.72
CA LYS I 215 -35.42 1.37 20.20
C LYS I 215 -36.70 2.06 20.63
N GLY I 216 -37.83 1.45 20.28
CA GLY I 216 -39.12 1.98 20.61
C GLY I 216 -39.73 2.89 19.55
N TYR I 217 -38.91 3.41 18.64
CA TYR I 217 -39.46 4.22 17.56
C TYR I 217 -40.33 3.39 16.63
N LYS I 218 -40.18 2.06 16.66
CA LYS I 218 -41.24 1.18 16.19
C LYS I 218 -42.59 1.67 16.68
N GLN I 219 -42.74 1.79 17.98
CA GLN I 219 -44.05 2.02 18.57
C GLN I 219 -44.48 3.47 18.39
N LEU I 220 -43.56 4.41 18.57
CA LEU I 220 -43.92 5.84 18.56
C LEU I 220 -44.57 6.23 17.25
N ILE I 221 -44.00 5.80 16.13
CA ILE I 221 -44.69 5.97 14.86
C ILE I 221 -46.00 5.21 14.87
N GLN I 222 -45.97 3.98 15.35
CA GLN I 222 -47.17 3.15 15.33
C GLN I 222 -48.28 3.77 16.17
N ALA I 223 -47.94 4.40 17.28
CA ALA I 223 -48.92 5.15 18.04
C ALA I 223 -49.07 6.57 17.53
N LYS I 224 -48.34 6.93 16.49
CA LYS I 224 -48.46 8.23 15.82
C LYS I 224 -48.24 9.39 16.79
N LYS I 225 -47.70 9.12 17.97
CA LYS I 225 -47.32 10.15 18.92
C LYS I 225 -45.80 10.31 18.86
N GLU I 226 -45.27 10.25 17.65
CA GLU I 226 -43.84 10.34 17.40
C GLU I 226 -43.38 11.79 17.23
N GLU I 227 -44.21 12.75 17.63
CA GLU I 227 -43.85 14.15 17.42
C GLU I 227 -42.64 14.54 18.26
N ASP I 228 -42.55 14.06 19.49
CA ASP I 228 -41.51 14.55 20.39
C ASP I 228 -40.14 14.03 20.01
N ILE I 229 -40.04 12.77 19.61
CA ILE I 229 -38.73 12.20 19.28
C ILE I 229 -38.14 12.89 18.05
N ILE I 230 -38.98 13.24 17.08
CA ILE I 230 -38.50 14.03 15.95
C ILE I 230 -38.01 15.38 16.43
N LYS I 231 -38.75 16.00 17.34
CA LYS I 231 -38.36 17.32 17.83
C LYS I 231 -37.01 17.25 18.54
N TYR I 232 -36.82 16.25 19.40
CA TYR I 232 -35.54 16.13 20.09
C TYR I 232 -34.40 15.88 19.12
N VAL I 233 -34.61 15.01 18.13
CA VAL I 233 -33.57 14.78 17.14
C VAL I 233 -33.30 16.04 16.34
N SER I 234 -34.36 16.76 15.97
CA SER I 234 -34.16 18.00 15.23
C SER I 234 -33.35 18.99 16.05
N THR I 235 -33.66 19.13 17.34
CA THR I 235 -32.84 19.97 18.21
C THR I 235 -31.45 19.37 18.36
N CYS I 236 -31.36 18.05 18.46
CA CYS I 236 -30.06 17.40 18.59
C CYS I 236 -29.23 17.60 17.33
N GLU I 237 -29.81 17.33 16.17
CA GLU I 237 -29.09 17.60 14.93
C GLU I 237 -28.74 19.06 14.82
N ASP I 238 -29.56 19.94 15.39
CA ASP I 238 -29.23 21.36 15.40
C ASP I 238 -28.13 21.59 16.42
N GLY I 239 -26.93 21.12 16.14
CA GLY I 239 -25.84 21.28 17.06
C GLY I 239 -24.91 20.09 17.10
N ARG I 240 -25.29 19.00 16.44
CA ARG I 240 -24.39 17.87 16.36
C ARG I 240 -23.11 18.29 15.68
N SER I 241 -22.01 18.28 16.41
CA SER I 241 -20.76 18.85 15.92
C SER I 241 -19.60 18.11 16.57
N ILE I 242 -18.39 18.63 16.34
CA ILE I 242 -17.23 18.07 17.02
C ILE I 242 -17.28 18.41 18.50
N TYR I 243 -18.07 19.40 18.87
CA TYR I 243 -17.93 20.02 20.17
C TYR I 243 -18.87 19.44 21.22
N GLY I 244 -20.00 18.87 20.80
CA GLY I 244 -20.92 18.28 21.75
C GLY I 244 -21.18 16.82 21.47
N GLY I 245 -20.94 15.97 22.45
CA GLY I 245 -21.14 14.55 22.24
C GLY I 245 -22.61 14.16 22.33
N LEU I 246 -23.02 13.28 21.42
CA LEU I 246 -24.37 12.71 21.48
C LEU I 246 -24.63 12.08 22.84
N ILE I 247 -25.89 12.02 23.21
CA ILE I 247 -26.33 11.25 24.36
C ILE I 247 -27.43 10.32 23.89
N THR I 248 -27.14 9.02 23.86
CA THR I 248 -28.11 8.02 23.47
C THR I 248 -28.04 6.87 24.45
N ASP I 249 -28.68 5.76 24.11
CA ASP I 249 -28.93 4.72 25.10
C ASP I 249 -28.16 3.45 24.76
N ALA I 250 -28.05 2.58 25.76
CA ALA I 250 -27.42 1.29 25.53
C ALA I 250 -28.18 0.53 24.45
N ASP I 251 -29.49 0.48 24.56
CA ASP I 251 -30.29 -0.15 23.54
C ASP I 251 -30.29 0.64 22.24
N ASP I 252 -30.03 1.94 22.31
CA ASP I 252 -29.89 2.75 21.12
C ASP I 252 -28.63 2.35 20.37
N GLU I 253 -28.54 2.77 19.11
CA GLU I 253 -27.34 2.53 18.33
C GLU I 253 -27.25 3.58 17.24
N VAL I 254 -26.25 4.44 17.34
CA VAL I 254 -25.97 5.40 16.28
C VAL I 254 -24.92 4.80 15.36
N SER I 255 -25.17 4.88 14.06
CA SER I 255 -24.25 4.37 13.06
C SER I 255 -24.21 5.33 11.89
N THR I 256 -23.23 5.13 11.02
CA THR I 256 -23.11 5.97 9.84
C THR I 256 -22.94 5.09 8.62
N LEU I 257 -23.65 5.44 7.55
CA LEU I 257 -23.62 4.70 6.30
C LEU I 257 -23.09 5.60 5.22
N THR I 258 -22.17 5.11 4.42
CA THR I 258 -21.65 5.85 3.29
C THR I 258 -22.03 5.17 1.99
N GLN I 259 -22.46 5.96 1.02
CA GLN I 259 -22.66 5.48 -0.33
C GLN I 259 -22.01 6.47 -1.27
N SER I 260 -21.27 5.96 -2.25
CA SER I 260 -20.60 6.83 -3.18
C SER I 260 -20.26 6.05 -4.43
N LEU I 261 -20.23 6.75 -5.56
CA LEU I 261 -19.93 6.13 -6.83
C LEU I 261 -18.49 5.63 -6.80
N THR I 262 -18.32 4.32 -6.60
CA THR I 262 -16.98 3.78 -6.41
C THR I 262 -16.12 3.92 -7.65
N ASP I 263 -16.73 3.90 -8.84
CA ASP I 263 -15.96 4.00 -10.06
C ASP I 263 -16.44 5.16 -10.91
N LEU I 264 -16.67 6.31 -10.26
CA LEU I 264 -17.09 7.49 -11.01
C LEU I 264 -16.01 7.92 -11.99
N ASP I 265 -14.74 7.89 -11.57
CA ASP I 265 -13.67 8.34 -12.45
C ASP I 265 -13.49 7.40 -13.63
N LYS I 266 -13.62 6.09 -13.41
CA LYS I 266 -13.41 5.13 -14.49
C LYS I 266 -14.43 5.33 -15.59
N VAL I 267 -15.72 5.35 -15.25
CA VAL I 267 -16.75 5.50 -16.26
C VAL I 267 -16.67 6.88 -16.92
N ASP I 268 -16.46 7.93 -16.12
CA ASP I 268 -16.26 9.24 -16.71
C ASP I 268 -15.03 9.24 -17.60
N ASN I 269 -14.04 8.42 -17.26
CA ASN I 269 -12.88 8.29 -18.14
C ASN I 269 -13.28 7.65 -19.46
N VAL I 270 -13.95 6.50 -19.40
CA VAL I 270 -14.30 5.76 -20.62
C VAL I 270 -15.17 6.60 -21.54
N THR I 271 -16.19 7.26 -20.98
CA THR I 271 -17.09 8.06 -21.80
C THR I 271 -16.34 9.19 -22.49
N LEU I 272 -15.46 9.87 -21.76
CA LEU I 272 -14.74 10.98 -22.37
C LEU I 272 -13.74 10.51 -23.42
N ARG I 273 -13.14 9.34 -23.23
CA ARG I 273 -12.19 8.85 -24.22
C ARG I 273 -12.88 8.73 -25.58
N ARG I 274 -14.06 8.13 -25.60
CA ARG I 274 -14.75 7.90 -26.87
C ARG I 274 -15.12 9.21 -27.55
N ILE I 275 -15.61 10.18 -26.78
CA ILE I 275 -16.02 11.45 -27.38
C ILE I 275 -14.83 12.13 -28.03
N ALA I 276 -13.66 12.01 -27.42
CA ALA I 276 -12.44 12.51 -28.05
C ALA I 276 -12.20 11.79 -29.37
N MET I 277 -12.37 10.47 -29.37
CA MET I 277 -12.28 9.71 -30.61
C MET I 277 -13.25 10.20 -31.68
N VAL I 278 -14.53 10.06 -31.41
CA VAL I 278 -15.53 10.22 -32.47
C VAL I 278 -15.53 11.65 -32.97
N THR I 279 -15.52 12.63 -32.07
CA THR I 279 -15.46 14.02 -32.49
C THR I 279 -14.15 14.34 -33.18
N GLY I 280 -13.08 13.64 -32.80
CA GLY I 280 -11.76 13.91 -33.33
C GLY I 280 -10.94 14.86 -32.49
N LEU I 281 -11.57 15.63 -31.61
CA LEU I 281 -10.81 16.49 -30.71
C LEU I 281 -10.05 15.63 -29.72
N GLY I 282 -8.97 16.19 -29.19
CA GLY I 282 -8.12 15.43 -28.30
C GLY I 282 -8.82 15.11 -27.00
N MET I 283 -8.19 14.22 -26.22
CA MET I 283 -8.66 13.99 -24.86
C MET I 283 -8.43 15.21 -24.00
N THR I 284 -7.34 15.93 -24.25
CA THR I 284 -6.99 17.06 -23.40
C THR I 284 -8.09 18.12 -23.40
N VAL I 285 -8.75 18.34 -24.53
CA VAL I 285 -9.75 19.39 -24.59
C VAL I 285 -10.98 19.02 -23.77
N LEU I 286 -11.39 17.76 -23.82
CA LEU I 286 -12.55 17.33 -23.04
C LEU I 286 -12.28 17.45 -21.55
N ILE I 287 -11.10 17.01 -21.10
CA ILE I 287 -10.68 17.24 -19.73
C ILE I 287 -10.59 18.71 -19.41
N GLY I 288 -10.24 19.54 -20.38
CA GLY I 288 -10.12 20.96 -20.14
C GLY I 288 -8.71 21.45 -19.97
N GLU I 289 -7.71 20.57 -20.10
CA GLU I 289 -6.32 20.98 -20.08
C GLU I 289 -5.89 21.43 -21.47
N GLN I 290 -6.61 22.43 -21.97
CA GLN I 290 -6.35 22.95 -23.30
C GLN I 290 -4.97 23.60 -23.41
N ALA I 291 -4.36 23.94 -22.28
CA ALA I 291 -3.08 24.65 -22.31
C ALA I 291 -1.97 23.78 -22.88
N SER I 292 -2.05 22.46 -22.69
CA SER I 292 -0.93 21.57 -22.98
C SER I 292 -0.52 21.57 -24.44
N GLY I 293 -1.37 21.05 -25.32
CA GLY I 293 -0.96 20.87 -26.70
C GLY I 293 -2.03 21.08 -27.75
N LEU I 294 -3.22 21.47 -27.33
CA LEU I 294 -4.32 21.74 -28.24
C LEU I 294 -4.62 23.23 -28.21
N ASN I 295 -4.18 23.95 -29.23
CA ASN I 295 -4.22 25.40 -29.22
C ASN I 295 -4.68 25.88 -30.59
N ALA I 296 -4.51 27.18 -30.84
CA ALA I 296 -4.90 27.78 -32.10
C ALA I 296 -3.78 27.70 -33.14
N SER I 297 -2.60 28.22 -32.78
CA SER I 297 -1.50 28.30 -33.73
C SER I 297 -1.12 26.90 -34.21
N GLY I 298 -0.96 26.77 -35.52
CA GLY I 298 -0.75 25.49 -36.17
C GLY I 298 0.68 25.01 -36.24
N GLU I 299 1.60 25.66 -35.53
CA GLU I 299 2.99 25.24 -35.55
C GLU I 299 3.12 23.77 -35.16
N LYS I 300 2.74 23.45 -33.92
CA LYS I 300 2.72 22.08 -33.45
C LYS I 300 1.44 21.72 -32.69
N GLU I 301 0.71 22.70 -32.16
CA GLU I 301 -0.39 22.42 -31.25
C GLU I 301 -1.69 22.12 -32.00
N ARG I 302 -2.06 22.95 -32.96
CA ARG I 302 -3.22 22.65 -33.79
C ARG I 302 -2.98 21.37 -34.58
N GLN I 303 -1.72 20.99 -34.76
CA GLN I 303 -1.32 19.74 -35.40
C GLN I 303 -1.81 18.55 -34.59
N GLY I 304 -2.17 18.79 -33.33
CA GLY I 304 -2.66 17.76 -32.44
C GLY I 304 -3.85 17.01 -33.00
N PHE I 305 -4.72 17.72 -33.72
CA PHE I 305 -5.85 17.07 -34.38
C PHE I 305 -6.16 17.67 -35.74
N GLN I 306 -5.22 18.44 -36.32
CA GLN I 306 -5.51 19.11 -37.59
C GLN I 306 -5.89 18.10 -38.67
N ASP I 307 -5.41 16.86 -38.55
CA ASP I 307 -5.77 15.82 -39.50
C ASP I 307 -7.27 15.59 -39.53
N THR I 308 -7.90 15.56 -38.35
CA THR I 308 -9.35 15.42 -38.31
C THR I 308 -10.03 16.59 -38.99
N ILE I 309 -9.56 17.81 -38.70
CA ILE I 309 -10.14 18.99 -39.35
C ILE I 309 -9.85 18.97 -40.85
N GLU I 310 -8.61 18.62 -41.21
CA GLU I 310 -8.30 18.46 -42.63
C GLU I 310 -9.17 17.39 -43.26
N ASN I 311 -9.39 16.29 -42.53
CA ASN I 311 -10.36 15.31 -42.98
C ASN I 311 -11.75 15.91 -43.07
N LEU I 312 -12.08 16.84 -42.19
CA LEU I 312 -13.33 17.57 -42.33
C LEU I 312 -13.25 18.60 -43.45
N GLN I 313 -12.08 19.23 -43.61
CA GLN I 313 -11.93 20.30 -44.58
C GLN I 313 -12.06 19.80 -46.01
N SER I 314 -11.65 18.58 -46.30
CA SER I 314 -11.64 18.07 -47.67
C SER I 314 -12.75 17.05 -47.92
N ASP I 315 -13.73 16.96 -47.02
CA ASP I 315 -14.82 16.00 -47.19
C ASP I 315 -16.18 16.67 -47.30
N TYR I 316 -16.55 17.51 -46.36
CA TYR I 316 -17.89 18.09 -46.34
C TYR I 316 -17.91 19.59 -46.51
N LEU I 317 -16.75 20.24 -46.48
CA LEU I 317 -16.68 21.68 -46.66
C LEU I 317 -16.23 22.07 -48.06
N GLU I 318 -15.49 21.21 -48.74
CA GLU I 318 -15.02 21.53 -50.09
C GLU I 318 -16.18 21.54 -51.09
N ASP I 319 -17.02 20.50 -51.06
CA ASP I 319 -18.19 20.41 -51.94
C ASP I 319 -18.97 21.72 -52.00
N PRO I 320 -19.51 22.21 -50.89
CA PRO I 320 -20.44 23.33 -51.00
C PRO I 320 -19.72 24.67 -51.12
N LEU I 321 -18.56 24.79 -50.47
CA LEU I 321 -17.79 26.02 -50.61
C LEU I 321 -17.39 26.25 -52.06
N ASN I 322 -16.95 25.19 -52.74
CA ASN I 322 -16.68 25.31 -54.17
C ASN I 322 -17.94 25.65 -54.94
N ARG I 323 -19.06 25.01 -54.59
CA ARG I 323 -20.33 25.37 -55.21
C ARG I 323 -20.68 26.82 -54.87
N LEU I 324 -20.47 27.21 -53.62
CA LEU I 324 -20.70 28.61 -53.27
C LEU I 324 -19.69 29.52 -53.94
N ALA I 325 -18.48 29.01 -54.22
CA ALA I 325 -17.48 29.84 -54.87
C ALA I 325 -17.92 30.24 -56.26
N GLU I 326 -18.50 29.31 -57.03
CA GLU I 326 -18.87 29.61 -58.40
C GLU I 326 -20.09 30.52 -58.46
N ILE I 327 -21.03 30.36 -57.51
CA ILE I 327 -22.27 31.11 -57.59
C ILE I 327 -22.04 32.60 -57.36
N PHE I 328 -20.93 32.98 -56.75
CA PHE I 328 -20.59 34.38 -56.54
C PHE I 328 -19.49 34.86 -57.47
N GLN I 329 -19.14 34.06 -58.48
CA GLN I 329 -18.04 34.32 -59.41
C GLN I 329 -16.69 34.37 -58.72
N LEU I 330 -16.61 33.97 -57.45
CA LEU I 330 -15.33 33.83 -56.81
C LEU I 330 -14.59 32.61 -57.34
N GLY I 331 -13.28 32.63 -57.18
CA GLY I 331 -12.47 31.52 -57.65
C GLY I 331 -12.60 30.31 -56.75
N PHE I 332 -11.96 29.23 -57.22
CA PHE I 332 -11.97 27.99 -56.46
C PHE I 332 -11.25 28.19 -55.13
N ILE I 333 -11.93 27.88 -54.03
CA ILE I 333 -11.40 28.14 -52.70
C ILE I 333 -11.01 26.83 -52.04
N GLU I 334 -9.80 26.78 -51.49
CA GLU I 334 -9.29 25.59 -50.81
C GLU I 334 -8.69 25.98 -49.47
N PHE I 335 -7.99 25.05 -48.83
CA PHE I 335 -7.34 25.31 -47.56
C PHE I 335 -5.89 24.84 -47.64
N LYS I 336 -5.00 25.57 -46.96
CA LYS I 336 -3.60 25.15 -46.87
C LYS I 336 -2.96 25.87 -45.70
N ASP I 337 -2.42 25.11 -44.75
CA ASP I 337 -1.78 25.68 -43.57
C ASP I 337 -0.40 26.22 -43.92
N ARG I 346 5.44 30.66 -36.81
CA ARG I 346 4.79 30.83 -38.10
C ARG I 346 5.82 30.74 -39.22
N VAL I 347 5.76 31.69 -40.15
CA VAL I 347 6.72 31.73 -41.24
C VAL I 347 8.14 31.95 -40.72
N GLU I 348 8.28 32.58 -39.56
CA GLU I 348 9.60 32.74 -38.96
C GLU I 348 10.28 31.40 -38.76
N TYR I 349 9.50 30.33 -38.54
CA TYR I 349 10.08 29.00 -38.52
C TYR I 349 10.67 28.65 -39.88
N ASP I 350 9.96 28.97 -40.95
CA ASP I 350 10.40 28.65 -42.30
C ASP I 350 11.50 29.57 -42.80
N LYS I 351 11.63 30.76 -42.23
CA LYS I 351 12.57 31.75 -42.76
C LYS I 351 14.01 31.28 -42.66
N LYS I 352 14.38 30.60 -41.57
CA LYS I 352 15.73 30.09 -41.46
C LYS I 352 16.05 29.14 -42.59
N ALA I 353 15.07 28.35 -43.02
CA ALA I 353 15.25 27.55 -44.22
C ALA I 353 15.34 28.44 -45.45
N VAL I 354 14.58 29.54 -45.47
CA VAL I 354 14.58 30.42 -46.63
C VAL I 354 15.98 30.95 -46.89
N ASP I 355 16.66 31.38 -45.82
CA ASP I 355 18.04 31.83 -45.97
C ASP I 355 18.94 30.71 -46.45
N VAL I 356 18.67 29.48 -45.98
CA VAL I 356 19.43 28.32 -46.47
C VAL I 356 19.24 28.18 -47.97
N ALA I 357 18.02 28.42 -48.45
CA ALA I 357 17.78 28.39 -49.89
C ALA I 357 18.58 29.47 -50.61
N LYS I 358 18.67 30.66 -50.01
CA LYS I 358 19.44 31.73 -50.64
C LYS I 358 20.92 31.38 -50.72
N VAL I 359 21.46 30.80 -49.65
CA VAL I 359 22.90 30.56 -49.56
C VAL I 359 23.26 29.30 -50.32
N LEU I 360 22.30 28.72 -51.05
CA LEU I 360 22.59 27.53 -51.83
C LEU I 360 23.58 27.83 -52.96
N TRP I 361 23.40 28.94 -53.67
CA TRP I 361 24.14 29.15 -54.91
C TRP I 361 25.20 30.24 -54.81
N GLU I 362 24.79 31.48 -54.52
CA GLU I 362 25.66 32.66 -54.55
C GLU I 362 26.63 32.61 -55.73
N LEU I 363 26.08 32.31 -56.92
CA LEU I 363 26.87 32.23 -58.15
C LEU I 363 27.21 33.66 -58.55
N GLY I 364 28.19 34.23 -57.87
CA GLY I 364 28.28 35.68 -57.89
C GLY I 364 27.09 36.15 -57.07
N GLU I 365 26.06 36.64 -57.75
CA GLU I 365 24.75 36.81 -57.13
C GLU I 365 23.68 36.41 -58.12
N ASP I 366 22.91 35.37 -57.79
CA ASP I 366 21.81 34.91 -58.61
C ASP I 366 20.62 34.58 -57.71
N TYR I 367 19.43 34.64 -58.30
CA TYR I 367 18.21 34.42 -57.54
C TYR I 367 18.11 32.96 -57.10
N GLY I 368 17.81 32.75 -55.83
CA GLY I 368 17.49 31.41 -55.37
C GLY I 368 16.17 30.99 -55.96
N ALA I 369 16.21 30.06 -56.93
CA ALA I 369 14.98 29.66 -57.61
C ALA I 369 13.99 29.04 -56.64
N TYR I 370 14.47 28.45 -55.55
CA TYR I 370 13.61 27.82 -54.56
C TYR I 370 12.96 28.83 -53.64
N LEU I 371 13.34 30.10 -53.71
CA LEU I 371 12.72 31.11 -52.87
C LEU I 371 11.22 31.23 -53.16
N LYS I 372 10.85 31.21 -54.44
CA LYS I 372 9.45 31.42 -54.81
C LYS I 372 8.57 30.28 -54.30
N ASP I 373 9.02 29.03 -54.48
CA ASP I 373 8.20 27.88 -54.12
C ASP I 373 8.35 27.58 -52.63
N LYS I 374 8.15 28.63 -51.82
CA LYS I 374 8.06 28.55 -50.37
C LYS I 374 7.32 29.81 -49.91
N ASP I 375 7.38 30.10 -48.62
CA ASP I 375 6.77 31.31 -48.06
C ASP I 375 7.73 32.49 -48.19
N VAL I 376 7.91 32.93 -49.44
CA VAL I 376 8.67 34.14 -49.70
C VAL I 376 7.96 35.36 -49.14
N VAL I 377 6.63 35.35 -49.18
CA VAL I 377 5.83 36.47 -48.68
C VAL I 377 4.99 36.02 -47.51
N ASP J 9 -25.91 -4.54 -30.34
CA ASP J 9 -25.56 -4.52 -28.93
C ASP J 9 -26.79 -4.66 -28.05
N VAL J 10 -27.85 -5.28 -28.58
CA VAL J 10 -29.11 -5.46 -27.87
C VAL J 10 -29.74 -6.80 -28.25
N LEU J 11 -29.83 -7.73 -27.28
CA LEU J 11 -30.53 -9.00 -27.53
C LEU J 11 -30.56 -9.90 -26.30
N SER J 12 -31.51 -10.85 -26.30
CA SER J 12 -31.53 -12.03 -25.44
C SER J 12 -31.63 -11.67 -23.97
N GLY J 13 -32.68 -10.93 -23.62
CA GLY J 13 -32.92 -10.56 -22.24
C GLY J 13 -33.72 -9.28 -22.18
N LEU J 14 -33.77 -8.71 -20.99
CA LEU J 14 -34.37 -7.40 -20.79
C LEU J 14 -33.31 -6.32 -20.68
N ILE J 15 -32.05 -6.67 -20.94
CA ILE J 15 -30.98 -5.68 -21.05
C ILE J 15 -31.39 -4.57 -22.00
N ASN J 16 -32.22 -4.90 -22.98
CA ASN J 16 -32.55 -3.95 -24.04
C ASN J 16 -33.17 -2.69 -23.46
N ARG J 17 -33.85 -2.83 -22.32
CA ARG J 17 -34.73 -1.77 -21.83
C ARG J 17 -34.09 -0.97 -20.70
N ARG J 18 -33.31 -1.60 -19.84
CA ARG J 18 -32.84 -0.95 -18.63
C ARG J 18 -31.48 -0.26 -18.79
N ASN J 19 -30.86 -0.35 -19.96
CA ASN J 19 -29.59 0.31 -20.13
C ASN J 19 -29.78 1.82 -20.24
N SER J 20 -28.66 2.54 -20.22
CA SER J 20 -28.74 4.00 -20.27
C SER J 20 -29.31 4.47 -21.61
N MET J 21 -29.37 3.58 -22.59
CA MET J 21 -29.91 3.95 -23.89
C MET J 21 -31.37 4.36 -23.78
N ALA J 22 -32.24 3.43 -23.43
CA ALA J 22 -33.67 3.68 -23.45
C ALA J 22 -34.23 4.07 -22.09
N ARG J 23 -33.45 3.95 -21.02
CA ARG J 23 -33.99 4.24 -19.70
C ARG J 23 -34.21 5.73 -19.53
N ASN J 24 -33.58 6.55 -20.36
CA ASN J 24 -33.76 8.00 -20.29
C ASN J 24 -33.50 8.66 -21.63
N ARG J 25 -34.42 9.52 -22.04
CA ARG J 25 -34.25 10.32 -23.24
C ARG J 25 -33.68 11.69 -22.87
N VAL J 26 -33.22 12.40 -23.88
CA VAL J 26 -32.52 13.65 -23.67
C VAL J 26 -33.53 14.78 -23.56
N SER J 27 -33.22 15.77 -22.71
CA SER J 27 -33.99 17.00 -22.59
C SER J 27 -33.10 18.05 -21.97
N HIS J 28 -33.38 19.32 -22.28
CA HIS J 28 -32.56 20.43 -21.83
C HIS J 28 -33.41 21.40 -21.02
N ARG J 29 -32.86 21.87 -19.91
CA ARG J 29 -33.55 22.84 -19.09
C ARG J 29 -33.51 24.21 -19.77
N TYR J 30 -34.55 25.01 -19.52
CA TYR J 30 -34.60 26.41 -19.92
C TYR J 30 -34.62 27.23 -18.63
N LEU J 31 -33.46 27.62 -18.13
CA LEU J 31 -33.44 28.36 -16.89
C LEU J 31 -34.06 29.74 -17.08
N SER J 32 -34.90 30.14 -16.12
CA SER J 32 -35.68 31.35 -16.25
C SER J 32 -34.78 32.58 -16.19
N ASP J 33 -35.36 33.72 -16.57
CA ASP J 33 -34.60 34.96 -16.54
C ASP J 33 -34.16 35.32 -15.13
N GLU J 34 -35.02 35.10 -14.14
CA GLU J 34 -34.65 35.44 -12.78
C GLU J 34 -33.50 34.56 -12.29
N GLU J 35 -33.51 33.27 -12.64
CA GLU J 35 -32.36 32.43 -12.34
C GLU J 35 -31.14 32.85 -13.13
N MET J 36 -31.35 33.33 -14.36
CA MET J 36 -30.25 33.87 -15.15
C MET J 36 -29.62 35.06 -14.44
N ARG J 37 -30.45 35.88 -13.79
CA ARG J 37 -29.95 37.03 -13.04
C ARG J 37 -29.06 36.58 -11.89
N VAL J 38 -29.50 35.57 -11.14
CA VAL J 38 -28.81 35.20 -9.90
C VAL J 38 -27.40 34.73 -10.20
N MET J 39 -27.22 33.91 -11.23
CA MET J 39 -25.89 33.41 -11.53
C MET J 39 -24.94 34.51 -11.96
N TYR J 40 -25.46 35.58 -12.56
CA TYR J 40 -24.61 36.71 -12.87
C TYR J 40 -24.00 37.29 -11.61
N LYS J 41 -24.74 37.25 -10.51
CA LYS J 41 -24.21 37.70 -9.23
C LYS J 41 -23.27 36.69 -8.59
N ALA J 42 -23.49 35.40 -8.82
CA ALA J 42 -22.76 34.38 -8.08
C ALA J 42 -21.28 34.44 -8.41
N GLY J 43 -20.45 34.13 -7.41
CA GLY J 43 -19.03 34.37 -7.54
C GLY J 43 -18.39 33.59 -8.67
N LEU J 44 -18.75 32.31 -8.80
CA LEU J 44 -18.06 31.45 -9.75
C LEU J 44 -18.16 32.00 -11.15
N MET J 45 -19.37 32.09 -11.69
CA MET J 45 -19.50 32.58 -13.05
C MET J 45 -19.13 34.06 -13.17
N SER J 46 -19.15 34.80 -12.07
CA SER J 46 -18.73 36.19 -12.12
C SER J 46 -17.31 36.29 -12.68
N LYS J 47 -16.44 35.37 -12.28
CA LYS J 47 -15.11 35.34 -12.88
C LYS J 47 -15.18 34.77 -14.29
N ILE J 48 -16.02 33.77 -14.52
CA ILE J 48 -16.20 33.24 -15.88
C ILE J 48 -16.55 34.36 -16.83
N ILE J 49 -17.59 35.12 -16.50
CA ILE J 49 -18.02 36.19 -17.40
C ILE J 49 -16.92 37.24 -17.51
N ARG J 50 -16.32 37.61 -16.38
CA ARG J 50 -15.28 38.62 -16.41
C ARG J 50 -14.07 38.14 -17.20
N LEU J 51 -13.65 36.89 -16.98
CA LEU J 51 -12.46 36.41 -17.66
C LEU J 51 -12.66 36.37 -19.17
N LYS J 52 -13.73 35.71 -19.62
CA LYS J 52 -13.91 35.53 -21.05
C LYS J 52 -14.12 36.85 -21.76
N ALA J 53 -14.88 37.76 -21.15
CA ALA J 53 -15.09 39.07 -21.76
C ALA J 53 -13.78 39.83 -21.87
N GLY J 54 -13.00 39.86 -20.79
CA GLY J 54 -11.73 40.57 -20.84
C GLY J 54 -10.78 39.95 -21.84
N TYR J 55 -10.71 38.62 -21.87
CA TYR J 55 -9.82 37.95 -22.81
C TYR J 55 -10.20 38.24 -24.25
N ALA J 56 -11.42 38.71 -24.48
CA ALA J 56 -11.83 39.00 -25.86
C ALA J 56 -11.48 40.42 -26.26
N LEU J 57 -11.54 41.37 -25.32
CA LEU J 57 -11.46 42.77 -25.66
C LEU J 57 -10.19 43.47 -25.18
N ASN J 58 -9.42 42.85 -24.29
CA ASN J 58 -8.26 43.54 -23.72
C ASN J 58 -7.19 43.69 -24.79
N ASP J 59 -7.13 44.87 -25.40
CA ASP J 59 -6.07 45.24 -26.34
C ASP J 59 -5.89 44.17 -27.42
N THR J 60 -7.01 43.72 -27.97
CA THR J 60 -6.99 42.69 -29.00
C THR J 60 -7.68 43.19 -30.27
N LEU J 61 -7.94 44.48 -30.36
CA LEU J 61 -8.79 45.05 -31.39
C LEU J 61 -7.91 45.71 -32.45
N LYS J 62 -7.82 45.08 -33.61
CA LYS J 62 -7.11 45.66 -34.73
C LYS J 62 -7.91 46.79 -35.32
N PHE J 63 -7.36 48.01 -35.27
CA PHE J 63 -8.02 49.18 -35.83
C PHE J 63 -7.33 49.56 -37.12
N GLU J 64 -8.08 49.56 -38.21
CA GLU J 64 -7.55 49.99 -39.49
C GLU J 64 -7.56 51.49 -39.65
N SER J 65 -8.09 52.22 -38.67
CA SER J 65 -8.15 53.67 -38.68
C SER J 65 -7.13 54.19 -37.68
N THR J 66 -5.89 54.35 -38.14
CA THR J 66 -4.85 54.92 -37.28
C THR J 66 -5.20 56.36 -36.92
N GLN J 67 -5.68 57.14 -37.89
CA GLN J 67 -6.12 58.50 -37.61
C GLN J 67 -7.23 58.49 -36.58
N ASP J 68 -7.15 59.41 -35.62
CA ASP J 68 -7.98 59.36 -34.42
C ASP J 68 -7.92 57.97 -33.81
N GLN J 69 -6.69 57.57 -33.49
CA GLN J 69 -6.43 56.21 -33.02
C GLN J 69 -7.32 55.84 -31.86
N GLU J 70 -8.14 54.81 -32.06
CA GLU J 70 -8.92 54.21 -30.99
C GLU J 70 -9.79 55.24 -30.27
N ILE J 71 -10.44 56.12 -31.04
CA ILE J 71 -11.50 56.94 -30.48
C ILE J 71 -12.58 56.04 -29.92
N TYR J 72 -12.69 54.83 -30.44
CA TYR J 72 -13.47 53.77 -29.81
C TYR J 72 -13.03 53.54 -28.38
N LYS J 73 -11.73 53.65 -28.11
CA LYS J 73 -11.20 53.17 -26.84
C LYS J 73 -11.65 54.04 -25.66
N LYS J 74 -11.53 55.36 -25.83
CA LYS J 74 -11.80 56.28 -24.73
C LYS J 74 -13.27 56.59 -24.53
N ARG J 75 -14.14 56.14 -25.43
CA ARG J 75 -15.54 56.53 -25.41
C ARG J 75 -16.49 55.39 -25.07
N LEU J 76 -16.42 54.28 -25.80
CA LEU J 76 -17.35 53.18 -25.58
C LEU J 76 -16.72 51.80 -25.60
N SER J 77 -15.40 51.69 -25.80
CA SER J 77 -14.76 50.39 -25.69
C SER J 77 -14.95 49.81 -24.30
N LYS J 78 -15.30 50.67 -23.35
CA LYS J 78 -15.66 50.23 -22.03
C LYS J 78 -17.15 49.95 -21.93
N HIS J 79 -17.97 50.65 -22.71
CA HIS J 79 -19.39 50.29 -22.80
C HIS J 79 -19.58 48.90 -23.37
N VAL J 80 -18.82 48.58 -24.43
CA VAL J 80 -18.96 47.26 -25.04
C VAL J 80 -18.61 46.15 -24.06
N LYS J 81 -17.58 46.36 -23.23
CA LYS J 81 -17.12 45.30 -22.33
C LYS J 81 -18.19 44.95 -21.32
N ASN J 82 -18.85 45.96 -20.73
CA ASN J 82 -20.00 45.67 -19.90
C ASN J 82 -21.10 45.03 -20.71
N ALA J 83 -21.23 45.44 -21.97
CA ALA J 83 -22.27 44.87 -22.82
C ALA J 83 -21.92 43.44 -23.22
N THR J 84 -20.68 43.20 -23.64
CA THR J 84 -20.31 41.84 -24.00
C THR J 84 -20.25 40.93 -22.79
N LYS J 85 -20.07 41.49 -21.60
CA LYS J 85 -20.31 40.73 -20.38
C LYS J 85 -21.77 40.33 -20.32
N PHE J 86 -22.66 41.26 -20.65
CA PHE J 86 -24.09 40.98 -20.63
C PHE J 86 -24.46 39.94 -21.69
N MET J 87 -23.63 39.81 -22.73
CA MET J 87 -23.76 38.66 -23.62
C MET J 87 -23.67 37.38 -22.85
N LEU J 88 -22.53 37.14 -22.21
CA LEU J 88 -22.30 35.86 -21.55
C LEU J 88 -23.23 35.67 -20.36
N GLY J 89 -23.52 36.75 -19.63
CA GLY J 89 -24.34 36.62 -18.44
C GLY J 89 -25.78 36.21 -18.74
N PHE J 90 -26.36 36.79 -19.79
CA PHE J 90 -27.77 36.59 -20.06
C PHE J 90 -28.07 36.11 -21.47
N GLY J 91 -27.08 35.98 -22.33
CA GLY J 91 -27.36 35.64 -23.70
C GLY J 91 -27.82 36.80 -24.55
N ARG J 92 -27.83 38.01 -24.00
CA ARG J 92 -28.24 39.18 -24.78
C ARG J 92 -27.56 40.41 -24.20
N GLY J 93 -26.50 40.85 -24.84
CA GLY J 93 -25.93 42.16 -24.58
C GLY J 93 -26.50 43.17 -25.56
N VAL J 94 -26.74 44.39 -25.09
CA VAL J 94 -27.39 45.39 -25.90
C VAL J 94 -26.65 46.72 -25.77
N ILE J 95 -26.38 47.35 -26.90
CA ILE J 95 -25.93 48.74 -26.95
C ILE J 95 -27.01 49.55 -27.64
N VAL J 96 -27.44 50.63 -27.00
CA VAL J 96 -28.49 51.49 -27.51
C VAL J 96 -27.89 52.85 -27.80
N VAL J 97 -28.16 53.36 -28.99
CA VAL J 97 -27.70 54.68 -29.40
C VAL J 97 -28.89 55.50 -29.88
N PHE J 98 -28.94 56.76 -29.46
CA PHE J 98 -29.95 57.68 -29.95
C PHE J 98 -29.48 59.10 -29.73
N LYS J 99 -30.06 60.02 -30.49
CA LYS J 99 -29.65 61.42 -30.47
C LYS J 99 -30.17 62.08 -29.21
N ASN J 100 -30.03 63.41 -29.13
CA ASN J 100 -30.51 64.13 -27.95
C ASN J 100 -32.02 64.06 -27.80
N GLY J 101 -32.74 63.68 -28.85
CA GLY J 101 -34.19 63.56 -28.76
C GLY J 101 -34.67 62.14 -28.76
N ASP J 102 -35.31 61.72 -27.67
CA ASP J 102 -35.78 60.34 -27.56
C ASP J 102 -36.74 60.00 -28.69
N ASP J 103 -36.51 58.86 -29.33
CA ASP J 103 -37.29 58.47 -30.49
C ASP J 103 -37.61 56.99 -30.43
N LEU J 104 -38.86 56.66 -30.74
CA LEU J 104 -39.23 55.26 -30.90
C LEU J 104 -38.70 54.70 -32.21
N SER J 105 -38.67 55.53 -33.25
CA SER J 105 -38.42 55.08 -34.60
C SER J 105 -36.91 55.12 -34.91
N LYS J 106 -36.57 54.94 -36.18
CA LYS J 106 -35.21 54.69 -36.60
C LYS J 106 -34.34 55.95 -36.45
N PRO J 107 -33.03 55.78 -36.31
CA PRO J 107 -32.14 56.95 -36.28
C PRO J 107 -31.98 57.53 -37.67
N LEU J 108 -32.01 58.85 -37.75
CA LEU J 108 -31.93 59.53 -39.04
C LEU J 108 -30.51 59.37 -39.57
N GLU J 109 -30.31 58.33 -40.37
CA GLU J 109 -29.02 58.06 -40.99
C GLU J 109 -28.92 58.67 -42.38
N ARG J 110 -29.89 59.48 -42.79
CA ARG J 110 -29.75 60.25 -44.04
C ARG J 110 -28.50 61.10 -43.99
N GLY J 111 -28.30 61.82 -42.88
CA GLY J 111 -26.98 62.28 -42.49
C GLY J 111 -26.60 61.52 -41.24
N VAL J 112 -25.67 60.57 -41.35
CA VAL J 112 -25.35 59.71 -40.23
C VAL J 112 -24.88 60.55 -39.06
N ASP J 113 -25.40 60.23 -37.87
CA ASP J 113 -25.24 61.07 -36.69
C ASP J 113 -23.77 61.30 -36.37
N PRO J 114 -23.27 62.52 -36.57
CA PRO J 114 -21.85 62.81 -36.33
C PRO J 114 -21.57 63.12 -34.86
N LYS J 115 -21.40 62.04 -34.08
CA LYS J 115 -21.10 62.08 -32.65
C LYS J 115 -21.93 63.11 -31.90
N LEU J 116 -23.19 63.29 -32.30
CA LEU J 116 -24.15 64.11 -31.58
C LEU J 116 -25.11 63.24 -30.78
N LEU J 117 -24.60 62.16 -30.21
CA LEU J 117 -25.41 61.05 -29.77
C LEU J 117 -24.90 60.51 -28.44
N LYS J 118 -25.77 59.80 -27.74
CA LYS J 118 -25.48 59.18 -26.46
C LYS J 118 -25.40 57.66 -26.61
N ILE J 119 -24.89 57.02 -25.56
CA ILE J 119 -24.62 55.58 -25.57
C ILE J 119 -25.28 54.94 -24.35
N ARG J 120 -25.91 53.79 -24.55
CA ARG J 120 -26.46 53.00 -23.47
C ARG J 120 -26.07 51.55 -23.65
N VAL J 121 -26.02 50.82 -22.54
CA VAL J 121 -25.74 49.39 -22.54
C VAL J 121 -26.76 48.69 -21.66
N PHE J 122 -27.26 47.54 -22.12
CA PHE J 122 -28.37 46.88 -21.43
C PHE J 122 -28.15 45.38 -21.37
N SER J 123 -28.46 44.80 -20.22
CA SER J 123 -28.46 43.36 -20.04
C SER J 123 -29.67 42.73 -20.73
N GLY J 124 -29.55 41.44 -21.04
CA GLY J 124 -30.67 40.70 -21.59
C GLY J 124 -31.84 40.56 -20.65
N ASP J 125 -31.65 40.86 -19.37
CA ASP J 125 -32.76 40.82 -18.42
C ASP J 125 -33.80 41.87 -18.79
N ILE J 126 -33.43 43.15 -18.68
CA ILE J 126 -34.38 44.20 -18.98
C ILE J 126 -34.59 44.34 -20.48
N ALA J 127 -33.55 44.16 -21.28
CA ALA J 127 -33.72 44.12 -22.71
C ALA J 127 -34.42 42.82 -23.13
N LYS J 128 -34.84 42.78 -24.38
CA LYS J 128 -35.46 41.59 -24.95
C LYS J 128 -35.74 41.85 -26.42
N GLY J 129 -35.97 40.78 -27.17
CA GLY J 129 -36.33 40.90 -28.58
C GLY J 129 -37.81 40.57 -28.80
N ASN J 130 -38.46 41.34 -29.69
CA ASN J 130 -39.89 41.22 -29.85
C ASN J 130 -40.34 40.76 -31.23
N ASN J 131 -40.00 41.47 -32.29
CA ASN J 131 -40.78 41.37 -33.52
C ASN J 131 -39.95 40.81 -34.67
N PRO J 132 -40.12 39.55 -35.02
CA PRO J 132 -39.45 39.01 -36.21
C PRO J 132 -40.35 39.03 -37.43
N ASP J 133 -39.80 39.36 -38.59
CA ASP J 133 -40.56 39.21 -39.82
C ASP J 133 -40.43 37.77 -40.30
N ASN J 134 -41.54 37.04 -40.32
CA ASN J 134 -41.49 35.65 -40.73
C ASN J 134 -41.23 35.49 -42.23
N ASP J 135 -41.36 36.54 -43.02
CA ASP J 135 -41.02 36.48 -44.42
C ASP J 135 -39.51 36.59 -44.61
N LEU J 136 -39.05 36.20 -45.79
CA LEU J 136 -37.62 36.16 -46.08
C LEU J 136 -37.11 37.46 -46.67
N ARG J 137 -37.89 38.55 -46.58
CA ARG J 137 -37.58 39.74 -47.36
C ARG J 137 -36.37 40.50 -46.82
N SER J 138 -36.49 41.05 -45.60
CA SER J 138 -35.49 41.97 -45.08
C SER J 138 -34.52 41.31 -44.13
N GLU J 139 -35.02 40.78 -43.01
CA GLU J 139 -34.22 40.09 -42.03
C GLU J 139 -34.93 38.81 -41.66
N ARG J 140 -34.21 37.70 -41.67
CA ARG J 140 -34.84 36.41 -41.57
C ARG J 140 -35.40 36.22 -40.16
N TYR J 141 -36.03 35.07 -39.91
CA TYR J 141 -36.66 34.77 -38.63
C TYR J 141 -35.76 35.09 -37.45
N TYR J 142 -34.43 35.08 -37.65
CA TYR J 142 -33.49 35.45 -36.61
C TYR J 142 -33.72 36.88 -36.14
N LYS J 143 -33.48 37.84 -37.01
CA LYS J 143 -33.30 39.22 -36.59
C LYS J 143 -34.63 39.85 -36.21
N PRO J 144 -34.78 40.38 -35.00
CA PRO J 144 -36.00 41.12 -34.66
C PRO J 144 -36.08 42.41 -35.47
N LYS J 145 -37.28 43.00 -35.48
CA LYS J 145 -37.50 44.24 -36.20
C LYS J 145 -37.79 45.43 -35.29
N ASN J 146 -38.27 45.19 -34.07
CA ASN J 146 -38.47 46.24 -33.09
C ASN J 146 -38.73 45.58 -31.74
N TYR J 147 -38.04 46.01 -30.70
CA TYR J 147 -38.26 45.41 -29.41
C TYR J 147 -38.12 46.42 -28.30
N THR J 148 -38.68 46.07 -27.14
CA THR J 148 -38.75 46.95 -26.00
C THR J 148 -37.54 46.74 -25.11
N ILE J 149 -36.95 47.83 -24.65
CA ILE J 149 -35.83 47.78 -23.74
C ILE J 149 -36.32 47.89 -22.30
N LYS J 150 -37.45 48.55 -22.11
CA LYS J 150 -38.11 48.86 -20.86
C LYS J 150 -39.56 49.15 -21.22
N GLY J 151 -40.26 49.87 -20.36
CA GLY J 151 -41.52 50.47 -20.76
C GLY J 151 -41.44 51.13 -22.14
N HIS J 152 -40.28 51.68 -22.49
CA HIS J 152 -40.08 52.27 -23.80
C HIS J 152 -39.89 51.19 -24.86
N THR J 153 -39.68 51.63 -26.10
CA THR J 153 -39.37 50.75 -27.21
C THR J 153 -38.28 51.39 -28.05
N ILE J 154 -37.48 50.57 -28.71
CA ILE J 154 -36.38 51.07 -29.54
C ILE J 154 -36.41 50.41 -30.91
N HIS J 155 -36.17 51.21 -31.94
CA HIS J 155 -36.14 50.73 -33.32
C HIS J 155 -35.00 49.74 -33.52
N TRP J 156 -35.18 48.86 -34.49
CA TRP J 156 -34.16 47.83 -34.77
C TRP J 156 -32.83 48.45 -35.17
N THR J 157 -32.83 49.30 -36.20
CA THR J 157 -31.58 49.89 -36.64
C THR J 157 -31.04 50.87 -35.60
N ARG J 158 -31.84 51.25 -34.61
CA ARG J 158 -31.32 52.04 -33.51
C ARG J 158 -30.33 51.23 -32.68
N VAL J 159 -30.62 49.95 -32.47
CA VAL J 159 -30.01 49.18 -31.40
C VAL J 159 -29.02 48.17 -31.94
N VAL J 160 -27.95 47.94 -31.17
CA VAL J 160 -26.92 46.97 -31.48
C VAL J 160 -27.02 45.82 -30.48
N ASP J 161 -27.07 44.59 -30.99
CA ASP J 161 -27.38 43.42 -30.19
C ASP J 161 -26.15 42.53 -30.07
N PHE J 162 -25.75 42.24 -28.84
CA PHE J 162 -24.66 41.31 -28.57
C PHE J 162 -25.26 39.94 -28.32
N THR J 163 -25.40 39.15 -29.37
CA THR J 163 -26.09 37.88 -29.30
C THR J 163 -25.08 36.74 -29.22
N TYR J 164 -25.24 35.87 -28.23
CA TYR J 164 -24.36 34.73 -28.03
C TYR J 164 -24.79 33.57 -28.91
N TYR J 165 -24.24 32.40 -28.63
CA TYR J 165 -24.56 31.13 -29.27
C TYR J 165 -26.07 30.91 -29.36
N MET J 166 -26.59 30.87 -30.58
CA MET J 166 -28.04 30.79 -30.76
C MET J 166 -28.48 29.37 -31.04
N PRO J 167 -29.65 28.98 -30.54
CA PRO J 167 -30.16 27.64 -30.83
C PRO J 167 -30.82 27.55 -32.18
N SER J 168 -31.45 26.41 -32.47
CA SER J 168 -32.19 26.27 -33.71
C SER J 168 -33.39 27.21 -33.74
N GLU J 169 -33.78 27.58 -34.96
CA GLU J 169 -34.81 28.60 -35.13
C GLU J 169 -36.14 28.15 -34.56
N ASN J 170 -36.44 26.86 -34.64
CA ASN J 170 -37.73 26.35 -34.16
C ASN J 170 -38.01 26.73 -32.72
N GLU J 171 -36.98 27.13 -31.97
CA GLU J 171 -37.14 27.45 -30.57
C GLU J 171 -36.50 28.78 -30.21
N LEU J 172 -36.08 29.57 -31.20
CA LEU J 172 -35.48 30.87 -30.93
C LEU J 172 -36.34 31.80 -30.08
N PRO J 173 -37.67 31.84 -30.21
CA PRO J 173 -38.45 32.70 -29.31
C PRO J 173 -38.29 32.36 -27.85
N ASP J 174 -38.09 31.10 -27.49
CA ASP J 174 -37.97 30.77 -26.08
C ASP J 174 -36.76 31.43 -25.43
N TYR J 175 -35.77 31.83 -26.22
CA TYR J 175 -34.69 32.68 -25.74
C TYR J 175 -34.93 34.13 -26.11
N TYR J 176 -36.10 34.43 -26.65
CA TYR J 176 -36.49 35.78 -27.06
C TYR J 176 -35.45 36.40 -27.97
N TYR J 177 -35.16 35.68 -29.06
CA TYR J 177 -34.51 36.22 -30.24
C TYR J 177 -33.10 36.73 -29.91
N GLY J 178 -32.27 35.78 -29.50
CA GLY J 178 -30.85 36.06 -29.39
C GLY J 178 -30.12 35.35 -28.27
N GLY J 179 -29.02 34.71 -28.62
CA GLY J 179 -28.05 34.23 -27.67
C GLY J 179 -28.52 33.23 -26.64
N MET J 180 -27.59 32.85 -25.77
CA MET J 180 -27.82 31.85 -24.74
C MET J 180 -26.82 32.12 -23.62
N SER J 181 -27.33 32.38 -22.42
CA SER J 181 -26.43 32.63 -21.30
C SER J 181 -25.54 31.42 -21.07
N GLU J 182 -24.29 31.68 -20.68
CA GLU J 182 -23.41 30.58 -20.31
C GLU J 182 -24.05 29.73 -19.23
N SER J 183 -24.86 30.34 -18.37
CA SER J 183 -25.60 29.58 -17.38
C SER J 183 -26.39 28.47 -18.04
N GLU J 184 -27.13 28.81 -19.09
CA GLU J 184 -27.89 27.80 -19.79
C GLU J 184 -26.97 26.71 -20.33
N LEU J 185 -25.73 27.06 -20.63
CA LEU J 185 -24.75 26.08 -21.06
C LEU J 185 -24.20 25.26 -19.90
N ILE J 186 -24.17 25.81 -18.70
CA ILE J 186 -23.58 25.09 -17.58
C ILE J 186 -24.52 25.08 -16.38
N TYR J 187 -25.83 25.15 -16.60
CA TYR J 187 -26.75 25.09 -15.48
C TYR J 187 -26.67 23.73 -14.81
N GLU J 188 -26.42 22.68 -15.60
CA GLU J 188 -26.05 21.39 -15.06
C GLU J 188 -24.84 21.51 -14.14
N GLN J 189 -23.99 22.50 -14.41
CA GLN J 189 -22.69 22.55 -13.75
C GLN J 189 -22.77 23.37 -12.48
N PHE J 190 -23.19 24.62 -12.61
CA PHE J 190 -23.15 25.54 -11.47
C PHE J 190 -23.98 25.01 -10.32
N ILE J 191 -25.13 24.40 -10.62
CA ILE J 191 -25.89 23.75 -9.56
C ILE J 191 -25.08 22.63 -8.94
N ASN J 192 -24.47 21.79 -9.77
CA ASN J 192 -23.73 20.65 -9.23
C ASN J 192 -22.56 21.10 -8.37
N ASP J 193 -21.75 22.03 -8.88
CA ASP J 193 -20.62 22.52 -8.10
C ASP J 193 -21.09 23.17 -6.81
N SER J 194 -22.14 23.98 -6.88
CA SER J 194 -22.67 24.57 -5.66
C SER J 194 -23.09 23.49 -4.69
N VAL J 195 -23.73 22.44 -5.19
CA VAL J 195 -24.08 21.30 -4.33
C VAL J 195 -22.82 20.68 -3.75
N VAL J 196 -21.80 20.50 -4.58
CA VAL J 196 -20.53 19.98 -4.07
C VAL J 196 -20.04 20.86 -2.95
N GLN J 197 -20.14 22.17 -3.13
CA GLN J 197 -19.44 23.07 -2.25
C GLN J 197 -20.22 23.30 -0.96
N ARG J 198 -21.53 23.51 -1.06
CA ARG J 198 -22.34 23.69 0.14
C ARG J 198 -22.20 22.48 1.05
N ALA J 199 -22.22 21.28 0.47
CA ALA J 199 -22.01 20.08 1.27
C ALA J 199 -20.59 20.03 1.81
N SER J 200 -19.63 20.59 1.06
CA SER J 200 -18.24 20.51 1.49
C SER J 200 -18.04 21.22 2.82
N GLY J 201 -18.62 22.41 2.97
CA GLY J 201 -18.44 23.14 4.20
C GLY J 201 -19.08 22.48 5.40
N SER J 202 -20.26 21.88 5.23
CA SER J 202 -20.99 21.36 6.37
C SER J 202 -20.53 19.98 6.80
N ILE J 203 -19.68 19.31 6.02
CA ILE J 203 -19.28 17.96 6.39
C ILE J 203 -18.30 17.98 7.55
N ILE J 204 -17.44 19.00 7.63
CA ILE J 204 -16.40 19.01 8.65
C ILE J 204 -17.02 19.15 10.04
N GLU J 205 -17.98 20.04 10.20
CA GLU J 205 -18.58 20.20 11.51
C GLU J 205 -19.22 18.92 12.01
N LYS J 206 -19.56 18.01 11.11
CA LYS J 206 -20.10 16.71 11.48
C LYS J 206 -19.14 15.58 11.13
N ALA J 207 -17.86 15.88 10.98
CA ALA J 207 -16.91 14.86 10.55
C ALA J 207 -16.81 13.73 11.55
N SER J 208 -17.02 14.01 12.83
CA SER J 208 -16.96 12.97 13.84
C SER J 208 -17.75 13.42 15.05
N THR J 209 -18.66 12.59 15.51
CA THR J 209 -19.54 12.92 16.62
C THR J 209 -19.27 11.97 17.76
N PHE J 210 -18.91 12.51 18.92
CA PHE J 210 -18.75 11.71 20.12
C PHE J 210 -20.13 11.26 20.58
N VAL J 211 -20.22 10.03 21.07
CA VAL J 211 -21.50 9.44 21.41
C VAL J 211 -21.42 8.81 22.79
N TYR J 212 -22.33 9.21 23.68
CA TYR J 212 -22.44 8.59 24.99
C TYR J 212 -23.62 7.63 24.98
N LYS J 213 -23.37 6.42 24.48
CA LYS J 213 -24.40 5.40 24.64
C LYS J 213 -24.50 5.10 26.13
N ILE J 214 -25.54 5.59 26.78
CA ILE J 214 -25.63 5.57 28.24
C ILE J 214 -26.84 4.74 28.65
N LYS J 215 -26.62 3.74 29.48
CA LYS J 215 -27.72 2.92 29.96
C LYS J 215 -28.57 3.71 30.93
N GLY J 216 -29.89 3.56 30.80
CA GLY J 216 -30.83 4.24 31.65
C GLY J 216 -31.31 5.57 31.12
N TYR J 217 -30.59 6.16 30.17
CA TYR J 217 -31.05 7.41 29.57
C TYR J 217 -32.33 7.20 28.77
N LYS J 218 -32.62 5.95 28.41
CA LYS J 218 -34.00 5.59 28.08
C LYS J 218 -34.96 6.19 29.07
N GLN J 219 -34.79 5.88 30.34
CA GLN J 219 -35.78 6.21 31.35
C GLN J 219 -35.73 7.69 31.70
N LEU J 220 -34.52 8.25 31.82
CA LEU J 220 -34.39 9.62 32.31
C LEU J 220 -35.13 10.60 31.42
N ILE J 221 -35.00 10.45 30.11
CA ILE J 221 -35.85 11.23 29.21
C ILE J 221 -37.31 10.86 29.43
N GLN J 222 -37.59 9.56 29.54
CA GLN J 222 -38.97 9.12 29.67
C GLN J 222 -39.59 9.66 30.94
N ALA J 223 -38.83 9.76 32.02
CA ALA J 223 -39.31 10.42 33.22
C ALA J 223 -39.09 11.92 33.18
N LYS J 224 -38.52 12.42 32.09
CA LYS J 224 -38.34 13.86 31.88
C LYS J 224 -37.55 14.52 33.00
N LYS J 225 -36.89 13.72 33.83
CA LYS J 225 -35.99 14.24 34.85
C LYS J 225 -34.55 14.04 34.37
N GLU J 226 -34.35 14.26 33.08
CA GLU J 226 -33.06 14.09 32.43
C GLU J 226 -32.20 15.33 32.52
N GLU J 227 -32.55 16.27 33.40
CA GLU J 227 -31.80 17.52 33.47
C GLU J 227 -30.37 17.29 33.95
N ASP J 228 -30.18 16.40 34.93
CA ASP J 228 -28.88 16.28 35.55
C ASP J 228 -27.87 15.60 34.62
N ILE J 229 -28.29 14.57 33.89
CA ILE J 229 -27.34 13.85 33.04
C ILE J 229 -26.84 14.76 31.92
N ILE J 230 -27.71 15.62 31.39
CA ILE J 230 -27.24 16.60 30.42
C ILE J 230 -26.24 17.54 31.05
N LYS J 231 -26.53 17.97 32.29
CA LYS J 231 -25.61 18.88 32.96
C LYS J 231 -24.25 18.26 33.17
N TYR J 232 -24.21 17.00 33.62
CA TYR J 232 -22.93 16.34 33.83
C TYR J 232 -22.18 16.17 32.51
N VAL J 233 -22.88 15.78 31.45
CA VAL J 233 -22.22 15.65 30.16
C VAL J 233 -21.73 17.02 29.68
N SER J 234 -22.54 18.05 29.86
CA SER J 234 -22.10 19.38 29.46
C SER J 234 -20.85 19.80 30.21
N THR J 235 -20.81 19.55 31.52
CA THR J 235 -19.59 19.81 32.28
C THR J 235 -18.48 18.87 31.83
N CYS J 236 -18.82 17.61 31.55
CA CYS J 236 -17.81 16.66 31.09
C CYS J 236 -17.25 17.07 29.73
N GLU J 237 -18.13 17.38 28.78
CA GLU J 237 -17.65 17.87 27.50
C GLU J 237 -16.86 19.16 27.66
N ASP J 238 -17.20 19.95 28.68
CA ASP J 238 -16.42 21.14 28.97
C ASP J 238 -15.11 20.73 29.61
N GLY J 239 -14.23 20.11 28.84
CA GLY J 239 -12.97 19.67 29.40
C GLY J 239 -12.52 18.34 28.83
N ARG J 240 -13.38 17.69 28.05
CA ARG J 240 -12.94 16.46 27.40
C ARG J 240 -11.76 16.77 26.49
N SER J 241 -10.60 16.24 26.81
CA SER J 241 -9.38 16.62 26.12
C SER J 241 -8.41 15.44 26.15
N ILE J 242 -7.18 15.68 25.70
CA ILE J 242 -6.16 14.65 25.81
C ILE J 242 -5.76 14.46 27.27
N TYR J 243 -6.08 15.42 28.11
CA TYR J 243 -5.47 15.49 29.42
C TYR J 243 -6.30 14.84 30.51
N GLY J 244 -7.61 14.74 30.34
CA GLY J 244 -8.44 14.11 31.34
C GLY J 244 -9.24 12.96 30.77
N GLY J 245 -9.09 11.77 31.36
CA GLY J 245 -9.79 10.61 30.85
C GLY J 245 -11.24 10.59 31.28
N LEU J 246 -12.12 10.21 30.35
CA LEU J 246 -13.53 10.01 30.68
C LEU J 246 -13.68 9.03 31.83
N ILE J 247 -14.78 9.16 32.56
CA ILE J 247 -15.19 8.17 33.53
C ILE J 247 -16.61 7.75 33.20
N THR J 248 -16.78 6.52 32.74
CA THR J 248 -18.09 5.99 32.41
C THR J 248 -18.19 4.59 32.98
N ASP J 249 -19.23 3.87 32.59
CA ASP J 249 -19.57 2.64 33.28
C ASP J 249 -19.38 1.42 32.39
N ALA J 250 -19.35 0.26 33.04
CA ALA J 250 -19.25 -0.98 32.29
C ALA J 250 -20.43 -1.11 31.34
N ASP J 251 -21.64 -0.86 31.84
CA ASP J 251 -22.81 -0.88 30.98
C ASP J 251 -22.81 0.29 30.01
N ASP J 252 -22.12 1.37 30.35
CA ASP J 252 -21.99 2.49 29.43
C ASP J 252 -21.13 2.06 28.24
N GLU J 253 -21.18 2.87 27.19
CA GLU J 253 -20.33 2.63 26.03
C GLU J 253 -20.14 3.94 25.29
N VAL J 254 -18.91 4.44 25.29
CA VAL J 254 -18.56 5.61 24.50
C VAL J 254 -18.01 5.13 23.17
N SER J 255 -18.49 5.72 22.08
CA SER J 255 -18.03 5.37 20.75
C SER J 255 -17.94 6.64 19.92
N THR J 256 -17.28 6.52 18.77
CA THR J 256 -17.15 7.66 17.89
C THR J 256 -17.55 7.25 16.48
N LEU J 257 -18.32 8.12 15.82
CA LEU J 257 -18.80 7.87 14.48
C LEU J 257 -18.26 8.94 13.56
N THR J 258 -17.75 8.54 12.41
CA THR J 258 -17.27 9.48 11.42
C THR J 258 -18.13 9.41 10.18
N GLN J 259 -18.48 10.58 9.64
CA GLN J 259 -19.11 10.66 8.34
C GLN J 259 -18.38 11.73 7.55
N SER J 260 -18.10 11.42 6.28
CA SER J 260 -17.40 12.37 5.45
C SER J 260 -17.62 12.01 3.99
N LEU J 261 -17.59 13.03 3.15
CA LEU J 261 -17.81 12.84 1.73
C LEU J 261 -16.65 12.02 1.18
N THR J 262 -16.88 10.73 0.95
CA THR J 262 -15.80 9.84 0.56
C THR J 262 -15.23 10.19 -0.80
N ASP J 263 -16.06 10.74 -1.69
CA ASP J 263 -15.58 11.07 -3.02
C ASP J 263 -15.83 12.53 -3.33
N LEU J 264 -15.50 13.40 -2.38
CA LEU J 264 -15.65 14.83 -2.60
C LEU J 264 -14.74 15.29 -3.72
N ASP J 265 -13.50 14.82 -3.74
CA ASP J 265 -12.55 15.26 -4.76
C ASP J 265 -12.96 14.77 -6.15
N LYS J 266 -13.47 13.54 -6.25
CA LYS J 266 -13.83 13.01 -7.55
C LYS J 266 -14.94 13.82 -8.19
N VAL J 267 -16.03 14.04 -7.46
CA VAL J 267 -17.15 14.78 -8.02
C VAL J 267 -16.76 16.23 -8.28
N ASP J 268 -16.06 16.85 -7.34
CA ASP J 268 -15.55 18.20 -7.60
C ASP J 268 -14.62 18.21 -8.79
N ASN J 269 -13.91 17.10 -9.02
CA ASN J 269 -13.08 17.01 -10.21
C ASN J 269 -13.96 16.98 -11.46
N VAL J 270 -14.95 16.09 -11.51
CA VAL J 270 -15.77 15.93 -12.69
C VAL J 270 -16.49 17.23 -13.04
N THR J 271 -17.08 17.88 -12.04
CA THR J 271 -17.81 19.10 -12.29
C THR J 271 -16.91 20.18 -12.85
N LEU J 272 -15.71 20.33 -12.28
CA LEU J 272 -14.81 21.37 -12.77
C LEU J 272 -14.28 21.07 -14.16
N ARG J 273 -14.08 19.80 -14.49
CA ARG J 273 -13.59 19.47 -15.82
C ARG J 273 -14.55 19.99 -16.88
N ARG J 274 -15.85 19.75 -16.69
CA ARG J 274 -16.82 20.16 -17.69
C ARG J 274 -16.89 21.67 -17.84
N ILE J 275 -16.84 22.40 -16.72
CA ILE J 275 -16.93 23.86 -16.81
C ILE J 275 -15.74 24.41 -17.59
N ALA J 276 -14.57 23.78 -17.43
CA ALA J 276 -13.44 24.17 -18.26
C ALA J 276 -13.74 23.92 -19.72
N MET J 277 -14.33 22.77 -20.03
CA MET J 277 -14.77 22.49 -21.38
C MET J 277 -15.72 23.54 -21.93
N VAL J 278 -16.90 23.64 -21.32
CA VAL J 278 -17.99 24.40 -21.93
C VAL J 278 -17.63 25.87 -22.01
N THR J 279 -17.08 26.44 -20.92
CA THR J 279 -16.66 27.83 -20.97
C THR J 279 -15.50 28.03 -21.91
N GLY J 280 -14.67 27.01 -22.09
CA GLY J 280 -13.48 27.11 -22.90
C GLY J 280 -12.23 27.47 -22.15
N LEU J 281 -12.36 28.02 -20.95
CA LEU J 281 -11.19 28.29 -20.13
C LEU J 281 -10.55 26.98 -19.69
N GLY J 282 -9.26 27.04 -19.41
CA GLY J 282 -8.55 25.83 -19.06
C GLY J 282 -9.01 25.26 -17.74
N MET J 283 -8.57 24.03 -17.47
CA MET J 283 -8.78 23.46 -16.15
C MET J 283 -7.97 24.21 -15.10
N THR J 284 -6.78 24.69 -15.48
CA THR J 284 -5.90 25.33 -14.51
C THR J 284 -6.56 26.55 -13.89
N VAL J 285 -7.34 27.30 -14.65
CA VAL J 285 -7.91 28.53 -14.12
C VAL J 285 -8.98 28.21 -13.08
N LEU J 286 -9.80 27.18 -13.33
CA LEU J 286 -10.83 26.82 -12.37
C LEU J 286 -10.21 26.33 -11.07
N ILE J 287 -9.19 25.48 -11.15
CA ILE J 287 -8.43 25.10 -9.96
C ILE J 287 -7.79 26.31 -9.30
N GLY J 288 -7.40 27.32 -10.08
CA GLY J 288 -6.76 28.48 -9.52
C GLY J 288 -5.26 28.51 -9.68
N GLU J 289 -4.68 27.52 -10.35
CA GLU J 289 -3.25 27.54 -10.64
C GLU J 289 -3.02 28.33 -11.93
N GLN J 290 -3.45 29.58 -11.90
CA GLN J 290 -3.32 30.45 -13.06
C GLN J 290 -1.88 30.73 -13.41
N ALA J 291 -0.94 30.51 -12.49
CA ALA J 291 0.45 30.84 -12.73
C ALA J 291 1.07 29.97 -13.83
N SER J 292 0.59 28.74 -13.98
CA SER J 292 1.26 27.76 -14.82
C SER J 292 1.31 28.18 -16.29
N GLY J 293 0.17 28.21 -16.96
CA GLY J 293 0.19 28.42 -18.39
C GLY J 293 -0.95 29.25 -18.95
N LEU J 294 -1.83 29.75 -18.09
CA LEU J 294 -2.95 30.58 -18.52
C LEU J 294 -2.71 31.99 -18.00
N ASN J 295 -2.30 32.89 -18.87
CA ASN J 295 -1.85 34.22 -18.46
C ASN J 295 -2.40 35.24 -19.44
N ALA J 296 -1.87 36.45 -19.37
CA ALA J 296 -2.31 37.53 -20.25
C ALA J 296 -1.53 37.56 -21.56
N SER J 297 -0.20 37.60 -21.47
CA SER J 297 0.64 37.73 -22.65
C SER J 297 0.42 36.55 -23.59
N GLY J 298 0.23 36.84 -24.87
CA GLY J 298 -0.15 35.86 -25.86
C GLY J 298 0.99 35.10 -26.51
N GLU J 299 2.21 35.22 -25.97
CA GLU J 299 3.34 34.49 -26.54
C GLU J 299 3.05 33.00 -26.60
N LYS J 300 2.87 32.38 -25.45
CA LYS J 300 2.48 30.97 -25.36
C LYS J 300 1.37 30.70 -24.38
N GLU J 301 1.14 31.59 -23.40
CA GLU J 301 0.23 31.29 -22.31
C GLU J 301 -1.22 31.59 -22.66
N ARG J 302 -1.49 32.78 -23.20
CA ARG J 302 -2.84 33.07 -23.68
C ARG J 302 -3.22 32.13 -24.82
N GLN J 303 -2.22 31.54 -25.47
CA GLN J 303 -2.42 30.54 -26.51
C GLN J 303 -3.09 29.30 -25.94
N GLY J 304 -3.07 29.17 -24.60
CA GLY J 304 -3.67 28.04 -23.92
C GLY J 304 -5.13 27.85 -24.26
N PHE J 305 -5.85 28.95 -24.45
CA PHE J 305 -7.24 28.88 -24.87
C PHE J 305 -7.61 29.98 -25.86
N GLN J 306 -6.64 30.64 -26.48
CA GLN J 306 -6.96 31.75 -27.37
C GLN J 306 -7.87 31.31 -28.51
N ASP J 307 -7.82 30.04 -28.88
CA ASP J 307 -8.70 29.51 -29.90
C ASP J 307 -10.17 29.68 -29.52
N THR J 308 -10.49 29.40 -28.26
CA THR J 308 -11.86 29.62 -27.80
C THR J 308 -12.23 31.08 -27.90
N ILE J 309 -11.34 31.97 -27.46
CA ILE J 309 -11.62 33.40 -27.56
C ILE J 309 -11.68 33.83 -29.02
N GLU J 310 -10.74 33.34 -29.84
CA GLU J 310 -10.82 33.62 -31.26
C GLU J 310 -12.11 33.09 -31.84
N ASN J 311 -12.52 31.89 -31.41
CA ASN J 311 -13.84 31.39 -31.78
C ASN J 311 -14.93 32.32 -31.27
N LEU J 312 -14.73 32.93 -30.10
CA LEU J 312 -15.67 33.95 -29.65
C LEU J 312 -15.48 35.25 -30.42
N GLN J 313 -14.24 35.58 -30.76
CA GLN J 313 -13.96 36.86 -31.42
C GLN J 313 -14.56 36.94 -32.81
N SER J 314 -14.65 35.83 -33.53
CA SER J 314 -15.12 35.84 -34.91
C SER J 314 -16.52 35.27 -35.07
N ASP J 315 -17.26 35.13 -33.97
CA ASP J 315 -18.62 34.58 -34.04
C ASP J 315 -19.66 35.56 -33.54
N TYR J 316 -19.52 36.09 -32.33
CA TYR J 316 -20.55 36.93 -31.74
C TYR J 316 -20.09 38.36 -31.48
N LEU J 317 -18.81 38.64 -31.64
CA LEU J 317 -18.32 39.99 -31.45
C LEU J 317 -18.07 40.73 -32.76
N GLU J 318 -17.83 40.00 -33.85
CA GLU J 318 -17.58 40.65 -35.14
C GLU J 318 -18.86 41.29 -35.69
N ASP J 319 -19.97 40.55 -35.67
CA ASP J 319 -21.26 41.06 -36.12
C ASP J 319 -21.56 42.45 -35.59
N PRO J 320 -21.65 42.65 -34.28
CA PRO J 320 -22.15 43.93 -33.78
C PRO J 320 -21.07 45.00 -33.77
N LEU J 321 -19.83 44.60 -33.51
CA LEU J 321 -18.74 45.56 -33.55
C LEU J 321 -18.62 46.18 -34.94
N ASN J 322 -18.71 45.35 -35.98
CA ASN J 322 -18.73 45.90 -37.33
C ASN J 322 -19.95 46.78 -37.54
N ARG J 323 -21.11 46.35 -37.06
CA ARG J 323 -22.29 47.22 -37.11
C ARG J 323 -22.06 48.49 -36.31
N LEU J 324 -21.45 48.36 -35.14
CA LEU J 324 -21.12 49.56 -34.37
C LEU J 324 -20.04 50.37 -35.06
N ALA J 325 -19.17 49.71 -35.82
CA ALA J 325 -18.11 50.44 -36.52
C ALA J 325 -18.68 51.39 -37.54
N GLU J 326 -19.69 50.96 -38.30
CA GLU J 326 -20.23 51.81 -39.36
C GLU J 326 -21.07 52.95 -38.78
N ILE J 327 -21.77 52.69 -37.67
CA ILE J 327 -22.67 53.71 -37.15
C ILE J 327 -21.91 54.92 -36.61
N PHE J 328 -20.62 54.77 -36.31
CA PHE J 328 -19.81 55.89 -35.85
C PHE J 328 -18.85 56.37 -36.92
N GLN J 329 -19.01 55.91 -38.15
CA GLN J 329 -18.13 56.21 -39.28
C GLN J 329 -16.72 55.67 -39.06
N LEU J 330 -16.51 54.86 -38.03
CA LEU J 330 -15.23 54.19 -37.89
C LEU J 330 -15.08 53.10 -38.93
N GLY J 331 -13.83 52.72 -39.19
CA GLY J 331 -13.55 51.69 -40.17
C GLY J 331 -13.88 50.31 -39.64
N PHE J 332 -13.77 49.34 -40.53
CA PHE J 332 -14.01 47.95 -40.18
C PHE J 332 -13.01 47.51 -39.14
N ILE J 333 -13.49 47.00 -38.01
CA ILE J 333 -12.62 46.64 -36.89
C ILE J 333 -12.57 45.13 -36.76
N GLU J 334 -11.36 44.60 -36.65
CA GLU J 334 -11.14 43.17 -36.51
C GLU J 334 -10.16 42.90 -35.38
N PHE J 335 -9.69 41.67 -35.26
CA PHE J 335 -8.73 41.28 -34.23
C PHE J 335 -7.57 40.54 -34.88
N LYS J 336 -6.37 40.74 -34.35
CA LYS J 336 -5.21 39.99 -34.81
C LYS J 336 -4.12 40.07 -33.76
N ASP J 337 -3.68 38.92 -33.26
CA ASP J 337 -2.64 38.88 -32.24
C ASP J 337 -1.27 39.14 -32.85
N ARG J 346 7.12 39.24 -27.01
CA ARG J 346 6.30 40.00 -27.94
C ARG J 346 6.97 40.06 -29.31
N VAL J 347 7.03 41.26 -29.88
CA VAL J 347 7.69 41.44 -31.16
C VAL J 347 9.17 41.11 -31.08
N GLU J 348 9.77 41.24 -29.89
CA GLU J 348 11.17 40.84 -29.72
C GLU J 348 11.38 39.39 -30.11
N TYR J 349 10.36 38.55 -29.95
CA TYR J 349 10.44 37.18 -30.47
C TYR J 349 10.58 37.20 -31.98
N ASP J 350 9.79 38.04 -32.65
CA ASP J 350 9.80 38.11 -34.10
C ASP J 350 11.01 38.84 -34.66
N LYS J 351 11.65 39.70 -33.85
CA LYS J 351 12.72 40.54 -34.37
C LYS J 351 13.91 39.72 -34.86
N LYS J 352 14.26 38.65 -34.16
CA LYS J 352 15.36 37.81 -34.61
C LYS J 352 15.09 37.27 -36.01
N ALA J 353 13.83 36.95 -36.30
CA ALA J 353 13.46 36.60 -37.66
C ALA J 353 13.57 37.80 -38.58
N VAL J 354 13.24 38.99 -38.07
CA VAL J 354 13.29 40.20 -38.88
C VAL J 354 14.69 40.43 -39.41
N ASP J 355 15.69 40.27 -38.55
CA ASP J 355 17.07 40.39 -38.99
C ASP J 355 17.41 39.32 -40.01
N VAL J 356 16.87 38.11 -39.83
CA VAL J 356 17.06 37.05 -40.81
C VAL J 356 16.52 37.49 -42.16
N ALA J 357 15.38 38.18 -42.16
CA ALA J 357 14.83 38.71 -43.40
C ALA J 357 15.78 39.74 -44.02
N LYS J 358 16.38 40.58 -43.18
CA LYS J 358 17.31 41.58 -43.71
C LYS J 358 18.53 40.93 -44.34
N VAL J 359 19.06 39.90 -43.70
CA VAL J 359 20.33 39.31 -44.13
C VAL J 359 20.07 38.33 -45.27
N LEU J 360 18.84 38.30 -45.78
CA LEU J 360 18.54 37.42 -46.90
C LEU J 360 19.30 37.84 -48.16
N TRP J 361 19.34 39.14 -48.46
CA TRP J 361 19.83 39.58 -49.77
C TRP J 361 21.19 40.27 -49.71
N GLU J 362 21.28 41.40 -48.99
CA GLU J 362 22.47 42.26 -48.99
C GLU J 362 23.08 42.39 -50.38
N LEU J 363 22.22 42.66 -51.36
CA LEU J 363 22.65 42.83 -52.76
C LEU J 363 23.35 44.18 -52.85
N GLY J 364 24.60 44.21 -52.38
CA GLY J 364 25.15 45.50 -52.03
C GLY J 364 24.39 45.94 -50.80
N GLU J 365 23.47 46.89 -50.95
CA GLU J 365 22.46 47.13 -49.93
C GLU J 365 21.12 47.39 -50.61
N ASP J 366 20.15 46.52 -50.34
CA ASP J 366 18.80 46.66 -50.87
C ASP J 366 17.80 46.34 -49.78
N TYR J 367 16.60 46.88 -49.92
CA TYR J 367 15.57 46.73 -48.90
C TYR J 367 15.09 45.28 -48.86
N GLY J 368 15.02 44.72 -47.66
CA GLY J 368 14.39 43.44 -47.50
C GLY J 368 12.90 43.57 -47.74
N ALA J 369 12.42 43.06 -48.87
CA ALA J 369 11.01 43.23 -49.22
C ALA J 369 10.10 42.58 -48.19
N TYR J 370 10.59 41.56 -47.50
CA TYR J 370 9.80 40.85 -46.51
C TYR J 370 9.74 41.60 -45.19
N LEU J 371 10.50 42.68 -45.04
CA LEU J 371 10.45 43.47 -43.81
C LEU J 371 9.05 44.03 -43.57
N LYS J 372 8.43 44.56 -44.63
CA LYS J 372 7.13 45.21 -44.47
C LYS J 372 6.05 44.22 -44.04
N ASP J 373 6.02 43.05 -44.68
CA ASP J 373 4.95 42.08 -44.39
C ASP J 373 5.32 41.26 -43.16
N LYS J 374 5.65 41.96 -42.09
CA LYS J 374 5.86 41.42 -40.75
C LYS J 374 5.71 42.58 -39.77
N ASP J 375 6.16 42.37 -38.52
CA ASP J 375 6.11 43.42 -37.51
C ASP J 375 7.36 44.30 -37.62
N VAL J 376 7.39 45.09 -38.69
CA VAL J 376 8.45 46.09 -38.84
C VAL J 376 8.31 47.17 -37.78
N VAL J 377 7.08 47.50 -37.40
CA VAL J 377 6.83 48.53 -36.41
C VAL J 377 6.17 47.93 -35.18
N ASP K 9 -31.73 12.80 -20.66
CA ASP K 9 -31.09 12.25 -19.48
C ASP K 9 -32.08 12.12 -18.33
N VAL K 10 -33.37 12.00 -18.65
CA VAL K 10 -34.43 11.90 -17.65
C VAL K 10 -35.55 10.97 -18.15
N LEU K 11 -35.73 9.82 -17.50
CA LEU K 11 -36.85 8.92 -17.84
C LEU K 11 -36.89 7.69 -16.95
N SER K 12 -38.08 7.07 -16.90
CA SER K 12 -38.30 5.70 -16.42
C SER K 12 -37.95 5.55 -14.95
N GLY K 13 -38.60 6.35 -14.12
CA GLY K 13 -38.39 6.26 -12.68
C GLY K 13 -38.70 7.60 -12.04
N LEU K 14 -38.30 7.71 -10.79
CA LEU K 14 -38.36 8.97 -10.06
C LEU K 14 -37.01 9.65 -10.01
N ILE K 15 -36.03 9.12 -10.74
CA ILE K 15 -34.74 9.79 -10.91
C ILE K 15 -34.96 11.23 -11.35
N ASN K 16 -36.03 11.47 -12.08
CA ASN K 16 -36.26 12.78 -12.69
C ASN K 16 -36.29 13.87 -11.63
N ARG K 17 -36.70 13.51 -10.42
CA ARG K 17 -37.06 14.51 -9.42
C ARG K 17 -35.96 14.71 -8.37
N ARG K 18 -35.26 13.64 -8.00
CA ARG K 18 -34.34 13.69 -6.87
C ARG K 18 -32.92 14.04 -7.26
N ASN K 19 -32.63 14.20 -8.55
CA ASN K 19 -31.28 14.55 -8.92
C ASN K 19 -30.97 16.00 -8.56
N SER K 20 -29.71 16.39 -8.70
CA SER K 20 -29.30 17.74 -8.34
C SER K 20 -29.96 18.77 -9.25
N MET K 21 -30.53 18.32 -10.36
CA MET K 21 -31.19 19.24 -11.28
C MET K 21 -32.36 19.93 -10.62
N ALA K 22 -33.40 19.17 -10.28
CA ALA K 22 -34.63 19.76 -9.78
C ALA K 22 -34.71 19.78 -8.25
N ARG K 23 -33.80 19.10 -7.56
CA ARG K 23 -33.91 19.04 -6.11
C ARG K 23 -33.58 20.39 -5.48
N ASN K 24 -32.93 21.27 -6.23
CA ASN K 24 -32.59 22.59 -5.73
C ASN K 24 -32.42 23.60 -6.86
N ARG K 25 -33.07 24.75 -6.71
CA ARG K 25 -32.91 25.84 -7.65
C ARG K 25 -31.86 26.81 -7.13
N VAL K 26 -31.42 27.69 -8.00
CA VAL K 26 -30.31 28.59 -7.69
C VAL K 26 -30.84 29.82 -6.98
N SER K 27 -30.04 30.33 -6.04
CA SER K 27 -30.32 31.60 -5.37
C SER K 27 -29.02 32.13 -4.79
N HIS K 28 -28.93 33.44 -4.66
CA HIS K 28 -27.71 34.09 -4.21
C HIS K 28 -27.99 34.90 -2.95
N ARG K 29 -27.09 34.80 -1.98
CA ARG K 29 -27.22 35.57 -0.76
C ARG K 29 -26.88 37.03 -1.03
N TYR K 30 -27.51 37.92 -0.26
CA TYR K 30 -27.19 39.35 -0.23
C TYR K 30 -26.65 39.64 1.16
N LEU K 31 -25.34 39.54 1.34
CA LEU K 31 -24.80 39.77 2.68
C LEU K 31 -24.97 41.24 3.06
N SER K 32 -25.39 41.47 4.29
CA SER K 32 -25.74 42.81 4.74
C SER K 32 -24.49 43.68 4.85
N ASP K 33 -24.72 44.98 4.99
CA ASP K 33 -23.61 45.91 5.10
C ASP K 33 -22.78 45.64 6.34
N GLU K 34 -23.43 45.31 7.46
CA GLU K 34 -22.68 45.05 8.68
C GLU K 34 -21.81 43.81 8.53
N GLU K 35 -22.31 42.77 7.87
CA GLU K 35 -21.48 41.61 7.57
C GLU K 35 -20.39 41.99 6.57
N MET K 36 -20.69 42.89 5.64
CA MET K 36 -19.68 43.38 4.73
C MET K 36 -18.56 44.06 5.49
N ARG K 37 -18.90 44.77 6.56
CA ARG K 37 -17.90 45.43 7.39
C ARG K 37 -16.97 44.42 8.05
N VAL K 38 -17.55 43.35 8.59
CA VAL K 38 -16.77 42.42 9.41
C VAL K 38 -15.69 41.75 8.58
N MET K 39 -16.03 41.32 7.37
CA MET K 39 -15.04 40.64 6.55
C MET K 39 -13.90 41.56 6.15
N TYR K 40 -14.15 42.86 6.04
CA TYR K 40 -13.06 43.79 5.79
C TYR K 40 -12.02 43.72 6.91
N LYS K 41 -12.48 43.48 8.14
CA LYS K 41 -11.57 43.32 9.25
C LYS K 41 -10.90 41.95 9.26
N ALA K 42 -11.59 40.92 8.79
CA ALA K 42 -11.09 39.56 8.96
C ALA K 42 -9.78 39.37 8.22
N GLY K 43 -8.91 38.53 8.79
CA GLY K 43 -7.55 38.45 8.30
C GLY K 43 -7.47 37.98 6.86
N LEU K 44 -8.25 36.95 6.51
CA LEU K 44 -8.10 36.33 5.20
C LEU K 44 -8.32 37.34 4.09
N MET K 45 -9.53 37.92 4.01
CA MET K 45 -9.78 38.87 2.94
C MET K 45 -8.98 40.15 3.10
N SER K 46 -8.52 40.44 4.31
CA SER K 46 -7.67 41.61 4.50
C SER K 46 -6.47 41.55 3.58
N LYS K 47 -5.88 40.37 3.43
CA LYS K 47 -4.80 40.22 2.46
C LYS K 47 -5.35 40.21 1.04
N ILE K 48 -6.52 39.59 0.82
CA ILE K 48 -7.15 39.62 -0.49
C ILE K 48 -7.30 41.06 -0.96
N ILE K 49 -7.93 41.89 -0.14
CA ILE K 49 -8.17 43.27 -0.54
C ILE K 49 -6.85 43.99 -0.70
N ARG K 50 -5.93 43.79 0.24
CA ARG K 50 -4.63 44.46 0.16
C ARG K 50 -3.86 44.00 -1.07
N LEU K 51 -3.83 42.69 -1.33
CA LEU K 51 -3.05 42.19 -2.45
C LEU K 51 -3.58 42.74 -3.78
N LYS K 52 -4.88 42.56 -4.02
CA LYS K 52 -5.42 42.93 -5.32
C LYS K 52 -5.32 44.43 -5.56
N ALA K 53 -5.59 45.22 -4.53
CA ALA K 53 -5.48 46.67 -4.67
C ALA K 53 -4.04 47.08 -4.98
N GLY K 54 -3.08 46.54 -4.22
CA GLY K 54 -1.69 46.88 -4.48
C GLY K 54 -1.24 46.45 -5.86
N TYR K 55 -1.63 45.23 -6.26
CA TYR K 55 -1.24 44.73 -7.57
C TYR K 55 -1.81 45.59 -8.68
N ALA K 56 -2.82 46.40 -8.39
CA ALA K 56 -3.40 47.24 -9.44
C ALA K 56 -2.69 48.58 -9.53
N LEU K 57 -2.24 49.12 -8.41
CA LEU K 57 -1.77 50.50 -8.38
C LEU K 57 -0.28 50.64 -8.15
N ASN K 58 0.43 49.60 -7.74
CA ASN K 58 1.84 49.73 -7.40
C ASN K 58 2.64 49.98 -8.68
N ASP K 59 2.95 51.25 -8.94
CA ASP K 59 3.85 51.64 -10.02
C ASP K 59 3.42 51.01 -11.34
N THR K 60 2.12 51.06 -11.61
CA THR K 60 1.57 50.49 -12.84
C THR K 60 0.84 51.54 -13.65
N LEU K 61 1.01 52.81 -13.31
CA LEU K 61 0.19 53.89 -13.84
C LEU K 61 0.98 54.64 -14.90
N LYS K 62 0.59 54.45 -16.15
CA LYS K 62 1.21 55.19 -17.25
C LYS K 62 0.71 56.63 -17.23
N PHE K 63 1.63 57.56 -17.03
CA PHE K 63 1.29 58.97 -17.03
C PHE K 63 1.76 59.60 -18.33
N GLU K 64 0.84 60.17 -19.08
CA GLU K 64 1.20 60.86 -20.30
C GLU K 64 1.65 62.30 -20.04
N SER K 65 1.61 62.73 -18.80
CA SER K 65 2.04 64.08 -18.41
C SER K 65 3.37 63.94 -17.67
N THR K 66 4.46 63.94 -18.43
CA THR K 66 5.79 63.91 -17.82
C THR K 66 6.02 65.17 -17.00
N GLN K 67 5.63 66.33 -17.53
CA GLN K 67 5.74 67.57 -16.78
C GLN K 67 4.94 67.47 -15.49
N ASP K 68 5.52 67.95 -14.40
CA ASP K 68 5.00 67.71 -13.06
C ASP K 68 4.73 66.21 -12.89
N GLN K 69 5.80 65.44 -13.09
CA GLN K 69 5.70 63.98 -13.10
C GLN K 69 5.01 63.46 -11.86
N GLU K 70 3.87 62.80 -12.06
CA GLU K 70 3.19 62.08 -10.99
C GLU K 70 2.88 62.98 -9.80
N ILE K 71 2.41 64.20 -10.07
CA ILE K 71 1.84 65.00 -9.01
C ILE K 71 0.67 64.26 -8.39
N TYR K 72 0.04 63.37 -9.16
CA TYR K 72 -0.88 62.38 -8.62
C TYR K 72 -0.24 61.58 -7.50
N LYS K 73 1.05 61.26 -7.63
CA LYS K 73 1.65 60.26 -6.77
C LYS K 73 1.79 60.76 -5.34
N LYS K 74 2.29 61.97 -5.17
CA LYS K 74 2.60 62.49 -3.85
C LYS K 74 1.40 63.05 -3.12
N ARG K 75 0.25 63.17 -3.79
CA ARG K 75 -0.91 63.86 -3.23
C ARG K 75 -2.08 62.94 -2.93
N LEU K 76 -2.55 62.18 -3.91
CA LEU K 76 -3.71 61.34 -3.70
C LEU K 76 -3.59 59.94 -4.28
N SER K 77 -2.47 59.59 -4.90
CA SER K 77 -2.28 58.21 -5.35
C SER K 77 -2.34 57.26 -4.18
N LYS K 78 -2.18 57.78 -2.98
CA LYS K 78 -2.37 57.02 -1.77
C LYS K 78 -3.80 57.09 -1.29
N HIS K 79 -4.50 58.19 -1.57
CA HIS K 79 -5.93 58.25 -1.29
C HIS K 79 -6.69 57.23 -2.13
N VAL K 80 -6.34 57.12 -3.41
CA VAL K 80 -7.03 56.17 -4.29
C VAL K 80 -6.85 54.75 -3.78
N LYS K 81 -5.66 54.40 -3.30
CA LYS K 81 -5.40 53.01 -2.90
C LYS K 81 -6.29 52.61 -1.74
N ASN K 82 -6.42 53.47 -0.73
CA ASN K 82 -7.39 53.21 0.32
C ASN K 82 -8.80 53.18 -0.25
N ALA K 83 -9.05 54.02 -1.25
CA ALA K 83 -10.38 54.05 -1.85
C ALA K 83 -10.61 52.82 -2.71
N THR K 84 -9.65 52.44 -3.53
CA THR K 84 -9.84 51.24 -4.35
C THR K 84 -9.83 49.98 -3.50
N LYS K 85 -9.20 50.04 -2.32
CA LYS K 85 -9.42 48.98 -1.34
C LYS K 85 -10.88 48.95 -0.92
N PHE K 86 -11.46 50.12 -0.71
CA PHE K 86 -12.86 50.21 -0.31
C PHE K 86 -13.77 49.73 -1.44
N MET K 87 -13.28 49.77 -2.68
CA MET K 87 -13.97 49.07 -3.77
C MET K 87 -14.16 47.61 -3.43
N LEU K 88 -13.05 46.90 -3.26
CA LEU K 88 -13.12 45.47 -3.06
C LEU K 88 -13.78 45.11 -1.74
N GLY K 89 -13.53 45.90 -0.71
CA GLY K 89 -14.07 45.56 0.60
C GLY K 89 -15.57 45.65 0.67
N PHE K 90 -16.15 46.68 0.05
CA PHE K 90 -17.57 46.94 0.18
C PHE K 90 -18.31 47.07 -1.12
N GLY K 91 -17.63 47.01 -2.26
CA GLY K 91 -18.30 47.24 -3.50
C GLY K 91 -18.53 48.69 -3.83
N ARG K 92 -18.01 49.60 -3.01
CA ARG K 92 -18.17 51.03 -3.29
C ARG K 92 -17.02 51.78 -2.64
N GLY K 93 -16.04 52.16 -3.44
CA GLY K 93 -15.03 53.11 -3.03
C GLY K 93 -15.43 54.50 -3.48
N VAL K 94 -15.14 55.49 -2.66
CA VAL K 94 -15.58 56.84 -2.93
C VAL K 94 -14.43 57.81 -2.68
N ILE K 95 -14.22 58.72 -3.63
CA ILE K 95 -13.36 59.88 -3.45
C ILE K 95 -14.23 61.12 -3.53
N VAL K 96 -14.13 61.97 -2.51
CA VAL K 96 -14.93 63.19 -2.43
C VAL K 96 -13.99 64.38 -2.52
N VAL K 97 -14.32 65.32 -3.39
CA VAL K 97 -13.55 66.54 -3.55
C VAL K 97 -14.47 67.74 -3.41
N PHE K 98 -14.01 68.76 -2.67
CA PHE K 98 -14.74 70.00 -2.56
C PHE K 98 -13.79 71.09 -2.14
N LYS K 99 -14.18 72.33 -2.40
CA LYS K 99 -13.34 73.49 -2.14
C LYS K 99 -13.32 73.79 -0.64
N ASN K 100 -12.74 74.92 -0.26
CA ASN K 100 -12.68 75.29 1.14
C ASN K 100 -14.06 75.54 1.73
N GLY K 101 -15.08 75.73 0.90
CA GLY K 101 -16.42 75.95 1.41
C GLY K 101 -17.34 74.77 1.17
N ASP K 102 -17.83 74.17 2.26
CA ASP K 102 -18.69 73.01 2.15
C ASP K 102 -19.93 73.33 1.33
N ASP K 103 -20.24 72.46 0.37
CA ASP K 103 -21.33 72.69 -0.55
C ASP K 103 -22.11 71.41 -0.79
N LEU K 104 -23.43 71.52 -0.77
CA LEU K 104 -24.27 70.41 -1.18
C LEU K 104 -24.25 70.22 -2.69
N SER K 105 -24.18 71.33 -3.41
CA SER K 105 -24.38 71.33 -4.85
C SER K 105 -23.06 71.10 -5.59
N LYS K 106 -23.09 71.31 -6.91
CA LYS K 106 -22.00 70.89 -7.78
C LYS K 106 -20.75 71.76 -7.58
N PRO K 107 -19.58 71.24 -7.91
CA PRO K 107 -18.37 72.07 -7.85
C PRO K 107 -18.34 73.04 -9.02
N LEU K 108 -17.95 74.26 -8.73
CA LEU K 108 -17.93 75.30 -9.74
C LEU K 108 -16.80 75.00 -10.71
N GLU K 109 -17.14 74.28 -11.78
CA GLU K 109 -16.19 73.94 -12.82
C GLU K 109 -16.18 74.95 -13.96
N ARG K 110 -16.90 76.08 -13.82
CA ARG K 110 -16.78 77.16 -14.79
C ARG K 110 -15.33 77.62 -14.91
N GLY K 111 -14.68 77.83 -13.78
CA GLY K 111 -13.23 77.79 -13.71
C GLY K 111 -12.85 76.57 -12.88
N VAL K 112 -12.35 75.53 -13.53
CA VAL K 112 -12.09 74.27 -12.84
C VAL K 112 -11.12 74.51 -11.70
N ASP K 113 -11.45 73.94 -10.53
CA ASP K 113 -10.76 74.25 -9.28
C ASP K 113 -9.27 74.00 -9.38
N PRO K 114 -8.45 75.04 -9.42
CA PRO K 114 -6.99 74.87 -9.56
C PRO K 114 -6.31 74.58 -8.22
N LYS K 115 -6.35 73.29 -7.85
CA LYS K 115 -5.74 72.76 -6.63
C LYS K 115 -6.00 73.64 -5.40
N LEU K 116 -7.18 74.24 -5.33
CA LEU K 116 -7.64 74.98 -4.16
C LEU K 116 -8.64 74.15 -3.36
N LEU K 117 -8.40 72.84 -3.29
CA LEU K 117 -9.41 71.88 -2.92
C LEU K 117 -8.83 70.80 -2.01
N LYS K 118 -9.73 70.13 -1.29
CA LYS K 118 -9.38 69.05 -0.37
C LYS K 118 -9.84 67.72 -0.94
N ILE K 119 -9.36 66.64 -0.31
CA ILE K 119 -9.59 65.29 -0.78
C ILE K 119 -10.14 64.44 0.36
N ARG K 120 -11.14 63.61 0.07
CA ARG K 120 -11.67 62.67 1.02
C ARG K 120 -11.84 61.31 0.35
N VAL K 121 -11.79 60.25 1.15
CA VAL K 121 -12.01 58.89 0.68
C VAL K 121 -12.99 58.20 1.62
N PHE K 122 -13.92 57.45 1.06
CA PHE K 122 -15.00 56.88 1.86
C PHE K 122 -15.30 55.45 1.44
N SER K 123 -15.52 54.59 2.44
CA SER K 123 -15.97 53.23 2.21
C SER K 123 -17.43 53.20 1.80
N GLY K 124 -17.81 52.11 1.14
CA GLY K 124 -19.20 51.91 0.79
C GLY K 124 -20.12 51.74 1.97
N ASP K 125 -19.57 51.51 3.17
CA ASP K 125 -20.39 51.42 4.37
C ASP K 125 -21.08 52.75 4.64
N ILE K 126 -20.29 53.79 4.96
CA ILE K 126 -20.88 55.08 5.25
C ILE K 126 -21.35 55.77 3.99
N ALA K 127 -20.62 55.62 2.88
CA ALA K 127 -21.12 56.13 1.62
C ALA K 127 -22.28 55.27 1.13
N LYS K 128 -22.96 55.77 0.09
CA LYS K 128 -24.04 55.04 -0.54
C LYS K 128 -24.53 55.85 -1.73
N GLY K 129 -25.26 55.21 -2.62
CA GLY K 129 -25.86 55.89 -3.77
C GLY K 129 -27.37 56.03 -3.59
N ASN K 130 -27.90 57.19 -3.99
CA ASN K 130 -29.30 57.49 -3.72
C ASN K 130 -30.16 57.66 -4.97
N ASN K 131 -29.84 58.60 -5.85
CA ASN K 131 -30.87 59.12 -6.76
C ASN K 131 -30.54 58.82 -8.22
N PRO K 132 -31.19 57.83 -8.82
CA PRO K 132 -31.01 57.59 -10.25
C PRO K 132 -32.10 58.25 -11.08
N ASP K 133 -31.74 58.82 -12.23
CA ASP K 133 -32.75 59.30 -13.15
C ASP K 133 -33.21 58.13 -14.01
N ASN K 134 -34.48 57.74 -13.87
CA ASN K 134 -34.99 56.61 -14.63
C ASN K 134 -35.12 56.92 -16.12
N ASP K 135 -35.07 58.18 -16.52
CA ASP K 135 -35.08 58.52 -17.93
C ASP K 135 -33.70 58.32 -18.53
N LEU K 136 -33.66 58.26 -19.86
CA LEU K 136 -32.43 57.99 -20.58
C LEU K 136 -31.66 59.24 -20.93
N ARG K 137 -31.99 60.38 -20.32
CA ARG K 137 -31.49 61.66 -20.82
C ARG K 137 -30.01 61.86 -20.49
N SER K 138 -29.67 61.97 -19.20
CA SER K 138 -28.33 62.38 -18.80
C SER K 138 -27.45 61.20 -18.41
N GLU K 139 -27.85 60.47 -17.37
CA GLU K 139 -27.12 59.31 -16.90
C GLU K 139 -28.12 58.19 -16.69
N ARG K 140 -27.82 57.01 -17.22
CA ARG K 140 -28.81 55.96 -17.28
C ARG K 140 -29.08 55.44 -15.85
N TYR K 141 -29.99 54.47 -15.73
CA TYR K 141 -30.38 53.90 -14.45
C TYR K 141 -29.19 53.57 -13.57
N TYR K 142 -28.02 53.31 -14.17
CA TYR K 142 -26.81 53.05 -13.42
C TYR K 142 -26.44 54.23 -12.54
N LYS K 143 -26.10 55.35 -13.16
CA LYS K 143 -25.38 56.41 -12.47
C LYS K 143 -26.31 57.17 -11.53
N PRO K 144 -26.01 57.26 -10.25
CA PRO K 144 -26.80 58.11 -9.36
C PRO K 144 -26.63 59.58 -9.72
N LYS K 145 -27.53 60.41 -9.20
CA LYS K 145 -27.49 61.85 -9.46
C LYS K 145 -27.17 62.67 -8.23
N ASN K 146 -27.41 62.15 -7.04
CA ASN K 146 -27.03 62.81 -5.80
C ASN K 146 -27.20 61.81 -4.66
N TYR K 147 -26.19 61.68 -3.81
CA TYR K 147 -26.32 60.73 -2.72
C TYR K 147 -25.60 61.23 -1.48
N THR K 148 -25.99 60.64 -0.35
CA THR K 148 -25.51 61.07 0.95
C THR K 148 -24.27 60.26 1.33
N ILE K 149 -23.27 60.96 1.85
CA ILE K 149 -22.06 60.31 2.32
C ILE K 149 -22.16 60.04 3.81
N LYS K 150 -22.94 60.85 4.51
CA LYS K 150 -23.17 60.85 5.95
C LYS K 150 -24.48 61.60 6.14
N GLY K 151 -24.70 62.13 7.35
CA GLY K 151 -25.74 63.12 7.52
C GLY K 151 -25.76 64.17 6.42
N HIS K 152 -24.58 64.50 5.89
CA HIS K 152 -24.49 65.45 4.79
C HIS K 152 -24.90 64.79 3.47
N THR K 153 -24.83 65.56 2.39
CA THR K 153 -25.09 65.07 1.05
C THR K 153 -24.06 65.69 0.12
N ILE K 154 -23.74 64.97 -0.97
CA ILE K 154 -22.74 65.45 -1.93
C ILE K 154 -23.29 65.32 -3.35
N HIS K 155 -23.03 66.35 -4.15
CA HIS K 155 -23.46 66.38 -5.54
C HIS K 155 -22.79 65.28 -6.34
N TRP K 156 -23.45 64.87 -7.41
CA TRP K 156 -22.92 63.79 -8.25
C TRP K 156 -21.59 64.16 -8.88
N THR K 157 -21.53 65.28 -9.58
CA THR K 157 -20.27 65.67 -10.21
C THR K 157 -19.23 66.06 -9.18
N ARG K 158 -19.63 66.26 -7.93
CA ARG K 158 -18.64 66.46 -6.87
C ARG K 158 -17.82 65.20 -6.65
N VAL K 159 -18.46 64.04 -6.71
CA VAL K 159 -17.93 62.82 -6.11
C VAL K 159 -17.47 61.84 -7.19
N VAL K 160 -16.40 61.11 -6.88
CA VAL K 160 -15.85 60.09 -7.75
C VAL K 160 -16.10 58.74 -7.10
N ASP K 161 -16.66 57.81 -7.87
CA ASP K 161 -17.16 56.54 -7.37
C ASP K 161 -16.30 55.40 -7.87
N PHE K 162 -15.76 54.60 -6.96
CA PHE K 162 -15.01 53.41 -7.30
C PHE K 162 -15.96 52.23 -7.24
N THR K 163 -16.58 51.91 -8.36
CA THR K 163 -17.62 50.90 -8.42
C THR K 163 -17.06 49.59 -8.97
N TYR K 164 -17.27 48.51 -8.24
CA TYR K 164 -16.78 47.19 -8.64
C TYR K 164 -17.76 46.55 -9.61
N TYR K 165 -17.58 45.25 -9.83
CA TYR K 165 -18.44 44.41 -10.66
C TYR K 165 -19.91 44.60 -10.33
N MET K 166 -20.69 45.11 -11.29
CA MET K 166 -22.07 45.47 -11.02
C MET K 166 -23.02 44.38 -11.51
N PRO K 167 -24.10 44.15 -10.80
CA PRO K 167 -25.08 43.14 -11.25
C PRO K 167 -26.02 43.70 -12.31
N SER K 168 -27.03 42.93 -12.67
CA SER K 168 -28.02 43.40 -13.61
C SER K 168 -28.82 44.55 -13.02
N GLU K 169 -29.32 45.42 -13.91
CA GLU K 169 -29.96 46.65 -13.48
C GLU K 169 -31.21 46.38 -12.66
N ASN K 170 -31.94 45.30 -12.98
CA ASN K 170 -33.18 44.99 -12.28
C ASN K 170 -33.00 44.90 -10.77
N GLU K 171 -31.76 44.76 -10.31
CA GLU K 171 -31.49 44.60 -8.89
C GLU K 171 -30.38 45.53 -8.40
N LEU K 172 -29.96 46.47 -9.23
CA LEU K 172 -28.91 47.41 -8.83
C LEU K 172 -29.21 48.17 -7.54
N PRO K 173 -30.45 48.59 -7.24
CA PRO K 173 -30.68 49.24 -5.94
C PRO K 173 -30.33 48.39 -4.75
N ASP K 174 -30.48 47.06 -4.82
CA ASP K 174 -30.17 46.25 -3.65
C ASP K 174 -28.70 46.33 -3.27
N TYR K 175 -27.83 46.72 -4.20
CA TYR K 175 -26.46 47.07 -3.87
C TYR K 175 -26.27 48.56 -3.74
N TYR K 176 -27.37 49.31 -3.80
CA TYR K 176 -27.37 50.76 -3.68
C TYR K 176 -26.41 51.39 -4.68
N TYR K 177 -26.62 51.05 -5.95
CA TYR K 177 -26.09 51.79 -7.09
C TYR K 177 -24.56 51.78 -7.09
N GLY K 178 -24.02 50.57 -7.23
CA GLY K 178 -22.61 50.45 -7.49
C GLY K 178 -21.93 49.24 -6.89
N GLY K 179 -21.21 48.51 -7.73
CA GLY K 179 -20.26 47.51 -7.29
C GLY K 179 -20.81 46.35 -6.47
N MET K 180 -19.88 45.48 -6.06
CA MET K 180 -20.20 44.27 -5.32
C MET K 180 -18.97 43.90 -4.53
N SER K 181 -19.08 43.83 -3.21
CA SER K 181 -17.93 43.46 -2.41
C SER K 181 -17.46 42.07 -2.79
N GLU K 182 -16.13 41.86 -2.76
CA GLU K 182 -15.61 40.52 -2.99
C GLU K 182 -16.25 39.53 -2.03
N SER K 183 -16.61 39.99 -0.84
CA SER K 183 -17.31 39.13 0.10
C SER K 183 -18.55 38.55 -0.54
N GLU K 184 -19.36 39.40 -1.19
CA GLU K 184 -20.54 38.91 -1.86
C GLU K 184 -20.17 37.89 -2.93
N LEU K 185 -18.97 38.00 -3.49
CA LEU K 185 -18.50 37.03 -4.46
C LEU K 185 -18.01 35.75 -3.78
N ILE K 186 -17.53 35.83 -2.55
CA ILE K 186 -16.99 34.65 -1.89
C ILE K 186 -17.59 34.44 -0.52
N TYR K 187 -18.82 34.91 -0.30
CA TYR K 187 -19.44 34.68 1.01
C TYR K 187 -19.68 33.20 1.23
N GLU K 188 -19.97 32.47 0.16
CA GLU K 188 -19.94 31.02 0.19
C GLU K 188 -18.59 30.53 0.67
N GLN K 189 -17.54 31.30 0.43
CA GLN K 189 -16.19 30.79 0.64
C GLN K 189 -15.71 31.12 2.04
N PHE K 190 -15.70 32.40 2.39
CA PHE K 190 -15.13 32.83 3.65
C PHE K 190 -15.80 32.15 4.82
N ILE K 191 -17.12 31.98 4.74
CA ILE K 191 -17.82 31.22 5.77
C ILE K 191 -17.30 29.78 5.79
N ASN K 192 -17.20 29.16 4.62
CA ASN K 192 -16.79 27.76 4.58
C ASN K 192 -15.37 27.59 5.13
N ASP K 193 -14.43 28.40 4.65
CA ASP K 193 -13.06 28.30 5.14
C ASP K 193 -12.99 28.56 6.63
N SER K 194 -13.70 29.57 7.12
CA SER K 194 -13.73 29.82 8.55
C SER K 194 -14.26 28.60 9.28
N VAL K 195 -15.31 27.98 8.75
CA VAL K 195 -15.81 26.75 9.34
C VAL K 195 -14.75 25.67 9.31
N VAL K 196 -14.04 25.53 8.18
CA VAL K 196 -12.94 24.59 8.11
C VAL K 196 -11.96 24.88 9.22
N GLN K 197 -11.65 26.15 9.42
CA GLN K 197 -10.52 26.48 10.26
C GLN K 197 -10.88 26.43 11.73
N ARG K 198 -12.03 26.99 12.11
CA ARG K 198 -12.45 26.93 13.50
C ARG K 198 -12.54 25.48 13.97
N ALA K 199 -13.08 24.61 13.13
CA ALA K 199 -13.10 23.19 13.48
C ALA K 199 -11.70 22.60 13.50
N SER K 200 -10.79 23.14 12.68
CA SER K 200 -9.45 22.58 12.62
C SER K 200 -8.73 22.71 13.95
N GLY K 201 -8.85 23.87 14.59
CA GLY K 201 -8.18 24.06 15.85
C GLY K 201 -8.72 23.21 16.97
N SER K 202 -10.03 23.02 17.01
CA SER K 202 -10.63 22.33 18.14
C SER K 202 -10.57 20.81 18.03
N ILE K 203 -10.18 20.28 16.87
CA ILE K 203 -10.18 18.83 16.73
C ILE K 203 -9.02 18.20 17.49
N ILE K 204 -7.87 18.88 17.56
CA ILE K 204 -6.70 18.29 18.17
C ILE K 204 -6.91 18.08 19.66
N GLU K 205 -7.46 19.07 20.35
CA GLU K 205 -7.67 18.91 21.78
C GLU K 205 -8.58 17.72 22.08
N LYS K 206 -9.40 17.31 21.13
CA LYS K 206 -10.24 16.13 21.30
C LYS K 206 -9.82 15.00 20.38
N ALA K 207 -8.56 15.00 19.92
CA ALA K 207 -8.12 14.00 18.97
C ALA K 207 -8.18 12.60 19.55
N SER K 208 -8.00 12.45 20.85
CA SER K 208 -8.07 11.15 21.48
C SER K 208 -8.39 11.35 22.95
N THR K 209 -9.41 10.65 23.43
CA THR K 209 -9.85 10.77 24.81
C THR K 209 -9.68 9.44 25.52
N PHE K 210 -8.92 9.45 26.60
CA PHE K 210 -8.77 8.28 27.43
C PHE K 210 -10.08 8.04 28.17
N VAL K 211 -10.46 6.78 28.32
CA VAL K 211 -11.77 6.44 28.87
C VAL K 211 -11.60 5.37 29.93
N TYR K 212 -12.11 5.64 31.14
CA TYR K 212 -12.12 4.66 32.21
C TYR K 212 -13.53 4.08 32.31
N LYS K 213 -13.82 3.10 31.46
CA LYS K 213 -15.06 2.37 31.65
C LYS K 213 -14.93 1.60 32.96
N ILE K 214 -15.58 2.08 34.02
CA ILE K 214 -15.35 1.58 35.36
C ILE K 214 -16.64 0.98 35.89
N LYS K 215 -16.59 -0.27 36.32
CA LYS K 215 -17.77 -0.90 36.88
C LYS K 215 -18.09 -0.32 38.25
N GLY K 216 -19.37 -0.09 38.50
CA GLY K 216 -19.82 0.47 39.75
C GLY K 216 -19.93 1.98 39.76
N TYR K 217 -19.28 2.66 38.83
CA TYR K 217 -19.42 4.11 38.75
C TYR K 217 -20.84 4.50 38.38
N LYS K 218 -21.61 3.57 37.80
CA LYS K 218 -23.06 3.69 37.84
C LYS K 218 -23.53 4.14 39.20
N GLN K 219 -23.20 3.36 40.22
CA GLN K 219 -23.78 3.56 41.54
C GLN K 219 -23.16 4.77 42.25
N LEU K 220 -21.85 4.94 42.12
CA LEU K 220 -21.16 5.97 42.89
C LEU K 220 -21.71 7.35 42.57
N ILE K 221 -21.93 7.65 41.29
CA ILE K 221 -22.65 8.86 40.94
C ILE K 221 -24.06 8.81 41.49
N GLN K 222 -24.72 7.67 41.34
CA GLN K 222 -26.10 7.56 41.77
C GLN K 222 -26.23 7.76 43.28
N ALA K 223 -25.26 7.29 44.04
CA ALA K 223 -25.22 7.59 45.47
C ALA K 223 -24.52 8.90 45.76
N LYS K 224 -24.07 9.61 44.72
CA LYS K 224 -23.49 10.93 44.85
C LYS K 224 -22.29 10.94 45.81
N LYS K 225 -21.76 9.78 46.14
CA LYS K 225 -20.54 9.67 46.93
C LYS K 225 -19.40 9.30 45.98
N GLU K 226 -19.42 9.91 44.80
CA GLU K 226 -18.44 9.65 43.76
C GLU K 226 -17.21 10.54 43.90
N GLU K 227 -17.03 11.17 45.06
CA GLU K 227 -15.92 12.09 45.23
C GLU K 227 -14.57 11.37 45.16
N ASP K 228 -14.48 10.18 45.76
CA ASP K 228 -13.19 9.53 45.89
C ASP K 228 -12.69 8.99 44.54
N ILE K 229 -13.58 8.42 43.74
CA ILE K 229 -13.13 7.84 42.47
C ILE K 229 -12.62 8.92 41.53
N ILE K 230 -13.24 10.10 41.56
CA ILE K 230 -12.70 11.21 40.77
C ILE K 230 -11.34 11.59 41.30
N LYS K 231 -11.17 11.62 42.62
CA LYS K 231 -9.89 12.00 43.20
C LYS K 231 -8.80 11.02 42.79
N TYR K 232 -9.09 9.72 42.86
CA TYR K 232 -8.09 8.73 42.47
C TYR K 232 -7.74 8.86 41.00
N VAL K 233 -8.74 9.04 40.14
CA VAL K 233 -8.46 9.21 38.72
C VAL K 233 -7.67 10.49 38.50
N SER K 234 -8.02 11.56 39.19
CA SER K 234 -7.27 12.80 39.03
C SER K 234 -5.81 12.61 39.45
N THR K 235 -5.57 11.93 40.56
CA THR K 235 -4.20 11.59 40.93
C THR K 235 -3.59 10.63 39.93
N CYS K 236 -4.38 9.67 39.44
CA CYS K 236 -3.88 8.72 38.45
C CYS K 236 -3.53 9.43 37.15
N GLU K 237 -4.44 10.25 36.64
CA GLU K 237 -4.11 11.03 35.45
C GLU K 237 -2.93 11.94 35.70
N ASP K 238 -2.75 12.39 36.94
CA ASP K 238 -1.58 13.17 37.28
C ASP K 238 -0.37 12.27 37.35
N GLY K 239 0.06 11.75 36.21
CA GLY K 239 1.19 10.84 36.20
C GLY K 239 1.05 9.73 35.19
N ARG K 240 -0.12 9.61 34.57
CA ARG K 240 -0.28 8.64 33.51
C ARG K 240 0.71 8.94 32.40
N SER K 241 1.68 8.05 32.18
CA SER K 241 2.76 8.34 31.28
C SER K 241 3.27 7.03 30.69
N ILE K 242 4.38 7.10 29.96
CA ILE K 242 5.00 5.88 29.47
C ILE K 242 5.62 5.11 30.62
N TYR K 243 5.83 5.76 31.74
CA TYR K 243 6.71 5.23 32.77
C TYR K 243 5.96 4.46 33.86
N GLY K 244 4.69 4.75 34.08
CA GLY K 244 3.93 4.03 35.08
C GLY K 244 2.70 3.38 34.50
N GLY K 245 2.58 2.07 34.67
CA GLY K 245 1.43 1.36 34.12
C GLY K 245 0.18 1.55 34.98
N LEU K 246 -0.95 1.75 34.30
CA LEU K 246 -2.23 1.79 34.99
C LEU K 246 -2.45 0.54 35.82
N ILE K 247 -3.26 0.68 36.86
CA ILE K 247 -3.75 -0.46 37.61
C ILE K 247 -5.26 -0.37 37.65
N THR K 248 -5.92 -1.29 36.96
CA THR K 248 -7.37 -1.33 36.92
C THR K 248 -7.81 -2.77 37.11
N ASP K 249 -9.09 -3.04 36.88
CA ASP K 249 -9.67 -4.30 37.28
C ASP K 249 -10.08 -5.15 36.10
N ALA K 250 -10.29 -6.43 36.37
CA ALA K 250 -10.78 -7.31 35.32
C ALA K 250 -12.11 -6.81 34.80
N ASP K 251 -13.03 -6.47 35.69
CA ASP K 251 -14.29 -5.91 35.27
C ASP K 251 -14.13 -4.51 34.71
N ASP K 252 -13.06 -3.81 35.08
CA ASP K 252 -12.77 -2.52 34.49
C ASP K 252 -12.38 -2.70 33.03
N GLU K 253 -12.38 -1.59 32.30
CA GLU K 253 -11.94 -1.61 30.91
C GLU K 253 -11.49 -0.22 30.51
N VAL K 254 -10.20 -0.07 30.28
CA VAL K 254 -9.67 1.18 29.75
C VAL K 254 -9.60 1.07 28.24
N SER K 255 -10.09 2.10 27.56
CA SER K 255 -10.08 2.14 26.10
C SER K 255 -9.75 3.55 25.65
N THR K 256 -9.43 3.68 24.37
CA THR K 256 -9.13 4.99 23.82
C THR K 256 -9.94 5.21 22.56
N LEU K 257 -10.50 6.40 22.42
CA LEU K 257 -11.33 6.77 21.29
C LEU K 257 -10.67 7.92 20.57
N THR K 258 -10.60 7.83 19.25
CA THR K 258 -10.05 8.91 18.45
C THR K 258 -11.14 9.49 17.57
N GLN K 259 -11.18 10.82 17.49
CA GLN K 259 -12.03 11.50 16.53
C GLN K 259 -11.18 12.55 15.85
N SER K 260 -11.29 12.65 14.53
CA SER K 260 -10.51 13.63 13.80
C SER K 260 -11.14 13.86 12.46
N LEU K 261 -10.98 15.07 11.95
CA LEU K 261 -11.54 15.44 10.66
C LEU K 261 -10.87 14.61 9.58
N THR K 262 -11.56 13.58 9.10
CA THR K 262 -10.95 12.64 8.18
C THR K 262 -10.61 13.29 6.85
N ASP K 263 -11.38 14.29 6.43
CA ASP K 263 -11.12 14.94 5.16
C ASP K 263 -10.93 16.43 5.34
N LEU K 264 -10.14 16.80 6.35
CA LEU K 264 -9.85 18.22 6.56
C LEU K 264 -9.10 18.81 5.38
N ASP K 265 -8.12 18.08 4.85
CA ASP K 265 -7.33 18.60 3.73
C ASP K 265 -8.17 18.74 2.48
N LYS K 266 -9.06 17.78 2.21
CA LYS K 266 -9.87 17.84 0.99
C LYS K 266 -10.76 19.07 0.97
N VAL K 267 -11.52 19.28 2.04
CA VAL K 267 -12.42 20.42 2.08
C VAL K 267 -11.64 21.73 2.09
N ASP K 268 -10.58 21.80 2.90
CA ASP K 268 -9.74 22.98 2.87
C ASP K 268 -9.13 23.17 1.49
N ASN K 269 -8.89 22.08 0.77
CA ASN K 269 -8.43 22.20 -0.60
C ASN K 269 -9.51 22.83 -1.48
N VAL K 270 -10.73 22.27 -1.44
CA VAL K 270 -11.80 22.74 -2.32
C VAL K 270 -12.10 24.21 -2.06
N THR K 271 -12.21 24.59 -0.79
CA THR K 271 -12.53 25.98 -0.46
C THR K 271 -11.46 26.94 -0.98
N LEU K 272 -10.19 26.57 -0.79
CA LEU K 272 -9.12 27.46 -1.23
C LEU K 272 -9.04 27.54 -2.75
N ARG K 273 -9.36 26.45 -3.46
CA ARG K 273 -9.31 26.50 -4.91
C ARG K 273 -10.25 27.58 -5.44
N ARG K 274 -11.47 27.61 -4.92
CA ARG K 274 -12.45 28.56 -5.42
C ARG K 274 -12.04 29.99 -5.13
N ILE K 275 -11.51 30.27 -3.94
CA ILE K 275 -11.12 31.63 -3.61
C ILE K 275 -10.03 32.11 -4.54
N ALA K 276 -9.12 31.21 -4.93
CA ALA K 276 -8.13 31.56 -5.94
C ALA K 276 -8.82 31.91 -7.25
N MET K 277 -9.81 31.13 -7.65
CA MET K 277 -10.60 31.45 -8.81
C MET K 277 -11.25 32.83 -8.74
N VAL K 278 -12.17 32.99 -7.79
CA VAL K 278 -13.04 34.16 -7.80
C VAL K 278 -12.24 35.43 -7.60
N THR K 279 -11.31 35.43 -6.63
CA THR K 279 -10.48 36.61 -6.43
C THR K 279 -9.54 36.83 -7.60
N GLY K 280 -9.16 35.76 -8.29
CA GLY K 280 -8.23 35.85 -9.38
C GLY K 280 -6.78 35.61 -8.98
N LEU K 281 -6.46 35.72 -7.70
CA LEU K 281 -5.11 35.40 -7.24
C LEU K 281 -4.86 33.91 -7.40
N GLY K 282 -3.60 33.55 -7.53
CA GLY K 282 -3.28 32.15 -7.75
C GLY K 282 -3.60 31.29 -6.55
N MET K 283 -3.54 29.97 -6.78
CA MET K 283 -3.63 29.04 -5.65
C MET K 283 -2.42 29.17 -4.75
N THR K 284 -1.25 29.43 -5.35
CA THR K 284 -0.02 29.47 -4.57
C THR K 284 -0.07 30.52 -3.46
N VAL K 285 -0.71 31.66 -3.72
CA VAL K 285 -0.72 32.72 -2.73
C VAL K 285 -1.58 32.33 -1.53
N LEU K 286 -2.73 31.69 -1.78
CA LEU K 286 -3.58 31.27 -0.68
C LEU K 286 -2.89 30.23 0.19
N ILE K 287 -2.25 29.25 -0.43
CA ILE K 287 -1.42 28.31 0.31
C ILE K 287 -0.28 29.01 1.03
N GLY K 288 0.23 30.10 0.48
CA GLY K 288 1.32 30.81 1.09
C GLY K 288 2.67 30.52 0.49
N GLU K 289 2.73 29.71 -0.57
CA GLU K 289 3.99 29.49 -1.28
C GLU K 289 4.19 30.59 -2.32
N GLN K 290 4.21 31.83 -1.82
CA GLN K 290 4.36 32.98 -2.68
C GLN K 290 5.71 33.00 -3.38
N ALA K 291 6.69 32.24 -2.89
CA ALA K 291 8.03 32.29 -3.47
C ALA K 291 8.07 31.74 -4.88
N SER K 292 7.19 30.79 -5.20
CA SER K 292 7.29 30.04 -6.44
C SER K 292 7.16 30.90 -7.69
N GLY K 293 5.98 31.45 -7.93
CA GLY K 293 5.75 32.14 -9.19
C GLY K 293 4.87 33.36 -9.12
N LEU K 294 4.41 33.72 -7.93
CA LEU K 294 3.55 34.90 -7.75
C LEU K 294 4.35 35.93 -6.97
N ASN K 295 4.84 36.95 -7.67
CA ASN K 295 5.79 37.90 -7.08
C ASN K 295 5.40 39.30 -7.53
N ALA K 296 6.32 40.24 -7.31
CA ALA K 296 6.07 41.64 -7.69
C ALA K 296 6.52 41.92 -9.12
N SER K 297 7.78 41.61 -9.44
CA SER K 297 8.31 41.92 -10.75
C SER K 297 7.52 41.24 -11.85
N GLY K 298 7.17 41.99 -12.88
CA GLY K 298 6.28 41.54 -13.93
C GLY K 298 6.94 40.79 -15.07
N GLU K 299 8.20 40.42 -14.93
CA GLU K 299 8.88 39.68 -15.99
C GLU K 299 8.11 38.43 -16.36
N LYS K 300 7.98 37.50 -15.41
CA LYS K 300 7.18 36.30 -15.59
C LYS K 300 6.29 35.98 -14.42
N GLU K 301 6.58 36.49 -13.22
CA GLU K 301 5.88 36.06 -12.02
C GLU K 301 4.57 36.82 -11.80
N ARG K 302 4.60 38.15 -11.90
CA ARG K 302 3.36 38.91 -11.83
C ARG K 302 2.45 38.55 -13.00
N GLN K 303 3.02 38.00 -14.07
CA GLN K 303 2.28 37.50 -15.22
C GLN K 303 1.38 36.34 -14.81
N GLY K 304 1.66 35.75 -13.64
CA GLY K 304 0.88 34.64 -13.14
C GLY K 304 -0.60 34.95 -13.03
N PHE K 305 -0.93 36.19 -12.69
CA PHE K 305 -2.33 36.61 -12.65
C PHE K 305 -2.53 38.04 -13.15
N GLN K 306 -1.55 38.61 -13.85
CA GLN K 306 -1.67 40.00 -14.27
C GLN K 306 -2.90 40.22 -15.12
N ASP K 307 -3.35 39.18 -15.82
CA ASP K 307 -4.56 39.28 -16.63
C ASP K 307 -5.76 39.65 -15.77
N THR K 308 -5.88 39.05 -14.59
CA THR K 308 -6.96 39.42 -13.69
C THR K 308 -6.84 40.88 -13.27
N ILE K 309 -5.63 41.31 -12.91
CA ILE K 309 -5.43 42.70 -12.54
C ILE K 309 -5.67 43.61 -13.74
N GLU K 310 -5.15 43.23 -14.91
CA GLU K 310 -5.44 43.99 -16.12
C GLU K 310 -6.93 44.02 -16.38
N ASN K 311 -7.60 42.89 -16.17
CA ASN K 311 -9.06 42.89 -16.23
C ASN K 311 -9.64 43.82 -15.18
N LEU K 312 -9.01 43.92 -14.02
CA LEU K 312 -9.43 44.92 -13.04
C LEU K 312 -9.00 46.32 -13.46
N GLN K 313 -7.83 46.43 -14.07
CA GLN K 313 -7.29 47.74 -14.42
C GLN K 313 -8.11 48.45 -15.47
N SER K 314 -8.72 47.72 -16.40
CA SER K 314 -9.45 48.32 -17.50
C SER K 314 -10.96 48.20 -17.36
N ASP K 315 -11.44 47.87 -16.16
CA ASP K 315 -12.87 47.73 -15.95
C ASP K 315 -13.41 48.70 -14.91
N TYR K 316 -12.83 48.72 -13.71
CA TYR K 316 -13.38 49.53 -12.63
C TYR K 316 -12.43 50.62 -12.16
N LEU K 317 -11.19 50.63 -12.64
CA LEU K 317 -10.25 51.66 -12.25
C LEU K 317 -10.06 52.72 -13.33
N GLU K 318 -10.32 52.38 -14.59
CA GLU K 318 -10.17 53.35 -15.67
C GLU K 318 -11.24 54.43 -15.61
N ASP K 319 -12.51 54.03 -15.44
CA ASP K 319 -13.63 54.97 -15.31
C ASP K 319 -13.31 56.12 -14.36
N PRO K 320 -13.05 55.87 -13.09
CA PRO K 320 -12.98 56.97 -12.14
C PRO K 320 -11.62 57.67 -12.17
N LEU K 321 -10.56 56.91 -12.44
CA LEU K 321 -9.25 57.55 -12.56
C LEU K 321 -9.23 58.55 -13.70
N ASN K 322 -9.82 58.19 -14.83
CA ASN K 322 -9.95 59.15 -15.92
C ASN K 322 -10.82 60.33 -15.50
N ARG K 323 -11.93 60.05 -14.81
CA ARG K 323 -12.74 61.13 -14.27
C ARG K 323 -11.93 61.95 -13.26
N LEU K 324 -11.16 61.28 -12.41
CA LEU K 324 -10.29 62.01 -11.50
C LEU K 324 -9.18 62.73 -12.25
N ALA K 325 -8.76 62.18 -13.40
CA ALA K 325 -7.70 62.82 -14.17
C ALA K 325 -8.14 64.19 -14.67
N GLU K 326 -9.37 64.30 -15.16
CA GLU K 326 -9.82 65.57 -15.74
C GLU K 326 -10.08 66.61 -14.65
N ILE K 327 -10.56 66.17 -13.49
CA ILE K 327 -10.94 67.12 -12.45
C ILE K 327 -9.73 67.84 -11.89
N PHE K 328 -8.53 67.29 -12.05
CA PHE K 328 -7.31 67.94 -11.59
C PHE K 328 -6.50 68.51 -12.73
N GLN K 329 -7.07 68.58 -13.93
CA GLN K 329 -6.40 69.01 -15.15
C GLN K 329 -5.24 68.11 -15.54
N LEU K 330 -5.10 66.96 -14.89
CA LEU K 330 -4.11 66.00 -15.33
C LEU K 330 -4.56 65.32 -16.62
N GLY K 331 -3.60 64.78 -17.34
CA GLY K 331 -3.90 64.11 -18.58
C GLY K 331 -4.54 62.76 -18.37
N PHE K 332 -4.96 62.17 -19.49
CA PHE K 332 -5.57 60.85 -19.45
C PHE K 332 -4.55 59.84 -18.93
N ILE K 333 -4.92 59.10 -17.88
CA ILE K 333 -4.01 58.18 -17.23
C ILE K 333 -4.42 56.75 -17.53
N GLU K 334 -3.47 55.94 -17.95
CA GLU K 334 -3.70 54.53 -18.26
C GLU K 334 -2.65 53.66 -17.61
N PHE K 335 -2.61 52.38 -17.97
CA PHE K 335 -1.63 51.45 -17.44
C PHE K 335 -0.96 50.71 -18.59
N LYS K 336 0.34 50.42 -18.43
CA LYS K 336 1.05 49.61 -19.42
C LYS K 336 2.31 49.06 -18.77
N ASP K 337 2.44 47.74 -18.76
CA ASP K 337 3.60 47.09 -18.18
C ASP K 337 4.81 47.20 -19.08
N ARG K 346 13.82 43.21 -16.35
CA ARG K 346 13.11 44.43 -16.74
C ARG K 346 13.45 44.79 -18.17
N VAL K 347 13.78 46.06 -18.40
CA VAL K 347 14.16 46.51 -19.73
C VAL K 347 15.44 45.82 -20.21
N GLU K 348 16.28 45.38 -19.28
CA GLU K 348 17.47 44.62 -19.66
C GLU K 348 17.11 43.39 -20.46
N TYR K 349 15.93 42.82 -20.22
CA TYR K 349 15.44 41.74 -21.07
C TYR K 349 15.23 42.24 -22.50
N ASP K 350 14.66 43.43 -22.64
CA ASP K 350 14.36 44.00 -23.96
C ASP K 350 15.59 44.56 -24.65
N LYS K 351 16.64 44.90 -23.88
CA LYS K 351 17.79 45.58 -24.47
C LYS K 351 18.50 44.72 -25.50
N LYS K 352 18.62 43.42 -25.25
CA LYS K 352 19.25 42.55 -26.24
C LYS K 352 18.52 42.61 -27.57
N ALA K 353 17.19 42.72 -27.53
CA ALA K 353 16.44 42.97 -28.75
C ALA K 353 16.75 44.35 -29.30
N VAL K 354 16.94 45.33 -28.41
CA VAL K 354 17.21 46.70 -28.86
C VAL K 354 18.46 46.75 -29.72
N ASP K 355 19.52 46.06 -29.28
CA ASP K 355 20.73 45.98 -30.07
C ASP K 355 20.46 45.29 -31.40
N VAL K 356 19.60 44.26 -31.38
CA VAL K 356 19.22 43.60 -32.62
C VAL K 356 18.57 44.59 -33.58
N ALA K 357 17.74 45.48 -33.03
CA ALA K 357 17.15 46.53 -33.86
C ALA K 357 18.22 47.46 -34.44
N LYS K 358 19.24 47.78 -33.64
CA LYS K 358 20.30 48.64 -34.14
C LYS K 358 21.07 47.97 -35.28
N VAL K 359 21.37 46.68 -35.13
CA VAL K 359 22.23 45.99 -36.07
C VAL K 359 21.42 45.56 -37.29
N LEU K 360 20.17 46.01 -37.38
CA LEU K 360 19.36 45.68 -38.54
C LEU K 360 19.92 46.31 -39.81
N TRP K 361 20.33 47.58 -39.76
CA TRP K 361 20.63 48.31 -40.98
C TRP K 361 22.12 48.58 -41.18
N GLU K 362 22.74 49.33 -40.26
CA GLU K 362 24.12 49.82 -40.39
C GLU K 362 24.42 50.27 -41.82
N LEU K 363 23.51 51.07 -42.38
CA LEU K 363 23.65 51.60 -43.73
C LEU K 363 24.72 52.69 -43.68
N GLY K 364 25.98 52.25 -43.64
CA GLY K 364 26.99 53.17 -43.15
C GLY K 364 26.71 53.32 -41.67
N GLU K 365 26.13 54.45 -41.27
CA GLU K 365 25.51 54.56 -39.96
C GLU K 365 24.22 55.35 -40.10
N ASP K 366 23.10 54.71 -39.78
CA ASP K 366 21.80 55.36 -39.79
C ASP K 366 21.01 54.93 -38.57
N TYR K 367 20.05 55.77 -38.18
CA TYR K 367 19.28 55.53 -36.98
C TYR K 367 18.38 54.32 -37.17
N GLY K 368 18.38 53.41 -36.20
CA GLY K 368 17.40 52.35 -36.20
C GLY K 368 16.03 52.92 -35.91
N ALA K 369 15.18 52.97 -36.93
CA ALA K 369 13.87 53.58 -36.76
C ALA K 369 13.04 52.87 -35.71
N TYR K 370 13.30 51.58 -35.51
CA TYR K 370 12.56 50.78 -34.55
C TYR K 370 13.04 51.02 -33.12
N LEU K 371 14.13 51.77 -32.94
CA LEU K 371 14.61 52.05 -31.59
C LEU K 371 13.57 52.83 -30.79
N LYS K 372 12.94 53.83 -31.42
CA LYS K 372 12.00 54.68 -30.69
C LYS K 372 10.78 53.90 -30.23
N ASP K 373 10.22 53.07 -31.10
CA ASP K 373 8.98 52.36 -30.78
C ASP K 373 9.31 51.08 -29.98
N LYS K 374 10.09 51.28 -28.92
CA LYS K 374 10.39 50.26 -27.92
C LYS K 374 10.85 51.01 -26.66
N ASP K 375 11.46 50.28 -25.72
CA ASP K 375 11.98 50.89 -24.50
C ASP K 375 13.40 51.41 -24.76
N VAL K 376 13.46 52.50 -25.53
CA VAL K 376 14.72 53.21 -25.74
C VAL K 376 15.19 53.85 -24.44
N VAL K 377 14.26 54.31 -23.62
CA VAL K 377 14.59 54.96 -22.37
C VAL K 377 14.04 54.15 -21.21
N ASP L 9 -29.69 26.79 -5.15
CA ASP L 9 -29.02 25.72 -4.43
C ASP L 9 -29.70 25.44 -3.10
N VAL L 10 -30.99 25.77 -3.01
CA VAL L 10 -31.78 25.58 -1.78
C VAL L 10 -33.22 25.19 -2.13
N LEU L 11 -33.63 23.96 -1.79
CA LEU L 11 -35.02 23.55 -1.97
C LEU L 11 -35.28 22.13 -1.47
N SER L 12 -36.57 21.84 -1.22
CA SER L 12 -37.12 20.50 -1.08
C SER L 12 -36.53 19.75 0.11
N GLY L 13 -36.65 20.34 1.29
CA GLY L 13 -36.17 19.70 2.50
C GLY L 13 -35.85 20.76 3.54
N LEU L 14 -35.16 20.31 4.58
CA LEU L 14 -34.63 21.22 5.59
C LEU L 14 -33.16 21.48 5.38
N ILE L 15 -32.60 21.02 4.26
CA ILE L 15 -31.24 21.37 3.88
C ILE L 15 -31.06 22.88 3.92
N ASN L 16 -32.13 23.62 3.68
CA ASN L 16 -32.03 25.07 3.55
C ASN L 16 -31.45 25.68 4.81
N ARG L 17 -31.67 25.04 5.95
CA ARG L 17 -31.42 25.67 7.24
C ARG L 17 -30.13 25.21 7.88
N ARG L 18 -29.77 23.94 7.71
CA ARG L 18 -28.66 23.37 8.45
C ARG L 18 -27.32 23.47 7.73
N ASN L 19 -27.29 24.01 6.52
CA ASN L 19 -26.01 24.12 5.83
C ASN L 19 -25.18 25.24 6.45
N SER L 20 -23.92 25.32 6.02
CA SER L 20 -23.02 26.32 6.58
C SER L 20 -23.47 27.72 6.24
N MET L 21 -24.40 27.85 5.29
CA MET L 21 -24.90 29.16 4.91
C MET L 21 -25.59 29.84 6.08
N ALA L 22 -26.71 29.29 6.52
CA ALA L 22 -27.54 29.94 7.53
C ALA L 22 -27.25 29.44 8.94
N ARG L 23 -26.49 28.37 9.10
CA ARG L 23 -26.29 27.83 10.44
C ARG L 23 -25.39 28.74 11.25
N ASN L 24 -24.65 29.64 10.60
CA ASN L 24 -23.80 30.58 11.31
C ASN L 24 -23.56 31.84 10.49
N ARG L 25 -23.74 32.99 11.14
CA ARG L 25 -23.44 34.26 10.53
C ARG L 25 -22.04 34.70 10.93
N VAL L 26 -21.52 35.70 10.22
CA VAL L 26 -20.14 36.13 10.39
C VAL L 26 -20.04 37.12 11.53
N SER L 27 -18.94 37.06 12.26
CA SER L 27 -18.62 38.03 13.30
C SER L 27 -17.11 37.98 13.55
N HIS L 28 -16.56 39.10 14.00
CA HIS L 28 -15.12 39.22 14.18
C HIS L 28 -14.82 39.58 15.63
N ARG L 29 -13.81 38.92 16.19
CA ARG L 29 -13.39 39.23 17.55
C ARG L 29 -12.65 40.56 17.58
N TYR L 30 -12.76 41.25 18.71
CA TYR L 30 -11.98 42.44 19.01
C TYR L 30 -11.08 42.08 20.19
N LEU L 31 -9.86 41.61 19.92
CA LEU L 31 -9.00 41.21 21.01
C LEU L 31 -8.57 42.45 21.80
N SER L 32 -8.60 42.32 23.12
CA SER L 32 -8.36 43.46 24.00
C SER L 32 -6.90 43.90 23.92
N ASP L 33 -6.65 45.09 24.47
CA ASP L 33 -5.28 45.61 24.46
C ASP L 33 -4.34 44.73 25.24
N GLU L 34 -4.80 44.19 26.38
CA GLU L 34 -3.91 43.34 27.18
C GLU L 34 -3.57 42.06 26.43
N GLU L 35 -4.54 41.48 25.72
CA GLU L 35 -4.23 40.34 24.87
C GLU L 35 -3.34 40.76 23.71
N MET L 36 -3.51 41.97 23.21
CA MET L 36 -2.63 42.49 22.17
C MET L 36 -1.20 42.56 22.69
N ARG L 37 -1.04 42.92 23.95
CA ARG L 37 0.29 42.97 24.56
C ARG L 37 0.94 41.60 24.59
N VAL L 38 0.17 40.58 24.99
CA VAL L 38 0.76 39.26 25.23
C VAL L 38 1.35 38.69 23.95
N MET L 39 0.60 38.80 22.84
CA MET L 39 1.10 38.23 21.59
C MET L 39 2.37 38.93 21.11
N TYR L 40 2.55 40.20 21.45
CA TYR L 40 3.80 40.87 21.11
C TYR L 40 4.97 40.16 21.77
N LYS L 41 4.75 39.62 22.98
CA LYS L 41 5.79 38.86 23.65
C LYS L 41 5.94 37.46 23.08
N ALA L 42 4.86 36.86 22.59
CA ALA L 42 4.89 35.45 22.22
C ALA L 42 5.86 35.21 21.07
N GLY L 43 6.51 34.05 21.09
CA GLY L 43 7.60 33.82 20.17
C GLY L 43 7.21 33.87 18.72
N LEU L 44 6.06 33.27 18.38
CA LEU L 44 5.69 33.13 16.98
C LEU L 44 5.57 34.50 16.31
N MET L 45 4.65 35.33 16.78
CA MET L 45 4.49 36.62 16.15
C MET L 45 5.69 37.52 16.37
N SER L 46 6.49 37.25 17.40
CA SER L 46 7.70 38.03 17.61
C SER L 46 8.57 38.02 16.37
N LYS L 47 8.68 36.86 15.73
CA LYS L 47 9.39 36.80 14.46
C LYS L 47 8.56 37.43 13.34
N ILE L 48 7.24 37.22 13.36
CA ILE L 48 6.38 37.88 12.38
C ILE L 48 6.61 39.38 12.39
N ILE L 49 6.50 39.99 13.56
CA ILE L 49 6.66 41.43 13.64
C ILE L 49 8.08 41.83 13.26
N ARG L 50 9.06 41.09 13.77
CA ARG L 50 10.45 41.40 13.45
C ARG L 50 10.73 41.23 11.97
N LEU L 51 10.25 40.14 11.37
CA LEU L 51 10.55 39.89 9.96
C LEU L 51 9.94 40.98 9.07
N LYS L 52 8.64 41.23 9.22
CA LYS L 52 7.97 42.15 8.32
C LYS L 52 8.51 43.56 8.48
N ALA L 53 8.77 43.98 9.71
CA ALA L 53 9.33 45.31 9.93
C ALA L 53 10.70 45.44 9.30
N GLY L 54 11.57 44.45 9.53
CA GLY L 54 12.89 44.51 8.94
C GLY L 54 12.85 44.48 7.43
N TYR L 55 12.01 43.63 6.87
CA TYR L 55 11.89 43.54 5.42
C TYR L 55 11.41 44.85 4.81
N ALA L 56 10.82 45.73 5.62
CA ALA L 56 10.34 46.99 5.09
C ALA L 56 11.41 48.06 5.13
N LEU L 57 12.27 48.05 6.14
CA LEU L 57 13.16 49.16 6.39
C LEU L 57 14.63 48.85 6.16
N ASN L 58 15.01 47.59 6.02
CA ASN L 58 16.43 47.24 5.90
C ASN L 58 16.96 47.72 4.55
N ASP L 59 17.60 48.88 4.55
CA ASP L 59 18.31 49.40 3.38
C ASP L 59 17.41 49.40 2.16
N THR L 60 16.18 49.87 2.35
CA THR L 60 15.20 49.92 1.26
C THR L 60 14.70 51.33 1.04
N LEU L 61 15.36 52.31 1.64
CA LEU L 61 14.86 53.67 1.71
C LEU L 61 15.60 54.53 0.69
N LYS L 62 14.90 54.91 -0.37
CA LYS L 62 15.45 55.80 -1.37
C LYS L 62 15.49 57.22 -0.81
N PHE L 63 16.68 57.77 -0.68
CA PHE L 63 16.86 59.12 -0.18
C PHE L 63 17.20 60.03 -1.36
N GLU L 64 16.38 61.03 -1.59
CA GLU L 64 16.66 62.01 -2.63
C GLU L 64 17.61 63.09 -2.15
N SER L 65 18.01 63.06 -0.89
CA SER L 65 18.94 64.04 -0.32
C SER L 65 20.28 63.33 -0.11
N THR L 66 21.10 63.32 -1.16
CA THR L 66 22.44 62.76 -1.04
C THR L 66 23.28 63.55 -0.03
N GLN L 67 23.18 64.88 -0.08
CA GLN L 67 23.87 65.71 0.90
C GLN L 67 23.39 65.37 2.30
N ASP L 68 24.34 65.26 3.23
CA ASP L 68 24.08 64.70 4.55
C ASP L 68 23.38 63.36 4.39
N GLN L 69 24.04 62.46 3.66
CA GLN L 69 23.45 61.19 3.29
C GLN L 69 22.94 60.44 4.51
N GLU L 70 21.62 60.20 4.52
CA GLU L 70 21.00 59.34 5.51
C GLU L 70 21.30 59.80 6.93
N ILE L 71 21.21 61.11 7.16
CA ILE L 71 21.20 61.60 8.53
C ILE L 71 20.02 60.99 9.28
N TYR L 72 18.98 60.62 8.53
CA TYR L 72 17.92 59.76 9.06
C TYR L 72 18.48 58.48 9.65
N LYS L 73 19.53 57.93 9.04
CA LYS L 73 19.94 56.57 9.35
C LYS L 73 20.56 56.48 10.73
N LYS L 74 21.47 57.40 11.05
CA LYS L 74 22.22 57.32 12.30
C LYS L 74 21.47 57.87 13.50
N ARG L 75 20.31 58.50 13.29
CA ARG L 75 19.62 59.21 14.35
C ARG L 75 18.31 58.55 14.76
N LEU L 76 17.41 58.32 13.82
CA LEU L 76 16.10 57.78 14.16
C LEU L 76 15.60 56.69 13.22
N SER L 77 16.37 56.31 12.20
CA SER L 77 15.97 55.18 11.37
C SER L 77 15.86 53.93 12.19
N LYS L 78 16.46 53.94 13.38
CA LYS L 78 16.31 52.86 14.32
C LYS L 78 15.13 53.11 15.25
N HIS L 79 14.80 54.38 15.51
CA HIS L 79 13.57 54.68 16.24
C HIS L 79 12.34 54.24 15.45
N VAL L 80 12.33 54.51 14.14
CA VAL L 80 11.19 54.14 13.33
C VAL L 80 10.99 52.62 13.34
N LYS L 81 12.06 51.85 13.31
CA LYS L 81 11.93 50.40 13.21
C LYS L 81 11.25 49.83 14.44
N ASN L 82 11.64 50.29 15.63
CA ASN L 82 10.91 49.92 16.83
C ASN L 82 9.49 50.44 16.76
N ALA L 83 9.31 51.62 16.15
CA ALA L 83 7.97 52.17 16.06
C ALA L 83 7.14 51.43 15.02
N THR L 84 7.71 51.13 13.85
CA THR L 84 6.95 50.39 12.86
C THR L 84 6.73 48.95 13.29
N LYS L 85 7.59 48.43 14.17
CA LYS L 85 7.27 47.18 14.85
C LYS L 85 6.01 47.36 15.69
N PHE L 86 5.92 48.49 16.39
CA PHE L 86 4.76 48.77 17.22
C PHE L 86 3.51 48.95 16.36
N MET L 87 3.68 49.32 15.09
CA MET L 87 2.58 49.24 14.14
C MET L 87 1.99 47.84 14.13
N LEU L 88 2.80 46.88 13.72
CA LEU L 88 2.31 45.52 13.54
C LEU L 88 1.88 44.89 14.86
N GLY L 89 2.62 45.18 15.93
CA GLY L 89 2.30 44.55 17.21
C GLY L 89 0.96 44.98 17.77
N PHE L 90 0.64 46.26 17.67
CA PHE L 90 -0.54 46.79 18.33
C PHE L 90 -1.46 47.56 17.41
N GLY L 91 -1.12 47.74 16.15
CA GLY L 91 -1.95 48.55 15.29
C GLY L 91 -1.73 50.03 15.45
N ARG L 92 -0.77 50.44 16.27
CA ARG L 92 -0.50 51.87 16.46
C ARG L 92 0.96 52.03 16.88
N GLY L 93 1.80 52.41 15.93
CA GLY L 93 3.13 52.88 16.24
C GLY L 93 3.14 54.39 16.32
N VAL L 94 3.92 54.92 17.25
CA VAL L 94 3.91 56.36 17.50
C VAL L 94 5.34 56.86 17.61
N ILE L 95 5.62 57.97 16.92
CA ILE L 95 6.85 58.74 17.11
C ILE L 95 6.44 60.09 17.65
N VAL L 96 7.05 60.48 18.77
CA VAL L 96 6.76 61.75 19.44
C VAL L 96 7.99 62.62 19.37
N VAL L 97 7.81 63.86 18.94
CA VAL L 97 8.89 64.84 18.86
C VAL L 97 8.48 66.09 19.62
N PHE L 98 9.40 66.63 20.40
CA PHE L 98 9.18 67.90 21.09
C PHE L 98 10.52 68.50 21.44
N LYS L 99 10.51 69.81 21.66
CA LYS L 99 11.74 70.56 21.94
C LYS L 99 12.19 70.29 23.37
N ASN L 100 13.19 71.04 23.83
CA ASN L 100 13.69 70.86 25.19
C ASN L 100 12.65 71.22 26.24
N GLY L 101 11.59 71.93 25.87
CA GLY L 101 10.56 72.28 26.81
C GLY L 101 9.26 71.52 26.58
N ASP L 102 8.86 70.72 27.57
CA ASP L 102 7.66 69.92 27.44
C ASP L 102 6.45 70.80 27.17
N ASP L 103 5.66 70.43 26.17
CA ASP L 103 4.52 71.23 25.75
C ASP L 103 3.33 70.34 25.45
N LEU L 104 2.15 70.77 25.92
CA LEU L 104 0.92 70.10 25.53
C LEU L 104 0.54 70.47 24.10
N SER L 105 0.81 71.71 23.71
CA SER L 105 0.30 72.27 22.47
C SER L 105 1.26 72.00 21.32
N LYS L 106 1.01 72.65 20.18
CA LYS L 106 1.66 72.32 18.93
C LYS L 106 3.14 72.73 18.94
N PRO L 107 3.97 72.08 18.12
CA PRO L 107 5.37 72.52 18.00
C PRO L 107 5.45 73.80 17.19
N LEU L 108 6.30 74.70 17.66
CA LEU L 108 6.43 76.00 17.01
C LEU L 108 7.14 75.79 15.68
N GLU L 109 6.35 75.61 14.63
CA GLU L 109 6.88 75.44 13.28
C GLU L 109 6.96 76.74 12.51
N ARG L 110 6.71 77.88 13.17
CA ARG L 110 6.96 79.18 12.55
C ARG L 110 8.41 79.28 12.09
N GLY L 111 9.34 78.90 12.96
CA GLY L 111 10.66 78.49 12.56
C GLY L 111 10.79 77.02 12.85
N VAL L 112 10.75 76.17 11.82
CA VAL L 112 10.72 74.73 12.03
C VAL L 112 11.94 74.31 12.83
N ASP L 113 11.72 73.47 13.83
CA ASP L 113 12.73 73.13 14.83
C ASP L 113 13.98 72.57 14.18
N PRO L 114 15.09 73.34 14.17
CA PRO L 114 16.32 72.88 13.53
C PRO L 114 17.15 71.97 14.44
N LYS L 115 16.77 70.69 14.45
CA LYS L 115 17.42 69.62 15.21
C LYS L 115 17.75 70.04 16.65
N LEU L 116 16.89 70.86 17.26
CA LEU L 116 16.98 71.22 18.66
C LEU L 116 15.98 70.42 19.48
N LEU L 117 15.78 69.17 19.12
CA LEU L 117 14.61 68.41 19.53
C LEU L 117 14.98 66.98 19.88
N LYS L 118 14.11 66.34 20.64
CA LYS L 118 14.26 64.96 21.08
C LYS L 118 13.27 64.06 20.35
N ILE L 119 13.48 62.75 20.48
CA ILE L 119 12.71 61.74 19.76
C ILE L 119 12.19 60.72 20.75
N ARG L 120 10.93 60.33 20.59
CA ARG L 120 10.34 59.25 21.38
C ARG L 120 9.58 58.31 20.45
N VAL L 121 9.44 57.06 20.88
CA VAL L 121 8.68 56.05 20.17
C VAL L 121 7.77 55.33 21.15
N PHE L 122 6.53 55.08 20.75
CA PHE L 122 5.54 54.56 21.67
C PHE L 122 4.69 53.47 21.00
N SER L 123 4.42 52.41 21.75
CA SER L 123 3.51 51.37 21.32
C SER L 123 2.07 51.84 21.41
N GLY L 124 1.20 51.18 20.65
CA GLY L 124 -0.22 51.47 20.73
C GLY L 124 -0.85 51.12 22.05
N ASP L 125 -0.16 50.36 22.90
CA ASP L 125 -0.65 50.06 24.22
C ASP L 125 -0.77 51.33 25.05
N ILE L 126 0.36 51.96 25.36
CA ILE L 126 0.32 53.16 26.17
C ILE L 126 -0.16 54.36 25.35
N ALA L 127 0.20 54.44 24.09
CA ALA L 127 -0.36 55.46 23.23
C ALA L 127 -1.82 55.15 22.92
N LYS L 128 -2.51 56.12 22.34
CA LYS L 128 -3.89 55.95 21.92
C LYS L 128 -4.34 57.23 21.22
N GLY L 129 -5.43 57.14 20.47
CA GLY L 129 -6.00 58.31 19.81
C GLY L 129 -7.29 58.74 20.49
N ASN L 130 -7.48 60.06 20.61
CA ASN L 130 -8.60 60.58 21.39
C ASN L 130 -9.60 61.37 20.58
N ASN L 131 -9.19 62.46 19.93
CA ASN L 131 -10.15 63.50 19.57
C ASN L 131 -10.30 63.66 18.07
N PRO L 132 -11.36 63.14 17.46
CA PRO L 132 -11.61 63.39 16.04
C PRO L 132 -12.56 64.54 15.82
N ASP L 133 -12.31 65.37 14.81
CA ASP L 133 -13.27 66.37 14.43
C ASP L 133 -14.29 65.73 13.49
N ASN L 134 -15.54 65.65 13.92
CA ASN L 134 -16.56 65.02 13.09
C ASN L 134 -16.91 65.85 11.86
N ASP L 135 -16.53 67.13 11.83
CA ASP L 135 -16.75 67.93 10.64
C ASP L 135 -15.70 67.62 9.58
N LEU L 136 -15.98 68.04 8.36
CA LEU L 136 -15.12 67.74 7.23
C LEU L 136 -14.06 68.81 7.00
N ARG L 137 -13.84 69.70 7.96
CA ARG L 137 -13.06 70.91 7.69
C ARG L 137 -11.57 70.62 7.56
N SER L 138 -10.93 70.17 8.64
CA SER L 138 -9.47 70.08 8.70
C SER L 138 -8.98 68.66 8.45
N GLU L 139 -9.35 67.73 9.32
CA GLU L 139 -8.98 66.33 9.20
C GLU L 139 -10.22 65.49 9.42
N ARG L 140 -10.46 64.55 8.53
CA ARG L 140 -11.73 63.85 8.51
C ARG L 140 -11.82 62.95 9.75
N TYR L 141 -12.96 62.26 9.89
CA TYR L 141 -13.22 61.39 11.04
C TYR L 141 -12.04 60.49 11.36
N TYR L 142 -11.20 60.17 10.37
CA TYR L 142 -10.01 59.38 10.59
C TYR L 142 -9.08 60.05 11.59
N LYS L 143 -8.52 61.18 11.21
CA LYS L 143 -7.35 61.72 11.90
C LYS L 143 -7.75 62.32 13.24
N PRO L 144 -7.14 61.86 14.34
CA PRO L 144 -7.37 62.52 15.63
C PRO L 144 -6.81 63.93 15.63
N LYS L 145 -7.23 64.72 16.62
CA LYS L 145 -6.77 66.09 16.76
C LYS L 145 -5.92 66.33 17.99
N ASN L 146 -6.05 65.48 19.01
CA ASN L 146 -5.21 65.55 20.19
C ASN L 146 -5.43 64.29 21.01
N TYR L 147 -4.37 63.62 21.42
CA TYR L 147 -4.55 62.41 22.19
C TYR L 147 -3.45 62.26 23.22
N THR L 148 -3.74 61.43 24.22
CA THR L 148 -2.87 61.22 25.36
C THR L 148 -1.93 60.07 25.09
N ILE L 149 -0.65 60.27 25.43
CA ILE L 149 0.34 59.22 25.28
C ILE L 149 0.50 58.47 26.60
N LYS L 150 0.22 59.15 27.71
CA LYS L 150 0.33 58.70 29.08
C LYS L 150 -0.57 59.63 29.89
N GLY L 151 -0.32 59.73 31.19
CA GLY L 151 -0.90 60.82 31.95
C GLY L 151 -0.81 62.16 31.23
N HIS L 152 0.25 62.36 30.46
CA HIS L 152 0.41 63.58 29.69
C HIS L 152 -0.49 63.54 28.44
N THR L 153 -0.41 64.61 27.66
CA THR L 153 -1.12 64.70 26.38
C THR L 153 -0.17 65.34 25.36
N ILE L 154 -0.37 65.00 24.09
CA ILE L 154 0.48 65.52 23.02
C ILE L 154 -0.38 66.05 21.88
N HIS L 155 0.03 67.20 21.34
CA HIS L 155 -0.67 67.81 20.23
C HIS L 155 -0.61 66.93 18.98
N TRP L 156 -1.61 67.10 18.11
CA TRP L 156 -1.67 66.29 16.90
C TRP L 156 -0.46 66.53 15.99
N THR L 157 -0.20 67.78 15.64
CA THR L 157 0.94 68.04 14.77
C THR L 157 2.27 67.78 15.46
N ARG L 158 2.24 67.61 16.79
CA ARG L 158 3.45 67.18 17.48
C ARG L 158 3.84 65.75 17.08
N VAL L 159 2.85 64.89 16.93
CA VAL L 159 3.05 63.45 16.97
C VAL L 159 2.90 62.84 15.58
N VAL L 160 3.70 61.81 15.32
CA VAL L 160 3.67 61.04 14.08
C VAL L 160 3.13 59.67 14.38
N ASP L 161 2.13 59.24 13.62
CA ASP L 161 1.36 58.03 13.91
C ASP L 161 1.65 56.97 12.85
N PHE L 162 2.08 55.80 13.30
CA PHE L 162 2.29 54.64 12.43
C PHE L 162 1.03 53.80 12.48
N THR L 163 0.11 54.05 11.57
CA THR L 163 -1.20 53.42 11.58
C THR L 163 -1.24 52.30 10.55
N TYR L 164 -1.64 51.12 10.99
CA TYR L 164 -1.74 49.95 10.13
C TYR L 164 -3.06 49.95 9.39
N TYR L 165 -3.38 48.82 8.78
CA TYR L 165 -4.64 48.55 8.08
C TYR L 165 -5.85 48.97 8.91
N MET L 166 -6.59 49.97 8.43
CA MET L 166 -7.68 50.53 9.21
C MET L 166 -9.02 49.95 8.78
N PRO L 167 -9.94 49.75 9.72
CA PRO L 167 -11.26 49.25 9.35
C PRO L 167 -12.18 50.35 8.85
N SER L 168 -13.44 50.02 8.64
CA SER L 168 -14.41 51.04 8.23
C SER L 168 -14.62 52.06 9.33
N GLU L 169 -14.98 53.28 8.92
CA GLU L 169 -15.05 54.40 9.85
C GLU L 169 -16.10 54.17 10.93
N ASN L 170 -17.20 53.49 10.59
CA ASN L 170 -18.28 53.26 11.53
C ASN L 170 -17.80 52.60 12.82
N GLU L 171 -16.62 52.00 12.80
CA GLU L 171 -16.10 51.30 13.96
C GLU L 171 -14.67 51.69 14.30
N LEU L 172 -14.15 52.73 13.65
CA LEU L 172 -12.78 53.19 13.93
C LEU L 172 -12.51 53.48 15.40
N PRO L 173 -13.43 54.06 16.18
CA PRO L 173 -13.13 54.24 17.62
C PRO L 173 -12.82 52.96 18.36
N ASP L 174 -13.43 51.84 17.98
CA ASP L 174 -13.16 50.61 18.73
C ASP L 174 -11.71 50.19 18.62
N TYR L 175 -10.98 50.66 17.60
CA TYR L 175 -9.54 50.51 17.55
C TYR L 175 -8.83 51.78 18.00
N TYR L 176 -9.60 52.74 18.51
CA TYR L 176 -9.09 54.02 19.00
C TYR L 176 -8.22 54.69 17.95
N TYR L 177 -8.82 54.88 16.77
CA TYR L 177 -8.34 55.83 15.77
C TYR L 177 -6.95 55.45 15.27
N GLY L 178 -6.89 54.28 14.65
CA GLY L 178 -5.70 53.91 13.92
C GLY L 178 -5.35 52.45 13.93
N GLY L 179 -5.13 51.90 12.74
CA GLY L 179 -4.50 50.60 12.57
C GLY L 179 -5.20 49.40 13.17
N MET L 180 -4.55 48.26 13.01
CA MET L 180 -5.08 46.97 13.47
C MET L 180 -3.89 46.05 13.67
N SER L 181 -3.72 45.56 14.90
CA SER L 181 -2.62 44.66 15.15
C SER L 181 -2.74 43.42 14.28
N GLU L 182 -1.60 42.90 13.83
CA GLU L 182 -1.62 41.64 13.09
C GLU L 182 -2.32 40.56 13.90
N SER L 183 -2.22 40.65 15.22
CA SER L 183 -2.94 39.71 16.08
C SER L 183 -4.42 39.72 15.73
N GLU L 184 -5.01 40.91 15.64
CA GLU L 184 -6.42 40.99 15.28
C GLU L 184 -6.66 40.36 13.92
N LEU L 185 -5.65 40.37 13.06
CA LEU L 185 -5.77 39.72 11.76
C LEU L 185 -5.60 38.21 11.87
N ILE L 186 -4.86 37.72 12.86
CA ILE L 186 -4.61 36.29 12.96
C ILE L 186 -4.92 35.76 14.36
N TYR L 187 -5.83 36.40 15.08
CA TYR L 187 -6.18 35.89 16.40
C TYR L 187 -6.84 34.53 16.28
N GLU L 188 -7.60 34.33 15.20
CA GLU L 188 -8.05 33.00 14.83
C GLU L 188 -6.87 32.05 14.70
N GLN L 189 -5.71 32.57 14.36
CA GLN L 189 -4.60 31.72 13.97
C GLN L 189 -3.73 31.39 15.17
N PHE L 190 -3.22 32.43 15.84
CA PHE L 190 -2.26 32.24 16.91
C PHE L 190 -2.85 31.36 18.01
N ILE L 191 -4.12 31.57 18.32
CA ILE L 191 -4.78 30.69 19.27
C ILE L 191 -4.79 29.26 18.75
N ASN L 192 -5.17 29.08 17.48
CA ASN L 192 -5.27 27.73 16.93
C ASN L 192 -3.92 27.04 16.93
N ASP L 193 -2.89 27.72 16.41
CA ASP L 193 -1.56 27.12 16.38
C ASP L 193 -1.07 26.80 17.78
N SER L 194 -1.27 27.72 18.72
CA SER L 194 -0.89 27.44 20.10
C SER L 194 -1.62 26.22 20.61
N VAL L 195 -2.91 26.10 20.29
CA VAL L 195 -3.65 24.90 20.66
C VAL L 195 -3.04 23.67 20.00
N VAL L 196 -2.70 23.79 18.71
CA VAL L 196 -2.03 22.67 18.05
C VAL L 196 -0.78 22.31 18.81
N GLN L 197 -0.03 23.31 19.24
CA GLN L 197 1.31 23.04 19.73
C GLN L 197 1.30 22.56 21.17
N ARG L 198 0.52 23.21 22.02
CA ARG L 198 0.43 22.76 23.41
C ARG L 198 -0.03 21.32 23.48
N ALA L 199 -1.01 20.96 22.66
CA ALA L 199 -1.43 19.57 22.59
C ALA L 199 -0.34 18.68 22.01
N SER L 200 0.49 19.23 21.11
CA SER L 200 1.50 18.42 20.47
C SER L 200 2.51 17.89 21.49
N GLY L 201 2.93 18.74 22.41
CA GLY L 201 3.91 18.31 23.39
C GLY L 201 3.38 17.28 24.35
N SER L 202 2.12 17.41 24.77
CA SER L 202 1.60 16.53 25.80
C SER L 202 1.12 15.19 25.27
N ILE L 203 1.04 15.02 23.96
CA ILE L 203 0.51 13.76 23.43
C ILE L 203 1.53 12.64 23.59
N ILE L 204 2.82 12.96 23.46
CA ILE L 204 3.84 11.91 23.47
C ILE L 204 3.91 11.25 24.84
N GLU L 205 3.90 12.04 25.91
CA GLU L 205 3.97 11.44 27.24
C GLU L 205 2.81 10.48 27.49
N LYS L 206 1.71 10.64 26.77
CA LYS L 206 0.58 9.72 26.88
C LYS L 206 0.39 8.92 25.61
N ALA L 207 1.43 8.78 24.79
CA ALA L 207 1.28 8.11 23.52
C ALA L 207 0.88 6.65 23.69
N SER L 208 1.29 6.02 24.77
CA SER L 208 0.93 4.64 25.02
C SER L 208 1.04 4.36 26.50
N THR L 209 -0.02 3.82 27.09
CA THR L 209 -0.07 3.56 28.51
C THR L 209 -0.19 2.06 28.75
N PHE L 210 0.75 1.50 29.49
CA PHE L 210 0.67 0.11 29.88
C PHE L 210 -0.43 -0.04 30.91
N VAL L 211 -1.18 -1.13 30.83
CA VAL L 211 -2.36 -1.33 31.66
C VAL L 211 -2.32 -2.70 32.28
N TYR L 212 -2.42 -2.76 33.61
CA TYR L 212 -2.52 -4.02 34.34
C TYR L 212 -3.98 -4.25 34.73
N LYS L 213 -4.77 -4.74 33.78
CA LYS L 213 -6.10 -5.17 34.16
C LYS L 213 -5.95 -6.36 35.10
N ILE L 214 -6.13 -6.15 36.40
CA ILE L 214 -5.79 -7.13 37.41
C ILE L 214 -7.06 -7.53 38.16
N LYS L 215 -7.34 -8.83 38.18
CA LYS L 215 -8.50 -9.32 38.92
C LYS L 215 -8.28 -9.19 40.41
N GLY L 216 -9.32 -8.76 41.12
CA GLY L 216 -9.27 -8.58 42.54
C GLY L 216 -8.86 -7.21 42.99
N TYR L 217 -8.24 -6.41 42.13
CA TYR L 217 -7.90 -5.04 42.48
C TYR L 217 -9.15 -4.21 42.71
N LYS L 218 -10.29 -4.66 42.18
CA LYS L 218 -11.58 -4.20 42.71
C LYS L 218 -11.54 -4.17 44.23
N GLN L 219 -11.26 -5.31 44.84
CA GLN L 219 -11.43 -5.46 46.28
C GLN L 219 -10.31 -4.77 47.03
N LEU L 220 -9.08 -4.89 46.54
CA LEU L 220 -7.92 -4.40 47.30
C LEU L 220 -8.03 -2.90 47.56
N ILE L 221 -8.42 -2.13 46.54
CA ILE L 221 -8.75 -0.73 46.78
C ILE L 221 -9.93 -0.63 47.73
N GLN L 222 -10.96 -1.44 47.50
CA GLN L 222 -12.16 -1.36 48.31
C GLN L 222 -11.87 -1.68 49.76
N ALA L 223 -10.96 -2.61 50.02
CA ALA L 223 -10.51 -2.85 51.38
C ALA L 223 -9.36 -1.95 51.78
N LYS L 224 -8.95 -1.06 50.88
CA LYS L 224 -7.93 -0.04 51.15
C LYS L 224 -6.62 -0.66 51.63
N LYS L 225 -6.46 -1.96 51.47
CA LYS L 225 -5.21 -2.64 51.75
C LYS L 225 -4.49 -2.91 50.43
N GLU L 226 -4.58 -1.94 49.52
CA GLU L 226 -4.00 -2.04 48.20
C GLU L 226 -2.55 -1.59 48.16
N GLU L 227 -1.91 -1.48 49.32
CA GLU L 227 -0.54 -0.99 49.36
C GLU L 227 0.42 -1.94 48.68
N ASP L 228 0.25 -3.24 48.87
CA ASP L 228 1.24 -4.20 48.39
C ASP L 228 1.21 -4.33 46.87
N ILE L 229 0.02 -4.34 46.26
CA ILE L 229 -0.05 -4.53 44.82
C ILE L 229 0.57 -3.35 44.09
N ILE L 230 0.40 -2.14 44.62
CA ILE L 230 1.09 -1.00 44.05
C ILE L 230 2.59 -1.16 44.18
N LYS L 231 3.04 -1.64 45.33
CA LYS L 231 4.48 -1.82 45.54
C LYS L 231 5.04 -2.83 44.56
N TYR L 232 4.36 -3.96 44.37
CA TYR L 232 4.86 -4.95 43.43
C TYR L 232 4.89 -4.41 42.01
N VAL L 233 3.84 -3.69 41.61
CA VAL L 233 3.83 -3.11 40.27
C VAL L 233 4.94 -2.07 40.15
N SER L 234 5.13 -1.25 41.18
CA SER L 234 6.20 -0.28 41.13
C SER L 234 7.55 -0.95 40.98
N THR L 235 7.80 -2.02 41.74
CA THR L 235 9.02 -2.79 41.54
C THR L 235 9.03 -3.45 40.17
N CYS L 236 7.88 -3.95 39.73
CA CYS L 236 7.80 -4.57 38.42
C CYS L 236 8.06 -3.56 37.31
N GLU L 237 7.39 -2.41 37.36
CA GLU L 237 7.67 -1.38 36.38
C GLU L 237 9.13 -0.94 36.48
N ASP L 238 9.72 -1.01 37.66
CA ASP L 238 11.14 -0.70 37.80
C ASP L 238 11.95 -1.85 37.22
N GLY L 239 11.90 -2.02 35.92
CA GLY L 239 12.64 -3.10 35.30
C GLY L 239 11.90 -3.72 34.13
N ARG L 240 10.65 -3.32 33.92
CA ARG L 240 9.94 -3.80 32.75
C ARG L 240 10.69 -3.36 31.51
N SER L 241 11.22 -4.33 30.76
CA SER L 241 12.12 -4.01 29.66
C SER L 241 12.00 -5.11 28.61
N ILE L 242 12.88 -5.06 27.61
CA ILE L 242 12.92 -6.14 26.63
C ILE L 242 13.48 -7.39 27.27
N TYR L 243 14.16 -7.26 28.40
CA TYR L 243 15.01 -8.32 28.91
C TYR L 243 14.32 -9.21 29.92
N GLY L 244 13.30 -8.72 30.62
CA GLY L 244 12.60 -9.53 31.58
C GLY L 244 11.12 -9.62 31.28
N GLY L 245 10.60 -10.83 31.12
CA GLY L 245 9.19 -10.99 30.82
C GLY L 245 8.32 -10.82 32.04
N LEU L 246 7.19 -10.13 31.84
CA LEU L 246 6.18 -10.01 32.89
C LEU L 246 5.75 -11.38 33.38
N ILE L 247 5.30 -11.43 34.62
CA ILE L 247 4.64 -12.60 35.16
C ILE L 247 3.29 -12.16 35.70
N THR L 248 2.21 -12.59 35.05
CA THR L 248 0.87 -12.25 35.48
C THR L 248 0.03 -13.52 35.40
N ASP L 249 -1.28 -13.36 35.53
CA ASP L 249 -2.14 -14.51 35.75
C ASP L 249 -3.07 -14.75 34.57
N ALA L 250 -3.64 -15.95 34.55
CA ALA L 250 -4.62 -16.27 33.53
C ALA L 250 -5.79 -15.30 33.61
N ASP L 251 -6.30 -15.08 34.81
CA ASP L 251 -7.37 -14.11 34.99
C ASP L 251 -6.87 -12.69 34.80
N ASP L 252 -5.58 -12.45 34.98
CA ASP L 252 -5.01 -11.15 34.70
C ASP L 252 -5.05 -10.89 33.20
N GLU L 253 -4.85 -9.64 32.83
CA GLU L 253 -4.76 -9.27 31.42
C GLU L 253 -3.97 -7.99 31.29
N VAL L 254 -2.79 -8.08 30.69
CA VAL L 254 -2.00 -6.90 30.37
C VAL L 254 -2.33 -6.48 28.95
N SER L 255 -2.58 -5.19 28.76
CA SER L 255 -2.88 -4.65 27.45
C SER L 255 -2.22 -3.30 27.32
N THR L 256 -2.17 -2.80 26.09
CA THR L 256 -1.57 -1.50 25.84
C THR L 256 -2.53 -0.66 25.01
N LEU L 257 -2.67 0.61 25.39
CA LEU L 257 -3.56 1.54 24.72
C LEU L 257 -2.74 2.68 24.17
N THR L 258 -2.99 3.04 22.93
CA THR L 258 -2.31 4.17 22.30
C THR L 258 -3.31 5.27 22.01
N GLN L 259 -2.93 6.50 22.31
CA GLN L 259 -3.68 7.66 21.89
C GLN L 259 -2.70 8.65 21.28
N SER L 260 -3.07 9.23 20.15
CA SER L 260 -2.20 10.18 19.50
C SER L 260 -3.01 11.02 18.54
N LEU L 261 -2.56 12.26 18.35
CA LEU L 261 -3.25 13.18 17.46
C LEU L 261 -3.16 12.65 16.04
N THR L 262 -4.24 12.06 15.56
CA THR L 262 -4.21 11.38 14.27
C THR L 262 -3.99 12.36 13.12
N ASP L 263 -4.44 13.59 13.27
CA ASP L 263 -4.28 14.57 12.20
C ASP L 263 -3.56 15.80 12.70
N LEU L 264 -2.48 15.59 13.46
CA LEU L 264 -1.69 16.72 13.94
C LEU L 264 -1.08 17.48 12.78
N ASP L 265 -0.55 16.76 11.79
CA ASP L 265 0.09 17.44 10.66
C ASP L 265 -0.91 18.23 9.82
N LYS L 266 -2.11 17.67 9.62
CA LYS L 266 -3.10 18.34 8.79
C LYS L 266 -3.50 19.68 9.39
N VAL L 267 -3.89 19.69 10.66
CA VAL L 267 -4.33 20.93 11.28
C VAL L 267 -3.17 21.90 11.40
N ASP L 268 -1.99 21.42 11.80
CA ASP L 268 -0.83 22.29 11.82
C ASP L 268 -0.53 22.80 10.42
N ASN L 269 -0.83 22.01 9.40
CA ASN L 269 -0.68 22.50 8.04
C ASN L 269 -1.66 23.63 7.76
N VAL L 270 -2.95 23.42 8.05
CA VAL L 270 -3.96 24.42 7.72
C VAL L 270 -3.69 25.73 8.44
N THR L 271 -3.37 25.65 9.73
CA THR L 271 -3.12 26.86 10.49
C THR L 271 -1.94 27.65 9.95
N LEU L 272 -0.86 26.94 9.60
CA LEU L 272 0.31 27.64 9.10
C LEU L 272 0.07 28.22 7.71
N ARG L 273 -0.74 27.57 6.89
CA ARG L 273 -1.02 28.12 5.56
C ARG L 273 -1.62 29.50 5.68
N ARG L 274 -2.63 29.65 6.55
CA ARG L 274 -3.30 30.92 6.66
C ARG L 274 -2.39 32.02 7.18
N ILE L 275 -1.53 31.72 8.16
CA ILE L 275 -0.65 32.73 8.71
C ILE L 275 0.30 33.23 7.63
N ALA L 276 0.74 32.33 6.75
CA ALA L 276 1.53 32.76 5.60
C ALA L 276 0.73 33.72 4.73
N MET L 277 -0.53 33.38 4.48
CA MET L 277 -1.41 34.29 3.76
C MET L 277 -1.53 35.65 4.41
N VAL L 278 -2.09 35.69 5.61
CA VAL L 278 -2.50 36.96 6.18
C VAL L 278 -1.29 37.84 6.46
N THR L 279 -0.23 37.28 7.04
CA THR L 279 0.97 38.06 7.27
C THR L 279 1.63 38.46 5.96
N GLY L 280 1.47 37.63 4.92
CA GLY L 280 2.12 37.87 3.66
C GLY L 280 3.44 37.16 3.49
N LEU L 281 4.06 36.73 4.57
CA LEU L 281 5.28 35.95 4.47
C LEU L 281 4.97 34.60 3.84
N GLY L 282 5.98 34.01 3.22
CA GLY L 282 5.76 32.75 2.55
C GLY L 282 5.44 31.62 3.50
N MET L 283 5.00 30.50 2.93
CA MET L 283 4.86 29.29 3.73
C MET L 283 6.22 28.79 4.19
N THR L 284 7.24 28.95 3.35
CA THR L 284 8.55 28.40 3.67
C THR L 284 9.11 28.98 4.97
N VAL L 285 8.85 30.25 5.24
CA VAL L 285 9.43 30.86 6.43
C VAL L 285 8.78 30.29 7.69
N LEU L 286 7.46 30.09 7.66
CA LEU L 286 6.79 29.53 8.83
C LEU L 286 7.27 28.12 9.11
N ILE L 287 7.38 27.29 8.08
CA ILE L 287 7.99 25.97 8.24
C ILE L 287 9.42 26.08 8.71
N GLY L 288 10.13 27.13 8.33
CA GLY L 288 11.51 27.28 8.72
C GLY L 288 12.52 26.91 7.66
N GLU L 289 12.06 26.54 6.47
CA GLU L 289 12.97 26.27 5.35
C GLU L 289 13.29 27.59 4.65
N GLN L 290 13.84 28.52 5.42
CA GLN L 290 14.17 29.83 4.89
C GLN L 290 15.25 29.77 3.83
N ALA L 291 16.00 28.67 3.76
CA ALA L 291 17.11 28.59 2.82
C ALA L 291 16.64 28.58 1.37
N SER L 292 15.44 28.05 1.12
CA SER L 292 15.00 27.78 -0.25
C SER L 292 14.89 29.04 -1.11
N GLY L 293 13.94 29.91 -0.79
CA GLY L 293 13.68 31.02 -1.68
C GLY L 293 13.29 32.33 -1.01
N LEU L 294 13.27 32.35 0.31
CA LEU L 294 12.93 33.55 1.07
C LEU L 294 14.19 34.01 1.80
N ASN L 295 14.82 35.06 1.28
CA ASN L 295 16.12 35.48 1.76
C ASN L 295 16.15 36.99 1.85
N ALA L 296 17.34 37.55 2.01
CA ALA L 296 17.51 38.99 2.11
C ALA L 296 17.68 39.65 0.74
N SER L 297 18.65 39.18 -0.04
CA SER L 297 18.96 39.79 -1.31
C SER L 297 17.75 39.75 -2.23
N GLY L 298 17.46 40.88 -2.85
CA GLY L 298 16.25 41.06 -3.64
C GLY L 298 16.34 40.63 -5.09
N GLU L 299 17.41 39.93 -5.48
CA GLU L 299 17.54 39.48 -6.85
C GLU L 299 16.33 38.67 -7.28
N LYS L 300 16.11 37.53 -6.61
CA LYS L 300 14.94 36.70 -6.85
C LYS L 300 14.28 36.21 -5.57
N GLU L 301 14.99 36.18 -4.44
CA GLU L 301 14.48 35.54 -3.24
C GLU L 301 13.59 36.47 -2.42
N ARG L 302 14.04 37.70 -2.17
CA ARG L 302 13.17 38.66 -1.50
C ARG L 302 11.95 38.98 -2.35
N GLN L 303 12.06 38.71 -3.66
CA GLN L 303 10.95 38.85 -4.61
C GLN L 303 9.83 37.88 -4.25
N GLY L 304 10.14 36.88 -3.44
CA GLY L 304 9.18 35.89 -3.02
C GLY L 304 7.95 36.47 -2.37
N PHE L 305 8.14 37.56 -1.62
CA PHE L 305 7.01 38.27 -1.02
C PHE L 305 7.21 39.78 -1.03
N GLN L 306 8.13 40.31 -1.83
CA GLN L 306 8.40 41.74 -1.79
C GLN L 306 7.15 42.54 -2.12
N ASP L 307 6.23 41.96 -2.87
CA ASP L 307 4.97 42.64 -3.19
C ASP L 307 4.19 42.97 -1.93
N THR L 308 4.15 42.03 -0.98
CA THR L 308 3.49 42.31 0.29
C THR L 308 4.18 43.44 1.02
N ILE L 309 5.52 43.41 1.07
CA ILE L 309 6.25 44.49 1.71
C ILE L 309 6.07 45.80 0.95
N GLU L 310 6.15 45.73 -0.39
CA GLU L 310 5.87 46.92 -1.19
C GLU L 310 4.46 47.41 -0.94
N ASN L 311 3.51 46.47 -0.82
CA ASN L 311 2.16 46.85 -0.41
C ASN L 311 2.18 47.46 0.98
N LEU L 312 3.06 47.00 1.85
CA LEU L 312 3.23 47.64 3.15
C LEU L 312 4.00 48.95 3.00
N GLN L 313 4.98 48.98 2.10
CA GLN L 313 5.83 50.16 1.96
C GLN L 313 5.07 51.37 1.45
N SER L 314 4.06 51.18 0.62
CA SER L 314 3.35 52.30 0.00
C SER L 314 1.96 52.51 0.59
N ASP L 315 1.67 51.91 1.74
CA ASP L 315 0.36 52.06 2.37
C ASP L 315 0.44 52.69 3.75
N TYR L 316 1.24 52.15 4.66
CA TYR L 316 1.27 52.63 6.03
C TYR L 316 2.60 53.22 6.44
N LEU L 317 3.64 53.09 5.61
CA LEU L 317 4.93 53.66 5.93
C LEU L 317 5.21 54.95 5.18
N GLU L 318 4.57 55.15 4.02
CA GLU L 318 4.80 56.38 3.25
C GLU L 318 4.19 57.59 3.94
N ASP L 319 2.94 57.47 4.39
CA ASP L 319 2.26 58.55 5.13
C ASP L 319 3.14 59.18 6.20
N PRO L 320 3.59 58.43 7.19
CA PRO L 320 4.25 59.08 8.33
C PRO L 320 5.71 59.40 8.05
N LEU L 321 6.37 58.54 7.27
CA LEU L 321 7.75 58.83 6.90
C LEU L 321 7.84 60.14 6.12
N ASN L 322 6.93 60.36 5.19
CA ASN L 322 6.88 61.64 4.51
C ASN L 322 6.58 62.77 5.48
N ARG L 323 5.64 62.54 6.40
CA ARG L 323 5.38 63.53 7.43
C ARG L 323 6.62 63.72 8.30
N LEU L 324 7.30 62.63 8.65
CA LEU L 324 8.54 62.76 9.39
C LEU L 324 9.63 63.39 8.53
N ALA L 325 9.56 63.20 7.21
CA ALA L 325 10.58 63.79 6.35
C ALA L 325 10.53 65.31 6.40
N GLU L 326 9.33 65.88 6.37
CA GLU L 326 9.21 67.34 6.34
C GLU L 326 9.57 67.95 7.69
N ILE L 327 9.24 67.27 8.78
CA ILE L 327 9.45 67.86 10.10
C ILE L 327 10.93 68.02 10.41
N PHE L 328 11.80 67.29 9.74
CA PHE L 328 13.23 67.41 9.93
C PHE L 328 13.91 68.13 8.78
N GLN L 329 13.13 68.75 7.90
CA GLN L 329 13.62 69.40 6.69
C GLN L 329 14.29 68.44 5.72
N LEU L 330 14.19 67.14 5.96
CA LEU L 330 14.66 66.18 4.98
C LEU L 330 13.73 66.15 3.78
N GLY L 331 14.27 65.68 2.66
CA GLY L 331 13.49 65.58 1.45
C GLY L 331 12.49 64.45 1.49
N PHE L 332 11.66 64.40 0.45
CA PHE L 332 10.67 63.35 0.34
C PHE L 332 11.37 62.00 0.21
N ILE L 333 11.02 61.07 1.08
CA ILE L 333 11.70 59.78 1.14
C ILE L 333 10.76 58.70 0.62
N GLU L 334 11.27 57.87 -0.29
CA GLU L 334 10.51 56.78 -0.89
C GLU L 334 11.33 55.49 -0.85
N PHE L 335 10.86 54.46 -1.54
CA PHE L 335 11.56 53.19 -1.63
C PHE L 335 11.67 52.76 -3.08
N LYS L 336 12.78 52.13 -3.43
CA LYS L 336 12.95 51.57 -4.78
C LYS L 336 14.06 50.53 -4.74
N ASP L 337 13.74 49.30 -5.13
CA ASP L 337 14.71 48.23 -5.15
C ASP L 337 15.65 48.36 -6.33
N ARG L 346 23.16 41.58 -7.83
CA ARG L 346 22.84 43.00 -7.63
C ARG L 346 22.93 43.74 -8.95
N VAL L 347 23.61 44.89 -8.92
CA VAL L 347 23.82 45.67 -10.13
C VAL L 347 24.64 44.90 -11.16
N GLU L 348 25.48 43.97 -10.70
CA GLU L 348 26.22 43.13 -11.64
C GLU L 348 25.29 42.39 -12.58
N TYR L 349 24.08 42.08 -12.14
CA TYR L 349 23.07 41.54 -13.04
C TYR L 349 22.73 42.54 -14.14
N ASP L 350 22.57 43.81 -13.75
CA ASP L 350 22.19 44.85 -14.70
C ASP L 350 23.36 45.30 -15.58
N LYS L 351 24.59 45.08 -15.13
CA LYS L 351 25.74 45.62 -15.85
C LYS L 351 25.87 45.03 -17.25
N LYS L 352 25.60 43.73 -17.41
CA LYS L 352 25.66 43.14 -18.74
C LYS L 352 24.71 43.84 -19.69
N ALA L 353 23.54 44.26 -19.20
CA ALA L 353 22.66 45.10 -20.00
C ALA L 353 23.29 46.47 -20.22
N VAL L 354 24.00 46.99 -19.23
CA VAL L 354 24.60 48.32 -19.34
C VAL L 354 25.56 48.35 -20.52
N ASP L 355 26.39 47.32 -20.64
CA ASP L 355 27.29 47.24 -21.78
C ASP L 355 26.52 47.14 -23.09
N VAL L 356 25.39 46.42 -23.07
CA VAL L 356 24.53 46.35 -24.25
C VAL L 356 24.06 47.75 -24.63
N ALA L 357 23.73 48.57 -23.63
CA ALA L 357 23.35 49.95 -23.92
C ALA L 357 24.51 50.72 -24.53
N LYS L 358 25.74 50.49 -24.06
CA LYS L 358 26.88 51.18 -24.63
C LYS L 358 27.11 50.79 -26.09
N VAL L 359 26.97 49.50 -26.39
CA VAL L 359 27.31 48.99 -27.71
C VAL L 359 26.15 49.24 -28.67
N LEU L 360 25.14 49.99 -28.22
CA LEU L 360 24.02 50.29 -29.11
C LEU L 360 24.46 51.17 -30.28
N TRP L 361 25.28 52.20 -30.03
CA TRP L 361 25.52 53.22 -31.04
C TRP L 361 26.93 53.17 -31.61
N GLU L 362 27.95 53.37 -30.79
CA GLU L 362 29.35 53.52 -31.23
C GLU L 362 29.45 54.35 -32.50
N LEU L 363 28.76 55.50 -32.48
CA LEU L 363 28.76 56.42 -33.63
C LEU L 363 30.12 57.12 -33.64
N GLY L 364 31.13 56.40 -34.12
CA GLY L 364 32.47 56.81 -33.76
C GLY L 364 32.61 56.49 -32.29
N GLU L 365 32.55 57.51 -31.43
CA GLU L 365 32.32 57.31 -30.01
C GLU L 365 31.37 58.39 -29.51
N ASP L 366 30.21 57.96 -29.03
CA ASP L 366 29.22 58.87 -28.45
C ASP L 366 28.64 58.25 -27.19
N TYR L 367 28.13 59.11 -26.31
CA TYR L 367 27.62 58.65 -25.03
C TYR L 367 26.33 57.84 -25.24
N GLY L 368 26.26 56.68 -24.61
CA GLY L 368 25.01 55.96 -24.57
C GLY L 368 24.01 56.71 -23.72
N ALA L 369 23.02 57.33 -24.35
CA ALA L 369 22.06 58.15 -23.61
C ALA L 369 21.31 57.32 -22.58
N TYR L 370 21.16 56.02 -22.83
CA TYR L 370 20.43 55.15 -21.92
C TYR L 370 21.28 54.75 -20.72
N LEU L 371 22.57 55.09 -20.71
CA LEU L 371 23.40 54.76 -19.56
C LEU L 371 22.89 55.43 -18.29
N LYS L 372 22.51 56.71 -18.39
CA LYS L 372 22.10 57.44 -17.20
C LYS L 372 20.83 56.87 -16.59
N ASP L 373 19.84 56.58 -17.43
CA ASP L 373 18.55 56.12 -16.92
C ASP L 373 18.60 54.62 -16.64
N LYS L 374 19.62 54.22 -15.88
CA LYS L 374 19.78 52.87 -15.34
C LYS L 374 20.73 52.99 -14.15
N ASP L 375 21.25 51.86 -13.68
CA ASP L 375 22.21 51.85 -12.59
C ASP L 375 23.63 52.07 -13.13
N VAL L 376 23.87 53.30 -13.57
CA VAL L 376 25.22 53.70 -13.98
C VAL L 376 26.16 53.71 -12.79
N VAL L 377 25.64 54.07 -11.61
CA VAL L 377 26.45 54.14 -10.40
C VAL L 377 25.94 53.12 -9.39
N MET M 1 18.28 -45.95 54.77
CA MET M 1 17.24 -44.99 55.08
C MET M 1 16.04 -45.72 55.68
N ALA M 2 15.11 -44.96 56.25
CA ALA M 2 13.99 -45.52 57.01
C ALA M 2 12.65 -45.10 56.43
N LEU M 3 12.49 -45.21 55.11
CA LEU M 3 11.21 -44.82 54.50
C LEU M 3 10.05 -45.55 55.13
N ILE M 4 10.15 -46.87 55.28
CA ILE M 4 9.06 -47.61 55.90
C ILE M 4 8.82 -47.13 57.32
N ASP M 5 9.89 -46.71 58.01
CA ASP M 5 9.73 -46.24 59.38
C ASP M 5 9.26 -44.78 59.43
N ASP M 6 9.83 -43.93 58.58
CA ASP M 6 9.37 -42.55 58.52
C ASP M 6 7.92 -42.48 58.06
N PHE M 7 7.53 -43.38 57.17
CA PHE M 7 6.15 -43.44 56.71
C PHE M 7 5.21 -43.79 57.86
N LYS M 8 5.59 -44.75 58.68
CA LYS M 8 4.69 -45.23 59.72
C LYS M 8 4.32 -44.11 60.69
N ALA M 9 5.27 -43.25 61.02
CA ALA M 9 5.00 -42.17 61.96
C ALA M 9 4.14 -41.08 61.30
N ARG M 10 4.49 -40.69 60.09
CA ARG M 10 3.80 -39.57 59.45
C ARG M 10 2.32 -39.87 59.19
N PHE M 11 1.95 -41.13 59.05
CA PHE M 11 0.57 -41.52 58.78
C PHE M 11 0.16 -42.63 59.73
N PRO M 12 0.02 -42.33 61.01
CA PRO M 12 -0.21 -43.39 62.00
C PRO M 12 -1.55 -44.08 61.86
N ASN M 13 -2.36 -43.72 60.85
CA ASN M 13 -3.72 -44.18 60.80
C ASN M 13 -4.03 -45.15 59.67
N LEU M 14 -3.08 -45.44 58.79
CA LEU M 14 -3.45 -46.24 57.63
C LEU M 14 -3.88 -47.63 58.04
N ASP M 15 -2.92 -48.47 58.37
CA ASP M 15 -3.09 -49.84 58.87
C ASP M 15 -1.74 -50.31 59.39
N GLY M 16 -1.67 -51.58 59.74
CA GLY M 16 -0.42 -52.19 60.15
C GLY M 16 0.15 -53.00 59.01
N SER M 17 -0.10 -54.31 59.01
CA SER M 17 0.49 -55.17 58.00
C SER M 17 0.16 -54.70 56.59
N LEU M 18 -1.04 -54.14 56.38
CA LEU M 18 -1.44 -53.77 55.03
C LEU M 18 -0.50 -52.72 54.45
N VAL M 19 -0.10 -51.75 55.26
CA VAL M 19 0.88 -50.77 54.79
C VAL M 19 2.28 -51.35 54.82
N ASP M 20 2.48 -52.37 55.66
CA ASP M 20 3.80 -52.99 55.77
C ASP M 20 4.12 -53.86 54.58
N ALA M 21 3.10 -54.37 53.89
CA ALA M 21 3.32 -55.24 52.73
C ALA M 21 3.13 -54.53 51.41
N LEU M 22 2.95 -53.21 51.41
CA LEU M 22 2.79 -52.46 50.16
C LEU M 22 3.83 -51.36 50.00
N VAL M 23 4.19 -50.67 51.07
CA VAL M 23 5.22 -49.63 50.97
C VAL M 23 6.53 -50.21 50.45
N PRO M 24 7.00 -51.39 50.89
CA PRO M 24 8.19 -51.97 50.26
C PRO M 24 8.02 -52.25 48.77
N VAL M 25 6.83 -52.00 48.22
CA VAL M 25 6.62 -52.13 46.79
C VAL M 25 6.73 -50.76 46.14
N TYR M 26 5.93 -49.80 46.59
CA TYR M 26 5.96 -48.48 45.99
C TYR M 26 7.23 -47.71 46.32
N GLU M 27 7.91 -48.07 47.41
CA GLU M 27 9.26 -47.55 47.64
C GLU M 27 10.18 -47.83 46.48
N ASN M 28 9.98 -48.97 45.82
CA ASN M 28 10.87 -49.35 44.73
C ASN M 28 10.79 -48.34 43.60
N ASN M 29 9.59 -47.86 43.30
CA ASN M 29 9.38 -47.11 42.07
C ASN M 29 8.75 -45.73 42.25
N TYR M 30 8.73 -45.15 43.46
CA TYR M 30 8.18 -43.81 43.54
C TYR M 30 9.06 -42.84 42.78
N SER M 31 10.35 -43.16 42.65
CA SER M 31 11.32 -42.23 42.09
C SER M 31 10.98 -41.87 40.66
N CYS M 32 10.13 -42.64 39.99
CA CYS M 32 9.67 -42.24 38.67
C CYS M 32 8.16 -41.99 38.64
N TYR M 33 7.57 -41.65 39.79
CA TYR M 33 6.33 -40.88 39.83
C TYR M 33 6.61 -39.42 40.11
N TYR M 34 7.47 -39.15 41.09
CA TYR M 34 7.84 -37.82 41.54
C TYR M 34 9.35 -37.74 41.60
N GLY M 35 9.95 -36.88 40.79
CA GLY M 35 11.39 -36.86 40.67
C GLY M 35 12.10 -36.04 41.72
N GLY M 36 11.57 -36.02 42.94
CA GLY M 36 12.18 -35.28 44.01
C GLY M 36 13.31 -36.06 44.65
N SER M 37 13.83 -35.48 45.74
CA SER M 37 14.88 -36.12 46.51
C SER M 37 14.44 -36.20 47.97
N TYR M 38 14.84 -37.26 48.63
CA TYR M 38 14.32 -37.54 49.97
C TYR M 38 15.01 -36.70 51.04
N GLU M 39 16.05 -35.97 50.69
CA GLU M 39 16.51 -34.86 51.52
C GLU M 39 15.59 -33.68 51.24
N ASN M 40 15.99 -32.46 51.62
CA ASN M 40 15.14 -31.29 51.42
C ASN M 40 13.81 -31.49 52.14
N ASP M 41 13.93 -31.52 53.47
CA ASP M 41 13.00 -32.15 54.38
C ASP M 41 11.54 -32.09 53.96
N CYS M 42 11.03 -30.96 53.49
CA CYS M 42 9.60 -30.97 53.19
C CYS M 42 9.32 -31.55 51.82
N ASP M 43 10.34 -31.76 50.99
CA ASP M 43 10.18 -32.65 49.86
C ASP M 43 9.94 -34.08 50.32
N LYS M 44 10.60 -34.48 51.41
CA LYS M 44 10.32 -35.78 52.01
C LYS M 44 8.84 -35.93 52.33
N GLU M 45 8.20 -34.86 52.78
CA GLU M 45 6.77 -34.93 52.99
C GLU M 45 6.06 -35.22 51.69
N ALA M 46 6.53 -34.66 50.59
CA ALA M 46 5.92 -34.94 49.30
C ALA M 46 6.00 -36.42 48.96
N ILE M 47 7.17 -37.02 49.15
CA ILE M 47 7.32 -38.44 48.84
C ILE M 47 6.38 -39.27 49.70
N LEU M 48 6.33 -38.99 50.99
CA LEU M 48 5.46 -39.76 51.87
C LEU M 48 4.01 -39.63 51.44
N LEU M 49 3.59 -38.41 51.10
CA LEU M 49 2.21 -38.23 50.67
C LEU M 49 1.91 -39.03 49.42
N LEU M 50 2.84 -39.05 48.46
CA LEU M 50 2.63 -39.83 47.25
C LEU M 50 2.62 -41.32 47.57
N ILE M 51 3.61 -41.78 48.34
CA ILE M 51 3.65 -43.18 48.74
C ILE M 51 2.37 -43.54 49.47
N ALA M 52 1.90 -42.64 50.35
CA ALA M 52 0.64 -42.88 51.03
C ALA M 52 -0.50 -42.97 50.03
N HIS M 53 -0.50 -42.10 49.03
CA HIS M 53 -1.54 -42.19 48.01
C HIS M 53 -1.47 -43.53 47.30
N LEU M 54 -0.26 -43.94 46.91
CA LEU M 54 -0.13 -45.16 46.13
C LEU M 54 -0.50 -46.39 46.95
N VAL M 55 -0.57 -46.27 48.27
CA VAL M 55 -0.92 -47.43 49.07
C VAL M 55 -2.39 -47.41 49.48
N VAL M 56 -2.97 -46.23 49.68
CA VAL M 56 -4.38 -46.21 50.06
C VAL M 56 -5.26 -46.63 48.89
N THR M 57 -4.89 -46.26 47.67
CA THR M 57 -5.69 -46.61 46.50
C THR M 57 -5.17 -47.83 45.76
N ASP M 58 -4.22 -48.55 46.33
CA ASP M 58 -3.79 -49.82 45.74
C ASP M 58 -4.84 -50.90 46.00
N PRO M 59 -5.22 -51.67 44.99
CA PRO M 59 -6.32 -52.61 45.18
C PRO M 59 -6.07 -53.65 46.25
N SER M 60 -4.80 -53.95 46.56
CA SER M 60 -4.55 -54.90 47.64
C SER M 60 -4.87 -54.34 49.00
N TYR M 61 -5.38 -53.12 49.07
CA TYR M 61 -5.62 -52.43 50.32
C TYR M 61 -7.10 -52.16 50.56
N SER M 62 -7.76 -51.49 49.65
CA SER M 62 -9.17 -51.20 49.76
C SER M 62 -10.03 -52.16 48.95
N GLY M 63 -9.42 -53.14 48.28
CA GLY M 63 -10.19 -54.10 47.50
C GLY M 63 -11.02 -53.45 46.42
N ASP M 64 -10.47 -52.44 45.76
CA ASP M 64 -11.21 -51.62 44.80
C ASP M 64 -10.51 -51.74 43.46
N GLU M 65 -10.86 -52.77 42.68
CA GLU M 65 -10.20 -53.00 41.40
C GLU M 65 -10.45 -51.86 40.43
N SER M 66 -11.58 -51.16 40.57
CA SER M 66 -11.86 -50.06 39.67
C SER M 66 -10.87 -48.93 39.90
N SER M 67 -10.93 -47.94 39.03
CA SER M 67 -10.05 -46.80 39.16
C SER M 67 -10.43 -45.98 40.38
N SER M 68 -9.71 -44.88 40.59
CA SER M 68 -10.01 -44.00 41.71
C SER M 68 -9.57 -42.60 41.32
N ARG M 69 -10.54 -41.77 40.93
CA ARG M 69 -10.27 -40.38 40.61
C ARG M 69 -11.30 -39.51 41.30
N ALA M 70 -11.06 -38.20 41.27
CA ALA M 70 -11.82 -37.27 42.09
C ALA M 70 -13.28 -37.28 41.73
N VAL M 71 -14.12 -37.05 42.73
CA VAL M 71 -15.57 -37.02 42.56
C VAL M 71 -15.99 -35.57 42.41
N ALA M 72 -16.78 -35.29 41.38
CA ALA M 72 -17.26 -33.93 41.16
C ALA M 72 -18.64 -33.69 41.76
N SER M 73 -19.45 -34.73 41.87
CA SER M 73 -20.76 -34.60 42.49
C SER M 73 -21.17 -35.98 42.99
N GLN M 74 -21.18 -36.16 44.30
CA GLN M 74 -21.56 -37.41 44.91
C GLN M 74 -22.88 -37.23 45.64
N SER M 75 -23.74 -38.24 45.56
CA SER M 75 -25.04 -38.21 46.21
C SER M 75 -25.25 -39.56 46.90
N VAL M 76 -25.54 -39.53 48.19
CA VAL M 76 -25.76 -40.74 48.97
C VAL M 76 -27.08 -40.59 49.70
N GLY M 77 -28.03 -41.45 49.38
CA GLY M 77 -29.31 -41.40 50.06
C GLY M 77 -29.97 -40.05 49.93
N SER M 78 -30.04 -39.31 51.03
CA SER M 78 -30.68 -38.01 51.05
C SER M 78 -29.69 -36.88 51.32
N VAL M 79 -28.41 -37.13 51.17
CA VAL M 79 -27.39 -36.10 51.31
C VAL M 79 -26.61 -36.05 50.01
N SER M 80 -26.43 -34.86 49.46
CA SER M 80 -25.84 -34.69 48.15
C SER M 80 -24.99 -33.43 48.12
N VAL M 81 -23.82 -33.52 47.50
CA VAL M 81 -22.95 -32.37 47.34
C VAL M 81 -22.48 -32.31 45.91
N SER M 82 -22.08 -31.12 45.49
CA SER M 82 -21.48 -30.90 44.17
C SER M 82 -20.26 -30.03 44.37
N PHE M 83 -19.08 -30.65 44.33
CA PHE M 83 -17.85 -29.92 44.58
C PHE M 83 -17.59 -28.90 43.49
N VAL M 84 -17.22 -27.69 43.89
CA VAL M 84 -16.90 -26.65 42.92
C VAL M 84 -15.73 -27.10 42.07
N ALA M 85 -15.88 -26.96 40.75
CA ALA M 85 -14.92 -27.53 39.84
C ALA M 85 -13.57 -26.84 39.97
N GLY M 86 -12.52 -27.56 39.57
CA GLY M 86 -11.20 -26.98 39.56
C GLY M 86 -10.19 -27.77 38.77
N SER M 87 -9.47 -27.08 37.89
CA SER M 87 -8.40 -27.68 37.10
C SER M 87 -8.88 -28.96 36.42
N THR M 88 -9.98 -28.85 35.70
CA THR M 88 -10.54 -30.00 35.03
C THR M 88 -9.65 -30.41 33.84
N GLY M 89 -9.97 -31.56 33.27
CA GLY M 89 -9.27 -32.05 32.11
C GLY M 89 -7.80 -32.38 32.35
N SER M 90 -7.53 -33.12 33.43
CA SER M 90 -6.16 -33.59 33.67
C SER M 90 -6.23 -34.80 34.59
N ASP M 91 -5.93 -35.99 34.05
CA ASP M 91 -6.03 -37.19 34.86
C ASP M 91 -5.09 -37.17 36.04
N TRP M 92 -3.90 -36.62 35.87
CA TRP M 92 -2.95 -36.58 36.97
C TRP M 92 -3.55 -35.89 38.19
N THR M 93 -4.09 -34.68 38.00
CA THR M 93 -4.71 -33.99 39.12
C THR M 93 -5.94 -34.73 39.61
N ASN M 94 -6.73 -35.29 38.70
CA ASN M 94 -7.90 -36.04 39.14
C ASN M 94 -7.51 -37.28 39.93
N TRP M 95 -6.47 -37.97 39.49
CA TRP M 95 -6.08 -39.21 40.17
C TRP M 95 -5.67 -38.94 41.60
N LEU M 96 -4.90 -37.89 41.82
CA LEU M 96 -4.43 -37.59 43.17
C LEU M 96 -5.46 -36.87 44.00
N ASN M 97 -6.45 -36.24 43.36
CA ASN M 97 -7.54 -35.68 44.14
C ASN M 97 -8.51 -36.74 44.60
N SER M 98 -8.28 -38.00 44.25
CA SER M 98 -9.14 -39.07 44.71
C SER M 98 -9.05 -39.26 46.21
N THR M 99 -7.87 -39.09 46.79
CA THR M 99 -7.68 -39.27 48.22
C THR M 99 -7.10 -38.00 48.80
N ARG M 100 -7.24 -37.84 50.11
CA ARG M 100 -6.68 -36.68 50.77
C ARG M 100 -5.17 -36.64 50.61
N TYR M 101 -4.51 -37.77 50.77
CA TYR M 101 -3.05 -37.77 50.72
C TYR M 101 -2.54 -37.26 49.39
N GLY M 102 -3.19 -37.66 48.29
CA GLY M 102 -2.81 -37.12 47.01
C GLY M 102 -3.06 -35.63 46.90
N GLN M 103 -4.20 -35.17 47.42
CA GLN M 103 -4.51 -33.75 47.37
C GLN M 103 -3.37 -32.93 47.95
N LEU M 104 -2.78 -33.41 49.04
CA LEU M 104 -1.60 -32.73 49.57
C LEU M 104 -0.44 -32.81 48.60
N PHE M 105 -0.34 -33.88 47.83
CA PHE M 105 0.83 -34.08 47.00
C PHE M 105 0.89 -33.06 45.87
N LEU M 106 -0.25 -32.71 45.30
CA LEU M 106 -0.28 -31.67 44.28
C LEU M 106 0.30 -30.39 44.83
N MET M 107 0.21 -30.24 46.14
CA MET M 107 0.12 -28.94 46.78
C MET M 107 1.24 -28.66 47.76
N VAL M 108 1.92 -29.69 48.26
CA VAL M 108 3.28 -29.46 48.72
C VAL M 108 4.14 -29.08 47.53
N THR M 109 3.80 -29.60 46.37
CA THR M 109 4.57 -29.39 45.16
C THR M 109 3.91 -28.42 44.19
N SER M 110 2.84 -27.75 44.59
CA SER M 110 2.21 -26.80 43.69
C SER M 110 3.02 -25.54 43.48
N ASN M 111 4.08 -25.34 44.25
CA ASN M 111 4.89 -24.15 44.15
C ASN M 111 6.08 -24.30 43.24
N ASN M 112 6.28 -25.48 42.64
CA ASN M 112 7.43 -25.68 41.79
C ASN M 112 7.16 -25.27 40.36
N MET M 113 5.94 -24.80 40.09
CA MET M 113 5.45 -24.53 38.75
C MET M 113 6.24 -23.42 38.06
N GLY M 114 6.39 -23.54 36.75
CA GLY M 114 6.97 -22.49 35.95
C GLY M 114 7.37 -22.98 34.58
N PRO M 115 7.66 -22.05 33.67
CA PRO M 115 8.21 -22.43 32.37
C PRO M 115 9.71 -22.63 32.44
N SER M 116 10.27 -23.21 31.39
CA SER M 116 11.69 -23.51 31.40
C SER M 116 12.23 -23.67 29.99
N PHE M 117 13.54 -23.50 29.87
CA PHE M 117 14.31 -23.85 28.67
C PHE M 117 13.76 -23.13 27.44
N ALA M 118 13.93 -21.82 27.43
CA ALA M 118 13.65 -21.08 26.22
C ALA M 118 14.94 -20.71 25.53
N MET N 1 13.44 -65.29 32.05
CA MET N 1 12.89 -64.26 32.92
C MET N 1 11.66 -64.82 33.65
N ALA N 2 11.21 -64.10 34.67
CA ALA N 2 10.16 -64.57 35.57
C ALA N 2 8.94 -63.66 35.56
N LEU N 3 8.47 -63.26 34.38
CA LEU N 3 7.31 -62.37 34.33
C LEU N 3 6.13 -62.97 35.09
N ILE N 4 5.81 -64.22 34.84
CA ILE N 4 4.69 -64.84 35.56
C ILE N 4 4.95 -64.83 37.05
N ASP N 5 6.22 -64.96 37.46
CA ASP N 5 6.53 -64.97 38.88
C ASP N 5 6.61 -63.56 39.46
N ASP N 6 7.23 -62.63 38.72
CA ASP N 6 7.27 -61.25 39.17
C ASP N 6 5.87 -60.66 39.23
N PHE N 7 5.01 -61.07 38.30
CA PHE N 7 3.63 -60.60 38.31
C PHE N 7 2.90 -61.09 39.55
N LYS N 8 3.10 -62.34 39.93
CA LYS N 8 2.34 -62.90 41.04
C LYS N 8 2.59 -62.13 42.33
N ALA N 9 3.83 -61.71 42.56
CA ALA N 9 4.15 -60.99 43.78
C ALA N 9 3.60 -59.57 43.75
N ARG N 10 3.77 -58.87 42.62
CA ARG N 10 3.39 -57.47 42.55
C ARG N 10 1.89 -57.27 42.71
N PHE N 11 1.08 -58.27 42.37
CA PHE N 11 -0.37 -58.18 42.45
C PHE N 11 -0.93 -59.40 43.16
N PRO N 12 -0.65 -59.55 44.45
CA PRO N 12 -1.01 -60.79 45.14
C PRO N 12 -2.51 -61.02 45.25
N ASN N 13 -3.34 -60.15 44.68
CA ASN N 13 -4.77 -60.20 44.95
C ASN N 13 -5.62 -60.60 43.76
N LEU N 14 -5.04 -60.80 42.58
CA LEU N 14 -5.90 -61.02 41.43
C LEU N 14 -6.69 -62.31 41.59
N ASP N 15 -6.02 -63.44 41.36
CA ASP N 15 -6.53 -64.80 41.51
C ASP N 15 -5.34 -65.74 41.44
N GLY N 16 -5.63 -67.03 41.40
CA GLY N 16 -4.62 -68.04 41.22
C GLY N 16 -4.61 -68.52 39.78
N SER N 17 -5.27 -69.64 39.53
CA SER N 17 -5.26 -70.21 38.19
C SER N 17 -5.71 -69.21 37.14
N LEU N 18 -6.66 -68.35 37.46
CA LEU N 18 -7.20 -67.44 36.46
C LEU N 18 -6.10 -66.52 35.91
N VAL N 19 -5.23 -66.03 36.77
CA VAL N 19 -4.11 -65.23 36.28
C VAL N 19 -3.02 -66.13 35.73
N ASP N 20 -2.99 -67.38 36.17
CA ASP N 20 -1.98 -68.31 35.69
C ASP N 20 -2.25 -68.77 34.27
N ALA N 21 -3.50 -68.74 33.82
CA ALA N 21 -3.85 -69.17 32.48
C ALA N 21 -4.06 -68.02 31.51
N LEU N 22 -3.78 -66.79 31.91
CA LEU N 22 -3.94 -65.64 31.03
C LEU N 22 -2.66 -64.85 30.84
N VAL N 23 -1.86 -64.69 31.89
CA VAL N 23 -0.58 -63.99 31.74
C VAL N 23 0.30 -64.65 30.70
N PRO N 24 0.44 -65.99 30.65
CA PRO N 24 1.19 -66.59 29.54
C PRO N 24 0.61 -66.29 28.17
N VAL N 25 -0.52 -65.57 28.11
CA VAL N 25 -1.06 -65.14 26.83
C VAL N 25 -0.65 -63.71 26.56
N TYR N 26 -0.95 -62.80 27.48
CA TYR N 26 -0.60 -61.40 27.25
C TYR N 26 0.90 -61.14 27.37
N GLU N 27 1.63 -62.02 28.05
CA GLU N 27 3.09 -61.97 27.98
C GLU N 27 3.58 -62.05 26.54
N ASN N 28 2.88 -62.80 25.72
CA ASN N 28 3.32 -63.00 24.34
C ASN N 28 3.34 -61.67 23.61
N ASN N 29 2.34 -60.82 23.84
CA ASN N 29 2.14 -59.67 22.97
C ASN N 29 2.07 -58.33 23.69
N TYR N 30 2.51 -58.22 24.95
CA TYR N 30 2.48 -56.89 25.55
C TYR N 30 3.45 -55.97 24.84
N SER N 31 4.49 -56.55 24.23
CA SER N 31 5.56 -55.77 23.65
C SER N 31 5.08 -54.85 22.54
N CYS N 32 3.89 -55.10 22.00
CA CYS N 32 3.31 -54.17 21.05
C CYS N 32 2.02 -53.55 21.56
N TYR N 33 1.85 -53.49 22.88
CA TYR N 33 0.99 -52.50 23.52
C TYR N 33 1.80 -51.34 24.06
N TYR N 34 2.89 -51.66 24.76
CA TYR N 34 3.78 -50.70 25.40
C TYR N 34 5.20 -51.04 25.00
N GLY N 35 5.86 -50.13 24.29
CA GLY N 35 7.16 -50.44 23.73
C GLY N 35 8.32 -50.24 24.69
N GLY N 36 8.10 -50.51 25.97
CA GLY N 36 9.15 -50.37 26.96
C GLY N 36 10.06 -51.58 26.99
N SER N 37 10.97 -51.57 27.96
CA SER N 37 11.88 -52.68 28.17
C SER N 37 11.76 -53.14 29.61
N TYR N 38 11.91 -54.44 29.81
CA TYR N 38 11.64 -55.02 31.12
C TYR N 38 12.78 -54.80 32.10
N GLU N 39 13.91 -54.29 31.64
CA GLU N 39 14.89 -53.69 32.54
C GLU N 39 14.39 -52.30 32.89
N ASN N 40 15.25 -51.43 33.42
CA ASN N 40 14.83 -50.09 33.81
C ASN N 40 13.71 -50.17 34.85
N ASP N 41 14.09 -50.69 36.01
CA ASP N 41 13.23 -51.34 36.98
C ASP N 41 11.82 -50.78 37.06
N CYS N 42 11.64 -49.46 37.09
CA CYS N 42 10.26 -49.00 37.27
C CYS N 42 9.50 -48.98 35.94
N ASP N 43 10.19 -49.14 34.82
CA ASP N 43 9.49 -49.51 33.60
C ASP N 43 8.88 -50.90 33.74
N LYS N 44 9.58 -51.80 34.41
CA LYS N 44 9.02 -53.12 34.70
C LYS N 44 7.69 -52.99 35.41
N GLU N 45 7.57 -52.02 36.31
CA GLU N 45 6.28 -51.79 36.95
C GLU N 45 5.24 -51.44 35.90
N ALA N 46 5.63 -50.66 34.89
CA ALA N 46 4.68 -50.31 33.84
C ALA N 46 4.19 -51.54 33.12
N ILE N 47 5.09 -52.46 32.76
CA ILE N 47 4.69 -53.67 32.06
C ILE N 47 3.73 -54.48 32.91
N LEU N 48 4.06 -54.65 34.20
CA LEU N 48 3.20 -55.43 35.07
C LEU N 48 1.82 -54.81 35.16
N LEU N 49 1.76 -53.48 35.30
CA LEU N 49 0.48 -52.81 35.40
C LEU N 49 -0.34 -53.03 34.14
N LEU N 50 0.30 -52.95 32.97
CA LEU N 50 -0.42 -53.19 31.73
C LEU N 50 -0.86 -54.64 31.63
N ILE N 51 0.05 -55.57 31.90
CA ILE N 51 -0.31 -56.98 31.89
C ILE N 51 -1.44 -57.22 32.87
N ALA N 52 -1.38 -56.61 34.04
CA ALA N 52 -2.47 -56.74 35.00
C ALA N 52 -3.75 -56.18 34.42
N HIS N 53 -3.68 -55.04 33.74
CA HIS N 53 -4.88 -54.52 33.12
C HIS N 53 -5.42 -55.50 32.09
N LEU N 54 -4.54 -56.04 31.26
CA LEU N 54 -5.01 -56.91 30.18
C LEU N 54 -5.59 -58.20 30.72
N VAL N 55 -5.32 -58.54 31.98
CA VAL N 55 -5.86 -59.78 32.52
C VAL N 55 -7.11 -59.53 33.36
N VAL N 56 -7.20 -58.39 34.03
CA VAL N 56 -8.40 -58.14 34.83
C VAL N 56 -9.60 -57.88 33.93
N THR N 57 -9.40 -57.23 32.79
CA THR N 57 -10.51 -56.94 31.89
C THR N 57 -10.60 -57.91 30.73
N ASP N 58 -9.87 -59.00 30.77
CA ASP N 58 -10.03 -60.05 29.76
C ASP N 58 -11.30 -60.85 30.05
N PRO N 59 -12.13 -61.10 29.03
CA PRO N 59 -13.43 -61.74 29.31
C PRO N 59 -13.30 -63.11 29.93
N SER N 60 -12.19 -63.81 29.75
CA SER N 60 -12.04 -65.11 30.39
C SER N 60 -11.85 -65.00 31.89
N TYR N 61 -11.88 -63.78 32.43
CA TYR N 61 -11.59 -63.53 33.83
C TYR N 61 -12.80 -63.01 34.59
N SER N 62 -13.38 -61.90 34.13
CA SER N 62 -14.55 -61.33 34.76
C SER N 62 -15.84 -61.70 34.04
N GLY N 63 -15.75 -62.50 32.98
CA GLY N 63 -16.96 -62.91 32.27
C GLY N 63 -17.73 -61.73 31.70
N ASP N 64 -17.03 -60.73 31.21
CA ASP N 64 -17.64 -59.47 30.76
C ASP N 64 -17.33 -59.30 29.28
N GLU N 65 -18.18 -59.87 28.42
CA GLU N 65 -17.92 -59.79 26.98
C GLU N 65 -17.98 -58.36 26.48
N SER N 66 -18.75 -57.50 27.14
CA SER N 66 -18.82 -56.12 26.71
C SER N 66 -17.47 -55.44 26.89
N SER N 67 -17.38 -54.22 26.37
CA SER N 67 -16.16 -53.45 26.51
C SER N 67 -15.97 -53.03 27.97
N SER N 68 -14.89 -52.30 28.21
CA SER N 68 -14.62 -51.83 29.56
C SER N 68 -13.82 -50.53 29.43
N ARG N 69 -14.51 -49.40 29.60
CA ARG N 69 -13.87 -48.10 29.60
C ARG N 69 -14.37 -47.29 30.77
N ALA N 70 -13.69 -46.17 31.01
CA ALA N 70 -13.89 -45.43 32.25
C ALA N 70 -15.32 -44.93 32.37
N VAL N 71 -15.79 -44.86 33.60
CA VAL N 71 -17.14 -44.40 33.92
C VAL N 71 -17.07 -42.93 34.29
N ALA N 72 -17.91 -42.11 33.67
CA ALA N 72 -17.94 -40.69 33.98
C ALA N 72 -18.98 -40.34 35.03
N SER N 73 -20.05 -41.11 35.11
CA SER N 73 -21.07 -40.89 36.13
C SER N 73 -21.81 -42.19 36.35
N GLN N 74 -21.59 -42.81 37.50
CA GLN N 74 -22.25 -44.06 37.85
C GLN N 74 -23.23 -43.81 38.98
N SER N 75 -24.37 -44.47 38.90
CA SER N 75 -25.41 -44.35 39.93
C SER N 75 -25.91 -45.74 40.26
N VAL N 76 -25.88 -46.09 41.53
CA VAL N 76 -26.33 -47.40 42.00
C VAL N 76 -27.33 -47.18 43.12
N GLY N 77 -28.56 -47.61 42.91
CA GLY N 77 -29.56 -47.47 43.94
C GLY N 77 -29.74 -46.04 44.39
N SER N 78 -29.30 -45.74 45.61
CA SER N 78 -29.44 -44.40 46.16
C SER N 78 -28.10 -43.74 46.40
N VAL N 79 -27.03 -44.24 45.79
CA VAL N 79 -25.72 -43.61 45.86
C VAL N 79 -25.28 -43.31 44.43
N SER N 80 -24.83 -42.08 44.20
CA SER N 80 -24.52 -41.63 42.86
C SER N 80 -23.32 -40.71 42.90
N VAL N 81 -22.42 -40.87 41.94
CA VAL N 81 -21.26 -39.99 41.83
C VAL N 81 -21.12 -39.56 40.38
N SER N 82 -20.44 -38.44 40.19
CA SER N 82 -20.11 -37.94 38.86
C SER N 82 -18.65 -37.53 38.88
N PHE N 83 -17.79 -38.37 38.30
CA PHE N 83 -16.37 -38.11 38.34
C PHE N 83 -16.03 -36.88 37.53
N VAL N 84 -15.18 -36.02 38.10
CA VAL N 84 -14.75 -34.83 37.38
C VAL N 84 -14.02 -35.24 36.12
N ALA N 85 -14.39 -34.61 35.00
CA ALA N 85 -13.90 -35.06 33.72
C ALA N 85 -12.41 -34.81 33.59
N GLY N 86 -11.79 -35.59 32.71
CA GLY N 86 -10.38 -35.41 32.44
C GLY N 86 -9.90 -36.10 31.19
N SER N 87 -9.19 -35.36 30.34
CA SER N 87 -8.60 -35.90 29.12
C SER N 87 -9.61 -36.69 28.32
N THR N 88 -10.75 -36.06 28.04
CA THR N 88 -11.79 -36.73 27.30
C THR N 88 -11.38 -36.91 25.84
N GLY N 89 -12.19 -37.67 25.10
CA GLY N 89 -11.96 -37.89 23.69
C GLY N 89 -10.69 -38.65 23.37
N SER N 90 -10.45 -39.75 24.07
CA SER N 90 -9.31 -40.61 23.74
C SER N 90 -9.59 -42.01 24.28
N ASP N 91 -9.83 -42.97 23.40
CA ASP N 91 -10.17 -44.31 23.83
C ASP N 91 -9.03 -44.94 24.63
N TRP N 92 -7.79 -44.68 24.24
CA TRP N 92 -6.67 -45.27 24.95
C TRP N 92 -6.72 -44.91 26.43
N THR N 93 -6.84 -43.62 26.75
CA THR N 93 -6.92 -43.22 28.15
C THR N 93 -8.20 -43.76 28.80
N ASN N 94 -9.30 -43.75 28.07
CA ASN N 94 -10.54 -44.27 28.64
C ASN N 94 -10.43 -45.76 28.91
N TRP N 95 -9.81 -46.51 27.99
CA TRP N 95 -9.72 -47.95 28.17
C TRP N 95 -8.95 -48.32 29.43
N LEU N 96 -7.83 -47.64 29.66
CA LEU N 96 -7.01 -47.96 30.80
C LEU N 96 -7.53 -47.32 32.08
N ASN N 97 -8.36 -46.29 31.98
CA ASN N 97 -8.99 -45.77 33.18
C ASN N 97 -10.14 -46.65 33.63
N SER N 98 -10.44 -47.73 32.90
CA SER N 98 -11.49 -48.63 33.32
C SER N 98 -11.14 -49.34 34.61
N THR N 99 -9.88 -49.69 34.81
CA THR N 99 -9.45 -50.39 36.00
C THR N 99 -8.36 -49.59 36.69
N ARG N 100 -8.16 -49.87 37.97
CA ARG N 100 -7.10 -49.20 38.70
C ARG N 100 -5.75 -49.48 38.09
N TYR N 101 -5.48 -50.74 37.71
CA TYR N 101 -4.16 -51.09 37.22
C TYR N 101 -3.82 -50.29 35.97
N GLY N 102 -4.78 -50.10 35.09
CA GLY N 102 -4.53 -49.27 33.92
C GLY N 102 -4.28 -47.82 34.31
N GLN N 103 -5.05 -47.30 35.26
CA GLN N 103 -4.86 -45.91 35.68
C GLN N 103 -3.42 -45.67 36.07
N LEU N 104 -2.80 -46.63 36.74
CA LEU N 104 -1.38 -46.49 37.03
C LEU N 104 -0.55 -46.53 35.77
N PHE N 105 -1.00 -47.24 34.75
CA PHE N 105 -0.17 -47.44 33.57
C PHE N 105 -0.01 -46.14 32.78
N LEU N 106 -1.07 -45.33 32.72
CA LEU N 106 -0.95 -44.04 32.07
C LEU N 106 0.14 -43.22 32.72
N MET N 107 0.37 -43.52 33.99
CA MET N 107 0.88 -42.55 34.94
C MET N 107 2.21 -42.92 35.55
N VAL N 108 2.59 -44.19 35.53
CA VAL N 108 4.01 -44.49 35.58
C VAL N 108 4.67 -43.95 34.32
N THR N 109 3.93 -43.93 33.24
CA THR N 109 4.45 -43.51 31.94
C THR N 109 3.97 -42.14 31.52
N SER N 110 3.30 -41.40 32.39
CA SER N 110 2.84 -40.07 32.02
C SER N 110 3.98 -39.07 31.90
N ASN N 111 5.18 -39.42 32.33
CA ASN N 111 6.31 -38.51 32.29
C ASN N 111 7.14 -38.64 31.03
N ASN N 112 6.79 -39.55 30.13
CA ASN N 112 7.59 -39.73 28.93
C ASN N 112 7.16 -38.79 27.82
N MET N 113 6.15 -37.96 28.08
CA MET N 113 5.50 -37.13 27.08
C MET N 113 6.46 -36.09 26.50
N GLY N 114 6.26 -35.78 25.23
CA GLY N 114 6.98 -34.71 24.58
C GLY N 114 6.88 -34.78 23.08
N PRO N 115 7.26 -33.70 22.40
CA PRO N 115 7.35 -33.73 20.95
C PRO N 115 8.67 -34.31 20.49
N SER N 116 8.75 -34.61 19.20
CA SER N 116 9.96 -35.25 18.69
C SER N 116 10.08 -35.03 17.19
N PHE N 117 11.33 -35.17 16.71
CA PHE N 117 11.64 -35.26 15.28
C PHE N 117 11.12 -34.05 14.51
N ALA N 118 11.71 -32.90 14.80
CA ALA N 118 11.44 -31.74 13.97
C ALA N 118 12.59 -31.51 13.03
N MET O 1 -2.31 -73.39 7.58
CA MET O 1 -2.29 -72.64 8.82
C MET O 1 -3.42 -73.11 9.72
N ALA O 2 -3.38 -72.69 10.99
CA ALA O 2 -4.29 -73.19 12.01
C ALA O 2 -5.11 -72.08 12.65
N LEU O 3 -5.68 -71.18 11.83
CA LEU O 3 -6.46 -70.09 12.39
C LEU O 3 -7.56 -70.60 13.30
N ILE O 4 -8.33 -71.58 12.85
CA ILE O 4 -9.39 -72.12 13.68
C ILE O 4 -8.81 -72.70 14.97
N ASP O 5 -7.59 -73.26 14.90
CA ASP O 5 -6.99 -73.84 16.09
C ASP O 5 -6.33 -72.78 16.96
N ASP O 6 -5.62 -71.83 16.34
CA ASP O 6 -5.02 -70.75 17.10
C ASP O 6 -6.10 -69.89 17.76
N PHE O 7 -7.24 -69.74 17.08
CA PHE O 7 -8.35 -69.00 17.65
C PHE O 7 -8.89 -69.68 18.89
N LYS O 8 -9.04 -71.00 18.84
CA LYS O 8 -9.67 -71.71 19.95
C LYS O 8 -8.89 -71.53 21.23
N ALA O 9 -7.56 -71.52 21.16
CA ALA O 9 -6.75 -71.37 22.37
C ALA O 9 -6.80 -69.94 22.88
N ARG O 10 -6.66 -68.96 21.99
CA ARG O 10 -6.57 -67.57 22.42
C ARG O 10 -7.85 -67.09 23.10
N PHE O 11 -8.99 -67.69 22.78
CA PHE O 11 -10.28 -67.29 23.35
C PHE O 11 -11.03 -68.51 23.84
N PRO O 12 -10.53 -69.16 24.89
CA PRO O 12 -11.11 -70.43 25.31
C PRO O 12 -12.53 -70.32 25.83
N ASN O 13 -13.13 -69.14 25.81
CA ASN O 13 -14.40 -68.94 26.49
C ASN O 13 -15.58 -68.69 25.59
N LEU O 14 -15.38 -68.60 24.27
CA LEU O 14 -16.51 -68.19 23.45
C LEU O 14 -17.61 -69.23 23.49
N ASP O 15 -17.43 -70.32 22.78
CA ASP O 15 -18.32 -71.49 22.72
C ASP O 15 -17.54 -72.60 22.02
N GLY O 16 -18.25 -73.68 21.74
CA GLY O 16 -17.68 -74.78 20.98
C GLY O 16 -18.17 -74.72 19.54
N SER O 17 -19.21 -75.49 19.23
CA SER O 17 -19.69 -75.55 17.85
C SER O 17 -20.00 -74.16 17.31
N LEU O 18 -20.51 -73.26 18.14
CA LEU O 18 -20.93 -71.96 17.64
C LEU O 18 -19.76 -71.20 17.04
N VAL O 19 -18.59 -71.26 17.66
CA VAL O 19 -17.41 -70.63 17.08
C VAL O 19 -16.84 -71.51 15.99
N ASP O 20 -17.13 -72.81 16.04
CA ASP O 20 -16.62 -73.73 15.04
C ASP O 20 -17.34 -73.58 13.70
N ALA O 21 -18.57 -73.10 13.71
CA ALA O 21 -19.34 -72.93 12.49
C ALA O 21 -19.38 -71.51 11.98
N LEU O 22 -18.63 -70.60 12.58
CA LEU O 22 -18.60 -69.22 12.13
C LEU O 22 -17.21 -68.74 11.76
N VAL O 23 -16.17 -69.14 12.51
CA VAL O 23 -14.81 -68.76 12.14
C VAL O 23 -14.46 -69.21 10.73
N PRO O 24 -14.79 -70.44 10.30
CA PRO O 24 -14.55 -70.77 8.88
C PRO O 24 -15.30 -69.88 7.91
N VAL O 25 -16.10 -68.95 8.39
CA VAL O 25 -16.75 -67.98 7.52
C VAL O 25 -15.96 -66.68 7.53
N TYR O 26 -15.73 -66.11 8.70
CA TYR O 26 -15.00 -64.85 8.76
C TYR O 26 -13.52 -65.01 8.44
N GLU O 27 -12.97 -66.21 8.60
CA GLU O 27 -11.64 -66.50 8.08
C GLU O 27 -11.54 -66.18 6.60
N ASN O 28 -12.63 -66.41 5.86
CA ASN O 28 -12.60 -66.21 4.43
C ASN O 28 -12.31 -64.76 4.10
N ASN O 29 -12.89 -63.83 4.86
CA ASN O 29 -12.91 -62.44 4.45
C ASN O 29 -12.36 -61.46 5.47
N TYR O 30 -11.64 -61.90 6.51
CA TYR O 30 -11.09 -60.90 7.42
C TYR O 30 -10.06 -60.05 6.69
N SER O 31 -9.43 -60.61 5.65
CA SER O 31 -8.32 -59.96 4.99
C SER O 31 -8.72 -58.63 4.39
N CYS O 32 -10.01 -58.37 4.21
CA CYS O 32 -10.45 -57.06 3.78
C CYS O 32 -11.32 -56.38 4.82
N TYR O 33 -11.15 -56.73 6.10
CA TYR O 33 -11.48 -55.86 7.21
C TYR O 33 -10.23 -55.18 7.76
N TYR O 34 -9.17 -55.98 7.94
CA TYR O 34 -7.90 -55.55 8.50
C TYR O 34 -6.80 -56.06 7.59
N GLY O 35 -6.05 -55.15 6.98
CA GLY O 35 -5.09 -55.54 5.98
C GLY O 35 -3.75 -55.97 6.53
N GLY O 36 -3.74 -56.60 7.69
CA GLY O 36 -2.51 -57.07 8.28
C GLY O 36 -2.07 -58.40 7.70
N SER O 37 -1.01 -58.94 8.29
CA SER O 37 -0.49 -60.23 7.90
C SER O 37 -0.42 -61.13 9.12
N TYR O 38 -0.66 -62.42 8.91
CA TYR O 38 -0.80 -63.33 10.04
C TYR O 38 0.53 -63.76 10.62
N GLU O 39 1.64 -63.40 9.97
CA GLU O 39 2.94 -63.40 10.64
C GLU O 39 3.02 -62.14 11.48
N ASN O 40 4.21 -61.74 11.92
CA ASN O 40 4.36 -60.56 12.76
C ASN O 40 3.53 -60.73 14.05
N ASP O 41 3.98 -61.70 14.84
CA ASP O 41 3.19 -62.42 15.83
C ASP O 41 2.10 -61.60 16.51
N CYS O 42 2.37 -60.37 16.94
CA CYS O 42 1.31 -59.70 17.66
C CYS O 42 0.32 -59.04 16.72
N ASP O 43 0.63 -58.95 15.42
CA ASP O 43 -0.41 -58.69 14.44
C ASP O 43 -1.39 -59.85 14.38
N LYS O 44 -0.88 -61.07 14.54
CA LYS O 44 -1.76 -62.24 14.64
C LYS O 44 -2.78 -62.06 15.74
N GLU O 45 -2.37 -61.46 16.86
CA GLU O 45 -3.33 -61.16 17.90
C GLU O 45 -4.40 -60.23 17.39
N ALA O 46 -4.02 -59.26 16.55
CA ALA O 46 -5.01 -58.35 15.99
C ALA O 46 -6.05 -59.11 15.16
N ILE O 47 -5.59 -60.03 14.31
CA ILE O 47 -6.52 -60.78 13.48
C ILE O 47 -7.47 -61.58 14.35
N LEU O 48 -6.93 -62.27 15.36
CA LEU O 48 -7.78 -63.07 16.22
C LEU O 48 -8.82 -62.21 16.92
N LEU O 49 -8.40 -61.04 17.42
CA LEU O 49 -9.33 -60.16 18.09
C LEU O 49 -10.45 -59.73 17.15
N LEU O 50 -10.11 -59.40 15.91
CA LEU O 50 -11.13 -59.01 14.95
C LEU O 50 -12.03 -60.18 14.61
N ILE O 51 -11.44 -61.34 14.32
CA ILE O 51 -12.23 -62.53 14.05
C ILE O 51 -13.13 -62.83 15.24
N ALA O 52 -12.59 -62.69 16.45
CA ALA O 52 -13.41 -62.88 17.63
C ALA O 52 -14.54 -61.87 17.68
N HIS O 53 -14.26 -60.62 17.33
CA HIS O 53 -15.33 -59.64 17.29
C HIS O 53 -16.38 -60.03 16.27
N LEU O 54 -15.95 -60.45 15.08
CA LEU O 54 -16.90 -60.75 14.02
C LEU O 54 -17.74 -61.97 14.36
N VAL O 55 -17.32 -62.77 15.32
CA VAL O 55 -18.10 -63.96 15.66
C VAL O 55 -18.97 -63.73 16.89
N VAL O 56 -18.52 -62.90 17.84
CA VAL O 56 -19.36 -62.67 19.01
C VAL O 56 -20.57 -61.84 18.64
N THR O 57 -20.44 -60.90 17.72
CA THR O 57 -21.57 -60.06 17.34
C THR O 57 -22.23 -60.52 16.05
N ASP O 58 -21.91 -61.70 15.56
CA ASP O 58 -22.63 -62.24 14.42
C ASP O 58 -23.98 -62.77 14.87
N PRO O 59 -25.06 -62.46 14.16
CA PRO O 59 -26.40 -62.82 14.66
C PRO O 59 -26.60 -64.31 14.82
N SER O 60 -25.85 -65.14 14.10
CA SER O 60 -25.98 -66.57 14.30
C SER O 60 -25.44 -67.04 15.63
N TYR O 61 -24.95 -66.12 16.45
CA TYR O 61 -24.27 -66.46 17.69
C TYR O 61 -25.05 -65.95 18.91
N SER O 62 -25.31 -64.66 18.98
CA SER O 62 -26.06 -64.08 20.08
C SER O 62 -27.52 -63.86 19.74
N GLY O 63 -27.95 -64.23 18.54
CA GLY O 63 -29.34 -64.06 18.16
C GLY O 63 -29.80 -62.62 18.21
N ASP O 64 -28.94 -61.70 17.80
CA ASP O 64 -29.19 -60.27 17.92
C ASP O 64 -29.18 -59.66 16.53
N GLU O 65 -30.34 -59.68 15.87
CA GLU O 65 -30.41 -59.17 14.51
C GLU O 65 -30.12 -57.69 14.44
N SER O 66 -30.38 -56.95 15.51
CA SER O 66 -30.09 -55.53 15.51
C SER O 66 -28.59 -55.29 15.43
N SER O 67 -28.22 -54.03 15.25
CA SER O 67 -26.82 -53.67 15.18
C SER O 67 -26.17 -53.85 16.56
N SER O 68 -24.88 -53.53 16.63
CA SER O 68 -24.18 -53.63 17.90
C SER O 68 -23.06 -52.60 17.87
N ARG O 69 -23.27 -51.48 18.53
CA ARG O 69 -22.26 -50.45 18.66
C ARG O 69 -22.18 -50.01 20.12
N ALA O 70 -21.15 -49.23 20.41
CA ALA O 70 -20.79 -48.94 21.80
C ALA O 70 -21.92 -48.19 22.51
N VAL O 71 -22.04 -48.45 23.80
CA VAL O 71 -23.06 -47.82 24.63
C VAL O 71 -22.42 -46.64 25.34
N ALA O 72 -23.07 -45.48 25.27
CA ALA O 72 -22.55 -44.29 25.94
C ALA O 72 -23.16 -44.09 27.32
N SER O 73 -24.38 -44.57 27.52
CA SER O 73 -25.01 -44.47 28.83
C SER O 73 -26.06 -45.55 28.94
N GLN O 74 -25.80 -46.57 29.75
CA GLN O 74 -26.73 -47.66 29.94
C GLN O 74 -27.29 -47.60 31.34
N SER O 75 -28.58 -47.91 31.48
CA SER O 75 -29.25 -47.90 32.76
C SER O 75 -30.09 -49.15 32.86
N VAL O 76 -29.89 -49.93 33.92
CA VAL O 76 -30.63 -51.17 34.14
C VAL O 76 -31.22 -51.13 35.53
N GLY O 77 -32.53 -51.14 35.63
CA GLY O 77 -33.18 -51.14 36.92
C GLY O 77 -32.76 -49.96 37.76
N SER O 78 -31.97 -50.22 38.81
CA SER O 78 -31.55 -49.17 39.72
C SER O 78 -30.04 -48.96 39.68
N VAL O 79 -29.37 -49.46 38.64
CA VAL O 79 -27.95 -49.22 38.46
C VAL O 79 -27.76 -48.57 37.09
N SER O 80 -27.00 -47.47 37.07
CA SER O 80 -26.88 -46.67 35.87
C SER O 80 -25.47 -46.14 35.76
N VAL O 81 -24.91 -46.16 34.56
CA VAL O 81 -23.59 -45.61 34.32
C VAL O 81 -23.64 -44.74 33.07
N SER O 82 -22.69 -43.82 32.98
CA SER O 82 -22.53 -42.98 31.79
C SER O 82 -21.05 -42.97 31.45
N PHE O 83 -20.68 -43.72 30.43
CA PHE O 83 -19.28 -43.85 30.08
C PHE O 83 -18.74 -42.53 29.56
N VAL O 84 -17.56 -42.15 30.03
CA VAL O 84 -16.93 -40.92 29.56
C VAL O 84 -16.69 -41.03 28.06
N ALA O 85 -17.07 -39.99 27.34
CA ALA O 85 -17.07 -40.05 25.89
C ALA O 85 -15.65 -40.15 25.36
N GLY O 86 -15.53 -40.69 24.15
CA GLY O 86 -14.24 -40.77 23.51
C GLY O 86 -14.31 -41.07 22.03
N SER O 87 -13.61 -40.28 21.23
CA SER O 87 -13.53 -40.48 19.79
C SER O 87 -14.91 -40.68 19.17
N THR O 88 -15.80 -39.73 19.45
CA THR O 88 -17.15 -39.83 18.93
C THR O 88 -17.15 -39.59 17.43
N GLY O 89 -18.32 -39.82 16.82
CA GLY O 89 -18.49 -39.59 15.40
C GLY O 89 -17.66 -40.47 14.51
N SER O 90 -17.64 -41.77 14.77
CA SER O 90 -16.95 -42.70 13.87
C SER O 90 -17.54 -44.09 14.09
N ASP O 91 -18.28 -44.59 13.10
CA ASP O 91 -18.92 -45.88 13.26
C ASP O 91 -17.92 -47.01 13.44
N TRP O 92 -16.78 -46.93 12.76
CA TRP O 92 -15.78 -47.98 12.89
C TRP O 92 -15.38 -48.15 14.35
N THR O 93 -14.99 -47.07 15.02
CA THR O 93 -14.62 -47.18 16.42
C THR O 93 -15.81 -47.59 17.28
N ASN O 94 -16.99 -47.07 16.97
CA ASN O 94 -18.18 -47.44 17.74
C ASN O 94 -18.50 -48.91 17.57
N TRP O 95 -18.38 -49.42 16.34
CA TRP O 95 -18.74 -50.81 16.08
C TRP O 95 -17.86 -51.75 16.88
N LEU O 96 -16.57 -51.49 16.91
CA LEU O 96 -15.65 -52.37 17.61
C LEU O 96 -15.63 -52.11 19.10
N ASN O 97 -16.07 -50.95 19.56
CA ASN O 97 -16.21 -50.74 20.99
C ASN O 97 -17.45 -51.43 21.53
N SER O 98 -18.23 -52.08 20.68
CA SER O 98 -19.41 -52.80 21.15
C SER O 98 -19.03 -53.97 22.03
N THR O 99 -17.94 -54.66 21.71
CA THR O 99 -17.51 -55.81 22.48
C THR O 99 -16.09 -55.60 22.96
N ARG O 100 -15.70 -56.34 23.98
CA ARG O 100 -14.35 -56.23 24.49
C ARG O 100 -13.33 -56.59 23.42
N TYR O 101 -13.59 -57.66 22.67
CA TYR O 101 -12.61 -58.13 21.70
C TYR O 101 -12.31 -57.06 20.66
N GLY O 102 -13.34 -56.34 20.22
CA GLY O 102 -13.10 -55.25 19.30
C GLY O 102 -12.30 -54.13 19.94
N GLN O 103 -12.63 -53.80 21.20
CA GLN O 103 -11.90 -52.74 21.90
C GLN O 103 -10.41 -52.99 21.84
N LEU O 104 -10.00 -54.25 22.01
CA LEU O 104 -8.59 -54.56 21.85
C LEU O 104 -8.13 -54.35 20.43
N PHE O 105 -9.02 -54.54 19.45
CA PHE O 105 -8.59 -54.50 18.06
C PHE O 105 -8.19 -53.09 17.64
N LEU O 106 -8.90 -52.08 18.13
CA LEU O 106 -8.52 -50.71 17.85
C LEU O 106 -7.11 -50.46 18.31
N MET O 107 -6.70 -51.22 19.31
CA MET O 107 -5.71 -50.80 20.26
C MET O 107 -4.46 -51.66 20.30
N VAL O 108 -4.53 -52.90 19.83
CA VAL O 108 -3.31 -53.52 19.33
C VAL O 108 -2.83 -52.75 18.12
N THR O 109 -3.74 -52.18 17.38
CA THR O 109 -3.43 -51.48 16.15
C THR O 109 -3.52 -49.97 16.27
N SER O 110 -3.69 -49.44 17.48
CA SER O 110 -3.75 -48.01 17.64
C SER O 110 -2.41 -47.33 17.45
N ASN O 111 -1.33 -48.08 17.34
CA ASN O 111 -0.01 -47.51 17.19
C ASN O 111 0.43 -47.38 15.76
N ASN O 112 -0.39 -47.81 14.80
CA ASN O 112 0.01 -47.74 13.40
C ASN O 112 -0.32 -46.40 12.78
N MET O 113 -0.93 -45.51 13.56
CA MET O 113 -1.46 -44.25 13.08
C MET O 113 -0.39 -43.33 12.53
N GLY O 114 -0.75 -42.55 11.50
CA GLY O 114 0.11 -41.53 10.98
C GLY O 114 -0.34 -41.04 9.63
N PRO O 115 0.20 -39.92 9.18
CA PRO O 115 -0.05 -39.46 7.82
C PRO O 115 0.87 -40.15 6.82
N SER O 116 0.54 -39.98 5.54
CA SER O 116 1.31 -40.68 4.52
C SER O 116 1.16 -39.99 3.17
N PHE O 117 2.14 -40.23 2.30
CA PHE O 117 2.08 -39.90 0.88
C PHE O 117 1.82 -38.41 0.66
N ALA O 118 2.81 -37.61 1.04
CA ALA O 118 2.76 -36.21 0.69
C ALA O 118 3.68 -35.94 -0.48
N MET P 1 -25.01 -68.58 -11.62
CA MET P 1 -24.47 -68.33 -10.30
C MET P 1 -25.47 -68.77 -9.25
N ALA P 2 -25.02 -68.86 -7.99
CA ALA P 2 -25.80 -69.42 -6.91
C ALA P 2 -26.04 -68.43 -5.78
N LEU P 3 -26.42 -67.19 -6.11
CA LEU P 3 -26.65 -66.20 -5.07
C LEU P 3 -27.64 -66.70 -4.03
N ILE P 4 -28.78 -67.23 -4.47
CA ILE P 4 -29.75 -67.73 -3.52
C ILE P 4 -29.14 -68.85 -2.67
N ASP P 5 -28.24 -69.64 -3.26
CA ASP P 5 -27.62 -70.74 -2.51
C ASP P 5 -26.48 -70.24 -1.65
N ASP P 6 -25.63 -69.36 -2.19
CA ASP P 6 -24.56 -68.80 -1.39
C ASP P 6 -25.11 -67.98 -0.23
N PHE P 7 -26.24 -67.31 -0.46
CA PHE P 7 -26.88 -66.55 0.61
C PHE P 7 -27.35 -67.46 1.74
N LYS P 8 -27.94 -68.61 1.38
CA LYS P 8 -28.53 -69.46 2.39
C LYS P 8 -27.48 -69.94 3.39
N ALA P 9 -26.28 -70.25 2.90
CA ALA P 9 -25.23 -70.74 3.79
C ALA P 9 -24.67 -69.61 4.66
N ARG P 10 -24.41 -68.46 4.06
CA ARG P 10 -23.75 -67.37 4.79
C ARG P 10 -24.62 -66.84 5.93
N PHE P 11 -25.93 -66.98 5.84
CA PHE P 11 -26.85 -66.48 6.86
C PHE P 11 -27.85 -67.57 7.22
N PRO P 12 -27.39 -68.65 7.86
CA PRO P 12 -28.27 -69.79 8.09
C PRO P 12 -29.42 -69.50 9.03
N ASN P 13 -29.57 -68.28 9.51
CA ASN P 13 -30.52 -68.02 10.58
C ASN P 13 -31.71 -67.16 10.18
N LEU P 14 -31.78 -66.68 8.95
CA LEU P 14 -32.83 -65.74 8.65
C LEU P 14 -34.20 -66.41 8.76
N ASP P 15 -34.55 -67.20 7.76
CA ASP P 15 -35.78 -68.01 7.67
C ASP P 15 -35.61 -68.97 6.51
N GLY P 16 -36.67 -69.66 6.18
CA GLY P 16 -36.71 -70.53 5.03
C GLY P 16 -37.42 -69.86 3.88
N SER P 17 -38.70 -70.17 3.72
CA SER P 17 -39.46 -69.63 2.60
C SER P 17 -39.39 -68.11 2.55
N LEU P 18 -39.37 -67.46 3.71
CA LEU P 18 -39.42 -66.00 3.72
C LEU P 18 -38.22 -65.40 3.00
N VAL P 19 -37.03 -65.98 3.21
CA VAL P 19 -35.87 -65.51 2.47
C VAL P 19 -35.87 -66.08 1.06
N ASP P 20 -36.57 -67.19 0.86
CA ASP P 20 -36.63 -67.80 -0.46
C ASP P 20 -37.53 -67.03 -1.42
N ALA P 21 -38.49 -66.27 -0.89
CA ALA P 21 -39.39 -65.51 -1.73
C ALA P 21 -39.05 -64.04 -1.82
N LEU P 22 -37.92 -63.62 -1.26
CA LEU P 22 -37.52 -62.22 -1.31
C LEU P 22 -36.17 -62.01 -1.96
N VAL P 23 -35.20 -62.91 -1.70
CA VAL P 23 -33.89 -62.78 -2.36
C VAL P 23 -34.03 -62.79 -3.87
N PRO P 24 -34.84 -63.66 -4.49
CA PRO P 24 -35.04 -63.54 -5.96
C PRO P 24 -35.62 -62.20 -6.38
N VAL P 25 -35.94 -61.33 -5.43
CA VAL P 25 -36.39 -59.98 -5.78
C VAL P 25 -35.22 -59.02 -5.69
N TYR P 26 -34.57 -58.96 -4.53
CA TYR P 26 -33.46 -58.03 -4.37
C TYR P 26 -32.22 -58.44 -5.16
N GLU P 27 -32.09 -59.73 -5.50
CA GLU P 27 -31.08 -60.14 -6.47
C GLU P 27 -31.21 -59.37 -7.77
N ASN P 28 -32.44 -59.05 -8.16
CA ASN P 28 -32.65 -58.37 -9.43
C ASN P 28 -31.95 -57.03 -9.44
N ASN P 29 -32.01 -56.30 -8.32
CA ASN P 29 -31.64 -54.90 -8.34
C ASN P 29 -30.57 -54.51 -7.30
N TYR P 30 -29.85 -55.46 -6.70
CA TYR P 30 -28.81 -55.00 -5.78
C TYR P 30 -27.73 -54.25 -6.53
N SER P 31 -27.57 -54.56 -7.82
CA SER P 31 -26.47 -54.03 -8.60
C SER P 31 -26.51 -52.51 -8.69
N CYS P 32 -27.65 -51.89 -8.38
CA CYS P 32 -27.70 -50.44 -8.29
C CYS P 32 -28.03 -49.96 -6.89
N TYR P 33 -27.73 -50.77 -5.87
CA TYR P 33 -27.49 -50.28 -4.53
C TYR P 33 -26.00 -50.19 -4.24
N TYR P 34 -25.27 -51.24 -4.60
CA TYR P 34 -23.83 -51.37 -4.38
C TYR P 34 -23.19 -51.79 -5.69
N GLY P 35 -22.33 -50.95 -6.23
CA GLY P 35 -21.80 -51.20 -7.55
C GLY P 35 -20.60 -52.12 -7.57
N GLY P 36 -20.57 -53.10 -6.68
CA GLY P 36 -19.47 -54.04 -6.64
C GLY P 36 -19.64 -55.14 -7.66
N SER P 37 -18.74 -56.11 -7.59
CA SER P 37 -18.79 -57.28 -8.45
C SER P 37 -18.76 -58.53 -7.59
N TYR P 38 -19.46 -59.56 -8.05
CA TYR P 38 -19.67 -60.73 -7.21
C TYR P 38 -18.46 -61.66 -7.20
N GLU P 39 -17.47 -61.41 -8.04
CA GLU P 39 -16.14 -61.96 -7.84
C GLU P 39 -15.46 -61.13 -6.75
N ASN P 40 -14.13 -61.24 -6.62
CA ASN P 40 -13.41 -60.50 -5.59
C ASN P 40 -13.96 -60.89 -4.21
N ASP P 41 -13.71 -62.15 -3.88
CA ASP P 41 -14.47 -62.94 -2.92
C ASP P 41 -15.04 -62.16 -1.74
N CYS P 42 -14.28 -61.26 -1.12
CA CYS P 42 -14.88 -60.63 0.05
C CYS P 42 -15.75 -59.45 -0.33
N ASP P 43 -15.71 -59.02 -1.59
CA ASP P 43 -16.78 -58.17 -2.09
C ASP P 43 -18.09 -58.95 -2.15
N LYS P 44 -18.01 -60.24 -2.48
CA LYS P 44 -19.19 -61.10 -2.42
C LYS P 44 -19.82 -61.05 -1.04
N GLU P 45 -19.01 -61.00 0.00
CA GLU P 45 -19.56 -60.85 1.34
C GLU P 45 -20.33 -59.55 1.44
N ALA P 46 -19.83 -58.50 0.80
CA ALA P 46 -20.55 -57.22 0.84
C ALA P 46 -21.93 -57.35 0.21
N ILE P 47 -22.01 -58.01 -0.95
CA ILE P 47 -23.30 -58.16 -1.62
C ILE P 47 -24.26 -58.94 -0.73
N LEU P 48 -23.78 -60.05 -0.17
CA LEU P 48 -24.65 -60.85 0.68
C LEU P 48 -25.15 -60.05 1.86
N LEU P 49 -24.27 -59.28 2.49
CA LEU P 49 -24.68 -58.48 3.64
C LEU P 49 -25.75 -57.47 3.23
N LEU P 50 -25.59 -56.84 2.07
CA LEU P 50 -26.60 -55.89 1.62
C LEU P 50 -27.89 -56.60 1.28
N ILE P 51 -27.80 -57.70 0.52
CA ILE P 51 -29.00 -58.47 0.22
C ILE P 51 -29.67 -58.93 1.50
N ALA P 52 -28.88 -59.36 2.47
CA ALA P 52 -29.44 -59.73 3.76
C ALA P 52 -30.12 -58.54 4.42
N HIS P 53 -29.51 -57.37 4.33
CA HIS P 53 -30.16 -56.19 4.89
C HIS P 53 -31.47 -55.93 4.19
N LEU P 54 -31.47 -55.99 2.86
CA LEU P 54 -32.67 -55.67 2.11
C LEU P 54 -33.78 -56.67 2.35
N VAL P 55 -33.47 -57.84 2.89
CA VAL P 55 -34.52 -58.82 3.13
C VAL P 55 -34.97 -58.82 4.59
N VAL P 56 -34.08 -58.52 5.53
CA VAL P 56 -34.52 -58.50 6.91
C VAL P 56 -35.42 -57.31 7.19
N THR P 57 -35.18 -56.17 6.54
CA THR P 57 -36.00 -54.99 6.76
C THR P 57 -37.04 -54.79 5.67
N ASP P 58 -37.25 -55.77 4.81
CA ASP P 58 -38.34 -55.69 3.85
C ASP P 58 -39.67 -55.97 4.55
N PRO P 59 -40.70 -55.17 4.32
CA PRO P 59 -41.94 -55.32 5.08
C PRO P 59 -42.60 -56.67 4.91
N SER P 60 -42.35 -57.36 3.81
CA SER P 60 -42.92 -58.70 3.65
C SER P 60 -42.30 -59.71 4.57
N TYR P 61 -41.36 -59.30 5.41
CA TYR P 61 -40.58 -60.20 6.25
C TYR P 61 -40.87 -59.97 7.73
N SER P 62 -40.64 -58.76 8.22
CA SER P 62 -40.90 -58.42 9.61
C SER P 62 -42.24 -57.73 9.81
N GLY P 63 -43.02 -57.54 8.75
CA GLY P 63 -44.31 -56.90 8.88
C GLY P 63 -44.23 -55.50 9.45
N ASP P 64 -43.22 -54.75 9.05
CA ASP P 64 -42.92 -53.44 9.61
C ASP P 64 -43.01 -52.41 8.49
N GLU P 65 -44.21 -51.90 8.25
CA GLU P 65 -44.41 -50.94 7.15
C GLU P 65 -43.63 -49.66 7.38
N SER P 66 -43.39 -49.30 8.64
CA SER P 66 -42.65 -48.09 8.93
C SER P 66 -41.22 -48.23 8.45
N SER P 67 -40.48 -47.13 8.50
CA SER P 67 -39.09 -47.14 8.09
C SER P 67 -38.27 -47.94 9.10
N SER P 68 -36.97 -48.00 8.86
CA SER P 68 -36.08 -48.72 9.77
C SER P 68 -34.71 -48.07 9.66
N ARG P 69 -34.38 -47.23 10.64
CA ARG P 69 -33.07 -46.60 10.71
C ARG P 69 -32.54 -46.72 12.12
N ALA P 70 -31.27 -46.39 12.28
CA ALA P 70 -30.55 -46.70 13.52
C ALA P 70 -31.18 -45.98 14.70
N VAL P 71 -31.10 -46.62 15.85
CA VAL P 71 -31.64 -46.09 17.09
C VAL P 71 -30.50 -45.43 17.85
N ALA P 72 -30.72 -44.19 18.29
CA ALA P 72 -29.70 -43.49 19.06
C ALA P 72 -29.89 -43.62 20.55
N SER P 73 -31.12 -43.81 21.01
CA SER P 73 -31.38 -44.02 22.42
C SER P 73 -32.69 -44.76 22.55
N GLN P 74 -32.63 -46.02 22.95
CA GLN P 74 -33.81 -46.84 23.13
C GLN P 74 -34.01 -47.13 24.61
N SER P 75 -35.26 -47.11 25.04
CA SER P 75 -35.60 -47.38 26.43
C SER P 75 -36.78 -48.33 26.45
N VAL P 76 -36.64 -49.45 27.15
CA VAL P 76 -37.68 -50.46 27.26
C VAL P 76 -37.91 -50.75 28.72
N GLY P 77 -39.10 -50.46 29.22
CA GLY P 77 -39.41 -50.75 30.59
C GLY P 77 -38.46 -50.08 31.55
N SER P 78 -37.60 -50.87 32.19
CA SER P 78 -36.65 -50.35 33.17
C SER P 78 -35.21 -50.53 32.72
N VAL P 79 -34.99 -50.79 31.44
CA VAL P 79 -33.65 -50.88 30.88
C VAL P 79 -33.54 -49.86 29.75
N SER P 80 -32.48 -49.07 29.77
CA SER P 80 -32.35 -47.95 28.85
C SER P 80 -30.90 -47.80 28.46
N VAL P 81 -30.65 -47.54 27.18
CA VAL P 81 -29.31 -47.30 26.70
C VAL P 81 -29.32 -46.07 25.80
N SER P 82 -28.17 -45.45 25.66
CA SER P 82 -27.98 -44.33 24.75
C SER P 82 -26.70 -44.58 23.97
N PHE P 83 -26.82 -45.01 22.73
CA PHE P 83 -25.66 -45.35 21.94
C PHE P 83 -24.83 -44.12 21.65
N VAL P 84 -23.52 -44.25 21.81
CA VAL P 84 -22.63 -43.13 21.51
C VAL P 84 -22.76 -42.77 20.03
N ALA P 85 -22.91 -41.48 19.76
CA ALA P 85 -23.24 -41.04 18.42
C ALA P 85 -22.08 -41.31 17.47
N GLY P 86 -22.42 -41.41 16.19
CA GLY P 86 -21.40 -41.58 15.18
C GLY P 86 -21.89 -41.33 13.78
N SER P 87 -21.14 -40.51 13.03
CA SER P 87 -21.44 -40.23 11.63
C SER P 87 -22.90 -39.84 11.45
N THR P 88 -23.33 -38.86 12.22
CA THR P 88 -24.71 -38.41 12.15
C THR P 88 -24.97 -37.67 10.84
N GLY P 89 -26.23 -37.38 10.59
CA GLY P 89 -26.62 -36.64 9.41
C GLY P 89 -26.34 -37.32 8.09
N SER P 90 -26.71 -38.60 7.98
CA SER P 90 -26.60 -39.31 6.71
C SER P 90 -27.56 -40.48 6.73
N ASP P 91 -28.62 -40.41 5.92
CA ASP P 91 -29.62 -41.46 5.92
C ASP P 91 -29.04 -42.80 5.49
N TRP P 92 -28.12 -42.78 4.54
CA TRP P 92 -27.53 -44.04 4.08
C TRP P 92 -26.91 -44.80 5.23
N THR P 93 -26.05 -44.15 6.00
CA THR P 93 -25.45 -44.83 7.14
C THR P 93 -26.49 -45.19 8.19
N ASN P 94 -27.46 -44.31 8.42
CA ASN P 94 -28.50 -44.61 9.39
C ASN P 94 -29.34 -45.80 8.94
N TRP P 95 -29.67 -45.85 7.65
CA TRP P 95 -30.53 -46.94 7.16
C TRP P 95 -29.87 -48.29 7.37
N LEU P 96 -28.60 -48.39 7.07
CA LEU P 96 -27.90 -49.66 7.19
C LEU P 96 -27.48 -49.96 8.62
N ASN P 97 -27.39 -48.94 9.47
CA ASN P 97 -27.14 -49.22 10.87
C ASN P 97 -28.39 -49.71 11.58
N SER P 98 -29.52 -49.80 10.88
CA SER P 98 -30.74 -50.31 11.48
C SER P 98 -30.61 -51.77 11.85
N THR P 99 -29.91 -52.56 11.04
CA THR P 99 -29.74 -53.98 11.31
C THR P 99 -28.26 -54.31 11.36
N ARG P 100 -27.95 -55.43 11.99
CA ARG P 100 -26.55 -55.86 12.06
C ARG P 100 -25.99 -56.07 10.66
N TYR P 101 -26.75 -56.71 9.79
CA TYR P 101 -26.23 -57.05 8.47
C TYR P 101 -25.80 -55.80 7.72
N GLY P 102 -26.59 -54.73 7.81
CA GLY P 102 -26.19 -53.50 7.19
C GLY P 102 -24.95 -52.90 7.83
N GLN P 103 -24.86 -52.96 9.16
CA GLN P 103 -23.68 -52.43 9.84
C GLN P 103 -22.41 -53.02 9.27
N LEU P 104 -22.44 -54.32 8.96
CA LEU P 104 -21.29 -54.91 8.30
C LEU P 104 -21.10 -54.35 6.90
N PHE P 105 -22.18 -53.96 6.25
CA PHE P 105 -22.07 -53.54 4.85
C PHE P 105 -21.32 -52.24 4.72
N LEU P 106 -21.52 -51.32 5.65
CA LEU P 106 -20.76 -50.06 5.63
C LEU P 106 -19.28 -50.36 5.69
N MET P 107 -18.96 -51.51 6.26
CA MET P 107 -17.70 -51.70 6.94
C MET P 107 -16.85 -52.81 6.36
N VAL P 108 -17.44 -53.75 5.62
CA VAL P 108 -16.65 -54.46 4.63
C VAL P 108 -16.19 -53.46 3.57
N THR P 109 -16.99 -52.46 3.33
CA THR P 109 -16.73 -51.48 2.29
C THR P 109 -16.26 -50.14 2.82
N SER P 110 -15.98 -50.04 4.13
CA SER P 110 -15.51 -48.77 4.67
C SER P 110 -14.10 -48.44 4.25
N ASN P 111 -13.39 -49.36 3.63
CA ASN P 111 -12.00 -49.13 3.23
C ASN P 111 -11.87 -48.63 1.81
N ASN P 112 -12.97 -48.47 1.07
CA ASN P 112 -12.89 -48.04 -0.30
C ASN P 112 -12.87 -46.53 -0.42
N MET P 113 -12.94 -45.84 0.71
CA MET P 113 -13.11 -44.39 0.78
C MET P 113 -11.93 -43.64 0.18
N GLY P 114 -12.21 -42.50 -0.44
CA GLY P 114 -11.19 -41.62 -0.92
C GLY P 114 -11.73 -40.59 -1.89
N PRO P 115 -10.94 -39.57 -2.18
CA PRO P 115 -11.31 -38.61 -3.22
C PRO P 115 -10.91 -39.12 -4.59
N SER P 116 -11.43 -38.45 -5.63
CA SER P 116 -11.17 -38.92 -6.98
C SER P 116 -11.37 -37.80 -7.98
N PHE P 117 -10.74 -37.97 -9.15
CA PHE P 117 -10.98 -37.16 -10.34
C PHE P 117 -10.75 -35.67 -10.06
N ALA P 118 -9.50 -35.33 -9.81
CA ALA P 118 -9.14 -33.94 -9.75
C ALA P 118 -8.45 -33.53 -11.04
N MET Q 1 -48.45 -51.83 -20.83
CA MET Q 1 -47.57 -52.20 -19.74
C MET Q 1 -48.40 -52.74 -18.58
N ALA Q 2 -47.73 -53.35 -17.60
CA ALA Q 2 -48.40 -54.06 -16.51
C ALA Q 2 -48.02 -53.49 -15.15
N LEU Q 3 -48.05 -52.16 -15.00
CA LEU Q 3 -47.68 -51.57 -13.72
C LEU Q 3 -48.52 -52.14 -12.58
N ILE Q 4 -49.84 -52.20 -12.76
CA ILE Q 4 -50.69 -52.76 -11.71
C ILE Q 4 -50.30 -54.21 -11.44
N ASP Q 5 -49.87 -54.94 -12.47
CA ASP Q 5 -49.50 -56.33 -12.28
C ASP Q 5 -48.09 -56.47 -11.73
N ASP Q 6 -47.15 -55.68 -12.25
CA ASP Q 6 -45.79 -55.71 -11.72
C ASP Q 6 -45.77 -55.24 -10.28
N PHE Q 7 -46.63 -54.29 -9.94
CA PHE Q 7 -46.72 -53.82 -8.57
C PHE Q 7 -47.21 -54.92 -7.64
N LYS Q 8 -48.21 -55.69 -8.07
CA LYS Q 8 -48.80 -56.68 -7.18
C LYS Q 8 -47.76 -57.72 -6.75
N ALA Q 9 -46.88 -58.11 -7.67
CA ALA Q 9 -45.88 -59.12 -7.32
C ALA Q 9 -44.80 -58.53 -6.41
N ARG Q 10 -44.30 -57.34 -6.74
CA ARG Q 10 -43.19 -56.77 -6.00
C ARG Q 10 -43.54 -56.48 -4.54
N PHE Q 11 -44.81 -56.26 -4.23
CA PHE Q 11 -45.25 -55.94 -2.88
C PHE Q 11 -46.45 -56.81 -2.52
N PRO Q 12 -46.23 -58.12 -2.37
CA PRO Q 12 -47.38 -59.02 -2.19
C PRO Q 12 -48.12 -58.82 -0.89
N ASN Q 13 -47.75 -57.84 -0.06
CA ASN Q 13 -48.28 -57.75 1.27
C ASN Q 13 -49.17 -56.55 1.52
N LEU Q 14 -49.36 -55.67 0.55
CA LEU Q 14 -50.09 -54.45 0.87
C LEU Q 14 -51.53 -54.77 1.23
N ASP Q 15 -52.35 -55.05 0.23
CA ASP Q 15 -53.75 -55.46 0.32
C ASP Q 15 -54.17 -55.95 -1.05
N GLY Q 16 -55.46 -56.23 -1.18
CA GLY Q 16 -56.03 -56.60 -2.46
C GLY Q 16 -56.73 -55.41 -3.09
N SER Q 17 -58.05 -55.34 -2.91
CA SER Q 17 -58.81 -54.27 -3.54
C SER Q 17 -58.26 -52.90 -3.21
N LEU Q 18 -57.76 -52.71 -1.98
CA LEU Q 18 -57.32 -51.38 -1.57
C LEU Q 18 -56.19 -50.88 -2.45
N VAL Q 19 -55.25 -51.75 -2.80
CA VAL Q 19 -54.19 -51.36 -3.72
C VAL Q 19 -54.70 -51.38 -5.14
N ASP Q 20 -55.75 -52.14 -5.40
CA ASP Q 20 -56.31 -52.23 -6.74
C ASP Q 20 -57.09 -50.98 -7.12
N ALA Q 21 -57.60 -50.24 -6.14
CA ALA Q 21 -58.38 -49.04 -6.41
C ALA Q 21 -57.59 -47.76 -6.20
N LEU Q 22 -56.29 -47.85 -5.94
CA LEU Q 22 -55.47 -46.66 -5.75
C LEU Q 22 -54.31 -46.58 -6.73
N VAL Q 23 -53.66 -47.69 -7.04
CA VAL Q 23 -52.58 -47.67 -8.02
C VAL Q 23 -53.05 -47.12 -9.35
N PRO Q 24 -54.21 -47.50 -9.90
CA PRO Q 24 -54.69 -46.83 -11.11
C PRO Q 24 -54.88 -45.33 -10.97
N VAL Q 25 -54.66 -44.79 -9.77
CA VAL Q 25 -54.71 -43.35 -9.58
C VAL Q 25 -53.29 -42.78 -9.61
N TYR Q 26 -52.41 -43.30 -8.76
CA TYR Q 26 -51.05 -42.77 -8.73
C TYR Q 26 -50.24 -43.17 -9.95
N GLU Q 27 -50.63 -44.25 -10.64
CA GLU Q 27 -50.05 -44.53 -11.95
C GLU Q 27 -50.21 -43.35 -12.89
N ASN Q 28 -51.31 -42.62 -12.77
CA ASN Q 28 -51.58 -41.52 -13.68
C ASN Q 28 -50.49 -40.47 -13.55
N ASN Q 29 -50.05 -40.18 -12.32
CA ASN Q 29 -49.24 -38.99 -12.08
C ASN Q 29 -47.92 -39.26 -11.39
N TYR Q 30 -47.43 -40.51 -11.32
CA TYR Q 30 -46.11 -40.67 -10.70
C TYR Q 30 -45.05 -39.98 -11.53
N SER Q 31 -45.30 -39.85 -12.84
CA SER Q 31 -44.29 -39.36 -13.75
C SER Q 31 -43.84 -37.95 -13.41
N CYS Q 32 -44.62 -37.22 -12.61
CA CYS Q 32 -44.16 -35.92 -12.13
C CYS Q 32 -43.98 -35.90 -10.61
N TYR Q 33 -43.75 -37.05 -10.00
CA TYR Q 33 -43.06 -37.15 -8.73
C TYR Q 33 -41.60 -37.51 -8.92
N TYR Q 34 -41.35 -38.52 -9.76
CA TYR Q 34 -40.04 -39.06 -10.05
C TYR Q 34 -39.88 -39.15 -11.57
N GLY Q 35 -38.94 -38.39 -12.11
CA GLY Q 35 -38.83 -38.30 -13.56
C GLY Q 35 -38.05 -39.40 -14.20
N GLY Q 36 -38.14 -40.62 -13.66
CA GLY Q 36 -37.43 -41.74 -14.23
C GLY Q 36 -38.19 -42.35 -15.39
N SER Q 37 -37.67 -43.47 -15.87
CA SER Q 37 -38.29 -44.21 -16.95
C SER Q 37 -38.49 -45.64 -16.50
N TYR Q 38 -39.58 -46.25 -16.96
CA TYR Q 38 -39.96 -47.56 -16.46
C TYR Q 38 -39.16 -48.69 -17.08
N GLU Q 39 -38.36 -48.40 -18.09
CA GLU Q 39 -37.28 -49.30 -18.49
C GLU Q 39 -36.14 -49.10 -17.50
N ASN Q 40 -34.94 -49.55 -17.84
CA ASN Q 40 -33.79 -49.42 -16.92
C ASN Q 40 -34.10 -50.13 -15.60
N ASP Q 41 -34.21 -51.45 -15.72
CA ASP Q 41 -34.96 -52.30 -14.80
C ASP Q 41 -34.95 -51.87 -13.34
N CYS Q 42 -33.82 -51.47 -12.79
CA CYS Q 42 -33.89 -51.16 -11.36
C CYS Q 42 -34.40 -49.74 -11.12
N ASP Q 43 -34.50 -48.92 -12.16
CA ASP Q 43 -35.32 -47.72 -12.05
C ASP Q 43 -36.77 -48.09 -11.88
N LYS Q 44 -37.21 -49.16 -12.56
CA LYS Q 44 -38.56 -49.67 -12.35
C LYS Q 44 -38.82 -49.96 -10.89
N GLU Q 45 -37.81 -50.47 -10.18
CA GLU Q 45 -37.97 -50.67 -8.75
C GLU Q 45 -38.22 -49.34 -8.06
N ALA Q 46 -37.55 -48.28 -8.51
CA ALA Q 46 -37.78 -46.98 -7.92
C ALA Q 46 -39.24 -46.54 -8.09
N ILE Q 47 -39.78 -46.71 -9.28
CA ILE Q 47 -41.17 -46.31 -9.52
C ILE Q 47 -42.10 -47.08 -8.62
N LEU Q 48 -41.91 -48.40 -8.55
CA LEU Q 48 -42.77 -49.22 -7.72
C LEU Q 48 -42.71 -48.78 -6.27
N LEU Q 49 -41.50 -48.52 -5.77
CA LEU Q 49 -41.35 -48.09 -4.39
C LEU Q 49 -42.09 -46.78 -4.14
N LEU Q 50 -41.99 -45.83 -5.08
CA LEU Q 50 -42.71 -44.58 -4.92
C LEU Q 50 -44.21 -44.80 -4.99
N ILE Q 51 -44.66 -45.54 -6.01
CA ILE Q 51 -46.08 -45.85 -6.10
C ILE Q 51 -46.55 -46.54 -4.85
N ALA Q 52 -45.75 -47.47 -4.32
CA ALA Q 52 -46.10 -48.12 -3.07
C ALA Q 52 -46.18 -47.11 -1.94
N HIS Q 53 -45.24 -46.17 -1.90
CA HIS Q 53 -45.33 -45.14 -0.88
C HIS Q 53 -46.60 -44.33 -1.03
N LEU Q 54 -46.93 -43.94 -2.25
CA LEU Q 54 -48.08 -43.09 -2.46
C LEU Q 54 -49.38 -43.82 -2.15
N VAL Q 55 -49.35 -45.14 -2.07
CA VAL Q 55 -50.58 -45.86 -1.78
C VAL Q 55 -50.67 -46.26 -0.31
N VAL Q 56 -49.54 -46.52 0.34
CA VAL Q 56 -49.62 -46.88 1.75
C VAL Q 56 -50.00 -45.68 2.59
N THR Q 57 -49.55 -44.49 2.24
CA THR Q 57 -49.86 -43.30 3.01
C THR Q 57 -50.99 -42.48 2.42
N ASP Q 58 -51.70 -43.02 1.43
CA ASP Q 58 -52.89 -42.35 0.94
C ASP Q 58 -54.04 -42.53 1.92
N PRO Q 59 -54.77 -41.46 2.25
CA PRO Q 59 -55.78 -41.58 3.31
C PRO Q 59 -56.87 -42.58 3.01
N SER Q 60 -57.12 -42.89 1.73
CA SER Q 60 -58.12 -43.90 1.43
C SER Q 60 -57.68 -45.29 1.79
N TYR Q 61 -56.49 -45.44 2.37
CA TYR Q 61 -55.90 -46.73 2.64
C TYR Q 61 -55.74 -46.97 4.14
N SER Q 62 -55.03 -46.10 4.84
CA SER Q 62 -54.83 -46.21 6.26
C SER Q 62 -55.78 -45.33 7.06
N GLY Q 63 -56.67 -44.62 6.39
CA GLY Q 63 -57.62 -43.77 7.11
C GLY Q 63 -56.95 -42.72 7.96
N ASP Q 64 -55.87 -42.13 7.47
CA ASP Q 64 -55.04 -41.21 8.23
C ASP Q 64 -55.03 -39.87 7.52
N GLU Q 65 -56.02 -39.04 7.82
CA GLU Q 65 -56.12 -37.74 7.14
C GLU Q 65 -54.94 -36.85 7.45
N SER Q 66 -54.32 -37.03 8.60
CA SER Q 66 -53.17 -36.21 8.94
C SER Q 66 -52.01 -36.51 8.01
N SER Q 67 -50.96 -35.70 8.12
CA SER Q 67 -49.78 -35.91 7.30
C SER Q 67 -49.06 -37.18 7.74
N SER Q 68 -47.95 -37.47 7.09
CA SER Q 68 -47.17 -38.65 7.44
C SER Q 68 -45.71 -38.36 7.07
N ARG Q 69 -44.92 -38.01 8.07
CA ARG Q 69 -43.50 -37.79 7.88
C ARG Q 69 -42.73 -38.52 8.97
N ALA Q 70 -41.41 -38.58 8.80
CA ALA Q 70 -40.59 -39.46 9.61
C ALA Q 70 -40.66 -39.07 11.07
N VAL Q 71 -40.54 -40.07 11.92
CA VAL Q 71 -40.57 -39.89 13.37
C VAL Q 71 -39.14 -39.84 13.88
N ALA Q 72 -38.82 -38.81 14.67
CA ALA Q 72 -37.49 -38.69 15.23
C ALA Q 72 -37.36 -39.29 16.61
N SER Q 73 -38.45 -39.32 17.36
CA SER Q 73 -38.43 -39.94 18.68
C SER Q 73 -39.86 -40.34 19.02
N GLN Q 74 -40.13 -41.63 19.03
CA GLN Q 74 -41.44 -42.15 19.36
C GLN Q 74 -41.38 -42.88 20.69
N SER Q 75 -42.42 -42.72 21.49
CA SER Q 75 -42.51 -43.37 22.78
C SER Q 75 -43.90 -43.95 22.93
N VAL Q 76 -43.98 -45.24 23.23
CA VAL Q 76 -45.24 -45.94 23.40
C VAL Q 76 -45.21 -46.67 24.72
N GLY Q 77 -46.11 -46.28 25.63
CA GLY Q 77 -46.17 -46.95 26.90
C GLY Q 77 -44.85 -46.91 27.64
N SER Q 78 -44.19 -48.05 27.74
CA SER Q 78 -42.93 -48.15 28.47
C SER Q 78 -41.77 -48.51 27.54
N VAL Q 79 -41.94 -48.35 26.23
CA VAL Q 79 -40.87 -48.56 25.29
C VAL Q 79 -40.69 -47.27 24.49
N SER Q 80 -39.45 -46.81 24.38
CA SER Q 80 -39.17 -45.52 23.79
C SER Q 80 -37.87 -45.59 23.01
N VAL Q 81 -37.86 -44.97 21.84
CA VAL Q 81 -36.66 -44.90 21.03
C VAL Q 81 -36.46 -43.48 20.54
N SER Q 82 -35.23 -43.14 20.21
CA SER Q 82 -34.89 -41.85 19.62
C SER Q 82 -33.98 -42.12 18.44
N PHE Q 83 -34.52 -42.04 17.23
CA PHE Q 83 -33.75 -42.36 16.05
C PHE Q 83 -32.65 -41.34 15.85
N VAL Q 84 -31.45 -41.82 15.54
CA VAL Q 84 -30.34 -40.92 15.27
C VAL Q 84 -30.67 -40.05 14.07
N ALA Q 85 -30.43 -38.75 14.21
CA ALA Q 85 -30.90 -37.81 13.22
C ALA Q 85 -30.15 -37.99 11.91
N GLY Q 86 -30.78 -37.57 10.83
CA GLY Q 86 -30.13 -37.61 9.54
C GLY Q 86 -30.81 -36.78 8.47
N SER Q 87 -30.03 -35.96 7.79
CA SER Q 87 -30.52 -35.13 6.69
C SER Q 87 -31.77 -34.37 7.09
N THR Q 88 -31.67 -33.65 8.19
CA THR Q 88 -32.80 -32.89 8.68
C THR Q 88 -33.08 -31.70 7.77
N GLY Q 89 -34.22 -31.04 8.03
CA GLY Q 89 -34.58 -29.86 7.27
C GLY Q 89 -34.86 -30.10 5.81
N SER Q 90 -35.64 -31.13 5.49
CA SER Q 90 -36.06 -31.34 4.11
C SER Q 90 -37.33 -32.19 4.13
N ASP Q 91 -38.46 -31.57 3.75
CA ASP Q 91 -39.72 -32.30 3.79
C ASP Q 91 -39.73 -33.49 2.86
N TRP Q 92 -39.10 -33.37 1.70
CA TRP Q 92 -39.08 -34.48 0.75
C TRP Q 92 -38.50 -35.72 1.41
N THR Q 93 -37.32 -35.61 2.01
CA THR Q 93 -36.73 -36.78 2.67
C THR Q 93 -37.57 -37.20 3.86
N ASN Q 94 -38.12 -36.26 4.61
CA ASN Q 94 -38.95 -36.63 5.75
C ASN Q 94 -40.22 -37.33 5.30
N TRP Q 95 -40.83 -36.86 4.21
CA TRP Q 95 -42.08 -37.46 3.75
C TRP Q 95 -41.89 -38.92 3.38
N LEU Q 96 -40.82 -39.21 2.66
CA LEU Q 96 -40.58 -40.57 2.22
C LEU Q 96 -39.96 -41.44 3.30
N ASN Q 97 -39.35 -40.84 4.32
CA ASN Q 97 -38.90 -41.64 5.44
C ASN Q 97 -40.04 -42.03 6.36
N SER Q 98 -41.26 -41.59 6.06
CA SER Q 98 -42.41 -41.97 6.85
C SER Q 98 -42.69 -43.46 6.77
N THR Q 99 -42.49 -44.06 5.60
CA THR Q 99 -42.75 -45.47 5.41
C THR Q 99 -41.50 -46.14 4.90
N ARG Q 100 -41.44 -47.46 5.06
CA ARG Q 100 -40.29 -48.21 4.57
C ARG Q 100 -40.15 -48.06 3.07
N TYR Q 101 -41.26 -48.15 2.33
CA TYR Q 101 -41.19 -48.12 0.88
C TYR Q 101 -40.56 -46.83 0.40
N GLY Q 102 -40.92 -45.70 1.02
CA GLY Q 102 -40.27 -44.45 0.65
C GLY Q 102 -38.80 -44.45 0.99
N GLN Q 103 -38.43 -44.98 2.16
CA GLN Q 103 -37.03 -45.02 2.54
C GLN Q 103 -36.19 -45.67 1.45
N LEU Q 104 -36.72 -46.73 0.84
CA LEU Q 104 -36.01 -47.31 -0.28
C LEU Q 104 -35.96 -46.36 -1.47
N PHE Q 105 -36.97 -45.50 -1.62
CA PHE Q 105 -37.04 -44.68 -2.81
C PHE Q 105 -35.96 -43.63 -2.83
N LEU Q 106 -35.63 -43.07 -1.67
CA LEU Q 106 -34.53 -42.11 -1.60
C LEU Q 106 -33.26 -42.76 -2.10
N MET Q 107 -33.20 -44.08 -1.98
CA MET Q 107 -31.97 -44.79 -1.82
C MET Q 107 -31.68 -45.80 -2.92
N VAL Q 108 -32.69 -46.25 -3.65
CA VAL Q 108 -32.43 -46.73 -4.99
C VAL Q 108 -31.93 -45.58 -5.84
N THR Q 109 -32.38 -44.38 -5.53
CA THR Q 109 -32.06 -43.20 -6.31
C THR Q 109 -31.06 -42.28 -5.61
N SER Q 110 -30.47 -42.72 -4.49
CA SER Q 110 -29.50 -41.88 -3.81
C SER Q 110 -28.19 -41.76 -4.56
N ASN Q 111 -27.99 -42.56 -5.60
CA ASN Q 111 -26.74 -42.54 -6.35
C ASN Q 111 -26.77 -41.63 -7.55
N ASN Q 112 -27.89 -40.96 -7.81
CA ASN Q 112 -27.99 -40.10 -8.98
C ASN Q 112 -27.49 -38.70 -8.69
N MET Q 113 -27.08 -38.45 -7.46
CA MET Q 113 -26.74 -37.12 -6.97
C MET Q 113 -25.55 -36.53 -7.69
N GLY Q 114 -25.57 -35.21 -7.85
CA GLY Q 114 -24.44 -34.48 -8.39
C GLY Q 114 -24.81 -33.09 -8.83
N PRO Q 115 -23.82 -32.25 -9.07
CA PRO Q 115 -24.07 -30.93 -9.64
C PRO Q 115 -24.20 -31.00 -11.16
N SER Q 116 -24.68 -29.92 -11.74
CA SER Q 116 -24.91 -29.93 -13.19
C SER Q 116 -24.94 -28.52 -13.74
N PHE Q 117 -24.68 -28.41 -15.04
CA PHE Q 117 -24.91 -27.21 -15.83
C PHE Q 117 -24.15 -26.01 -15.26
N ALA Q 118 -22.84 -26.10 -15.35
CA ALA Q 118 -22.04 -24.94 -15.04
C ALA Q 118 -21.56 -24.28 -16.32
N MET R 1 -66.29 -27.81 -17.36
CA MET R 1 -65.36 -28.74 -16.74
C MET R 1 -66.05 -29.42 -15.56
N ALA R 2 -65.42 -30.48 -15.04
CA ALA R 2 -66.03 -31.34 -14.03
C ALA R 2 -65.19 -31.38 -12.76
N LEU R 3 -64.74 -30.23 -12.26
CA LEU R 3 -63.93 -30.23 -11.05
C LEU R 3 -64.64 -30.93 -9.90
N ILE R 4 -65.91 -30.60 -9.66
CA ILE R 4 -66.64 -31.26 -8.59
C ILE R 4 -66.70 -32.76 -8.83
N ASP R 5 -66.78 -33.17 -10.11
CA ASP R 5 -66.87 -34.59 -10.42
C ASP R 5 -65.49 -35.25 -10.40
N ASP R 6 -64.48 -34.58 -10.97
CA ASP R 6 -63.13 -35.13 -10.92
C ASP R 6 -62.64 -35.20 -9.48
N PHE R 7 -63.04 -34.25 -8.65
CA PHE R 7 -62.66 -34.28 -7.24
C PHE R 7 -63.27 -35.48 -6.54
N LYS R 8 -64.54 -35.78 -6.82
CA LYS R 8 -65.21 -36.84 -6.09
C LYS R 8 -64.52 -38.18 -6.29
N ALA R 9 -64.03 -38.44 -7.50
CA ALA R 9 -63.37 -39.72 -7.76
C ALA R 9 -61.99 -39.76 -7.13
N ARG R 10 -61.21 -38.69 -7.26
CA ARG R 10 -59.84 -38.72 -6.79
C ARG R 10 -59.74 -38.86 -5.27
N PHE R 11 -60.77 -38.46 -4.54
CA PHE R 11 -60.77 -38.53 -3.07
C PHE R 11 -62.08 -39.15 -2.60
N PRO R 12 -62.29 -40.43 -2.87
CA PRO R 12 -63.58 -41.04 -2.59
C PRO R 12 -63.92 -41.13 -1.12
N ASN R 13 -63.06 -40.61 -0.23
CA ASN R 13 -63.23 -40.86 1.19
C ASN R 13 -63.60 -39.64 2.01
N LEU R 14 -63.68 -38.46 1.41
CA LEU R 14 -63.89 -37.29 2.25
C LEU R 14 -65.23 -37.35 2.95
N ASP R 15 -66.30 -37.06 2.21
CA ASP R 15 -67.70 -37.12 2.64
C ASP R 15 -68.56 -37.00 1.39
N GLY R 16 -69.86 -36.87 1.60
CA GLY R 16 -70.78 -36.63 0.52
C GLY R 16 -71.17 -35.16 0.47
N SER R 17 -72.32 -34.84 1.07
CA SER R 17 -72.80 -33.46 1.01
C SER R 17 -71.76 -32.47 1.51
N LEU R 18 -70.98 -32.85 2.52
CA LEU R 18 -70.04 -31.90 3.11
C LEU R 18 -69.03 -31.42 2.08
N VAL R 19 -68.53 -32.32 1.24
CA VAL R 19 -67.63 -31.89 0.17
C VAL R 19 -68.42 -31.29 -0.98
N ASP R 20 -69.70 -31.64 -1.08
CA ASP R 20 -70.53 -31.11 -2.15
C ASP R 20 -70.91 -29.67 -1.92
N ALA R 21 -70.93 -29.21 -0.67
CA ALA R 21 -71.29 -27.85 -0.35
C ALA R 21 -70.10 -26.95 -0.07
N LEU R 22 -68.88 -27.43 -0.27
CA LEU R 22 -67.69 -26.62 -0.04
C LEU R 22 -66.80 -26.50 -1.27
N VAL R 23 -66.66 -27.56 -2.06
CA VAL R 23 -65.87 -27.46 -3.28
C VAL R 23 -66.42 -26.39 -4.21
N PRO R 24 -67.73 -26.26 -4.43
CA PRO R 24 -68.22 -25.12 -5.23
C PRO R 24 -67.86 -23.77 -4.64
N VAL R 25 -67.22 -23.74 -3.47
CA VAL R 25 -66.74 -22.48 -2.90
C VAL R 25 -65.26 -22.32 -3.23
N TYR R 26 -64.43 -23.30 -2.87
CA TYR R 26 -63.01 -23.17 -3.12
C TYR R 26 -62.66 -23.30 -4.59
N GLU R 27 -63.52 -23.94 -5.38
CA GLU R 27 -63.38 -23.88 -6.84
C GLU R 27 -63.34 -22.45 -7.34
N ASN R 28 -64.08 -21.55 -6.69
CA ASN R 28 -64.16 -20.18 -7.14
C ASN R 28 -62.79 -19.53 -7.08
N ASN R 29 -62.02 -19.81 -6.03
CA ASN R 29 -60.84 -19.02 -5.76
C ASN R 29 -59.54 -19.83 -5.61
N TYR R 30 -59.49 -21.09 -6.03
CA TYR R 30 -58.21 -21.78 -5.91
C TYR R 30 -57.19 -21.13 -6.82
N SER R 31 -57.66 -20.49 -7.90
CA SER R 31 -56.77 -19.98 -8.94
C SER R 31 -55.82 -18.93 -8.39
N CYS R 32 -56.11 -18.37 -7.22
CA CYS R 32 -55.15 -17.47 -6.58
C CYS R 32 -54.66 -18.01 -5.25
N TYR R 33 -54.69 -19.32 -5.08
CA TYR R 33 -53.80 -20.02 -4.14
C TYR R 33 -52.63 -20.64 -4.89
N TYR R 34 -52.92 -21.32 -5.99
CA TYR R 34 -51.96 -22.03 -6.81
C TYR R 34 -52.18 -21.62 -8.26
N GLY R 35 -51.18 -20.98 -8.86
CA GLY R 35 -51.37 -20.42 -10.17
C GLY R 35 -51.16 -21.39 -11.31
N GLY R 36 -51.53 -22.66 -11.11
CA GLY R 36 -51.38 -23.66 -12.14
C GLY R 36 -52.53 -23.62 -13.12
N SER R 37 -52.53 -24.59 -14.03
CA SER R 37 -53.59 -24.74 -15.01
C SER R 37 -54.14 -26.14 -14.91
N TYR R 38 -55.45 -26.27 -15.15
CA TYR R 38 -56.12 -27.53 -14.91
C TYR R 38 -55.90 -28.53 -16.03
N GLU R 39 -55.29 -28.12 -17.13
CA GLU R 39 -54.69 -29.06 -18.07
C GLU R 39 -53.35 -29.50 -17.47
N ASN R 40 -52.47 -30.09 -18.28
CA ASN R 40 -51.18 -30.56 -17.77
C ASN R 40 -51.41 -31.58 -16.64
N ASP R 41 -51.97 -32.72 -17.07
CA ASP R 41 -52.75 -33.63 -16.23
C ASP R 41 -52.27 -33.74 -14.78
N CYS R 42 -50.97 -33.85 -14.53
CA CYS R 42 -50.62 -34.03 -13.12
C CYS R 42 -50.56 -32.72 -12.37
N ASP R 43 -50.61 -31.58 -13.07
CA ASP R 43 -50.94 -30.35 -12.39
C ASP R 43 -52.37 -30.38 -11.88
N LYS R 44 -53.27 -31.01 -12.64
CA LYS R 44 -54.63 -31.20 -12.17
C LYS R 44 -54.64 -31.92 -10.82
N GLU R 45 -53.74 -32.87 -10.63
CA GLU R 45 -53.63 -33.51 -9.34
C GLU R 45 -53.27 -32.48 -8.28
N ALA R 46 -52.41 -31.52 -8.62
CA ALA R 46 -52.05 -30.49 -7.65
C ALA R 46 -53.27 -29.69 -7.24
N ILE R 47 -54.09 -29.28 -8.21
CA ILE R 47 -55.28 -28.50 -7.88
C ILE R 47 -56.20 -29.30 -6.97
N LEU R 48 -56.44 -30.55 -7.31
CA LEU R 48 -57.33 -31.38 -6.49
C LEU R 48 -56.80 -31.50 -5.08
N LEU R 49 -55.50 -31.72 -4.93
CA LEU R 49 -54.91 -31.85 -3.61
C LEU R 49 -55.10 -30.57 -2.81
N LEU R 50 -54.90 -29.42 -3.44
CA LEU R 50 -55.11 -28.15 -2.74
C LEU R 50 -56.58 -27.96 -2.40
N ILE R 51 -57.46 -28.17 -3.37
CA ILE R 51 -58.89 -28.08 -3.10
C ILE R 51 -59.28 -29.03 -1.99
N ALA R 52 -58.74 -30.24 -2.01
CA ALA R 52 -58.99 -31.17 -0.92
C ALA R 52 -58.48 -30.63 0.39
N HIS R 53 -57.30 -30.01 0.38
CA HIS R 53 -56.81 -29.42 1.62
C HIS R 53 -57.75 -28.33 2.08
N LEU R 54 -58.19 -27.47 1.18
CA LEU R 54 -59.01 -26.34 1.58
C LEU R 54 -60.38 -26.78 2.08
N VAL R 55 -60.76 -28.02 1.79
CA VAL R 55 -62.06 -28.47 2.26
C VAL R 55 -61.95 -29.32 3.52
N VAL R 56 -60.87 -30.06 3.69
CA VAL R 56 -60.75 -30.86 4.90
C VAL R 56 -60.51 -29.97 6.11
N THR R 57 -59.78 -28.88 5.95
CA THR R 57 -59.49 -27.99 7.08
C THR R 57 -60.40 -26.77 7.10
N ASP R 58 -61.44 -26.74 6.28
CA ASP R 58 -62.43 -25.67 6.38
C ASP R 58 -63.33 -25.88 7.60
N PRO R 59 -63.57 -24.87 8.41
CA PRO R 59 -64.30 -25.09 9.66
C PRO R 59 -65.69 -25.61 9.46
N SER R 60 -66.31 -25.39 8.30
CA SER R 60 -67.63 -25.95 8.07
C SER R 60 -67.60 -27.46 7.89
N TYR R 61 -66.44 -28.08 8.01
CA TYR R 61 -66.26 -29.49 7.73
C TYR R 61 -65.87 -30.27 8.98
N SER R 62 -64.77 -29.89 9.62
CA SER R 62 -64.31 -30.54 10.84
C SER R 62 -64.72 -29.79 12.09
N GLY R 63 -65.45 -28.69 11.95
CA GLY R 63 -65.88 -27.93 13.12
C GLY R 63 -64.73 -27.44 13.97
N ASP R 64 -63.64 -27.01 13.33
CA ASP R 64 -62.41 -26.64 14.02
C ASP R 64 -62.11 -25.18 13.71
N GLU R 65 -62.68 -24.28 14.51
CA GLU R 65 -62.51 -22.86 14.27
C GLU R 65 -61.05 -22.44 14.42
N SER R 66 -60.27 -23.15 15.23
CA SER R 66 -58.88 -22.81 15.40
C SER R 66 -58.12 -23.05 14.10
N SER R 67 -56.87 -22.60 14.08
CA SER R 67 -56.04 -22.80 12.91
C SER R 67 -55.70 -24.28 12.75
N SER R 68 -54.92 -24.58 11.72
CA SER R 68 -54.51 -25.97 11.49
C SER R 68 -53.17 -25.93 10.78
N ARG R 69 -52.10 -26.16 11.54
CA ARG R 69 -50.76 -26.24 10.98
C ARG R 69 -50.06 -27.46 11.53
N ALA R 70 -48.92 -27.78 10.94
CA ALA R 70 -48.27 -29.06 11.19
C ALA R 70 -47.89 -29.21 12.65
N VAL R 71 -47.92 -30.44 13.13
CA VAL R 71 -47.57 -30.77 14.50
C VAL R 71 -46.13 -31.24 14.53
N ALA R 72 -45.32 -30.67 15.42
CA ALA R 72 -43.93 -31.07 15.55
C ALA R 72 -43.72 -32.11 16.61
N SER R 73 -44.56 -32.15 17.62
CA SER R 73 -44.47 -33.16 18.66
C SER R 73 -45.82 -33.30 19.31
N GLN R 74 -46.50 -34.41 19.07
CA GLN R 74 -47.80 -34.67 19.63
C GLN R 74 -47.70 -35.81 20.64
N SER R 75 -48.43 -35.69 21.74
CA SER R 75 -48.44 -36.69 22.78
C SER R 75 -49.87 -36.94 23.20
N VAL R 76 -50.30 -38.19 23.15
CA VAL R 76 -51.67 -38.56 23.52
C VAL R 76 -51.59 -39.69 24.52
N GLY R 77 -52.07 -39.44 25.73
CA GLY R 77 -52.08 -40.47 26.75
C GLY R 77 -50.69 -41.00 27.01
N SER R 78 -50.44 -42.25 26.60
CA SER R 78 -49.16 -42.88 26.83
C SER R 78 -48.42 -43.18 25.54
N VAL R 79 -48.81 -42.54 24.44
CA VAL R 79 -48.10 -42.66 23.17
C VAL R 79 -47.68 -41.27 22.74
N SER R 80 -46.42 -41.11 22.37
CA SER R 80 -45.86 -39.81 22.08
C SER R 80 -44.87 -39.91 20.94
N VAL R 81 -44.91 -38.95 20.04
CA VAL R 81 -43.96 -38.91 18.94
C VAL R 81 -43.43 -37.49 18.81
N SER R 82 -42.25 -37.38 18.21
CA SER R 82 -41.65 -36.10 17.90
C SER R 82 -41.15 -36.14 16.47
N PHE R 83 -41.89 -35.53 15.56
CA PHE R 83 -41.54 -35.60 14.16
C PHE R 83 -40.24 -34.86 13.89
N VAL R 84 -39.36 -35.49 13.11
CA VAL R 84 -38.10 -34.86 12.75
C VAL R 84 -38.40 -33.58 11.99
N ALA R 85 -37.72 -32.51 12.39
CA ALA R 85 -38.04 -31.19 11.87
C ALA R 85 -37.70 -31.10 10.40
N GLY R 86 -38.38 -30.18 9.72
CA GLY R 86 -38.08 -29.93 8.33
C GLY R 86 -38.66 -28.63 7.80
N SER R 87 -37.83 -27.84 7.14
CA SER R 87 -38.25 -26.60 6.51
C SER R 87 -39.05 -25.74 7.48
N THR R 88 -38.48 -25.50 8.64
CA THR R 88 -39.15 -24.69 9.64
C THR R 88 -39.21 -23.24 9.20
N GLY R 89 -39.98 -22.46 9.97
CA GLY R 89 -40.09 -21.03 9.71
C GLY R 89 -40.74 -20.67 8.39
N SER R 90 -41.87 -21.30 8.08
CA SER R 90 -42.64 -20.92 6.90
C SER R 90 -44.08 -21.37 7.08
N ASP R 91 -44.98 -20.42 7.25
CA ASP R 91 -46.38 -20.77 7.50
C ASP R 91 -46.99 -21.53 6.34
N TRP R 92 -46.62 -21.17 5.12
CA TRP R 92 -47.18 -21.86 3.95
C TRP R 92 -46.93 -23.35 4.04
N THR R 93 -45.67 -23.75 4.24
CA THR R 93 -45.37 -25.17 4.37
C THR R 93 -46.02 -25.77 5.60
N ASN R 94 -46.05 -25.04 6.70
CA ASN R 94 -46.69 -25.56 7.90
C ASN R 94 -48.18 -25.73 7.70
N TRP R 95 -48.82 -24.77 7.03
CA TRP R 95 -50.27 -24.86 6.85
C TRP R 95 -50.66 -26.10 6.06
N LEU R 96 -49.92 -26.38 4.98
CA LEU R 96 -50.26 -27.52 4.16
C LEU R 96 -49.74 -28.82 4.72
N ASN R 97 -48.76 -28.78 5.61
CA ASN R 97 -48.36 -30.01 6.28
C ASN R 97 -49.35 -30.40 7.38
N SER R 98 -50.38 -29.60 7.60
CA SER R 98 -51.39 -29.94 8.59
C SER R 98 -52.16 -31.19 8.20
N THR R 99 -52.43 -31.38 6.93
CA THR R 99 -53.18 -32.53 6.46
C THR R 99 -52.36 -33.26 5.41
N ARG R 100 -52.71 -34.53 5.21
CA ARG R 100 -52.02 -35.32 4.20
C ARG R 100 -52.17 -34.70 2.82
N TYR R 101 -53.37 -34.25 2.49
CA TYR R 101 -53.61 -33.73 1.14
C TYR R 101 -52.72 -32.56 0.84
N GLY R 102 -52.53 -31.66 1.81
CA GLY R 102 -51.61 -30.56 1.61
C GLY R 102 -50.18 -31.04 1.45
N GLN R 103 -49.77 -32.01 2.26
CA GLN R 103 -48.41 -32.53 2.16
C GLN R 103 -48.10 -32.95 0.74
N LEU R 104 -49.06 -33.57 0.06
CA LEU R 104 -48.85 -33.88 -1.34
C LEU R 104 -48.75 -32.62 -2.18
N PHE R 105 -49.43 -31.54 -1.78
CA PHE R 105 -49.49 -30.36 -2.63
C PHE R 105 -48.14 -29.67 -2.71
N LEU R 106 -47.40 -29.64 -1.60
CA LEU R 106 -46.05 -29.07 -1.63
C LEU R 106 -45.21 -29.79 -2.66
N MET R 107 -45.58 -31.05 -2.92
CA MET R 107 -44.65 -32.05 -3.35
C MET R 107 -44.96 -32.65 -4.71
N VAL R 108 -46.20 -32.56 -5.16
CA VAL R 108 -46.42 -32.60 -6.61
C VAL R 108 -45.76 -31.38 -7.23
N THR R 109 -45.71 -30.29 -6.49
CA THR R 109 -45.18 -29.03 -6.99
C THR R 109 -43.82 -28.69 -6.43
N SER R 110 -43.18 -29.61 -5.71
CA SER R 110 -41.86 -29.32 -5.17
C SER R 110 -40.78 -29.28 -6.24
N ASN R 111 -41.08 -29.69 -7.45
CA ASN R 111 -40.10 -29.72 -8.52
C ASN R 111 -40.09 -28.47 -9.36
N ASN R 112 -40.96 -27.50 -9.08
CA ASN R 112 -41.02 -26.30 -9.89
C ASN R 112 -40.03 -25.25 -9.41
N MET R 113 -39.30 -25.55 -8.35
CA MET R 113 -38.44 -24.61 -7.65
C MET R 113 -37.31 -24.10 -8.54
N GLY R 114 -36.92 -22.85 -8.33
CA GLY R 114 -35.77 -22.28 -8.98
C GLY R 114 -35.74 -20.78 -8.89
N PRO R 115 -34.61 -20.18 -9.21
CA PRO R 115 -34.53 -18.72 -9.30
C PRO R 115 -35.00 -18.23 -10.66
N SER R 116 -35.21 -16.92 -10.77
CA SER R 116 -35.74 -16.38 -12.01
C SER R 116 -35.42 -14.90 -12.13
N PHE R 117 -35.44 -14.42 -13.37
CA PHE R 117 -35.42 -13.00 -13.71
C PHE R 117 -34.20 -12.30 -13.11
N ALA R 118 -33.05 -12.67 -13.63
CA ALA R 118 -31.85 -11.92 -13.29
C ALA R 118 -31.48 -11.00 -14.44
N MET S 1 -73.73 -2.77 -2.20
CA MET S 1 -73.05 -4.06 -2.18
C MET S 1 -73.65 -4.93 -1.07
N ALA S 2 -73.32 -6.22 -1.08
CA ALA S 2 -73.93 -7.19 -0.20
C ALA S 2 -72.91 -7.90 0.69
N LEU S 3 -72.00 -7.13 1.31
CA LEU S 3 -70.99 -7.74 2.17
C LEU S 3 -71.62 -8.61 3.23
N ILE S 4 -72.62 -8.09 3.93
CA ILE S 4 -73.28 -8.89 4.96
C ILE S 4 -73.89 -10.15 4.36
N ASP S 5 -74.36 -10.05 3.12
CA ASP S 5 -74.99 -11.21 2.47
C ASP S 5 -73.94 -12.14 1.89
N ASP S 6 -72.92 -11.59 1.23
CA ASP S 6 -71.84 -12.42 0.71
C ASP S 6 -71.10 -13.12 1.85
N PHE S 7 -70.98 -12.44 2.98
CA PHE S 7 -70.34 -13.05 4.13
C PHE S 7 -71.13 -14.24 4.64
N LYS S 8 -72.45 -14.10 4.70
CA LYS S 8 -73.26 -15.16 5.30
C LYS S 8 -73.10 -16.47 4.54
N ALA S 9 -73.02 -16.41 3.21
CA ALA S 9 -72.88 -17.62 2.42
C ALA S 9 -71.50 -18.22 2.56
N ARG S 10 -70.46 -17.40 2.48
CA ARG S 10 -69.10 -17.91 2.48
C ARG S 10 -68.73 -18.60 3.78
N PHE S 11 -69.38 -18.24 4.89
CA PHE S 11 -69.09 -18.81 6.20
C PHE S 11 -70.39 -19.23 6.87
N PRO S 12 -71.06 -20.25 6.34
CA PRO S 12 -72.39 -20.58 6.85
C PRO S 12 -72.40 -21.10 8.27
N ASN S 13 -71.26 -21.14 8.96
CA ASN S 13 -71.18 -21.82 10.23
C ASN S 13 -70.94 -20.92 11.41
N LEU S 14 -70.76 -19.61 11.21
CA LEU S 14 -70.37 -18.80 12.36
C LEU S 14 -71.48 -18.78 13.41
N ASP S 15 -72.52 -18.00 13.14
CA ASP S 15 -73.73 -17.86 13.96
C ASP S 15 -74.74 -17.10 13.13
N GLY S 16 -75.86 -16.76 13.75
CA GLY S 16 -76.87 -15.93 13.13
C GLY S 16 -76.74 -14.50 13.59
N SER S 17 -77.55 -14.13 14.59
CA SER S 17 -77.56 -12.75 15.05
C SER S 17 -76.17 -12.28 15.45
N LEU S 18 -75.36 -13.17 16.02
CA LEU S 18 -74.05 -12.74 16.52
C LEU S 18 -73.19 -12.19 15.39
N VAL S 19 -73.22 -12.83 14.22
CA VAL S 19 -72.48 -12.29 13.09
C VAL S 19 -73.26 -11.15 12.45
N ASP S 20 -74.57 -11.12 12.66
CA ASP S 20 -75.39 -10.07 12.09
C ASP S 20 -75.21 -8.75 12.81
N ALA S 21 -74.81 -8.77 14.08
CA ALA S 21 -74.62 -7.55 14.84
C ALA S 21 -73.17 -7.13 14.97
N LEU S 22 -72.25 -7.79 14.27
CA LEU S 22 -70.84 -7.43 14.33
C LEU S 22 -70.26 -7.10 12.96
N VAL S 23 -70.65 -7.82 11.91
CA VAL S 23 -70.15 -7.50 10.57
C VAL S 23 -70.50 -6.07 10.19
N PRO S 24 -71.72 -5.56 10.44
CA PRO S 24 -71.96 -4.12 10.18
C PRO S 24 -71.06 -3.20 10.97
N VAL S 25 -70.20 -3.74 11.83
CA VAL S 25 -69.22 -2.92 12.54
C VAL S 25 -67.88 -3.01 11.82
N TYR S 26 -67.37 -4.22 11.63
CA TYR S 26 -66.07 -4.36 10.99
C TYR S 26 -66.12 -4.05 9.50
N GLU S 27 -67.29 -4.13 8.88
CA GLU S 27 -67.47 -3.61 7.52
C GLU S 27 -67.06 -2.15 7.44
N ASN S 28 -67.30 -1.40 8.50
CA ASN S 28 -67.02 0.03 8.48
C ASN S 28 -65.54 0.26 8.28
N ASN S 29 -64.69 -0.54 8.92
CA ASN S 29 -63.28 -0.21 9.01
C ASN S 29 -62.33 -1.30 8.53
N TYR S 30 -62.80 -2.32 7.79
CA TYR S 30 -61.82 -3.29 7.31
C TYR S 30 -60.87 -2.63 6.33
N SER S 31 -61.33 -1.57 5.67
CA SER S 31 -60.56 -0.95 4.59
C SER S 31 -59.23 -0.42 5.06
N CYS S 32 -59.04 -0.25 6.37
CA CYS S 32 -57.73 0.11 6.89
C CYS S 32 -57.16 -0.97 7.81
N TYR S 33 -57.59 -2.22 7.62
CA TYR S 33 -56.80 -3.38 8.01
C TYR S 33 -56.09 -3.98 6.80
N TYR S 34 -56.84 -4.13 5.70
CA TYR S 34 -56.36 -4.72 4.46
C TYR S 34 -56.74 -3.79 3.32
N GLY S 35 -55.75 -3.24 2.64
CA GLY S 35 -56.02 -2.23 1.64
C GLY S 35 -56.40 -2.76 0.27
N GLY S 36 -57.11 -3.88 0.25
CA GLY S 36 -57.53 -4.46 -1.02
C GLY S 36 -58.79 -3.80 -1.53
N SER S 37 -59.30 -4.37 -2.62
CA SER S 37 -60.54 -3.90 -3.22
C SER S 37 -61.50 -5.07 -3.34
N TYR S 38 -62.78 -4.78 -3.18
CA TYR S 38 -63.77 -5.85 -3.09
C TYR S 38 -64.15 -6.42 -4.45
N GLU S 39 -63.69 -5.81 -5.52
CA GLU S 39 -63.65 -6.47 -6.82
C GLU S 39 -62.44 -7.41 -6.81
N ASN S 40 -62.01 -7.87 -7.98
CA ASN S 40 -60.86 -8.79 -8.06
C ASN S 40 -61.16 -10.05 -7.23
N ASP S 41 -62.15 -10.79 -7.74
CA ASP S 41 -62.97 -11.73 -6.99
C ASP S 41 -62.26 -12.45 -5.85
N CYS S 42 -61.05 -12.95 -6.05
CA CYS S 42 -60.48 -13.69 -4.93
C CYS S 42 -59.83 -12.78 -3.91
N ASP S 43 -59.65 -11.51 -4.23
CA ASP S 43 -59.39 -10.53 -3.17
C ASP S 43 -60.60 -10.39 -2.27
N LYS S 44 -61.80 -10.49 -2.85
CA LYS S 44 -63.02 -10.50 -2.05
C LYS S 44 -62.97 -11.61 -1.00
N GLU S 45 -62.41 -12.76 -1.37
CA GLU S 45 -62.24 -13.81 -0.40
C GLU S 45 -61.34 -13.34 0.74
N ALA S 46 -60.31 -12.57 0.41
CA ALA S 46 -59.43 -12.06 1.45
C ALA S 46 -60.19 -11.18 2.43
N ILE S 47 -61.03 -10.28 1.91
CA ILE S 47 -61.79 -9.39 2.79
C ILE S 47 -62.69 -10.20 3.70
N LEU S 48 -63.40 -11.16 3.12
CA LEU S 48 -64.31 -11.98 3.93
C LEU S 48 -63.55 -12.71 5.01
N LEU S 49 -62.40 -13.29 4.67
CA LEU S 49 -61.61 -14.01 5.66
C LEU S 49 -61.19 -13.08 6.80
N LEU S 50 -60.77 -11.86 6.47
CA LEU S 50 -60.39 -10.92 7.51
C LEU S 50 -61.59 -10.50 8.33
N ILE S 51 -62.69 -10.15 7.67
CA ILE S 51 -63.90 -9.80 8.39
C ILE S 51 -64.33 -10.96 9.27
N ALA S 52 -64.24 -12.18 8.75
CA ALA S 52 -64.55 -13.34 9.57
C ALA S 52 -63.61 -13.44 10.76
N HIS S 53 -62.32 -13.17 10.55
CA HIS S 53 -61.41 -13.19 11.68
C HIS S 53 -61.81 -12.13 12.69
N LEU S 54 -62.12 -10.92 12.23
CA LEU S 54 -62.42 -9.84 13.16
C LEU S 54 -63.71 -10.09 13.92
N VAL S 55 -64.54 -11.01 13.45
CA VAL S 55 -65.78 -11.27 14.16
C VAL S 55 -65.69 -12.50 15.05
N VAL S 56 -64.90 -13.50 14.67
CA VAL S 56 -64.79 -14.68 15.52
C VAL S 56 -64.01 -14.35 16.78
N THR S 57 -63.01 -13.49 16.71
CA THR S 57 -62.21 -13.14 17.87
C THR S 57 -62.63 -11.83 18.51
N ASP S 58 -63.76 -11.27 18.10
CA ASP S 58 -64.28 -10.10 18.79
C ASP S 58 -64.92 -10.50 20.11
N PRO S 59 -64.62 -9.80 21.20
CA PRO S 59 -65.09 -10.26 22.51
C PRO S 59 -66.60 -10.32 22.63
N SER S 60 -67.33 -9.57 21.82
CA SER S 60 -68.78 -9.68 21.87
C SER S 60 -69.30 -10.98 21.30
N TYR S 61 -68.41 -11.86 20.87
CA TYR S 61 -68.76 -13.10 20.19
C TYR S 61 -68.39 -14.33 21.00
N SER S 62 -67.12 -14.47 21.34
CA SER S 62 -66.65 -15.60 22.13
C SER S 62 -66.51 -15.26 23.60
N GLY S 63 -66.83 -14.04 24.00
CA GLY S 63 -66.73 -13.66 25.40
C GLY S 63 -65.32 -13.79 25.95
N ASP S 64 -64.33 -13.45 25.14
CA ASP S 64 -62.92 -13.65 25.47
C ASP S 64 -62.23 -12.29 25.50
N GLU S 65 -62.28 -11.62 26.64
CA GLU S 65 -61.70 -10.28 26.75
C GLU S 65 -60.19 -10.31 26.53
N SER S 66 -59.54 -11.43 26.85
CA SER S 66 -58.11 -11.51 26.65
C SER S 66 -57.78 -11.46 25.16
N SER S 67 -56.49 -11.36 24.87
CA SER S 67 -56.04 -11.33 23.49
C SER S 67 -56.26 -12.70 22.85
N SER S 68 -55.86 -12.80 21.59
CA SER S 68 -56.01 -14.07 20.88
C SER S 68 -54.91 -14.11 19.82
N ARG S 69 -53.84 -14.84 20.11
CA ARG S 69 -52.76 -15.04 19.15
C ARG S 69 -52.40 -16.52 19.12
N ALA S 70 -51.59 -16.88 18.13
CA ALA S 70 -51.36 -18.27 17.82
C ALA S 70 -50.73 -19.01 18.98
N VAL S 71 -51.07 -20.28 19.10
CA VAL S 71 -50.55 -21.15 20.15
C VAL S 71 -49.38 -21.93 19.59
N ALA S 72 -48.26 -21.92 20.31
CA ALA S 72 -47.09 -22.66 19.88
C ALA S 72 -47.00 -24.04 20.50
N SER S 73 -47.56 -24.22 21.69
CA SER S 73 -47.58 -25.52 22.32
C SER S 73 -48.74 -25.54 23.31
N GLN S 74 -49.78 -26.30 22.99
CA GLN S 74 -50.93 -26.42 23.85
C GLN S 74 -50.99 -27.82 24.42
N SER S 75 -51.38 -27.93 25.69
CA SER S 75 -51.49 -29.20 26.37
C SER S 75 -52.80 -29.21 27.14
N VAL S 76 -53.63 -30.22 26.89
CA VAL S 76 -54.92 -30.37 27.55
C VAL S 76 -55.00 -31.76 28.15
N GLY S 77 -55.10 -31.83 29.46
CA GLY S 77 -55.21 -33.11 30.11
C GLY S 77 -54.07 -34.03 29.77
N SER S 78 -54.34 -35.07 28.99
CA SER S 78 -53.32 -36.04 28.62
C SER S 78 -53.03 -36.04 27.13
N VAL S 79 -53.41 -34.98 26.43
CA VAL S 79 -53.08 -34.82 25.02
C VAL S 79 -52.33 -33.51 24.87
N SER S 80 -51.20 -33.54 24.18
CA SER S 80 -50.31 -32.39 24.09
C SER S 80 -49.69 -32.34 22.72
N VAL S 81 -49.60 -31.14 22.16
CA VAL S 81 -48.96 -30.94 20.87
C VAL S 81 -48.03 -29.75 20.97
N SER S 82 -47.05 -29.72 20.08
CA SER S 82 -46.13 -28.59 19.96
C SER S 82 -46.01 -28.26 18.49
N PHE S 83 -46.68 -27.20 18.06
CA PHE S 83 -46.69 -26.86 16.65
C PHE S 83 -45.32 -26.42 16.20
N VAL S 84 -44.89 -26.93 15.04
CA VAL S 84 -43.61 -26.53 14.48
C VAL S 84 -43.60 -25.03 14.23
N ALA S 85 -42.54 -24.37 14.67
CA ALA S 85 -42.52 -22.92 14.66
C ALA S 85 -42.50 -22.39 13.23
N GLY S 86 -42.97 -21.16 13.07
CA GLY S 86 -42.92 -20.53 11.78
C GLY S 86 -43.14 -19.03 11.82
N SER S 87 -42.26 -18.28 11.17
CA SER S 87 -42.36 -16.84 11.06
C SER S 87 -42.61 -16.20 12.42
N THR S 88 -41.74 -16.52 13.37
CA THR S 88 -41.89 -15.99 14.71
C THR S 88 -41.56 -14.50 14.72
N GLY S 89 -41.82 -13.87 15.87
CA GLY S 89 -41.52 -12.47 16.04
C GLY S 89 -42.28 -11.53 15.15
N SER S 90 -43.60 -11.72 15.05
CA SER S 90 -44.43 -10.77 14.31
C SER S 90 -45.86 -10.90 14.82
N ASP S 91 -46.35 -9.87 15.51
CA ASP S 91 -47.68 -9.94 16.08
C ASP S 91 -48.75 -10.08 15.01
N TRP S 92 -48.56 -9.41 13.88
CA TRP S 92 -49.56 -9.49 12.81
C TRP S 92 -49.80 -10.94 12.41
N THR S 93 -48.73 -11.66 12.10
CA THR S 93 -48.91 -13.07 11.73
C THR S 93 -49.43 -13.89 12.89
N ASN S 94 -48.97 -13.60 14.11
CA ASN S 94 -49.46 -14.34 15.26
C ASN S 94 -50.93 -14.07 15.49
N TRP S 95 -51.36 -12.81 15.34
CA TRP S 95 -52.75 -12.47 15.61
C TRP S 95 -53.68 -13.22 14.68
N LEU S 96 -53.35 -13.28 13.41
CA LEU S 96 -54.21 -13.93 12.44
C LEU S 96 -54.04 -15.44 12.44
N ASN S 97 -52.94 -15.95 12.95
CA ASN S 97 -52.83 -17.39 13.12
C ASN S 97 -53.62 -17.89 14.32
N SER S 98 -54.26 -16.99 15.06
CA SER S 98 -55.07 -17.40 16.19
C SER S 98 -56.28 -18.22 15.75
N THR S 99 -56.88 -17.87 14.61
CA THR S 99 -58.04 -18.57 14.12
C THR S 99 -57.77 -19.07 12.71
N ARG S 100 -58.55 -20.06 12.29
CA ARG S 100 -58.39 -20.58 10.94
C ARG S 100 -58.63 -19.50 9.90
N TYR S 101 -59.66 -18.68 10.09
CA TYR S 101 -60.01 -17.70 9.08
C TYR S 101 -58.87 -16.73 8.84
N GLY S 102 -58.19 -16.32 9.91
CA GLY S 102 -57.02 -15.48 9.73
C GLY S 102 -55.90 -16.19 9.01
N GLN S 103 -55.66 -17.46 9.36
CA GLN S 103 -54.61 -18.22 8.70
C GLN S 103 -54.77 -18.17 7.19
N LEU S 104 -56.01 -18.26 6.71
CA LEU S 104 -56.22 -18.10 5.28
C LEU S 104 -55.90 -16.69 4.83
N PHE S 105 -56.08 -15.70 5.70
CA PHE S 105 -55.93 -14.31 5.26
C PHE S 105 -54.48 -13.99 4.95
N LEU S 106 -53.55 -14.53 5.73
CA LEU S 106 -52.14 -14.33 5.43
C LEU S 106 -51.82 -14.83 4.04
N MET S 107 -52.63 -15.78 3.58
CA MET S 107 -52.19 -16.77 2.63
C MET S 107 -52.98 -16.76 1.34
N VAL S 108 -54.20 -16.21 1.33
CA VAL S 108 -54.71 -15.69 0.07
C VAL S 108 -53.85 -14.53 -0.39
N THR S 109 -53.28 -13.81 0.57
CA THR S 109 -52.49 -12.63 0.29
C THR S 109 -51.00 -12.85 0.47
N SER S 110 -50.57 -14.09 0.68
CA SER S 110 -49.14 -14.34 0.83
C SER S 110 -48.37 -14.19 -0.46
N ASN S 111 -49.05 -14.05 -1.59
CA ASN S 111 -48.39 -13.95 -2.88
C ASN S 111 -48.15 -12.53 -3.31
N ASN S 112 -48.57 -11.54 -2.53
CA ASN S 112 -48.41 -10.16 -2.93
C ASN S 112 -47.04 -9.61 -2.52
N MET S 113 -46.23 -10.43 -1.86
CA MET S 113 -44.99 -10.03 -1.24
C MET S 113 -43.97 -9.54 -2.27
N GLY S 114 -43.15 -8.57 -1.87
CA GLY S 114 -42.06 -8.11 -2.66
C GLY S 114 -41.52 -6.78 -2.19
N PRO S 115 -40.34 -6.40 -2.67
CA PRO S 115 -39.80 -5.07 -2.39
C PRO S 115 -40.38 -4.04 -3.35
N SER S 116 -40.16 -2.77 -3.03
CA SER S 116 -40.74 -1.72 -3.85
C SER S 116 -39.98 -0.42 -3.66
N PHE S 117 -40.11 0.46 -4.66
CA PHE S 117 -39.70 1.86 -4.59
C PHE S 117 -38.22 1.98 -4.24
N ALA S 118 -37.39 1.55 -5.17
CA ALA S 118 -35.98 1.82 -5.03
C ALA S 118 -35.57 2.97 -5.95
N MET T 1 -68.93 16.43 20.51
CA MET T 1 -68.74 15.09 19.98
C MET T 1 -69.33 14.07 20.96
N ALA T 2 -69.46 12.83 20.50
CA ALA T 2 -70.15 11.79 21.25
C ALA T 2 -69.25 10.60 21.56
N LEU T 3 -68.03 10.85 22.03
CA LEU T 3 -67.12 9.75 22.33
C LEU T 3 -67.75 8.74 23.28
N ILE T 4 -68.34 9.23 24.38
CA ILE T 4 -68.97 8.31 25.32
C ILE T 4 -70.10 7.54 24.63
N ASP T 5 -70.78 8.17 23.68
CA ASP T 5 -71.88 7.50 22.99
C ASP T 5 -71.36 6.60 21.88
N ASP T 6 -70.39 7.07 21.10
CA ASP T 6 -69.80 6.22 20.07
C ASP T 6 -69.11 5.02 20.67
N PHE T 7 -68.51 5.21 21.85
CA PHE T 7 -67.87 4.09 22.55
C PHE T 7 -68.88 3.05 22.95
N LYS T 8 -70.04 3.48 23.46
CA LYS T 8 -71.00 2.52 23.99
C LYS T 8 -71.47 1.56 22.91
N ALA T 9 -71.66 2.05 21.69
CA ALA T 9 -72.13 1.18 20.61
C ALA T 9 -71.02 0.25 20.14
N ARG T 10 -69.82 0.77 19.95
CA ARG T 10 -68.74 -0.04 19.37
C ARG T 10 -68.35 -1.21 20.27
N PHE T 11 -68.58 -1.10 21.58
CA PHE T 11 -68.21 -2.14 22.54
C PHE T 11 -69.38 -2.42 23.45
N PRO T 12 -70.46 -2.99 22.92
CA PRO T 12 -71.69 -3.14 23.72
C PRO T 12 -71.54 -4.09 24.88
N ASN T 13 -70.37 -4.65 25.13
CA ASN T 13 -70.25 -5.73 26.09
C ASN T 13 -69.44 -5.38 27.33
N LEU T 14 -68.90 -4.18 27.44
CA LEU T 14 -68.01 -3.94 28.56
C LEU T 14 -68.78 -3.99 29.87
N ASP T 15 -69.53 -2.94 30.17
CA ASP T 15 -70.40 -2.79 31.33
C ASP T 15 -71.27 -1.57 31.09
N GLY T 16 -72.03 -1.19 32.11
CA GLY T 16 -72.80 0.03 32.07
C GLY T 16 -72.11 1.13 32.83
N SER T 17 -72.51 1.32 34.09
CA SER T 17 -71.95 2.41 34.87
C SER T 17 -70.42 2.35 34.92
N LEU T 18 -69.85 1.16 34.95
CA LEU T 18 -68.41 1.04 35.10
C LEU T 18 -67.68 1.71 33.95
N VAL T 19 -68.18 1.54 32.72
CA VAL T 19 -67.58 2.24 31.59
C VAL T 19 -68.05 3.68 31.55
N ASP T 20 -69.20 3.96 32.17
CA ASP T 20 -69.72 5.32 32.17
C ASP T 20 -68.95 6.22 33.12
N ALA T 21 -68.31 5.67 34.14
CA ALA T 21 -67.56 6.46 35.10
C ALA T 21 -66.05 6.44 34.86
N LEU T 22 -65.59 5.85 33.76
CA LEU T 22 -64.17 5.80 33.46
C LEU T 22 -63.83 6.43 32.12
N VAL T 23 -64.66 6.23 31.09
CA VAL T 23 -64.40 6.87 29.81
C VAL T 23 -64.32 8.37 29.94
N PRO T 24 -65.21 9.06 30.68
CA PRO T 24 -65.01 10.50 30.89
C PRO T 24 -63.69 10.85 31.56
N VAL T 25 -62.90 9.85 31.94
CA VAL T 25 -61.57 10.10 32.48
C VAL T 25 -60.53 9.94 31.39
N TYR T 26 -60.51 8.77 30.73
CA TYR T 26 -59.51 8.55 29.69
C TYR T 26 -59.78 9.35 28.43
N GLU T 27 -61.04 9.79 28.21
CA GLU T 27 -61.32 10.76 27.17
C GLU T 27 -60.47 12.02 27.35
N ASN T 28 -60.20 12.39 28.59
CA ASN T 28 -59.47 13.62 28.85
C ASN T 28 -58.07 13.53 28.26
N ASN T 29 -57.44 12.37 28.36
CA ASN T 29 -56.00 12.28 28.08
C ASN T 29 -55.61 11.23 27.06
N TYR T 30 -56.55 10.68 26.27
CA TYR T 30 -56.08 9.73 25.26
C TYR T 30 -55.21 10.42 24.24
N SER T 31 -55.41 11.73 24.06
CA SER T 31 -54.75 12.46 22.99
C SER T 31 -53.25 12.44 23.14
N CYS T 32 -52.73 12.10 24.32
CA CYS T 32 -51.29 11.92 24.47
C CYS T 32 -50.94 10.49 24.84
N TYR T 33 -51.78 9.53 24.49
CA TYR T 33 -51.37 8.15 24.29
C TYR T 33 -51.19 7.85 22.81
N TYR T 34 -52.16 8.27 22.00
CA TYR T 34 -52.21 8.05 20.57
C TYR T 34 -52.50 9.38 19.89
N GLY T 35 -51.56 9.86 19.09
CA GLY T 35 -51.69 11.20 18.54
C GLY T 35 -52.52 11.27 17.27
N GLY T 36 -53.55 10.44 17.18
CA GLY T 36 -54.41 10.46 16.02
C GLY T 36 -55.45 11.55 16.11
N SER T 37 -56.37 11.54 15.14
CA SER T 37 -57.47 12.48 15.10
C SER T 37 -58.77 11.70 14.99
N TYR T 38 -59.81 12.23 15.63
CA TYR T 38 -61.05 11.47 15.74
C TYR T 38 -61.89 11.52 14.48
N GLU T 39 -61.51 12.33 13.50
CA GLU T 39 -61.98 12.16 12.13
C GLU T 39 -61.18 11.02 11.52
N ASN T 40 -61.21 10.88 10.19
CA ASN T 40 -60.49 9.80 9.52
C ASN T 40 -61.00 8.45 10.04
N ASP T 41 -62.27 8.20 9.70
CA ASP T 41 -63.16 7.30 10.40
C ASP T 41 -62.51 6.08 11.04
N CYS T 42 -61.61 5.39 10.34
CA CYS T 42 -61.09 4.19 10.99
C CYS T 42 -59.95 4.50 11.94
N ASP T 43 -59.44 5.72 11.92
CA ASP T 43 -58.64 6.17 13.05
C ASP T 43 -59.50 6.28 14.31
N LYS T 44 -60.76 6.71 14.14
CA LYS T 44 -61.69 6.71 15.25
C LYS T 44 -61.79 5.35 15.89
N GLU T 45 -61.75 4.29 15.08
CA GLU T 45 -61.73 2.95 15.64
C GLU T 45 -60.50 2.77 16.51
N ALA T 46 -59.36 3.33 16.09
CA ALA T 46 -58.15 3.21 16.89
C ALA T 46 -58.34 3.86 18.25
N ILE T 47 -58.91 5.06 18.28
CA ILE T 47 -59.11 5.75 19.56
C ILE T 47 -60.02 4.92 20.46
N LEU T 48 -61.12 4.42 19.91
CA LEU T 48 -62.04 3.64 20.72
C LEU T 48 -61.36 2.42 21.28
N LEU T 49 -60.57 1.72 20.45
CA LEU T 49 -59.87 0.54 20.92
C LEU T 49 -58.92 0.88 22.06
N LEU T 50 -58.20 1.99 21.94
CA LEU T 50 -57.30 2.39 23.01
C LEU T 50 -58.08 2.79 24.26
N ILE T 51 -59.11 3.61 24.09
CA ILE T 51 -59.94 3.98 25.23
C ILE T 51 -60.53 2.73 25.87
N ALA T 52 -60.97 1.78 25.04
CA ALA T 52 -61.46 0.52 25.59
C ALA T 52 -60.37 -0.21 26.35
N HIS T 53 -59.16 -0.21 25.82
CA HIS T 53 -58.07 -0.84 26.55
C HIS T 53 -57.85 -0.14 27.88
N LEU T 54 -57.83 1.19 27.87
CA LEU T 54 -57.54 1.92 29.09
C LEU T 54 -58.63 1.77 30.13
N VAL T 55 -59.81 1.29 29.73
CA VAL T 55 -60.87 1.13 30.71
C VAL T 55 -61.00 -0.32 31.17
N VAL T 56 -60.70 -1.29 30.31
CA VAL T 56 -60.81 -2.68 30.74
C VAL T 56 -59.70 -3.02 31.73
N THR T 57 -58.51 -2.44 31.57
CA THR T 57 -57.41 -2.74 32.47
C THR T 57 -57.21 -1.66 33.52
N ASP T 58 -58.14 -0.74 33.65
CA ASP T 58 -58.07 0.23 34.76
C ASP T 58 -58.49 -0.44 36.06
N PRO T 59 -57.74 -0.26 37.14
CA PRO T 59 -58.04 -1.01 38.36
C PRO T 59 -59.41 -0.73 38.92
N SER T 60 -60.02 0.41 38.63
CA SER T 60 -61.37 0.66 39.10
C SER T 60 -62.40 -0.20 38.41
N TYR T 61 -61.98 -1.07 37.51
CA TYR T 61 -62.87 -1.86 36.68
C TYR T 61 -62.77 -3.34 36.98
N SER T 62 -61.57 -3.91 36.84
CA SER T 62 -61.35 -5.31 37.12
C SER T 62 -60.78 -5.56 38.50
N GLY T 63 -60.57 -4.51 39.30
CA GLY T 63 -60.03 -4.67 40.63
C GLY T 63 -58.67 -5.32 40.65
N ASP T 64 -57.83 -4.98 39.68
CA ASP T 64 -56.54 -5.63 39.49
C ASP T 64 -55.44 -4.59 39.64
N GLU T 65 -55.01 -4.36 40.88
CA GLU T 65 -54.00 -3.34 41.14
C GLU T 65 -52.68 -3.66 40.46
N SER T 66 -52.39 -4.95 40.25
CA SER T 66 -51.15 -5.31 39.59
C SER T 66 -51.16 -4.84 38.15
N SER T 67 -50.01 -4.96 37.50
CA SER T 67 -49.90 -4.57 36.11
C SER T 67 -50.70 -5.52 35.23
N SER T 68 -50.66 -5.29 33.93
CA SER T 68 -51.37 -6.15 32.99
C SER T 68 -50.62 -6.10 31.67
N ARG T 69 -49.82 -7.13 31.40
CA ARG T 69 -49.11 -7.25 30.15
C ARG T 69 -49.29 -8.66 29.62
N ALA T 70 -48.89 -8.85 28.36
CA ALA T 70 -49.22 -10.07 27.64
C ALA T 70 -48.63 -11.29 28.31
N VAL T 71 -49.34 -12.40 28.19
CA VAL T 71 -48.93 -13.67 28.77
C VAL T 71 -48.24 -14.49 27.68
N ALA T 72 -47.05 -14.99 27.98
CA ALA T 72 -46.33 -15.82 27.03
C ALA T 72 -46.58 -17.29 27.21
N SER T 73 -46.88 -17.73 28.42
CA SER T 73 -47.20 -19.12 28.67
C SER T 73 -48.05 -19.19 29.93
N GLN T 74 -49.32 -19.51 29.78
CA GLN T 74 -50.23 -19.62 30.90
C GLN T 74 -50.62 -21.07 31.07
N SER T 75 -50.73 -21.50 32.32
CA SER T 75 -51.12 -22.87 32.65
C SER T 75 -52.15 -22.82 33.76
N VAL T 76 -53.30 -23.45 33.53
CA VAL T 76 -54.37 -23.47 34.51
C VAL T 76 -54.78 -24.92 34.72
N GLY T 77 -54.61 -25.42 35.93
CA GLY T 77 -55.01 -26.78 36.22
C GLY T 77 -54.33 -27.78 35.31
N SER T 78 -55.11 -28.37 34.41
CA SER T 78 -54.59 -29.38 33.50
C SER T 78 -54.64 -28.93 32.05
N VAL T 79 -54.80 -27.64 31.80
CA VAL T 79 -54.75 -27.10 30.46
C VAL T 79 -53.66 -26.04 30.43
N SER T 80 -52.79 -26.12 29.43
CA SER T 80 -51.61 -25.27 29.37
C SER T 80 -51.33 -24.90 27.93
N VAL T 81 -50.97 -23.65 27.70
CA VAL T 81 -50.61 -23.18 26.37
C VAL T 81 -49.33 -22.37 26.48
N SER T 82 -48.62 -22.28 25.37
CA SER T 82 -47.43 -21.45 25.26
C SER T 82 -47.53 -20.67 23.95
N PHE T 83 -47.89 -19.39 24.05
CA PHE T 83 -48.10 -18.59 22.87
C PHE T 83 -46.79 -18.39 22.13
N VAL T 84 -46.83 -18.56 20.81
CA VAL T 84 -45.65 -18.32 20.00
C VAL T 84 -45.20 -16.88 20.16
N ALA T 85 -43.91 -16.70 20.39
CA ALA T 85 -43.40 -15.38 20.74
C ALA T 85 -43.53 -14.43 19.57
N GLY T 86 -43.57 -13.15 19.90
CA GLY T 86 -43.60 -12.13 18.86
C GLY T 86 -43.29 -10.73 19.37
N SER T 87 -42.37 -10.06 18.68
CA SER T 87 -42.01 -8.68 19.00
C SER T 87 -41.72 -8.51 20.48
N THR T 88 -40.82 -9.34 20.98
CA THR T 88 -40.48 -9.29 22.39
C THR T 88 -39.66 -8.03 22.69
N GLY T 89 -39.46 -7.79 23.97
CA GLY T 89 -38.65 -6.66 24.40
C GLY T 89 -39.24 -5.31 24.08
N SER T 90 -40.53 -5.11 24.35
CA SER T 90 -41.14 -3.79 24.19
C SER T 90 -42.38 -3.73 25.07
N ASP T 91 -42.32 -2.91 26.13
CA ASP T 91 -43.44 -2.84 27.06
C ASP T 91 -44.70 -2.33 26.38
N TRP T 92 -44.55 -1.37 25.46
CA TRP T 92 -45.73 -0.84 24.79
C TRP T 92 -46.52 -1.95 24.12
N THR T 93 -45.87 -2.77 23.31
CA THR T 93 -46.58 -3.87 22.66
C THR T 93 -47.07 -4.88 23.68
N ASN T 94 -46.29 -5.15 24.71
CA ASN T 94 -46.72 -6.10 25.73
C ASN T 94 -47.94 -5.56 26.48
N TRP T 95 -47.93 -4.27 26.79
CA TRP T 95 -49.03 -3.71 27.57
C TRP T 95 -50.35 -3.83 26.83
N LEU T 96 -50.34 -3.53 25.54
CA LEU T 96 -51.57 -3.57 24.77
C LEU T 96 -51.92 -4.98 24.33
N ASN T 97 -50.97 -5.90 24.32
CA ASN T 97 -51.32 -7.28 24.05
C ASN T 97 -51.94 -7.96 25.27
N SER T 98 -52.06 -7.23 26.38
CA SER T 98 -52.70 -7.79 27.55
C SER T 98 -54.17 -8.07 27.32
N THR T 99 -54.85 -7.22 26.58
CA THR T 99 -56.26 -7.39 26.31
C THR T 99 -56.49 -7.43 24.80
N ARG T 100 -57.64 -7.99 24.42
CA ARG T 100 -57.96 -8.03 23.00
C ARG T 100 -58.05 -6.64 22.41
N TYR T 101 -58.68 -5.71 23.13
CA TYR T 101 -58.89 -4.37 22.57
C TYR T 101 -57.57 -3.71 22.24
N GLY T 102 -56.57 -3.86 23.10
CA GLY T 102 -55.25 -3.33 22.79
C GLY T 102 -54.62 -4.02 21.59
N GLN T 103 -54.77 -5.34 21.50
CA GLN T 103 -54.20 -6.07 20.37
C GLN T 103 -54.66 -5.46 19.06
N LEU T 104 -55.94 -5.07 18.99
CA LEU T 104 -56.40 -4.38 17.80
C LEU T 104 -55.73 -3.03 17.64
N PHE T 105 -55.37 -2.38 18.75
CA PHE T 105 -54.86 -1.02 18.67
C PHE T 105 -53.50 -0.98 18.01
N LEU T 106 -52.66 -1.97 18.28
CA LEU T 106 -51.36 -2.05 17.62
C LEU T 106 -51.55 -2.09 16.12
N MET T 107 -52.71 -2.59 15.72
CA MET T 107 -52.87 -3.27 14.44
C MET T 107 -53.87 -2.62 13.52
N VAL T 108 -54.79 -1.82 14.04
CA VAL T 108 -55.37 -0.79 13.19
C VAL T 108 -54.29 0.20 12.81
N THR T 109 -53.32 0.39 13.68
CA THR T 109 -52.26 1.36 13.48
C THR T 109 -50.93 0.73 13.11
N SER T 110 -50.90 -0.57 12.84
CA SER T 110 -49.65 -1.21 12.47
C SER T 110 -49.18 -0.82 11.09
N ASN T 111 -50.02 -0.14 10.30
CA ASN T 111 -49.66 0.23 8.95
C ASN T 111 -49.06 1.62 8.84
N ASN T 112 -48.93 2.35 9.94
CA ASN T 112 -48.40 3.69 9.89
C ASN T 112 -46.89 3.70 9.97
N MET T 113 -46.28 2.53 10.10
CA MET T 113 -44.85 2.37 10.37
C MET T 113 -43.99 2.91 9.24
N GLY T 114 -42.83 3.45 9.61
CA GLY T 114 -41.85 3.87 8.65
C GLY T 114 -40.80 4.78 9.25
N PRO T 115 -39.70 4.99 8.54
CA PRO T 115 -38.71 5.97 8.97
C PRO T 115 -39.10 7.37 8.54
N SER T 116 -38.40 8.36 9.09
CA SER T 116 -38.76 9.73 8.80
C SER T 116 -37.59 10.66 9.08
N PHE T 117 -37.64 11.83 8.43
CA PHE T 117 -36.77 12.97 8.73
C PHE T 117 -35.29 12.59 8.61
N ALA T 118 -34.89 12.31 7.38
CA ALA T 118 -33.47 12.16 7.13
C ALA T 118 -32.93 13.41 6.46
N MET U 1 -53.22 24.60 44.99
CA MET U 1 -53.61 23.52 44.09
C MET U 1 -54.29 22.41 44.89
N ALA U 2 -54.92 21.48 44.19
CA ALA U 2 -55.74 20.44 44.80
C ALA U 2 -55.25 19.04 44.48
N LEU U 3 -53.94 18.80 44.59
CA LEU U 3 -53.42 17.47 44.29
C LEU U 3 -54.13 16.40 45.08
N ILE U 4 -54.26 16.59 46.39
CA ILE U 4 -54.94 15.59 47.20
C ILE U 4 -56.38 15.41 46.73
N ASP U 5 -57.00 16.48 46.25
CA ASP U 5 -58.38 16.39 45.79
C ASP U 5 -58.46 15.84 44.37
N ASP U 6 -57.58 16.30 43.48
CA ASP U 6 -57.55 15.75 42.12
C ASP U 6 -57.19 14.29 42.14
N PHE U 7 -56.32 13.89 43.07
CA PHE U 7 -55.96 12.49 43.20
C PHE U 7 -57.15 11.64 43.62
N LYS U 8 -57.94 12.14 44.56
CA LYS U 8 -59.03 11.33 45.09
C LYS U 8 -60.03 10.96 43.99
N ALA U 9 -60.30 11.89 43.08
CA ALA U 9 -61.26 11.60 42.01
C ALA U 9 -60.68 10.64 40.98
N ARG U 10 -59.43 10.88 40.57
CA ARG U 10 -58.85 10.08 39.49
C ARG U 10 -58.68 8.62 39.87
N PHE U 11 -58.57 8.31 41.16
CA PHE U 11 -58.37 6.94 41.64
C PHE U 11 -59.34 6.66 42.77
N PRO U 12 -60.64 6.60 42.47
CA PRO U 12 -61.63 6.49 43.54
C PRO U 12 -61.57 5.19 44.31
N ASN U 13 -60.63 4.30 44.00
CA ASN U 13 -60.66 2.96 44.56
C ASN U 13 -59.55 2.64 45.52
N LEU U 14 -58.61 3.55 45.76
CA LEU U 14 -57.47 3.16 46.57
C LEU U 14 -57.91 2.83 48.00
N ASP U 15 -58.17 3.86 48.79
CA ASP U 15 -58.67 3.81 50.16
C ASP U 15 -59.10 5.21 50.55
N GLY U 16 -59.45 5.39 51.81
CA GLY U 16 -59.77 6.68 52.35
C GLY U 16 -58.59 7.24 53.11
N SER U 17 -58.61 7.07 54.44
CA SER U 17 -57.55 7.64 55.26
C SER U 17 -56.17 7.19 54.81
N LEU U 18 -56.04 5.96 54.33
CA LEU U 18 -54.72 5.45 53.99
C LEU U 18 -54.09 6.28 52.88
N VAL U 19 -54.87 6.68 51.89
CA VAL U 19 -54.34 7.56 50.84
C VAL U 19 -54.29 8.99 51.35
N ASP U 20 -55.10 9.31 52.35
CA ASP U 20 -55.13 10.66 52.89
C ASP U 20 -53.91 10.96 53.74
N ALA U 21 -53.29 9.94 54.31
CA ALA U 21 -52.13 10.13 55.16
C ALA U 21 -50.81 9.82 54.47
N LEU U 22 -50.82 9.56 53.16
CA LEU U 22 -49.60 9.27 52.42
C LEU U 22 -49.37 10.22 51.25
N VAL U 23 -50.43 10.61 50.54
CA VAL U 23 -50.26 11.57 49.45
C VAL U 23 -49.65 12.87 49.95
N PRO U 24 -50.06 13.45 51.09
CA PRO U 24 -49.34 14.63 51.60
C PRO U 24 -47.88 14.37 51.89
N VAL U 25 -47.41 13.14 51.71
CA VAL U 25 -45.99 12.85 51.86
C VAL U 25 -45.33 12.83 50.49
N TYR U 26 -45.84 12.01 49.58
CA TYR U 26 -45.24 11.92 48.26
C TYR U 26 -45.50 13.16 47.41
N GLU U 27 -46.54 13.93 47.72
CA GLU U 27 -46.70 15.25 47.12
C GLU U 27 -45.46 16.11 47.35
N ASN U 28 -44.82 15.94 48.50
CA ASN U 28 -43.68 16.78 48.83
C ASN U 28 -42.56 16.57 47.82
N ASN U 29 -42.34 15.33 47.41
CA ASN U 29 -41.12 14.99 46.68
C ASN U 29 -41.35 14.30 45.34
N TYR U 30 -42.55 14.31 44.77
CA TYR U 30 -42.68 13.69 43.46
C TYR U 30 -41.87 14.46 42.44
N SER U 31 -41.66 15.75 42.68
CA SER U 31 -41.04 16.63 41.70
C SER U 31 -39.63 16.19 41.35
N CYS U 32 -39.01 15.34 42.18
CA CYS U 32 -37.73 14.77 41.81
C CYS U 32 -37.80 13.25 41.65
N TYR U 33 -38.98 12.73 41.34
CA TYR U 33 -39.11 11.45 40.64
C TYR U 33 -39.37 11.65 39.16
N TYR U 34 -40.29 12.55 38.85
CA TYR U 34 -40.73 12.87 37.50
C TYR U 34 -40.69 14.38 37.33
N GLY U 35 -39.84 14.86 36.44
CA GLY U 35 -39.64 16.29 36.33
C GLY U 35 -40.65 17.01 35.46
N GLY U 36 -41.89 16.56 35.49
CA GLY U 36 -42.93 17.19 34.70
C GLY U 36 -43.50 18.40 35.41
N SER U 37 -44.54 18.96 34.81
CA SER U 37 -45.25 20.09 35.38
C SER U 37 -46.72 19.74 35.49
N TYR U 38 -47.36 20.25 36.52
CA TYR U 38 -48.72 19.85 36.83
C TYR U 38 -49.76 20.54 35.95
N GLU U 39 -49.34 21.52 35.16
CA GLU U 39 -50.14 21.96 34.02
C GLU U 39 -49.93 20.95 32.90
N ASN U 40 -50.29 21.30 31.67
CA ASN U 40 -50.14 20.38 30.54
C ASN U 40 -50.95 19.10 30.82
N ASP U 41 -52.26 19.31 30.84
CA ASP U 41 -53.24 18.47 31.53
C ASP U 41 -52.91 16.99 31.57
N CYS U 42 -52.47 16.39 30.46
CA CYS U 42 -52.26 14.95 30.56
C CYS U 42 -50.91 14.61 31.16
N ASP U 43 -50.02 15.60 31.30
CA ASP U 43 -48.89 15.41 32.20
C ASP U 43 -49.37 15.29 33.63
N LYS U 44 -50.41 16.03 34.00
CA LYS U 44 -51.02 15.88 35.31
C LYS U 44 -51.43 14.44 35.55
N GLU U 45 -51.93 13.76 34.52
CA GLU U 45 -52.24 12.36 34.68
C GLU U 45 -50.98 11.58 35.03
N ALA U 46 -49.85 11.95 34.43
CA ALA U 46 -48.60 11.27 34.74
C ALA U 46 -48.26 11.42 36.21
N ILE U 47 -48.37 12.64 36.74
CA ILE U 47 -48.05 12.86 38.16
C ILE U 47 -48.95 12.01 39.04
N LEU U 48 -50.25 12.04 38.76
CA LEU U 48 -51.18 11.27 39.57
C LEU U 48 -50.84 9.80 39.54
N LEU U 49 -50.53 9.27 38.36
CA LEU U 49 -50.20 7.86 38.24
C LEU U 49 -48.96 7.53 39.07
N LEU U 50 -47.95 8.40 39.02
CA LEU U 50 -46.76 8.16 39.82
C LEU U 50 -47.06 8.27 41.31
N ILE U 51 -47.77 9.33 41.71
CA ILE U 51 -48.15 9.47 43.10
C ILE U 51 -48.97 8.27 43.54
N ALA U 52 -49.88 7.81 42.67
CA ALA U 52 -50.63 6.61 42.99
C ALA U 52 -49.71 5.41 43.14
N HIS U 53 -48.71 5.29 42.28
CA HIS U 53 -47.77 4.20 42.43
C HIS U 53 -47.04 4.30 43.75
N LEU U 54 -46.58 5.50 44.09
CA LEU U 54 -45.79 5.66 45.31
C LEU U 54 -46.62 5.42 46.56
N VAL U 55 -47.95 5.43 46.45
CA VAL U 55 -48.76 5.20 47.62
C VAL U 55 -49.26 3.76 47.69
N VAL U 56 -49.51 3.12 46.56
CA VAL U 56 -49.97 1.74 46.62
C VAL U 56 -48.86 0.82 47.08
N THR U 57 -47.61 1.09 46.70
CA THR U 57 -46.50 0.24 47.10
C THR U 57 -45.72 0.79 48.28
N ASP U 58 -46.23 1.81 48.95
CA ASP U 58 -45.62 2.27 50.18
C ASP U 58 -45.94 1.32 51.32
N PRO U 59 -44.96 0.92 52.12
CA PRO U 59 -45.21 -0.11 53.12
C PRO U 59 -46.25 0.27 54.15
N SER U 60 -46.48 1.56 54.37
CA SER U 60 -47.53 1.95 55.30
C SER U 60 -48.91 1.68 54.76
N TYR U 61 -49.02 1.10 53.57
CA TYR U 61 -50.29 0.90 52.90
C TYR U 61 -50.63 -0.57 52.73
N SER U 62 -49.75 -1.33 52.08
CA SER U 62 -49.96 -2.76 51.89
C SER U 62 -49.21 -3.60 52.90
N GLY U 63 -48.50 -2.98 53.83
CA GLY U 63 -47.77 -3.73 54.84
C GLY U 63 -46.73 -4.67 54.25
N ASP U 64 -46.06 -4.23 53.20
CA ASP U 64 -45.14 -5.07 52.43
C ASP U 64 -43.75 -4.45 52.51
N GLU U 65 -43.00 -4.79 53.55
CA GLU U 65 -41.68 -4.20 53.75
C GLU U 65 -40.73 -4.58 52.63
N SER U 66 -40.94 -5.74 52.00
CA SER U 66 -40.08 -6.14 50.91
C SER U 66 -40.24 -5.20 49.73
N SER U 67 -39.38 -5.37 48.74
CA SER U 67 -39.45 -4.56 47.54
C SER U 67 -40.70 -4.92 46.75
N SER U 68 -40.87 -4.25 45.60
CA SER U 68 -42.01 -4.53 44.76
C SER U 68 -41.60 -4.21 43.32
N ARG U 69 -41.27 -5.23 42.56
CA ARG U 69 -40.94 -5.08 41.15
C ARG U 69 -41.69 -6.13 40.35
N ALA U 70 -41.66 -5.96 39.02
CA ALA U 70 -42.53 -6.71 38.15
C ALA U 70 -42.26 -8.20 38.25
N VAL U 71 -43.31 -8.99 38.07
CA VAL U 71 -43.23 -10.43 38.12
C VAL U 71 -43.12 -10.96 36.70
N ALA U 72 -42.14 -11.82 36.46
CA ALA U 72 -41.97 -12.41 35.13
C ALA U 72 -42.64 -13.75 34.98
N SER U 73 -42.81 -14.47 36.07
CA SER U 73 -43.51 -15.75 36.02
C SER U 73 -44.03 -16.05 37.42
N GLN U 74 -45.34 -15.97 37.60
CA GLN U 74 -45.97 -16.24 38.88
C GLN U 74 -46.77 -17.51 38.77
N SER U 75 -46.75 -18.31 39.83
CA SER U 75 -47.48 -19.56 39.88
C SER U 75 -48.16 -19.65 41.23
N VAL U 76 -49.48 -19.85 41.22
CA VAL U 76 -50.26 -19.96 42.45
C VAL U 76 -51.08 -21.24 42.38
N GLY U 77 -50.82 -22.16 43.30
CA GLY U 77 -51.58 -23.39 43.32
C GLY U 77 -51.50 -24.14 42.02
N SER U 78 -52.60 -24.16 41.28
CA SER U 78 -52.67 -24.89 40.02
C SER U 78 -52.89 -23.96 38.83
N VAL U 79 -52.65 -22.66 39.01
CA VAL U 79 -52.72 -21.71 37.91
C VAL U 79 -51.37 -21.01 37.82
N SER U 80 -50.83 -20.95 36.61
CA SER U 80 -49.47 -20.45 36.42
C SER U 80 -49.41 -19.68 35.12
N VAL U 81 -48.70 -18.55 35.13
CA VAL U 81 -48.50 -17.77 33.93
C VAL U 81 -47.03 -17.38 33.84
N SER U 82 -46.59 -17.09 32.62
CA SER U 82 -45.25 -16.59 32.37
C SER U 82 -45.37 -15.41 31.42
N PHE U 83 -45.25 -14.21 31.97
CA PHE U 83 -45.43 -13.01 31.17
C PHE U 83 -44.32 -12.90 30.14
N VAL U 84 -44.71 -12.56 28.90
CA VAL U 84 -43.72 -12.36 27.85
C VAL U 84 -42.79 -11.23 28.24
N ALA U 85 -41.50 -11.47 28.10
CA ALA U 85 -40.51 -10.53 28.61
C ALA U 85 -40.56 -9.23 27.84
N GLY U 86 -40.09 -8.16 28.49
CA GLY U 86 -40.01 -6.88 27.84
C GLY U 86 -39.15 -5.88 28.56
N SER U 87 -38.23 -5.25 27.84
CA SER U 87 -37.37 -4.20 28.37
C SER U 87 -36.72 -4.66 29.67
N THR U 88 -36.06 -5.80 29.63
CA THR U 88 -35.42 -6.33 30.81
C THR U 88 -34.18 -5.50 31.16
N GLY U 89 -33.63 -5.78 32.33
CA GLY U 89 -32.42 -5.12 32.77
C GLY U 89 -32.57 -3.64 33.03
N SER U 90 -33.63 -3.24 33.74
CA SER U 90 -33.77 -1.84 34.13
C SER U 90 -34.70 -1.79 35.34
N ASP U 91 -34.14 -1.44 36.50
CA ASP U 91 -34.94 -1.42 37.72
C ASP U 91 -36.07 -0.41 37.64
N TRP U 92 -35.81 0.74 37.01
CA TRP U 92 -36.86 1.75 36.92
C TRP U 92 -38.11 1.19 36.26
N THR U 93 -37.96 0.56 35.10
CA THR U 93 -39.12 -0.02 34.43
C THR U 93 -39.69 -1.17 35.25
N ASN U 94 -38.83 -1.98 35.87
CA ASN U 94 -39.34 -3.08 36.68
C ASN U 94 -40.10 -2.56 37.89
N TRP U 95 -39.58 -1.51 38.52
CA TRP U 95 -40.23 -1.01 39.73
C TRP U 95 -41.65 -0.52 39.43
N LEU U 96 -41.82 0.20 38.35
CA LEU U 96 -43.13 0.73 38.02
C LEU U 96 -44.02 -0.29 37.35
N ASN U 97 -43.46 -1.35 36.79
CA ASN U 97 -44.31 -2.42 36.29
C ASN U 97 -44.83 -3.30 37.41
N SER U 98 -44.46 -3.01 38.66
CA SER U 98 -44.96 -3.77 39.78
C SER U 98 -46.46 -3.58 39.96
N THR U 99 -46.96 -2.37 39.72
CA THR U 99 -48.37 -2.08 39.88
C THR U 99 -48.92 -1.54 38.58
N ARG U 100 -50.24 -1.62 38.44
CA ARG U 100 -50.87 -1.08 37.24
C ARG U 100 -50.61 0.41 37.11
N TYR U 101 -50.72 1.16 38.20
CA TYR U 101 -50.58 2.60 38.12
C TYR U 101 -49.22 2.99 37.57
N GLY U 102 -48.17 2.30 38.00
CA GLY U 102 -46.86 2.56 37.44
C GLY U 102 -46.78 2.21 35.97
N GLN U 103 -47.37 1.08 35.59
CA GLN U 103 -47.34 0.69 34.18
C GLN U 103 -47.86 1.81 33.30
N LEU U 104 -48.90 2.50 33.74
CA LEU U 104 -49.36 3.65 32.99
C LEU U 104 -48.32 4.77 33.00
N PHE U 105 -47.53 4.87 34.06
CA PHE U 105 -46.63 6.00 34.19
C PHE U 105 -45.51 5.93 33.16
N LEU U 106 -45.01 4.73 32.89
CA LEU U 106 -43.99 4.58 31.85
C LEU U 106 -44.51 5.12 30.54
N MET U 107 -45.84 5.09 30.40
CA MET U 107 -46.48 4.97 29.11
C MET U 107 -47.39 6.13 28.76
N VAL U 108 -47.84 6.90 29.74
CA VAL U 108 -48.21 8.27 29.43
C VAL U 108 -46.97 9.04 29.00
N THR U 109 -45.83 8.65 29.54
CA THR U 109 -44.58 9.33 29.29
C THR U 109 -43.65 8.56 28.36
N SER U 110 -44.13 7.47 27.75
CA SER U 110 -43.28 6.72 26.85
C SER U 110 -43.02 7.45 25.53
N ASN U 111 -43.72 8.54 25.28
CA ASN U 111 -43.57 9.26 24.03
C ASN U 111 -42.57 10.40 24.11
N ASN U 112 -41.98 10.64 25.27
CA ASN U 112 -41.04 11.74 25.42
C ASN U 112 -39.64 11.35 25.01
N MET U 113 -39.44 10.09 24.62
CA MET U 113 -38.14 9.50 24.38
C MET U 113 -37.41 10.17 23.23
N GLY U 114 -36.09 10.25 23.33
CA GLY U 114 -35.25 10.72 22.26
C GLY U 114 -33.86 11.06 22.72
N PRO U 115 -32.95 11.23 21.78
CA PRO U 115 -31.61 11.72 22.12
C PRO U 115 -31.59 13.23 22.23
N SER U 116 -30.50 13.75 22.77
CA SER U 116 -30.42 15.19 22.99
C SER U 116 -28.97 15.64 23.12
N PHE U 117 -28.77 16.93 22.86
CA PHE U 117 -27.52 17.64 23.16
C PHE U 117 -26.33 16.98 22.48
N ALA U 118 -26.32 17.06 21.16
CA ALA U 118 -25.13 16.66 20.44
C ALA U 118 -24.35 17.88 20.00
N MET V 1 -30.43 19.79 64.21
CA MET V 1 -31.34 19.23 63.23
C MET V 1 -32.15 18.11 63.86
N ALA V 2 -33.20 17.67 63.18
CA ALA V 2 -34.17 16.72 63.73
C ALA V 2 -34.26 15.44 62.91
N LEU V 3 -33.11 14.86 62.54
CA LEU V 3 -33.13 13.64 61.75
C LEU V 3 -33.98 12.56 62.41
N ILE V 4 -33.75 12.32 63.70
CA ILE V 4 -34.54 11.30 64.38
C ILE V 4 -36.02 11.66 64.35
N ASP V 5 -36.33 12.96 64.38
CA ASP V 5 -37.73 13.37 64.37
C ASP V 5 -38.30 13.39 62.96
N ASP V 6 -37.52 13.89 61.99
CA ASP V 6 -37.97 13.86 60.61
C ASP V 6 -38.13 12.42 60.12
N PHE V 7 -37.26 11.53 60.59
CA PHE V 7 -37.37 10.13 60.24
C PHE V 7 -38.66 9.52 60.76
N LYS V 8 -39.01 9.84 62.00
CA LYS V 8 -40.18 9.19 62.60
C LYS V 8 -41.44 9.49 61.82
N ALA V 9 -41.59 10.70 61.31
CA ALA V 9 -42.79 11.05 60.55
C ALA V 9 -42.79 10.39 59.18
N ARG V 10 -41.66 10.45 58.47
CA ARG V 10 -41.62 9.95 57.11
C ARG V 10 -41.88 8.45 57.01
N PHE V 11 -41.60 7.70 58.08
CA PHE V 11 -41.78 6.25 58.09
C PHE V 11 -42.51 5.84 59.35
N PRO V 12 -43.79 6.21 59.47
CA PRO V 12 -44.50 5.99 60.72
C PRO V 12 -44.72 4.53 61.06
N ASN V 13 -44.21 3.60 60.25
CA ASN V 13 -44.57 2.20 60.42
C ASN V 13 -43.45 1.31 60.88
N LEU V 14 -42.23 1.81 61.04
CA LEU V 14 -41.14 0.89 61.32
C LEU V 14 -41.34 0.22 62.67
N ASP V 15 -41.08 0.94 63.75
CA ASP V 15 -41.25 0.54 65.14
C ASP V 15 -41.10 1.79 65.99
N GLY V 16 -41.08 1.59 67.30
CA GLY V 16 -40.83 2.66 68.24
C GLY V 16 -39.39 2.61 68.72
N SER V 17 -39.19 2.01 69.89
CA SER V 17 -37.85 1.96 70.46
C SER V 17 -36.83 1.38 69.50
N LEU V 18 -37.23 0.40 68.70
CA LEU V 18 -36.26 -0.27 67.84
C LEU V 18 -35.64 0.70 66.85
N VAL V 19 -36.44 1.61 66.29
CA VAL V 19 -35.88 2.62 65.41
C VAL V 19 -35.25 3.73 66.22
N ASP V 20 -35.67 3.88 67.48
CA ASP V 20 -35.13 4.92 68.33
C ASP V 20 -33.73 4.59 68.81
N ALA V 21 -33.37 3.32 68.88
CA ALA V 21 -32.05 2.91 69.33
C ALA V 21 -31.10 2.55 68.21
N LEU V 22 -31.48 2.76 66.95
CA LEU V 22 -30.62 2.45 65.83
C LEU V 22 -30.35 3.66 64.94
N VAL V 23 -31.34 4.52 64.72
CA VAL V 23 -31.09 5.72 63.92
C VAL V 23 -30.00 6.58 64.53
N PRO V 24 -29.94 6.81 65.86
CA PRO V 24 -28.78 7.53 66.41
C PRO V 24 -27.45 6.83 66.15
N VAL V 25 -27.46 5.66 65.52
CA VAL V 25 -26.23 4.99 65.13
C VAL V 25 -25.93 5.29 63.67
N TYR V 26 -26.88 4.98 62.78
CA TYR V 26 -26.63 5.21 61.36
C TYR V 26 -26.64 6.69 60.99
N GLU V 27 -27.27 7.54 61.81
CA GLU V 27 -27.10 8.98 61.66
C GLU V 27 -25.63 9.38 61.71
N ASN V 28 -24.84 8.66 62.52
CA ASN V 28 -23.45 9.02 62.68
C ASN V 28 -22.71 8.90 61.36
N ASN V 29 -23.01 7.86 60.58
CA ASN V 29 -22.18 7.51 59.46
C ASN V 29 -22.90 7.41 58.12
N TYR V 30 -24.13 7.91 57.98
CA TYR V 30 -24.73 7.84 56.66
C TYR V 30 -23.95 8.69 55.67
N SER V 31 -23.26 9.72 56.17
CA SER V 31 -22.62 10.69 55.31
C SER V 31 -21.56 10.06 54.44
N CYS V 32 -21.09 8.86 54.77
CA CYS V 32 -20.18 8.15 53.89
C CYS V 32 -20.79 6.84 53.37
N TYR V 33 -22.12 6.77 53.31
CA TYR V 33 -22.80 5.89 52.38
C TYR V 33 -23.30 6.65 51.16
N TYR V 34 -23.91 7.80 51.41
CA TYR V 34 -24.49 8.67 50.39
C TYR V 34 -24.00 10.08 50.63
N GLY V 35 -23.25 10.62 49.67
CA GLY V 35 -22.60 11.90 49.89
C GLY V 35 -23.47 13.10 49.60
N GLY V 36 -24.77 12.99 49.88
CA GLY V 36 -25.68 14.09 49.66
C GLY V 36 -25.64 15.09 50.80
N SER V 37 -26.54 16.06 50.72
CA SER V 37 -26.70 17.06 51.76
C SER V 37 -28.14 17.07 52.22
N TYR V 38 -28.33 17.34 53.51
CA TYR V 38 -29.65 17.19 54.11
C TYR V 38 -30.55 18.38 53.80
N GLU V 39 -30.02 19.44 53.22
CA GLU V 39 -30.85 20.43 52.53
C GLU V 39 -31.23 19.85 51.18
N ASN V 40 -31.70 20.69 50.26
CA ASN V 40 -32.13 20.20 48.94
C ASN V 40 -33.24 19.16 49.10
N ASP V 41 -34.37 19.67 49.59
CA ASP V 41 -35.39 18.91 50.30
C ASP V 41 -35.58 17.47 49.84
N CYS V 42 -35.62 17.20 48.54
CA CYS V 42 -35.89 15.81 48.19
C CYS V 42 -34.62 14.96 48.22
N ASP V 43 -33.46 15.58 48.33
CA ASP V 43 -32.28 14.82 48.76
C ASP V 43 -32.45 14.33 50.18
N LYS V 44 -33.08 15.15 51.03
CA LYS V 44 -33.41 14.70 52.38
C LYS V 44 -34.21 13.42 52.36
N GLU V 45 -35.12 13.30 51.39
CA GLU V 45 -35.84 12.03 51.25
C GLU V 45 -34.87 10.90 50.98
N ALA V 46 -33.84 11.17 50.17
CA ALA V 46 -32.86 10.12 49.89
C ALA V 46 -32.16 9.67 51.17
N ILE V 47 -31.75 10.61 52.02
CA ILE V 47 -31.07 10.25 53.26
C ILE V 47 -31.99 9.40 54.12
N LEU V 48 -33.25 9.84 54.28
CA LEU V 48 -34.18 9.10 55.11
C LEU V 48 -34.36 7.69 54.58
N LEU V 49 -34.51 7.54 53.28
CA LEU V 49 -34.69 6.23 52.69
C LEU V 49 -33.50 5.33 52.98
N LEU V 50 -32.29 5.88 52.85
CA LEU V 50 -31.10 5.10 53.15
C LEU V 50 -31.02 4.76 54.62
N ILE V 51 -31.23 5.75 55.49
CA ILE V 51 -31.24 5.49 56.92
C ILE V 51 -32.29 4.46 57.25
N ALA V 52 -33.47 4.56 56.63
CA ALA V 52 -34.49 3.55 56.83
C ALA V 52 -34.01 2.19 56.37
N HIS V 53 -33.33 2.14 55.23
CA HIS V 53 -32.79 0.86 54.79
C HIS V 53 -31.80 0.32 55.81
N LEU V 54 -30.90 1.17 56.29
CA LEU V 54 -29.87 0.71 57.20
C LEU V 54 -30.44 0.26 58.53
N VAL V 55 -31.67 0.64 58.83
CA VAL V 55 -32.24 0.22 60.11
C VAL V 55 -33.17 -0.98 59.95
N VAL V 56 -33.86 -1.11 58.81
CA VAL V 56 -34.73 -2.26 58.65
C VAL V 56 -33.92 -3.54 58.48
N THR V 57 -32.77 -3.47 57.83
CA THR V 57 -31.95 -4.65 57.61
C THR V 57 -30.79 -4.75 58.60
N ASP V 58 -30.78 -3.93 59.64
CA ASP V 58 -29.78 -4.09 60.69
C ASP V 58 -30.15 -5.27 61.59
N PRO V 59 -29.21 -6.15 61.90
CA PRO V 59 -29.57 -7.38 62.62
C PRO V 59 -30.18 -7.12 63.99
N SER V 60 -29.91 -5.97 64.59
CA SER V 60 -30.54 -5.68 65.87
C SER V 60 -32.02 -5.39 65.75
N TYR V 61 -32.57 -5.48 64.54
CA TYR V 61 -33.95 -5.11 64.26
C TYR V 61 -34.78 -6.31 63.83
N SER V 62 -34.38 -6.98 62.77
CA SER V 62 -35.09 -8.16 62.28
C SER V 62 -34.46 -9.46 62.75
N GLY V 63 -33.40 -9.40 63.54
CA GLY V 63 -32.76 -10.60 64.04
C GLY V 63 -32.26 -11.50 62.93
N ASP V 64 -31.72 -10.91 61.87
CA ASP V 64 -31.32 -11.63 60.67
C ASP V 64 -29.81 -11.44 60.47
N GLU V 65 -29.02 -12.30 61.10
CA GLU V 65 -27.57 -12.15 61.02
C GLU V 65 -27.07 -12.35 59.60
N SER V 66 -27.79 -13.13 58.79
CA SER V 66 -27.35 -13.34 57.42
C SER V 66 -27.46 -12.04 56.64
N SER V 67 -26.93 -12.06 55.43
CA SER V 67 -26.98 -10.89 54.57
C SER V 67 -28.42 -10.63 54.14
N SER V 68 -28.59 -9.60 53.32
CA SER V 68 -29.92 -9.27 52.82
C SER V 68 -29.75 -8.58 51.48
N ARG V 69 -29.96 -9.33 50.40
CA ARG V 69 -29.90 -8.79 49.06
C ARG V 69 -31.12 -9.27 48.28
N ALA V 70 -31.31 -8.67 47.11
CA ALA V 70 -32.56 -8.82 46.38
C ALA V 70 -32.78 -10.28 45.99
N VAL V 71 -34.04 -10.67 45.95
CA VAL V 71 -34.45 -12.01 45.59
C VAL V 71 -34.83 -12.03 44.12
N ALA V 72 -34.27 -12.97 43.37
CA ALA V 72 -34.58 -13.08 41.95
C ALA V 72 -35.69 -14.07 41.68
N SER V 73 -35.85 -15.07 42.52
CA SER V 73 -36.93 -16.04 42.36
C SER V 73 -37.20 -16.66 43.71
N GLN V 74 -38.34 -16.32 44.31
CA GLN V 74 -38.73 -16.85 45.60
C GLN V 74 -39.93 -17.77 45.42
N SER V 75 -39.93 -18.87 46.17
CA SER V 75 -41.02 -19.83 46.11
C SER V 75 -41.39 -20.21 47.54
N VAL V 76 -42.66 -20.07 47.89
CA VAL V 76 -43.14 -20.39 49.22
C VAL V 76 -44.33 -21.31 49.07
N GLY V 77 -44.21 -22.52 49.59
CA GLY V 77 -45.31 -23.46 49.53
C GLY V 77 -45.76 -23.70 48.11
N SER V 78 -46.95 -23.20 47.77
CA SER V 78 -47.52 -23.41 46.45
C SER V 78 -47.67 -22.11 45.68
N VAL V 79 -46.98 -21.05 46.10
CA VAL V 79 -46.96 -19.79 45.38
C VAL V 79 -45.51 -19.46 45.06
N SER V 80 -45.25 -19.13 43.80
CA SER V 80 -43.89 -18.95 43.33
C SER V 80 -43.84 -17.81 42.33
N VAL V 81 -42.83 -16.98 42.42
CA VAL V 81 -42.63 -15.89 41.47
C VAL V 81 -41.18 -15.88 41.03
N SER V 82 -40.95 -15.31 39.86
CA SER V 82 -39.59 -15.10 39.34
C SER V 82 -39.52 -13.67 38.83
N PHE V 83 -38.88 -12.80 39.60
CA PHE V 83 -38.83 -11.40 39.24
C PHE V 83 -37.99 -11.21 37.99
N VAL V 84 -38.50 -10.40 37.07
CA VAL V 84 -37.76 -10.09 35.86
C VAL V 84 -36.44 -9.43 36.22
N ALA V 85 -35.36 -9.91 35.62
CA ALA V 85 -34.04 -9.49 36.03
C ALA V 85 -33.81 -8.03 35.69
N GLY V 86 -32.90 -7.41 36.42
CA GLY V 86 -32.53 -6.04 36.13
C GLY V 86 -31.24 -5.60 36.80
N SER V 87 -30.35 -5.02 36.01
CA SER V 87 -29.09 -4.46 36.50
C SER V 87 -28.36 -5.48 37.38
N THR V 88 -28.16 -6.67 36.83
CA THR V 88 -27.49 -7.72 37.57
C THR V 88 -26.01 -7.39 37.73
N GLY V 89 -25.34 -8.20 38.55
CA GLY V 89 -23.91 -8.04 38.75
C GLY V 89 -23.50 -6.75 39.41
N SER V 90 -24.18 -6.37 40.50
CA SER V 90 -23.77 -5.21 41.27
C SER V 90 -24.33 -5.34 42.68
N ASP V 91 -23.45 -5.57 43.66
CA ASP V 91 -23.91 -5.78 45.02
C ASP V 91 -24.62 -4.55 45.57
N TRP V 92 -24.15 -3.36 45.23
CA TRP V 92 -24.79 -2.15 45.73
C TRP V 92 -26.27 -2.13 45.36
N THR V 93 -26.59 -2.32 44.09
CA THR V 93 -27.99 -2.34 43.69
C THR V 93 -28.73 -3.52 44.32
N ASN V 94 -28.08 -4.67 44.40
CA ASN V 94 -28.72 -5.83 45.01
C ASN V 94 -28.99 -5.59 46.48
N TRP V 95 -28.03 -4.98 47.18
CA TRP V 95 -28.20 -4.78 48.61
C TRP V 95 -29.39 -3.90 48.91
N LEU V 96 -29.55 -2.82 48.16
CA LEU V 96 -30.64 -1.90 48.41
C LEU V 96 -31.95 -2.37 47.81
N ASN V 97 -31.91 -3.28 46.84
CA ASN V 97 -33.14 -3.86 46.37
C ASN V 97 -33.68 -4.92 47.32
N SER V 98 -32.97 -5.18 48.42
CA SER V 98 -33.46 -6.13 49.40
C SER V 98 -34.72 -5.65 50.08
N THR V 99 -34.82 -4.35 50.34
CA THR V 99 -35.99 -3.80 51.00
C THR V 99 -36.60 -2.71 50.13
N ARG V 100 -37.87 -2.41 50.38
CA ARG V 100 -38.52 -1.35 49.63
C ARG V 100 -37.82 -0.02 49.81
N TYR V 101 -37.42 0.30 51.04
CA TYR V 101 -36.83 1.60 51.31
C TYR V 101 -35.58 1.81 50.49
N GLY V 102 -34.75 0.78 50.38
CA GLY V 102 -33.58 0.88 49.52
C GLY V 102 -33.94 1.06 48.07
N GLN V 103 -34.94 0.31 47.60
CA GLN V 103 -35.36 0.43 46.21
C GLN V 103 -35.64 1.88 45.85
N LEU V 104 -36.27 2.61 46.76
CA LEU V 104 -36.47 4.03 46.52
C LEU V 104 -35.15 4.77 46.50
N PHE V 105 -34.15 4.30 47.25
CA PHE V 105 -32.93 5.06 47.39
C PHE V 105 -32.14 5.07 46.09
N LEU V 106 -32.14 3.96 45.37
CA LEU V 106 -31.48 3.93 44.07
C LEU V 106 -32.07 5.00 43.16
N MET V 107 -33.31 5.35 43.44
CA MET V 107 -34.22 5.84 42.43
C MET V 107 -34.74 7.24 42.70
N VAL V 108 -34.70 7.71 43.95
CA VAL V 108 -34.65 9.16 44.14
C VAL V 108 -33.35 9.68 43.56
N THR V 109 -32.31 8.87 43.59
CA THR V 109 -30.99 9.26 43.16
C THR V 109 -30.60 8.66 41.82
N SER V 110 -31.52 8.00 41.12
CA SER V 110 -31.19 7.42 39.83
C SER V 110 -30.99 8.46 38.75
N ASN V 111 -31.33 9.72 39.01
CA ASN V 111 -31.22 10.77 38.02
C ASN V 111 -29.91 11.52 38.08
N ASN V 112 -29.03 11.19 39.02
CA ASN V 112 -27.77 11.90 39.16
C ASN V 112 -26.70 11.33 38.25
N MET V 113 -27.03 10.29 37.50
CA MET V 113 -26.08 9.52 36.72
C MET V 113 -25.44 10.34 35.61
N GLY V 114 -24.17 10.04 35.32
CA GLY V 114 -23.49 10.63 34.21
C GLY V 114 -21.99 10.44 34.28
N PRO V 115 -21.30 10.69 33.18
CA PRO V 115 -19.84 10.68 33.20
C PRO V 115 -19.29 12.01 33.69
N SER V 116 -17.99 12.02 33.99
CA SER V 116 -17.40 13.22 34.55
C SER V 116 -15.90 13.23 34.33
N PHE V 117 -15.33 14.43 34.38
CA PHE V 117 -13.89 14.67 34.45
C PHE V 117 -13.16 14.00 33.28
N ALA V 118 -13.41 14.54 32.10
CA ALA V 118 -12.60 14.13 30.96
C ALA V 118 -11.58 15.19 30.64
N MET W 1 -7.16 3.11 73.44
CA MET W 1 -8.40 3.15 72.68
C MET W 1 -9.37 2.11 73.23
N ALA W 2 -10.62 2.20 72.82
CA ALA W 2 -11.70 1.38 73.37
C ALA W 2 -12.37 0.52 72.31
N LEU W 3 -11.60 -0.14 71.46
CA LEU W 3 -12.21 -0.97 70.41
C LEU W 3 -13.18 -1.99 70.99
N ILE W 4 -12.77 -2.71 72.04
CA ILE W 4 -13.66 -3.68 72.64
C ILE W 4 -14.90 -3.00 73.17
N ASP W 5 -14.77 -1.76 73.65
CA ASP W 5 -15.92 -1.04 74.19
C ASP W 5 -16.75 -0.41 73.10
N ASP W 6 -16.10 0.20 72.11
CA ASP W 6 -16.83 0.77 70.98
C ASP W 6 -17.54 -0.32 70.20
N PHE W 7 -16.94 -1.50 70.12
CA PHE W 7 -17.58 -2.62 69.45
C PHE W 7 -18.84 -3.06 70.17
N LYS W 8 -18.79 -3.11 71.50
CA LYS W 8 -19.93 -3.64 72.24
C LYS W 8 -21.17 -2.79 72.01
N ALA W 9 -21.02 -1.47 71.92
CA ALA W 9 -22.18 -0.61 71.71
C ALA W 9 -22.71 -0.73 70.29
N ARG W 10 -21.81 -0.70 69.30
CA ARG W 10 -22.24 -0.68 67.91
C ARG W 10 -22.98 -1.95 67.50
N PHE W 11 -22.74 -3.06 68.19
CA PHE W 11 -23.37 -4.34 67.87
C PHE W 11 -23.90 -4.98 69.13
N PRO W 12 -24.93 -4.38 69.75
CA PRO W 12 -25.37 -4.86 71.06
C PRO W 12 -25.97 -6.24 71.04
N ASN W 13 -25.99 -6.93 69.90
CA ASN W 13 -26.74 -8.16 69.79
C ASN W 13 -25.90 -9.41 69.60
N LEU W 14 -24.57 -9.29 69.51
CA LEU W 14 -23.82 -10.48 69.18
C LEU W 14 -23.92 -11.52 70.28
N ASP W 15 -23.19 -11.30 71.36
CA ASP W 15 -23.18 -12.10 72.59
C ASP W 15 -22.43 -11.31 73.64
N GLY W 16 -22.19 -11.95 74.77
CA GLY W 16 -21.39 -11.37 75.83
C GLY W 16 -19.98 -11.92 75.80
N SER W 17 -19.73 -12.93 76.63
CA SER W 17 -18.39 -13.48 76.72
C SER W 17 -17.85 -13.91 75.36
N LEU W 18 -18.73 -14.44 74.49
CA LEU W 18 -18.25 -14.97 73.23
C LEU W 18 -17.58 -13.89 72.39
N VAL W 19 -18.15 -12.68 72.38
CA VAL W 19 -17.50 -11.58 71.67
C VAL W 19 -16.37 -11.02 72.51
N ASP W 20 -16.43 -11.22 73.83
CA ASP W 20 -15.40 -10.70 74.71
C ASP W 20 -14.12 -11.50 74.61
N ALA W 21 -14.20 -12.77 74.21
CA ALA W 21 -13.01 -13.61 74.11
C ALA W 21 -12.51 -13.77 72.68
N LEU W 22 -13.07 -13.05 71.72
CA LEU W 22 -12.63 -13.13 70.34
C LEU W 22 -12.18 -11.80 69.77
N VAL W 23 -12.87 -10.71 70.11
CA VAL W 23 -12.43 -9.39 69.64
C VAL W 23 -11.01 -9.09 70.06
N PRO W 24 -10.58 -9.36 71.31
CA PRO W 24 -9.16 -9.18 71.63
C PRO W 24 -8.22 -10.03 70.79
N VAL W 25 -8.76 -10.87 69.91
CA VAL W 25 -7.93 -11.64 68.99
C VAL W 25 -7.89 -10.92 67.64
N TYR W 26 -9.06 -10.67 67.06
CA TYR W 26 -9.07 -10.02 65.74
C TYR W 26 -8.68 -8.56 65.81
N GLU W 27 -8.79 -7.92 66.97
CA GLU W 27 -8.20 -6.60 67.17
C GLU W 27 -6.72 -6.61 66.86
N ASN W 28 -6.05 -7.72 67.16
CA ASN W 28 -4.61 -7.79 66.96
C ASN W 28 -4.27 -7.61 65.48
N ASN W 29 -5.06 -8.20 64.60
CA ASN W 29 -4.66 -8.33 63.21
C ASN W 29 -5.65 -7.79 62.19
N TYR W 30 -6.65 -6.99 62.59
CA TYR W 30 -7.53 -6.45 61.55
C TYR W 30 -6.76 -5.52 60.64
N SER W 31 -5.68 -4.92 61.16
CA SER W 31 -4.95 -3.89 60.43
C SER W 31 -4.39 -4.41 59.14
N CYS W 32 -4.28 -5.73 58.97
CA CYS W 32 -3.88 -6.27 57.68
C CYS W 32 -4.97 -7.13 57.06
N TYR W 33 -6.23 -6.87 57.40
CA TYR W 33 -7.37 -7.18 56.54
C TYR W 33 -7.83 -5.95 55.79
N TYR W 34 -7.97 -4.84 56.52
CA TYR W 34 -8.45 -3.56 56.01
C TYR W 34 -7.48 -2.48 56.44
N GLY W 35 -6.83 -1.84 55.48
CA GLY W 35 -5.78 -0.91 55.81
C GLY W 35 -6.25 0.49 56.15
N GLY W 36 -7.41 0.60 56.79
CA GLY W 36 -7.93 1.89 57.16
C GLY W 36 -7.31 2.38 58.46
N SER W 37 -7.84 3.50 58.93
CA SER W 37 -7.42 4.08 60.20
C SER W 37 -8.64 4.28 61.08
N TYR W 38 -8.43 4.12 62.38
CA TYR W 38 -9.56 4.09 63.31
C TYR W 38 -10.07 5.49 63.64
N GLU W 39 -9.37 6.53 63.21
CA GLU W 39 -9.95 7.86 63.13
C GLU W 39 -10.80 7.90 61.86
N ASN W 40 -11.17 9.09 61.39
CA ASN W 40 -12.01 9.21 60.20
C ASN W 40 -13.34 8.46 60.42
N ASP W 41 -14.09 9.03 61.36
CA ASP W 41 -15.12 8.33 62.13
C ASP W 41 -15.87 7.24 61.39
N CYS W 42 -16.29 7.46 60.14
CA CYS W 42 -17.06 6.38 59.54
C CYS W 42 -16.18 5.31 58.95
N ASP W 43 -14.87 5.55 58.84
CA ASP W 43 -13.95 4.44 58.65
C ASP W 43 -13.95 3.53 59.87
N LYS W 44 -14.07 4.12 61.06
CA LYS W 44 -14.21 3.32 62.28
C LYS W 44 -15.38 2.36 62.16
N GLU W 45 -16.47 2.80 61.53
CA GLU W 45 -17.57 1.88 61.30
C GLU W 45 -17.12 0.72 60.43
N ALA W 46 -16.26 0.99 59.45
CA ALA W 46 -15.76 -0.09 58.61
C ALA W 46 -14.98 -1.11 59.42
N ILE W 47 -14.11 -0.64 60.31
CA ILE W 47 -13.33 -1.56 61.13
C ILE W 47 -14.24 -2.42 61.99
N LEU W 48 -15.22 -1.78 62.64
CA LEU W 48 -16.13 -2.53 63.50
C LEU W 48 -16.88 -3.57 62.71
N LEU W 49 -17.36 -3.21 61.52
CA LEU W 49 -18.09 -4.16 60.70
C LEU W 49 -17.22 -5.36 60.33
N LEU W 50 -15.96 -5.10 59.98
CA LEU W 50 -15.06 -6.20 59.67
C LEU W 50 -14.76 -7.04 60.89
N ILE W 51 -14.44 -6.39 62.01
CA ILE W 51 -14.21 -7.12 63.25
C ILE W 51 -15.45 -7.93 63.61
N ALA W 52 -16.63 -7.33 63.44
CA ALA W 52 -17.85 -8.07 63.68
C ALA W 52 -17.96 -9.26 62.74
N HIS W 53 -17.60 -9.08 61.48
CA HIS W 53 -17.63 -10.21 60.56
C HIS W 53 -16.66 -11.29 61.02
N LEU W 54 -15.46 -10.90 61.42
CA LEU W 54 -14.46 -11.89 61.78
C LEU W 54 -14.82 -12.62 63.06
N VAL W 55 -15.77 -12.09 63.83
CA VAL W 55 -16.14 -12.78 65.06
C VAL W 55 -17.42 -13.59 64.89
N VAL W 56 -18.34 -13.14 64.04
CA VAL W 56 -19.56 -13.93 63.86
C VAL W 56 -19.27 -15.21 63.11
N THR W 57 -18.34 -15.20 62.16
CA THR W 57 -18.02 -16.39 61.39
C THR W 57 -16.78 -17.10 61.89
N ASP W 58 -16.26 -16.72 63.04
CA ASP W 58 -15.16 -17.48 63.65
C ASP W 58 -15.69 -18.77 64.26
N PRO W 59 -15.04 -19.90 64.02
CA PRO W 59 -15.61 -21.18 64.47
C PRO W 59 -15.78 -21.27 65.96
N SER W 60 -15.01 -20.51 66.74
CA SER W 60 -15.21 -20.55 68.18
C SER W 60 -16.50 -19.89 68.61
N TYR W 61 -17.31 -19.42 67.66
CA TYR W 61 -18.51 -18.65 67.95
C TYR W 61 -19.77 -19.39 67.51
N SER W 62 -19.86 -19.73 66.23
CA SER W 62 -20.99 -20.45 65.70
C SER W 62 -20.74 -21.95 65.57
N GLY W 63 -19.57 -22.42 65.98
CA GLY W 63 -19.27 -23.84 65.90
C GLY W 63 -19.35 -24.38 64.49
N ASP W 64 -18.89 -23.61 63.51
CA ASP W 64 -19.04 -23.94 62.10
C ASP W 64 -17.64 -24.05 61.50
N GLU W 65 -17.04 -25.24 61.59
CA GLU W 65 -15.69 -25.43 61.09
C GLU W 65 -15.61 -25.22 59.58
N SER W 66 -16.70 -25.48 58.87
CA SER W 66 -16.69 -25.29 57.43
C SER W 66 -16.53 -23.81 57.10
N SER W 67 -16.33 -23.54 55.82
CA SER W 67 -16.19 -22.16 55.37
C SER W 67 -17.52 -21.44 55.50
N SER W 68 -17.53 -20.17 55.09
CA SER W 68 -18.75 -19.38 55.15
C SER W 68 -18.66 -18.34 54.05
N ARG W 69 -19.34 -18.58 52.95
CA ARG W 69 -19.42 -17.64 51.85
C ARG W 69 -20.86 -17.51 51.40
N ALA W 70 -21.11 -16.51 50.56
CA ALA W 70 -22.47 -16.10 50.25
C ALA W 70 -23.24 -17.23 49.58
N VAL W 71 -24.53 -17.26 49.84
CA VAL W 71 -25.43 -18.26 49.28
C VAL W 71 -26.11 -17.68 48.05
N ALA W 72 -26.07 -18.40 46.94
CA ALA W 72 -26.72 -17.93 45.72
C ALA W 72 -28.12 -18.47 45.56
N SER W 73 -28.41 -19.64 46.11
CA SER W 73 -29.75 -20.19 46.06
C SER W 73 -29.89 -21.17 47.21
N GLN W 74 -30.69 -20.80 48.20
CA GLN W 74 -30.94 -21.65 49.36
C GLN W 74 -32.37 -22.13 49.33
N SER W 75 -32.57 -23.38 49.72
CA SER W 75 -33.89 -23.98 49.75
C SER W 75 -34.04 -24.73 51.07
N VAL W 76 -35.08 -24.41 51.82
CA VAL W 76 -35.33 -25.06 53.11
C VAL W 76 -36.75 -25.57 53.10
N GLY W 77 -36.92 -26.88 53.21
CA GLY W 77 -38.25 -27.45 53.25
C GLY W 77 -39.08 -27.06 52.05
N SER W 78 -40.07 -26.21 52.25
CA SER W 78 -40.96 -25.80 51.17
C SER W 78 -40.83 -24.31 50.87
N VAL W 79 -39.77 -23.66 51.32
CA VAL W 79 -39.50 -22.28 50.99
C VAL W 79 -38.14 -22.21 50.32
N SER W 80 -38.07 -21.52 49.18
CA SER W 80 -36.87 -21.52 48.38
C SER W 80 -36.69 -20.16 47.75
N VAL W 81 -35.45 -19.67 47.73
CA VAL W 81 -35.14 -18.41 47.10
C VAL W 81 -33.90 -18.58 46.24
N SER W 82 -33.75 -17.70 45.26
CA SER W 82 -32.56 -17.66 44.41
C SER W 82 -32.14 -16.21 44.30
N PHE W 83 -31.10 -15.84 45.04
CA PHE W 83 -30.67 -14.45 45.07
C PHE W 83 -30.12 -14.05 43.71
N VAL W 84 -30.53 -12.86 43.25
CA VAL W 84 -30.02 -12.35 41.99
C VAL W 84 -28.52 -12.18 42.08
N ALA W 85 -27.82 -12.67 41.06
CA ALA W 85 -26.38 -12.74 41.13
C ALA W 85 -25.76 -11.35 41.14
N GLY W 86 -24.56 -11.27 41.67
CA GLY W 86 -23.84 -10.01 41.66
C GLY W 86 -22.37 -10.14 41.98
N SER W 87 -21.53 -9.55 41.13
CA SER W 87 -20.08 -9.53 41.33
C SER W 87 -19.55 -10.92 41.62
N THR W 88 -19.87 -11.85 40.74
CA THR W 88 -19.43 -13.22 40.93
C THR W 88 -17.93 -13.33 40.68
N GLY W 89 -17.39 -14.51 40.99
CA GLY W 89 -15.99 -14.78 40.76
C GLY W 89 -15.04 -13.94 41.59
N SER W 90 -15.30 -13.82 42.89
CA SER W 90 -14.36 -13.13 43.78
C SER W 90 -14.60 -13.61 45.19
N ASP W 91 -13.66 -14.37 45.75
CA ASP W 91 -13.84 -14.92 47.08
C ASP W 91 -13.97 -13.83 48.13
N TRP W 92 -13.23 -12.74 47.98
CA TRP W 92 -13.30 -11.67 48.96
C TRP W 92 -14.74 -11.18 49.12
N THR W 93 -15.38 -10.83 48.00
CA THR W 93 -16.76 -10.37 48.09
C THR W 93 -17.68 -11.48 48.57
N ASN W 94 -17.45 -12.71 48.13
CA ASN W 94 -18.28 -13.82 48.58
C ASN W 94 -18.11 -14.05 50.08
N TRP W 95 -16.88 -13.97 50.57
CA TRP W 95 -16.64 -14.25 51.98
C TRP W 95 -17.38 -13.27 52.87
N LEU W 96 -17.35 -12.00 52.52
CA LEU W 96 -17.99 -10.99 53.33
C LEU W 96 -19.48 -10.90 53.08
N ASN W 97 -19.96 -11.39 51.95
CA ASN W 97 -21.39 -11.46 51.75
C ASN W 97 -22.01 -12.62 52.51
N SER W 98 -21.20 -13.41 53.21
CA SER W 98 -21.73 -14.50 54.00
C SER W 98 -22.58 -14.00 55.15
N THR W 99 -22.20 -12.89 55.77
CA THR W 99 -22.94 -12.35 56.89
C THR W 99 -23.34 -10.92 56.57
N ARG W 100 -24.34 -10.43 57.29
CA ARG W 100 -24.77 -9.05 57.11
C ARG W 100 -23.64 -8.07 57.40
N TYR W 101 -22.91 -8.31 58.49
CA TYR W 101 -21.88 -7.36 58.88
C TYR W 101 -20.84 -7.19 57.79
N GLY W 102 -20.44 -8.28 57.15
CA GLY W 102 -19.52 -8.16 56.03
C GLY W 102 -20.13 -7.41 54.87
N GLN W 103 -21.40 -7.68 54.56
CA GLN W 103 -22.05 -6.99 53.46
C GLN W 103 -21.92 -5.48 53.61
N LEU W 104 -22.06 -4.99 54.84
CA LEU W 104 -21.82 -3.58 55.06
C LEU W 104 -20.37 -3.20 54.82
N PHE W 105 -19.45 -4.13 55.06
CA PHE W 105 -18.04 -3.78 54.99
C PHE W 105 -17.61 -3.50 53.57
N LEU W 106 -18.14 -4.26 52.60
CA LEU W 106 -17.83 -3.98 51.21
C LEU W 106 -18.23 -2.57 50.87
N MET W 107 -19.19 -2.05 51.61
CA MET W 107 -20.09 -1.04 51.11
C MET W 107 -20.05 0.26 51.89
N VAL W 108 -19.57 0.24 53.13
CA VAL W 108 -19.01 1.47 53.68
C VAL W 108 -17.77 1.85 52.88
N THR W 109 -17.09 0.84 52.36
CA THR W 109 -15.84 1.04 51.65
C THR W 109 -15.98 0.87 50.15
N SER W 110 -17.20 0.74 49.63
CA SER W 110 -17.37 0.58 48.20
C SER W 110 -17.10 1.86 47.43
N ASN W 111 -16.93 2.99 48.12
CA ASN W 111 -16.72 4.26 47.45
C ASN W 111 -15.25 4.61 47.31
N ASN W 112 -14.34 3.76 47.79
CA ASN W 112 -12.93 4.08 47.69
C ASN W 112 -12.33 3.62 46.38
N MET W 113 -13.14 3.01 45.53
CA MET W 113 -12.70 2.36 44.30
C MET W 113 -12.09 3.34 43.32
N GLY W 114 -11.10 2.87 42.56
CA GLY W 114 -10.52 3.64 41.49
C GLY W 114 -9.20 3.08 41.03
N PRO W 115 -8.72 3.53 39.89
CA PRO W 115 -7.38 3.16 39.43
C PRO W 115 -6.33 4.06 40.06
N SER W 116 -5.07 3.66 39.93
CA SER W 116 -4.01 4.42 40.56
C SER W 116 -2.67 4.14 39.88
N PHE W 117 -1.75 5.09 40.07
CA PHE W 117 -0.33 4.93 39.74
C PHE W 117 -0.14 4.56 38.27
N ALA W 118 -0.46 5.51 37.42
CA ALA W 118 -0.12 5.35 36.01
C ALA W 118 1.10 6.19 35.69
N MET X 1 10.74 -21.02 69.96
CA MET X 1 9.44 -20.41 69.68
C MET X 1 8.33 -21.31 70.21
N ALA X 2 7.12 -20.78 70.27
CA ALA X 2 5.98 -21.46 70.89
C ALA X 2 4.83 -21.69 69.93
N LEU X 3 5.13 -22.19 68.71
CA LEU X 3 4.07 -22.42 67.75
C LEU X 3 2.98 -23.30 68.32
N ILE X 4 3.35 -24.42 68.93
CA ILE X 4 2.34 -25.30 69.51
C ILE X 4 1.54 -24.56 70.58
N ASP X 5 2.20 -23.64 71.30
CA ASP X 5 1.50 -22.90 72.35
C ASP X 5 0.70 -21.74 71.79
N ASP X 6 1.28 -21.00 70.84
CA ASP X 6 0.54 -19.92 70.21
C ASP X 6 -0.65 -20.45 69.44
N PHE X 7 -0.50 -21.65 68.85
CA PHE X 7 -1.62 -22.27 68.14
C PHE X 7 -2.75 -22.61 69.09
N LYS X 8 -2.42 -23.14 70.27
CA LYS X 8 -3.47 -23.60 71.18
C LYS X 8 -4.39 -22.45 71.59
N ALA X 9 -3.83 -21.26 71.80
CA ALA X 9 -4.65 -20.13 72.21
C ALA X 9 -5.49 -19.60 71.06
N ARG X 10 -4.88 -19.45 69.89
CA ARG X 10 -5.58 -18.84 68.77
C ARG X 10 -6.78 -19.66 68.30
N PHE X 11 -6.77 -20.97 68.54
CA PHE X 11 -7.84 -21.86 68.11
C PHE X 11 -8.25 -22.75 69.27
N PRO X 12 -8.86 -22.17 70.31
CA PRO X 12 -9.13 -22.96 71.51
C PRO X 12 -10.14 -24.06 71.32
N ASN X 13 -10.65 -24.27 70.11
CA ASN X 13 -11.77 -25.16 69.92
C ASN X 13 -11.45 -26.44 69.16
N LEU X 14 -10.23 -26.62 68.67
CA LEU X 14 -10.01 -27.76 67.81
C LEU X 14 -10.20 -29.06 68.57
N ASP X 15 -9.22 -29.42 69.38
CA ASP X 15 -9.19 -30.59 70.27
C ASP X 15 -8.01 -30.42 71.21
N GLY X 16 -7.75 -31.46 71.99
CA GLY X 16 -6.58 -31.48 72.84
C GLY X 16 -5.49 -32.32 72.22
N SER X 17 -5.40 -33.58 72.63
CA SER X 17 -4.34 -34.45 72.13
C SER X 17 -4.30 -34.50 70.62
N LEU X 18 -5.47 -34.45 69.97
CA LEU X 18 -5.50 -34.60 68.52
C LEU X 18 -4.70 -33.49 67.83
N VAL X 19 -4.83 -32.26 68.33
CA VAL X 19 -4.03 -31.18 67.77
C VAL X 19 -2.62 -31.23 68.33
N ASP X 20 -2.45 -31.85 69.48
CA ASP X 20 -1.13 -31.96 70.09
C ASP X 20 -0.24 -32.96 69.38
N ALA X 21 -0.83 -33.94 68.70
CA ALA X 21 -0.05 -34.95 68.01
C ALA X 21 0.03 -34.72 66.50
N LEU X 22 -0.45 -33.59 66.00
CA LEU X 22 -0.39 -33.29 64.58
C LEU X 22 0.34 -32.00 64.28
N VAL X 23 0.15 -30.96 65.09
CA VAL X 23 0.89 -29.72 64.87
C VAL X 23 2.38 -29.93 64.89
N PRO X 24 2.97 -30.72 65.81
CA PRO X 24 4.41 -31.02 65.70
C PRO X 24 4.79 -31.73 64.41
N VAL X 25 3.81 -32.04 63.55
CA VAL X 25 4.12 -32.60 62.25
C VAL X 25 4.08 -31.51 61.19
N TYR X 26 2.97 -30.78 61.10
CA TYR X 26 2.87 -29.74 60.10
C TYR X 26 3.73 -28.53 60.42
N GLU X 27 4.10 -28.33 61.68
CA GLU X 27 5.13 -27.36 62.02
C GLU X 27 6.42 -27.61 61.26
N ASN X 28 6.72 -28.88 61.00
CA ASN X 28 7.98 -29.22 60.35
C ASN X 28 8.01 -28.63 58.95
N ASN X 29 6.89 -28.66 58.24
CA ASN X 29 6.90 -28.39 56.81
C ASN X 29 5.94 -27.30 56.36
N TYR X 30 5.39 -26.47 57.25
CA TYR X 30 4.53 -25.41 56.73
C TYR X 30 5.34 -24.44 55.91
N SER X 31 6.65 -24.34 56.19
CA SER X 31 7.48 -23.33 55.58
C SER X 31 7.54 -23.48 54.07
N CYS X 32 7.18 -24.64 53.53
CA CYS X 32 7.07 -24.79 52.09
C CYS X 32 5.64 -25.08 51.64
N TYR X 33 4.65 -24.65 52.43
CA TYR X 33 3.31 -24.36 51.93
C TYR X 33 3.11 -22.87 51.73
N TYR X 34 3.54 -22.09 52.73
CA TYR X 34 3.40 -20.64 52.75
C TYR X 34 4.75 -20.04 53.12
N GLY X 35 5.35 -19.29 52.22
CA GLY X 35 6.69 -18.81 52.42
C GLY X 35 6.80 -17.56 53.26
N GLY X 36 5.92 -17.40 54.23
CA GLY X 36 5.96 -16.24 55.09
C GLY X 36 6.97 -16.39 56.19
N SER X 37 6.98 -15.42 57.10
CA SER X 37 7.84 -15.43 58.26
C SER X 37 6.99 -15.27 59.51
N TYR X 38 7.41 -15.93 60.58
CA TYR X 38 6.58 -15.99 61.78
C TYR X 38 6.66 -14.72 62.62
N GLU X 39 7.55 -13.81 62.28
CA GLU X 39 7.45 -12.43 62.74
C GLU X 39 6.39 -11.75 61.88
N ASN X 40 6.34 -10.41 61.88
CA ASN X 40 5.35 -9.68 61.10
C ASN X 40 3.94 -10.11 61.53
N ASP X 41 3.64 -9.75 62.77
CA ASP X 41 2.64 -10.39 63.62
C ASP X 41 1.42 -10.94 62.89
N CYS X 42 0.83 -10.21 61.96
CA CYS X 42 -0.38 -10.78 61.36
C CYS X 42 -0.06 -11.76 60.25
N ASP X 43 1.20 -11.82 59.80
CA ASP X 43 1.62 -12.98 59.04
C ASP X 43 1.60 -14.23 59.91
N LYS X 44 1.95 -14.08 61.19
CA LYS X 44 1.84 -15.19 62.13
C LYS X 44 0.42 -15.74 62.14
N GLU X 45 -0.58 -14.87 62.04
CA GLU X 45 -1.94 -15.34 61.93
C GLU X 45 -2.11 -16.21 60.69
N ALA X 46 -1.46 -15.83 59.60
CA ALA X 46 -1.55 -16.62 58.38
C ALA X 46 -1.00 -18.02 58.61
N ILE X 47 0.17 -18.13 59.26
CA ILE X 47 0.76 -19.44 59.50
C ILE X 47 -0.18 -20.29 60.35
N LEU X 48 -0.71 -19.70 61.42
CA LEU X 48 -1.60 -20.45 62.31
C LEU X 48 -2.81 -20.94 61.54
N LEU X 49 -3.39 -20.08 60.71
CA LEU X 49 -4.57 -20.47 59.95
C LEU X 49 -4.25 -21.63 59.01
N LEU X 50 -3.09 -21.59 58.36
CA LEU X 50 -2.70 -22.68 57.49
C LEU X 50 -2.44 -23.95 58.30
N ILE X 51 -1.67 -23.84 59.38
CA ILE X 51 -1.43 -24.99 60.23
C ILE X 51 -2.74 -25.54 60.74
N ALA X 52 -3.67 -24.65 61.12
CA ALA X 52 -4.98 -25.12 61.55
C ALA X 52 -5.69 -25.83 60.41
N HIS X 53 -5.58 -25.31 59.20
CA HIS X 53 -6.19 -26.01 58.07
C HIS X 53 -5.57 -27.39 57.90
N LEU X 54 -4.24 -27.46 57.97
CA LEU X 54 -3.57 -28.73 57.72
C LEU X 54 -3.87 -29.75 58.79
N VAL X 55 -4.38 -29.31 59.95
CA VAL X 55 -4.67 -30.27 60.99
C VAL X 55 -6.15 -30.62 61.03
N VAL X 56 -7.04 -29.71 60.67
CA VAL X 56 -8.45 -30.06 60.70
C VAL X 56 -8.79 -31.03 59.58
N THR X 57 -8.14 -30.91 58.43
CA THR X 57 -8.42 -31.79 57.31
C THR X 57 -7.40 -32.92 57.17
N ASP X 58 -6.54 -33.11 58.16
CA ASP X 58 -5.66 -34.26 58.16
C ASP X 58 -6.43 -35.52 58.54
N PRO X 59 -6.27 -36.62 57.80
CA PRO X 59 -7.11 -37.79 58.05
C PRO X 59 -6.96 -38.36 59.45
N SER X 60 -5.84 -38.13 60.11
CA SER X 60 -5.70 -38.61 61.48
C SER X 60 -6.57 -37.86 62.45
N TYR X 61 -7.37 -36.90 61.98
CA TYR X 61 -8.15 -36.02 62.83
C TYR X 61 -9.65 -36.22 62.63
N SER X 62 -10.13 -36.06 61.41
CA SER X 62 -11.53 -36.26 61.09
C SER X 62 -11.83 -37.62 60.50
N GLY X 63 -10.82 -38.47 60.37
CA GLY X 63 -11.04 -39.80 59.82
C GLY X 63 -11.60 -39.79 58.43
N ASP X 64 -11.15 -38.86 57.59
CA ASP X 64 -11.71 -38.63 56.27
C ASP X 64 -10.60 -38.85 55.24
N GLU X 65 -10.44 -40.10 54.82
CA GLU X 65 -9.37 -40.43 53.88
C GLU X 65 -9.57 -39.75 52.54
N SER X 66 -10.81 -39.46 52.18
CA SER X 66 -11.07 -38.78 50.92
C SER X 66 -10.50 -37.37 50.95
N SER X 67 -10.51 -36.72 49.79
CA SER X 67 -10.03 -35.36 49.71
C SER X 67 -10.97 -34.42 50.45
N SER X 68 -10.65 -33.14 50.42
CA SER X 68 -11.49 -32.14 51.07
C SER X 68 -11.32 -30.83 50.32
N ARG X 69 -12.27 -30.50 49.47
CA ARG X 69 -12.27 -29.25 48.75
C ARG X 69 -13.64 -28.62 48.83
N ALA X 70 -13.73 -27.36 48.42
CA ALA X 70 -14.91 -26.55 48.68
C ALA X 70 -16.14 -27.15 48.01
N VAL X 71 -17.29 -26.96 48.65
CA VAL X 71 -18.56 -27.46 48.16
C VAL X 71 -19.26 -26.32 47.43
N ALA X 72 -19.72 -26.60 46.22
CA ALA X 72 -20.43 -25.59 45.44
C ALA X 72 -21.93 -25.68 45.59
N SER X 73 -22.45 -26.86 45.88
CA SER X 73 -23.88 -27.03 46.11
C SER X 73 -24.08 -28.27 46.95
N GLN X 74 -24.46 -28.08 48.20
CA GLN X 74 -24.71 -29.19 49.10
C GLN X 74 -26.19 -29.27 49.41
N SER X 75 -26.70 -30.50 49.49
CA SER X 75 -28.11 -30.73 49.80
C SER X 75 -28.19 -31.83 50.83
N VAL X 76 -28.87 -31.56 51.94
CA VAL X 76 -29.03 -32.53 53.02
C VAL X 76 -30.50 -32.63 53.34
N GLY X 77 -31.07 -33.82 53.13
CA GLY X 77 -32.46 -34.02 53.45
C GLY X 77 -33.36 -33.06 52.72
N SER X 78 -33.95 -32.11 53.45
CA SER X 78 -34.86 -31.15 52.86
C SER X 78 -34.32 -29.72 52.94
N VAL X 79 -33.03 -29.56 53.18
CA VAL X 79 -32.40 -28.26 53.16
C VAL X 79 -31.27 -28.29 52.14
N SER X 80 -31.23 -27.30 51.27
CA SER X 80 -30.32 -27.29 50.14
C SER X 80 -29.84 -25.89 49.89
N VAL X 81 -28.55 -25.74 49.60
CA VAL X 81 -27.99 -24.45 49.26
C VAL X 81 -27.10 -24.61 48.04
N SER X 82 -26.91 -23.51 47.32
CA SER X 82 -25.99 -23.46 46.19
C SER X 82 -25.14 -22.22 46.33
N PHE X 83 -23.90 -22.39 46.77
CA PHE X 83 -23.04 -21.25 47.03
C PHE X 83 -22.71 -20.54 45.74
N VAL X 84 -22.78 -19.21 45.76
CA VAL X 84 -22.44 -18.42 44.59
C VAL X 84 -20.98 -18.68 44.24
N ALA X 85 -20.73 -18.93 42.95
CA ALA X 85 -19.42 -19.37 42.53
C ALA X 85 -18.40 -18.26 42.71
N GLY X 86 -17.14 -18.66 42.83
CA GLY X 86 -16.06 -17.70 42.92
C GLY X 86 -14.69 -18.29 42.70
N SER X 87 -13.91 -17.66 41.83
CA SER X 87 -12.54 -18.07 41.55
C SER X 87 -12.45 -19.55 41.27
N THR X 88 -13.26 -20.01 40.33
CA THR X 88 -13.27 -21.42 39.99
C THR X 88 -11.99 -21.80 39.25
N GLY X 89 -11.82 -23.10 39.06
CA GLY X 89 -10.67 -23.61 38.33
C GLY X 89 -9.33 -23.37 39.00
N SER X 90 -9.24 -23.65 40.29
CA SER X 90 -7.96 -23.57 40.98
C SER X 90 -8.02 -24.44 42.22
N ASP X 91 -7.28 -25.55 42.22
CA ASP X 91 -7.34 -26.47 43.35
C ASP X 91 -6.86 -25.83 44.63
N TRP X 92 -5.84 -24.97 44.55
CA TRP X 92 -5.33 -24.32 45.75
C TRP X 92 -6.44 -23.58 46.48
N THR X 93 -7.17 -22.72 45.78
CA THR X 93 -8.27 -22.00 46.41
C THR X 93 -9.37 -22.95 46.85
N ASN X 94 -9.66 -23.97 46.04
CA ASN X 94 -10.69 -24.92 46.43
C ASN X 94 -10.28 -25.70 47.66
N TRP X 95 -9.01 -26.10 47.74
CA TRP X 95 -8.57 -26.90 48.87
C TRP X 95 -8.72 -26.15 50.18
N LEU X 96 -8.34 -24.88 50.20
CA LEU X 96 -8.41 -24.10 51.40
C LEU X 96 -9.80 -23.56 51.68
N ASN X 97 -10.65 -23.50 50.66
CA ASN X 97 -12.04 -23.14 50.93
C ASN X 97 -12.82 -24.31 51.52
N SER X 98 -12.18 -25.46 51.67
CA SER X 98 -12.86 -26.60 52.28
C SER X 98 -13.21 -26.34 53.74
N THR X 99 -12.35 -25.64 54.46
CA THR X 99 -12.60 -25.36 55.87
C THR X 99 -12.55 -23.87 56.09
N ARG X 100 -13.14 -23.43 57.20
CA ARG X 100 -13.13 -22.01 57.51
C ARG X 100 -11.70 -21.50 57.69
N TYR X 101 -10.86 -22.28 58.38
CA TYR X 101 -9.51 -21.80 58.66
C TYR X 101 -8.75 -21.52 57.38
N GLY X 102 -8.90 -22.38 56.38
CA GLY X 102 -8.27 -22.11 55.10
C GLY X 102 -8.83 -20.88 54.43
N GLN X 103 -10.15 -20.71 54.50
CA GLN X 103 -10.77 -19.53 53.88
C GLN X 103 -10.11 -18.26 54.38
N LEU X 104 -9.79 -18.20 55.67
CA LEU X 104 -9.06 -17.06 56.17
C LEU X 104 -7.66 -17.00 55.58
N PHE X 105 -7.07 -18.14 55.26
CA PHE X 105 -5.67 -18.15 54.85
C PHE X 105 -5.51 -17.50 53.48
N LEU X 106 -6.46 -17.72 52.58
CA LEU X 106 -6.42 -17.06 51.28
C LEU X 106 -6.37 -15.55 51.47
N MET X 107 -6.91 -15.12 52.60
CA MET X 107 -7.52 -13.81 52.70
C MET X 107 -6.87 -12.91 53.75
N VAL X 108 -6.16 -13.48 54.71
CA VAL X 108 -5.12 -12.70 55.36
C VAL X 108 -4.04 -12.38 54.34
N THR X 109 -3.86 -13.27 53.38
CA THR X 109 -2.81 -13.14 52.38
C THR X 109 -3.33 -12.74 51.01
N SER X 110 -4.61 -12.39 50.90
CA SER X 110 -5.15 -11.99 49.61
C SER X 110 -4.64 -10.62 49.17
N ASN X 111 -3.96 -9.89 50.04
CA ASN X 111 -3.48 -8.56 49.70
C ASN X 111 -2.07 -8.55 49.19
N ASN X 112 -1.40 -9.70 49.12
CA ASN X 112 -0.02 -9.73 48.66
C ASN X 112 0.07 -9.82 47.15
N MET X 113 -1.07 -9.87 46.47
CA MET X 113 -1.15 -10.15 45.04
C MET X 113 -0.49 -9.06 44.22
N GLY X 114 0.10 -9.47 43.09
CA GLY X 114 0.64 -8.53 42.13
C GLY X 114 1.55 -9.21 41.14
N PRO X 115 1.88 -8.51 40.07
CA PRO X 115 2.89 -9.01 39.13
C PRO X 115 4.29 -8.67 39.60
N SER X 116 5.28 -9.30 38.97
CA SER X 116 6.65 -9.09 39.40
C SER X 116 7.63 -9.43 38.29
N PHE X 117 8.84 -8.86 38.41
CA PHE X 117 10.00 -9.24 37.62
C PHE X 117 9.72 -9.10 36.12
N ALA X 118 9.55 -7.86 35.70
CA ALA X 118 9.50 -7.61 34.27
C ALA X 118 10.82 -7.03 33.81
#